data_8Q3Q
#
_entry.id   8Q3Q
#
_cell.length_a   1.00
_cell.length_b   1.00
_cell.length_c   1.00
_cell.angle_alpha   90.00
_cell.angle_beta   90.00
_cell.angle_gamma   90.00
#
_symmetry.space_group_name_H-M   'P 1'
#
loop_
_entity.id
_entity.type
_entity.pdbx_description
1 polymer 'Transcription termination factor Rho'
2 non-polymer "ADENOSINE-5'-DIPHOSPHATE"
3 non-polymer 'MAGNESIUM ION'
#
_entity_poly.entity_id   1
_entity_poly.type   'polypeptide(L)'
_entity_poly.pdbx_seq_one_letter_code
;MGHMNLTELKNTPVSELITLGENMGLENLARMRKQDIIFAILKQHAKSGEDIFGDGVLEILQDGFGFLRSADSSYLAGPD
DIYVSPSQIRRFNLRTGDTISGKIRPPKEGERYFALLKVNEVNFDKPENARNKILFENLTPLHANSRLRMERGNDSTEDL
TARVLDLASPIGRGQRGLIVAPPKAGKTMLLQNIAQSIAYNHPDCVLMVLLIDERPEEVTEMQRLVKGEVVASTFDEPAS
RHVQVAEMVIEKAKRLVEHKKDVIILLDSITRLARAYNTVVPASGKVLTGGVDANALHRPKRFFGAARNVEEGGSLTIIA
TALIDTGSKMDEVIYEEFKGTGNMELHLSRKIAEKRVFPAIDYNRSGTRKEELLTTQEELQKMWILRKIIHPMGEIDAME
FLINKLAMTKTNDDFFEMMKRSGHHHHHHHH
;
_entity_poly.pdbx_strand_id   a,r,q,p,o,n,m,l,k,j,i,h,g,f,e,d,c,b
#
loop_
_chem_comp.id
_chem_comp.type
_chem_comp.name
_chem_comp.formula
ADP non-polymer ADENOSINE-5'-DIPHOSPHATE 'C10 H15 N5 O10 P2'
MG non-polymer 'MAGNESIUM ION' 'Mg 2'
#
# COMPACT_ATOMS: atom_id res chain seq x y z
N MET A 4 -126.24 -5.36 15.13
CA MET A 4 -126.57 -6.69 15.62
C MET A 4 -125.33 -7.36 16.21
N ASN A 5 -124.17 -7.11 15.60
CA ASN A 5 -122.91 -7.70 16.03
C ASN A 5 -122.00 -6.60 16.57
N LEU A 6 -121.47 -6.83 17.78
CA LEU A 6 -120.71 -5.78 18.46
C LEU A 6 -119.40 -5.48 17.73
N THR A 7 -118.71 -6.50 17.25
CA THR A 7 -117.38 -6.28 16.65
C THR A 7 -117.47 -5.46 15.37
N GLU A 8 -118.47 -5.73 14.53
CA GLU A 8 -118.60 -4.99 13.28
C GLU A 8 -119.11 -3.57 13.51
N LEU A 9 -119.82 -3.31 14.60
CA LEU A 9 -120.36 -1.99 14.85
C LEU A 9 -119.25 -1.00 15.25
N LYS A 10 -118.26 -1.46 16.01
CA LYS A 10 -117.17 -0.58 16.42
C LYS A 10 -116.24 -0.25 15.24
N ASN A 11 -116.09 -1.18 14.30
CA ASN A 11 -115.22 -0.94 13.15
C ASN A 11 -115.82 0.07 12.17
N THR A 12 -117.12 0.32 12.25
CA THR A 12 -117.75 1.29 11.37
C THR A 12 -117.26 2.70 11.68
N PRO A 13 -117.20 3.57 10.68
CA PRO A 13 -116.78 4.96 10.93
C PRO A 13 -117.77 5.68 11.83
N VAL A 14 -117.26 6.68 12.56
CA VAL A 14 -118.10 7.42 13.49
C VAL A 14 -119.20 8.18 12.74
N SER A 15 -118.88 8.69 11.55
CA SER A 15 -119.87 9.42 10.77
C SER A 15 -121.03 8.51 10.38
N GLU A 16 -120.73 7.28 9.97
CA GLU A 16 -121.80 6.33 9.66
C GLU A 16 -122.54 5.88 10.92
N LEU A 17 -121.84 5.86 12.06
CA LEU A 17 -122.49 5.43 13.29
C LEU A 17 -123.63 6.36 13.70
N ILE A 18 -123.43 7.67 13.52
CA ILE A 18 -124.50 8.63 13.83
C ILE A 18 -125.69 8.42 12.90
N THR A 19 -125.43 8.23 11.61
CA THR A 19 -126.52 8.06 10.65
C THR A 19 -127.34 6.82 10.95
N LEU A 20 -126.69 5.73 11.36
CA LEU A 20 -127.42 4.50 11.68
C LEU A 20 -128.36 4.70 12.85
N GLY A 21 -127.92 5.44 13.88
CA GLY A 21 -128.76 5.65 15.04
C GLY A 21 -129.89 6.63 14.82
N GLU A 22 -129.74 7.55 13.86
CA GLU A 22 -130.78 8.55 13.61
C GLU A 22 -132.03 7.90 13.03
N ASN A 23 -131.87 7.04 12.02
CA ASN A 23 -133.02 6.39 11.42
C ASN A 23 -133.64 5.36 12.36
N MET A 24 -132.85 4.80 13.28
CA MET A 24 -133.39 3.82 14.23
C MET A 24 -134.41 4.47 15.16
N GLY A 25 -134.15 5.70 15.60
CA GLY A 25 -135.07 6.40 16.47
C GLY A 25 -134.38 7.24 17.53
N LEU A 26 -133.08 7.06 17.69
CA LEU A 26 -132.32 7.81 18.67
C LEU A 26 -132.06 9.23 18.19
N GLU A 27 -131.73 10.11 19.13
CA GLU A 27 -131.50 11.52 18.85
C GLU A 27 -130.34 12.02 19.71
N ASN A 28 -129.72 13.10 19.24
CA ASN A 28 -128.61 13.76 19.95
C ASN A 28 -127.43 12.82 20.16
N LEU A 29 -127.14 12.00 19.15
CA LEU A 29 -125.98 11.12 19.19
C LEU A 29 -124.73 11.75 18.61
N ALA A 30 -124.84 12.93 17.99
CA ALA A 30 -123.69 13.52 17.30
C ALA A 30 -122.66 14.04 18.29
N ARG A 31 -123.11 14.77 19.31
CA ARG A 31 -122.18 15.45 20.24
C ARG A 31 -122.00 14.62 21.51
N MET A 32 -121.40 13.45 21.34
CA MET A 32 -121.08 12.58 22.47
C MET A 32 -120.01 11.58 22.03
N ARG A 33 -119.39 10.94 23.00
CA ARG A 33 -118.30 10.01 22.72
C ARG A 33 -118.81 8.81 21.94
N LYS A 34 -117.92 8.24 21.12
CA LYS A 34 -118.28 7.10 20.28
C LYS A 34 -118.70 5.90 21.11
N GLN A 35 -118.05 5.71 22.27
CA GLN A 35 -118.38 4.58 23.12
C GLN A 35 -119.82 4.66 23.62
N ASP A 36 -120.27 5.86 23.99
CA ASP A 36 -121.65 6.03 24.45
C ASP A 36 -122.65 5.78 23.32
N ILE A 37 -122.28 6.16 22.09
CA ILE A 37 -123.18 5.96 20.95
C ILE A 37 -123.44 4.47 20.73
N ILE A 38 -122.38 3.65 20.84
CA ILE A 38 -122.54 2.21 20.64
C ILE A 38 -123.46 1.62 21.70
N PHE A 39 -123.30 2.05 22.95
CA PHE A 39 -124.19 1.58 24.02
C PHE A 39 -125.63 2.01 23.76
N ALA A 40 -125.82 3.26 23.31
CA ALA A 40 -127.18 3.75 23.03
C ALA A 40 -127.83 2.98 21.89
N ILE A 41 -127.09 2.72 20.81
CA ILE A 41 -127.65 2.01 19.68
C ILE A 41 -128.02 0.58 20.06
N LEU A 42 -127.14 -0.10 20.80
CA LEU A 42 -127.45 -1.45 21.26
C LEU A 42 -128.66 -1.45 22.20
N LYS A 43 -128.77 -0.43 23.07
CA LYS A 43 -129.91 -0.35 23.97
C LYS A 43 -131.21 -0.22 23.21
N GLN A 44 -131.25 0.65 22.20
CA GLN A 44 -132.46 0.81 21.40
C GLN A 44 -132.74 -0.44 20.57
N HIS A 45 -131.70 -1.04 19.99
CA HIS A 45 -131.89 -2.25 19.19
C HIS A 45 -132.32 -3.43 20.06
N ALA A 46 -131.95 -3.43 21.34
CA ALA A 46 -132.35 -4.52 22.23
C ALA A 46 -133.85 -4.53 22.47
N LYS A 47 -134.51 -3.37 22.37
CA LYS A 47 -135.95 -3.31 22.57
C LYS A 47 -136.71 -4.09 21.50
N SER A 48 -136.13 -4.23 20.30
CA SER A 48 -136.78 -4.98 19.24
C SER A 48 -136.82 -6.47 19.51
N GLY A 49 -136.00 -6.96 20.44
CA GLY A 49 -135.97 -8.37 20.78
C GLY A 49 -134.98 -9.20 19.98
N GLU A 50 -134.34 -8.62 18.97
CA GLU A 50 -133.36 -9.36 18.19
C GLU A 50 -132.11 -9.66 19.02
N ASP A 51 -131.52 -10.82 18.77
CA ASP A 51 -130.32 -11.22 19.48
C ASP A 51 -129.14 -10.34 19.09
N ILE A 52 -128.24 -10.10 20.05
CA ILE A 52 -127.07 -9.27 19.86
C ILE A 52 -125.84 -10.12 20.11
N PHE A 53 -124.89 -10.09 19.18
CA PHE A 53 -123.66 -10.85 19.29
C PHE A 53 -122.52 -9.94 19.74
N GLY A 54 -121.69 -10.45 20.65
CA GLY A 54 -120.58 -9.68 21.16
C GLY A 54 -119.36 -10.55 21.40
N ASP A 55 -118.20 -9.90 21.38
CA ASP A 55 -116.94 -10.61 21.57
C ASP A 55 -115.88 -9.62 22.05
N GLY A 56 -114.80 -10.16 22.59
CA GLY A 56 -113.72 -9.35 23.10
C GLY A 56 -112.75 -10.17 23.91
N VAL A 57 -111.86 -9.47 24.61
CA VAL A 57 -110.86 -10.10 25.46
C VAL A 57 -111.35 -10.03 26.91
N LEU A 58 -111.35 -11.18 27.58
CA LEU A 58 -111.88 -11.29 28.93
C LEU A 58 -110.78 -11.04 29.95
N GLU A 59 -111.10 -10.24 30.97
CA GLU A 59 -110.21 -9.99 32.09
C GLU A 59 -111.00 -10.19 33.38
N ILE A 60 -110.29 -10.56 34.45
CA ILE A 60 -110.90 -10.82 35.75
C ILE A 60 -110.38 -9.79 36.74
N LEU A 61 -111.31 -9.12 37.42
CA LEU A 61 -110.96 -8.12 38.43
C LEU A 61 -110.63 -8.82 39.75
N GLN A 62 -110.18 -8.03 40.73
CA GLN A 62 -109.81 -8.58 42.03
C GLN A 62 -111.02 -9.00 42.85
N ASP A 63 -112.18 -8.36 42.65
CA ASP A 63 -113.38 -8.73 43.38
C ASP A 63 -113.84 -10.14 43.03
N GLY A 64 -113.73 -10.52 41.75
CA GLY A 64 -114.16 -11.83 41.31
C GLY A 64 -114.91 -11.80 39.99
N PHE A 65 -115.64 -10.72 39.73
CA PHE A 65 -116.31 -10.57 38.46
C PHE A 65 -115.35 -10.01 37.41
N GLY A 66 -115.72 -10.14 36.14
CA GLY A 66 -114.89 -9.70 35.05
C GLY A 66 -115.69 -8.94 34.00
N PHE A 67 -114.95 -8.35 33.06
CA PHE A 67 -115.52 -7.64 31.94
C PHE A 67 -114.84 -8.09 30.65
N LEU A 68 -115.57 -7.98 29.54
CA LEU A 68 -115.10 -8.40 28.23
C LEU A 68 -114.62 -7.15 27.49
N ARG A 69 -113.34 -6.81 27.67
CA ARG A 69 -112.78 -5.64 27.02
C ARG A 69 -112.63 -5.85 25.52
N SER A 70 -112.62 -4.75 24.78
CA SER A 70 -112.50 -4.77 23.33
C SER A 70 -111.12 -4.23 22.95
N ALA A 71 -110.43 -4.94 22.05
CA ALA A 71 -109.11 -4.51 21.62
C ALA A 71 -109.15 -3.29 20.72
N ASP A 72 -110.32 -2.97 20.15
CA ASP A 72 -110.42 -1.79 19.28
C ASP A 72 -110.17 -0.50 20.05
N SER A 73 -110.68 -0.40 21.27
CA SER A 73 -110.51 0.78 22.11
C SER A 73 -109.28 0.69 23.02
N SER A 74 -108.29 -0.13 22.64
CA SER A 74 -107.08 -0.34 23.44
C SER A 74 -107.41 -0.81 24.85
N TYR A 75 -108.42 -1.68 24.95
CA TYR A 75 -108.85 -2.26 26.23
C TYR A 75 -109.19 -1.19 27.25
N LEU A 76 -109.88 -0.15 26.81
CA LEU A 76 -110.29 0.94 27.69
C LEU A 76 -111.67 0.65 28.25
N ALA A 77 -111.83 0.91 29.55
CA ALA A 77 -113.11 0.70 30.20
C ALA A 77 -114.17 1.63 29.61
N GLY A 78 -115.34 1.07 29.33
CA GLY A 78 -116.43 1.83 28.75
C GLY A 78 -117.79 1.24 29.07
N PRO A 79 -118.84 2.02 28.84
CA PRO A 79 -120.20 1.51 29.10
C PRO A 79 -120.58 0.33 28.23
N ASP A 80 -119.93 0.14 27.09
CA ASP A 80 -120.26 -0.95 26.17
C ASP A 80 -119.57 -2.26 26.50
N ASP A 81 -118.76 -2.28 27.56
CA ASP A 81 -118.08 -3.51 27.95
C ASP A 81 -119.09 -4.54 28.44
N ILE A 82 -118.84 -5.81 28.09
CA ILE A 82 -119.73 -6.91 28.43
C ILE A 82 -119.34 -7.44 29.81
N TYR A 83 -120.33 -7.52 30.71
CA TYR A 83 -120.13 -8.02 32.05
C TYR A 83 -120.42 -9.52 32.11
N VAL A 84 -119.59 -10.26 32.82
CA VAL A 84 -119.74 -11.70 32.98
C VAL A 84 -119.81 -12.01 34.47
N SER A 85 -120.80 -12.83 34.85
CA SER A 85 -120.94 -13.20 36.24
C SER A 85 -119.85 -14.20 36.64
N PRO A 86 -119.46 -14.21 37.91
CA PRO A 86 -118.47 -15.21 38.36
C PRO A 86 -118.95 -16.65 38.22
N SER A 87 -120.26 -16.86 38.17
CA SER A 87 -120.78 -18.23 38.01
C SER A 87 -120.36 -18.84 36.68
N GLN A 88 -120.38 -18.03 35.61
CA GLN A 88 -119.97 -18.52 34.30
C GLN A 88 -118.50 -18.90 34.29
N ILE A 89 -117.70 -18.28 35.16
CA ILE A 89 -116.28 -18.61 35.25
C ILE A 89 -116.07 -20.04 35.73
N ARG A 90 -116.87 -20.49 36.69
CA ARG A 90 -116.77 -21.87 37.16
C ARG A 90 -117.16 -22.86 36.08
N ARG A 91 -118.22 -22.55 35.32
CA ARG A 91 -118.65 -23.44 34.25
C ARG A 91 -117.57 -23.59 33.18
N PHE A 92 -116.94 -22.49 32.80
CA PHE A 92 -115.89 -22.49 31.79
C PHE A 92 -114.63 -21.83 32.34
N ASN A 93 -113.57 -22.62 32.54
CA ASN A 93 -112.32 -22.11 33.08
C ASN A 93 -111.76 -21.00 32.19
N LEU A 94 -111.86 -19.77 32.68
CA LEU A 94 -111.38 -18.61 31.95
C LEU A 94 -110.42 -17.81 32.83
N ARG A 95 -109.38 -17.28 32.20
CA ARG A 95 -108.43 -16.40 32.85
C ARG A 95 -108.25 -15.14 32.00
N THR A 96 -107.53 -14.17 32.54
CA THR A 96 -107.28 -12.93 31.80
C THR A 96 -106.54 -13.21 30.51
N GLY A 97 -107.03 -12.61 29.42
CA GLY A 97 -106.37 -12.69 28.13
C GLY A 97 -107.15 -13.42 27.05
N ASP A 98 -107.95 -14.41 27.43
CA ASP A 98 -108.64 -15.23 26.45
C ASP A 98 -109.76 -14.45 25.75
N THR A 99 -110.10 -14.89 24.54
CA THR A 99 -111.16 -14.26 23.77
C THR A 99 -112.46 -15.03 23.96
N ILE A 100 -113.53 -14.32 24.31
CA ILE A 100 -114.84 -14.90 24.52
C ILE A 100 -115.82 -14.27 23.55
N SER A 101 -116.55 -15.11 22.82
CA SER A 101 -117.54 -14.65 21.85
C SER A 101 -118.85 -15.38 22.08
N GLY A 102 -119.95 -14.64 22.07
CA GLY A 102 -121.25 -15.24 22.26
C GLY A 102 -122.34 -14.18 22.33
N LYS A 103 -123.55 -14.64 22.56
CA LYS A 103 -124.70 -13.75 22.66
C LYS A 103 -124.69 -12.99 23.98
N ILE A 104 -125.16 -11.75 23.93
CA ILE A 104 -125.24 -10.88 25.10
C ILE A 104 -126.68 -10.42 25.27
N ARG A 105 -127.18 -10.49 26.51
CA ARG A 105 -128.55 -10.09 26.81
C ARG A 105 -128.62 -8.61 27.15
N PRO A 106 -129.76 -7.97 26.92
CA PRO A 106 -129.93 -6.57 27.30
C PRO A 106 -129.76 -6.39 28.80
N PRO A 107 -129.13 -5.30 29.23
CA PRO A 107 -128.95 -5.06 30.66
C PRO A 107 -130.27 -4.68 31.32
N LYS A 108 -130.60 -5.38 32.41
CA LYS A 108 -131.81 -5.07 33.15
C LYS A 108 -131.64 -3.77 33.96
N GLU A 109 -132.69 -3.39 34.65
CA GLU A 109 -132.63 -2.20 35.50
C GLU A 109 -131.69 -2.45 36.68
N GLY A 110 -130.89 -1.43 37.00
CA GLY A 110 -129.93 -1.52 38.08
C GLY A 110 -128.51 -1.84 37.65
N GLU A 111 -128.32 -2.32 36.43
CA GLU A 111 -126.98 -2.59 35.91
C GLU A 111 -126.73 -1.74 34.66
N ARG A 112 -125.47 -1.34 34.51
CA ARG A 112 -125.07 -0.44 33.44
C ARG A 112 -124.25 -1.14 32.35
N TYR A 113 -124.13 -2.47 32.42
CA TYR A 113 -123.32 -3.22 31.48
C TYR A 113 -124.09 -4.41 30.95
N PHE A 114 -123.82 -4.76 29.70
CA PHE A 114 -124.41 -5.94 29.09
C PHE A 114 -123.88 -7.21 29.75
N ALA A 115 -124.72 -8.24 29.80
CA ALA A 115 -124.37 -9.51 30.39
C ALA A 115 -124.32 -10.60 29.34
N LEU A 116 -123.26 -11.42 29.38
CA LEU A 116 -123.11 -12.51 28.38
C LEU A 116 -124.23 -13.53 28.61
N LEU A 117 -125.06 -13.75 27.59
CA LEU A 117 -126.19 -14.69 27.71
C LEU A 117 -125.68 -16.11 27.46
N LYS A 118 -124.75 -16.25 26.51
CA LYS A 118 -124.21 -17.59 26.17
C LYS A 118 -122.86 -17.40 25.49
N VAL A 119 -121.92 -18.33 25.72
CA VAL A 119 -120.61 -18.27 25.01
C VAL A 119 -120.65 -19.26 23.85
N ASN A 120 -120.45 -18.79 22.62
CA ASN A 120 -120.59 -19.70 21.46
C ASN A 120 -119.21 -19.97 20.85
N GLU A 121 -118.16 -19.33 21.37
CA GLU A 121 -116.78 -19.61 20.88
C GLU A 121 -115.76 -19.15 21.90
N VAL A 122 -114.68 -19.91 22.07
CA VAL A 122 -113.59 -19.49 23.00
C VAL A 122 -112.26 -19.62 22.26
N ASN A 123 -111.43 -18.59 22.31
CA ASN A 123 -110.11 -18.58 21.67
C ASN A 123 -110.19 -19.17 20.26
N PHE A 124 -111.22 -18.77 19.52
CA PHE A 124 -111.48 -19.27 18.16
C PHE A 124 -111.57 -20.78 18.15
N ASP A 125 -112.22 -21.35 19.16
CA ASP A 125 -112.33 -22.79 19.29
C ASP A 125 -113.56 -23.10 20.15
N LYS A 126 -113.96 -24.37 20.12
CA LYS A 126 -115.10 -24.81 20.92
C LYS A 126 -114.78 -24.65 22.40
N PRO A 127 -115.71 -24.15 23.21
CA PRO A 127 -115.42 -23.95 24.64
C PRO A 127 -115.01 -25.22 25.37
N GLU A 128 -115.59 -26.37 25.00
CA GLU A 128 -115.21 -27.62 25.64
C GLU A 128 -113.75 -27.97 25.35
N ASN A 129 -113.29 -27.76 24.11
CA ASN A 129 -111.91 -28.05 23.77
C ASN A 129 -110.94 -27.12 24.47
N ALA A 130 -111.33 -25.86 24.66
CA ALA A 130 -110.44 -24.90 25.33
C ALA A 130 -110.22 -25.26 26.79
N ARG A 131 -111.16 -26.00 27.40
CA ARG A 131 -111.02 -26.41 28.79
C ARG A 131 -109.91 -27.41 29.02
N ASN A 132 -109.49 -28.13 27.98
CA ASN A 132 -108.45 -29.15 28.10
C ASN A 132 -107.07 -28.65 27.66
N LYS A 133 -106.94 -27.36 27.38
CA LYS A 133 -105.67 -26.82 26.93
C LYS A 133 -104.64 -26.83 28.08
N ILE A 134 -103.38 -27.06 27.75
CA ILE A 134 -102.33 -26.99 28.81
C ILE A 134 -101.99 -25.53 29.08
N LEU A 135 -101.69 -25.18 30.33
CA LEU A 135 -101.38 -23.76 30.68
C LEU A 135 -100.05 -23.37 30.02
N PHE A 136 -99.75 -22.07 29.99
CA PHE A 136 -98.52 -21.58 29.32
C PHE A 136 -97.31 -21.84 30.22
N GLU A 137 -97.52 -21.89 31.53
CA GLU A 137 -96.36 -22.01 32.42
C GLU A 137 -95.83 -23.43 32.49
N ASN A 138 -96.66 -24.43 32.18
CA ASN A 138 -96.22 -25.82 32.20
C ASN A 138 -95.46 -26.22 30.94
N LEU A 139 -95.50 -25.40 29.89
CA LEU A 139 -94.81 -25.71 28.66
C LEU A 139 -93.30 -25.56 28.82
N THR A 140 -92.55 -26.39 28.09
CA THR A 140 -91.09 -26.37 28.18
C THR A 140 -90.52 -25.48 27.10
N PRO A 141 -89.86 -24.38 27.45
CA PRO A 141 -89.28 -23.51 26.42
C PRO A 141 -88.06 -24.14 25.77
N LEU A 142 -87.77 -23.69 24.55
CA LEU A 142 -86.60 -24.14 23.80
C LEU A 142 -86.02 -22.95 23.04
N HIS A 143 -84.85 -23.16 22.45
CA HIS A 143 -84.23 -22.13 21.64
C HIS A 143 -84.95 -21.99 20.30
N ALA A 144 -84.79 -20.81 19.70
CA ALA A 144 -85.44 -20.53 18.43
C ALA A 144 -84.86 -21.41 17.31
N ASN A 145 -85.74 -21.95 16.48
CA ASN A 145 -85.32 -22.80 15.37
C ASN A 145 -86.02 -22.48 14.05
N SER A 146 -87.05 -21.64 14.05
CA SER A 146 -87.79 -21.30 12.83
C SER A 146 -87.30 -19.94 12.33
N ARG A 147 -86.60 -19.96 11.20
CA ARG A 147 -86.05 -18.72 10.67
C ARG A 147 -87.15 -17.86 10.06
N LEU A 148 -87.16 -16.57 10.42
CA LEU A 148 -88.10 -15.60 9.90
C LEU A 148 -87.38 -14.70 8.90
N ARG A 149 -87.72 -14.85 7.62
CA ARG A 149 -87.07 -14.08 6.56
C ARG A 149 -87.57 -12.65 6.61
N MET A 150 -86.74 -11.75 7.15
CA MET A 150 -87.12 -10.35 7.26
C MET A 150 -86.94 -9.59 5.95
N GLU A 151 -86.21 -10.15 4.99
CA GLU A 151 -85.96 -9.47 3.72
C GLU A 151 -87.18 -9.60 2.81
N ARG A 152 -87.52 -8.50 2.15
CA ARG A 152 -88.63 -8.45 1.21
C ARG A 152 -88.07 -8.25 -0.20
N GLY A 153 -88.43 -9.15 -1.12
CA GLY A 153 -87.92 -9.08 -2.46
C GLY A 153 -88.86 -8.38 -3.43
N ASN A 154 -90.16 -8.63 -3.30
CA ASN A 154 -91.13 -8.06 -4.23
C ASN A 154 -91.19 -6.53 -4.12
N ASP A 155 -91.10 -6.00 -2.90
CA ASP A 155 -91.17 -4.55 -2.72
C ASP A 155 -90.00 -3.85 -3.39
N SER A 156 -88.78 -4.35 -3.15
CA SER A 156 -87.56 -3.78 -3.74
C SER A 156 -87.44 -2.29 -3.45
N THR A 157 -87.80 -1.90 -2.23
CA THR A 157 -87.76 -0.50 -1.84
C THR A 157 -86.33 -0.01 -1.68
N GLU A 158 -86.17 1.31 -1.69
CA GLU A 158 -84.85 1.91 -1.52
C GLU A 158 -84.30 1.72 -0.11
N ASP A 159 -85.16 1.43 0.87
CA ASP A 159 -84.71 1.21 2.23
C ASP A 159 -84.04 -0.15 2.34
N LEU A 160 -82.84 -0.18 2.94
CA LEU A 160 -82.08 -1.40 3.12
C LEU A 160 -82.15 -1.92 4.55
N THR A 161 -83.09 -1.41 5.35
CA THR A 161 -83.18 -1.82 6.75
C THR A 161 -83.47 -3.31 6.88
N ALA A 162 -84.39 -3.83 6.06
CA ALA A 162 -84.72 -5.25 6.11
C ALA A 162 -83.52 -6.11 5.74
N ARG A 163 -82.77 -5.71 4.71
CA ARG A 163 -81.61 -6.48 4.30
C ARG A 163 -80.51 -6.45 5.37
N VAL A 164 -80.29 -5.28 5.98
CA VAL A 164 -79.26 -5.16 6.99
C VAL A 164 -79.63 -5.94 8.25
N LEU A 165 -80.91 -5.95 8.61
CA LEU A 165 -81.33 -6.61 9.83
C LEU A 165 -81.05 -8.10 9.80
N ASP A 166 -81.29 -8.75 8.65
CA ASP A 166 -80.99 -10.16 8.52
C ASP A 166 -79.49 -10.43 8.65
N LEU A 167 -78.66 -9.58 8.01
CA LEU A 167 -77.22 -9.77 8.08
C LEU A 167 -76.70 -9.48 9.49
N ALA A 168 -77.17 -8.39 10.11
CA ALA A 168 -76.67 -8.01 11.42
C ALA A 168 -77.09 -9.01 12.49
N SER A 169 -78.37 -9.36 12.52
CA SER A 169 -78.89 -10.26 13.55
C SER A 169 -80.16 -10.94 13.07
N PRO A 170 -80.09 -12.21 12.65
CA PRO A 170 -81.31 -12.92 12.24
C PRO A 170 -82.30 -13.05 13.38
N ILE A 171 -83.58 -12.99 13.05
CA ILE A 171 -84.67 -13.06 14.02
C ILE A 171 -85.49 -14.30 13.73
N GLY A 172 -85.71 -15.12 14.76
CA GLY A 172 -86.52 -16.32 14.65
C GLY A 172 -87.77 -16.26 15.52
N ARG A 173 -88.52 -17.35 15.47
CA ARG A 173 -89.72 -17.49 16.28
C ARG A 173 -89.36 -17.79 17.72
N GLY A 174 -89.99 -17.08 18.65
CA GLY A 174 -89.72 -17.28 20.06
C GLY A 174 -88.51 -16.53 20.59
N GLN A 175 -87.97 -15.58 19.82
CA GLN A 175 -86.83 -14.81 20.27
C GLN A 175 -87.24 -13.83 21.37
N ARG A 176 -86.28 -13.53 22.24
CA ARG A 176 -86.47 -12.58 23.34
C ARG A 176 -85.49 -11.42 23.20
N GLY A 177 -85.35 -10.92 21.98
CA GLY A 177 -84.39 -9.86 21.73
C GLY A 177 -84.89 -8.51 22.19
N LEU A 178 -83.95 -7.57 22.31
CA LEU A 178 -84.24 -6.19 22.67
C LEU A 178 -83.45 -5.27 21.75
N ILE A 179 -83.96 -4.05 21.58
CA ILE A 179 -83.35 -3.05 20.72
C ILE A 179 -82.86 -1.90 21.58
N VAL A 180 -81.58 -1.59 21.47
CA VAL A 180 -80.99 -0.45 22.18
C VAL A 180 -80.95 0.71 21.21
N ALA A 181 -81.83 1.69 21.42
CA ALA A 181 -82.01 2.80 20.49
C ALA A 181 -81.89 4.13 21.23
N PRO A 182 -80.88 4.94 20.92
CA PRO A 182 -80.83 6.30 21.49
C PRO A 182 -81.93 7.15 20.90
N PRO A 183 -82.29 8.26 21.56
CA PRO A 183 -83.34 9.13 21.01
C PRO A 183 -82.94 9.71 19.67
N LYS A 184 -83.94 9.89 18.80
CA LYS A 184 -83.75 10.42 17.45
C LYS A 184 -82.76 9.58 16.66
N ALA A 185 -82.96 8.26 16.68
CA ALA A 185 -82.12 7.33 15.93
C ALA A 185 -82.96 6.41 15.04
N GLY A 186 -84.14 6.85 14.63
CA GLY A 186 -84.99 6.04 13.77
C GLY A 186 -85.53 4.79 14.45
N LYS A 187 -85.85 4.88 15.74
CA LYS A 187 -86.39 3.72 16.45
C LYS A 187 -87.80 3.40 15.99
N THR A 188 -88.64 4.42 15.79
CA THR A 188 -90.03 4.19 15.41
C THR A 188 -90.12 3.54 14.03
N MET A 189 -89.34 4.02 13.06
CA MET A 189 -89.40 3.46 11.72
C MET A 189 -88.78 2.07 11.67
N LEU A 190 -87.87 1.78 12.61
CA LEU A 190 -87.27 0.45 12.67
C LEU A 190 -88.32 -0.61 12.97
N LEU A 191 -89.23 -0.32 13.92
CA LEU A 191 -90.29 -1.28 14.23
C LEU A 191 -91.29 -1.38 13.09
N GLN A 192 -91.58 -0.26 12.42
CA GLN A 192 -92.54 -0.28 11.33
C GLN A 192 -92.07 -1.15 10.18
N ASN A 193 -90.77 -1.06 9.84
CA ASN A 193 -90.24 -1.88 8.76
C ASN A 193 -90.32 -3.37 9.10
N ILE A 194 -90.03 -3.71 10.35
CA ILE A 194 -90.14 -5.11 10.78
C ILE A 194 -91.57 -5.59 10.68
N ALA A 195 -92.53 -4.74 11.07
CA ALA A 195 -93.94 -5.12 11.02
C ALA A 195 -94.39 -5.39 9.60
N GLN A 196 -93.91 -4.60 8.63
CA GLN A 196 -94.28 -4.81 7.24
C GLN A 196 -93.82 -6.17 6.73
N SER A 197 -92.59 -6.56 7.07
CA SER A 197 -92.07 -7.85 6.62
C SER A 197 -92.82 -9.01 7.27
N ILE A 198 -93.15 -8.89 8.56
CA ILE A 198 -93.86 -9.95 9.26
C ILE A 198 -95.25 -10.14 8.66
N ALA A 199 -95.96 -9.04 8.41
CA ALA A 199 -97.29 -9.13 7.80
C ALA A 199 -97.24 -9.62 6.36
N TYR A 200 -96.08 -9.55 5.71
CA TYR A 200 -95.92 -9.97 4.32
C TYR A 200 -95.32 -11.37 4.19
N ASN A 201 -94.18 -11.61 4.84
CA ASN A 201 -93.51 -12.90 4.71
C ASN A 201 -94.22 -14.00 5.48
N HIS A 202 -94.80 -13.68 6.63
CA HIS A 202 -95.48 -14.67 7.49
C HIS A 202 -96.86 -14.15 7.85
N PRO A 203 -97.81 -14.17 6.90
CA PRO A 203 -99.18 -13.74 7.23
C PRO A 203 -99.84 -14.60 8.29
N ASP A 204 -99.45 -15.87 8.40
CA ASP A 204 -100.09 -16.76 9.37
C ASP A 204 -99.77 -16.34 10.80
N CYS A 205 -98.55 -15.85 11.05
CA CYS A 205 -98.16 -15.45 12.39
C CYS A 205 -98.97 -14.24 12.84
N VAL A 206 -99.40 -14.27 14.10
CA VAL A 206 -100.18 -13.17 14.68
C VAL A 206 -99.21 -12.09 15.14
N LEU A 207 -99.43 -10.86 14.66
CA LEU A 207 -98.58 -9.72 14.99
C LEU A 207 -99.35 -8.78 15.89
N MET A 208 -98.77 -8.46 17.05
CA MET A 208 -99.36 -7.55 18.00
C MET A 208 -98.35 -6.46 18.35
N VAL A 209 -98.79 -5.21 18.31
CA VAL A 209 -97.93 -4.05 18.57
C VAL A 209 -98.45 -3.35 19.82
N LEU A 210 -97.57 -3.16 20.80
CA LEU A 210 -97.91 -2.48 22.04
C LEU A 210 -97.01 -1.25 22.19
N LEU A 211 -97.62 -0.09 22.40
CA LEU A 211 -96.90 1.16 22.56
C LEU A 211 -97.26 1.81 23.88
N ILE A 212 -96.25 2.33 24.59
CA ILE A 212 -96.42 2.93 25.90
C ILE A 212 -95.95 4.38 25.83
N ASP A 213 -96.78 5.29 26.34
CA ASP A 213 -96.44 6.71 26.43
C ASP A 213 -96.11 7.31 25.05
N GLU A 214 -96.90 6.95 24.05
CA GLU A 214 -96.73 7.46 22.70
C GLU A 214 -97.76 8.54 22.41
N ARG A 215 -97.38 9.47 21.52
CA ARG A 215 -98.27 10.55 21.14
C ARG A 215 -99.48 10.02 20.37
N PRO A 216 -100.64 10.69 20.49
CA PRO A 216 -101.83 10.20 19.78
C PRO A 216 -101.66 10.11 18.27
N GLU A 217 -100.94 11.05 17.65
CA GLU A 217 -100.73 10.99 16.22
C GLU A 217 -99.80 9.84 15.84
N GLU A 218 -98.87 9.47 16.74
CA GLU A 218 -98.01 8.34 16.47
C GLU A 218 -98.78 7.02 16.50
N VAL A 219 -99.78 6.91 17.38
CA VAL A 219 -100.57 5.69 17.47
C VAL A 219 -101.39 5.51 16.19
N THR A 220 -101.99 6.60 15.70
CA THR A 220 -102.82 6.51 14.49
C THR A 220 -102.00 6.08 13.28
N GLU A 221 -100.79 6.61 13.14
CA GLU A 221 -99.94 6.23 12.02
C GLU A 221 -99.56 4.75 12.10
N MET A 222 -99.30 4.26 13.32
CA MET A 222 -98.93 2.86 13.49
C MET A 222 -100.06 1.93 13.07
N GLN A 223 -101.31 2.29 13.42
CA GLN A 223 -102.45 1.45 13.05
C GLN A 223 -102.61 1.39 11.53
N ARG A 224 -102.45 2.53 10.85
CA ARG A 224 -102.61 2.56 9.41
C ARG A 224 -101.51 1.78 8.70
N LEU A 225 -100.28 1.81 9.24
CA LEU A 225 -99.15 1.18 8.57
C LEU A 225 -99.08 -0.31 8.88
N VAL A 226 -99.24 -0.69 10.14
CA VAL A 226 -99.11 -2.08 10.55
C VAL A 226 -100.40 -2.83 10.20
N LYS A 227 -100.25 -3.95 9.49
CA LYS A 227 -101.39 -4.80 9.11
C LYS A 227 -101.57 -5.86 10.19
N GLY A 228 -102.17 -5.43 11.30
CA GLY A 228 -102.38 -6.34 12.41
C GLY A 228 -103.11 -5.66 13.54
N GLU A 229 -103.00 -6.25 14.73
CA GLU A 229 -103.64 -5.72 15.92
C GLU A 229 -102.67 -4.78 16.63
N VAL A 230 -103.06 -3.52 16.74
CA VAL A 230 -102.23 -2.49 17.37
C VAL A 230 -103.00 -1.91 18.54
N VAL A 231 -102.38 -1.94 19.73
CA VAL A 231 -102.95 -1.36 20.94
C VAL A 231 -101.90 -0.49 21.59
N ALA A 232 -102.31 0.69 22.08
CA ALA A 232 -101.37 1.64 22.63
C ALA A 232 -102.06 2.48 23.71
N SER A 233 -101.24 3.07 24.56
CA SER A 233 -101.71 3.95 25.62
C SER A 233 -101.02 5.30 25.50
N THR A 234 -101.79 6.37 25.50
CA THR A 234 -101.25 7.71 25.36
C THR A 234 -100.62 8.18 26.66
N PHE A 235 -99.80 9.24 26.56
CA PHE A 235 -99.09 9.75 27.73
C PHE A 235 -100.04 10.37 28.74
N ASP A 236 -101.12 11.00 28.27
CA ASP A 236 -102.05 11.66 29.19
C ASP A 236 -102.78 10.66 30.09
N GLU A 237 -102.88 9.40 29.68
CA GLU A 237 -103.52 8.40 30.51
C GLU A 237 -102.67 8.10 31.74
N PRO A 238 -103.28 7.71 32.85
CA PRO A 238 -102.52 7.47 34.09
C PRO A 238 -101.60 6.27 33.96
N ALA A 239 -100.62 6.21 34.87
CA ALA A 239 -99.66 5.11 34.86
C ALA A 239 -100.35 3.77 35.11
N SER A 240 -101.46 3.75 35.86
CA SER A 240 -102.19 2.51 36.06
C SER A 240 -102.78 1.98 34.76
N ARG A 241 -103.16 2.88 33.86
CA ARG A 241 -103.65 2.45 32.55
C ARG A 241 -102.57 1.73 31.76
N HIS A 242 -101.33 2.21 31.85
CA HIS A 242 -100.22 1.56 31.16
C HIS A 242 -100.00 0.15 31.68
N VAL A 243 -100.11 -0.04 33.00
CA VAL A 243 -99.95 -1.38 33.57
C VAL A 243 -101.09 -2.29 33.13
N GLN A 244 -102.32 -1.76 33.11
CA GLN A 244 -103.47 -2.58 32.75
C GLN A 244 -103.38 -3.10 31.32
N VAL A 245 -102.99 -2.24 30.38
CA VAL A 245 -102.87 -2.67 28.98
C VAL A 245 -101.68 -3.60 28.78
N ALA A 246 -100.58 -3.39 29.51
CA ALA A 246 -99.40 -4.23 29.34
C ALA A 246 -99.69 -5.68 29.72
N GLU A 247 -100.39 -5.89 30.84
CA GLU A 247 -100.74 -7.25 31.23
C GLU A 247 -101.78 -7.85 30.29
N MET A 248 -102.62 -7.01 29.68
CA MET A 248 -103.64 -7.51 28.76
C MET A 248 -103.01 -8.15 27.53
N VAL A 249 -101.96 -7.53 26.99
CA VAL A 249 -101.34 -8.02 25.76
C VAL A 249 -100.66 -9.37 26.00
N ILE A 250 -99.90 -9.47 27.09
CA ILE A 250 -99.13 -10.69 27.33
C ILE A 250 -100.07 -11.85 27.69
N GLU A 251 -101.11 -11.57 28.49
CA GLU A 251 -102.06 -12.62 28.84
C GLU A 251 -102.81 -13.13 27.61
N LYS A 252 -103.18 -12.21 26.71
CA LYS A 252 -103.82 -12.62 25.47
C LYS A 252 -102.88 -13.45 24.61
N ALA A 253 -101.60 -13.08 24.55
CA ALA A 253 -100.64 -13.83 23.77
C ALA A 253 -100.44 -15.24 24.32
N LYS A 254 -100.39 -15.38 25.65
CA LYS A 254 -100.17 -16.69 26.24
C LYS A 254 -101.30 -17.65 25.91
N ARG A 255 -102.54 -17.16 25.93
CA ARG A 255 -103.68 -18.02 25.58
C ARG A 255 -103.61 -18.48 24.13
N LEU A 256 -103.21 -17.59 23.23
CA LEU A 256 -103.07 -17.96 21.82
C LEU A 256 -101.95 -18.98 21.63
N VAL A 257 -100.86 -18.86 22.40
CA VAL A 257 -99.76 -19.81 22.27
C VAL A 257 -100.21 -21.21 22.67
N GLU A 258 -101.07 -21.31 23.69
CA GLU A 258 -101.58 -22.60 24.12
C GLU A 258 -102.37 -23.31 23.03
N HIS A 259 -102.90 -22.56 22.06
CA HIS A 259 -103.65 -23.14 20.95
C HIS A 259 -102.78 -23.41 19.72
N LYS A 260 -101.49 -23.68 19.92
CA LYS A 260 -100.56 -24.01 18.83
C LYS A 260 -100.46 -22.88 17.81
N LYS A 261 -100.46 -21.63 18.27
CA LYS A 261 -100.35 -20.47 17.41
C LYS A 261 -99.09 -19.68 17.76
N ASP A 262 -98.56 -18.97 16.77
CA ASP A 262 -97.35 -18.16 16.94
C ASP A 262 -97.75 -16.69 17.07
N VAL A 263 -97.27 -16.04 18.13
CA VAL A 263 -97.58 -14.65 18.42
C VAL A 263 -96.28 -13.86 18.46
N ILE A 264 -96.25 -12.74 17.75
CA ILE A 264 -95.10 -11.83 17.72
C ILE A 264 -95.52 -10.51 18.34
N ILE A 265 -94.79 -10.05 19.34
CA ILE A 265 -95.13 -8.83 20.08
C ILE A 265 -94.00 -7.83 19.88
N LEU A 266 -94.34 -6.63 19.43
CA LEU A 266 -93.40 -5.52 19.29
C LEU A 266 -93.61 -4.58 20.46
N LEU A 267 -92.66 -4.58 21.39
CA LEU A 267 -92.78 -3.81 22.63
C LEU A 267 -92.03 -2.49 22.50
N ASP A 268 -92.66 -1.42 22.95
CA ASP A 268 -92.05 -0.09 22.95
C ASP A 268 -92.73 0.72 24.03
N SER A 269 -92.03 0.97 25.14
CA SER A 269 -90.67 0.54 25.37
C SER A 269 -90.52 -0.05 26.78
N ILE A 270 -89.48 -0.85 26.97
CA ILE A 270 -89.22 -1.44 28.29
C ILE A 270 -88.97 -0.34 29.32
N THR A 271 -88.17 0.66 28.95
CA THR A 271 -87.92 1.77 29.86
C THR A 271 -89.21 2.50 30.20
N ARG A 272 -90.06 2.76 29.20
CA ARG A 272 -91.35 3.36 29.46
C ARG A 272 -92.25 2.43 30.27
N LEU A 273 -92.23 1.14 29.95
CA LEU A 273 -93.02 0.17 30.70
C LEU A 273 -92.57 0.08 32.15
N ALA A 274 -91.25 0.05 32.38
CA ALA A 274 -90.74 0.01 33.74
C ALA A 274 -91.03 1.31 34.49
N ARG A 275 -91.15 2.42 33.76
CA ARG A 275 -91.49 3.69 34.40
C ARG A 275 -92.86 3.64 35.05
N ALA A 276 -93.85 3.08 34.34
CA ALA A 276 -95.20 2.97 34.92
C ALA A 276 -95.24 1.94 36.03
N TYR A 277 -94.53 0.83 35.86
CA TYR A 277 -94.55 -0.23 36.88
C TYR A 277 -93.97 0.26 38.20
N ASN A 278 -92.91 1.06 38.15
CA ASN A 278 -92.29 1.56 39.37
C ASN A 278 -93.24 2.46 40.15
N THR A 279 -93.98 3.31 39.44
CA THR A 279 -94.90 4.23 40.12
C THR A 279 -96.09 3.49 40.73
N VAL A 280 -96.64 2.51 40.00
CA VAL A 280 -97.85 1.84 40.45
C VAL A 280 -97.59 1.03 41.72
N VAL A 281 -96.48 0.30 41.76
CA VAL A 281 -96.21 -0.56 42.91
C VAL A 281 -96.00 0.30 44.16
N PRO A 282 -96.62 -0.04 45.29
CA PRO A 282 -96.39 0.75 46.51
C PRO A 282 -94.96 0.59 47.02
N ALA A 283 -94.50 1.64 47.71
CA ALA A 283 -93.16 1.63 48.26
C ALA A 283 -93.03 0.60 49.37
N SER A 284 -91.90 -0.11 49.39
CA SER A 284 -91.63 -1.12 50.38
C SER A 284 -90.83 -0.57 51.57
N GLY A 285 -90.59 0.73 51.61
CA GLY A 285 -89.81 1.34 52.67
C GLY A 285 -88.33 1.46 52.40
N LYS A 286 -87.84 0.85 51.32
CA LYS A 286 -86.44 0.92 50.94
C LYS A 286 -86.34 1.41 49.49
N VAL A 287 -85.48 2.40 49.25
CA VAL A 287 -85.30 2.99 47.94
C VAL A 287 -83.86 2.71 47.50
N LEU A 288 -83.72 2.12 46.32
CA LEU A 288 -82.41 1.83 45.75
C LEU A 288 -81.92 3.01 44.91
N THR A 289 -80.84 2.81 44.17
CA THR A 289 -80.31 3.88 43.33
C THR A 289 -81.27 4.19 42.19
N GLY A 290 -81.44 5.49 41.92
CA GLY A 290 -82.33 5.92 40.86
C GLY A 290 -83.80 5.92 41.21
N GLY A 291 -84.15 5.64 42.46
CA GLY A 291 -85.54 5.63 42.86
C GLY A 291 -86.34 4.45 42.36
N VAL A 292 -85.67 3.36 41.99
CA VAL A 292 -86.33 2.16 41.48
C VAL A 292 -86.17 1.05 42.52
N ASP A 293 -87.30 0.50 42.96
CA ASP A 293 -87.28 -0.58 43.94
C ASP A 293 -86.94 -1.90 43.24
N ALA A 294 -86.41 -2.84 44.04
CA ALA A 294 -86.08 -4.16 43.50
C ALA A 294 -87.33 -4.89 43.02
N ASN A 295 -88.42 -4.80 43.77
CA ASN A 295 -89.67 -5.44 43.37
C ASN A 295 -90.37 -4.69 42.24
N ALA A 296 -90.03 -3.41 42.03
CA ALA A 296 -90.66 -2.64 40.97
C ALA A 296 -90.33 -3.21 39.59
N LEU A 297 -89.07 -3.61 39.39
CA LEU A 297 -88.63 -4.16 38.11
C LEU A 297 -88.91 -5.64 37.98
N HIS A 298 -89.48 -6.28 39.00
CA HIS A 298 -89.86 -7.68 38.90
C HIS A 298 -90.95 -7.89 37.84
N ARG A 299 -91.92 -6.98 37.80
CA ARG A 299 -93.00 -7.10 36.82
C ARG A 299 -92.51 -7.02 35.37
N PRO A 300 -91.66 -6.06 34.98
CA PRO A 300 -91.14 -6.07 33.60
C PRO A 300 -90.35 -7.34 33.27
N LYS A 301 -89.65 -7.91 34.24
CA LYS A 301 -88.92 -9.15 33.99
C LYS A 301 -89.86 -10.28 33.65
N ARG A 302 -91.01 -10.38 34.34
CA ARG A 302 -92.00 -11.40 34.01
C ARG A 302 -92.55 -11.19 32.60
N PHE A 303 -92.84 -9.93 32.24
CA PHE A 303 -93.38 -9.63 30.92
C PHE A 303 -92.37 -9.94 29.83
N PHE A 304 -91.12 -9.53 30.02
CA PHE A 304 -90.10 -9.72 28.99
C PHE A 304 -89.67 -11.17 28.87
N GLY A 305 -89.62 -11.90 29.99
CA GLY A 305 -89.13 -13.26 29.98
C GLY A 305 -90.12 -14.28 29.44
N ALA A 306 -91.36 -13.86 29.15
CA ALA A 306 -92.37 -14.78 28.68
C ALA A 306 -92.14 -15.25 27.24
N ALA A 307 -91.20 -14.63 26.52
CA ALA A 307 -90.91 -15.02 25.14
C ALA A 307 -90.25 -16.39 25.15
N ARG A 308 -90.99 -17.42 24.75
CA ARG A 308 -90.50 -18.79 24.76
C ARG A 308 -90.90 -19.49 23.46
N ASN A 309 -90.15 -20.52 23.12
CA ASN A 309 -90.44 -21.38 21.96
C ASN A 309 -90.96 -22.70 22.50
N VAL A 310 -92.26 -22.94 22.32
CA VAL A 310 -92.89 -24.12 22.90
C VAL A 310 -92.49 -25.36 22.10
N GLU A 311 -92.02 -26.39 22.81
CA GLU A 311 -91.69 -27.65 22.17
C GLU A 311 -92.92 -28.33 21.59
N GLU A 312 -94.03 -28.30 22.33
CA GLU A 312 -95.26 -28.94 21.87
C GLU A 312 -95.78 -28.29 20.59
N GLY A 313 -95.73 -26.97 20.53
CA GLY A 313 -96.21 -26.26 19.36
C GLY A 313 -96.43 -24.78 19.61
N GLY A 314 -96.14 -23.95 18.61
CA GLY A 314 -96.28 -22.52 18.74
C GLY A 314 -95.07 -21.87 19.40
N SER A 315 -95.06 -20.54 19.37
CA SER A 315 -93.98 -19.77 19.96
C SER A 315 -94.47 -18.37 20.25
N LEU A 316 -93.76 -17.69 21.15
CA LEU A 316 -94.04 -16.31 21.52
C LEU A 316 -92.78 -15.49 21.31
N THR A 317 -92.80 -14.59 20.34
CA THR A 317 -91.66 -13.73 20.02
C THR A 317 -91.94 -12.33 20.53
N ILE A 318 -91.03 -11.81 21.35
CA ILE A 318 -91.14 -10.48 21.94
C ILE A 318 -89.94 -9.67 21.51
N ILE A 319 -90.19 -8.53 20.85
CA ILE A 319 -89.15 -7.60 20.43
C ILE A 319 -89.41 -6.27 21.14
N ALA A 320 -88.43 -5.82 21.92
CA ALA A 320 -88.57 -4.63 22.74
C ALA A 320 -87.50 -3.61 22.37
N THR A 321 -87.73 -2.37 22.81
CA THR A 321 -86.81 -1.27 22.58
C THR A 321 -86.35 -0.70 23.91
N ALA A 322 -85.05 -0.38 23.99
CA ALA A 322 -84.45 0.17 25.19
C ALA A 322 -83.90 1.56 24.88
N LEU A 323 -84.18 2.51 25.76
CA LEU A 323 -83.75 3.89 25.60
C LEU A 323 -82.51 4.15 26.45
N ILE A 324 -81.46 4.70 25.82
CA ILE A 324 -80.23 5.04 26.51
C ILE A 324 -79.84 6.46 26.14
N ASP A 325 -78.97 7.05 26.96
CA ASP A 325 -78.46 8.40 26.75
C ASP A 325 -79.60 9.41 26.65
N THR A 326 -80.62 9.24 27.49
CA THR A 326 -81.78 10.13 27.51
C THR A 326 -81.64 11.23 28.56
N GLY A 327 -80.51 11.30 29.26
CA GLY A 327 -80.31 12.31 30.28
C GLY A 327 -80.89 11.97 31.64
N SER A 328 -81.48 10.80 31.80
CA SER A 328 -82.08 10.37 33.07
C SER A 328 -81.27 9.20 33.62
N LYS A 329 -80.95 9.25 34.90
CA LYS A 329 -80.24 8.12 35.54
C LYS A 329 -81.20 6.93 35.63
N MET A 330 -82.46 7.17 35.97
CA MET A 330 -83.38 6.01 36.18
C MET A 330 -83.35 5.15 34.92
N ASP A 331 -83.47 5.78 33.76
CA ASP A 331 -83.52 5.01 32.49
C ASP A 331 -82.19 4.27 32.28
N GLU A 332 -81.13 4.68 32.96
CA GLU A 332 -79.90 3.91 32.80
C GLU A 332 -79.89 2.66 33.68
N VAL A 333 -80.42 2.76 34.90
CA VAL A 333 -80.45 1.61 35.80
C VAL A 333 -81.34 0.51 35.21
N ILE A 334 -82.45 0.90 34.58
CA ILE A 334 -83.35 -0.07 33.98
C ILE A 334 -82.64 -0.85 32.88
N TYR A 335 -81.86 -0.15 32.05
CA TYR A 335 -81.15 -0.80 30.95
C TYR A 335 -80.13 -1.80 31.45
N GLU A 336 -79.44 -1.49 32.55
CA GLU A 336 -78.38 -2.34 33.05
C GLU A 336 -78.91 -3.71 33.47
N GLU A 337 -80.06 -3.75 34.12
CA GLU A 337 -80.61 -5.03 34.56
C GLU A 337 -81.17 -5.82 33.39
N PHE A 338 -81.43 -5.17 32.27
CA PHE A 338 -81.98 -5.82 31.08
C PHE A 338 -80.94 -6.02 29.98
N LYS A 339 -79.67 -6.17 30.35
CA LYS A 339 -78.62 -6.38 29.36
C LYS A 339 -78.54 -7.84 28.93
N GLY A 340 -78.23 -8.73 29.87
CA GLY A 340 -78.04 -10.14 29.57
C GLY A 340 -79.29 -10.97 29.51
N THR A 341 -80.46 -10.34 29.54
CA THR A 341 -81.72 -11.08 29.50
C THR A 341 -82.18 -11.41 28.10
N GLY A 342 -81.54 -10.83 27.08
CA GLY A 342 -82.05 -11.01 25.71
C GLY A 342 -81.40 -12.14 24.93
N ASN A 343 -82.06 -12.61 23.86
CA ASN A 343 -81.48 -13.68 23.00
C ASN A 343 -80.71 -13.02 21.86
N MET A 344 -81.11 -11.80 21.47
CA MET A 344 -80.36 -11.07 20.41
C MET A 344 -80.30 -9.58 20.77
N GLU A 345 -79.14 -8.94 20.55
CA GLU A 345 -79.09 -7.51 20.85
C GLU A 345 -78.94 -6.73 19.55
N LEU A 346 -79.67 -5.61 19.47
CA LEU A 346 -79.60 -4.70 18.33
C LEU A 346 -79.34 -3.30 18.88
N HIS A 347 -78.09 -2.86 18.81
CA HIS A 347 -77.68 -1.57 19.37
C HIS A 347 -77.59 -0.53 18.27
N LEU A 348 -78.30 0.57 18.45
CA LEU A 348 -78.27 1.68 17.51
C LEU A 348 -77.30 2.75 17.99
N SER A 349 -76.78 3.53 17.04
CA SER A 349 -75.80 4.57 17.33
C SER A 349 -76.34 5.92 16.86
N ARG A 350 -76.32 6.90 17.75
CA ARG A 350 -76.77 8.24 17.39
C ARG A 350 -75.83 8.89 16.38
N LYS A 351 -74.52 8.63 16.50
CA LYS A 351 -73.55 9.25 15.62
C LYS A 351 -73.78 8.86 14.16
N ILE A 352 -74.14 7.60 13.92
CA ILE A 352 -74.43 7.15 12.56
C ILE A 352 -75.64 7.90 12.01
N ALA A 353 -76.68 8.10 12.83
CA ALA A 353 -77.85 8.86 12.39
C ALA A 353 -77.50 10.31 12.10
N GLU A 354 -76.51 10.87 12.81
CA GLU A 354 -76.08 12.24 12.56
C GLU A 354 -75.45 12.40 11.19
N LYS A 355 -74.98 11.31 10.58
CA LYS A 355 -74.39 11.35 9.24
C LYS A 355 -75.43 11.14 8.14
N ARG A 356 -76.71 11.10 8.49
CA ARG A 356 -77.80 10.88 7.52
C ARG A 356 -77.62 9.56 6.79
N VAL A 357 -77.15 8.54 7.51
CA VAL A 357 -77.00 7.19 6.99
C VAL A 357 -77.94 6.28 7.78
N PHE A 358 -78.82 5.57 7.08
CA PHE A 358 -79.80 4.72 7.71
C PHE A 358 -79.78 3.32 7.11
N PRO A 359 -80.02 2.29 7.91
CA PRO A 359 -80.34 2.32 9.35
C PRO A 359 -79.10 2.51 10.22
N ALA A 360 -79.22 3.26 11.31
CA ALA A 360 -78.09 3.52 12.21
C ALA A 360 -77.95 2.34 13.16
N ILE A 361 -77.35 1.26 12.65
CA ILE A 361 -77.18 0.01 13.38
C ILE A 361 -75.70 -0.25 13.57
N ASP A 362 -75.30 -0.52 14.82
CA ASP A 362 -73.92 -0.87 15.12
C ASP A 362 -73.73 -2.36 14.83
N TYR A 363 -73.12 -2.66 13.69
CA TYR A 363 -72.95 -4.05 13.28
C TYR A 363 -72.06 -4.83 14.26
N ASN A 364 -70.98 -4.20 14.72
CA ASN A 364 -70.07 -4.87 15.65
C ASN A 364 -70.76 -5.18 16.97
N ARG A 365 -71.53 -4.23 17.49
CA ARG A 365 -72.21 -4.44 18.77
C ARG A 365 -73.38 -5.41 18.65
N SER A 366 -74.09 -5.39 17.52
CA SER A 366 -75.23 -6.27 17.34
C SER A 366 -74.78 -7.72 17.19
N GLY A 367 -75.66 -8.63 17.60
CA GLY A 367 -75.36 -10.05 17.52
C GLY A 367 -76.55 -10.87 17.98
N THR A 368 -76.38 -12.18 17.91
CA THR A 368 -77.42 -13.11 18.30
C THR A 368 -76.79 -14.39 18.84
N ARG A 369 -77.59 -15.13 19.62
CA ARG A 369 -77.15 -16.38 20.21
C ARG A 369 -77.84 -17.55 19.53
N LYS A 370 -77.10 -18.66 19.39
CA LYS A 370 -77.61 -19.89 18.78
C LYS A 370 -78.14 -19.63 17.37
N GLU A 371 -77.36 -18.88 16.59
CA GLU A 371 -77.74 -18.59 15.20
C GLU A 371 -77.61 -19.81 14.30
N GLU A 372 -77.00 -20.89 14.78
CA GLU A 372 -76.88 -22.10 13.96
C GLU A 372 -78.24 -22.69 13.65
N LEU A 373 -79.14 -22.69 14.63
CA LEU A 373 -80.48 -23.26 14.42
C LEU A 373 -81.29 -22.46 13.41
N LEU A 374 -81.16 -21.13 13.44
CA LEU A 374 -81.98 -20.29 12.55
C LEU A 374 -81.49 -20.38 11.11
N THR A 375 -80.25 -19.99 10.86
CA THR A 375 -79.71 -20.00 9.51
C THR A 375 -79.29 -21.42 9.11
N THR A 376 -78.93 -21.58 7.85
CA THR A 376 -78.46 -22.87 7.35
C THR A 376 -76.93 -22.95 7.46
N GLN A 377 -76.40 -24.13 7.12
CA GLN A 377 -74.96 -24.34 7.19
C GLN A 377 -74.23 -23.42 6.20
N GLU A 378 -74.75 -23.30 4.98
CA GLU A 378 -74.11 -22.46 3.99
C GLU A 378 -74.27 -20.98 4.34
N GLU A 379 -75.46 -20.59 4.80
CA GLU A 379 -75.71 -19.19 5.12
C GLU A 379 -74.90 -18.74 6.34
N LEU A 380 -74.74 -19.63 7.32
CA LEU A 380 -74.01 -19.25 8.54
C LEU A 380 -72.56 -18.91 8.24
N GLN A 381 -71.91 -19.70 7.38
CA GLN A 381 -70.50 -19.45 7.07
C GLN A 381 -70.32 -18.11 6.36
N LYS A 382 -71.25 -17.75 5.48
CA LYS A 382 -71.15 -16.47 4.78
C LYS A 382 -71.22 -15.29 5.75
N MET A 383 -72.10 -15.39 6.76
CA MET A 383 -72.20 -14.32 7.74
C MET A 383 -70.90 -14.18 8.55
N TRP A 384 -70.25 -15.30 8.87
CA TRP A 384 -69.00 -15.24 9.61
C TRP A 384 -67.91 -14.53 8.81
N ILE A 385 -67.87 -14.78 7.50
CA ILE A 385 -66.88 -14.13 6.65
C ILE A 385 -67.11 -12.62 6.63
N LEU A 386 -68.37 -12.20 6.54
CA LEU A 386 -68.69 -10.77 6.52
C LEU A 386 -68.28 -10.10 7.83
N ARG A 387 -68.53 -10.77 8.96
CA ARG A 387 -68.19 -10.18 10.25
C ARG A 387 -66.68 -10.00 10.40
N LYS A 388 -65.90 -10.91 9.80
CA LYS A 388 -64.45 -10.80 9.89
C LYS A 388 -63.95 -9.52 9.22
N ILE A 389 -64.53 -9.17 8.07
CA ILE A 389 -64.13 -7.95 7.37
C ILE A 389 -64.59 -6.71 8.14
N ILE A 390 -65.82 -6.75 8.68
CA ILE A 390 -66.39 -5.58 9.33
C ILE A 390 -65.68 -5.24 10.63
N HIS A 391 -65.24 -6.26 11.38
CA HIS A 391 -64.72 -6.03 12.73
C HIS A 391 -63.56 -5.03 12.78
N PRO A 392 -62.53 -5.10 11.93
CA PRO A 392 -61.50 -4.06 11.99
C PRO A 392 -62.01 -2.66 11.72
N MET A 393 -63.03 -2.53 10.88
CA MET A 393 -63.59 -1.22 10.57
C MET A 393 -64.37 -0.67 11.77
N GLY A 394 -64.49 0.65 11.81
CA GLY A 394 -65.20 1.30 12.89
C GLY A 394 -66.70 1.11 12.79
N GLU A 395 -67.38 1.50 13.87
CA GLU A 395 -68.84 1.37 13.93
C GLU A 395 -69.55 2.26 12.92
N ILE A 396 -68.91 3.35 12.48
CA ILE A 396 -69.53 4.26 11.53
C ILE A 396 -69.14 3.92 10.10
N ASP A 397 -67.86 3.61 9.86
CA ASP A 397 -67.41 3.29 8.50
C ASP A 397 -68.00 1.97 7.99
N ALA A 398 -68.44 1.09 8.89
CA ALA A 398 -68.98 -0.19 8.47
C ALA A 398 -70.31 -0.04 7.74
N MET A 399 -71.11 0.96 8.10
CA MET A 399 -72.44 1.10 7.51
C MET A 399 -72.37 1.53 6.06
N GLU A 400 -71.71 2.65 5.77
CA GLU A 400 -71.60 3.12 4.39
C GLU A 400 -70.88 2.09 3.52
N PHE A 401 -69.94 1.34 4.09
CA PHE A 401 -69.35 0.23 3.37
C PHE A 401 -70.39 -0.83 3.02
N LEU A 402 -71.27 -1.15 3.97
CA LEU A 402 -72.29 -2.16 3.72
C LEU A 402 -73.43 -1.62 2.86
N ILE A 403 -73.76 -0.33 3.00
CA ILE A 403 -74.90 0.23 2.29
C ILE A 403 -74.67 0.21 0.78
N ASN A 404 -73.50 0.65 0.33
CA ASN A 404 -73.22 0.68 -1.09
C ASN A 404 -73.19 -0.71 -1.70
N LYS A 405 -72.64 -1.68 -0.97
CA LYS A 405 -72.63 -3.06 -1.47
C LYS A 405 -74.05 -3.61 -1.63
N LEU A 406 -74.91 -3.35 -0.65
CA LEU A 406 -76.29 -3.82 -0.75
C LEU A 406 -77.11 -3.00 -1.73
N ALA A 407 -76.72 -1.75 -1.97
CA ALA A 407 -77.47 -0.89 -2.89
C ALA A 407 -77.43 -1.42 -4.32
N MET A 408 -76.28 -1.91 -4.76
CA MET A 408 -76.12 -2.37 -6.13
C MET A 408 -76.41 -3.86 -6.30
N THR A 409 -76.83 -4.54 -5.23
CA THR A 409 -77.20 -5.94 -5.30
C THR A 409 -78.72 -6.09 -5.11
N LYS A 410 -79.29 -7.08 -5.79
CA LYS A 410 -80.73 -7.30 -5.73
C LYS A 410 -81.14 -7.92 -4.40
N THR A 411 -80.57 -9.09 -4.09
CA THR A 411 -80.87 -9.80 -2.85
C THR A 411 -79.60 -10.01 -2.05
N ASN A 412 -79.78 -10.52 -0.83
CA ASN A 412 -78.63 -10.81 0.03
C ASN A 412 -77.76 -11.91 -0.54
N ASP A 413 -78.36 -12.83 -1.32
CA ASP A 413 -77.56 -13.89 -1.96
C ASP A 413 -76.58 -13.30 -2.96
N ASP A 414 -77.01 -12.30 -3.73
CA ASP A 414 -76.10 -11.64 -4.66
C ASP A 414 -74.98 -10.92 -3.93
N PHE A 415 -75.30 -10.29 -2.79
CA PHE A 415 -74.26 -9.66 -1.99
C PHE A 415 -73.28 -10.69 -1.43
N PHE A 416 -73.78 -11.84 -1.00
CA PHE A 416 -72.92 -12.86 -0.41
C PHE A 416 -71.91 -13.40 -1.42
N GLU A 417 -72.34 -13.66 -2.65
CA GLU A 417 -71.42 -14.19 -3.65
C GLU A 417 -70.43 -13.15 -4.11
N MET A 418 -70.77 -11.86 -4.01
CA MET A 418 -69.82 -10.81 -4.32
C MET A 418 -68.66 -10.76 -3.34
N MET A 419 -68.95 -10.93 -2.04
CA MET A 419 -67.88 -10.94 -1.04
C MET A 419 -66.95 -12.15 -1.23
N LYS A 420 -67.47 -13.23 -1.81
CA LYS A 420 -66.64 -14.41 -2.04
C LYS A 420 -65.55 -14.14 -3.06
N ARG A 421 -65.74 -13.15 -3.93
CA ARG A 421 -64.71 -12.81 -4.91
C ARG A 421 -63.44 -12.33 -4.24
N SER A 422 -63.57 -11.50 -3.19
CA SER A 422 -62.41 -10.98 -2.48
C SER A 422 -61.83 -12.04 -1.55
N MET B 4 84.50 34.16 -6.49
CA MET B 4 83.86 35.39 -6.93
C MET B 4 83.77 35.44 -8.46
N ASN B 5 84.79 34.90 -9.12
CA ASN B 5 84.87 34.90 -10.57
C ASN B 5 84.76 33.46 -11.07
N LEU B 6 83.85 33.24 -12.02
CA LEU B 6 83.56 31.88 -12.47
C LEU B 6 84.75 31.26 -13.20
N THR B 7 85.43 32.03 -14.06
CA THR B 7 86.49 31.46 -14.87
C THR B 7 87.67 30.99 -14.02
N GLU B 8 88.04 31.76 -13.00
CA GLU B 8 89.17 31.38 -12.16
C GLU B 8 88.83 30.23 -11.23
N LEU B 9 87.55 30.05 -10.89
CA LEU B 9 87.16 28.99 -9.97
C LEU B 9 87.27 27.61 -10.64
N LYS B 10 86.94 27.52 -11.93
CA LYS B 10 87.03 26.23 -12.61
C LYS B 10 88.46 25.83 -12.87
N ASN B 11 89.36 26.80 -13.06
CA ASN B 11 90.77 26.48 -13.31
C ASN B 11 91.48 25.98 -12.05
N THR B 12 90.90 26.20 -10.87
CA THR B 12 91.52 25.73 -9.65
C THR B 12 91.47 24.20 -9.57
N PRO B 13 92.46 23.58 -8.94
CA PRO B 13 92.44 22.11 -8.80
C PRO B 13 91.24 21.65 -7.97
N VAL B 14 90.81 20.41 -8.24
CA VAL B 14 89.66 19.86 -7.54
C VAL B 14 89.95 19.72 -6.05
N SER B 15 91.19 19.36 -5.70
CA SER B 15 91.55 19.22 -4.30
C SER B 15 91.42 20.54 -3.56
N GLU B 16 91.87 21.64 -4.18
CA GLU B 16 91.71 22.96 -3.56
C GLU B 16 90.25 23.39 -3.54
N LEU B 17 89.46 22.93 -4.52
CA LEU B 17 88.05 23.32 -4.59
C LEU B 17 87.28 22.81 -3.37
N ILE B 18 87.57 21.59 -2.93
CA ILE B 18 86.90 21.04 -1.74
C ILE B 18 87.28 21.85 -0.52
N THR B 19 88.57 22.18 -0.37
CA THR B 19 89.03 22.91 0.81
C THR B 19 88.39 24.30 0.89
N LEU B 20 88.21 24.96 -0.25
CA LEU B 20 87.60 26.29 -0.26
C LEU B 20 86.16 26.22 0.24
N GLY B 21 85.41 25.20 -0.19
CA GLY B 21 84.02 25.08 0.21
C GLY B 21 83.82 24.64 1.65
N GLU B 22 84.79 23.94 2.22
CA GLU B 22 84.66 23.46 3.60
C GLU B 22 84.69 24.62 4.59
N ASN B 23 85.65 25.54 4.44
CA ASN B 23 85.73 26.68 5.34
C ASN B 23 84.57 27.65 5.13
N MET B 24 84.01 27.70 3.91
CA MET B 24 82.90 28.60 3.66
C MET B 24 81.67 28.20 4.46
N GLY B 25 81.41 26.90 4.60
CA GLY B 25 80.28 26.43 5.37
C GLY B 25 79.60 25.21 4.78
N LEU B 26 79.96 24.87 3.55
CA LEU B 26 79.37 23.72 2.88
C LEU B 26 79.98 22.42 3.41
N GLU B 27 79.27 21.32 3.17
CA GLU B 27 79.67 20.01 3.65
C GLU B 27 79.36 18.97 2.59
N ASN B 28 80.07 17.84 2.67
CA ASN B 28 79.87 16.70 1.78
C ASN B 28 80.10 17.08 0.31
N LEU B 29 81.11 17.91 0.07
CA LEU B 29 81.49 18.28 -1.28
C LEU B 29 82.55 17.36 -1.89
N ALA B 30 83.12 16.45 -1.09
CA ALA B 30 84.22 15.63 -1.59
C ALA B 30 83.73 14.58 -2.58
N ARG B 31 82.64 13.88 -2.26
CA ARG B 31 82.17 12.76 -3.07
C ARG B 31 81.04 13.19 -3.99
N MET B 32 81.38 14.08 -4.93
CA MET B 32 80.44 14.52 -5.95
C MET B 32 81.22 15.12 -7.11
N ARG B 33 80.54 15.29 -8.23
CA ARG B 33 81.19 15.79 -9.44
C ARG B 33 81.67 17.23 -9.23
N LYS B 34 82.75 17.58 -9.95
CA LYS B 34 83.33 18.90 -9.81
C LYS B 34 82.36 19.99 -10.26
N GLN B 35 81.54 19.70 -11.26
CA GLN B 35 80.57 20.69 -11.75
C GLN B 35 79.56 21.05 -10.67
N ASP B 36 79.10 20.05 -9.91
CA ASP B 36 78.14 20.31 -8.84
C ASP B 36 78.79 21.12 -7.71
N ILE B 37 80.07 20.88 -7.44
CA ILE B 37 80.76 21.62 -6.39
C ILE B 37 80.80 23.10 -6.71
N ILE B 38 81.08 23.44 -7.96
CA ILE B 38 81.15 24.85 -8.37
C ILE B 38 79.79 25.52 -8.18
N PHE B 39 78.72 24.83 -8.57
CA PHE B 39 77.38 25.37 -8.37
C PHE B 39 77.07 25.56 -6.89
N ALA B 40 77.46 24.58 -6.06
CA ALA B 40 77.20 24.69 -4.63
C ALA B 40 77.96 25.85 -4.00
N ILE B 41 79.24 26.02 -4.37
CA ILE B 41 80.04 27.10 -3.80
C ILE B 41 79.48 28.46 -4.21
N LEU B 42 79.12 28.61 -5.48
CA LEU B 42 78.52 29.86 -5.94
C LEU B 42 77.19 30.13 -5.24
N LYS B 43 76.40 29.07 -5.02
CA LYS B 43 75.11 29.24 -4.33
C LYS B 43 75.32 29.75 -2.91
N GLN B 44 76.27 29.16 -2.18
CA GLN B 44 76.55 29.61 -0.82
C GLN B 44 77.15 31.02 -0.81
N HIS B 45 78.06 31.29 -1.74
CA HIS B 45 78.68 32.62 -1.81
C HIS B 45 77.67 33.68 -2.24
N ALA B 46 76.63 33.29 -2.98
CA ALA B 46 75.61 34.26 -3.39
C ALA B 46 74.81 34.77 -2.20
N LYS B 47 74.70 33.98 -1.14
CA LYS B 47 73.95 34.42 0.04
C LYS B 47 74.61 35.61 0.72
N SER B 48 75.93 35.75 0.58
CA SER B 48 76.63 36.88 1.19
C SER B 48 76.30 38.20 0.51
N GLY B 49 75.75 38.17 -0.70
CA GLY B 49 75.39 39.37 -1.43
C GLY B 49 76.47 39.92 -2.33
N GLU B 50 77.68 39.35 -2.30
CA GLU B 50 78.74 39.82 -3.16
C GLU B 50 78.46 39.47 -4.62
N ASP B 51 78.88 40.36 -5.52
CA ASP B 51 78.67 40.15 -6.94
C ASP B 51 79.53 38.99 -7.44
N ILE B 52 79.00 38.27 -8.42
CA ILE B 52 79.67 37.10 -9.00
C ILE B 52 79.87 37.38 -10.49
N PHE B 53 81.10 37.19 -10.96
CA PHE B 53 81.46 37.40 -12.35
C PHE B 53 81.51 36.07 -13.08
N GLY B 54 80.99 36.06 -14.31
CA GLY B 54 80.97 34.85 -15.10
C GLY B 54 81.19 35.15 -16.57
N ASP B 55 81.68 34.14 -17.28
CA ASP B 55 81.97 34.29 -18.71
C ASP B 55 81.98 32.90 -19.35
N GLY B 56 81.88 32.90 -20.68
CA GLY B 56 81.87 31.66 -21.42
C GLY B 56 81.47 31.90 -22.85
N VAL B 57 81.19 30.80 -23.55
CA VAL B 57 80.77 30.84 -24.95
C VAL B 57 79.26 30.67 -25.01
N LEU B 58 78.60 31.60 -25.70
CA LEU B 58 77.14 31.63 -25.76
C LEU B 58 76.64 30.80 -26.94
N GLU B 59 75.61 29.99 -26.68
CA GLU B 59 74.92 29.22 -27.71
C GLU B 59 73.43 29.45 -27.56
N ILE B 60 72.70 29.31 -28.68
CA ILE B 60 71.26 29.52 -28.71
C ILE B 60 70.59 28.20 -29.06
N LEU B 61 69.63 27.80 -28.23
CA LEU B 61 68.88 26.57 -28.47
C LEU B 61 67.76 26.82 -29.48
N GLN B 62 67.07 25.75 -29.86
CA GLN B 62 65.99 25.87 -30.84
C GLN B 62 64.75 26.54 -30.27
N ASP B 63 64.51 26.42 -28.96
CA ASP B 63 63.35 27.05 -28.35
C ASP B 63 63.45 28.58 -28.42
N GLY B 64 64.65 29.12 -28.23
CA GLY B 64 64.83 30.56 -28.26
C GLY B 64 65.76 31.06 -27.17
N PHE B 65 65.75 30.40 -26.01
CA PHE B 65 66.67 30.76 -24.95
C PHE B 65 68.03 30.08 -25.18
N GLY B 66 69.05 30.59 -24.48
CA GLY B 66 70.40 30.10 -24.64
C GLY B 66 71.08 29.90 -23.30
N PHE B 67 72.26 29.28 -23.36
CA PHE B 67 73.10 29.05 -22.19
C PHE B 67 74.53 29.46 -22.51
N LEU B 68 75.27 29.85 -21.48
CA LEU B 68 76.64 30.31 -21.62
C LEU B 68 77.56 29.14 -21.25
N ARG B 69 77.91 28.33 -22.25
CA ARG B 69 78.76 27.18 -22.02
C ARG B 69 80.19 27.61 -21.73
N SER B 70 80.92 26.75 -21.02
CA SER B 70 82.31 26.99 -20.65
C SER B 70 83.22 26.08 -21.45
N ALA B 71 84.29 26.64 -22.03
CA ALA B 71 85.21 25.86 -22.83
C ALA B 71 86.07 24.92 -21.98
N ASP B 72 86.16 25.18 -20.67
CA ASP B 72 86.95 24.32 -19.80
C ASP B 72 86.40 22.90 -19.74
N SER B 73 85.07 22.76 -19.68
CA SER B 73 84.42 21.45 -19.63
C SER B 73 84.06 20.92 -21.01
N SER B 74 84.75 21.37 -22.06
CA SER B 74 84.48 20.96 -23.44
C SER B 74 83.04 21.24 -23.84
N TYR B 75 82.52 22.38 -23.37
CA TYR B 75 81.16 22.82 -23.68
C TYR B 75 80.11 21.78 -23.30
N LEU B 76 80.31 21.15 -22.14
CA LEU B 76 79.38 20.15 -21.64
C LEU B 76 78.30 20.81 -20.78
N ALA B 77 77.07 20.38 -20.98
CA ALA B 77 75.95 20.91 -20.20
C ALA B 77 76.12 20.57 -18.73
N GLY B 78 75.91 21.57 -17.87
CA GLY B 78 76.04 21.39 -16.45
C GLY B 78 75.20 22.36 -15.64
N PRO B 79 75.03 22.08 -14.35
CA PRO B 79 74.25 22.99 -13.50
C PRO B 79 74.85 24.38 -13.37
N ASP B 80 76.15 24.53 -13.61
CA ASP B 80 76.83 25.82 -13.47
C ASP B 80 76.74 26.69 -14.71
N ASP B 81 76.07 26.21 -15.77
CA ASP B 81 75.93 27.01 -16.98
C ASP B 81 75.05 28.22 -16.72
N ILE B 82 75.42 29.35 -17.33
CA ILE B 82 74.72 30.61 -17.14
C ILE B 82 73.58 30.69 -18.15
N TYR B 83 72.37 30.94 -17.67
CA TYR B 83 71.19 31.07 -18.50
C TYR B 83 70.97 32.53 -18.88
N VAL B 84 70.61 32.76 -20.14
CA VAL B 84 70.34 34.10 -20.66
C VAL B 84 68.92 34.12 -21.23
N SER B 85 68.17 35.14 -20.87
CA SER B 85 66.81 35.28 -21.37
C SER B 85 66.83 35.71 -22.83
N PRO B 86 65.81 35.33 -23.61
CA PRO B 86 65.74 35.79 -25.01
C PRO B 86 65.63 37.29 -25.15
N SER B 87 65.16 37.99 -24.11
CA SER B 87 65.05 39.44 -24.18
C SER B 87 66.42 40.10 -24.33
N GLN B 88 67.42 39.58 -23.62
CA GLN B 88 68.77 40.15 -23.73
C GLN B 88 69.33 39.94 -25.13
N ILE B 89 68.87 38.92 -25.85
CA ILE B 89 69.33 38.68 -27.21
C ILE B 89 68.91 39.81 -28.14
N ARG B 90 67.69 40.33 -27.97
CA ARG B 90 67.25 41.45 -28.79
C ARG B 90 68.05 42.71 -28.50
N ARG B 91 68.36 42.96 -27.22
CA ARG B 91 69.14 44.13 -26.86
C ARG B 91 70.54 44.09 -27.47
N PHE B 92 71.17 42.92 -27.42
CA PHE B 92 72.52 42.74 -27.97
C PHE B 92 72.53 41.57 -28.94
N ASN B 93 72.71 41.86 -30.23
CA ASN B 93 72.73 40.83 -31.26
C ASN B 93 73.81 39.79 -30.97
N LEU B 94 73.37 38.61 -30.54
CA LEU B 94 74.27 37.51 -30.22
C LEU B 94 73.87 36.27 -31.01
N ARG B 95 74.87 35.52 -31.45
CA ARG B 95 74.67 34.24 -32.11
C ARG B 95 75.57 33.21 -31.46
N THR B 96 75.40 31.95 -31.85
CA THR B 96 76.21 30.88 -31.29
C THR B 96 77.70 31.11 -31.60
N GLY B 97 78.52 30.95 -30.57
CA GLY B 97 79.97 31.04 -30.73
C GLY B 97 80.63 32.19 -30.00
N ASP B 98 79.93 33.31 -29.86
CA ASP B 98 80.53 34.51 -29.29
C ASP B 98 80.77 34.34 -27.78
N THR B 99 81.73 35.09 -27.26
CA THR B 99 82.05 35.06 -25.84
C THR B 99 81.35 36.21 -25.13
N ILE B 100 80.63 35.88 -24.05
CA ILE B 100 79.90 36.85 -23.26
C ILE B 100 80.44 36.82 -21.83
N SER B 101 80.81 38.00 -21.32
CA SER B 101 81.33 38.12 -19.96
C SER B 101 80.58 39.23 -19.23
N GLY B 102 80.19 38.96 -17.99
CA GLY B 102 79.48 39.94 -17.19
C GLY B 102 79.04 39.36 -15.88
N LYS B 103 78.34 40.18 -15.12
CA LYS B 103 77.84 39.77 -13.81
C LYS B 103 76.66 38.83 -13.96
N ILE B 104 76.56 37.88 -13.02
CA ILE B 104 75.48 36.90 -13.00
C ILE B 104 74.78 36.97 -11.66
N ARG B 105 73.44 36.98 -11.68
CA ARG B 105 72.66 37.05 -10.46
C ARG B 105 72.38 35.66 -9.89
N PRO B 106 72.16 35.56 -8.59
CA PRO B 106 71.81 34.26 -8.00
C PRO B 106 70.50 33.75 -8.58
N PRO B 107 70.39 32.45 -8.81
CA PRO B 107 69.14 31.89 -9.36
C PRO B 107 68.05 31.89 -8.30
N LYS B 108 66.89 32.43 -8.69
CA LYS B 108 65.75 32.45 -7.78
C LYS B 108 65.12 31.06 -7.67
N GLU B 109 64.08 30.96 -6.85
CA GLU B 109 63.37 29.70 -6.71
C GLU B 109 62.65 29.34 -8.00
N GLY B 110 62.71 28.06 -8.37
CA GLY B 110 62.08 27.59 -9.58
C GLY B 110 63.01 27.43 -10.76
N GLU B 111 64.20 28.04 -10.71
CA GLU B 111 65.19 27.90 -11.77
C GLU B 111 66.46 27.27 -11.22
N ARG B 112 67.11 26.47 -12.06
CA ARG B 112 68.29 25.72 -11.67
C ARG B 112 69.57 26.26 -12.28
N TYR B 113 69.51 27.42 -12.95
CA TYR B 113 70.67 27.98 -13.63
C TYR B 113 70.80 29.45 -13.29
N PHE B 114 72.06 29.92 -13.24
CA PHE B 114 72.32 31.32 -13.02
C PHE B 114 71.87 32.15 -14.21
N ALA B 115 71.47 33.39 -13.95
CA ALA B 115 71.00 34.31 -14.98
C ALA B 115 71.96 35.48 -15.10
N LEU B 116 72.26 35.86 -16.35
CA LEU B 116 73.22 36.95 -16.62
C LEU B 116 72.57 38.29 -16.26
N LEU B 117 73.03 38.92 -15.19
CA LEU B 117 72.46 40.22 -14.75
C LEU B 117 72.87 41.32 -15.73
N LYS B 118 74.15 41.36 -16.13
CA LYS B 118 74.62 42.46 -17.00
C LYS B 118 75.77 41.96 -17.88
N VAL B 119 75.98 42.57 -19.05
CA VAL B 119 77.12 42.17 -19.88
C VAL B 119 77.96 43.39 -20.17
N ASN B 120 79.27 43.31 -19.88
CA ASN B 120 80.19 44.42 -20.08
C ASN B 120 81.35 44.07 -21.00
N GLU B 121 81.36 42.87 -21.59
CA GLU B 121 82.46 42.47 -22.46
C GLU B 121 81.94 41.42 -23.43
N VAL B 122 81.98 41.74 -24.72
CA VAL B 122 81.53 40.84 -25.78
C VAL B 122 82.69 40.63 -26.75
N ASN B 123 83.12 39.38 -26.90
CA ASN B 123 84.22 39.02 -27.80
C ASN B 123 85.47 39.85 -27.50
N PHE B 124 85.77 40.01 -26.20
CA PHE B 124 86.90 40.82 -25.74
C PHE B 124 86.82 42.24 -26.28
N ASP B 125 85.61 42.79 -26.31
CA ASP B 125 85.39 44.13 -26.85
C ASP B 125 84.11 44.69 -26.24
N LYS B 126 83.94 45.99 -26.40
CA LYS B 126 82.74 46.66 -25.90
C LYS B 126 81.51 46.11 -26.61
N PRO B 127 80.42 45.84 -25.88
CA PRO B 127 79.22 45.27 -26.54
C PRO B 127 78.66 46.14 -27.65
N GLU B 128 78.74 47.46 -27.51
CA GLU B 128 78.24 48.34 -28.57
C GLU B 128 79.06 48.18 -29.85
N ASN B 129 80.38 48.06 -29.72
CA ASN B 129 81.23 47.90 -30.89
C ASN B 129 81.00 46.55 -31.58
N ALA B 130 80.72 45.50 -30.79
CA ALA B 130 80.48 44.19 -31.37
C ALA B 130 79.21 44.15 -32.20
N ARG B 131 78.26 45.04 -31.91
CA ARG B 131 77.01 45.09 -32.67
C ARG B 131 77.21 45.56 -34.11
N ASN B 132 78.29 46.26 -34.41
CA ASN B 132 78.55 46.78 -35.74
C ASN B 132 79.50 45.91 -36.55
N LYS B 133 79.86 44.74 -36.03
CA LYS B 133 80.78 43.86 -36.75
C LYS B 133 80.14 43.28 -37.99
N ILE B 134 80.94 43.03 -39.03
CA ILE B 134 80.39 42.45 -40.30
C ILE B 134 80.26 40.94 -40.13
N LEU B 135 79.19 40.35 -40.66
CA LEU B 135 78.96 38.89 -40.56
C LEU B 135 80.03 38.14 -41.35
N PHE B 136 80.49 37.00 -40.85
CA PHE B 136 81.58 36.25 -41.52
C PHE B 136 81.17 35.89 -42.95
N GLU B 137 79.92 35.50 -43.15
CA GLU B 137 79.55 35.01 -44.48
C GLU B 137 79.63 36.10 -45.55
N ASN B 138 79.55 37.37 -45.15
CA ASN B 138 79.66 38.47 -46.10
C ASN B 138 81.09 38.80 -46.48
N LEU B 139 82.07 38.28 -45.75
CA LEU B 139 83.47 38.55 -46.05
C LEU B 139 83.91 37.82 -47.32
N THR B 140 84.84 38.44 -48.04
CA THR B 140 85.32 37.88 -49.30
C THR B 140 86.58 37.06 -49.04
N PRO B 141 86.56 35.74 -49.26
CA PRO B 141 87.77 34.94 -49.06
C PRO B 141 88.81 35.19 -50.13
N LEU B 142 90.06 34.92 -49.77
CA LEU B 142 91.19 35.05 -50.68
C LEU B 142 92.16 33.90 -50.42
N HIS B 143 93.15 33.78 -51.31
CA HIS B 143 94.18 32.76 -51.13
C HIS B 143 95.14 33.15 -50.01
N ALA B 144 95.80 32.15 -49.45
CA ALA B 144 96.73 32.38 -48.35
C ALA B 144 97.94 33.17 -48.83
N ASN B 145 98.35 34.15 -48.02
CA ASN B 145 99.50 34.98 -48.35
C ASN B 145 100.45 35.21 -47.18
N SER B 146 100.09 34.81 -45.97
CA SER B 146 100.93 35.01 -44.78
C SER B 146 101.63 33.70 -44.47
N ARG B 147 102.95 33.66 -44.69
CA ARG B 147 103.72 32.44 -44.45
C ARG B 147 103.87 32.18 -42.96
N LEU B 148 103.58 30.95 -42.55
CA LEU B 148 103.73 30.50 -41.17
C LEU B 148 104.98 29.62 -41.08
N ARG B 149 106.00 30.12 -40.41
CA ARG B 149 107.27 29.40 -40.29
C ARG B 149 107.08 28.26 -39.29
N MET B 150 106.94 27.04 -39.80
CA MET B 150 106.75 25.88 -38.94
C MET B 150 108.05 25.37 -38.34
N GLU B 151 109.19 25.80 -38.86
CA GLU B 151 110.48 25.34 -38.35
C GLU B 151 110.85 26.08 -37.08
N ARG B 152 111.36 25.34 -36.10
CA ARG B 152 111.80 25.88 -34.82
C ARG B 152 113.32 25.76 -34.74
N GLY B 153 113.99 26.88 -34.49
CA GLY B 153 115.44 26.90 -34.43
C GLY B 153 115.99 26.79 -33.03
N ASN B 154 115.36 27.47 -32.08
CA ASN B 154 115.86 27.48 -30.70
C ASN B 154 115.79 26.10 -30.07
N ASP B 155 114.72 25.34 -30.34
CA ASP B 155 114.58 24.02 -29.74
C ASP B 155 115.69 23.08 -30.21
N SER B 156 115.92 23.04 -31.53
CA SER B 156 116.96 22.19 -32.12
C SER B 156 116.80 20.73 -31.71
N THR B 157 115.55 20.27 -31.66
CA THR B 157 115.27 18.91 -31.23
C THR B 157 115.68 17.91 -32.30
N GLU B 158 115.80 16.64 -31.89
CA GLU B 158 116.20 15.59 -32.83
C GLU B 158 115.10 15.29 -33.84
N ASP B 159 113.86 15.68 -33.56
CA ASP B 159 112.77 15.45 -34.50
C ASP B 159 112.87 16.42 -35.67
N LEU B 160 112.79 15.89 -36.89
CA LEU B 160 112.86 16.69 -38.10
C LEU B 160 111.51 16.91 -38.74
N THR B 161 110.42 16.64 -38.01
CA THR B 161 109.08 16.77 -38.57
C THR B 161 108.79 18.22 -38.99
N ALA B 162 109.17 19.17 -38.15
CA ALA B 162 108.94 20.58 -38.47
C ALA B 162 109.72 20.99 -39.72
N ARG B 163 110.96 20.56 -39.83
CA ARG B 163 111.77 20.91 -41.00
C ARG B 163 111.22 20.27 -42.27
N VAL B 164 110.78 19.01 -42.18
CA VAL B 164 110.26 18.32 -43.35
C VAL B 164 108.93 18.93 -43.79
N LEU B 165 108.10 19.34 -42.83
CA LEU B 165 106.77 19.86 -43.16
C LEU B 165 106.87 21.12 -44.00
N ASP B 166 107.80 22.02 -43.67
CA ASP B 166 107.99 23.22 -44.48
C ASP B 166 108.44 22.89 -45.89
N LEU B 167 109.37 21.94 -46.02
CA LEU B 167 109.86 21.57 -47.34
C LEU B 167 108.80 20.84 -48.15
N ALA B 168 108.08 19.90 -47.51
CA ALA B 168 107.08 19.12 -48.22
C ALA B 168 105.89 19.97 -48.64
N SER B 169 105.35 20.76 -47.71
CA SER B 169 104.17 21.57 -48.00
C SER B 169 104.08 22.74 -47.04
N PRO B 170 104.44 23.96 -47.48
CA PRO B 170 104.33 25.12 -46.60
C PRO B 170 102.88 25.38 -46.21
N ILE B 171 102.70 25.87 -44.99
CA ILE B 171 101.37 26.14 -44.43
C ILE B 171 101.27 27.63 -44.14
N GLY B 172 100.21 28.25 -44.64
CA GLY B 172 99.95 29.66 -44.42
C GLY B 172 98.67 29.90 -43.63
N ARG B 173 98.38 31.18 -43.44
CA ARG B 173 97.16 31.59 -42.75
C ARG B 173 95.96 31.45 -43.67
N GLY B 174 94.88 30.86 -43.16
CA GLY B 174 93.68 30.66 -43.95
C GLY B 174 93.70 29.43 -44.84
N GLN B 175 94.65 28.53 -44.65
CA GLN B 175 94.72 27.31 -45.44
C GLN B 175 93.57 26.37 -45.07
N ARG B 176 93.16 25.57 -46.05
CA ARG B 176 92.12 24.57 -45.88
C ARG B 176 92.67 23.18 -46.17
N GLY B 177 93.87 22.91 -45.67
CA GLY B 177 94.51 21.64 -45.96
C GLY B 177 93.95 20.50 -45.13
N LEU B 178 94.23 19.28 -45.58
CA LEU B 178 93.85 18.07 -44.89
C LEU B 178 95.04 17.11 -44.87
N ILE B 179 95.05 16.22 -43.88
CA ILE B 179 96.12 15.25 -43.69
C ILE B 179 95.55 13.87 -43.92
N VAL B 180 96.16 13.12 -44.83
CA VAL B 180 95.78 11.74 -45.12
C VAL B 180 96.74 10.85 -44.33
N ALA B 181 96.24 10.24 -43.24
CA ALA B 181 97.07 9.49 -42.33
C ALA B 181 96.49 8.09 -42.14
N PRO B 182 97.19 7.04 -42.55
CA PRO B 182 96.75 5.67 -42.22
C PRO B 182 96.90 5.41 -40.73
N PRO B 183 96.18 4.41 -40.20
CA PRO B 183 96.32 4.11 -38.77
C PRO B 183 97.73 3.69 -38.41
N LYS B 184 98.14 4.07 -37.20
CA LYS B 184 99.48 3.77 -36.68
C LYS B 184 100.57 4.33 -37.60
N ALA B 185 100.42 5.60 -37.97
CA ALA B 185 101.39 6.29 -38.81
C ALA B 185 101.86 7.60 -38.18
N GLY B 186 101.80 7.71 -36.86
CA GLY B 186 102.21 8.93 -36.19
C GLY B 186 101.33 10.13 -36.47
N LYS B 187 100.03 9.91 -36.60
CA LYS B 187 99.12 11.03 -36.87
C LYS B 187 98.98 11.94 -35.66
N THR B 188 98.88 11.34 -34.46
CA THR B 188 98.69 12.14 -33.25
C THR B 188 99.89 13.03 -32.98
N MET B 189 101.11 12.49 -33.10
CA MET B 189 102.29 13.28 -32.83
C MET B 189 102.53 14.33 -33.91
N LEU B 190 102.01 14.08 -35.12
CA LEU B 190 102.13 15.06 -36.19
C LEU B 190 101.41 16.35 -35.85
N LEU B 191 100.20 16.24 -35.28
CA LEU B 191 99.45 17.44 -34.89
C LEU B 191 100.10 18.12 -33.69
N GLN B 192 100.66 17.34 -32.76
CA GLN B 192 101.29 17.91 -31.58
C GLN B 192 102.50 18.75 -31.96
N ASN B 193 103.31 18.27 -32.89
CA ASN B 193 104.49 19.03 -33.31
C ASN B 193 104.08 20.34 -33.97
N ILE B 194 103.03 20.31 -34.79
CA ILE B 194 102.54 21.53 -35.42
C ILE B 194 102.05 22.52 -34.37
N ALA B 195 101.35 22.02 -33.35
CA ALA B 195 100.84 22.89 -32.30
C ALA B 195 101.97 23.59 -31.54
N GLN B 196 103.07 22.87 -31.29
CA GLN B 196 104.20 23.47 -30.59
C GLN B 196 104.79 24.64 -31.37
N SER B 197 104.95 24.47 -32.69
CA SER B 197 105.50 25.54 -33.51
C SER B 197 104.57 26.75 -33.57
N ILE B 198 103.26 26.51 -33.69
CA ILE B 198 102.31 27.60 -33.76
C ILE B 198 102.32 28.41 -32.46
N ALA B 199 102.31 27.71 -31.32
CA ALA B 199 102.35 28.40 -30.03
C ALA B 199 103.68 29.09 -29.78
N TYR B 200 104.73 28.74 -30.51
CA TYR B 200 106.05 29.33 -30.35
C TYR B 200 106.34 30.41 -31.38
N ASN B 201 106.18 30.08 -32.67
CA ASN B 201 106.51 31.04 -33.73
C ASN B 201 105.49 32.15 -33.83
N HIS B 202 104.21 31.85 -33.61
CA HIS B 202 103.14 32.83 -33.73
C HIS B 202 102.28 32.80 -32.47
N PRO B 203 102.78 33.35 -31.37
CA PRO B 203 101.96 33.39 -30.14
C PRO B 203 100.69 34.21 -30.29
N ASP B 204 100.69 35.20 -31.18
CA ASP B 204 99.51 36.05 -31.34
C ASP B 204 98.34 35.29 -31.92
N CYS B 205 98.60 34.35 -32.83
CA CYS B 205 97.54 33.57 -33.45
C CYS B 205 96.84 32.68 -32.42
N VAL B 206 95.52 32.63 -32.50
CA VAL B 206 94.73 31.80 -31.60
C VAL B 206 94.74 30.37 -32.11
N LEU B 207 95.13 29.43 -31.26
CA LEU B 207 95.21 28.02 -31.62
C LEU B 207 94.11 27.26 -30.88
N MET B 208 93.28 26.54 -31.64
CA MET B 208 92.20 25.73 -31.08
C MET B 208 92.33 24.32 -31.62
N VAL B 209 92.25 23.34 -30.71
CA VAL B 209 92.38 21.92 -31.04
C VAL B 209 91.06 21.24 -30.74
N LEU B 210 90.50 20.56 -31.73
CA LEU B 210 89.26 19.81 -31.59
C LEU B 210 89.52 18.35 -31.91
N LEU B 211 89.12 17.46 -30.98
CA LEU B 211 89.32 16.03 -31.13
C LEU B 211 87.97 15.32 -30.99
N ILE B 212 87.74 14.35 -31.88
CA ILE B 212 86.49 13.60 -31.92
C ILE B 212 86.80 12.13 -31.70
N ASP B 213 86.04 11.49 -30.79
CA ASP B 213 86.15 10.06 -30.53
C ASP B 213 87.56 9.67 -30.11
N GLU B 214 88.16 10.47 -29.24
CA GLU B 214 89.49 10.21 -28.71
C GLU B 214 89.40 9.66 -27.30
N ARG B 215 90.40 8.86 -26.93
CA ARG B 215 90.44 8.27 -25.60
C ARG B 215 90.67 9.34 -24.55
N PRO B 216 90.14 9.13 -23.33
CA PRO B 216 90.31 10.15 -22.28
C PRO B 216 91.76 10.47 -21.96
N GLU B 217 92.64 9.46 -21.95
CA GLU B 217 94.05 9.72 -21.67
C GLU B 217 94.70 10.50 -22.81
N GLU B 218 94.23 10.33 -24.04
CA GLU B 218 94.77 11.09 -25.16
C GLU B 218 94.38 12.56 -25.06
N VAL B 219 93.17 12.85 -24.57
CA VAL B 219 92.74 14.24 -24.42
C VAL B 219 93.59 14.95 -23.37
N THR B 220 93.86 14.28 -22.24
CA THR B 220 94.64 14.90 -21.17
C THR B 220 96.06 15.22 -21.63
N GLU B 221 96.69 14.31 -22.38
CA GLU B 221 98.03 14.58 -22.89
C GLU B 221 98.05 15.76 -23.84
N MET B 222 97.01 15.88 -24.67
CA MET B 222 96.94 16.99 -25.63
C MET B 222 96.85 18.32 -24.91
N GLN B 223 96.05 18.39 -23.83
CA GLN B 223 95.93 19.64 -23.08
C GLN B 223 97.25 20.06 -22.45
N ARG B 224 97.98 19.09 -21.89
CA ARG B 224 99.25 19.40 -21.25
C ARG B 224 100.31 19.83 -22.27
N LEU B 225 100.28 19.26 -23.47
CA LEU B 225 101.31 19.55 -24.46
C LEU B 225 101.00 20.82 -25.23
N VAL B 226 99.76 20.97 -25.69
CA VAL B 226 99.38 22.12 -26.51
C VAL B 226 99.18 23.33 -25.62
N LYS B 227 99.84 24.44 -25.95
CA LYS B 227 99.71 25.69 -25.22
C LYS B 227 98.61 26.52 -25.87
N GLY B 228 97.37 26.14 -25.57
CA GLY B 228 96.24 26.83 -26.14
C GLY B 228 94.93 26.26 -25.63
N GLU B 229 93.86 26.54 -26.36
CA GLU B 229 92.53 26.05 -26.01
C GLU B 229 92.29 24.70 -26.68
N VAL B 230 92.08 23.67 -25.87
CA VAL B 230 91.87 22.31 -26.35
C VAL B 230 90.52 21.84 -25.87
N VAL B 231 89.67 21.41 -26.80
CA VAL B 231 88.35 20.85 -26.49
C VAL B 231 88.20 19.54 -27.25
N ALA B 232 87.64 18.54 -26.58
CA ALA B 232 87.53 17.22 -27.17
C ALA B 232 86.30 16.51 -26.61
N SER B 233 85.85 15.49 -27.35
CA SER B 233 84.72 14.67 -26.94
C SER B 233 85.16 13.20 -26.94
N THR B 234 84.90 12.52 -25.83
CA THR B 234 85.30 11.12 -25.70
C THR B 234 84.36 10.22 -26.48
N PHE B 235 84.82 8.98 -26.70
CA PHE B 235 84.04 8.02 -27.48
C PHE B 235 82.76 7.60 -26.77
N ASP B 236 82.79 7.52 -25.43
CA ASP B 236 81.61 7.09 -24.69
C ASP B 236 80.46 8.09 -24.78
N GLU B 237 80.75 9.35 -25.09
CA GLU B 237 79.69 10.34 -25.24
C GLU B 237 78.89 10.05 -26.50
N PRO B 238 77.60 10.43 -26.52
CA PRO B 238 76.77 10.12 -27.67
C PRO B 238 77.20 10.91 -28.91
N ALA B 239 76.72 10.43 -30.07
CA ALA B 239 77.06 11.08 -31.33
C ALA B 239 76.52 12.50 -31.40
N SER B 240 75.41 12.78 -30.71
CA SER B 240 74.87 14.13 -30.68
C SER B 240 75.83 15.08 -29.96
N ARG B 241 76.55 14.59 -28.95
CA ARG B 241 77.53 15.41 -28.27
C ARG B 241 78.66 15.81 -29.21
N HIS B 242 79.08 14.90 -30.10
CA HIS B 242 80.12 15.22 -31.07
C HIS B 242 79.67 16.33 -32.02
N VAL B 243 78.41 16.29 -32.45
CA VAL B 243 77.89 17.34 -33.33
C VAL B 243 77.83 18.67 -32.59
N GLN B 244 77.39 18.64 -31.32
CA GLN B 244 77.23 19.88 -30.57
C GLN B 244 78.56 20.59 -30.38
N VAL B 245 79.62 19.85 -30.04
CA VAL B 245 80.92 20.47 -29.84
C VAL B 245 81.55 20.92 -31.16
N ALA B 246 81.31 20.18 -32.25
CA ALA B 246 81.89 20.55 -33.54
C ALA B 246 81.37 21.90 -34.02
N GLU B 247 80.06 22.13 -33.89
CA GLU B 247 79.51 23.42 -34.29
C GLU B 247 79.95 24.53 -33.35
N MET B 248 80.22 24.19 -32.07
CA MET B 248 80.64 25.20 -31.11
C MET B 248 82.00 25.78 -31.48
N VAL B 249 82.92 24.94 -31.93
CA VAL B 249 84.28 25.40 -32.24
C VAL B 249 84.27 26.33 -33.45
N ILE B 250 83.56 25.93 -34.52
CA ILE B 250 83.59 26.72 -35.75
C ILE B 250 82.85 28.04 -35.56
N GLU B 251 81.72 28.02 -34.84
CA GLU B 251 80.99 29.25 -34.59
C GLU B 251 81.80 30.22 -33.73
N LYS B 252 82.53 29.70 -32.74
CA LYS B 252 83.41 30.55 -31.95
C LYS B 252 84.53 31.13 -32.80
N ALA B 253 85.09 30.33 -33.70
CA ALA B 253 86.16 30.82 -34.57
C ALA B 253 85.68 31.92 -35.49
N LYS B 254 84.47 31.77 -36.04
CA LYS B 254 83.95 32.76 -36.98
C LYS B 254 83.79 34.13 -36.30
N ARG B 255 83.30 34.14 -35.05
CA ARG B 255 83.14 35.39 -34.33
C ARG B 255 84.49 36.06 -34.08
N LEU B 256 85.52 35.28 -33.75
CA LEU B 256 86.84 35.84 -33.55
C LEU B 256 87.44 36.39 -34.84
N VAL B 257 87.14 35.74 -35.97
CA VAL B 257 87.66 36.22 -37.26
C VAL B 257 87.05 37.58 -37.59
N GLU B 258 85.78 37.79 -37.24
CA GLU B 258 85.13 39.07 -37.51
C GLU B 258 85.79 40.22 -36.76
N HIS B 259 86.52 39.93 -35.67
CA HIS B 259 87.23 40.94 -34.90
C HIS B 259 88.68 41.09 -35.32
N LYS B 260 89.00 40.84 -36.59
CA LYS B 260 90.34 41.00 -37.15
C LYS B 260 91.36 40.13 -36.42
N LYS B 261 90.98 38.91 -36.06
CA LYS B 261 91.87 37.97 -35.39
C LYS B 261 92.06 36.73 -36.24
N ASP B 262 93.21 36.08 -36.06
CA ASP B 262 93.56 34.87 -36.80
C ASP B 262 93.34 33.65 -35.91
N VAL B 263 92.58 32.68 -36.40
CA VAL B 263 92.24 31.47 -35.66
C VAL B 263 92.75 30.27 -36.46
N ILE B 264 93.45 29.37 -35.78
CA ILE B 264 93.96 28.13 -36.36
C ILE B 264 93.28 26.97 -35.66
N ILE B 265 92.66 26.08 -36.44
CA ILE B 265 91.90 24.96 -35.91
C ILE B 265 92.55 23.67 -36.38
N LEU B 266 92.89 22.79 -35.43
CA LEU B 266 93.42 21.47 -35.72
C LEU B 266 92.30 20.45 -35.55
N LEU B 267 91.81 19.93 -36.67
CA LEU B 267 90.66 19.04 -36.69
C LEU B 267 91.11 17.59 -36.73
N ASP B 268 90.50 16.75 -35.90
CA ASP B 268 90.79 15.32 -35.87
C ASP B 268 89.56 14.62 -35.32
N SER B 269 88.83 13.92 -36.19
CA SER B 269 89.12 13.78 -37.60
C SER B 269 87.86 13.97 -38.45
N ILE B 270 88.06 14.30 -39.73
CA ILE B 270 86.92 14.48 -40.63
C ILE B 270 86.12 13.19 -40.74
N THR B 271 86.80 12.05 -40.88
CA THR B 271 86.10 10.77 -40.94
C THR B 271 85.32 10.51 -39.66
N ARG B 272 85.93 10.79 -38.50
CA ARG B 272 85.20 10.66 -37.24
C ARG B 272 84.07 11.68 -37.15
N LEU B 273 84.32 12.91 -37.60
CA LEU B 273 83.28 13.93 -37.56
C LEU B 273 82.12 13.57 -38.49
N ALA B 274 82.43 13.08 -39.69
CA ALA B 274 81.36 12.66 -40.60
C ALA B 274 80.62 11.44 -40.08
N ARG B 275 81.28 10.61 -39.26
CA ARG B 275 80.61 9.46 -38.67
C ARG B 275 79.48 9.89 -37.76
N ALA B 276 79.72 10.89 -36.91
CA ALA B 276 78.68 11.37 -36.01
C ALA B 276 77.58 12.11 -36.77
N TYR B 277 77.97 12.90 -37.78
CA TYR B 277 77.00 13.67 -38.55
C TYR B 277 76.02 12.76 -39.28
N ASN B 278 76.51 11.65 -39.83
CA ASN B 278 75.65 10.73 -40.56
C ASN B 278 74.60 10.11 -39.65
N THR B 279 74.99 9.75 -38.43
CA THR B 279 74.05 9.11 -37.51
C THR B 279 72.99 10.10 -37.01
N VAL B 280 73.41 11.33 -36.71
CA VAL B 280 72.50 12.30 -36.11
C VAL B 280 71.41 12.71 -37.10
N VAL B 281 71.76 12.95 -38.36
CA VAL B 281 70.77 13.41 -39.33
C VAL B 281 69.74 12.32 -39.58
N PRO B 282 68.45 12.63 -39.58
CA PRO B 282 67.44 11.60 -39.86
C PRO B 282 67.52 11.11 -41.29
N ALA B 283 67.11 9.86 -41.49
CA ALA B 283 67.13 9.27 -42.82
C ALA B 283 66.12 9.95 -43.73
N SER B 284 66.51 10.17 -44.97
CA SER B 284 65.65 10.80 -45.97
C SER B 284 64.89 9.79 -46.82
N GLY B 285 65.01 8.50 -46.50
CA GLY B 285 64.36 7.45 -47.25
C GLY B 285 65.19 6.86 -48.37
N LYS B 286 66.35 7.44 -48.67
CA LYS B 286 67.25 6.93 -49.70
C LYS B 286 68.64 6.73 -49.08
N VAL B 287 69.22 5.56 -49.33
CA VAL B 287 70.53 5.21 -48.79
C VAL B 287 71.49 5.02 -49.97
N LEU B 288 72.60 5.73 -49.93
CA LEU B 288 73.62 5.63 -50.97
C LEU B 288 74.62 4.53 -50.61
N THR B 289 75.72 4.47 -51.35
CA THR B 289 76.74 3.46 -51.08
C THR B 289 77.44 3.74 -49.76
N GLY B 290 77.67 2.69 -48.98
CA GLY B 290 78.31 2.82 -47.69
C GLY B 290 77.41 3.29 -46.57
N GLY B 291 76.12 3.43 -46.81
CA GLY B 291 75.21 3.88 -45.78
C GLY B 291 75.32 5.34 -45.41
N VAL B 292 75.87 6.16 -46.30
CA VAL B 292 76.04 7.60 -46.07
C VAL B 292 75.10 8.34 -47.01
N ASP B 293 74.24 9.17 -46.44
CA ASP B 293 73.31 9.96 -47.23
C ASP B 293 74.02 11.17 -47.83
N ALA B 294 73.46 11.68 -48.93
CA ALA B 294 74.03 12.86 -49.57
C ALA B 294 73.97 14.07 -48.65
N ASN B 295 72.84 14.25 -47.95
CA ASN B 295 72.71 15.36 -47.02
C ASN B 295 73.51 15.15 -45.74
N ALA B 296 73.88 13.91 -45.43
CA ALA B 296 74.64 13.65 -44.22
C ALA B 296 76.02 14.31 -44.27
N LEU B 297 76.68 14.25 -45.42
CA LEU B 297 78.00 14.84 -45.58
C LEU B 297 77.96 16.32 -45.92
N HIS B 298 76.77 16.91 -46.04
CA HIS B 298 76.66 18.34 -46.27
C HIS B 298 77.21 19.13 -45.08
N ARG B 299 76.91 18.67 -43.86
CA ARG B 299 77.39 19.37 -42.67
C ARG B 299 78.91 19.39 -42.57
N PRO B 300 79.63 18.28 -42.74
CA PRO B 300 81.11 18.38 -42.72
C PRO B 300 81.67 19.30 -43.80
N LYS B 301 81.02 19.38 -44.96
CA LYS B 301 81.49 20.28 -46.00
C LYS B 301 81.40 21.74 -45.56
N ARG B 302 80.32 22.10 -44.87
CA ARG B 302 80.20 23.45 -44.33
C ARG B 302 81.28 23.73 -43.30
N PHE B 303 81.55 22.77 -42.42
CA PHE B 303 82.57 22.95 -41.39
C PHE B 303 83.95 23.07 -42.00
N PHE B 304 84.28 22.20 -42.96
CA PHE B 304 85.61 22.20 -43.53
C PHE B 304 85.83 23.39 -44.46
N GLY B 305 84.79 23.81 -45.19
CA GLY B 305 84.94 24.88 -46.15
C GLY B 305 85.02 26.27 -45.55
N ALA B 306 84.81 26.40 -44.25
CA ALA B 306 84.82 27.71 -43.60
C ALA B 306 86.22 28.32 -43.52
N ALA B 307 87.26 27.55 -43.80
CA ALA B 307 88.63 28.06 -43.74
C ALA B 307 88.84 29.07 -44.87
N ARG B 308 88.88 30.35 -44.52
CA ARG B 308 88.99 31.42 -45.51
C ARG B 308 90.01 32.45 -45.02
N ASN B 309 90.58 33.18 -45.97
CA ASN B 309 91.50 34.28 -45.68
C ASN B 309 90.75 35.58 -45.98
N VAL B 310 90.40 36.32 -44.92
CA VAL B 310 89.58 37.51 -45.06
C VAL B 310 90.42 38.65 -45.63
N GLU B 311 89.91 39.27 -46.69
CA GLU B 311 90.58 40.42 -47.29
C GLU B 311 90.60 41.59 -46.32
N GLU B 312 89.49 41.84 -45.62
CA GLU B 312 89.42 42.96 -44.69
C GLU B 312 90.41 42.81 -43.55
N GLY B 313 90.54 41.60 -43.02
CA GLY B 313 91.46 41.35 -41.93
C GLY B 313 91.19 40.04 -41.22
N GLY B 314 92.26 39.37 -40.78
CA GLY B 314 92.15 38.09 -40.12
C GLY B 314 92.03 36.94 -41.09
N SER B 315 92.11 35.73 -40.54
CA SER B 315 92.03 34.52 -41.35
C SER B 315 91.63 33.36 -40.45
N LEU B 316 91.10 32.31 -41.08
CA LEU B 316 90.70 31.08 -40.39
C LEU B 316 91.42 29.91 -41.06
N THR B 317 92.34 29.29 -40.33
CA THR B 317 93.11 28.16 -40.83
C THR B 317 92.58 26.88 -40.19
N ILE B 318 92.21 25.92 -41.03
CA ILE B 318 91.68 24.64 -40.58
C ILE B 318 92.57 23.54 -41.11
N ILE B 319 93.12 22.72 -40.22
CA ILE B 319 93.94 21.57 -40.56
C ILE B 319 93.24 20.33 -40.04
N ALA B 320 92.93 19.41 -40.94
CA ALA B 320 92.15 18.22 -40.62
C ALA B 320 92.95 16.96 -40.96
N THR B 321 92.51 15.84 -40.42
CA THR B 321 93.13 14.54 -40.65
C THR B 321 92.10 13.60 -41.26
N ALA B 322 92.53 12.82 -42.26
CA ALA B 322 91.69 11.86 -42.94
C ALA B 322 92.24 10.45 -42.73
N LEU B 323 91.36 9.52 -42.39
CA LEU B 323 91.74 8.13 -42.14
C LEU B 323 91.45 7.29 -43.37
N ILE B 324 92.45 6.53 -43.82
CA ILE B 324 92.31 5.63 -44.96
C ILE B 324 92.86 4.27 -44.57
N ASP B 325 92.46 3.25 -45.34
CA ASP B 325 92.90 1.87 -45.14
C ASP B 325 92.59 1.38 -43.73
N THR B 326 91.42 1.76 -43.22
CA THR B 326 90.98 1.37 -41.89
C THR B 326 90.11 0.12 -41.90
N GLY B 327 89.91 -0.50 -43.06
CA GLY B 327 89.09 -1.68 -43.17
C GLY B 327 87.60 -1.43 -43.28
N SER B 328 87.20 -0.15 -43.24
CA SER B 328 85.76 0.20 -43.28
C SER B 328 85.44 1.01 -44.54
N LYS B 329 84.61 0.46 -45.42
CA LYS B 329 84.27 1.15 -46.70
C LYS B 329 83.64 2.50 -46.38
N MET B 330 82.70 2.52 -45.44
CA MET B 330 82.00 3.78 -45.11
C MET B 330 83.05 4.90 -45.04
N ASP B 331 84.21 4.61 -44.46
CA ASP B 331 85.21 5.64 -44.29
C ASP B 331 85.88 6.00 -45.62
N GLU B 332 86.00 5.03 -46.53
CA GLU B 332 86.60 5.31 -47.84
C GLU B 332 85.75 6.29 -48.65
N VAL B 333 84.42 6.15 -48.58
CA VAL B 333 83.53 7.04 -49.33
C VAL B 333 83.69 8.47 -48.84
N ILE B 334 83.86 8.65 -47.52
CA ILE B 334 84.02 9.99 -46.97
C ILE B 334 85.28 10.64 -47.51
N TYR B 335 86.37 9.87 -47.60
CA TYR B 335 87.64 10.43 -48.08
C TYR B 335 87.53 10.86 -49.55
N GLU B 336 86.81 10.11 -50.36
CA GLU B 336 86.72 10.41 -51.79
C GLU B 336 86.08 11.77 -52.05
N GLU B 337 85.02 12.09 -51.31
CA GLU B 337 84.36 13.38 -51.52
C GLU B 337 85.18 14.54 -50.97
N PHE B 338 86.16 14.25 -50.10
CA PHE B 338 87.00 15.27 -49.50
C PHE B 338 88.41 15.28 -50.10
N LYS B 339 88.55 14.88 -51.36
CA LYS B 339 89.87 14.88 -51.99
C LYS B 339 90.24 16.27 -52.52
N GLY B 340 89.45 16.77 -53.47
CA GLY B 340 89.75 18.04 -54.11
C GLY B 340 89.28 19.27 -53.37
N THR B 341 88.83 19.13 -52.13
CA THR B 341 88.34 20.27 -51.35
C THR B 341 89.46 21.00 -50.63
N GLY B 342 90.65 20.43 -50.60
CA GLY B 342 91.74 21.03 -49.79
C GLY B 342 92.71 21.86 -50.59
N ASN B 343 93.21 22.95 -50.00
CA ASN B 343 94.23 23.79 -50.68
C ASN B 343 95.53 23.00 -50.76
N MET B 344 95.86 22.26 -49.70
CA MET B 344 97.13 21.50 -49.67
C MET B 344 96.87 20.07 -49.17
N GLU B 345 97.67 19.10 -49.61
CA GLU B 345 97.48 17.73 -49.18
C GLU B 345 98.75 17.21 -48.53
N LEU B 346 98.59 16.47 -47.43
CA LEU B 346 99.71 15.84 -46.73
C LEU B 346 99.36 14.37 -46.55
N HIS B 347 99.92 13.52 -47.40
CA HIS B 347 99.61 12.09 -47.41
C HIS B 347 100.70 11.33 -46.68
N LEU B 348 100.30 10.54 -45.69
CA LEU B 348 101.22 9.71 -44.94
C LEU B 348 101.20 8.28 -45.48
N SER B 349 102.30 7.57 -45.28
CA SER B 349 102.45 6.20 -45.77
C SER B 349 102.73 5.27 -44.60
N ARG B 350 101.96 4.19 -44.52
CA ARG B 350 102.18 3.21 -43.46
C ARG B 350 103.49 2.47 -43.64
N LYS B 351 103.87 2.20 -44.89
CA LYS B 351 105.09 1.44 -45.17
C LYS B 351 106.33 2.17 -44.64
N ILE B 352 106.36 3.50 -44.77
CA ILE B 352 107.47 4.27 -44.24
C ILE B 352 107.54 4.14 -42.72
N ALA B 353 106.39 4.18 -42.05
CA ALA B 353 106.37 4.01 -40.61
C ALA B 353 106.83 2.61 -40.20
N GLU B 354 106.59 1.61 -41.05
CA GLU B 354 107.04 0.25 -40.75
C GLU B 354 108.56 0.13 -40.76
N LYS B 355 109.26 1.08 -41.39
CA LYS B 355 110.72 1.08 -41.42
C LYS B 355 111.32 1.86 -40.26
N ARG B 356 110.50 2.31 -39.31
CA ARG B 356 110.96 3.09 -38.16
C ARG B 356 111.66 4.37 -38.61
N VAL B 357 111.13 4.99 -39.65
CA VAL B 357 111.61 6.27 -40.17
C VAL B 357 110.48 7.28 -40.01
N PHE B 358 110.77 8.38 -39.32
CA PHE B 358 109.76 9.40 -39.06
C PHE B 358 110.27 10.77 -39.46
N PRO B 359 109.40 11.65 -39.95
CA PRO B 359 107.95 11.46 -40.15
C PRO B 359 107.64 10.66 -41.41
N ALA B 360 106.61 9.81 -41.38
CA ALA B 360 106.24 9.00 -42.53
C ALA B 360 105.38 9.84 -43.46
N ILE B 361 106.04 10.69 -44.24
CA ILE B 361 105.38 11.63 -45.14
C ILE B 361 105.77 11.28 -46.57
N ASP B 362 104.77 11.15 -47.44
CA ASP B 362 105.01 10.90 -48.86
C ASP B 362 105.30 12.24 -49.53
N TYR B 363 106.57 12.51 -49.79
CA TYR B 363 106.96 13.79 -50.37
C TYR B 363 106.38 13.97 -51.76
N ASN B 364 106.40 12.92 -52.58
CA ASN B 364 105.87 13.03 -53.94
C ASN B 364 104.37 13.30 -53.93
N ARG B 365 103.63 12.62 -53.06
CA ARG B 365 102.18 12.81 -53.02
C ARG B 365 101.80 14.15 -52.39
N SER B 366 102.57 14.61 -51.40
CA SER B 366 102.25 15.86 -50.73
C SER B 366 102.50 17.05 -51.66
N GLY B 367 101.75 18.12 -51.43
CA GLY B 367 101.89 19.31 -52.24
C GLY B 367 100.98 20.40 -51.73
N THR B 368 101.05 21.55 -52.39
CA THR B 368 100.26 22.71 -52.02
C THR B 368 99.95 23.53 -53.27
N ARG B 369 98.90 24.35 -53.17
CA ARG B 369 98.47 25.22 -54.26
C ARG B 369 98.78 26.67 -53.93
N LYS B 370 99.16 27.43 -54.95
CA LYS B 370 99.47 28.85 -54.83
C LYS B 370 100.57 29.08 -53.78
N GLU B 371 101.62 28.26 -53.87
CA GLU B 371 102.77 28.40 -52.97
C GLU B 371 103.60 29.64 -53.27
N GLU B 372 103.36 30.31 -54.41
CA GLU B 372 104.11 31.52 -54.72
C GLU B 372 103.85 32.63 -53.72
N LEU B 373 102.58 32.76 -53.27
CA LEU B 373 102.24 33.81 -52.32
C LEU B 373 102.88 33.57 -50.96
N LEU B 374 102.96 32.32 -50.52
CA LEU B 374 103.49 32.01 -49.19
C LEU B 374 105.01 32.20 -49.14
N THR B 375 105.74 31.43 -49.95
CA THR B 375 107.19 31.51 -49.95
C THR B 375 107.65 32.72 -50.76
N THR B 376 108.96 32.98 -50.71
CA THR B 376 109.55 34.08 -51.45
C THR B 376 110.04 33.58 -52.82
N GLN B 377 110.51 34.53 -53.64
CA GLN B 377 111.01 34.17 -54.97
C GLN B 377 112.22 33.25 -54.88
N GLU B 378 113.15 33.58 -53.97
CA GLU B 378 114.35 32.75 -53.82
C GLU B 378 114.02 31.41 -53.19
N GLU B 379 113.14 31.40 -52.19
CA GLU B 379 112.80 30.15 -51.50
C GLU B 379 112.02 29.22 -52.41
N LEU B 380 111.15 29.77 -53.25
CA LEU B 380 110.33 28.93 -54.12
C LEU B 380 111.17 28.14 -55.12
N GLN B 381 112.19 28.79 -55.70
CA GLN B 381 113.04 28.11 -56.68
C GLN B 381 113.81 26.96 -56.05
N LYS B 382 114.28 27.13 -54.81
CA LYS B 382 115.01 26.07 -54.12
C LYS B 382 114.13 24.84 -53.90
N MET B 383 112.86 25.06 -53.56
CA MET B 383 111.95 23.93 -53.36
C MET B 383 111.72 23.17 -54.66
N TRP B 384 111.63 23.89 -55.78
CA TRP B 384 111.44 23.23 -57.07
C TRP B 384 112.63 22.34 -57.42
N ILE B 385 113.84 22.81 -57.12
CA ILE B 385 115.04 22.01 -57.40
C ILE B 385 115.01 20.72 -56.58
N LEU B 386 114.64 20.82 -55.30
CA LEU B 386 114.58 19.65 -54.44
C LEU B 386 113.56 18.63 -54.95
N ARG B 387 112.39 19.12 -55.40
CA ARG B 387 111.37 18.20 -55.88
C ARG B 387 111.81 17.46 -57.13
N LYS B 388 112.63 18.12 -57.96
CA LYS B 388 113.13 17.46 -59.18
C LYS B 388 113.99 16.26 -58.85
N ILE B 389 114.84 16.36 -57.82
CA ILE B 389 115.68 15.24 -57.42
C ILE B 389 114.84 14.14 -56.78
N ILE B 390 113.87 14.52 -55.94
CA ILE B 390 113.09 13.54 -55.20
C ILE B 390 112.18 12.71 -56.11
N HIS B 391 111.63 13.34 -57.15
CA HIS B 391 110.59 12.68 -57.96
C HIS B 391 111.03 11.33 -58.53
N PRO B 392 112.21 11.19 -59.14
CA PRO B 392 112.60 9.85 -59.61
C PRO B 392 112.71 8.81 -58.50
N MET B 393 113.09 9.23 -57.30
CA MET B 393 113.20 8.30 -56.19
C MET B 393 111.82 7.85 -55.71
N GLY B 394 111.79 6.70 -55.07
CA GLY B 394 110.54 6.15 -54.56
C GLY B 394 110.03 6.90 -53.35
N GLU B 395 108.79 6.58 -52.97
CA GLU B 395 108.18 7.22 -51.83
C GLU B 395 108.87 6.86 -50.51
N ILE B 396 109.55 5.73 -50.45
CA ILE B 396 110.24 5.30 -49.23
C ILE B 396 111.68 5.75 -49.21
N ASP B 397 112.39 5.62 -50.34
CA ASP B 397 113.81 6.01 -50.39
C ASP B 397 113.99 7.51 -50.27
N ALA B 398 112.95 8.30 -50.56
CA ALA B 398 113.09 9.75 -50.49
C ALA B 398 113.24 10.24 -49.06
N MET B 399 112.64 9.55 -48.09
CA MET B 399 112.66 10.02 -46.71
C MET B 399 114.06 9.90 -46.10
N GLU B 400 114.61 8.68 -46.10
CA GLU B 400 115.94 8.50 -45.52
C GLU B 400 116.99 9.32 -46.26
N PHE B 401 116.80 9.56 -47.56
CA PHE B 401 117.66 10.49 -48.28
C PHE B 401 117.53 11.90 -47.72
N LEU B 402 116.30 12.33 -47.42
CA LEU B 402 116.09 13.67 -46.89
C LEU B 402 116.46 13.77 -45.42
N ILE B 403 116.26 12.69 -44.65
CA ILE B 403 116.49 12.73 -43.21
C ILE B 403 117.96 12.96 -42.91
N ASN B 404 118.85 12.21 -43.58
CA ASN B 404 120.28 12.35 -43.30
C ASN B 404 120.79 13.74 -43.70
N LYS B 405 120.29 14.28 -44.81
CA LYS B 405 120.71 15.62 -45.21
C LYS B 405 120.28 16.67 -44.19
N LEU B 406 119.06 16.56 -43.68
CA LEU B 406 118.58 17.51 -42.68
C LEU B 406 119.20 17.26 -41.32
N ALA B 407 119.62 16.02 -41.04
CA ALA B 407 120.21 15.69 -39.75
C ALA B 407 121.52 16.44 -39.51
N MET B 408 122.36 16.54 -40.53
CA MET B 408 123.67 17.18 -40.40
C MET B 408 123.64 18.67 -40.71
N THR B 409 122.47 19.24 -41.01
CA THR B 409 122.33 20.66 -41.24
C THR B 409 121.57 21.31 -40.09
N LYS B 410 121.94 22.56 -39.78
CA LYS B 410 121.32 23.27 -38.67
C LYS B 410 119.91 23.73 -39.04
N THR B 411 119.79 24.52 -40.10
CA THR B 411 118.52 25.04 -40.56
C THR B 411 118.25 24.61 -41.99
N ASN B 412 117.04 24.90 -42.48
CA ASN B 412 116.69 24.58 -43.85
C ASN B 412 117.52 25.38 -44.85
N ASP B 413 117.95 26.59 -44.47
CA ASP B 413 118.81 27.37 -45.34
C ASP B 413 120.13 26.68 -45.60
N ASP B 414 120.72 26.06 -44.56
CA ASP B 414 121.96 25.32 -44.74
C ASP B 414 121.75 24.11 -45.64
N PHE B 415 120.60 23.44 -45.50
CA PHE B 415 120.29 22.32 -46.38
C PHE B 415 120.13 22.79 -47.83
N PHE B 416 119.48 23.95 -48.03
CA PHE B 416 119.23 24.44 -49.38
C PHE B 416 120.53 24.75 -50.10
N GLU B 417 121.48 25.39 -49.43
CA GLU B 417 122.74 25.74 -50.09
C GLU B 417 123.60 24.50 -50.35
N MET B 418 123.41 23.44 -49.57
CA MET B 418 124.13 22.19 -49.82
C MET B 418 123.66 21.53 -51.11
N MET B 419 122.36 21.54 -51.38
CA MET B 419 121.86 20.97 -52.64
C MET B 419 122.33 21.76 -53.84
N LYS B 420 122.63 23.05 -53.66
CA LYS B 420 123.11 23.86 -54.76
C LYS B 420 124.50 23.41 -55.24
N ARG B 421 125.25 22.75 -54.36
CA ARG B 421 126.57 22.25 -54.76
C ARG B 421 126.46 21.22 -55.87
N SER B 422 125.48 20.32 -55.77
CA SER B 422 125.29 19.28 -56.78
C SER B 422 124.62 19.84 -58.03
N MET C 4 78.37 -16.18 13.71
CA MET C 4 78.45 -14.85 14.31
C MET C 4 78.82 -13.81 13.28
N ASN C 5 79.67 -14.20 12.33
CA ASN C 5 80.14 -13.31 11.27
C ASN C 5 79.59 -13.78 9.93
N LEU C 6 78.98 -12.85 9.19
CA LEU C 6 78.29 -13.23 7.96
C LEU C 6 79.27 -13.71 6.88
N THR C 7 80.42 -13.04 6.74
CA THR C 7 81.34 -13.37 5.67
C THR C 7 81.93 -14.76 5.83
N GLU C 8 82.28 -15.14 7.05
CA GLU C 8 82.86 -16.46 7.28
C GLU C 8 81.83 -17.57 7.18
N LEU C 9 80.56 -17.27 7.42
CA LEU C 9 79.52 -18.30 7.37
C LEU C 9 79.23 -18.74 5.94
N LYS C 10 79.26 -17.80 4.99
CA LYS C 10 79.01 -18.17 3.59
C LYS C 10 80.16 -18.95 2.99
N ASN C 11 81.39 -18.69 3.44
CA ASN C 11 82.55 -19.41 2.89
C ASN C 11 82.60 -20.86 3.37
N THR C 12 81.87 -21.20 4.42
CA THR C 12 81.86 -22.57 4.91
C THR C 12 81.16 -23.49 3.92
N PRO C 13 81.58 -24.75 3.84
CA PRO C 13 80.92 -25.69 2.92
C PRO C 13 79.47 -25.92 3.31
N VAL C 14 78.66 -26.26 2.31
CA VAL C 14 77.23 -26.48 2.53
C VAL C 14 77.01 -27.66 3.47
N SER C 15 77.85 -28.70 3.35
CA SER C 15 77.71 -29.86 4.21
C SER C 15 77.93 -29.48 5.68
N GLU C 16 78.95 -28.67 5.95
CA GLU C 16 79.17 -28.20 7.31
C GLU C 16 78.09 -27.25 7.77
N LEU C 17 77.49 -26.50 6.83
CA LEU C 17 76.45 -25.54 7.20
C LEU C 17 75.24 -26.24 7.79
N ILE C 18 74.84 -27.39 7.22
CA ILE C 18 73.72 -28.15 7.76
C ILE C 18 74.03 -28.64 9.16
N THR C 19 75.25 -29.17 9.37
CA THR C 19 75.61 -29.72 10.67
C THR C 19 75.59 -28.65 11.75
N LEU C 20 76.05 -27.43 11.41
CA LEU C 20 76.06 -26.35 12.40
C LEU C 20 74.65 -25.99 12.84
N GLY C 21 73.69 -25.97 11.90
CA GLY C 21 72.33 -25.62 12.25
C GLY C 21 71.57 -26.70 12.99
N GLU C 22 71.97 -27.96 12.81
CA GLU C 22 71.27 -29.05 13.48
C GLU C 22 71.49 -29.02 14.99
N ASN C 23 72.75 -28.84 15.41
CA ASN C 23 73.03 -28.80 16.85
C ASN C 23 72.50 -27.52 17.48
N MET C 24 72.37 -26.44 16.71
CA MET C 24 71.84 -25.20 17.25
C MET C 24 70.39 -25.35 17.67
N GLY C 25 69.60 -26.08 16.90
CA GLY C 25 68.20 -26.29 17.24
C GLY C 25 67.27 -26.30 16.04
N LEU C 26 67.79 -25.90 14.88
CA LEU C 26 67.00 -25.85 13.67
C LEU C 26 66.83 -27.26 13.08
N GLU C 27 65.84 -27.41 12.22
CA GLU C 27 65.50 -28.69 11.62
C GLU C 27 65.10 -28.47 10.17
N ASN C 28 65.23 -29.53 9.37
CA ASN C 28 64.84 -29.54 7.96
C ASN C 28 65.61 -28.48 7.16
N LEU C 29 66.89 -28.34 7.46
CA LEU C 29 67.75 -27.42 6.71
C LEU C 29 68.46 -28.11 5.54
N ALA C 30 68.36 -29.43 5.42
CA ALA C 30 69.11 -30.13 4.38
C ALA C 30 68.53 -29.89 3.00
N ARG C 31 67.21 -29.97 2.86
CA ARG C 31 66.56 -29.88 1.55
C ARG C 31 66.02 -28.48 1.29
N MET C 32 66.94 -27.52 1.21
CA MET C 32 66.60 -26.14 0.89
C MET C 32 67.84 -25.43 0.40
N ARG C 33 67.64 -24.27 -0.22
CA ARG C 33 68.75 -23.52 -0.80
C ARG C 33 69.70 -23.04 0.30
N LYS C 34 70.97 -22.89 -0.09
CA LYS C 34 72.00 -22.48 0.88
C LYS C 34 71.72 -21.08 1.41
N GLN C 35 71.17 -20.20 0.57
CA GLN C 35 70.88 -18.84 1.01
C GLN C 35 69.85 -18.83 2.13
N ASP C 36 68.82 -19.68 2.03
CA ASP C 36 67.81 -19.74 3.07
C ASP C 36 68.37 -20.31 4.37
N ILE C 37 69.32 -21.25 4.27
CA ILE C 37 69.92 -21.83 5.46
C ILE C 37 70.66 -20.76 6.26
N ILE C 38 71.41 -19.89 5.56
CA ILE C 38 72.15 -18.84 6.24
C ILE C 38 71.20 -17.90 6.97
N PHE C 39 70.10 -17.53 6.33
CA PHE C 39 69.10 -16.68 6.98
C PHE C 39 68.49 -17.37 8.19
N ALA C 40 68.20 -18.67 8.08
CA ALA C 40 67.62 -19.40 9.20
C ALA C 40 68.59 -19.49 10.38
N ILE C 41 69.86 -19.77 10.10
CA ILE C 41 70.84 -19.90 11.18
C ILE C 41 71.03 -18.56 11.88
N LEU C 42 71.13 -17.47 11.12
CA LEU C 42 71.26 -16.16 11.72
C LEU C 42 70.02 -15.80 12.54
N LYS C 43 68.83 -16.17 12.04
CA LYS C 43 67.60 -15.89 12.77
C LYS C 43 67.58 -16.60 14.12
N GLN C 44 67.97 -17.88 14.14
CA GLN C 44 68.01 -18.62 15.40
C GLN C 44 69.11 -18.09 16.31
N HIS C 45 70.28 -17.77 15.75
CA HIS C 45 71.38 -17.24 16.55
C HIS C 45 71.06 -15.86 17.10
N ALA C 46 70.21 -15.10 16.41
CA ALA C 46 69.84 -13.77 16.88
C ALA C 46 69.02 -13.83 18.16
N LYS C 47 68.30 -14.93 18.38
CA LYS C 47 67.50 -15.06 19.60
C LYS C 47 68.37 -15.11 20.85
N SER C 48 69.62 -15.59 20.72
CA SER C 48 70.52 -15.65 21.86
C SER C 48 70.97 -14.27 22.33
N GLY C 49 70.82 -13.25 21.49
CA GLY C 49 71.21 -11.90 21.84
C GLY C 49 72.63 -11.52 21.47
N GLU C 50 73.43 -12.47 20.98
CA GLU C 50 74.79 -12.16 20.58
C GLU C 50 74.80 -11.29 19.33
N ASP C 51 75.79 -10.39 19.27
CA ASP C 51 75.92 -9.50 18.13
C ASP C 51 76.33 -10.28 16.88
N ILE C 52 75.83 -9.83 15.73
CA ILE C 52 76.10 -10.46 14.45
C ILE C 52 76.81 -9.45 13.55
N PHE C 53 77.93 -9.87 12.96
CA PHE C 53 78.71 -9.01 12.08
C PHE C 53 78.42 -9.36 10.63
N GLY C 54 78.30 -8.32 9.80
CA GLY C 54 78.02 -8.52 8.39
C GLY C 54 78.74 -7.51 7.53
N ASP C 55 78.95 -7.89 6.27
CA ASP C 55 79.66 -7.03 5.33
C ASP C 55 79.27 -7.43 3.91
N GLY C 56 79.56 -6.53 2.98
CA GLY C 56 79.24 -6.79 1.59
C GLY C 56 79.40 -5.52 0.76
N VAL C 57 78.91 -5.59 -0.47
CA VAL C 57 78.94 -4.46 -1.39
C VAL C 57 77.59 -3.79 -1.40
N LEU C 58 77.58 -2.48 -1.19
CA LEU C 58 76.35 -1.70 -1.06
C LEU C 58 75.90 -1.19 -2.43
N GLU C 59 74.61 -1.34 -2.70
CA GLU C 59 73.99 -0.80 -3.91
C GLU C 59 72.73 -0.02 -3.50
N ILE C 60 72.37 0.97 -4.31
CA ILE C 60 71.22 1.82 -4.05
C ILE C 60 70.18 1.60 -5.14
N LEU C 61 68.96 1.29 -4.74
CA LEU C 61 67.86 1.08 -5.68
C LEU C 61 67.28 2.43 -6.12
N GLN C 62 66.35 2.38 -7.06
CA GLN C 62 65.73 3.60 -7.58
C GLN C 62 64.77 4.24 -6.58
N ASP C 63 64.16 3.44 -5.71
CA ASP C 63 63.23 4.00 -4.71
C ASP C 63 63.96 4.90 -3.72
N GLY C 64 65.17 4.50 -3.32
CA GLY C 64 65.95 5.28 -2.37
C GLY C 64 66.65 4.42 -1.33
N PHE C 65 66.05 3.30 -0.97
CA PHE C 65 66.70 2.37 -0.06
C PHE C 65 67.65 1.46 -0.82
N GLY C 66 68.56 0.82 -0.07
CA GLY C 66 69.56 -0.03 -0.65
C GLY C 66 69.69 -1.34 0.10
N PHE C 67 70.48 -2.25 -0.49
CA PHE C 67 70.79 -3.54 0.10
C PHE C 67 72.28 -3.79 0.01
N LEU C 68 72.79 -4.59 0.94
CA LEU C 68 74.22 -4.91 1.03
C LEU C 68 74.43 -6.27 0.39
N ARG C 69 74.68 -6.28 -0.92
CA ARG C 69 74.88 -7.52 -1.64
C ARG C 69 76.22 -8.16 -1.27
N SER C 70 76.29 -9.48 -1.44
CA SER C 70 77.48 -10.24 -1.15
C SER C 70 78.12 -10.72 -2.45
N ALA C 71 79.43 -10.53 -2.57
CA ALA C 71 80.15 -10.95 -3.77
C ALA C 71 80.26 -12.46 -3.90
N ASP C 72 80.08 -13.20 -2.81
CA ASP C 72 80.17 -14.66 -2.86
C ASP C 72 79.08 -15.25 -3.74
N SER C 73 77.86 -14.73 -3.67
CA SER C 73 76.75 -15.22 -4.47
C SER C 73 76.59 -14.46 -5.79
N SER C 74 77.68 -13.87 -6.29
CA SER C 74 77.66 -13.09 -7.54
C SER C 74 76.64 -11.95 -7.47
N TYR C 75 76.53 -11.34 -6.30
CA TYR C 75 75.62 -10.20 -6.08
C TYR C 75 74.18 -10.56 -6.43
N LEU C 76 73.76 -11.77 -6.05
CA LEU C 76 72.39 -12.23 -6.30
C LEU C 76 71.50 -11.87 -5.13
N ALA C 77 70.30 -11.38 -5.45
CA ALA C 77 69.34 -11.02 -4.40
C ALA C 77 68.94 -12.25 -3.61
N GLY C 78 68.92 -12.11 -2.28
CA GLY C 78 68.57 -13.20 -1.41
C GLY C 78 68.02 -12.72 -0.08
N PRO C 79 67.39 -13.64 0.67
CA PRO C 79 66.84 -13.26 1.98
C PRO C 79 67.90 -12.83 2.99
N ASP C 80 69.16 -13.21 2.79
CA ASP C 80 70.23 -12.87 3.71
C ASP C 80 70.86 -11.52 3.43
N ASP C 81 70.39 -10.80 2.42
CA ASP C 81 70.93 -9.48 2.12
C ASP C 81 70.60 -8.50 3.23
N ILE C 82 71.56 -7.62 3.54
CA ILE C 82 71.41 -6.65 4.62
C ILE C 82 70.75 -5.40 4.07
N TYR C 83 69.67 -4.97 4.72
CA TYR C 83 68.92 -3.78 4.33
C TYR C 83 69.44 -2.57 5.09
N VAL C 84 69.58 -1.45 4.38
CA VAL C 84 70.04 -0.20 4.97
C VAL C 84 68.99 0.88 4.70
N SER C 85 68.65 1.61 5.75
CA SER C 85 67.67 2.68 5.63
C SER C 85 68.28 3.87 4.88
N PRO C 86 67.45 4.64 4.16
CA PRO C 86 67.97 5.84 3.49
C PRO C 86 68.54 6.87 4.45
N SER C 87 68.13 6.85 5.72
CA SER C 87 68.66 7.81 6.69
C SER C 87 70.15 7.62 6.89
N GLN C 88 70.61 6.37 6.94
CA GLN C 88 72.04 6.11 7.12
C GLN C 88 72.84 6.62 5.93
N ILE C 89 72.21 6.70 4.76
CA ILE C 89 72.91 7.20 3.57
C ILE C 89 73.26 8.67 3.73
N ARG C 90 72.37 9.47 4.33
CA ARG C 90 72.68 10.87 4.57
C ARG C 90 73.82 11.04 5.57
N ARG C 91 73.82 10.21 6.63
CA ARG C 91 74.89 10.29 7.62
C ARG C 91 76.24 9.98 7.01
N PHE C 92 76.30 8.94 6.18
CA PHE C 92 77.55 8.53 5.53
C PHE C 92 77.35 8.46 4.02
N ASN C 93 78.00 9.37 3.28
CA ASN C 93 77.86 9.42 1.83
C ASN C 93 78.29 8.10 1.21
N LEU C 94 77.31 7.33 0.74
CA LEU C 94 77.54 6.04 0.12
C LEU C 94 76.90 6.00 -1.26
N ARG C 95 77.59 5.36 -2.20
CA ARG C 95 77.07 5.13 -3.54
C ARG C 95 77.24 3.66 -3.88
N THR C 96 76.69 3.24 -5.01
CA THR C 96 76.79 1.85 -5.44
C THR C 96 78.25 1.46 -5.64
N GLY C 97 78.63 0.30 -5.10
CA GLY C 97 79.95 -0.25 -5.30
C GLY C 97 80.80 -0.36 -4.05
N ASP C 98 80.61 0.55 -3.10
CA ASP C 98 81.47 0.60 -1.92
C ASP C 98 81.18 -0.58 -0.99
N THR C 99 82.18 -0.95 -0.19
CA THR C 99 82.04 -2.04 0.77
C THR C 99 81.71 -1.47 2.15
N ILE C 100 80.66 -2.00 2.76
CA ILE C 100 80.20 -1.57 4.07
C ILE C 100 80.25 -2.77 5.01
N SER C 101 80.91 -2.60 6.16
CA SER C 101 81.04 -3.64 7.16
C SER C 101 80.64 -3.08 8.52
N GLY C 102 79.84 -3.85 9.26
CA GLY C 102 79.41 -3.43 10.58
C GLY C 102 78.42 -4.42 11.16
N LYS C 103 77.94 -4.08 12.35
CA LYS C 103 76.97 -4.91 13.05
C LYS C 103 75.59 -4.79 12.40
N ILE C 104 74.86 -5.91 12.42
CA ILE C 104 73.52 -5.98 11.86
C ILE C 104 72.57 -6.46 12.94
N ARG C 105 71.40 -5.78 13.05
CA ARG C 105 70.41 -6.13 14.06
C ARG C 105 69.44 -7.18 13.53
N PRO C 106 68.85 -7.98 14.40
CA PRO C 106 67.84 -8.94 13.96
C PRO C 106 66.66 -8.24 13.33
N PRO C 107 66.09 -8.81 12.26
CA PRO C 107 64.93 -8.18 11.62
C PRO C 107 63.68 -8.31 12.48
N LYS C 108 63.01 -7.18 12.69
CA LYS C 108 61.77 -7.19 13.47
C LYS C 108 60.63 -7.78 12.64
N GLU C 109 59.46 -7.86 13.26
CA GLU C 109 58.28 -8.35 12.56
C GLU C 109 57.88 -7.38 11.47
N GLY C 110 57.49 -7.93 10.31
CA GLY C 110 57.10 -7.11 9.17
C GLY C 110 58.17 -6.91 8.13
N GLU C 111 59.43 -7.16 8.47
CA GLU C 111 60.53 -7.04 7.52
C GLU C 111 61.21 -8.39 7.36
N ARG C 112 61.69 -8.64 6.13
CA ARG C 112 62.29 -9.92 5.76
C ARG C 112 63.80 -9.82 5.59
N TYR C 113 64.40 -8.69 5.92
CA TYR C 113 65.83 -8.48 5.70
C TYR C 113 66.46 -7.90 6.95
N PHE C 114 67.72 -8.27 7.18
CA PHE C 114 68.48 -7.71 8.30
C PHE C 114 68.77 -6.23 8.05
N ALA C 115 68.86 -5.48 9.15
CA ALA C 115 69.11 -4.05 9.10
C ALA C 115 70.47 -3.75 9.72
N LEU C 116 71.26 -2.90 9.07
CA LEU C 116 72.62 -2.60 9.57
C LEU C 116 72.49 -1.73 10.82
N LEU C 117 72.99 -2.24 11.95
CA LEU C 117 72.89 -1.50 13.23
C LEU C 117 73.94 -0.38 13.25
N LYS C 118 75.21 -0.73 12.99
CA LYS C 118 76.30 0.28 13.07
C LYS C 118 77.34 -0.02 11.99
N VAL C 119 77.98 1.01 11.42
CA VAL C 119 79.03 0.76 10.45
C VAL C 119 80.35 1.25 11.01
N ASN C 120 81.36 0.37 11.02
CA ASN C 120 82.68 0.71 11.56
C ASN C 120 83.80 0.52 10.54
N GLU C 121 83.48 0.20 9.29
CA GLU C 121 84.51 -0.02 8.27
C GLU C 121 83.90 0.24 6.91
N VAL C 122 84.43 1.24 6.21
CA VAL C 122 83.97 1.60 4.87
C VAL C 122 85.15 1.54 3.93
N ASN C 123 85.05 0.68 2.91
CA ASN C 123 86.11 0.51 1.90
C ASN C 123 87.45 0.19 2.57
N PHE C 124 87.41 -0.69 3.57
CA PHE C 124 88.59 -1.06 4.35
C PHE C 124 89.27 0.17 4.96
N ASP C 125 88.45 1.10 5.44
CA ASP C 125 88.95 2.34 6.00
C ASP C 125 87.91 2.90 6.96
N LYS C 126 88.35 3.87 7.77
CA LYS C 126 87.44 4.51 8.70
C LYS C 126 86.35 5.26 7.94
N PRO C 127 85.09 5.17 8.38
CA PRO C 127 84.01 5.83 7.63
C PRO C 127 84.19 7.34 7.50
N GLU C 128 84.76 7.99 8.51
CA GLU C 128 84.99 9.43 8.41
C GLU C 128 85.99 9.76 7.31
N ASN C 129 87.05 8.95 7.18
CA ASN C 129 88.04 9.20 6.14
C ASN C 129 87.48 8.95 4.75
N ALA C 130 86.58 7.97 4.61
CA ALA C 130 86.00 7.68 3.31
C ALA C 130 85.11 8.82 2.82
N ARG C 131 84.58 9.63 3.74
CA ARG C 131 83.73 10.74 3.35
C ARG C 131 84.49 11.85 2.62
N ASN C 132 85.81 11.92 2.80
CA ASN C 132 86.62 12.97 2.18
C ASN C 132 87.31 12.51 0.90
N LYS C 133 87.00 11.31 0.42
CA LYS C 133 87.64 10.79 -0.78
C LYS C 133 87.19 11.56 -2.02
N ILE C 134 88.07 11.74 -2.99
CA ILE C 134 87.65 12.43 -4.25
C ILE C 134 86.87 11.45 -5.12
N LEU C 135 85.81 11.93 -5.80
CA LEU C 135 85.00 11.06 -6.71
C LEU C 135 85.86 10.66 -7.91
N PHE C 136 85.66 9.45 -8.45
CA PHE C 136 86.50 8.94 -9.55
C PHE C 136 86.41 9.85 -10.79
N GLU C 137 85.23 10.39 -11.07
CA GLU C 137 85.08 11.13 -12.31
C GLU C 137 85.90 12.42 -12.33
N ASN C 138 86.24 12.96 -11.15
CA ASN C 138 87.06 14.17 -11.08
C ASN C 138 88.55 13.90 -11.27
N LEU C 139 88.97 12.64 -11.21
CA LEU C 139 90.39 12.31 -11.37
C LEU C 139 90.81 12.48 -12.82
N THR C 140 92.08 12.87 -13.01
CA THR C 140 92.62 13.10 -14.34
C THR C 140 93.30 11.84 -14.85
N PRO C 141 92.81 11.22 -15.92
CA PRO C 141 93.45 10.01 -16.45
C PRO C 141 94.76 10.34 -17.15
N LEU C 142 95.64 9.34 -17.19
CA LEU C 142 96.92 9.44 -17.88
C LEU C 142 97.22 8.13 -18.58
N HIS C 143 98.27 8.13 -19.40
CA HIS C 143 98.70 6.93 -20.08
C HIS C 143 99.37 5.97 -19.10
N ALA C 144 99.37 4.69 -19.46
CA ALA C 144 99.97 3.66 -18.62
C ALA C 144 101.48 3.85 -18.53
N ASN C 145 102.02 3.71 -17.31
CA ASN C 145 103.44 3.85 -17.08
C ASN C 145 104.04 2.76 -16.18
N SER C 146 103.22 1.93 -15.56
CA SER C 146 103.70 0.88 -14.66
C SER C 146 103.68 -0.45 -15.41
N ARG C 147 104.86 -0.97 -15.72
CA ARG C 147 104.96 -2.21 -16.47
C ARG C 147 104.57 -3.40 -15.61
N LEU C 148 103.69 -4.26 -16.15
CA LEU C 148 103.25 -5.47 -15.48
C LEU C 148 103.94 -6.66 -16.15
N ARG C 149 104.86 -7.30 -15.44
CA ARG C 149 105.61 -8.43 -15.97
C ARG C 149 104.70 -9.65 -16.03
N MET C 150 104.22 -9.97 -17.23
CA MET C 150 103.33 -11.12 -17.40
C MET C 150 104.08 -12.44 -17.44
N GLU C 151 105.41 -12.41 -17.64
CA GLU C 151 106.19 -13.64 -17.73
C GLU C 151 106.45 -14.20 -16.34
N ARG C 152 106.32 -15.52 -16.21
CA ARG C 152 106.57 -16.23 -14.97
C ARG C 152 107.80 -17.09 -15.13
N GLY C 153 108.78 -16.92 -14.25
CA GLY C 153 110.03 -17.66 -14.34
C GLY C 153 110.06 -18.89 -13.46
N ASN C 154 109.52 -18.79 -12.25
CA ASN C 154 109.57 -19.91 -11.32
C ASN C 154 108.77 -21.10 -11.81
N ASP C 155 107.61 -20.85 -12.43
CA ASP C 155 106.78 -21.95 -12.90
C ASP C 155 107.48 -22.74 -14.00
N SER C 156 108.04 -22.04 -15.00
CA SER C 156 108.75 -22.67 -16.10
C SER C 156 107.89 -23.71 -16.80
N THR C 157 106.61 -23.41 -16.97
CA THR C 157 105.68 -24.34 -17.58
C THR C 157 105.93 -24.45 -19.07
N GLU C 158 105.40 -25.52 -19.67
CA GLU C 158 105.56 -25.74 -21.11
C GLU C 158 104.77 -24.72 -21.93
N ASP C 159 103.78 -24.07 -21.34
CA ASP C 159 103.00 -23.07 -22.07
C ASP C 159 103.82 -21.79 -22.23
N LEU C 160 103.87 -21.28 -23.46
CA LEU C 160 104.62 -20.07 -23.78
C LEU C 160 103.70 -18.86 -23.94
N THR C 161 102.44 -18.97 -23.51
CA THR C 161 101.50 -17.87 -23.69
C THR C 161 101.95 -16.61 -22.95
N ALA C 162 102.44 -16.76 -21.72
CA ALA C 162 102.91 -15.62 -20.96
C ALA C 162 104.10 -14.95 -21.64
N ARG C 163 105.05 -15.74 -22.14
CA ARG C 163 106.22 -15.17 -22.81
C ARG C 163 105.83 -14.47 -24.11
N VAL C 164 104.91 -15.06 -24.87
CA VAL C 164 104.49 -14.46 -26.14
C VAL C 164 103.71 -13.16 -25.90
N LEU C 165 102.89 -13.14 -24.84
CA LEU C 165 102.05 -11.97 -24.59
C LEU C 165 102.89 -10.73 -24.32
N ASP C 166 103.98 -10.87 -23.56
CA ASP C 166 104.87 -9.73 -23.31
C ASP C 166 105.51 -9.24 -24.60
N LEU C 167 105.97 -10.18 -25.45
CA LEU C 167 106.61 -9.79 -26.69
C LEU C 167 105.61 -9.18 -27.67
N ALA C 168 104.42 -9.79 -27.79
CA ALA C 168 103.43 -9.30 -28.74
C ALA C 168 102.87 -7.95 -28.33
N SER C 169 102.46 -7.83 -27.07
CA SER C 169 101.86 -6.58 -26.59
C SER C 169 102.00 -6.46 -25.09
N PRO C 170 102.94 -5.65 -24.60
CA PRO C 170 103.07 -5.46 -23.15
C PRO C 170 101.82 -4.85 -22.55
N ILE C 171 101.51 -5.26 -21.32
CA ILE C 171 100.33 -4.81 -20.60
C ILE C 171 100.77 -4.06 -19.35
N GLY C 172 100.25 -2.85 -19.17
CA GLY C 172 100.53 -2.03 -18.01
C GLY C 172 99.31 -1.78 -17.16
N ARG C 173 99.52 -1.00 -16.10
CA ARG C 173 98.44 -0.61 -15.20
C ARG C 173 97.61 0.49 -15.84
N GLY C 174 96.29 0.34 -15.77
CA GLY C 174 95.39 1.31 -16.36
C GLY C 174 95.15 1.16 -17.84
N GLN C 175 95.54 0.03 -18.43
CA GLN C 175 95.32 -0.21 -19.85
C GLN C 175 93.84 -0.45 -20.13
N ARG C 176 93.42 -0.09 -21.34
CA ARG C 176 92.06 -0.28 -21.81
C ARG C 176 92.04 -1.18 -23.03
N GLY C 177 92.83 -2.26 -22.99
CA GLY C 177 92.95 -3.13 -24.13
C GLY C 177 91.75 -4.06 -24.28
N LEU C 178 91.63 -4.63 -25.47
CA LEU C 178 90.60 -5.61 -25.78
C LEU C 178 91.23 -6.76 -26.54
N ILE C 179 90.58 -7.93 -26.46
CA ILE C 179 91.07 -9.14 -27.10
C ILE C 179 90.07 -9.53 -28.17
N VAL C 180 90.54 -9.69 -29.40
CA VAL C 180 89.72 -10.14 -30.52
C VAL C 180 89.97 -11.64 -30.67
N ALA C 181 88.98 -12.44 -30.28
CA ALA C 181 89.13 -13.89 -30.22
C ALA C 181 88.00 -14.56 -30.99
N PRO C 182 88.29 -15.26 -32.09
CA PRO C 182 87.24 -16.05 -32.76
C PRO C 182 86.85 -17.24 -31.89
N PRO C 183 85.67 -17.82 -32.14
CA PRO C 183 85.27 -18.97 -31.33
C PRO C 183 86.21 -20.16 -31.51
N LYS C 184 86.38 -20.92 -30.43
CA LYS C 184 87.28 -22.07 -30.39
C LYS C 184 88.71 -21.68 -30.77
N ALA C 185 89.21 -20.61 -30.14
CA ALA C 185 90.57 -20.14 -30.36
C ALA C 185 91.34 -20.00 -29.05
N GLY C 186 90.97 -20.76 -28.02
CA GLY C 186 91.64 -20.68 -26.74
C GLY C 186 91.46 -19.36 -26.03
N LYS C 187 90.27 -18.76 -26.13
CA LYS C 187 90.01 -17.48 -25.46
C LYS C 187 89.93 -17.66 -23.95
N THR C 188 89.26 -18.73 -23.50
CA THR C 188 89.08 -18.94 -22.06
C THR C 188 90.41 -19.18 -21.37
N MET C 189 91.28 -20.02 -21.95
CA MET C 189 92.57 -20.30 -21.33
C MET C 189 93.50 -19.09 -21.40
N LEU C 190 93.28 -18.22 -22.38
CA LEU C 190 94.09 -17.00 -22.48
C LEU C 190 93.90 -16.11 -21.27
N LEU C 191 92.65 -15.94 -20.82
CA LEU C 191 92.39 -15.13 -19.64
C LEU C 191 92.90 -15.82 -18.38
N GLN C 192 92.79 -17.14 -18.31
CA GLN C 192 93.25 -17.87 -17.13
C GLN C 192 94.76 -17.74 -16.93
N ASN C 193 95.52 -17.81 -18.01
CA ASN C 193 96.98 -17.67 -17.91
C ASN C 193 97.35 -16.26 -17.43
N ILE C 194 96.65 -15.24 -17.94
CA ILE C 194 96.90 -13.88 -17.49
C ILE C 194 96.60 -13.74 -16.00
N ALA C 195 95.50 -14.34 -15.54
CA ALA C 195 95.12 -14.25 -14.14
C ALA C 195 96.17 -14.88 -13.23
N GLN C 196 96.76 -16.00 -13.67
CA GLN C 196 97.79 -16.65 -12.86
C GLN C 196 99.00 -15.74 -12.67
N SER C 197 99.44 -15.07 -13.73
CA SER C 197 100.60 -14.19 -13.63
C SER C 197 100.30 -12.99 -12.75
N ILE C 198 99.10 -12.42 -12.87
CA ILE C 198 98.74 -11.25 -12.06
C ILE C 198 98.71 -11.62 -10.58
N ALA C 199 98.11 -12.76 -10.24
CA ALA C 199 98.05 -13.20 -8.86
C ALA C 199 99.43 -13.59 -8.32
N TYR C 200 100.39 -13.85 -9.20
CA TYR C 200 101.74 -14.25 -8.80
C TYR C 200 102.73 -13.08 -8.82
N ASN C 201 102.82 -12.38 -9.96
CA ASN C 201 103.80 -11.31 -10.08
C ASN C 201 103.40 -10.07 -9.28
N HIS C 202 102.11 -9.77 -9.21
CA HIS C 202 101.60 -8.58 -8.50
C HIS C 202 100.50 -9.00 -7.55
N PRO C 203 100.85 -9.62 -6.42
CA PRO C 203 99.82 -9.98 -5.43
C PRO C 203 99.09 -8.78 -4.84
N ASP C 204 99.76 -7.62 -4.79
CA ASP C 204 99.13 -6.44 -4.19
C ASP C 204 97.95 -5.95 -5.03
N CYS C 205 98.06 -6.05 -6.36
CA CYS C 205 96.98 -5.59 -7.23
C CYS C 205 95.73 -6.44 -7.05
N VAL C 206 94.58 -5.77 -7.00
CA VAL C 206 93.30 -6.46 -6.86
C VAL C 206 92.87 -6.97 -8.22
N LEU C 207 92.58 -8.26 -8.30
CA LEU C 207 92.16 -8.90 -9.54
C LEU C 207 90.70 -9.29 -9.43
N MET C 208 89.90 -8.83 -10.39
CA MET C 208 88.47 -9.14 -10.45
C MET C 208 88.14 -9.70 -11.82
N VAL C 209 87.41 -10.81 -11.85
CA VAL C 209 87.05 -11.49 -13.08
C VAL C 209 85.52 -11.45 -13.21
N LEU C 210 85.04 -10.93 -14.33
CA LEU C 210 83.61 -10.87 -14.62
C LEU C 210 83.32 -11.66 -15.88
N LEU C 211 82.36 -12.58 -15.80
CA LEU C 211 81.96 -13.43 -16.92
C LEU C 211 80.48 -13.27 -17.19
N ILE C 212 80.12 -13.17 -18.46
CA ILE C 212 78.75 -12.97 -18.89
C ILE C 212 78.34 -14.13 -19.78
N ASP C 213 77.17 -14.71 -19.50
CA ASP C 213 76.59 -15.78 -20.32
C ASP C 213 77.53 -16.98 -20.43
N GLU C 214 78.15 -17.35 -19.31
CA GLU C 214 79.05 -18.50 -19.26
C GLU C 214 78.35 -19.70 -18.61
N ARG C 215 78.77 -20.88 -19.01
CA ARG C 215 78.19 -22.11 -18.47
C ARG C 215 78.53 -22.26 -16.99
N PRO C 216 77.66 -22.91 -16.21
CA PRO C 216 77.92 -23.06 -14.78
C PRO C 216 79.23 -23.80 -14.47
N GLU C 217 79.57 -24.82 -15.26
CA GLU C 217 80.82 -25.53 -15.02
C GLU C 217 82.03 -24.67 -15.36
N GLU C 218 81.88 -23.75 -16.31
CA GLU C 218 82.98 -22.84 -16.63
C GLU C 218 83.23 -21.84 -15.51
N VAL C 219 82.17 -21.40 -14.82
CA VAL C 219 82.33 -20.47 -13.71
C VAL C 219 83.06 -21.13 -12.56
N THR C 220 82.70 -22.39 -12.25
CA THR C 220 83.33 -23.08 -11.13
C THR C 220 84.82 -23.30 -11.37
N GLU C 221 85.21 -23.65 -12.60
CA GLU C 221 86.62 -23.84 -12.91
C GLU C 221 87.39 -22.53 -12.77
N MET C 222 86.77 -21.42 -13.18
CA MET C 222 87.43 -20.12 -13.09
C MET C 222 87.70 -19.75 -11.63
N GLN C 223 86.75 -20.01 -10.74
CA GLN C 223 86.94 -19.69 -9.33
C GLN C 223 88.08 -20.50 -8.73
N ARG C 224 88.15 -21.80 -9.06
CA ARG C 224 89.21 -22.63 -8.52
C ARG C 224 90.58 -22.23 -9.05
N LEU C 225 90.66 -21.79 -10.30
CA LEU C 225 91.96 -21.49 -10.92
C LEU C 225 92.42 -20.09 -10.55
N VAL C 226 91.54 -19.10 -10.65
CA VAL C 226 91.92 -17.71 -10.40
C VAL C 226 91.98 -17.47 -8.90
N LYS C 227 93.12 -16.93 -8.45
CA LYS C 227 93.31 -16.59 -7.03
C LYS C 227 92.88 -15.15 -6.81
N GLY C 228 91.56 -14.96 -6.75
CA GLY C 228 91.03 -13.63 -6.56
C GLY C 228 89.52 -13.66 -6.46
N GLU C 229 88.91 -12.50 -6.69
CA GLU C 229 87.45 -12.36 -6.64
C GLU C 229 86.89 -12.62 -8.03
N VAL C 230 86.05 -13.64 -8.15
CA VAL C 230 85.44 -14.02 -9.42
C VAL C 230 83.93 -13.95 -9.27
N VAL C 231 83.28 -13.19 -10.14
CA VAL C 231 81.83 -13.08 -10.17
C VAL C 231 81.37 -13.29 -11.60
N ALA C 232 80.28 -14.04 -11.77
CA ALA C 232 79.81 -14.38 -13.10
C ALA C 232 78.29 -14.57 -13.07
N SER C 233 77.69 -14.47 -14.25
CA SER C 233 76.25 -14.67 -14.42
C SER C 233 76.03 -15.75 -15.48
N THR C 234 75.21 -16.74 -15.14
CA THR C 234 74.95 -17.84 -16.05
C THR C 234 73.98 -17.42 -17.14
N PHE C 235 73.92 -18.24 -18.21
CA PHE C 235 73.07 -17.92 -19.35
C PHE C 235 71.58 -17.99 -19.00
N ASP C 236 71.21 -18.92 -18.10
CA ASP C 236 69.80 -19.07 -17.76
C ASP C 236 69.24 -17.86 -17.03
N GLU C 237 70.10 -17.06 -16.39
CA GLU C 237 69.64 -15.86 -15.71
C GLU C 237 69.17 -14.83 -16.73
N PRO C 238 68.22 -13.97 -16.36
CA PRO C 238 67.69 -12.99 -17.31
C PRO C 238 68.73 -11.94 -17.68
N ALA C 239 68.45 -11.26 -18.80
CA ALA C 239 69.36 -10.23 -19.28
C ALA C 239 69.50 -9.08 -18.29
N SER C 240 68.46 -8.82 -17.50
CA SER C 240 68.55 -7.78 -16.48
C SER C 240 69.56 -8.14 -15.40
N ARG C 241 69.70 -9.43 -15.10
CA ARG C 241 70.71 -9.87 -14.14
C ARG C 241 72.12 -9.57 -14.65
N HIS C 242 72.35 -9.74 -15.95
CA HIS C 242 73.65 -9.45 -16.53
C HIS C 242 73.99 -7.97 -16.39
N VAL C 243 73.00 -7.09 -16.61
CA VAL C 243 73.22 -5.65 -16.46
C VAL C 243 73.51 -5.32 -15.00
N GLN C 244 72.76 -5.92 -14.07
CA GLN C 244 72.93 -5.60 -12.66
C GLN C 244 74.33 -5.95 -12.15
N VAL C 245 74.84 -7.13 -12.54
CA VAL C 245 76.17 -7.53 -12.09
C VAL C 245 77.27 -6.73 -12.78
N ALA C 246 77.05 -6.34 -14.04
CA ALA C 246 78.08 -5.58 -14.77
C ALA C 246 78.32 -4.22 -14.12
N GLU C 247 77.24 -3.52 -13.74
CA GLU C 247 77.40 -2.24 -13.07
C GLU C 247 77.98 -2.40 -11.68
N MET C 248 77.72 -3.54 -11.03
CA MET C 248 78.23 -3.78 -9.69
C MET C 248 79.76 -3.86 -9.68
N VAL C 249 80.33 -4.52 -10.68
CA VAL C 249 81.79 -4.71 -10.72
C VAL C 249 82.49 -3.39 -10.94
N ILE C 250 82.02 -2.60 -11.90
CA ILE C 250 82.71 -1.35 -12.24
C ILE C 250 82.56 -0.32 -11.12
N GLU C 251 81.38 -0.25 -10.50
CA GLU C 251 81.18 0.68 -9.39
C GLU C 251 82.06 0.30 -8.20
N LYS C 252 82.18 -1.00 -7.92
CA LYS C 252 83.07 -1.44 -6.85
C LYS C 252 84.52 -1.09 -7.17
N ALA C 253 84.93 -1.27 -8.42
CA ALA C 253 86.30 -0.94 -8.81
C ALA C 253 86.60 0.54 -8.65
N LYS C 254 85.65 1.40 -9.04
CA LYS C 254 85.87 2.84 -8.95
C LYS C 254 86.10 3.28 -7.51
N ARG C 255 85.33 2.73 -6.57
CA ARG C 255 85.51 3.08 -5.17
C ARG C 255 86.89 2.66 -4.67
N LEU C 256 87.35 1.49 -5.07
CA LEU C 256 88.68 1.04 -4.67
C LEU C 256 89.78 1.91 -5.27
N VAL C 257 89.59 2.39 -6.49
CA VAL C 257 90.57 3.24 -7.13
C VAL C 257 90.72 4.56 -6.37
N GLU C 258 89.60 5.08 -5.85
CA GLU C 258 89.65 6.32 -5.08
C GLU C 258 90.48 6.19 -3.82
N HIS C 259 90.69 4.97 -3.31
CA HIS C 259 91.50 4.72 -2.13
C HIS C 259 92.95 4.38 -2.47
N LYS C 260 93.46 4.90 -3.59
CA LYS C 260 94.85 4.69 -4.01
C LYS C 260 95.17 3.21 -4.18
N LYS C 261 94.24 2.44 -4.73
CA LYS C 261 94.43 1.03 -4.99
C LYS C 261 94.32 0.75 -6.49
N ASP C 262 95.00 -0.32 -6.93
CA ASP C 262 95.01 -0.73 -8.33
C ASP C 262 94.07 -1.92 -8.51
N VAL C 263 93.15 -1.80 -9.47
CA VAL C 263 92.16 -2.83 -9.74
C VAL C 263 92.32 -3.27 -11.19
N ILE C 264 92.37 -4.58 -11.39
CA ILE C 264 92.46 -5.18 -12.73
C ILE C 264 91.19 -5.99 -12.96
N ILE C 265 90.50 -5.71 -14.07
CA ILE C 265 89.23 -6.35 -14.40
C ILE C 265 89.41 -7.13 -15.69
N LEU C 266 89.07 -8.42 -15.65
CA LEU C 266 89.06 -9.27 -16.84
C LEU C 266 87.62 -9.42 -17.32
N LEU C 267 87.30 -8.78 -18.42
CA LEU C 267 85.93 -8.73 -18.94
C LEU C 267 85.75 -9.79 -20.02
N ASP C 268 84.63 -10.51 -19.94
CA ASP C 268 84.28 -11.53 -20.94
C ASP C 268 82.78 -11.69 -20.91
N SER C 269 82.09 -11.18 -21.95
CA SER C 269 82.69 -10.50 -23.09
C SER C 269 81.92 -9.23 -23.42
N ILE C 270 82.58 -8.31 -24.14
CA ILE C 270 81.92 -7.07 -24.54
C ILE C 270 80.72 -7.36 -25.44
N THR C 271 80.89 -8.29 -26.39
CA THR C 271 79.77 -8.66 -27.25
C THR C 271 78.62 -9.25 -26.44
N ARG C 272 78.93 -10.13 -25.48
CA ARG C 272 77.90 -10.66 -24.60
C ARG C 272 77.32 -9.56 -23.71
N LEU C 273 78.17 -8.68 -23.20
CA LEU C 273 77.68 -7.58 -22.37
C LEU C 273 76.79 -6.63 -23.17
N ALA C 274 77.18 -6.30 -24.39
CA ALA C 274 76.35 -5.45 -25.24
C ALA C 274 75.05 -6.14 -25.62
N ARG C 275 75.06 -7.47 -25.68
CA ARG C 275 73.83 -8.21 -26.00
C ARG C 275 72.77 -8.00 -24.93
N ALA C 276 73.15 -8.06 -23.65
CA ALA C 276 72.19 -7.85 -22.58
C ALA C 276 71.78 -6.38 -22.50
N TYR C 277 72.71 -5.46 -22.71
CA TYR C 277 72.39 -4.04 -22.63
C TYR C 277 71.38 -3.63 -23.69
N ASN C 278 71.50 -4.17 -24.90
CA ASN C 278 70.59 -3.82 -25.97
C ASN C 278 69.16 -4.26 -25.65
N THR C 279 69.00 -5.44 -25.07
CA THR C 279 67.67 -5.95 -24.75
C THR C 279 67.03 -5.18 -23.61
N VAL C 280 67.81 -4.84 -22.57
CA VAL C 280 67.26 -4.20 -21.39
C VAL C 280 66.75 -2.80 -21.71
N VAL C 281 67.51 -2.03 -22.46
CA VAL C 281 67.12 -0.64 -22.74
C VAL C 281 65.84 -0.63 -23.58
N PRO C 282 64.86 0.19 -23.24
CA PRO C 282 63.64 0.25 -24.06
C PRO C 282 63.90 0.85 -25.42
N ALA C 283 63.09 0.44 -26.39
CA ALA C 283 63.23 0.94 -27.75
C ALA C 283 62.88 2.42 -27.83
N SER C 284 63.68 3.15 -28.60
CA SER C 284 63.46 4.58 -28.79
C SER C 284 62.63 4.90 -30.02
N GLY C 285 62.10 3.87 -30.70
CA GLY C 285 61.32 4.06 -31.90
C GLY C 285 62.11 4.02 -33.19
N LYS C 286 63.44 3.99 -33.12
CA LYS C 286 64.30 3.91 -34.29
C LYS C 286 65.25 2.73 -34.14
N VAL C 287 65.34 1.90 -35.17
CA VAL C 287 66.18 0.71 -35.17
C VAL C 287 67.26 0.89 -36.23
N LEU C 288 68.51 0.73 -35.83
CA LEU C 288 69.64 0.84 -36.73
C LEU C 288 69.96 -0.53 -37.34
N THR C 289 71.09 -0.63 -38.02
CA THR C 289 71.49 -1.89 -38.63
C THR C 289 71.83 -2.91 -37.55
N GLY C 290 71.37 -4.14 -37.75
CA GLY C 290 71.62 -5.21 -36.80
C GLY C 290 70.73 -5.22 -35.59
N GLY C 291 69.73 -4.35 -35.53
CA GLY C 291 68.84 -4.30 -34.39
C GLY C 291 69.44 -3.72 -33.14
N VAL C 292 70.50 -2.93 -33.26
CA VAL C 292 71.17 -2.33 -32.11
C VAL C 292 70.93 -0.82 -32.18
N ASP C 293 70.36 -0.28 -31.10
CA ASP C 293 70.10 1.16 -31.03
C ASP C 293 71.39 1.90 -30.69
N ALA C 294 71.42 3.18 -31.07
CA ALA C 294 72.59 4.01 -30.76
C ALA C 294 72.77 4.17 -29.26
N ASN C 295 71.67 4.38 -28.53
CA ASN C 295 71.76 4.51 -27.07
C ASN C 295 72.01 3.17 -26.38
N ALA C 296 71.73 2.05 -27.06
CA ALA C 296 71.94 0.75 -26.46
C ALA C 296 73.41 0.49 -26.17
N LEU C 297 74.29 0.88 -27.09
CA LEU C 297 75.73 0.68 -26.94
C LEU C 297 76.40 1.80 -26.15
N HIS C 298 75.64 2.80 -25.71
CA HIS C 298 76.21 3.85 -24.86
C HIS C 298 76.67 3.28 -23.53
N ARG C 299 75.87 2.37 -22.94
CA ARG C 299 76.24 1.79 -21.65
C ARG C 299 77.54 0.98 -21.71
N PRO C 300 77.77 0.10 -22.69
CA PRO C 300 79.08 -0.59 -22.76
C PRO C 300 80.24 0.37 -22.93
N LYS C 301 80.04 1.49 -23.65
CA LYS C 301 81.11 2.47 -23.81
C LYS C 301 81.51 3.08 -22.47
N ARG C 302 80.53 3.38 -21.62
CA ARG C 302 80.83 3.89 -20.29
C ARG C 302 81.59 2.86 -19.47
N PHE C 303 81.18 1.60 -19.54
CA PHE C 303 81.84 0.55 -18.77
C PHE C 303 83.27 0.33 -19.26
N PHE C 304 83.47 0.28 -20.58
CA PHE C 304 84.78 0.00 -21.13
C PHE C 304 85.72 1.19 -20.99
N GLY C 305 85.19 2.41 -21.11
CA GLY C 305 86.04 3.59 -21.07
C GLY C 305 86.51 3.98 -19.69
N ALA C 306 86.02 3.33 -18.64
CA ALA C 306 86.39 3.67 -17.28
C ALA C 306 87.82 3.31 -16.93
N ALA C 307 88.50 2.52 -17.77
CA ALA C 307 89.88 2.12 -17.50
C ALA C 307 90.79 3.34 -17.64
N ARG C 308 91.25 3.85 -16.50
CA ARG C 308 92.08 5.06 -16.47
C ARG C 308 93.24 4.85 -15.51
N ASN C 309 94.30 5.62 -15.75
CA ASN C 309 95.48 5.64 -14.86
C ASN C 309 95.44 6.95 -14.10
N VAL C 310 95.14 6.88 -12.80
CA VAL C 310 94.97 8.07 -12.00
C VAL C 310 96.32 8.71 -11.71
N GLU C 311 96.43 10.00 -11.98
CA GLU C 311 97.66 10.73 -11.66
C GLU C 311 97.90 10.80 -10.16
N GLU C 312 96.84 11.04 -9.39
CA GLU C 312 96.98 11.15 -7.93
C GLU C 312 97.45 9.83 -7.32
N GLY C 313 96.92 8.71 -7.80
CA GLY C 313 97.30 7.42 -7.28
C GLY C 313 96.34 6.31 -7.66
N GLY C 314 96.87 5.12 -7.92
CA GLY C 314 96.05 3.99 -8.32
C GLY C 314 95.75 4.00 -9.81
N SER C 315 95.17 2.89 -10.25
CA SER C 315 94.82 2.73 -11.67
C SER C 315 93.73 1.67 -11.78
N LEU C 316 93.02 1.71 -12.90
CA LEU C 316 91.98 0.74 -13.23
C LEU C 316 92.30 0.13 -14.58
N THR C 317 92.64 -1.16 -14.59
CA THR C 317 92.99 -1.88 -15.81
C THR C 317 91.82 -2.80 -16.19
N ILE C 318 91.33 -2.64 -17.41
CA ILE C 318 90.22 -3.42 -17.93
C ILE C 318 90.69 -4.17 -19.17
N ILE C 319 90.57 -5.50 -19.13
CA ILE C 319 90.91 -6.35 -20.27
C ILE C 319 89.64 -7.08 -20.69
N ALA C 320 89.25 -6.89 -21.95
CA ALA C 320 88.00 -7.43 -22.46
C ALA C 320 88.27 -8.34 -23.65
N THR C 321 87.26 -9.14 -24.00
CA THR C 321 87.32 -10.05 -25.13
C THR C 321 86.22 -9.71 -26.12
N ALA C 322 86.56 -9.75 -27.41
CA ALA C 322 85.62 -9.46 -28.48
C ALA C 322 85.46 -10.69 -29.36
N LEU C 323 84.21 -11.03 -29.68
CA LEU C 323 83.90 -12.20 -30.50
C LEU C 323 83.64 -11.77 -31.93
N ILE C 324 84.33 -12.42 -32.88
CA ILE C 324 84.15 -12.15 -34.29
C ILE C 324 83.95 -13.47 -35.02
N ASP C 325 83.40 -13.38 -36.24
CA ASP C 325 83.17 -14.54 -37.09
C ASP C 325 82.30 -15.59 -36.39
N THR C 326 81.29 -15.12 -35.65
CA THR C 326 80.38 -15.99 -34.93
C THR C 326 79.12 -16.30 -35.72
N GLY C 327 79.01 -15.81 -36.95
CA GLY C 327 77.84 -16.05 -37.77
C GLY C 327 76.68 -15.10 -37.52
N SER C 328 76.87 -14.14 -36.61
CA SER C 328 75.79 -13.19 -36.25
C SER C 328 76.21 -11.76 -36.60
N LYS C 329 75.47 -11.11 -37.50
CA LYS C 329 75.81 -9.73 -37.93
C LYS C 329 75.76 -8.82 -36.71
N MET C 330 74.70 -8.93 -35.90
CA MET C 330 74.56 -8.03 -34.75
C MET C 330 75.92 -7.96 -34.05
N ASP C 331 76.56 -9.12 -33.85
CA ASP C 331 77.83 -9.10 -33.11
C ASP C 331 78.92 -8.36 -33.88
N GLU C 332 78.88 -8.41 -35.21
CA GLU C 332 79.87 -7.70 -36.00
C GLU C 332 79.77 -6.19 -35.83
N VAL C 333 78.55 -5.66 -35.74
CA VAL C 333 78.36 -4.22 -35.57
C VAL C 333 78.94 -3.76 -34.24
N ILE C 334 78.79 -4.58 -33.20
CA ILE C 334 79.33 -4.24 -31.88
C ILE C 334 80.84 -4.12 -31.95
N TYR C 335 81.50 -5.04 -32.65
CA TYR C 335 82.95 -5.02 -32.74
C TYR C 335 83.46 -3.78 -33.46
N GLU C 336 82.74 -3.35 -34.50
CA GLU C 336 83.19 -2.21 -35.31
C GLU C 336 83.27 -0.93 -34.49
N GLU C 337 82.28 -0.69 -33.63
CA GLU C 337 82.29 0.52 -32.83
C GLU C 337 83.34 0.46 -31.71
N PHE C 338 83.81 -0.75 -31.38
CA PHE C 338 84.80 -0.95 -30.33
C PHE C 338 86.19 -1.25 -30.89
N LYS C 339 86.51 -0.74 -32.07
CA LYS C 339 87.82 -0.98 -32.67
C LYS C 339 88.86 0.00 -32.11
N GLY C 340 88.66 1.29 -32.36
CA GLY C 340 89.62 2.30 -31.97
C GLY C 340 89.52 2.79 -30.54
N THR C 341 88.71 2.12 -29.71
CA THR C 341 88.54 2.54 -28.33
C THR C 341 89.61 1.97 -27.40
N GLY C 342 90.37 0.98 -27.87
CA GLY C 342 91.31 0.29 -26.97
C GLY C 342 92.72 0.84 -27.00
N ASN C 343 93.44 0.73 -25.88
CA ASN C 343 94.86 1.18 -25.84
C ASN C 343 95.71 0.16 -26.60
N MET C 344 95.43 -1.13 -26.40
CA MET C 344 96.23 -2.19 -27.07
C MET C 344 95.29 -3.25 -27.66
N GLU C 345 95.65 -3.82 -28.81
CA GLU C 345 94.80 -4.82 -29.43
C GLU C 345 95.51 -6.17 -29.47
N LEU C 346 94.76 -7.23 -29.17
CA LEU C 346 95.27 -8.60 -29.22
C LEU C 346 94.32 -9.40 -30.08
N HIS C 347 94.69 -9.64 -31.33
CA HIS C 347 93.83 -10.32 -32.29
C HIS C 347 94.26 -11.79 -32.41
N LEU C 348 93.31 -12.69 -32.21
CA LEU C 348 93.55 -14.11 -32.35
C LEU C 348 93.10 -14.60 -33.72
N SER C 349 93.70 -15.69 -34.18
CA SER C 349 93.41 -16.25 -35.49
C SER C 349 92.94 -17.68 -35.33
N ARG C 350 91.80 -18.00 -35.95
CA ARG C 350 91.28 -19.36 -35.89
C ARG C 350 92.17 -20.33 -36.66
N LYS C 351 92.74 -19.87 -37.78
CA LYS C 351 93.56 -20.74 -38.62
C LYS C 351 94.78 -21.25 -37.86
N ILE C 352 95.39 -20.40 -37.04
CA ILE C 352 96.54 -20.83 -36.24
C ILE C 352 96.12 -21.92 -35.25
N ALA C 353 94.95 -21.76 -34.63
CA ALA C 353 94.45 -22.79 -33.71
C ALA C 353 94.16 -24.09 -34.44
N GLU C 354 93.77 -24.02 -35.71
CA GLU C 354 93.52 -25.23 -36.49
C GLU C 354 94.79 -26.04 -36.72
N LYS C 355 95.96 -25.42 -36.59
CA LYS C 355 97.23 -26.11 -36.76
C LYS C 355 97.76 -26.68 -35.45
N ARG C 356 96.97 -26.64 -34.38
CA ARG C 356 97.37 -27.13 -33.06
C ARG C 356 98.62 -26.43 -32.55
N VAL C 357 98.71 -25.13 -32.84
CA VAL C 357 99.79 -24.29 -32.35
C VAL C 357 99.19 -23.24 -31.44
N PHE C 358 99.70 -23.16 -30.20
CA PHE C 358 99.17 -22.24 -29.22
C PHE C 358 100.30 -21.43 -28.59
N PRO C 359 100.04 -20.16 -28.24
CA PRO C 359 98.77 -19.44 -28.38
C PRO C 359 98.53 -18.95 -29.80
N ALA C 360 97.28 -18.97 -30.27
CA ALA C 360 96.94 -18.53 -31.62
C ALA C 360 96.79 -17.02 -31.61
N ILE C 361 97.93 -16.34 -31.64
CA ILE C 361 98.00 -14.89 -31.57
C ILE C 361 98.60 -14.36 -32.87
N ASP C 362 97.92 -13.39 -33.48
CA ASP C 362 98.42 -12.74 -34.70
C ASP C 362 99.41 -11.66 -34.27
N TYR C 363 100.71 -11.96 -34.40
CA TYR C 363 101.73 -11.02 -33.95
C TYR C 363 101.70 -9.73 -34.77
N ASN C 364 101.51 -9.84 -36.08
CA ASN C 364 101.48 -8.65 -36.92
C ASN C 364 100.29 -7.75 -36.58
N ARG C 365 99.12 -8.35 -36.36
CA ARG C 365 97.93 -7.57 -36.05
C ARG C 365 97.97 -6.99 -34.64
N SER C 366 98.55 -7.73 -33.69
CA SER C 366 98.61 -7.26 -32.32
C SER C 366 99.58 -6.09 -32.18
N GLY C 367 99.30 -5.24 -31.19
CA GLY C 367 100.14 -4.08 -30.96
C GLY C 367 99.66 -3.32 -29.74
N THR C 368 100.38 -2.25 -29.44
CA THR C 368 100.06 -1.40 -28.28
C THR C 368 100.48 0.03 -28.58
N ARG C 369 99.89 0.95 -27.83
CA ARG C 369 100.17 2.37 -27.96
C ARG C 369 100.96 2.86 -26.75
N LYS C 370 101.88 3.80 -27.00
CA LYS C 370 102.71 4.40 -25.95
C LYS C 370 103.46 3.33 -25.16
N GLU C 371 104.07 2.39 -25.89
CA GLU C 371 104.86 1.33 -25.27
C GLU C 371 106.18 1.85 -24.70
N GLU C 372 106.55 3.09 -25.02
CA GLU C 372 107.80 3.64 -24.49
C GLU C 372 107.74 3.78 -22.97
N LEU C 373 106.58 4.19 -22.44
CA LEU C 373 106.45 4.37 -21.00
C LEU C 373 106.52 3.03 -20.26
N LEU C 374 105.95 1.97 -20.82
CA LEU C 374 105.92 0.68 -20.13
C LEU C 374 107.29 0.03 -20.12
N THR C 375 107.83 -0.27 -21.30
CA THR C 375 109.12 -0.93 -21.40
C THR C 375 110.26 0.07 -21.18
N THR C 376 111.47 -0.45 -21.09
CA THR C 376 112.66 0.40 -20.93
C THR C 376 113.25 0.74 -22.29
N GLN C 377 114.28 1.58 -22.27
CA GLN C 377 114.93 1.99 -23.52
C GLN C 377 115.59 0.80 -24.20
N GLU C 378 116.27 -0.05 -23.42
CA GLU C 378 116.93 -1.21 -24.00
C GLU C 378 115.91 -2.25 -24.46
N GLU C 379 114.87 -2.48 -23.66
CA GLU C 379 113.87 -3.48 -24.00
C GLU C 379 113.06 -3.07 -25.22
N LEU C 380 112.76 -1.78 -25.35
CA LEU C 380 111.95 -1.31 -26.47
C LEU C 380 112.64 -1.55 -27.81
N GLN C 381 113.95 -1.30 -27.88
CA GLN C 381 114.67 -1.49 -29.13
C GLN C 381 114.69 -2.95 -29.56
N LYS C 382 114.83 -3.87 -28.59
CA LYS C 382 114.83 -5.29 -28.92
C LYS C 382 113.50 -5.72 -29.52
N MET C 383 112.39 -5.20 -29.00
CA MET C 383 111.08 -5.55 -29.55
C MET C 383 110.93 -5.05 -30.98
N TRP C 384 111.46 -3.86 -31.28
CA TRP C 384 111.39 -3.33 -32.64
C TRP C 384 112.15 -4.21 -33.62
N ILE C 385 113.32 -4.71 -33.21
CA ILE C 385 114.10 -5.60 -34.08
C ILE C 385 113.32 -6.88 -34.38
N LEU C 386 112.67 -7.45 -33.36
CA LEU C 386 111.90 -8.67 -33.56
C LEU C 386 110.74 -8.44 -34.52
N ARG C 387 110.04 -7.30 -34.40
CA ARG C 387 108.91 -7.02 -35.27
C ARG C 387 109.36 -6.88 -36.72
N LYS C 388 110.57 -6.36 -36.95
CA LYS C 388 111.07 -6.21 -38.31
C LYS C 388 111.22 -7.55 -39.00
N ILE C 389 111.70 -8.56 -38.28
CA ILE C 389 111.87 -9.89 -38.85
C ILE C 389 110.50 -10.55 -39.07
N ILE C 390 109.58 -10.39 -38.12
CA ILE C 390 108.29 -11.07 -38.19
C ILE C 390 107.43 -10.53 -39.32
N HIS C 391 107.48 -9.22 -39.57
CA HIS C 391 106.55 -8.58 -40.50
C HIS C 391 106.53 -9.21 -41.89
N PRO C 392 107.67 -9.49 -42.54
CA PRO C 392 107.59 -10.18 -43.85
C PRO C 392 106.94 -11.54 -43.78
N MET C 393 107.10 -12.26 -42.68
CA MET C 393 106.51 -13.58 -42.54
C MET C 393 105.00 -13.47 -42.38
N GLY C 394 104.31 -14.56 -42.72
CA GLY C 394 102.87 -14.59 -42.61
C GLY C 394 102.39 -14.68 -41.17
N GLU C 395 101.08 -14.50 -41.00
CA GLU C 395 100.48 -14.56 -39.66
C GLU C 395 100.56 -15.95 -39.06
N ILE C 396 100.68 -17.00 -39.87
CA ILE C 396 100.75 -18.36 -39.36
C ILE C 396 102.19 -18.82 -39.17
N ASP C 397 103.06 -18.52 -40.14
CA ASP C 397 104.46 -18.95 -40.06
C ASP C 397 105.21 -18.23 -38.94
N ALA C 398 104.72 -17.07 -38.50
CA ALA C 398 105.42 -16.32 -37.45
C ALA C 398 105.35 -17.02 -36.10
N MET C 399 104.27 -17.77 -35.84
CA MET C 399 104.09 -18.38 -34.53
C MET C 399 105.08 -19.53 -34.32
N GLU C 400 105.06 -20.51 -35.22
CA GLU C 400 105.98 -21.65 -35.07
C GLU C 400 107.44 -21.20 -35.12
N PHE C 401 107.73 -20.13 -35.86
CA PHE C 401 109.05 -19.54 -35.82
C PHE C 401 109.37 -19.01 -34.43
N LEU C 402 108.40 -18.34 -33.80
CA LEU C 402 108.62 -17.78 -32.47
C LEU C 402 108.57 -18.86 -31.38
N ILE C 403 107.74 -19.88 -31.58
CA ILE C 403 107.55 -20.89 -30.54
C ILE C 403 108.83 -21.68 -30.30
N ASN C 404 109.48 -22.13 -31.38
CA ASN C 404 110.71 -22.92 -31.23
C ASN C 404 111.82 -22.10 -30.60
N LYS C 405 111.93 -20.82 -30.97
CA LYS C 405 112.95 -19.97 -30.38
C LYS C 405 112.73 -19.80 -28.88
N LEU C 406 111.48 -19.59 -28.46
CA LEU C 406 111.19 -19.43 -27.05
C LEU C 406 111.25 -20.77 -26.31
N ALA C 407 111.01 -21.88 -27.02
CA ALA C 407 111.03 -23.18 -26.37
C ALA C 407 112.40 -23.54 -25.82
N MET C 408 113.46 -23.24 -26.57
CA MET C 408 114.81 -23.58 -26.16
C MET C 408 115.50 -22.50 -25.34
N THR C 409 114.79 -21.40 -25.04
CA THR C 409 115.33 -20.34 -24.20
C THR C 409 114.62 -20.32 -22.86
N LYS C 410 115.37 -19.97 -21.81
CA LYS C 410 114.81 -19.95 -20.46
C LYS C 410 113.88 -18.75 -20.27
N THR C 411 114.40 -17.55 -20.46
CA THR C 411 113.64 -16.31 -20.30
C THR C 411 113.64 -15.53 -21.60
N ASN C 412 112.85 -14.45 -21.62
CA ASN C 412 112.79 -13.59 -22.79
C ASN C 412 114.12 -12.88 -23.03
N ASP C 413 114.89 -12.63 -21.96
CA ASP C 413 116.20 -12.02 -22.13
C ASP C 413 117.13 -12.91 -22.93
N ASP C 414 117.10 -14.23 -22.66
CA ASP C 414 117.91 -15.16 -23.43
C ASP C 414 117.48 -15.20 -24.90
N PHE C 415 116.17 -15.11 -25.15
CA PHE C 415 115.69 -15.05 -26.52
C PHE C 415 116.14 -13.77 -27.21
N PHE C 416 116.11 -12.65 -26.49
CA PHE C 416 116.49 -11.37 -27.09
C PHE C 416 117.94 -11.34 -27.52
N GLU C 417 118.85 -11.87 -26.69
CA GLU C 417 120.26 -11.86 -27.04
C GLU C 417 120.56 -12.84 -28.17
N MET C 418 119.75 -13.88 -28.32
CA MET C 418 119.92 -14.80 -29.45
C MET C 418 119.62 -14.13 -30.79
N MET C 419 118.56 -13.32 -30.84
CA MET C 419 118.24 -12.61 -32.08
C MET C 419 119.32 -11.60 -32.44
N LYS C 420 120.06 -11.10 -31.44
CA LYS C 420 121.13 -10.14 -31.71
C LYS C 420 122.26 -10.78 -32.50
N ARG C 421 122.41 -12.11 -32.41
CA ARG C 421 123.45 -12.78 -33.17
C ARG C 421 123.24 -12.63 -34.67
N SER C 422 122.00 -12.75 -35.13
CA SER C 422 121.68 -12.62 -36.54
C SER C 422 121.69 -11.16 -36.98
N MET D 4 46.75 -55.82 -6.34
CA MET D 4 47.21 -55.47 -5.00
C MET D 4 48.25 -54.36 -5.05
N ASN D 5 49.10 -54.39 -6.09
CA ASN D 5 50.17 -53.42 -6.26
C ASN D 5 49.86 -52.57 -7.49
N LEU D 6 49.93 -51.24 -7.31
CA LEU D 6 49.52 -50.33 -8.38
C LEU D 6 50.46 -50.40 -9.57
N THR D 7 51.78 -50.48 -9.33
CA THR D 7 52.74 -50.43 -10.41
C THR D 7 52.62 -51.64 -11.34
N GLU D 8 52.44 -52.83 -10.76
CA GLU D 8 52.33 -54.03 -11.58
C GLU D 8 51.00 -54.12 -12.32
N LEU D 9 49.95 -53.46 -11.80
CA LEU D 9 48.64 -53.53 -12.45
C LEU D 9 48.61 -52.72 -13.74
N LYS D 10 49.29 -51.58 -13.77
CA LYS D 10 49.31 -50.77 -14.98
C LYS D 10 50.15 -51.40 -16.08
N ASN D 11 51.20 -52.14 -15.71
CA ASN D 11 52.05 -52.77 -16.71
C ASN D 11 51.37 -53.96 -17.38
N THR D 12 50.30 -54.49 -16.79
CA THR D 12 49.59 -55.60 -17.40
C THR D 12 48.88 -55.16 -18.68
N PRO D 13 48.73 -56.05 -19.65
CA PRO D 13 48.03 -55.69 -20.89
C PRO D 13 46.57 -55.36 -20.62
N VAL D 14 46.01 -54.52 -21.49
CA VAL D 14 44.62 -54.10 -21.33
C VAL D 14 43.68 -55.29 -21.46
N SER D 15 44.00 -56.22 -22.36
CA SER D 15 43.16 -57.40 -22.53
C SER D 15 43.09 -58.24 -21.26
N GLU D 16 44.24 -58.43 -20.60
CA GLU D 16 44.25 -59.14 -19.34
C GLU D 16 43.58 -58.34 -18.23
N LEU D 17 43.63 -57.01 -18.31
CA LEU D 17 43.02 -56.17 -17.28
C LEU D 17 41.51 -56.37 -17.22
N ILE D 18 40.86 -56.49 -18.38
CA ILE D 18 39.42 -56.72 -18.41
C ILE D 18 39.10 -58.08 -17.80
N THR D 19 39.86 -59.11 -18.14
CA THR D 19 39.60 -60.46 -17.63
C THR D 19 39.73 -60.51 -16.11
N LEU D 20 40.72 -59.81 -15.55
CA LEU D 20 40.91 -59.81 -14.11
C LEU D 20 39.70 -59.20 -13.40
N GLY D 21 39.16 -58.11 -13.95
CA GLY D 21 38.02 -57.46 -13.30
C GLY D 21 36.71 -58.20 -13.46
N GLU D 22 36.58 -59.03 -14.50
CA GLU D 22 35.34 -59.75 -14.72
C GLU D 22 35.12 -60.81 -13.65
N ASN D 23 36.16 -61.61 -13.35
CA ASN D 23 36.03 -62.63 -12.32
C ASN D 23 35.91 -62.04 -10.93
N MET D 24 36.47 -60.84 -10.72
CA MET D 24 36.38 -60.20 -9.41
C MET D 24 34.93 -59.86 -9.05
N GLY D 25 34.16 -59.39 -10.04
CA GLY D 25 32.77 -59.06 -9.81
C GLY D 25 32.31 -57.83 -10.57
N LEU D 26 33.24 -57.10 -11.16
CA LEU D 26 32.90 -55.91 -11.91
C LEU D 26 32.35 -56.28 -13.29
N GLU D 27 31.66 -55.32 -13.89
CA GLU D 27 31.01 -55.52 -15.19
C GLU D 27 31.16 -54.26 -16.02
N ASN D 28 31.05 -54.44 -17.35
CA ASN D 28 31.10 -53.33 -18.31
C ASN D 28 32.42 -52.57 -18.23
N LEU D 29 33.52 -53.31 -18.03
CA LEU D 29 34.85 -52.71 -18.03
C LEU D 29 35.50 -52.70 -19.41
N ALA D 30 34.90 -53.35 -20.40
CA ALA D 30 35.55 -53.46 -21.71
C ALA D 30 35.53 -52.13 -22.46
N ARG D 31 34.40 -51.45 -22.49
CA ARG D 31 34.24 -50.24 -23.29
C ARG D 31 34.43 -48.99 -22.43
N MET D 32 35.64 -48.82 -21.93
CA MET D 32 36.00 -47.64 -21.16
C MET D 32 37.52 -47.52 -21.15
N ARG D 33 37.99 -46.33 -20.75
CA ARG D 33 39.43 -46.06 -20.76
C ARG D 33 40.15 -46.95 -19.75
N LYS D 34 41.41 -47.24 -20.05
CA LYS D 34 42.20 -48.12 -19.19
C LYS D 34 42.39 -47.51 -17.80
N GLN D 35 42.52 -46.19 -17.73
CA GLN D 35 42.72 -45.52 -16.45
C GLN D 35 41.52 -45.74 -15.53
N ASP D 36 40.30 -45.66 -16.09
CA ASP D 36 39.11 -45.88 -15.28
C ASP D 36 39.00 -47.33 -14.82
N ILE D 37 39.45 -48.27 -15.64
CA ILE D 37 39.40 -49.69 -15.26
C ILE D 37 40.26 -49.93 -14.03
N ILE D 38 41.46 -49.34 -13.99
CA ILE D 38 42.36 -49.53 -12.85
C ILE D 38 41.72 -48.97 -11.58
N PHE D 39 41.09 -47.80 -11.67
CA PHE D 39 40.40 -47.24 -10.51
C PHE D 39 39.26 -48.13 -10.06
N ALA D 40 38.49 -48.68 -11.02
CA ALA D 40 37.36 -49.54 -10.67
C ALA D 40 37.83 -50.82 -10.00
N ILE D 41 38.91 -51.44 -10.52
CA ILE D 41 39.41 -52.68 -9.95
C ILE D 41 39.92 -52.45 -8.53
N LEU D 42 40.68 -51.36 -8.33
CA LEU D 42 41.17 -51.04 -7.00
C LEU D 42 40.01 -50.75 -6.05
N LYS D 43 38.98 -50.07 -6.53
CA LYS D 43 37.82 -49.78 -5.69
C LYS D 43 37.13 -51.06 -5.21
N GLN D 44 36.93 -52.01 -6.13
CA GLN D 44 36.31 -53.28 -5.76
C GLN D 44 37.23 -54.08 -4.85
N HIS D 45 38.52 -54.11 -5.15
CA HIS D 45 39.46 -54.86 -4.33
C HIS D 45 39.61 -54.23 -2.94
N ALA D 46 39.39 -52.93 -2.82
CA ALA D 46 39.49 -52.27 -1.52
C ALA D 46 38.40 -52.73 -0.57
N LYS D 47 37.26 -53.18 -1.09
CA LYS D 47 36.17 -53.64 -0.24
C LYS D 47 36.56 -54.91 0.51
N SER D 48 37.47 -55.71 -0.03
CA SER D 48 37.90 -56.93 0.64
C SER D 48 38.74 -56.63 1.89
N GLY D 49 39.26 -55.41 2.02
CA GLY D 49 40.06 -55.05 3.16
C GLY D 49 41.55 -55.28 3.01
N GLU D 50 41.99 -55.92 1.93
CA GLU D 50 43.41 -56.15 1.72
C GLU D 50 44.13 -54.82 1.43
N ASP D 51 45.37 -54.75 1.91
CA ASP D 51 46.18 -53.55 1.69
C ASP D 51 46.55 -53.41 0.22
N ILE D 52 46.64 -52.15 -0.22
CA ILE D 52 46.96 -51.82 -1.61
C ILE D 52 48.24 -51.00 -1.62
N PHE D 53 49.20 -51.42 -2.44
CA PHE D 53 50.48 -50.73 -2.55
C PHE D 53 50.50 -49.84 -3.79
N GLY D 54 51.05 -48.65 -3.65
CA GLY D 54 51.11 -47.72 -4.76
C GLY D 54 52.41 -46.92 -4.74
N ASP D 55 52.78 -46.44 -5.93
CA ASP D 55 54.01 -45.67 -6.07
C ASP D 55 53.91 -44.80 -7.32
N GLY D 56 54.78 -43.82 -7.39
CA GLY D 56 54.80 -42.91 -8.53
C GLY D 56 55.68 -41.72 -8.24
N VAL D 57 55.57 -40.72 -9.12
CA VAL D 57 56.33 -39.48 -9.00
C VAL D 57 55.43 -38.42 -8.39
N LEU D 58 55.92 -37.78 -7.32
CA LEU D 58 55.14 -36.81 -6.57
C LEU D 58 55.34 -35.40 -7.15
N GLU D 59 54.24 -34.67 -7.31
CA GLU D 59 54.27 -33.28 -7.72
C GLU D 59 53.39 -32.48 -6.77
N ILE D 60 53.70 -31.19 -6.62
CA ILE D 60 52.98 -30.30 -5.71
C ILE D 60 52.30 -29.22 -6.55
N LEU D 61 51.00 -29.05 -6.34
CA LEU D 61 50.23 -28.04 -7.04
C LEU D 61 50.41 -26.68 -6.36
N GLN D 62 49.84 -25.64 -6.96
CA GLN D 62 49.97 -24.30 -6.42
C GLN D 62 49.12 -24.09 -5.16
N ASP D 63 48.01 -24.82 -5.03
CA ASP D 63 47.17 -24.68 -3.85
C ASP D 63 47.89 -25.16 -2.59
N GLY D 64 48.67 -26.24 -2.70
CA GLY D 64 49.39 -26.77 -1.56
C GLY D 64 49.35 -28.29 -1.50
N PHE D 65 48.27 -28.89 -1.96
CA PHE D 65 48.19 -30.34 -2.02
C PHE D 65 48.86 -30.85 -3.30
N GLY D 66 49.16 -32.15 -3.31
CA GLY D 66 49.84 -32.76 -4.41
C GLY D 66 49.19 -34.09 -4.81
N PHE D 67 49.67 -34.62 -5.93
CA PHE D 67 49.23 -35.90 -6.45
C PHE D 67 50.45 -36.73 -6.84
N LEU D 68 50.30 -38.05 -6.79
CA LEU D 68 51.38 -38.99 -7.10
C LEU D 68 51.17 -39.49 -8.52
N ARG D 69 51.75 -38.76 -9.48
CA ARG D 69 51.61 -39.12 -10.88
C ARG D 69 52.40 -40.39 -11.20
N SER D 70 51.96 -41.09 -12.24
CA SER D 70 52.60 -42.32 -12.69
C SER D 70 53.31 -42.06 -14.02
N ALA D 71 54.57 -42.53 -14.10
CA ALA D 71 55.35 -42.33 -15.32
C ALA D 71 54.86 -43.20 -16.47
N ASP D 72 54.08 -44.25 -16.18
CA ASP D 72 53.57 -45.11 -17.26
C ASP D 72 52.63 -44.37 -18.18
N SER D 73 51.77 -43.51 -17.64
CA SER D 73 50.83 -42.73 -18.43
C SER D 73 51.37 -41.36 -18.83
N SER D 74 52.69 -41.22 -18.89
CA SER D 74 53.35 -39.96 -19.23
C SER D 74 52.92 -38.83 -18.29
N TYR D 75 52.76 -39.16 -17.01
CA TYR D 75 52.38 -38.19 -15.98
C TYR D 75 51.08 -37.47 -16.33
N LEU D 76 50.11 -38.22 -16.85
CA LEU D 76 48.82 -37.66 -17.21
C LEU D 76 47.85 -37.77 -16.03
N ALA D 77 47.11 -36.70 -15.79
CA ALA D 77 46.14 -36.68 -14.71
C ALA D 77 45.05 -37.73 -14.95
N GLY D 78 44.73 -38.49 -13.91
CA GLY D 78 43.73 -39.52 -14.00
C GLY D 78 43.07 -39.83 -12.67
N PRO D 79 41.94 -40.54 -12.70
CA PRO D 79 41.26 -40.90 -11.46
C PRO D 79 42.07 -41.80 -10.55
N ASP D 80 43.06 -42.52 -11.09
CA ASP D 80 43.87 -43.45 -10.31
C ASP D 80 45.06 -42.78 -9.63
N ASP D 81 45.24 -41.48 -9.80
CA ASP D 81 46.34 -40.77 -9.16
C ASP D 81 46.15 -40.74 -7.64
N ILE D 82 47.25 -40.90 -6.93
CA ILE D 82 47.22 -40.95 -5.46
C ILE D 82 47.32 -39.54 -4.91
N TYR D 83 46.38 -39.18 -4.05
CA TYR D 83 46.35 -37.87 -3.42
C TYR D 83 47.08 -37.90 -2.09
N VAL D 84 47.86 -36.85 -1.82
CA VAL D 84 48.62 -36.73 -0.59
C VAL D 84 48.22 -35.41 0.09
N SER D 85 47.95 -35.49 1.39
CA SER D 85 47.58 -34.30 2.14
C SER D 85 48.81 -33.42 2.36
N PRO D 86 48.61 -32.09 2.47
CA PRO D 86 49.74 -31.21 2.78
C PRO D 86 50.39 -31.50 4.12
N SER D 87 49.68 -32.14 5.05
CA SER D 87 50.26 -32.46 6.35
C SER D 87 51.43 -33.43 6.21
N GLN D 88 51.29 -34.42 5.33
CA GLN D 88 52.37 -35.39 5.13
C GLN D 88 53.61 -34.71 4.54
N ILE D 89 53.42 -33.60 3.83
CA ILE D 89 54.56 -32.87 3.27
C ILE D 89 55.43 -32.29 4.37
N ARG D 90 54.83 -31.78 5.44
CA ARG D 90 55.61 -31.26 6.56
C ARG D 90 56.38 -32.36 7.27
N ARG D 91 55.75 -33.53 7.44
CA ARG D 91 56.43 -34.64 8.10
C ARG D 91 57.64 -35.10 7.30
N PHE D 92 57.50 -35.20 5.98
CA PHE D 92 58.58 -35.62 5.10
C PHE D 92 58.80 -34.60 4.00
N ASN D 93 59.95 -33.90 4.04
CA ASN D 93 60.26 -32.88 3.05
C ASN D 93 60.25 -33.47 1.65
N LEU D 94 59.21 -33.13 0.89
CA LEU D 94 59.06 -33.61 -0.48
C LEU D 94 58.87 -32.42 -1.42
N ARG D 95 59.46 -32.53 -2.61
CA ARG D 95 59.28 -31.55 -3.67
C ARG D 95 58.91 -32.27 -4.95
N THR D 96 58.58 -31.51 -5.98
CA THR D 96 58.22 -32.10 -7.26
C THR D 96 59.38 -32.91 -7.83
N GLY D 97 59.07 -34.13 -8.29
CA GLY D 97 60.04 -34.97 -8.95
C GLY D 97 60.38 -36.26 -8.22
N ASP D 98 60.33 -36.25 -6.89
CA ASP D 98 60.77 -37.40 -6.12
C ASP D 98 59.77 -38.55 -6.25
N THR D 99 60.25 -39.77 -6.03
CA THR D 99 59.42 -40.96 -6.09
C THR D 99 58.99 -41.35 -4.69
N ILE D 100 57.67 -41.55 -4.51
CA ILE D 100 57.09 -41.93 -3.24
C ILE D 100 56.38 -43.26 -3.40
N SER D 101 56.70 -44.21 -2.53
CA SER D 101 56.10 -45.54 -2.56
C SER D 101 55.60 -45.90 -1.16
N GLY D 102 54.39 -46.43 -1.09
CA GLY D 102 53.82 -46.82 0.18
C GLY D 102 52.39 -47.30 0.02
N LYS D 103 51.78 -47.62 1.15
CA LYS D 103 50.40 -48.09 1.17
C LYS D 103 49.44 -46.94 0.93
N ILE D 104 48.34 -47.24 0.24
CA ILE D 104 47.30 -46.26 -0.06
C ILE D 104 45.97 -46.77 0.48
N ARG D 105 45.23 -45.89 1.15
CA ARG D 105 43.94 -46.26 1.72
C ARG D 105 42.81 -46.04 0.72
N PRO D 106 41.72 -46.80 0.85
CA PRO D 106 40.57 -46.59 -0.03
C PRO D 106 40.02 -45.18 0.13
N PRO D 107 39.58 -44.55 -0.96
CA PRO D 107 39.03 -43.19 -0.87
C PRO D 107 37.65 -43.22 -0.22
N LYS D 108 37.47 -42.37 0.79
CA LYS D 108 36.18 -42.28 1.46
C LYS D 108 35.18 -41.52 0.59
N GLU D 109 33.96 -41.39 1.10
CA GLU D 109 32.93 -40.66 0.38
C GLU D 109 33.29 -39.17 0.31
N GLY D 110 33.06 -38.57 -0.85
CA GLY D 110 33.36 -37.17 -1.05
C GLY D 110 34.67 -36.90 -1.77
N GLU D 111 35.56 -37.88 -1.83
CA GLU D 111 36.83 -37.74 -2.53
C GLU D 111 36.91 -38.75 -3.67
N ARG D 112 37.55 -38.35 -4.76
CA ARG D 112 37.65 -39.16 -5.97
C ARG D 112 39.04 -39.72 -6.18
N TYR D 113 39.95 -39.56 -5.22
CA TYR D 113 41.33 -40.00 -5.38
C TYR D 113 41.77 -40.78 -4.16
N PHE D 114 42.64 -41.76 -4.37
CA PHE D 114 43.22 -42.52 -3.27
C PHE D 114 44.14 -41.63 -2.45
N ALA D 115 44.23 -41.94 -1.16
CA ALA D 115 45.06 -41.19 -0.23
C ALA D 115 46.18 -42.08 0.30
N LEU D 116 47.40 -41.53 0.35
CA LEU D 116 48.58 -42.32 0.80
C LEU D 116 48.46 -42.58 2.30
N LEU D 117 48.37 -43.86 2.70
CA LEU D 117 48.20 -44.21 4.13
C LEU D 117 49.55 -44.09 4.84
N LYS D 118 50.61 -44.60 4.23
CA LYS D 118 51.95 -44.58 4.88
C LYS D 118 53.04 -44.68 3.81
N VAL D 119 54.20 -44.07 4.02
CA VAL D 119 55.27 -44.10 3.04
C VAL D 119 56.47 -44.82 3.65
N ASN D 120 56.97 -45.83 2.94
CA ASN D 120 58.10 -46.62 3.41
C ASN D 120 59.28 -46.62 2.45
N GLU D 121 59.21 -45.85 1.38
CA GLU D 121 60.29 -45.83 0.39
C GLU D 121 60.26 -44.50 -0.34
N VAL D 122 61.32 -43.71 -0.20
CA VAL D 122 61.45 -42.42 -0.85
C VAL D 122 62.71 -42.42 -1.69
N ASN D 123 62.56 -42.22 -3.00
CA ASN D 123 63.68 -42.19 -3.94
C ASN D 123 64.53 -43.47 -3.83
N PHE D 124 63.84 -44.61 -3.73
CA PHE D 124 64.49 -45.91 -3.55
C PHE D 124 65.41 -45.91 -2.34
N ASP D 125 64.97 -45.27 -1.26
CA ASP D 125 65.76 -45.15 -0.05
C ASP D 125 64.83 -44.94 1.13
N LYS D 126 65.38 -45.09 2.33
CA LYS D 126 64.60 -44.88 3.55
C LYS D 126 64.17 -43.41 3.63
N PRO D 127 62.93 -43.14 4.01
CA PRO D 127 62.47 -41.73 4.06
C PRO D 127 63.28 -40.85 4.98
N GLU D 128 63.77 -41.40 6.10
CA GLU D 128 64.60 -40.61 7.01
C GLU D 128 65.91 -40.19 6.34
N ASN D 129 66.53 -41.10 5.59
CA ASN D 129 67.78 -40.77 4.91
C ASN D 129 67.58 -39.74 3.80
N ALA D 130 66.44 -39.79 3.11
CA ALA D 130 66.18 -38.84 2.05
C ALA D 130 66.01 -37.41 2.58
N ARG D 131 65.62 -37.27 3.85
CA ARG D 131 65.47 -35.95 4.45
C ARG D 131 66.79 -35.21 4.62
N ASN D 132 67.91 -35.92 4.66
CA ASN D 132 69.22 -35.31 4.86
C ASN D 132 69.98 -35.09 3.56
N LYS D 133 69.35 -35.33 2.42
CA LYS D 133 70.02 -35.17 1.13
C LYS D 133 70.29 -33.70 0.84
N ILE D 134 71.39 -33.39 0.16
CA ILE D 134 71.69 -31.94 -0.05
C ILE D 134 70.96 -31.49 -1.32
N LEU D 135 70.36 -30.29 -1.32
CA LEU D 135 69.57 -29.82 -2.50
C LEU D 135 70.48 -29.69 -3.73
N PHE D 136 69.97 -30.07 -4.90
CA PHE D 136 70.77 -30.05 -6.15
C PHE D 136 71.40 -28.67 -6.39
N GLU D 137 70.64 -27.59 -6.21
CA GLU D 137 71.17 -26.28 -6.56
C GLU D 137 72.41 -25.91 -5.76
N ASN D 138 72.61 -26.53 -4.59
CA ASN D 138 73.80 -26.25 -3.79
C ASN D 138 75.02 -27.02 -4.25
N LEU D 139 74.85 -28.00 -5.14
CA LEU D 139 75.98 -28.79 -5.62
C LEU D 139 76.84 -27.96 -6.59
N THR D 140 78.14 -28.24 -6.58
CA THR D 140 79.07 -27.51 -7.42
C THR D 140 79.28 -28.25 -8.73
N PRO D 141 78.89 -27.68 -9.88
CA PRO D 141 79.10 -28.36 -11.15
C PRO D 141 80.57 -28.36 -11.56
N LEU D 142 80.93 -29.34 -12.38
CA LEU D 142 82.26 -29.47 -12.93
C LEU D 142 82.18 -29.93 -14.37
N HIS D 143 83.32 -29.92 -15.05
CA HIS D 143 83.38 -30.40 -16.42
C HIS D 143 83.29 -31.92 -16.47
N ALA D 144 82.87 -32.44 -17.61
CA ALA D 144 82.72 -33.88 -17.78
C ALA D 144 84.08 -34.57 -17.75
N ASN D 145 84.14 -35.70 -17.04
CA ASN D 145 85.38 -36.47 -16.93
C ASN D 145 85.19 -37.96 -17.11
N SER D 146 83.96 -38.47 -17.15
CA SER D 146 83.69 -39.90 -17.29
C SER D 146 83.33 -40.18 -18.75
N ARG D 147 84.22 -40.86 -19.46
CA ARG D 147 84.00 -41.15 -20.87
C ARG D 147 82.93 -42.21 -21.04
N LEU D 148 81.97 -41.94 -21.92
CA LEU D 148 80.90 -42.87 -22.25
C LEU D 148 81.18 -43.47 -23.63
N ARG D 149 81.52 -44.76 -23.65
CA ARG D 149 81.85 -45.45 -24.89
C ARG D 149 80.57 -45.69 -25.70
N MET D 150 80.35 -44.86 -26.72
CA MET D 150 79.16 -44.99 -27.55
C MET D 150 79.27 -46.10 -28.58
N GLU D 151 80.48 -46.60 -28.83
CA GLU D 151 80.68 -47.65 -29.83
C GLU D 151 80.28 -49.01 -29.25
N ARG D 152 79.58 -49.79 -30.07
CA ARG D 152 79.15 -51.14 -29.70
C ARG D 152 79.92 -52.15 -30.56
N GLY D 153 80.59 -53.09 -29.90
CA GLY D 153 81.38 -54.07 -30.61
C GLY D 153 80.66 -55.39 -30.86
N ASN D 154 79.90 -55.84 -29.86
CA ASN D 154 79.22 -57.13 -29.97
C ASN D 154 78.17 -57.12 -31.07
N ASP D 155 77.43 -56.00 -31.22
CA ASP D 155 76.38 -55.93 -32.23
C ASP D 155 76.97 -56.03 -33.64
N SER D 156 78.02 -55.25 -33.91
CA SER D 156 78.69 -55.25 -35.22
C SER D 156 77.71 -55.00 -36.35
N THR D 157 76.77 -54.08 -36.12
CA THR D 157 75.75 -53.79 -37.11
C THR D 157 76.34 -53.00 -38.28
N GLU D 158 75.61 -52.98 -39.39
CA GLU D 158 76.05 -52.27 -40.57
C GLU D 158 76.02 -50.76 -40.37
N ASP D 159 75.27 -50.26 -39.39
CA ASP D 159 75.21 -48.83 -39.14
C ASP D 159 76.50 -48.37 -38.45
N LEU D 160 77.10 -47.31 -38.98
CA LEU D 160 78.33 -46.75 -38.44
C LEU D 160 78.09 -45.49 -37.63
N THR D 161 76.83 -45.22 -37.25
CA THR D 161 76.52 -43.99 -36.52
C THR D 161 77.23 -43.95 -35.17
N ALA D 162 77.24 -45.08 -34.45
CA ALA D 162 77.92 -45.13 -33.16
C ALA D 162 79.42 -44.88 -33.30
N ARG D 163 80.05 -45.48 -34.31
CA ARG D 163 81.47 -45.28 -34.52
C ARG D 163 81.79 -43.85 -34.90
N VAL D 164 80.97 -43.25 -35.77
CA VAL D 164 81.21 -41.87 -36.21
C VAL D 164 81.00 -40.90 -35.05
N LEU D 165 80.01 -41.16 -34.20
CA LEU D 165 79.70 -40.23 -33.12
C LEU D 165 80.87 -40.08 -32.16
N ASP D 166 81.54 -41.18 -31.82
CA ASP D 166 82.70 -41.11 -30.95
C ASP D 166 83.82 -40.31 -31.59
N LEU D 167 84.08 -40.53 -32.89
CA LEU D 167 85.13 -39.81 -33.57
C LEU D 167 84.79 -38.33 -33.75
N ALA D 168 83.54 -38.04 -34.13
CA ALA D 168 83.15 -36.65 -34.37
C ALA D 168 83.12 -35.85 -33.08
N SER D 169 82.46 -36.39 -32.04
CA SER D 169 82.32 -35.67 -30.78
C SER D 169 82.08 -36.64 -29.64
N PRO D 170 83.09 -36.94 -28.82
CA PRO D 170 82.88 -37.83 -27.68
C PRO D 170 81.88 -37.25 -26.69
N ILE D 171 81.11 -38.12 -26.07
CA ILE D 171 80.06 -37.74 -25.12
C ILE D 171 80.41 -38.33 -23.77
N GLY D 172 80.41 -37.49 -22.74
CA GLY D 172 80.67 -37.89 -21.38
C GLY D 172 79.47 -37.69 -20.46
N ARG D 173 79.69 -38.03 -19.19
CA ARG D 173 78.67 -37.85 -18.17
C ARG D 173 78.59 -36.38 -17.77
N GLY D 174 77.35 -35.87 -17.70
CA GLY D 174 77.15 -34.48 -17.35
C GLY D 174 77.29 -33.49 -18.48
N GLN D 175 77.32 -33.96 -19.72
CA GLN D 175 77.43 -33.09 -20.87
C GLN D 175 76.12 -32.32 -21.08
N ARG D 176 76.24 -31.13 -21.65
CA ARG D 176 75.12 -30.27 -21.97
C ARG D 176 75.08 -30.00 -23.47
N GLY D 177 75.30 -31.04 -24.26
CA GLY D 177 75.36 -30.87 -25.70
C GLY D 177 73.98 -30.74 -26.33
N LEU D 178 73.97 -30.24 -27.56
CA LEU D 178 72.75 -30.11 -28.35
C LEU D 178 73.03 -30.61 -29.77
N ILE D 179 71.96 -31.03 -30.44
CA ILE D 179 72.05 -31.57 -31.80
C ILE D 179 71.32 -30.62 -32.74
N VAL D 180 72.03 -30.16 -33.76
CA VAL D 180 71.44 -29.30 -34.79
C VAL D 180 71.07 -30.19 -35.96
N ALA D 181 69.77 -30.44 -36.13
CA ALA D 181 69.28 -31.40 -37.12
C ALA D 181 68.24 -30.74 -38.02
N PRO D 182 68.51 -30.58 -39.31
CA PRO D 182 67.46 -30.11 -40.23
C PRO D 182 66.38 -31.17 -40.40
N PRO D 183 65.19 -30.78 -40.85
CA PRO D 183 64.13 -31.78 -41.04
C PRO D 183 64.52 -32.82 -42.09
N LYS D 184 64.05 -34.04 -41.86
CA LYS D 184 64.33 -35.18 -42.74
C LYS D 184 65.83 -35.41 -42.88
N ALA D 185 66.53 -35.43 -41.74
CA ALA D 185 67.97 -35.68 -41.71
C ALA D 185 68.33 -36.82 -40.77
N GLY D 186 67.41 -37.75 -40.52
CA GLY D 186 67.66 -38.85 -39.62
C GLY D 186 67.86 -38.45 -38.17
N LYS D 187 67.10 -37.45 -37.71
CA LYS D 187 67.23 -37.01 -36.32
C LYS D 187 66.66 -38.05 -35.36
N THR D 188 65.51 -38.64 -35.72
CA THR D 188 64.87 -39.60 -34.82
C THR D 188 65.73 -40.85 -34.63
N MET D 189 66.30 -41.38 -35.72
CA MET D 189 67.12 -42.58 -35.61
C MET D 189 68.44 -42.28 -34.92
N LEU D 190 68.90 -41.02 -34.98
CA LEU D 190 70.13 -40.65 -34.29
C LEU D 190 69.99 -40.82 -32.79
N LEU D 191 68.86 -40.40 -32.23
CA LEU D 191 68.64 -40.55 -30.80
C LEU D 191 68.44 -42.01 -30.42
N GLN D 192 67.78 -42.78 -31.29
CA GLN D 192 67.55 -44.20 -31.00
C GLN D 192 68.85 -44.97 -30.92
N ASN D 193 69.78 -44.70 -31.83
CA ASN D 193 71.08 -45.40 -31.80
C ASN D 193 71.84 -45.07 -30.53
N ILE D 194 71.80 -43.80 -30.10
CA ILE D 194 72.47 -43.40 -28.85
C ILE D 194 71.85 -44.14 -27.67
N ALA D 195 70.51 -44.24 -27.66
CA ALA D 195 69.83 -44.91 -26.55
C ALA D 195 70.23 -46.38 -26.46
N GLN D 196 70.40 -47.05 -27.60
CA GLN D 196 70.79 -48.45 -27.59
C GLN D 196 72.16 -48.64 -26.95
N SER D 197 73.12 -47.78 -27.29
CA SER D 197 74.46 -47.89 -26.72
C SER D 197 74.46 -47.60 -25.22
N ILE D 198 73.69 -46.60 -24.78
CA ILE D 198 73.63 -46.26 -23.37
C ILE D 198 73.05 -47.42 -22.56
N ALA D 199 71.96 -48.01 -23.06
CA ALA D 199 71.34 -49.14 -22.37
C ALA D 199 72.21 -50.39 -22.41
N TYR D 200 73.19 -50.44 -23.31
CA TYR D 200 74.08 -51.59 -23.44
C TYR D 200 75.42 -51.38 -22.75
N ASN D 201 76.11 -50.28 -23.07
CA ASN D 201 77.44 -50.05 -22.52
C ASN D 201 77.38 -49.65 -21.05
N HIS D 202 76.37 -48.89 -20.65
CA HIS D 202 76.23 -48.40 -19.28
C HIS D 202 74.83 -48.71 -18.77
N PRO D 203 74.56 -49.98 -18.45
CA PRO D 203 73.24 -50.32 -17.88
C PRO D 203 72.96 -49.64 -16.55
N ASP D 204 73.99 -49.32 -15.78
CA ASP D 204 73.78 -48.70 -14.47
C ASP D 204 73.19 -47.30 -14.59
N CYS D 205 73.61 -46.56 -15.63
CA CYS D 205 73.11 -45.20 -15.81
C CYS D 205 71.63 -45.20 -16.14
N VAL D 206 70.90 -44.28 -15.52
CA VAL D 206 69.46 -44.16 -15.77
C VAL D 206 69.25 -43.35 -17.04
N LEU D 207 68.49 -43.92 -17.98
CA LEU D 207 68.21 -43.29 -19.27
C LEU D 207 66.75 -42.87 -19.30
N MET D 208 66.51 -41.59 -19.58
CA MET D 208 65.17 -41.04 -19.67
C MET D 208 65.03 -40.31 -21.01
N VAL D 209 63.95 -40.60 -21.72
CA VAL D 209 63.69 -40.03 -23.04
C VAL D 209 62.42 -39.18 -22.94
N LEU D 210 62.53 -37.91 -23.34
CA LEU D 210 61.40 -36.98 -23.35
C LEU D 210 61.17 -36.49 -24.76
N LEU D 211 59.94 -36.62 -25.24
CA LEU D 211 59.56 -36.20 -26.58
C LEU D 211 58.41 -35.21 -26.51
N ILE D 212 58.51 -34.15 -27.31
CA ILE D 212 57.51 -33.08 -27.33
C ILE D 212 56.93 -32.99 -28.74
N ASP D 213 55.60 -32.94 -28.82
CA ASP D 213 54.88 -32.76 -30.09
C ASP D 213 55.23 -33.86 -31.10
N GLU D 214 55.30 -35.09 -30.62
CA GLU D 214 55.57 -36.25 -31.47
C GLU D 214 54.30 -37.01 -31.77
N ARG D 215 54.29 -37.67 -32.93
CA ARG D 215 53.13 -38.45 -33.34
C ARG D 215 52.94 -39.66 -32.43
N PRO D 216 51.69 -40.11 -32.22
CA PRO D 216 51.47 -41.26 -31.33
C PRO D 216 52.19 -42.52 -31.77
N GLU D 217 52.29 -42.78 -33.07
CA GLU D 217 53.01 -43.97 -33.53
C GLU D 217 54.52 -43.84 -33.30
N GLU D 218 55.04 -42.61 -33.32
CA GLU D 218 56.45 -42.41 -33.04
C GLU D 218 56.77 -42.67 -31.57
N VAL D 219 55.84 -42.34 -30.66
CA VAL D 219 56.05 -42.58 -29.24
C VAL D 219 56.09 -44.08 -28.95
N THR D 220 55.18 -44.83 -29.56
CA THR D 220 55.12 -46.27 -29.33
C THR D 220 56.38 -46.97 -29.81
N GLU D 221 56.91 -46.58 -30.97
CA GLU D 221 58.15 -47.18 -31.46
C GLU D 221 59.31 -46.87 -30.53
N MET D 222 59.36 -45.66 -29.98
CA MET D 222 60.45 -45.28 -29.08
C MET D 222 60.43 -46.13 -27.82
N GLN D 223 59.25 -46.38 -27.27
CA GLN D 223 59.15 -47.20 -26.06
C GLN D 223 59.63 -48.63 -26.31
N ARG D 224 59.25 -49.20 -27.46
CA ARG D 224 59.67 -50.57 -27.78
C ARG D 224 61.17 -50.67 -28.01
N LEU D 225 61.77 -49.64 -28.61
CA LEU D 225 63.18 -49.69 -28.96
C LEU D 225 64.07 -49.33 -27.78
N VAL D 226 63.74 -48.26 -27.06
CA VAL D 226 64.57 -47.79 -25.97
C VAL D 226 64.32 -48.65 -24.73
N LYS D 227 65.40 -49.18 -24.15
CA LYS D 227 65.32 -49.99 -22.93
C LYS D 227 65.47 -49.07 -21.73
N GLY D 228 64.39 -48.36 -21.41
CA GLY D 228 64.43 -47.44 -20.30
C GLY D 228 63.09 -46.78 -20.10
N GLU D 229 63.10 -45.66 -19.39
CA GLU D 229 61.89 -44.90 -19.11
C GLU D 229 61.68 -43.87 -20.21
N VAL D 230 60.56 -43.99 -20.93
CA VAL D 230 60.23 -43.09 -22.03
C VAL D 230 58.91 -42.41 -21.71
N VAL D 231 58.90 -41.08 -21.74
CA VAL D 231 57.71 -40.28 -21.54
C VAL D 231 57.61 -39.26 -22.65
N ALA D 232 56.40 -39.06 -23.18
CA ALA D 232 56.22 -38.17 -24.31
C ALA D 232 54.82 -37.56 -24.26
N SER D 233 54.68 -36.45 -24.98
CA SER D 233 53.41 -35.75 -25.09
C SER D 233 53.05 -35.60 -26.56
N THR D 234 51.84 -35.99 -26.92
CA THR D 234 51.40 -35.92 -28.31
C THR D 234 51.04 -34.49 -28.70
N PHE D 235 50.96 -34.26 -30.01
CA PHE D 235 50.67 -32.92 -30.51
C PHE D 235 49.26 -32.47 -30.17
N ASP D 236 48.30 -33.40 -30.13
CA ASP D 236 46.91 -33.03 -29.84
C ASP D 236 46.73 -32.52 -28.43
N GLU D 237 47.63 -32.87 -27.51
CA GLU D 237 47.54 -32.38 -26.15
C GLU D 237 47.84 -30.89 -26.10
N PRO D 238 47.27 -30.17 -25.14
CA PRO D 238 47.49 -28.71 -25.08
C PRO D 238 48.93 -28.37 -24.73
N ALA D 239 49.28 -27.11 -25.02
CA ALA D 239 50.64 -26.64 -24.74
C ALA D 239 50.96 -26.67 -23.25
N SER D 240 49.94 -26.51 -22.40
CA SER D 240 50.17 -26.60 -20.95
C SER D 240 50.59 -28.00 -20.54
N ARG D 241 50.08 -29.03 -21.24
CA ARG D 241 50.50 -30.39 -20.97
C ARG D 241 51.99 -30.58 -21.27
N HIS D 242 52.49 -29.95 -22.34
CA HIS D 242 53.90 -30.05 -22.67
C HIS D 242 54.77 -29.44 -21.58
N VAL D 243 54.34 -28.29 -21.03
CA VAL D 243 55.08 -27.67 -19.94
C VAL D 243 55.07 -28.54 -18.70
N GLN D 244 53.91 -29.14 -18.39
CA GLN D 244 53.78 -29.94 -17.18
C GLN D 244 54.71 -31.15 -17.21
N VAL D 245 54.78 -31.85 -18.35
CA VAL D 245 55.64 -33.02 -18.45
C VAL D 245 57.12 -32.63 -18.50
N ALA D 246 57.44 -31.49 -19.10
CA ALA D 246 58.85 -31.08 -19.20
C ALA D 246 59.44 -30.81 -17.82
N GLU D 247 58.69 -30.13 -16.96
CA GLU D 247 59.18 -29.88 -15.60
C GLU D 247 59.22 -31.17 -14.78
N MET D 248 58.34 -32.12 -15.09
CA MET D 248 58.31 -33.38 -14.35
C MET D 248 59.60 -34.18 -14.56
N VAL D 249 60.10 -34.19 -15.79
CA VAL D 249 61.29 -35.00 -16.10
C VAL D 249 62.52 -34.43 -15.41
N ILE D 250 62.71 -33.11 -15.49
CA ILE D 250 63.91 -32.50 -14.94
C ILE D 250 63.89 -32.55 -13.42
N GLU D 251 62.73 -32.32 -12.81
CA GLU D 251 62.63 -32.39 -11.35
C GLU D 251 62.90 -33.81 -10.85
N LYS D 252 62.39 -34.82 -11.58
CA LYS D 252 62.68 -36.20 -11.21
C LYS D 252 64.17 -36.50 -11.34
N ALA D 253 64.81 -35.99 -12.40
CA ALA D 253 66.23 -36.23 -12.60
C ALA D 253 67.06 -35.61 -11.49
N LYS D 254 66.70 -34.39 -11.05
CA LYS D 254 67.47 -33.70 -10.02
C LYS D 254 67.45 -34.48 -8.71
N ARG D 255 66.29 -35.03 -8.34
CA ARG D 255 66.20 -35.82 -7.12
C ARG D 255 67.08 -37.06 -7.20
N LEU D 256 67.11 -37.73 -8.36
CA LEU D 256 67.96 -38.90 -8.52
C LEU D 256 69.44 -38.54 -8.45
N VAL D 257 69.81 -37.37 -8.98
CA VAL D 257 71.21 -36.94 -8.93
C VAL D 257 71.65 -36.73 -7.49
N GLU D 258 70.76 -36.21 -6.64
CA GLU D 258 71.10 -36.00 -5.24
C GLU D 258 71.42 -37.30 -4.52
N HIS D 259 70.95 -38.44 -5.03
CA HIS D 259 71.22 -39.75 -4.45
C HIS D 259 72.42 -40.44 -5.07
N LYS D 260 73.40 -39.67 -5.57
CA LYS D 260 74.64 -40.20 -6.15
C LYS D 260 74.35 -41.11 -7.34
N LYS D 261 73.37 -40.75 -8.17
CA LYS D 261 73.02 -41.51 -9.36
C LYS D 261 73.24 -40.66 -10.61
N ASP D 262 73.50 -41.33 -11.72
CA ASP D 262 73.73 -40.67 -13.01
C ASP D 262 72.48 -40.79 -13.86
N VAL D 263 71.99 -39.65 -14.37
CA VAL D 263 70.78 -39.59 -15.17
C VAL D 263 71.13 -39.00 -16.53
N ILE D 264 70.69 -39.66 -17.60
CA ILE D 264 70.90 -39.19 -18.96
C ILE D 264 69.53 -38.90 -19.56
N ILE D 265 69.36 -37.69 -20.09
CA ILE D 265 68.09 -37.22 -20.63
C ILE D 265 68.27 -36.94 -22.11
N LEU D 266 67.44 -37.55 -22.95
CA LEU D 266 67.41 -37.28 -24.38
C LEU D 266 66.23 -36.36 -24.66
N LEU D 267 66.53 -35.11 -24.98
CA LEU D 267 65.51 -34.09 -25.17
C LEU D 267 65.21 -33.92 -26.66
N ASP D 268 63.92 -33.85 -26.99
CA ASP D 268 63.48 -33.63 -28.37
C ASP D 268 62.10 -33.00 -28.31
N SER D 269 62.00 -31.71 -28.62
CA SER D 269 63.12 -30.85 -29.02
C SER D 269 63.07 -29.52 -28.29
N ILE D 270 64.22 -28.84 -28.23
CA ILE D 270 64.28 -27.53 -27.59
C ILE D 270 63.37 -26.54 -28.30
N THR D 271 63.40 -26.55 -29.64
CA THR D 271 62.52 -25.67 -30.40
C THR D 271 61.05 -25.97 -30.11
N ARG D 272 60.69 -27.26 -30.06
CA ARG D 272 59.33 -27.64 -29.71
C ARG D 272 59.03 -27.28 -28.26
N LEU D 273 60.00 -27.50 -27.35
CA LEU D 273 59.79 -27.15 -25.95
C LEU D 273 59.63 -25.65 -25.77
N ALA D 274 60.46 -24.86 -26.45
CA ALA D 274 60.32 -23.40 -26.37
C ALA D 274 59.02 -22.93 -26.99
N ARG D 275 58.49 -23.68 -27.97
CA ARG D 275 57.22 -23.31 -28.58
C ARG D 275 56.09 -23.35 -27.55
N ALA D 276 56.03 -24.40 -26.73
CA ALA D 276 55.00 -24.49 -25.71
C ALA D 276 55.21 -23.48 -24.60
N TYR D 277 56.47 -23.26 -24.20
CA TYR D 277 56.76 -22.33 -23.12
C TYR D 277 56.34 -20.91 -23.49
N ASN D 278 56.57 -20.50 -24.74
CA ASN D 278 56.22 -19.15 -25.16
C ASN D 278 54.70 -18.92 -25.09
N THR D 279 53.92 -19.92 -25.48
CA THR D 279 52.46 -19.76 -25.48
C THR D 279 51.92 -19.74 -24.05
N VAL D 280 52.45 -20.58 -23.17
CA VAL D 280 51.90 -20.71 -21.83
C VAL D 280 52.13 -19.44 -21.03
N VAL D 281 53.32 -18.86 -21.12
CA VAL D 281 53.64 -17.67 -20.30
C VAL D 281 52.77 -16.51 -20.75
N PRO D 282 52.16 -15.76 -19.84
CA PRO D 282 51.35 -14.61 -20.25
C PRO D 282 52.22 -13.50 -20.84
N ALA D 283 51.61 -12.72 -21.72
CA ALA D 283 52.31 -11.62 -22.37
C ALA D 283 52.66 -10.53 -21.35
N SER D 284 53.86 -9.98 -21.46
CA SER D 284 54.33 -8.92 -20.59
C SER D 284 54.07 -7.53 -21.16
N GLY D 285 53.39 -7.44 -22.30
CA GLY D 285 53.12 -6.17 -22.95
C GLY D 285 54.14 -5.75 -23.97
N LYS D 286 55.27 -6.47 -24.08
CA LYS D 286 56.30 -6.18 -25.06
C LYS D 286 56.58 -7.44 -25.87
N VAL D 287 56.61 -7.29 -27.19
CA VAL D 287 56.84 -8.41 -28.10
C VAL D 287 58.14 -8.15 -28.85
N LEU D 288 59.06 -9.11 -28.80
CA LEU D 288 60.33 -9.02 -29.48
C LEU D 288 60.21 -9.58 -30.89
N THR D 289 61.34 -9.76 -31.57
CA THR D 289 61.33 -10.30 -32.92
C THR D 289 60.90 -11.76 -32.90
N GLY D 290 60.05 -12.14 -33.85
CA GLY D 290 59.56 -13.50 -33.95
C GLY D 290 58.44 -13.84 -32.99
N GLY D 291 57.92 -12.88 -32.25
CA GLY D 291 56.85 -13.14 -31.31
C GLY D 291 57.26 -13.91 -30.08
N VAL D 292 58.54 -13.89 -29.73
CA VAL D 292 59.06 -14.60 -28.56
C VAL D 292 59.49 -13.56 -27.53
N ASP D 293 58.92 -13.65 -26.34
CA ASP D 293 59.28 -12.74 -25.25
C ASP D 293 60.60 -13.15 -24.62
N ALA D 294 61.27 -12.17 -24.01
CA ALA D 294 62.54 -12.45 -23.34
C ALA D 294 62.35 -13.42 -22.17
N ASN D 295 61.27 -13.23 -21.39
CA ASN D 295 61.00 -14.13 -20.28
C ASN D 295 60.46 -15.48 -20.75
N ALA D 296 59.95 -15.56 -21.98
CA ALA D 296 59.42 -16.83 -22.48
C ALA D 296 60.52 -17.88 -22.61
N LEU D 297 61.69 -17.48 -23.09
CA LEU D 297 62.81 -18.40 -23.27
C LEU D 297 63.63 -18.59 -22.00
N HIS D 298 63.27 -17.91 -20.90
CA HIS D 298 63.95 -18.12 -19.63
C HIS D 298 63.75 -19.54 -19.13
N ARG D 299 62.53 -20.06 -19.26
CA ARG D 299 62.24 -21.42 -18.79
C ARG D 299 63.04 -22.48 -19.52
N PRO D 300 63.14 -22.49 -20.86
CA PRO D 300 64.02 -23.48 -21.51
C PRO D 300 65.48 -23.37 -21.09
N LYS D 301 65.95 -22.16 -20.81
CA LYS D 301 67.34 -22.00 -20.35
C LYS D 301 67.57 -22.70 -19.02
N ARG D 302 66.60 -22.59 -18.11
CA ARG D 302 66.70 -23.30 -16.83
C ARG D 302 66.71 -24.81 -17.04
N PHE D 303 65.84 -25.31 -17.93
CA PHE D 303 65.78 -26.74 -18.18
C PHE D 303 67.06 -27.25 -18.82
N PHE D 304 67.57 -26.53 -19.83
CA PHE D 304 68.74 -26.99 -20.55
C PHE D 304 70.02 -26.83 -19.71
N GLY D 305 70.10 -25.78 -18.90
CA GLY D 305 71.31 -25.53 -18.14
C GLY D 305 71.50 -26.42 -16.92
N ALA D 306 70.51 -27.24 -16.59
CA ALA D 306 70.59 -28.09 -15.41
C ALA D 306 71.58 -29.25 -15.58
N ALA D 307 72.07 -29.49 -16.78
CA ALA D 307 73.03 -30.57 -17.02
C ALA D 307 74.35 -30.22 -16.37
N ARG D 308 74.66 -30.87 -15.25
CA ARG D 308 75.86 -30.59 -14.49
C ARG D 308 76.52 -31.89 -14.06
N ASN D 309 77.82 -31.82 -13.79
CA ASN D 309 78.60 -32.94 -13.28
C ASN D 309 78.91 -32.65 -11.82
N VAL D 310 78.24 -33.39 -10.92
CA VAL D 310 78.37 -33.12 -9.49
C VAL D 310 79.72 -33.59 -8.98
N GLU D 311 80.43 -32.71 -8.28
CA GLU D 311 81.71 -33.09 -7.69
C GLU D 311 81.53 -34.13 -6.59
N GLU D 312 80.49 -33.97 -5.77
CA GLU D 312 80.26 -34.92 -4.68
C GLU D 312 79.95 -36.31 -5.20
N GLY D 313 79.16 -36.40 -6.27
CA GLY D 313 78.80 -37.68 -6.83
C GLY D 313 77.61 -37.62 -7.77
N GLY D 314 77.66 -38.41 -8.84
CA GLY D 314 76.58 -38.42 -9.82
C GLY D 314 76.74 -37.30 -10.85
N SER D 315 75.90 -37.38 -11.88
CA SER D 315 75.92 -36.39 -12.95
C SER D 315 74.58 -36.41 -13.67
N LEU D 316 74.30 -35.31 -14.36
CA LEU D 316 73.09 -35.16 -15.16
C LEU D 316 73.49 -34.81 -16.58
N THR D 317 73.25 -35.72 -17.51
CA THR D 317 73.58 -35.53 -18.92
C THR D 317 72.30 -35.24 -19.70
N ILE D 318 72.28 -34.13 -20.42
CA ILE D 318 71.14 -33.71 -21.21
C ILE D 318 71.58 -33.58 -22.66
N ILE D 319 70.92 -34.32 -23.55
CA ILE D 319 71.18 -34.27 -24.99
C ILE D 319 69.89 -33.80 -25.65
N ALA D 320 69.98 -32.69 -26.38
CA ALA D 320 68.81 -32.05 -26.99
C ALA D 320 69.01 -31.96 -28.50
N THR D 321 67.90 -31.70 -29.19
CA THR D 321 67.89 -31.54 -30.64
C THR D 321 67.35 -30.16 -31.00
N ALA D 322 67.99 -29.52 -31.97
CA ALA D 322 67.60 -28.20 -32.44
C ALA D 322 67.19 -28.29 -33.90
N LEU D 323 66.06 -27.67 -34.23
CA LEU D 323 65.53 -27.67 -35.59
C LEU D 323 65.89 -26.36 -36.29
N ILE D 324 66.47 -26.47 -37.48
CA ILE D 324 66.83 -25.31 -38.29
C ILE D 324 66.30 -25.52 -39.70
N ASP D 325 66.21 -24.41 -40.44
CA ASP D 325 65.77 -24.43 -41.84
C ASP D 325 64.38 -25.07 -41.97
N THR D 326 63.50 -24.78 -41.02
CA THR D 326 62.15 -25.31 -41.02
C THR D 326 61.15 -24.36 -41.67
N GLY D 327 61.60 -23.23 -42.20
CA GLY D 327 60.71 -22.27 -42.82
C GLY D 327 60.04 -21.31 -41.87
N SER D 328 60.33 -21.44 -40.56
CA SER D 328 59.68 -20.58 -39.54
C SER D 328 60.73 -19.72 -38.84
N LYS D 329 60.49 -18.43 -38.70
CA LYS D 329 61.48 -17.50 -38.10
C LYS D 329 61.62 -17.80 -36.60
N MET D 330 60.50 -18.10 -35.93
CA MET D 330 60.58 -18.30 -34.46
C MET D 330 61.61 -19.38 -34.18
N ASP D 331 61.55 -20.48 -34.93
CA ASP D 331 62.45 -21.63 -34.68
C ASP D 331 63.90 -21.20 -34.88
N GLU D 332 64.12 -20.10 -35.60
CA GLU D 332 65.50 -19.63 -35.84
C GLU D 332 65.95 -18.71 -34.70
N VAL D 333 65.07 -17.83 -34.22
CA VAL D 333 65.45 -17.01 -33.08
C VAL D 333 65.78 -17.88 -31.88
N ILE D 334 65.02 -18.96 -31.69
CA ILE D 334 65.27 -19.86 -30.58
C ILE D 334 66.65 -20.49 -30.69
N TYR D 335 67.02 -20.90 -31.91
CA TYR D 335 68.31 -21.55 -32.11
C TYR D 335 69.47 -20.59 -31.81
N GLU D 336 69.32 -19.32 -32.18
CA GLU D 336 70.41 -18.36 -32.00
C GLU D 336 70.78 -18.17 -30.54
N GLU D 337 69.78 -18.10 -29.65
CA GLU D 337 70.07 -17.92 -28.24
C GLU D 337 70.64 -19.18 -27.61
N PHE D 338 70.45 -20.33 -28.26
CA PHE D 338 70.94 -21.61 -27.75
C PHE D 338 72.17 -22.11 -28.50
N LYS D 339 72.99 -21.20 -29.03
CA LYS D 339 74.19 -21.60 -29.75
C LYS D 339 75.33 -21.89 -28.78
N GLY D 340 75.78 -20.88 -28.04
CA GLY D 340 76.92 -21.01 -27.16
C GLY D 340 76.62 -21.59 -25.79
N THR D 341 75.44 -22.18 -25.63
CA THR D 341 75.05 -22.69 -24.30
C THR D 341 75.37 -24.18 -24.18
N GLY D 342 75.95 -24.77 -25.23
CA GLY D 342 76.17 -26.23 -25.22
C GLY D 342 77.64 -26.62 -25.03
N ASN D 343 77.87 -27.77 -24.39
CA ASN D 343 79.26 -28.27 -24.21
C ASN D 343 79.65 -29.08 -25.45
N MET D 344 78.65 -29.62 -26.17
CA MET D 344 78.93 -30.42 -27.38
C MET D 344 77.99 -29.96 -28.50
N GLU D 345 78.35 -30.21 -29.75
CA GLU D 345 77.50 -29.83 -30.91
C GLU D 345 77.62 -30.88 -32.02
N LEU D 346 76.49 -31.44 -32.48
CA LEU D 346 76.52 -32.39 -33.61
C LEU D 346 75.63 -31.83 -34.73
N HIS D 347 76.17 -30.91 -35.53
CA HIS D 347 75.41 -30.27 -36.60
C HIS D 347 75.21 -31.25 -37.75
N LEU D 348 73.96 -31.45 -38.13
CA LEU D 348 73.61 -32.33 -39.24
C LEU D 348 73.40 -31.50 -40.51
N SER D 349 73.60 -32.14 -41.66
CA SER D 349 73.48 -31.48 -42.95
C SER D 349 72.43 -32.20 -43.79
N ARG D 350 71.49 -31.43 -44.33
CA ARG D 350 70.45 -32.01 -45.18
C ARG D 350 71.04 -32.51 -46.49
N LYS D 351 72.04 -31.80 -47.03
CA LYS D 351 72.63 -32.17 -48.31
C LYS D 351 73.26 -33.56 -48.25
N ILE D 352 73.91 -33.89 -47.14
CA ILE D 352 74.49 -35.21 -46.99
C ILE D 352 73.41 -36.28 -47.00
N ALA D 353 72.28 -36.02 -46.33
CA ALA D 353 71.18 -36.97 -46.34
C ALA D 353 70.59 -37.12 -47.73
N GLU D 354 70.63 -36.07 -48.55
CA GLU D 354 70.13 -36.16 -49.91
C GLU D 354 70.95 -37.10 -50.78
N LYS D 355 72.19 -37.40 -50.37
CA LYS D 355 73.06 -38.32 -51.10
C LYS D 355 72.90 -39.76 -50.62
N ARG D 356 71.93 -40.04 -49.75
CA ARG D 356 71.70 -41.37 -49.19
C ARG D 356 72.94 -41.90 -48.48
N VAL D 357 73.63 -41.00 -47.79
CA VAL D 357 74.80 -41.34 -46.98
C VAL D 357 74.46 -41.03 -45.53
N PHE D 358 74.58 -42.03 -44.65
CA PHE D 358 74.23 -41.87 -43.26
C PHE D 358 75.37 -42.33 -42.37
N PRO D 359 75.58 -41.69 -41.20
CA PRO D 359 74.81 -40.56 -40.67
C PRO D 359 75.20 -39.23 -41.31
N ALA D 360 74.24 -38.33 -41.53
CA ALA D 360 74.51 -37.04 -42.15
C ALA D 360 75.00 -36.09 -41.07
N ILE D 361 76.29 -36.22 -40.75
CA ILE D 361 76.93 -35.45 -39.69
C ILE D 361 78.03 -34.60 -40.32
N ASP D 362 78.01 -33.30 -40.01
CA ASP D 362 79.05 -32.38 -40.47
C ASP D 362 80.24 -32.50 -39.52
N TYR D 363 81.27 -33.23 -39.95
CA TYR D 363 82.43 -33.47 -39.09
C TYR D 363 83.16 -32.18 -38.76
N ASN D 364 83.32 -31.29 -39.76
CA ASN D 364 84.02 -30.03 -39.52
C ASN D 364 83.27 -29.15 -38.53
N ARG D 365 81.94 -29.07 -38.67
CA ARG D 365 81.16 -28.23 -37.78
C ARG D 365 81.04 -28.82 -36.38
N SER D 366 80.96 -30.15 -36.28
CA SER D 366 80.82 -30.80 -34.98
C SER D 366 82.11 -30.67 -34.17
N GLY D 367 81.95 -30.67 -32.85
CA GLY D 367 83.10 -30.55 -31.96
C GLY D 367 82.66 -30.64 -30.53
N THR D 368 83.64 -30.57 -29.63
CA THR D 368 83.39 -30.67 -28.20
C THR D 368 84.43 -29.85 -27.45
N ARG D 369 84.10 -29.49 -26.22
CA ARG D 369 84.97 -28.71 -25.35
C ARG D 369 85.51 -29.58 -24.23
N LYS D 370 86.77 -29.33 -23.85
CA LYS D 370 87.44 -30.06 -22.78
C LYS D 370 87.43 -31.57 -23.04
N GLU D 371 87.76 -31.93 -24.27
CA GLU D 371 87.84 -33.34 -24.65
C GLU D 371 89.04 -34.06 -24.03
N GLU D 372 89.97 -33.31 -23.42
CA GLU D 372 91.13 -33.94 -22.79
C GLU D 372 90.71 -34.81 -21.61
N LEU D 373 89.73 -34.34 -20.83
CA LEU D 373 89.28 -35.10 -19.67
C LEU D 373 88.59 -36.40 -20.07
N LEU D 374 87.81 -36.37 -21.15
CA LEU D 374 87.05 -37.56 -21.55
C LEU D 374 87.97 -38.63 -22.15
N THR D 375 88.65 -38.30 -23.24
CA THR D 375 89.52 -39.26 -23.91
C THR D 375 90.85 -39.37 -23.17
N THR D 376 91.67 -40.32 -23.59
CA THR D 376 92.99 -40.52 -23.02
C THR D 376 94.03 -39.73 -23.82
N GLN D 377 95.27 -39.75 -23.31
CA GLN D 377 96.35 -39.03 -23.99
C GLN D 377 96.61 -39.61 -25.37
N GLU D 378 96.64 -40.94 -25.48
CA GLU D 378 96.89 -41.57 -26.77
C GLU D 378 95.70 -41.38 -27.72
N GLU D 379 94.48 -41.52 -27.18
CA GLU D 379 93.29 -41.41 -28.03
C GLU D 379 93.10 -39.98 -28.53
N LEU D 380 93.42 -38.98 -27.70
CA LEU D 380 93.21 -37.59 -28.08
C LEU D 380 94.09 -37.21 -29.27
N GLN D 381 95.35 -37.66 -29.28
CA GLN D 381 96.24 -37.31 -30.38
C GLN D 381 95.77 -37.91 -31.70
N LYS D 382 95.24 -39.13 -31.66
CA LYS D 382 94.74 -39.76 -32.89
C LYS D 382 93.58 -38.98 -33.48
N MET D 383 92.69 -38.46 -32.64
CA MET D 383 91.57 -37.66 -33.12
C MET D 383 92.04 -36.38 -33.78
N TRP D 384 93.08 -35.75 -33.23
CA TRP D 384 93.61 -34.52 -33.81
C TRP D 384 94.18 -34.79 -35.21
N ILE D 385 94.87 -35.92 -35.39
CA ILE D 385 95.43 -36.25 -36.69
C ILE D 385 94.30 -36.43 -37.72
N LEU D 386 93.21 -37.11 -37.32
CA LEU D 386 92.10 -37.31 -38.23
C LEU D 386 91.45 -36.00 -38.63
N ARG D 387 91.30 -35.07 -37.69
CA ARG D 387 90.67 -33.79 -37.99
C ARG D 387 91.52 -32.98 -38.96
N LYS D 388 92.85 -33.13 -38.90
CA LYS D 388 93.73 -32.40 -39.81
C LYS D 388 93.50 -32.82 -41.25
N ILE D 389 93.29 -34.12 -41.49
CA ILE D 389 93.03 -34.60 -42.84
C ILE D 389 91.64 -34.18 -43.31
N ILE D 390 90.65 -34.24 -42.43
CA ILE D 390 89.27 -33.97 -42.81
C ILE D 390 89.07 -32.50 -43.15
N HIS D 391 89.73 -31.60 -42.42
CA HIS D 391 89.43 -30.17 -42.55
C HIS D 391 89.55 -29.64 -43.98
N PRO D 392 90.60 -29.93 -44.76
CA PRO D 392 90.62 -29.45 -46.15
C PRO D 392 89.46 -29.98 -46.98
N MET D 393 89.00 -31.20 -46.72
CA MET D 393 87.90 -31.77 -47.47
C MET D 393 86.58 -31.07 -47.12
N GLY D 394 85.63 -31.15 -48.05
CA GLY D 394 84.34 -30.53 -47.84
C GLY D 394 83.49 -31.29 -46.83
N GLU D 395 82.38 -30.65 -46.46
CA GLU D 395 81.47 -31.25 -45.48
C GLU D 395 80.79 -32.51 -46.02
N ILE D 396 80.69 -32.64 -47.34
CA ILE D 396 80.03 -33.82 -47.93
C ILE D 396 81.04 -34.90 -48.27
N ASP D 397 82.20 -34.53 -48.84
CA ASP D 397 83.20 -35.52 -49.22
C ASP D 397 83.84 -36.18 -48.00
N ALA D 398 83.77 -35.55 -46.83
CA ALA D 398 84.39 -36.12 -45.65
C ALA D 398 83.66 -37.38 -45.17
N MET D 399 82.35 -37.45 -45.38
CA MET D 399 81.58 -38.57 -44.86
C MET D 399 81.90 -39.86 -45.61
N GLU D 400 81.72 -39.86 -46.93
CA GLU D 400 82.00 -41.07 -47.71
C GLU D 400 83.46 -41.48 -47.59
N PHE D 401 84.37 -40.51 -47.40
CA PHE D 401 85.75 -40.85 -47.10
C PHE D 401 85.86 -41.59 -45.77
N LEU D 402 85.12 -41.13 -44.75
CA LEU D 402 85.17 -41.77 -43.45
C LEU D 402 84.38 -43.07 -43.43
N ILE D 403 83.28 -43.15 -44.18
CA ILE D 403 82.41 -44.32 -44.12
C ILE D 403 83.13 -45.56 -44.64
N ASN D 404 83.81 -45.43 -45.78
CA ASN D 404 84.50 -46.59 -46.36
C ASN D 404 85.63 -47.07 -45.45
N LYS D 405 86.36 -46.13 -44.84
CA LYS D 405 87.44 -46.51 -43.93
C LYS D 405 86.89 -47.28 -42.72
N LEU D 406 85.78 -46.81 -42.15
CA LEU D 406 85.20 -47.49 -41.00
C LEU D 406 84.48 -48.77 -41.41
N ALA D 407 84.02 -48.86 -42.66
CA ALA D 407 83.30 -50.05 -43.12
C ALA D 407 84.20 -51.28 -43.12
N MET D 408 85.46 -51.15 -43.54
CA MET D 408 86.37 -52.27 -43.64
C MET D 408 87.18 -52.49 -42.37
N THR D 409 86.95 -51.70 -41.32
CA THR D 409 87.62 -51.88 -40.04
C THR D 409 86.63 -52.39 -39.00
N LYS D 410 87.14 -53.22 -38.09
CA LYS D 410 86.28 -53.81 -37.06
C LYS D 410 85.93 -52.78 -35.99
N THR D 411 86.93 -52.21 -35.34
CA THR D 411 86.73 -51.21 -34.30
C THR D 411 87.43 -49.91 -34.67
N ASN D 412 87.19 -48.87 -33.85
CA ASN D 412 87.82 -47.58 -34.08
C ASN D 412 89.34 -47.67 -33.90
N ASP D 413 89.81 -48.57 -33.05
CA ASP D 413 91.24 -48.76 -32.87
C ASP D 413 91.90 -49.22 -34.17
N ASP D 414 91.25 -50.15 -34.88
CA ASP D 414 91.79 -50.59 -36.16
C ASP D 414 91.80 -49.46 -37.18
N PHE D 415 90.77 -48.62 -37.17
CA PHE D 415 90.77 -47.46 -38.05
C PHE D 415 91.89 -46.48 -37.70
N PHE D 416 92.12 -46.27 -36.41
CA PHE D 416 93.14 -45.32 -35.98
C PHE D 416 94.54 -45.74 -36.42
N GLU D 417 94.87 -47.03 -36.30
CA GLU D 417 96.20 -47.48 -36.68
C GLU D 417 96.37 -47.48 -38.20
N MET D 418 95.27 -47.60 -38.94
CA MET D 418 95.35 -47.49 -40.40
C MET D 418 95.74 -46.10 -40.85
N MET D 419 95.18 -45.06 -40.21
CA MET D 419 95.54 -43.68 -40.57
C MET D 419 97.00 -43.39 -40.24
N LYS D 420 97.57 -44.10 -39.26
CA LYS D 420 98.96 -43.88 -38.90
C LYS D 420 99.90 -44.31 -40.01
N ARG D 421 99.45 -45.21 -40.90
CA ARG D 421 100.28 -45.63 -42.02
C ARG D 421 100.58 -44.47 -42.96
N SER D 422 99.58 -43.64 -43.23
CA SER D 422 99.76 -42.50 -44.12
C SER D 422 100.50 -41.37 -43.41
N MET E 4 8.58 -51.11 -44.98
CA MET E 4 8.74 -51.99 -43.84
C MET E 4 10.12 -51.81 -43.20
N ASN E 5 11.12 -51.58 -44.04
CA ASN E 5 12.49 -51.40 -43.60
C ASN E 5 12.93 -49.97 -43.85
N LEU E 6 13.48 -49.33 -42.81
CA LEU E 6 13.79 -47.91 -42.89
C LEU E 6 14.91 -47.63 -43.89
N THR E 7 15.95 -48.48 -43.90
CA THR E 7 17.12 -48.19 -44.74
C THR E 7 16.77 -48.26 -46.22
N GLU E 8 15.95 -49.24 -46.62
CA GLU E 8 15.60 -49.37 -48.03
C GLU E 8 14.62 -48.30 -48.48
N LEU E 9 13.83 -47.75 -47.56
CA LEU E 9 12.84 -46.73 -47.92
C LEU E 9 13.50 -45.41 -48.28
N LYS E 10 14.58 -45.05 -47.58
CA LYS E 10 15.26 -43.79 -47.86
C LYS E 10 16.04 -43.87 -49.18
N ASN E 11 16.54 -45.04 -49.54
CA ASN E 11 17.29 -45.19 -50.78
C ASN E 11 16.41 -45.12 -52.01
N THR E 12 15.09 -45.29 -51.85
CA THR E 12 14.19 -45.21 -52.98
C THR E 12 14.11 -43.78 -53.51
N PRO E 13 13.89 -43.61 -54.81
CA PRO E 13 13.76 -42.25 -55.37
C PRO E 13 12.57 -41.52 -54.80
N VAL E 14 12.65 -40.20 -54.78
CA VAL E 14 11.58 -39.39 -54.22
C VAL E 14 10.31 -39.54 -55.06
N SER E 15 10.46 -39.66 -56.38
CA SER E 15 9.28 -39.84 -57.23
C SER E 15 8.55 -41.13 -56.90
N GLU E 16 9.27 -42.21 -56.68
CA GLU E 16 8.64 -43.47 -56.28
C GLU E 16 8.07 -43.38 -54.87
N LEU E 17 8.69 -42.57 -54.00
CA LEU E 17 8.22 -42.45 -52.63
C LEU E 17 6.81 -41.87 -52.57
N ILE E 18 6.52 -40.87 -53.42
CA ILE E 18 5.18 -40.30 -53.45
C ILE E 18 4.17 -41.34 -53.92
N THR E 19 4.51 -42.10 -54.96
CA THR E 19 3.58 -43.08 -55.51
C THR E 19 3.25 -44.16 -54.49
N LEU E 20 4.25 -44.58 -53.70
CA LEU E 20 4.01 -45.61 -52.68
C LEU E 20 3.02 -45.13 -51.64
N GLY E 21 3.13 -43.87 -51.21
CA GLY E 21 2.25 -43.35 -50.20
C GLY E 21 0.84 -43.06 -50.68
N GLU E 22 0.68 -42.80 -51.98
CA GLU E 22 -0.64 -42.48 -52.52
C GLU E 22 -1.56 -43.70 -52.46
N ASN E 23 -1.07 -44.85 -52.91
CA ASN E 23 -1.89 -46.07 -52.89
C ASN E 23 -2.13 -46.55 -51.46
N MET E 24 -1.21 -46.26 -50.55
CA MET E 24 -1.39 -46.69 -49.17
C MET E 24 -2.60 -46.01 -48.53
N GLY E 25 -2.81 -44.73 -48.81
CA GLY E 25 -3.94 -44.01 -48.27
C GLY E 25 -3.64 -42.57 -47.92
N LEU E 26 -2.35 -42.21 -47.93
CA LEU E 26 -1.95 -40.86 -47.61
C LEU E 26 -2.21 -39.91 -48.78
N GLU E 27 -2.24 -38.61 -48.47
CA GLU E 27 -2.53 -37.59 -49.47
C GLU E 27 -1.65 -36.38 -49.20
N ASN E 28 -1.45 -35.57 -50.25
CA ASN E 28 -0.68 -34.33 -50.18
C ASN E 28 0.75 -34.58 -49.73
N LEU E 29 1.35 -35.66 -50.21
CA LEU E 29 2.74 -35.96 -49.93
C LEU E 29 3.70 -35.38 -50.96
N ALA E 30 3.18 -34.82 -52.06
CA ALA E 30 4.06 -34.36 -53.13
C ALA E 30 4.81 -33.09 -52.74
N ARG E 31 4.10 -32.11 -52.17
CA ARG E 31 4.69 -30.81 -51.88
C ARG E 31 5.12 -30.71 -50.42
N MET E 32 6.11 -31.53 -50.07
CA MET E 32 6.70 -31.50 -48.74
C MET E 32 8.07 -32.17 -48.80
N ARG E 33 8.85 -31.97 -47.74
CA ARG E 33 10.21 -32.49 -47.70
C ARG E 33 10.19 -34.01 -47.67
N LYS E 34 11.25 -34.61 -48.23
CA LYS E 34 11.34 -36.06 -48.30
C LYS E 34 11.38 -36.70 -46.92
N GLN E 35 12.01 -36.02 -45.95
CA GLN E 35 12.09 -36.56 -44.60
C GLN E 35 10.70 -36.69 -43.97
N ASP E 36 9.83 -35.70 -44.19
CA ASP E 36 8.48 -35.76 -43.65
C ASP E 36 7.67 -36.87 -44.32
N ILE E 37 7.91 -37.12 -45.61
CA ILE E 37 7.17 -38.17 -46.31
C ILE E 37 7.48 -39.53 -45.69
N ILE E 38 8.75 -39.78 -45.37
CA ILE E 38 9.14 -41.06 -44.79
C ILE E 38 8.46 -41.25 -43.44
N PHE E 39 8.41 -40.20 -42.62
CA PHE E 39 7.73 -40.28 -41.33
C PHE E 39 6.24 -40.53 -41.52
N ALA E 40 5.62 -39.88 -42.50
CA ALA E 40 4.20 -40.06 -42.74
C ALA E 40 3.89 -41.48 -43.20
N ILE E 41 4.71 -42.03 -44.11
CA ILE E 41 4.47 -43.37 -44.62
C ILE E 41 4.63 -44.40 -43.50
N LEU E 42 5.67 -44.25 -42.69
CA LEU E 42 5.85 -45.17 -41.56
C LEU E 42 4.71 -45.05 -40.56
N LYS E 43 4.22 -43.83 -40.33
CA LYS E 43 3.11 -43.64 -39.40
C LYS E 43 1.85 -44.36 -39.90
N GLN E 44 1.54 -44.24 -41.19
CA GLN E 44 0.38 -44.92 -41.73
C GLN E 44 0.59 -46.43 -41.76
N HIS E 45 1.79 -46.88 -42.11
CA HIS E 45 2.07 -48.32 -42.15
C HIS E 45 2.07 -48.92 -40.74
N ALA E 46 2.38 -48.11 -39.72
CA ALA E 46 2.38 -48.61 -38.36
C ALA E 46 0.98 -48.97 -37.89
N LYS E 47 -0.05 -48.34 -38.45
CA LYS E 47 -1.42 -48.65 -38.06
C LYS E 47 -1.82 -50.06 -38.44
N SER E 48 -1.19 -50.62 -39.48
CA SER E 48 -1.50 -51.99 -39.89
C SER E 48 -1.00 -53.03 -38.89
N GLY E 49 -0.09 -52.65 -38.00
CA GLY E 49 0.44 -53.56 -37.01
C GLY E 49 1.68 -54.32 -37.43
N GLU E 50 2.10 -54.20 -38.69
CA GLU E 50 3.30 -54.88 -39.14
C GLU E 50 4.55 -54.28 -38.50
N ASP E 51 5.52 -55.14 -38.23
CA ASP E 51 6.77 -54.68 -37.63
C ASP E 51 7.57 -53.83 -38.62
N ILE E 52 8.28 -52.85 -38.07
CA ILE E 52 9.08 -51.91 -38.85
C ILE E 52 10.54 -52.05 -38.42
N PHE E 53 11.43 -52.22 -39.39
CA PHE E 53 12.85 -52.37 -39.13
C PHE E 53 13.56 -51.05 -39.40
N GLY E 54 14.50 -50.70 -38.52
CA GLY E 54 15.25 -49.46 -38.67
C GLY E 54 16.68 -49.63 -38.23
N ASP E 55 17.54 -48.77 -38.77
CA ASP E 55 18.96 -48.82 -38.47
C ASP E 55 19.57 -47.46 -38.75
N GLY E 56 20.76 -47.25 -38.20
CA GLY E 56 21.46 -45.99 -38.37
C GLY E 56 22.65 -45.90 -37.43
N VAL E 57 23.19 -44.69 -37.35
CA VAL E 57 24.33 -44.40 -36.48
C VAL E 57 23.82 -43.74 -35.21
N LEU E 58 24.21 -44.27 -34.06
CA LEU E 58 23.73 -43.81 -32.76
C LEU E 58 24.64 -42.71 -32.22
N GLU E 59 24.02 -41.65 -31.72
CA GLU E 59 24.73 -40.57 -31.05
C GLU E 59 24.03 -40.29 -29.72
N ILE E 60 24.79 -39.79 -28.75
CA ILE E 60 24.28 -39.49 -27.41
C ILE E 60 24.36 -37.99 -27.19
N LEU E 61 23.24 -37.39 -26.79
CA LEU E 61 23.18 -35.97 -26.50
C LEU E 61 23.71 -35.69 -25.09
N GLN E 62 23.81 -34.41 -24.74
CA GLN E 62 24.32 -34.03 -23.43
C GLN E 62 23.31 -34.31 -22.32
N ASP E 63 22.02 -34.29 -22.61
CA ASP E 63 21.01 -34.56 -21.59
C ASP E 63 21.10 -36.01 -21.11
N GLY E 64 21.37 -36.95 -22.00
CA GLY E 64 21.45 -38.34 -21.65
C GLY E 64 20.79 -39.27 -22.65
N PHE E 65 19.72 -38.80 -23.28
CA PHE E 65 19.08 -39.57 -24.33
C PHE E 65 19.80 -39.38 -25.66
N GLY E 66 19.52 -40.28 -26.60
CA GLY E 66 20.18 -40.26 -27.89
C GLY E 66 19.18 -40.48 -29.02
N PHE E 67 19.69 -40.28 -30.24
CA PHE E 67 18.93 -40.50 -31.46
C PHE E 67 19.76 -41.32 -32.43
N LEU E 68 19.07 -42.07 -33.30
CA LEU E 68 19.71 -42.94 -34.28
C LEU E 68 19.71 -42.21 -35.62
N ARG E 69 20.79 -41.45 -35.86
CA ARG E 69 20.90 -40.68 -37.09
C ARG E 69 21.15 -41.61 -38.27
N SER E 70 20.78 -41.14 -39.46
CA SER E 70 20.94 -41.88 -40.70
C SER E 70 22.04 -41.23 -41.54
N ALA E 71 22.96 -42.05 -42.05
CA ALA E 71 24.06 -41.52 -42.85
C ALA E 71 23.59 -41.06 -44.23
N ASP E 72 22.41 -41.48 -44.68
CA ASP E 72 21.92 -41.05 -45.99
C ASP E 72 21.66 -39.55 -46.03
N SER E 73 21.11 -38.98 -44.96
CA SER E 73 20.83 -37.56 -44.89
C SER E 73 21.98 -36.76 -44.28
N SER E 74 23.21 -37.27 -44.35
CA SER E 74 24.39 -36.62 -43.78
C SER E 74 24.21 -36.35 -42.29
N TYR E 75 23.58 -37.30 -41.59
CA TYR E 75 23.36 -37.22 -40.15
C TYR E 75 22.63 -35.94 -39.76
N LEU E 76 21.62 -35.57 -40.56
CA LEU E 76 20.82 -34.39 -40.28
C LEU E 76 19.62 -34.74 -39.43
N ALA E 77 19.34 -33.90 -38.43
CA ALA E 77 18.20 -34.13 -37.55
C ALA E 77 16.90 -34.05 -38.34
N GLY E 78 16.02 -35.02 -38.10
CA GLY E 78 14.75 -35.08 -38.78
C GLY E 78 13.69 -35.81 -37.99
N PRO E 79 12.42 -35.65 -38.39
CA PRO E 79 11.33 -36.35 -37.69
C PRO E 79 11.42 -37.87 -37.75
N ASP E 80 12.14 -38.41 -38.74
CA ASP E 80 12.24 -39.85 -38.91
C ASP E 80 13.36 -40.48 -38.08
N ASP E 81 14.10 -39.68 -37.31
CA ASP E 81 15.16 -40.21 -36.47
C ASP E 81 14.59 -41.08 -35.36
N ILE E 82 15.28 -42.19 -35.07
CA ILE E 82 14.84 -43.15 -34.07
C ILE E 82 15.35 -42.71 -32.70
N TYR E 83 14.43 -42.61 -31.73
CA TYR E 83 14.77 -42.22 -30.37
C TYR E 83 15.02 -43.45 -29.53
N VAL E 84 16.07 -43.38 -28.69
CA VAL E 84 16.43 -44.48 -27.80
C VAL E 84 16.44 -43.95 -26.36
N SER E 85 15.80 -44.69 -25.46
CA SER E 85 15.77 -44.30 -24.07
C SER E 85 17.13 -44.52 -23.42
N PRO E 86 17.47 -43.73 -22.40
CA PRO E 86 18.73 -43.94 -21.69
C PRO E 86 18.81 -45.30 -20.99
N SER E 87 17.67 -45.92 -20.71
CA SER E 87 17.68 -47.23 -20.06
C SER E 87 18.33 -48.28 -20.95
N GLN E 88 18.05 -48.24 -22.26
CA GLN E 88 18.65 -49.19 -23.18
C GLN E 88 20.16 -49.02 -23.26
N ILE E 89 20.66 -47.81 -22.97
CA ILE E 89 22.10 -47.58 -22.98
C ILE E 89 22.80 -48.37 -21.88
N ARG E 90 22.18 -48.46 -20.70
CA ARG E 90 22.77 -49.25 -19.63
C ARG E 90 22.79 -50.74 -19.97
N ARG E 91 21.71 -51.24 -20.59
CA ARG E 91 21.65 -52.65 -20.96
C ARG E 91 22.75 -52.99 -21.98
N PHE E 92 22.95 -52.12 -22.97
CA PHE E 92 23.96 -52.34 -24.00
C PHE E 92 24.88 -51.13 -24.09
N ASN E 93 26.14 -51.30 -23.70
CA ASN E 93 27.11 -50.20 -23.72
C ASN E 93 27.25 -49.63 -25.13
N LEU E 94 26.70 -48.44 -25.33
CA LEU E 94 26.75 -47.76 -26.61
C LEU E 94 27.33 -46.37 -26.43
N ARG E 95 28.13 -45.96 -27.41
CA ARG E 95 28.67 -44.61 -27.46
C ARG E 95 28.41 -44.03 -28.85
N THR E 96 28.72 -42.75 -29.02
CA THR E 96 28.51 -42.08 -30.30
C THR E 96 29.35 -42.76 -31.39
N GLY E 97 28.70 -43.03 -32.53
CA GLY E 97 29.39 -43.57 -33.68
C GLY E 97 28.96 -44.97 -34.10
N ASP E 98 28.55 -45.79 -33.14
CA ASP E 98 28.24 -47.19 -33.44
C ASP E 98 26.94 -47.30 -34.22
N THR E 99 26.80 -48.39 -34.98
CA THR E 99 25.61 -48.65 -35.75
C THR E 99 24.67 -49.58 -34.99
N ILE E 100 23.41 -49.17 -34.86
CA ILE E 100 22.39 -49.94 -34.15
C ILE E 100 21.27 -50.27 -35.13
N SER E 101 20.92 -51.55 -35.20
CA SER E 101 19.86 -52.03 -36.09
C SER E 101 18.89 -52.90 -35.30
N GLY E 102 17.60 -52.67 -35.50
CA GLY E 102 16.59 -53.45 -34.80
C GLY E 102 15.21 -52.93 -35.10
N LYS E 103 14.23 -53.56 -34.46
CA LYS E 103 12.84 -53.18 -34.63
C LYS E 103 12.54 -51.87 -33.90
N ILE E 104 11.65 -51.08 -34.49
CA ILE E 104 11.23 -49.80 -33.92
C ILE E 104 9.71 -49.81 -33.77
N ARG E 105 9.24 -49.36 -32.59
CA ARG E 105 7.82 -49.33 -32.31
C ARG E 105 7.20 -48.00 -32.77
N PRO E 106 5.91 -48.00 -33.09
CA PRO E 106 5.24 -46.74 -33.45
C PRO E 106 5.29 -45.76 -32.30
N PRO E 107 5.48 -44.46 -32.60
CA PRO E 107 5.52 -43.45 -31.53
C PRO E 107 4.13 -43.23 -30.94
N LYS E 108 4.05 -43.29 -29.61
CA LYS E 108 2.78 -43.04 -28.94
C LYS E 108 2.46 -41.55 -28.93
N GLU E 109 1.31 -41.22 -28.36
CA GLU E 109 0.92 -39.82 -28.25
C GLU E 109 1.86 -39.07 -27.30
N GLY E 110 2.22 -37.85 -27.69
CA GLY E 110 3.12 -37.04 -26.88
C GLY E 110 4.57 -37.06 -27.34
N GLU E 111 4.96 -38.03 -28.16
CA GLU E 111 6.31 -38.09 -28.68
C GLU E 111 6.28 -38.01 -30.21
N ARG E 112 7.31 -37.38 -30.77
CA ARG E 112 7.39 -37.12 -32.20
C ARG E 112 8.44 -37.99 -32.89
N TYR E 113 9.02 -38.95 -32.19
CA TYR E 113 10.08 -39.77 -32.74
C TYR E 113 9.81 -41.24 -32.45
N PHE E 114 10.22 -42.10 -33.38
CA PHE E 114 10.11 -43.53 -33.19
C PHE E 114 11.05 -44.00 -32.09
N ALA E 115 10.64 -45.06 -31.38
CA ALA E 115 11.41 -45.62 -30.29
C ALA E 115 11.87 -47.03 -30.65
N LEU E 116 13.11 -47.34 -30.27
CA LEU E 116 13.67 -48.65 -30.55
C LEU E 116 13.06 -49.70 -29.61
N LEU E 117 12.57 -50.79 -30.17
CA LEU E 117 11.95 -51.84 -29.38
C LEU E 117 12.98 -52.91 -28.97
N LYS E 118 13.62 -53.55 -29.96
CA LYS E 118 14.61 -54.58 -29.69
C LYS E 118 15.75 -54.43 -30.69
N VAL E 119 16.98 -54.49 -30.19
CA VAL E 119 18.18 -54.39 -31.02
C VAL E 119 18.76 -55.79 -31.21
N ASN E 120 18.98 -56.17 -32.47
CA ASN E 120 19.49 -57.50 -32.79
C ASN E 120 20.79 -57.44 -33.60
N GLU E 121 21.35 -56.25 -33.83
CA GLU E 121 22.56 -56.13 -34.62
C GLU E 121 23.29 -54.87 -34.22
N VAL E 122 24.49 -55.01 -33.67
CA VAL E 122 25.32 -53.88 -33.25
C VAL E 122 26.65 -53.96 -33.98
N ASN E 123 26.96 -52.91 -34.75
CA ASN E 123 28.20 -52.84 -35.51
C ASN E 123 28.38 -54.06 -36.40
N PHE E 124 27.29 -54.48 -37.05
CA PHE E 124 27.28 -55.67 -37.90
C PHE E 124 27.74 -56.91 -37.14
N ASP E 125 27.31 -57.01 -35.88
CA ASP E 125 27.72 -58.10 -35.01
C ASP E 125 26.67 -58.28 -33.93
N LYS E 126 26.75 -59.42 -33.24
CA LYS E 126 25.82 -59.70 -32.15
C LYS E 126 26.03 -58.68 -31.03
N PRO E 127 24.96 -58.16 -30.45
CA PRO E 127 25.13 -57.14 -29.39
C PRO E 127 25.94 -57.62 -28.20
N GLU E 128 25.83 -58.90 -27.84
CA GLU E 128 26.62 -59.42 -26.72
C GLU E 128 28.11 -59.37 -27.04
N ASN E 129 28.48 -59.72 -28.27
CA ASN E 129 29.90 -59.70 -28.64
C ASN E 129 30.44 -58.28 -28.70
N ALA E 130 29.62 -57.31 -29.11
CA ALA E 130 30.08 -55.93 -29.17
C ALA E 130 30.38 -55.36 -27.79
N ARG E 131 29.75 -55.91 -26.75
CA ARG E 131 29.99 -55.44 -25.38
C ARG E 131 31.39 -55.75 -24.88
N ASN E 132 32.07 -56.74 -25.47
CA ASN E 132 33.39 -57.14 -25.02
C ASN E 132 34.50 -56.55 -25.88
N LYS E 133 34.17 -55.64 -26.80
CA LYS E 133 35.18 -55.05 -27.66
C LYS E 133 36.10 -54.12 -26.88
N ILE E 134 37.37 -54.10 -27.28
CA ILE E 134 38.38 -53.28 -26.63
C ILE E 134 38.21 -51.83 -27.05
N LEU E 135 38.35 -50.87 -26.13
CA LEU E 135 38.09 -49.46 -26.57
C LEU E 135 39.19 -49.01 -27.53
N PHE E 136 38.93 -48.01 -28.38
CA PHE E 136 39.92 -47.58 -29.40
C PHE E 136 41.12 -46.92 -28.71
N GLU E 137 40.87 -46.14 -27.68
CA GLU E 137 41.96 -45.38 -27.07
C GLU E 137 42.96 -46.29 -26.37
N ASN E 138 42.57 -47.51 -25.98
CA ASN E 138 43.48 -48.44 -25.35
C ASN E 138 44.37 -49.19 -26.33
N LEU E 139 44.06 -49.12 -27.63
CA LEU E 139 44.85 -49.80 -28.64
C LEU E 139 46.20 -49.10 -28.84
N THR E 140 47.22 -49.91 -29.15
CA THR E 140 48.56 -49.38 -29.34
C THR E 140 48.80 -49.07 -30.81
N PRO E 141 49.01 -47.81 -31.18
CA PRO E 141 49.27 -47.50 -32.59
C PRO E 141 50.66 -47.95 -33.03
N LEU E 142 50.80 -48.16 -34.34
CA LEU E 142 52.06 -48.53 -34.95
C LEU E 142 52.20 -47.82 -36.28
N HIS E 143 53.38 -47.93 -36.88
CA HIS E 143 53.61 -47.36 -38.19
C HIS E 143 52.92 -48.20 -39.27
N ALA E 144 52.66 -47.54 -40.40
CA ALA E 144 51.99 -48.21 -41.51
C ALA E 144 52.88 -49.30 -42.10
N ASN E 145 52.28 -50.45 -42.39
CA ASN E 145 53.00 -51.58 -42.97
C ASN E 145 52.27 -52.26 -44.12
N SER E 146 51.01 -51.93 -44.38
CA SER E 146 50.23 -52.55 -45.45
C SER E 146 50.21 -51.59 -46.63
N ARG E 147 50.90 -51.98 -47.71
CA ARG E 147 50.98 -51.13 -48.89
C ARG E 147 49.65 -51.13 -49.64
N LEU E 148 49.18 -49.93 -49.98
CA LEU E 148 47.96 -49.74 -50.76
C LEU E 148 48.34 -49.35 -52.17
N ARG E 149 48.11 -50.26 -53.13
CA ARG E 149 48.46 -50.02 -54.52
C ARG E 149 47.47 -49.03 -55.12
N MET E 150 47.91 -47.77 -55.26
CA MET E 150 47.05 -46.73 -55.82
C MET E 150 46.98 -46.77 -57.34
N GLU E 151 47.89 -47.49 -57.99
CA GLU E 151 47.91 -47.56 -59.44
C GLU E 151 46.85 -48.54 -59.94
N ARG E 152 46.14 -48.14 -61.00
CA ARG E 152 45.12 -48.97 -61.63
C ARG E 152 45.61 -49.38 -63.01
N GLY E 153 45.62 -50.68 -63.27
CA GLY E 153 46.10 -51.18 -64.54
C GLY E 153 45.01 -51.45 -65.55
N ASN E 154 43.88 -52.00 -65.08
CA ASN E 154 42.79 -52.35 -66.00
C ASN E 154 42.19 -51.12 -66.66
N ASP E 155 42.05 -50.02 -65.92
CA ASP E 155 41.45 -48.81 -66.49
C ASP E 155 42.31 -48.25 -67.61
N SER E 156 43.62 -48.12 -67.37
CA SER E 156 44.56 -47.60 -68.36
C SER E 156 44.13 -46.24 -68.89
N THR E 157 43.62 -45.40 -68.00
CA THR E 157 43.13 -44.09 -68.39
C THR E 157 44.29 -43.16 -68.74
N GLU E 158 43.96 -42.08 -69.44
CA GLU E 158 44.97 -41.10 -69.83
C GLU E 158 45.51 -40.32 -68.63
N ASP E 159 44.79 -40.30 -67.52
CA ASP E 159 45.27 -39.59 -66.34
C ASP E 159 46.37 -40.39 -65.66
N LEU E 160 47.47 -39.70 -65.35
CA LEU E 160 48.62 -40.33 -64.71
C LEU E 160 48.71 -39.99 -63.22
N THR E 161 47.62 -39.47 -62.64
CA THR E 161 47.65 -39.07 -61.24
C THR E 161 47.91 -40.26 -60.32
N ALA E 162 47.26 -41.40 -60.60
CA ALA E 162 47.47 -42.59 -59.78
C ALA E 162 48.91 -43.08 -59.86
N ARG E 163 49.49 -43.08 -61.06
CA ARG E 163 50.87 -43.53 -61.22
C ARG E 163 51.84 -42.58 -60.52
N VAL E 164 51.61 -41.27 -60.64
CA VAL E 164 52.51 -40.29 -60.03
C VAL E 164 52.41 -40.36 -58.50
N LEU E 165 51.20 -40.59 -57.97
CA LEU E 165 51.01 -40.58 -56.52
C LEU E 165 51.83 -41.69 -55.85
N ASP E 166 51.86 -42.88 -56.45
CA ASP E 166 52.67 -43.96 -55.90
C ASP E 166 54.15 -43.62 -55.91
N LEU E 167 54.62 -43.04 -57.02
CA LEU E 167 56.05 -42.68 -57.11
C LEU E 167 56.39 -41.54 -56.17
N ALA E 168 55.54 -40.51 -56.10
CA ALA E 168 55.84 -39.34 -55.28
C ALA E 168 55.77 -39.69 -53.79
N SER E 169 54.70 -40.35 -53.37
CA SER E 169 54.52 -40.68 -51.96
C SER E 169 53.59 -41.87 -51.79
N PRO E 170 54.12 -43.06 -51.52
CA PRO E 170 53.25 -44.23 -51.31
C PRO E 170 52.36 -44.04 -50.10
N ILE E 171 51.14 -44.59 -50.19
CA ILE E 171 50.14 -44.47 -49.15
C ILE E 171 49.82 -45.85 -48.62
N GLY E 172 49.88 -46.02 -47.30
CA GLY E 172 49.57 -47.26 -46.65
C GLY E 172 48.36 -47.16 -45.74
N ARG E 173 48.06 -48.28 -45.09
CA ARG E 173 46.96 -48.34 -44.14
C ARG E 173 47.37 -47.69 -42.82
N GLY E 174 46.49 -46.84 -42.29
CA GLY E 174 46.78 -46.15 -41.04
C GLY E 174 47.61 -44.90 -41.18
N GLN E 175 47.81 -44.40 -42.40
CA GLN E 175 48.57 -43.18 -42.62
C GLN E 175 47.82 -41.97 -42.10
N ARG E 176 48.57 -40.96 -41.68
CA ARG E 176 48.03 -39.70 -41.20
C ARG E 176 48.52 -38.55 -42.08
N GLY E 177 48.51 -38.75 -43.39
CA GLY E 177 49.02 -37.76 -44.30
C GLY E 177 48.06 -36.61 -44.51
N LEU E 178 48.59 -35.51 -45.04
CA LEU E 178 47.81 -34.34 -45.39
C LEU E 178 48.24 -33.84 -46.77
N ILE E 179 47.33 -33.15 -47.44
CA ILE E 179 47.56 -32.64 -48.78
C ILE E 179 47.57 -31.11 -48.72
N VAL E 180 48.65 -30.51 -49.19
CA VAL E 180 48.78 -29.06 -49.26
C VAL E 180 48.42 -28.66 -50.68
N ALA E 181 47.24 -28.05 -50.84
CA ALA E 181 46.70 -27.74 -52.16
C ALA E 181 46.32 -26.27 -52.23
N PRO E 182 46.96 -25.47 -53.08
CA PRO E 182 46.51 -24.10 -53.30
C PRO E 182 45.18 -24.08 -54.04
N PRO E 183 44.43 -22.98 -53.98
CA PRO E 183 43.16 -22.93 -54.69
C PRO E 183 43.35 -23.06 -56.20
N LYS E 184 42.38 -23.70 -56.85
CA LYS E 184 42.40 -23.96 -58.30
C LYS E 184 43.65 -24.72 -58.71
N ALA E 185 43.94 -25.81 -57.98
CA ALA E 185 45.07 -26.67 -58.29
C ALA E 185 44.66 -28.13 -58.43
N GLY E 186 43.41 -28.38 -58.81
CA GLY E 186 42.93 -29.75 -58.97
C GLY E 186 42.86 -30.53 -57.67
N LYS E 187 42.49 -29.88 -56.58
CA LYS E 187 42.39 -30.57 -55.30
C LYS E 187 41.21 -31.53 -55.28
N THR E 188 40.06 -31.10 -55.82
CA THR E 188 38.86 -31.93 -55.79
C THR E 188 39.05 -33.20 -56.61
N MET E 189 39.62 -33.09 -57.80
CA MET E 189 39.80 -34.27 -58.65
C MET E 189 40.89 -35.18 -58.08
N LEU E 190 41.82 -34.62 -57.30
CA LEU E 190 42.85 -35.44 -56.68
C LEU E 190 42.26 -36.45 -55.71
N LEU E 191 41.29 -36.00 -54.90
CA LEU E 191 40.63 -36.91 -53.97
C LEU E 191 39.75 -37.92 -54.71
N GLN E 192 39.11 -37.50 -55.79
CA GLN E 192 38.24 -38.40 -56.55
C GLN E 192 39.03 -39.54 -57.16
N ASN E 193 40.21 -39.25 -57.71
CA ASN E 193 41.04 -40.30 -58.30
C ASN E 193 41.49 -41.30 -57.24
N ILE E 194 41.85 -40.81 -56.06
CA ILE E 194 42.25 -41.71 -54.98
C ILE E 194 41.07 -42.61 -54.57
N ALA E 195 39.87 -42.03 -54.50
CA ALA E 195 38.70 -42.81 -54.12
C ALA E 195 38.42 -43.92 -55.11
N GLN E 196 38.60 -43.66 -56.40
CA GLN E 196 38.37 -44.70 -57.41
C GLN E 196 39.31 -45.88 -57.22
N SER E 197 40.59 -45.61 -56.95
CA SER E 197 41.54 -46.70 -56.77
C SER E 197 41.25 -47.49 -55.51
N ILE E 198 40.87 -46.81 -54.42
CA ILE E 198 40.57 -47.50 -53.17
C ILE E 198 39.35 -48.43 -53.35
N ALA E 199 38.30 -47.92 -54.00
CA ALA E 199 37.11 -48.73 -54.23
C ALA E 199 37.38 -49.86 -55.21
N TYR E 200 38.45 -49.80 -55.99
CA TYR E 200 38.79 -50.82 -56.97
C TYR E 200 39.85 -51.79 -56.47
N ASN E 201 40.99 -51.26 -56.01
CA ASN E 201 42.09 -52.13 -55.59
C ASN E 201 41.79 -52.81 -54.26
N HIS E 202 41.11 -52.13 -53.34
CA HIS E 202 40.81 -52.66 -52.01
C HIS E 202 39.33 -52.51 -51.73
N PRO E 203 38.48 -53.33 -52.35
CA PRO E 203 37.04 -53.25 -52.05
C PRO E 203 36.70 -53.57 -50.61
N ASP E 204 37.52 -54.39 -49.93
CA ASP E 204 37.23 -54.76 -48.56
C ASP E 204 37.33 -53.57 -47.62
N CYS E 205 38.28 -52.67 -47.87
CA CYS E 205 38.46 -51.51 -47.00
C CYS E 205 37.25 -50.58 -47.09
N VAL E 206 36.83 -50.07 -45.94
CA VAL E 206 35.69 -49.15 -45.87
C VAL E 206 36.19 -47.75 -46.20
N LEU E 207 35.56 -47.11 -47.19
CA LEU E 207 35.94 -45.78 -47.64
C LEU E 207 34.85 -44.80 -47.22
N MET E 208 35.24 -43.75 -46.50
CA MET E 208 34.33 -42.71 -46.05
C MET E 208 34.87 -41.35 -46.49
N VAL E 209 34.02 -40.53 -47.08
CA VAL E 209 34.39 -39.22 -47.58
C VAL E 209 33.62 -38.17 -46.80
N LEU E 210 34.34 -37.22 -46.22
CA LEU E 210 33.74 -36.12 -45.47
C LEU E 210 34.14 -34.81 -46.10
N LEU E 211 33.14 -33.97 -46.40
CA LEU E 211 33.36 -32.67 -47.03
C LEU E 211 32.74 -31.58 -46.18
N ILE E 212 33.48 -30.48 -46.02
CA ILE E 212 33.07 -29.36 -45.19
C ILE E 212 32.99 -28.11 -46.06
N ASP E 213 31.87 -27.38 -45.95
CA ASP E 213 31.68 -26.12 -46.65
C ASP E 213 31.81 -26.28 -48.16
N GLU E 214 31.23 -27.34 -48.70
CA GLU E 214 31.24 -27.62 -50.13
C GLU E 214 29.89 -27.25 -50.75
N ARG E 215 29.92 -26.88 -52.03
CA ARG E 215 28.72 -26.51 -52.74
C ARG E 215 27.81 -27.73 -52.91
N PRO E 216 26.49 -27.52 -52.97
CA PRO E 216 25.57 -28.67 -53.11
C PRO E 216 25.80 -29.49 -54.37
N GLU E 217 26.15 -28.84 -55.48
CA GLU E 217 26.41 -29.59 -56.71
C GLU E 217 27.70 -30.40 -56.60
N GLU E 218 28.67 -29.91 -55.82
CA GLU E 218 29.90 -30.67 -55.62
C GLU E 218 29.66 -31.92 -54.79
N VAL E 219 28.74 -31.86 -53.82
CA VAL E 219 28.44 -33.02 -53.00
C VAL E 219 27.77 -34.11 -53.84
N THR E 220 26.83 -33.71 -54.70
CA THR E 220 26.13 -34.69 -55.53
C THR E 220 27.08 -35.40 -56.49
N GLU E 221 28.02 -34.67 -57.09
CA GLU E 221 28.98 -35.31 -57.99
C GLU E 221 29.86 -36.30 -57.23
N MET E 222 30.25 -35.95 -56.00
CA MET E 222 31.10 -36.84 -55.21
C MET E 222 30.39 -38.15 -54.90
N GLN E 223 29.10 -38.09 -54.57
CA GLN E 223 28.35 -39.30 -54.27
C GLN E 223 28.25 -40.21 -55.49
N ARG E 224 28.00 -39.63 -56.67
CA ARG E 224 27.89 -40.43 -57.88
C ARG E 224 29.22 -41.06 -58.27
N LEU E 225 30.33 -40.35 -58.03
CA LEU E 225 31.63 -40.85 -58.47
C LEU E 225 32.22 -41.83 -57.48
N VAL E 226 32.18 -41.50 -56.18
CA VAL E 226 32.79 -42.33 -55.16
C VAL E 226 31.88 -43.51 -54.86
N LYS E 227 32.44 -44.72 -54.92
CA LYS E 227 31.70 -45.95 -54.61
C LYS E 227 31.87 -46.27 -53.13
N GLY E 228 31.14 -45.53 -52.30
CA GLY E 228 31.24 -45.72 -50.87
C GLY E 228 30.29 -44.81 -50.14
N GLU E 229 30.56 -44.61 -48.85
CA GLU E 229 29.74 -43.76 -48.00
C GLU E 229 30.29 -42.34 -48.05
N VAL E 230 29.47 -41.41 -48.52
CA VAL E 230 29.85 -40.00 -48.66
C VAL E 230 28.89 -39.17 -47.82
N VAL E 231 29.44 -38.37 -46.91
CA VAL E 231 28.67 -37.45 -46.08
C VAL E 231 29.32 -36.08 -46.16
N ALA E 232 28.50 -35.03 -46.28
CA ALA E 232 29.02 -33.69 -46.45
C ALA E 232 28.05 -32.69 -45.84
N SER E 233 28.57 -31.49 -45.56
CA SER E 233 27.78 -30.39 -45.03
C SER E 233 27.94 -29.17 -45.93
N THR E 234 26.83 -28.59 -46.34
CA THR E 234 26.87 -27.45 -47.23
C THR E 234 27.25 -26.17 -46.48
N PHE E 235 27.63 -25.14 -47.24
CA PHE E 235 28.07 -23.89 -46.63
C PHE E 235 26.94 -23.17 -45.93
N ASP E 236 25.70 -23.27 -46.45
CA ASP E 236 24.58 -22.57 -45.85
C ASP E 236 24.24 -23.10 -44.46
N GLU E 237 24.62 -24.33 -44.16
CA GLU E 237 24.36 -24.88 -42.84
C GLU E 237 25.23 -24.17 -41.79
N PRO E 238 24.76 -24.09 -40.55
CA PRO E 238 25.52 -23.38 -39.52
C PRO E 238 26.82 -24.10 -39.18
N ALA E 239 27.72 -23.35 -38.54
CA ALA E 239 29.01 -23.91 -38.15
C ALA E 239 28.86 -25.03 -37.15
N SER E 240 27.81 -25.00 -36.33
CA SER E 240 27.58 -26.09 -35.39
C SER E 240 27.25 -27.39 -36.12
N ARG E 241 26.59 -27.30 -37.27
CA ARG E 241 26.32 -28.49 -38.08
C ARG E 241 27.62 -29.13 -38.57
N HIS E 242 28.60 -28.30 -38.94
CA HIS E 242 29.88 -28.83 -39.40
C HIS E 242 30.59 -29.59 -38.28
N VAL E 243 30.52 -29.07 -37.05
CA VAL E 243 31.13 -29.76 -35.92
C VAL E 243 30.41 -31.07 -35.64
N GLN E 244 29.07 -31.07 -35.72
CA GLN E 244 28.30 -32.26 -35.40
C GLN E 244 28.62 -33.40 -36.35
N VAL E 245 28.70 -33.12 -37.66
CA VAL E 245 29.01 -34.15 -38.63
C VAL E 245 30.46 -34.60 -38.55
N ALA E 246 31.39 -33.71 -38.22
CA ALA E 246 32.79 -34.08 -38.14
C ALA E 246 33.04 -35.10 -37.04
N GLU E 247 32.43 -34.90 -35.87
CA GLU E 247 32.58 -35.86 -34.79
C GLU E 247 31.85 -37.17 -35.10
N MET E 248 30.78 -37.10 -35.89
CA MET E 248 30.04 -38.31 -36.24
C MET E 248 30.89 -39.26 -37.07
N VAL E 249 31.66 -38.73 -38.02
CA VAL E 249 32.45 -39.58 -38.91
C VAL E 249 33.56 -40.28 -38.15
N ILE E 250 34.28 -39.54 -37.31
CA ILE E 250 35.43 -40.12 -36.62
C ILE E 250 34.97 -41.13 -35.56
N GLU E 251 33.89 -40.82 -34.85
CA GLU E 251 33.37 -41.76 -33.86
C GLU E 251 32.87 -43.04 -34.52
N LYS E 252 32.22 -42.93 -35.68
CA LYS E 252 31.81 -44.12 -36.42
C LYS E 252 33.01 -44.94 -36.87
N ALA E 253 34.07 -44.26 -37.33
CA ALA E 253 35.26 -44.96 -37.78
C ALA E 253 35.94 -45.71 -36.64
N LYS E 254 36.00 -45.09 -35.45
CA LYS E 254 36.66 -45.73 -34.31
C LYS E 254 35.96 -47.03 -33.93
N ARG E 255 34.63 -47.03 -33.94
CA ARG E 255 33.89 -48.25 -33.60
C ARG E 255 34.16 -49.36 -34.61
N LEU E 256 34.23 -49.01 -35.89
CA LEU E 256 34.54 -50.01 -36.92
C LEU E 256 35.95 -50.55 -36.76
N VAL E 257 36.90 -49.71 -36.35
CA VAL E 257 38.28 -50.16 -36.18
C VAL E 257 38.36 -51.19 -35.04
N GLU E 258 37.56 -50.99 -34.00
CA GLU E 258 37.55 -51.95 -32.88
C GLU E 258 37.09 -53.33 -33.31
N HIS E 259 36.36 -53.44 -34.41
CA HIS E 259 35.90 -54.72 -34.94
C HIS E 259 36.84 -55.31 -35.99
N LYS E 260 38.13 -55.01 -35.90
CA LYS E 260 39.15 -55.53 -36.82
C LYS E 260 38.86 -55.17 -38.27
N LYS E 261 38.39 -53.95 -38.51
CA LYS E 261 38.10 -53.45 -39.84
C LYS E 261 38.99 -52.25 -40.16
N ASP E 262 39.24 -52.05 -41.45
CA ASP E 262 40.07 -50.95 -41.92
C ASP E 262 39.16 -49.86 -42.49
N VAL E 263 39.36 -48.63 -42.01
CA VAL E 263 38.55 -47.48 -42.41
C VAL E 263 39.47 -46.43 -43.00
N ILE E 264 39.12 -45.91 -44.17
CA ILE E 264 39.87 -44.86 -44.85
C ILE E 264 38.97 -43.64 -44.93
N ILE E 265 39.46 -42.50 -44.44
CA ILE E 265 38.70 -41.26 -44.38
C ILE E 265 39.39 -40.22 -45.24
N LEU E 266 38.64 -39.63 -46.18
CA LEU E 266 39.12 -38.54 -47.02
C LEU E 266 38.56 -37.24 -46.45
N LEU E 267 39.41 -36.44 -45.83
CA LEU E 267 39.00 -35.22 -45.16
C LEU E 267 39.22 -34.01 -46.07
N ASP E 268 38.23 -33.13 -46.12
CA ASP E 268 38.32 -31.90 -46.90
C ASP E 268 37.36 -30.90 -46.28
N SER E 269 37.90 -29.89 -45.60
CA SER E 269 39.32 -29.68 -45.40
C SER E 269 39.63 -29.33 -43.95
N ILE E 270 40.88 -29.53 -43.56
CA ILE E 270 41.29 -29.21 -42.19
C ILE E 270 41.11 -27.71 -41.92
N THR E 271 41.50 -26.87 -42.88
CA THR E 271 41.31 -25.44 -42.71
C THR E 271 39.83 -25.09 -42.57
N ARG E 272 38.98 -25.70 -43.40
CA ARG E 272 37.54 -25.50 -43.27
C ARG E 272 37.02 -26.08 -41.96
N LEU E 273 37.52 -27.26 -41.57
CA LEU E 273 37.10 -27.86 -40.31
C LEU E 273 37.53 -27.02 -39.12
N ALA E 274 38.76 -26.50 -39.13
CA ALA E 274 39.21 -25.64 -38.05
C ALA E 274 38.45 -24.32 -38.03
N ARG E 275 37.96 -23.88 -39.19
CA ARG E 275 37.17 -22.65 -39.24
C ARG E 275 35.88 -22.78 -38.42
N ALA E 276 35.18 -23.91 -38.56
CA ALA E 276 33.95 -24.12 -37.80
C ALA E 276 34.25 -24.35 -36.33
N TYR E 277 35.33 -25.09 -36.03
CA TYR E 277 35.66 -25.37 -34.63
C TYR E 277 35.98 -24.10 -33.86
N ASN E 278 36.69 -23.16 -34.49
CA ASN E 278 37.06 -21.92 -33.81
C ASN E 278 35.82 -21.10 -33.45
N THR E 279 34.84 -21.04 -34.35
CA THR E 279 33.63 -20.26 -34.09
C THR E 279 32.77 -20.90 -33.00
N VAL E 280 32.64 -22.22 -33.02
CA VAL E 280 31.74 -22.90 -32.09
C VAL E 280 32.24 -22.77 -30.65
N VAL E 281 33.53 -22.96 -30.44
CA VAL E 281 34.07 -22.93 -29.07
C VAL E 281 33.93 -21.53 -28.49
N PRO E 282 33.44 -21.39 -27.26
CA PRO E 282 33.33 -20.06 -26.66
C PRO E 282 34.69 -19.44 -26.40
N ALA E 283 34.73 -18.11 -26.43
CA ALA E 283 35.98 -17.40 -26.19
C ALA E 283 36.44 -17.57 -24.74
N SER E 284 37.74 -17.76 -24.57
CA SER E 284 38.34 -17.93 -23.25
C SER E 284 38.84 -16.62 -22.67
N GLY E 285 38.60 -15.50 -23.35
CA GLY E 285 39.07 -14.21 -22.89
C GLY E 285 40.42 -13.79 -23.44
N LYS E 286 41.14 -14.68 -24.12
CA LYS E 286 42.42 -14.37 -24.73
C LYS E 286 42.37 -14.73 -26.21
N VAL E 287 42.83 -13.81 -27.05
CA VAL E 287 42.83 -13.98 -28.50
C VAL E 287 44.27 -13.99 -28.97
N LEU E 288 44.65 -15.03 -29.70
CA LEU E 288 45.99 -15.14 -30.25
C LEU E 288 46.04 -14.51 -31.64
N THR E 289 47.14 -14.71 -32.35
CA THR E 289 47.27 -14.17 -33.70
C THR E 289 46.30 -14.83 -34.66
N GLY E 290 45.68 -14.02 -35.51
CA GLY E 290 44.72 -14.52 -36.47
C GLY E 290 43.34 -14.81 -35.92
N GLY E 291 43.08 -14.47 -34.66
CA GLY E 291 41.78 -14.72 -34.08
C GLY E 291 41.48 -16.16 -33.77
N VAL E 292 42.50 -17.00 -33.64
CA VAL E 292 42.33 -18.42 -33.35
C VAL E 292 42.85 -18.68 -31.95
N ASP E 293 41.99 -19.24 -31.10
CA ASP E 293 42.37 -19.56 -29.73
C ASP E 293 43.19 -20.85 -29.70
N ALA E 294 44.00 -21.00 -28.65
CA ALA E 294 44.79 -22.21 -28.50
C ALA E 294 43.91 -23.43 -28.33
N ASN E 295 42.83 -23.31 -27.53
CA ASN E 295 41.92 -24.42 -27.34
C ASN E 295 41.02 -24.66 -28.55
N ALA E 296 40.88 -23.67 -29.44
CA ALA E 296 40.04 -23.84 -30.62
C ALA E 296 40.60 -24.91 -31.55
N LEU E 297 41.92 -24.93 -31.73
CA LEU E 297 42.56 -25.90 -32.61
C LEU E 297 42.85 -27.23 -31.93
N HIS E 298 42.51 -27.35 -30.64
CA HIS E 298 42.66 -28.63 -29.95
C HIS E 298 41.76 -29.70 -30.56
N ARG E 299 40.53 -29.33 -30.89
CA ARG E 299 39.60 -30.29 -31.47
C ARG E 299 40.06 -30.84 -32.82
N PRO E 300 40.51 -30.02 -33.78
CA PRO E 300 41.04 -30.61 -35.03
C PRO E 300 42.24 -31.53 -34.80
N LYS E 301 43.07 -31.23 -33.80
CA LYS E 301 44.21 -32.09 -33.52
C LYS E 301 43.76 -33.48 -33.07
N ARG E 302 42.71 -33.54 -32.24
CA ARG E 302 42.15 -34.83 -31.84
C ARG E 302 41.60 -35.59 -33.04
N PHE E 303 40.89 -34.89 -33.93
CA PHE E 303 40.31 -35.54 -35.11
C PHE E 303 41.39 -36.04 -36.04
N PHE E 304 42.41 -35.22 -36.30
CA PHE E 304 43.45 -35.59 -37.25
C PHE E 304 44.38 -36.66 -36.69
N GLY E 305 44.66 -36.60 -35.39
CA GLY E 305 45.61 -37.53 -34.79
C GLY E 305 45.06 -38.93 -34.57
N ALA E 306 43.77 -39.14 -34.81
CA ALA E 306 43.17 -40.45 -34.56
C ALA E 306 43.60 -41.51 -35.58
N ALA E 307 44.27 -41.11 -36.66
CA ALA E 307 44.72 -42.05 -37.68
C ALA E 307 45.83 -42.92 -37.10
N ARG E 308 45.52 -44.18 -36.80
CA ARG E 308 46.46 -45.08 -36.17
C ARG E 308 46.39 -46.45 -36.84
N ASN E 309 47.47 -47.20 -36.74
CA ASN E 309 47.54 -48.58 -37.23
C ASN E 309 47.53 -49.50 -36.02
N VAL E 310 46.41 -50.20 -35.83
CA VAL E 310 46.23 -51.02 -34.64
C VAL E 310 47.06 -52.28 -34.75
N GLU E 311 47.85 -52.56 -33.70
CA GLU E 311 48.64 -53.79 -33.67
C GLU E 311 47.75 -55.01 -33.60
N GLU E 312 46.68 -54.95 -32.81
CA GLU E 312 45.79 -56.10 -32.66
C GLU E 312 45.09 -56.43 -33.97
N GLY E 313 44.66 -55.42 -34.72
CA GLY E 313 43.99 -55.64 -35.98
C GLY E 313 43.25 -54.41 -36.47
N GLY E 314 43.25 -54.20 -37.79
CA GLY E 314 42.59 -53.06 -38.38
C GLY E 314 43.47 -51.82 -38.36
N SER E 315 43.00 -50.79 -39.05
CA SER E 315 43.72 -49.53 -39.13
C SER E 315 42.74 -48.42 -39.51
N LEU E 316 43.14 -47.18 -39.22
CA LEU E 316 42.36 -46.00 -39.56
C LEU E 316 43.25 -45.06 -40.36
N THR E 317 42.93 -44.89 -41.64
CA THR E 317 43.69 -44.02 -42.53
C THR E 317 42.91 -42.73 -42.76
N ILE E 318 43.56 -41.61 -42.50
CA ILE E 318 42.95 -40.28 -42.65
C ILE E 318 43.79 -39.49 -43.64
N ILE E 319 43.16 -39.03 -44.73
CA ILE E 319 43.80 -38.20 -45.73
C ILE E 319 43.07 -36.86 -45.75
N ALA E 320 43.79 -35.78 -45.49
CA ALA E 320 43.21 -34.46 -45.38
C ALA E 320 43.84 -33.51 -46.40
N THR E 321 43.17 -32.38 -46.60
CA THR E 321 43.64 -31.35 -47.52
C THR E 321 43.83 -30.04 -46.76
N ALA E 322 44.92 -29.34 -47.07
CA ALA E 322 45.24 -28.07 -46.44
C ALA E 322 45.27 -26.97 -47.50
N LEU E 323 44.63 -25.85 -47.20
CA LEU E 323 44.54 -24.72 -48.11
C LEU E 323 45.59 -23.66 -47.73
N ILE E 324 46.38 -23.24 -48.71
CA ILE E 324 47.39 -22.21 -48.52
C ILE E 324 47.24 -21.18 -49.62
N ASP E 325 47.82 -19.99 -49.37
CA ASP E 325 47.81 -18.89 -50.31
C ASP E 325 46.39 -18.50 -50.72
N THR E 326 45.47 -18.53 -49.75
CA THR E 326 44.08 -18.18 -49.98
C THR E 326 43.77 -16.72 -49.68
N GLY E 327 44.78 -15.93 -49.31
CA GLY E 327 44.58 -14.53 -48.99
C GLY E 327 44.12 -14.26 -47.58
N SER E 328 43.98 -15.32 -46.78
CA SER E 328 43.49 -15.19 -45.38
C SER E 328 44.58 -15.62 -44.41
N LYS E 329 45.12 -14.68 -43.64
CA LYS E 329 46.17 -15.01 -42.66
C LYS E 329 45.64 -16.10 -41.73
N MET E 330 44.41 -15.94 -41.24
CA MET E 330 43.92 -16.92 -40.27
C MET E 330 44.15 -18.34 -40.77
N ASP E 331 43.91 -18.59 -42.06
CA ASP E 331 44.13 -19.92 -42.61
C ASP E 331 45.60 -20.31 -42.58
N GLU E 332 46.50 -19.33 -42.73
CA GLU E 332 47.92 -19.63 -42.68
C GLU E 332 48.36 -20.14 -41.31
N VAL E 333 47.80 -19.57 -40.24
CA VAL E 333 48.17 -20.01 -38.89
C VAL E 333 47.76 -21.46 -38.67
N ILE E 334 46.59 -21.85 -39.22
CA ILE E 334 46.13 -23.23 -39.08
C ILE E 334 47.10 -24.20 -39.74
N TYR E 335 47.60 -23.83 -40.92
CA TYR E 335 48.51 -24.71 -41.65
C TYR E 335 49.82 -24.89 -40.89
N GLU E 336 50.32 -23.83 -40.25
CA GLU E 336 51.61 -23.91 -39.57
C GLU E 336 51.60 -24.92 -38.44
N GLU E 337 50.52 -24.97 -37.66
CA GLU E 337 50.44 -25.92 -36.55
C GLU E 337 50.25 -27.34 -37.04
N PHE E 338 49.79 -27.51 -38.28
CA PHE E 338 49.55 -28.84 -38.86
C PHE E 338 50.62 -29.24 -39.86
N LYS E 339 51.85 -28.76 -39.70
CA LYS E 339 52.94 -29.12 -40.61
C LYS E 339 53.55 -30.47 -40.24
N GLY E 340 54.13 -30.55 -39.05
CA GLY E 340 54.83 -31.75 -38.63
C GLY E 340 53.96 -32.84 -38.03
N THR E 341 52.65 -32.75 -38.26
CA THR E 341 51.73 -33.74 -37.65
C THR E 341 51.34 -34.81 -38.68
N GLY E 342 52.09 -34.93 -39.78
CA GLY E 342 51.67 -35.86 -40.84
C GLY E 342 52.69 -36.95 -41.11
N ASN E 343 52.24 -38.21 -41.19
CA ASN E 343 53.16 -39.32 -41.54
C ASN E 343 53.64 -39.11 -42.97
N MET E 344 52.72 -38.78 -43.88
CA MET E 344 53.10 -38.52 -45.29
C MET E 344 52.59 -37.14 -45.69
N GLU E 345 53.19 -36.55 -46.74
CA GLU E 345 52.80 -35.18 -47.14
C GLU E 345 52.64 -35.15 -48.67
N LEU E 346 51.94 -34.12 -49.17
CA LEU E 346 51.72 -34.00 -50.61
C LEU E 346 51.43 -32.54 -50.89
N HIS E 347 52.44 -31.82 -51.40
CA HIS E 347 52.34 -30.39 -51.64
C HIS E 347 52.07 -30.14 -53.11
N LEU E 348 51.02 -29.39 -53.40
CA LEU E 348 50.67 -29.02 -54.76
C LEU E 348 51.18 -27.61 -55.06
N SER E 349 51.40 -27.34 -56.34
CA SER E 349 51.93 -26.06 -56.79
C SER E 349 50.96 -25.43 -57.78
N ARG E 350 50.60 -24.17 -57.53
CA ARG E 350 49.70 -23.47 -58.44
C ARG E 350 50.37 -23.20 -59.78
N LYS E 351 51.68 -22.91 -59.77
CA LYS E 351 52.40 -22.59 -61.00
C LYS E 351 52.35 -23.74 -61.98
N ILE E 352 52.48 -24.98 -61.49
CA ILE E 352 52.40 -26.14 -62.37
C ILE E 352 51.02 -26.24 -63.01
N ALA E 353 49.97 -25.97 -62.24
CA ALA E 353 48.62 -25.99 -62.78
C ALA E 353 48.42 -24.90 -63.83
N GLU E 354 49.12 -23.77 -63.68
CA GLU E 354 49.03 -22.69 -64.66
C GLU E 354 49.60 -23.09 -66.02
N LYS E 355 50.44 -24.12 -66.06
CA LYS E 355 51.01 -24.62 -67.30
C LYS E 355 50.16 -25.70 -67.96
N ARG E 356 48.96 -25.97 -67.42
CA ARG E 356 48.06 -27.00 -67.94
C ARG E 356 48.72 -28.37 -67.92
N VAL E 357 49.51 -28.62 -66.87
CA VAL E 357 50.14 -29.92 -66.65
C VAL E 357 49.58 -30.50 -65.37
N PHE E 358 49.04 -31.72 -65.46
CA PHE E 358 48.41 -32.36 -64.31
C PHE E 358 48.96 -33.76 -64.12
N PRO E 359 49.08 -34.23 -62.87
CA PRO E 359 48.73 -33.53 -61.63
C PRO E 359 49.79 -32.53 -61.20
N ALA E 360 49.38 -31.39 -60.63
CA ALA E 360 50.32 -30.36 -60.20
C ALA E 360 50.85 -30.73 -58.81
N ILE E 361 51.81 -31.64 -58.81
CA ILE E 361 52.40 -32.18 -57.59
C ILE E 361 53.88 -31.81 -57.55
N ASP E 362 54.30 -31.24 -56.43
CA ASP E 362 55.71 -30.90 -56.22
C ASP E 362 56.43 -32.17 -55.75
N TYR E 363 57.15 -32.81 -56.67
CA TYR E 363 57.81 -34.07 -56.35
C TYR E 363 58.89 -33.87 -55.28
N ASN E 364 59.67 -32.78 -55.39
CA ASN E 364 60.73 -32.54 -54.43
C ASN E 364 60.16 -32.29 -53.03
N ARG E 365 59.09 -31.51 -52.94
CA ARG E 365 58.50 -31.21 -51.64
C ARG E 365 57.77 -32.40 -51.04
N SER E 366 57.13 -33.22 -51.89
CA SER E 366 56.39 -34.36 -51.40
C SER E 366 57.33 -35.44 -50.86
N GLY E 367 56.83 -36.21 -49.91
CA GLY E 367 57.62 -37.27 -49.31
C GLY E 367 56.80 -38.05 -48.31
N THR E 368 57.43 -39.05 -47.72
CA THR E 368 56.79 -39.91 -46.75
C THR E 368 57.82 -40.42 -45.75
N ARG E 369 57.32 -40.84 -44.59
CA ARG E 369 58.16 -41.36 -43.52
C ARG E 369 57.97 -42.86 -43.38
N LYS E 370 59.06 -43.57 -43.07
CA LYS E 370 59.04 -45.02 -42.88
C LYS E 370 58.49 -45.74 -44.11
N GLU E 371 58.97 -45.32 -45.29
CA GLU E 371 58.56 -45.95 -46.54
C GLU E 371 59.14 -47.35 -46.72
N GLU E 372 60.09 -47.75 -45.86
CA GLU E 372 60.66 -49.09 -45.97
C GLU E 372 59.62 -50.16 -45.69
N LEU E 373 58.74 -49.92 -44.71
CA LEU E 373 57.72 -50.90 -44.37
C LEU E 373 56.70 -51.07 -45.48
N LEU E 374 56.32 -49.98 -46.16
CA LEU E 374 55.29 -50.05 -47.19
C LEU E 374 55.82 -50.74 -48.45
N THR E 375 56.84 -50.17 -49.07
CA THR E 375 57.38 -50.72 -50.30
C THR E 375 58.30 -51.90 -49.98
N THR E 376 58.74 -52.60 -51.04
CA THR E 376 59.65 -53.72 -50.90
C THR E 376 61.09 -53.25 -51.02
N GLN E 377 62.02 -54.18 -50.80
CA GLN E 377 63.44 -53.84 -50.88
C GLN E 377 63.82 -53.42 -52.30
N GLU E 378 63.32 -54.14 -53.30
CA GLU E 378 63.64 -53.81 -54.69
C GLU E 378 62.94 -52.52 -55.11
N GLU E 379 61.68 -52.34 -54.71
CA GLU E 379 60.93 -51.15 -55.11
C GLU E 379 61.49 -49.89 -54.44
N LEU E 380 61.93 -50.01 -53.19
CA LEU E 380 62.44 -48.84 -52.47
C LEU E 380 63.69 -48.27 -53.14
N GLN E 381 64.60 -49.14 -53.59
CA GLN E 381 65.83 -48.66 -54.23
C GLN E 381 65.54 -47.93 -55.53
N LYS E 382 64.56 -48.41 -56.31
CA LYS E 382 64.22 -47.75 -57.56
C LYS E 382 63.69 -46.34 -57.32
N MET E 383 62.89 -46.16 -56.27
CA MET E 383 62.38 -44.82 -55.95
C MET E 383 63.50 -43.87 -55.57
N TRP E 384 64.51 -44.37 -54.84
CA TRP E 384 65.64 -43.51 -54.46
C TRP E 384 66.41 -43.05 -55.68
N ILE E 385 66.59 -43.94 -56.67
CA ILE E 385 67.29 -43.55 -57.90
C ILE E 385 66.54 -42.45 -58.64
N LEU E 386 65.21 -42.58 -58.71
CA LEU E 386 64.41 -41.58 -59.40
C LEU E 386 64.49 -40.22 -58.69
N ARG E 387 64.48 -40.22 -57.36
CA ARG E 387 64.55 -38.96 -56.63
C ARG E 387 65.88 -38.27 -56.84
N LYS E 388 66.96 -39.04 -57.03
CA LYS E 388 68.27 -38.44 -57.25
C LYS E 388 68.29 -37.64 -58.56
N ILE E 389 67.65 -38.16 -59.60
CA ILE E 389 67.61 -37.46 -60.88
C ILE E 389 66.71 -36.23 -60.77
N ILE E 390 65.57 -36.36 -60.09
CA ILE E 390 64.58 -35.28 -60.03
C ILE E 390 65.10 -34.09 -59.23
N HIS E 391 65.85 -34.34 -58.15
CA HIS E 391 66.22 -33.28 -57.22
C HIS E 391 66.94 -32.10 -57.88
N PRO E 392 67.95 -32.27 -58.74
CA PRO E 392 68.53 -31.11 -59.40
C PRO E 392 67.54 -30.31 -60.24
N MET E 393 66.56 -30.98 -60.86
CA MET E 393 65.59 -30.30 -61.68
C MET E 393 64.64 -29.48 -60.81
N GLY E 394 64.04 -28.47 -61.43
CA GLY E 394 63.11 -27.61 -60.72
C GLY E 394 61.78 -28.29 -60.44
N GLU E 395 60.98 -27.62 -59.62
CA GLU E 395 59.68 -28.16 -59.25
C GLU E 395 58.72 -28.23 -60.43
N ILE E 396 58.93 -27.40 -61.46
CA ILE E 396 58.05 -27.39 -62.63
C ILE E 396 58.57 -28.31 -63.72
N ASP E 397 59.88 -28.27 -63.99
CA ASP E 397 60.46 -29.10 -65.04
C ASP E 397 60.40 -30.59 -64.72
N ALA E 398 60.27 -30.93 -63.44
CA ALA E 398 60.25 -32.34 -63.05
C ALA E 398 58.98 -33.04 -63.50
N MET E 399 57.86 -32.31 -63.58
CA MET E 399 56.59 -32.93 -63.91
C MET E 399 56.54 -33.37 -65.38
N GLU E 400 56.76 -32.42 -66.29
CA GLU E 400 56.72 -32.77 -67.71
C GLU E 400 57.78 -33.80 -68.06
N PHE E 401 58.92 -33.78 -67.35
CA PHE E 401 59.90 -34.85 -67.51
C PHE E 401 59.32 -36.20 -67.09
N LEU E 402 58.59 -36.23 -65.98
CA LEU E 402 58.00 -37.47 -65.50
C LEU E 402 56.77 -37.87 -66.31
N ILE E 403 56.00 -36.90 -66.79
CA ILE E 403 54.75 -37.20 -67.46
C ILE E 403 55.01 -37.95 -68.77
N ASN E 404 55.97 -37.46 -69.56
CA ASN E 404 56.25 -38.11 -70.85
C ASN E 404 56.79 -39.53 -70.66
N LYS E 405 57.63 -39.73 -69.64
CA LYS E 405 58.16 -41.06 -69.37
C LYS E 405 57.04 -42.02 -68.99
N LEU E 406 56.11 -41.57 -68.14
CA LEU E 406 54.99 -42.43 -67.74
C LEU E 406 53.96 -42.59 -68.85
N ALA E 407 53.88 -41.60 -69.76
CA ALA E 407 52.90 -41.66 -70.83
C ALA E 407 53.16 -42.83 -71.79
N MET E 408 54.43 -43.08 -72.11
CA MET E 408 54.79 -44.12 -73.06
C MET E 408 55.05 -45.47 -72.39
N THR E 409 54.89 -45.57 -71.08
CA THR E 409 55.04 -46.83 -70.36
C THR E 409 53.69 -47.32 -69.87
N LYS E 410 53.52 -48.64 -69.85
CA LYS E 410 52.26 -49.23 -69.44
C LYS E 410 52.07 -49.15 -67.93
N THR E 411 53.00 -49.71 -67.16
CA THR E 411 52.94 -49.71 -65.71
C THR E 411 54.20 -49.03 -65.14
N ASN E 412 54.18 -48.84 -63.82
CA ASN E 412 55.33 -48.25 -63.15
C ASN E 412 56.56 -49.14 -63.23
N ASP E 413 56.35 -50.46 -63.31
CA ASP E 413 57.48 -51.37 -63.45
C ASP E 413 58.22 -51.13 -64.77
N ASP E 414 57.47 -50.90 -65.85
CA ASP E 414 58.10 -50.59 -67.13
C ASP E 414 58.87 -49.28 -67.07
N PHE E 415 58.33 -48.28 -66.36
CA PHE E 415 59.04 -47.03 -66.18
C PHE E 415 60.31 -47.22 -65.37
N PHE E 416 60.24 -48.05 -64.33
CA PHE E 416 61.40 -48.25 -63.46
C PHE E 416 62.56 -48.89 -64.22
N GLU E 417 62.29 -49.90 -65.05
CA GLU E 417 63.36 -50.56 -65.78
C GLU E 417 63.94 -49.66 -66.87
N MET E 418 63.14 -48.72 -67.38
CA MET E 418 63.65 -47.75 -68.34
C MET E 418 64.69 -46.82 -67.72
N MET E 419 64.45 -46.35 -66.50
CA MET E 419 65.43 -45.48 -65.84
C MET E 419 66.72 -46.23 -65.54
N LYS E 420 66.66 -47.55 -65.40
CA LYS E 420 67.85 -48.34 -65.13
C LYS E 420 68.81 -48.33 -66.32
N ARG E 421 68.30 -48.07 -67.53
CA ARG E 421 69.15 -48.00 -68.70
C ARG E 421 70.15 -46.85 -68.59
N SER E 422 69.70 -45.70 -68.10
CA SER E 422 70.57 -44.53 -67.96
C SER E 422 71.48 -44.68 -66.74
N MET F 4 -11.88 -4.90 -65.50
CA MET F 4 -12.42 -6.25 -65.31
C MET F 4 -11.33 -7.21 -64.86
N ASN F 5 -10.12 -7.02 -65.39
CA ASN F 5 -8.98 -7.87 -65.10
C ASN F 5 -7.95 -7.08 -64.32
N LEU F 6 -7.50 -7.63 -63.18
CA LEU F 6 -6.62 -6.89 -62.29
C LEU F 6 -5.25 -6.64 -62.92
N THR F 7 -4.69 -7.64 -63.60
CA THR F 7 -3.34 -7.50 -64.13
C THR F 7 -3.25 -6.43 -65.20
N GLU F 8 -4.24 -6.34 -66.08
CA GLU F 8 -4.21 -5.35 -67.15
C GLU F 8 -4.51 -3.94 -66.63
N LEU F 9 -5.21 -3.83 -65.51
CA LEU F 9 -5.55 -2.51 -64.98
C LEU F 9 -4.34 -1.82 -64.37
N LYS F 10 -3.45 -2.58 -63.72
CA LYS F 10 -2.26 -1.98 -63.13
C LYS F 10 -1.25 -1.56 -64.19
N ASN F 11 -1.19 -2.28 -65.30
CA ASN F 11 -0.25 -1.93 -66.37
C ASN F 11 -0.65 -0.67 -67.12
N THR F 12 -1.90 -0.24 -66.99
CA THR F 12 -2.34 0.98 -67.65
C THR F 12 -1.67 2.21 -67.03
N PRO F 13 -1.43 3.25 -67.82
CA PRO F 13 -0.82 4.47 -67.27
C PRO F 13 -1.73 5.13 -66.24
N VAL F 14 -1.10 5.85 -65.31
CA VAL F 14 -1.86 6.50 -64.25
C VAL F 14 -2.79 7.56 -64.82
N SER F 15 -2.35 8.27 -65.87
CA SER F 15 -3.19 9.28 -66.48
C SER F 15 -4.46 8.67 -67.07
N GLU F 16 -4.34 7.52 -67.74
CA GLU F 16 -5.51 6.84 -68.26
C GLU F 16 -6.37 6.26 -67.13
N LEU F 17 -5.74 5.89 -66.02
CA LEU F 17 -6.48 5.30 -64.90
C LEU F 17 -7.49 6.30 -64.33
N ILE F 18 -7.10 7.57 -64.21
CA ILE F 18 -8.01 8.58 -63.71
C ILE F 18 -9.18 8.77 -64.67
N THR F 19 -8.90 8.81 -65.97
CA THR F 19 -9.96 9.03 -66.96
C THR F 19 -10.97 7.89 -66.94
N LEU F 20 -10.51 6.66 -66.77
CA LEU F 20 -11.42 5.52 -66.74
C LEU F 20 -12.37 5.62 -65.56
N GLY F 21 -11.88 6.04 -64.39
CA GLY F 21 -12.73 6.12 -63.21
C GLY F 21 -13.68 7.29 -63.23
N GLU F 22 -13.35 8.36 -63.96
CA GLU F 22 -14.22 9.53 -63.99
C GLU F 22 -15.53 9.23 -64.71
N ASN F 23 -15.45 8.59 -65.88
CA ASN F 23 -16.66 8.25 -66.62
C ASN F 23 -17.48 7.17 -65.92
N MET F 24 -16.82 6.30 -65.14
CA MET F 24 -17.53 5.25 -64.44
C MET F 24 -18.48 5.83 -63.40
N GLY F 25 -18.06 6.88 -62.70
CA GLY F 25 -18.90 7.52 -61.71
C GLY F 25 -18.14 7.99 -60.48
N LEU F 26 -16.88 7.58 -60.37
CA LEU F 26 -16.07 7.98 -59.23
C LEU F 26 -15.57 9.41 -59.39
N GLU F 27 -15.16 10.00 -58.27
CA GLU F 27 -14.71 11.39 -58.24
C GLU F 27 -13.53 11.51 -57.29
N ASN F 28 -12.72 12.56 -57.50
CA ASN F 28 -11.57 12.87 -56.65
C ASN F 28 -10.56 11.74 -56.64
N LEU F 29 -10.35 11.12 -57.81
CA LEU F 29 -9.33 10.08 -57.95
C LEU F 29 -7.97 10.62 -58.38
N ALA F 30 -7.88 11.90 -58.73
CA ALA F 30 -6.63 12.43 -59.25
C ALA F 30 -5.58 12.58 -58.17
N ARG F 31 -5.95 13.13 -57.01
CA ARG F 31 -4.98 13.44 -55.96
C ARG F 31 -4.97 12.35 -54.89
N MET F 32 -4.55 11.15 -55.31
CA MET F 32 -4.41 10.03 -54.40
C MET F 32 -3.48 9.00 -55.03
N ARG F 33 -3.00 8.07 -54.21
CA ARG F 33 -2.06 7.06 -54.68
C ARG F 33 -2.70 6.16 -55.71
N LYS F 34 -1.87 5.64 -56.63
CA LYS F 34 -2.38 4.78 -57.70
C LYS F 34 -2.99 3.50 -57.15
N GLN F 35 -2.44 2.98 -56.05
CA GLN F 35 -2.97 1.75 -55.47
C GLN F 35 -4.40 1.95 -54.97
N ASP F 36 -4.68 3.09 -54.37
CA ASP F 36 -6.04 3.37 -53.89
C ASP F 36 -7.01 3.54 -55.05
N ILE F 37 -6.54 4.11 -56.17
CA ILE F 37 -7.41 4.29 -57.33
C ILE F 37 -7.87 2.94 -57.86
N ILE F 38 -6.96 1.97 -57.93
CA ILE F 38 -7.32 0.65 -58.43
C ILE F 38 -8.37 0.00 -57.55
N PHE F 39 -8.20 0.12 -56.22
CA PHE F 39 -9.20 -0.43 -55.29
C PHE F 39 -10.54 0.27 -55.46
N ALA F 40 -10.53 1.60 -55.63
CA ALA F 40 -11.77 2.33 -55.81
C ALA F 40 -12.50 1.94 -57.10
N ILE F 41 -11.75 1.80 -58.20
CA ILE F 41 -12.37 1.44 -59.47
C ILE F 41 -12.96 0.04 -59.41
N LEU F 42 -12.23 -0.91 -58.82
CA LEU F 42 -12.76 -2.26 -58.67
C LEU F 42 -13.99 -2.27 -57.76
N LYS F 43 -13.98 -1.46 -56.70
CA LYS F 43 -15.12 -1.40 -55.80
C LYS F 43 -16.37 -0.90 -56.54
N GLN F 44 -16.22 0.15 -57.34
CA GLN F 44 -17.37 0.67 -58.10
C GLN F 44 -17.79 -0.32 -59.17
N HIS F 45 -16.83 -0.93 -59.86
CA HIS F 45 -17.17 -1.90 -60.90
C HIS F 45 -17.81 -3.15 -60.31
N ALA F 46 -17.49 -3.49 -59.06
CA ALA F 46 -18.09 -4.67 -58.43
C ALA F 46 -19.58 -4.49 -58.21
N LYS F 47 -20.06 -3.25 -58.07
CA LYS F 47 -21.48 -3.01 -57.88
C LYS F 47 -22.30 -3.42 -59.09
N SER F 48 -21.70 -3.38 -60.29
CA SER F 48 -22.41 -3.78 -61.50
C SER F 48 -22.69 -5.28 -61.55
N GLY F 49 -21.98 -6.07 -60.74
CA GLY F 49 -22.18 -7.50 -60.71
C GLY F 49 -21.29 -8.29 -61.66
N GLU F 50 -20.53 -7.62 -62.52
CA GLU F 50 -19.64 -8.32 -63.44
C GLU F 50 -18.49 -8.97 -62.68
N ASP F 51 -18.07 -10.13 -63.17
CA ASP F 51 -16.97 -10.86 -62.55
C ASP F 51 -15.65 -10.11 -62.74
N ILE F 52 -14.79 -10.22 -61.73
CA ILE F 52 -13.48 -9.56 -61.73
C ILE F 52 -12.40 -10.63 -61.66
N PHE F 53 -11.43 -10.54 -62.55
CA PHE F 53 -10.32 -11.49 -62.60
C PHE F 53 -9.09 -10.89 -61.95
N GLY F 54 -8.39 -11.70 -61.18
CA GLY F 54 -7.19 -11.24 -60.49
C GLY F 54 -6.13 -12.32 -60.44
N ASP F 55 -4.88 -11.87 -60.31
CA ASP F 55 -3.75 -12.79 -60.26
C ASP F 55 -2.59 -12.10 -59.57
N GLY F 56 -1.62 -12.92 -59.15
CA GLY F 56 -0.45 -12.40 -58.47
C GLY F 56 0.35 -13.52 -57.85
N VAL F 57 1.30 -13.13 -57.01
CA VAL F 57 2.16 -14.07 -56.30
C VAL F 57 1.63 -14.24 -54.89
N LEU F 58 1.43 -15.49 -54.48
CA LEU F 58 0.83 -15.80 -53.19
C LEU F 58 1.93 -15.95 -52.12
N GLU F 59 1.68 -15.34 -50.96
CA GLU F 59 2.55 -15.49 -49.80
C GLU F 59 1.68 -15.83 -48.59
N ILE F 60 2.28 -16.52 -47.62
CA ILE F 60 1.59 -16.95 -46.42
C ILE F 60 2.21 -16.25 -45.22
N LEU F 61 1.36 -15.60 -44.42
CA LEU F 61 1.82 -14.92 -43.21
C LEU F 61 1.99 -15.92 -42.07
N GLN F 62 2.51 -15.43 -40.94
CA GLN F 62 2.74 -16.30 -39.79
C GLN F 62 1.45 -16.69 -39.09
N ASP F 63 0.41 -15.86 -39.16
CA ASP F 63 -0.86 -16.19 -38.53
C ASP F 63 -1.52 -17.40 -39.19
N GLY F 64 -1.42 -17.50 -40.51
CA GLY F 64 -2.02 -18.60 -41.24
C GLY F 64 -2.70 -18.18 -42.52
N PHE F 65 -3.25 -16.97 -42.55
CA PHE F 65 -3.83 -16.45 -43.77
C PHE F 65 -2.75 -15.83 -44.65
N GLY F 66 -3.09 -15.64 -45.93
CA GLY F 66 -2.16 -15.10 -46.90
C GLY F 66 -2.79 -14.03 -47.76
N PHE F 67 -1.93 -13.37 -48.54
CA PHE F 67 -2.34 -12.35 -49.48
C PHE F 67 -1.68 -12.61 -50.84
N LEU F 68 -2.34 -12.16 -51.90
CA LEU F 68 -1.87 -12.36 -53.27
C LEU F 68 -1.19 -11.08 -53.72
N ARG F 69 0.12 -10.99 -53.46
CA ARG F 69 0.88 -9.81 -53.82
C ARG F 69 1.04 -9.71 -55.34
N SER F 70 1.25 -8.49 -55.82
CA SER F 70 1.45 -8.22 -57.23
C SER F 70 2.89 -7.83 -57.48
N ALA F 71 3.51 -8.43 -58.51
CA ALA F 71 4.89 -8.14 -58.83
C ALA F 71 5.07 -6.75 -59.45
N ASP F 72 3.99 -6.14 -59.94
CA ASP F 72 4.10 -4.81 -60.53
C ASP F 72 4.52 -3.77 -59.50
N SER F 73 3.97 -3.86 -58.28
CA SER F 73 4.29 -2.92 -57.21
C SER F 73 5.45 -3.40 -56.34
N SER F 74 6.31 -4.26 -56.87
CA SER F 74 7.45 -4.81 -56.13
C SER F 74 6.99 -5.52 -54.86
N TYR F 75 5.86 -6.22 -54.95
CA TYR F 75 5.29 -6.99 -53.84
C TYR F 75 5.07 -6.12 -52.60
N LEU F 76 4.58 -4.91 -52.82
CA LEU F 76 4.29 -3.99 -51.73
C LEU F 76 2.86 -4.17 -51.24
N ALA F 77 2.69 -4.17 -49.93
CA ALA F 77 1.36 -4.31 -49.34
C ALA F 77 0.48 -3.13 -49.73
N GLY F 78 -0.75 -3.43 -50.14
CA GLY F 78 -1.68 -2.40 -50.55
C GLY F 78 -3.13 -2.83 -50.39
N PRO F 79 -4.05 -1.86 -50.44
CA PRO F 79 -5.47 -2.19 -50.31
C PRO F 79 -6.00 -3.10 -51.42
N ASP F 80 -5.34 -3.14 -52.57
CA ASP F 80 -5.78 -3.93 -53.71
C ASP F 80 -5.30 -5.37 -53.66
N ASP F 81 -4.55 -5.75 -52.63
CA ASP F 81 -4.08 -7.13 -52.50
C ASP F 81 -5.24 -8.07 -52.26
N ILE F 82 -5.18 -9.25 -52.88
CA ILE F 82 -6.25 -10.25 -52.79
C ILE F 82 -6.00 -11.12 -51.55
N TYR F 83 -7.02 -11.23 -50.71
CA TYR F 83 -6.95 -12.04 -49.50
C TYR F 83 -7.48 -13.44 -49.77
N VAL F 84 -6.78 -14.43 -49.24
CA VAL F 84 -7.17 -15.84 -49.39
C VAL F 84 -7.35 -16.45 -48.01
N SER F 85 -8.45 -17.15 -47.82
CA SER F 85 -8.71 -17.80 -46.54
C SER F 85 -7.81 -19.01 -46.36
N PRO F 86 -7.46 -19.35 -45.11
CA PRO F 86 -6.66 -20.57 -44.88
C PRO F 86 -7.34 -21.84 -45.34
N SER F 87 -8.67 -21.85 -45.45
CA SER F 87 -9.37 -23.05 -45.90
C SER F 87 -9.00 -23.41 -47.33
N GLN F 88 -8.85 -22.40 -48.20
CA GLN F 88 -8.47 -22.67 -49.58
C GLN F 88 -7.07 -23.26 -49.66
N ILE F 89 -6.22 -22.97 -48.66
CA ILE F 89 -4.86 -23.52 -48.65
C ILE F 89 -4.90 -25.04 -48.48
N ARG F 90 -5.80 -25.56 -47.65
CA ARG F 90 -5.92 -26.99 -47.49
C ARG F 90 -6.41 -27.67 -48.77
N ARG F 91 -7.38 -27.04 -49.45
CA ARG F 91 -7.90 -27.60 -50.69
C ARG F 91 -6.81 -27.69 -51.75
N PHE F 92 -6.00 -26.64 -51.88
CA PHE F 92 -4.92 -26.60 -52.86
C PHE F 92 -3.61 -26.27 -52.17
N ASN F 93 -2.69 -27.24 -52.13
CA ASN F 93 -1.39 -27.05 -51.48
C ASN F 93 -0.64 -25.88 -52.10
N LEU F 94 -0.57 -24.78 -51.37
CA LEU F 94 0.11 -23.58 -51.82
C LEU F 94 1.14 -23.15 -50.79
N ARG F 95 2.27 -22.66 -51.28
CA ARG F 95 3.31 -22.09 -50.43
C ARG F 95 3.71 -20.74 -50.99
N THR F 96 4.55 -20.02 -50.25
CA THR F 96 5.00 -18.71 -50.69
C THR F 96 5.76 -18.81 -52.02
N GLY F 97 5.41 -17.93 -52.95
CA GLY F 97 6.11 -17.84 -54.22
C GLY F 97 5.27 -18.19 -55.43
N ASP F 98 4.31 -19.10 -55.29
CA ASP F 98 3.55 -19.58 -56.44
C ASP F 98 2.60 -18.50 -56.96
N THR F 99 2.24 -18.60 -58.23
CA THR F 99 1.32 -17.67 -58.85
C THR F 99 -0.09 -18.26 -58.86
N ILE F 100 -1.05 -17.49 -58.37
CA ILE F 100 -2.45 -17.89 -58.30
C ILE F 100 -3.29 -16.92 -59.12
N SER F 101 -4.09 -17.46 -60.02
CA SER F 101 -4.96 -16.66 -60.88
C SER F 101 -6.37 -17.21 -60.81
N GLY F 102 -7.35 -16.32 -60.68
CA GLY F 102 -8.74 -16.73 -60.64
C GLY F 102 -9.64 -15.55 -60.35
N LYS F 103 -10.93 -15.86 -60.23
CA LYS F 103 -11.93 -14.84 -59.96
C LYS F 103 -11.86 -14.40 -58.50
N ILE F 104 -12.14 -13.12 -58.28
CA ILE F 104 -12.15 -12.52 -56.95
C ILE F 104 -13.50 -11.89 -56.70
N ARG F 105 -14.05 -12.14 -55.50
CA ARG F 105 -15.36 -11.61 -55.14
C ARG F 105 -15.22 -10.24 -54.49
N PRO F 106 -16.26 -9.40 -54.58
CA PRO F 106 -16.22 -8.10 -53.91
C PRO F 106 -16.08 -8.27 -52.41
N PRO F 107 -15.33 -7.41 -51.75
CA PRO F 107 -15.17 -7.52 -50.28
C PRO F 107 -16.44 -7.09 -49.57
N LYS F 108 -16.92 -7.93 -48.66
CA LYS F 108 -18.10 -7.60 -47.89
C LYS F 108 -17.76 -6.56 -46.82
N GLU F 109 -18.79 -6.17 -46.06
CA GLU F 109 -18.58 -5.21 -44.98
C GLU F 109 -17.73 -5.85 -43.88
N GLY F 110 -16.80 -5.06 -43.33
CA GLY F 110 -15.91 -5.53 -42.29
C GLY F 110 -14.54 -5.95 -42.77
N GLU F 111 -14.38 -6.19 -44.06
CA GLU F 111 -13.08 -6.55 -44.62
C GLU F 111 -12.64 -5.51 -45.64
N ARG F 112 -11.33 -5.28 -45.70
CA ARG F 112 -10.76 -4.25 -46.55
C ARG F 112 -10.01 -4.82 -47.75
N TYR F 113 -10.09 -6.13 -47.97
CA TYR F 113 -9.36 -6.78 -49.05
C TYR F 113 -10.28 -7.71 -49.83
N PHE F 114 -10.01 -7.81 -51.12
CA PHE F 114 -10.76 -8.74 -51.97
C PHE F 114 -10.44 -10.19 -51.59
N ALA F 115 -11.43 -11.05 -51.79
CA ALA F 115 -11.30 -12.46 -51.47
C ALA F 115 -11.36 -13.29 -52.75
N LEU F 116 -10.52 -14.32 -52.82
CA LEU F 116 -10.50 -15.20 -53.98
C LEU F 116 -11.71 -16.12 -53.97
N LEU F 117 -12.43 -16.16 -55.09
CA LEU F 117 -13.62 -17.01 -55.20
C LEU F 117 -13.29 -18.40 -55.74
N LYS F 118 -12.72 -18.45 -56.94
CA LYS F 118 -12.35 -19.71 -57.56
C LYS F 118 -11.03 -19.55 -58.30
N VAL F 119 -10.12 -20.50 -58.10
CA VAL F 119 -8.80 -20.48 -58.74
C VAL F 119 -8.82 -21.47 -59.90
N ASN F 120 -8.44 -21.01 -61.08
CA ASN F 120 -8.44 -21.83 -62.28
C ASN F 120 -7.07 -21.91 -62.95
N GLU F 121 -6.04 -21.34 -62.34
CA GLU F 121 -4.70 -21.34 -62.95
C GLU F 121 -3.67 -21.21 -61.84
N VAL F 122 -2.84 -22.23 -61.67
CA VAL F 122 -1.78 -22.23 -60.66
C VAL F 122 -0.45 -22.46 -61.37
N ASN F 123 0.47 -21.50 -61.22
CA ASN F 123 1.79 -21.56 -61.84
C ASN F 123 1.69 -21.81 -63.34
N PHE F 124 0.76 -21.11 -63.99
CA PHE F 124 0.49 -21.26 -65.42
C PHE F 124 0.18 -22.71 -65.77
N ASP F 125 -0.59 -23.37 -64.90
CA ASP F 125 -0.92 -24.77 -65.08
C ASP F 125 -2.22 -25.06 -64.33
N LYS F 126 -2.81 -26.22 -64.64
CA LYS F 126 -4.03 -26.64 -63.98
C LYS F 126 -3.75 -26.85 -62.49
N PRO F 127 -4.64 -26.39 -61.59
CA PRO F 127 -4.37 -26.55 -60.15
C PRO F 127 -4.19 -27.99 -59.71
N GLU F 128 -4.91 -28.93 -60.34
CA GLU F 128 -4.76 -30.34 -59.97
C GLU F 128 -3.35 -30.84 -60.31
N ASN F 129 -2.82 -30.43 -61.47
CA ASN F 129 -1.48 -30.87 -61.87
C ASN F 129 -0.41 -30.26 -60.98
N ALA F 130 -0.62 -29.03 -60.51
CA ALA F 130 0.37 -28.39 -59.64
C ALA F 130 0.47 -29.09 -58.29
N ARG F 131 -0.59 -29.77 -57.87
CA ARG F 131 -0.57 -30.48 -56.59
C ARG F 131 0.37 -31.67 -56.59
N ASN F 132 0.72 -32.22 -57.75
CA ASN F 132 1.59 -33.39 -57.84
C ASN F 132 3.03 -33.02 -58.15
N LYS F 133 3.37 -31.74 -58.14
CA LYS F 133 4.74 -31.32 -58.45
C LYS F 133 5.70 -31.72 -57.33
N ILE F 134 6.89 -32.16 -57.71
CA ILE F 134 7.85 -32.65 -56.68
C ILE F 134 8.49 -31.43 -56.04
N LEU F 135 8.64 -31.44 -54.72
CA LEU F 135 9.18 -30.24 -54.04
C LEU F 135 10.56 -29.92 -54.61
N PHE F 136 11.02 -28.69 -54.44
CA PHE F 136 12.29 -28.21 -54.96
C PHE F 136 13.46 -28.76 -54.15
N GLU F 137 13.33 -28.81 -52.82
CA GLU F 137 14.41 -29.29 -51.98
C GLU F 137 14.72 -30.76 -52.20
N ASN F 138 13.77 -31.53 -52.73
CA ASN F 138 13.99 -32.95 -53.01
C ASN F 138 14.74 -33.18 -54.32
N LEU F 139 14.86 -32.16 -55.16
CA LEU F 139 15.55 -32.31 -56.43
C LEU F 139 17.06 -32.43 -56.22
N THR F 140 17.70 -33.19 -57.11
CA THR F 140 19.14 -33.42 -57.01
C THR F 140 19.89 -32.40 -57.87
N PRO F 141 20.69 -31.52 -57.28
CA PRO F 141 21.44 -30.56 -58.09
C PRO F 141 22.58 -31.22 -58.84
N LEU F 142 22.98 -30.57 -59.94
CA LEU F 142 24.09 -31.02 -60.76
C LEU F 142 24.88 -29.81 -61.24
N HIS F 143 26.02 -30.07 -61.85
CA HIS F 143 26.83 -29.00 -62.41
C HIS F 143 26.20 -28.47 -63.69
N ALA F 144 26.55 -27.23 -64.03
CA ALA F 144 26.01 -26.58 -65.21
C ALA F 144 26.50 -27.28 -66.48
N ASN F 145 25.59 -27.48 -67.43
CA ASN F 145 25.92 -28.12 -68.69
C ASN F 145 25.33 -27.44 -69.92
N SER F 146 24.44 -26.46 -69.74
CA SER F 146 23.81 -25.77 -70.86
C SER F 146 24.51 -24.42 -71.05
N ARG F 147 25.26 -24.30 -72.14
CA ARG F 147 26.01 -23.08 -72.41
C ARG F 147 25.07 -21.95 -72.81
N LEU F 148 25.25 -20.79 -72.18
CA LEU F 148 24.48 -19.59 -72.49
C LEU F 148 25.38 -18.64 -73.26
N ARG F 149 25.07 -18.45 -74.54
CA ARG F 149 25.87 -17.58 -75.41
C ARG F 149 25.58 -16.13 -75.06
N MET F 150 26.51 -15.51 -74.33
CA MET F 150 26.35 -14.12 -73.92
C MET F 150 26.69 -13.13 -75.03
N GLU F 151 27.37 -13.58 -76.08
CA GLU F 151 27.77 -12.70 -77.16
C GLU F 151 26.59 -12.44 -78.10
N ARG F 152 26.44 -11.18 -78.51
CA ARG F 152 25.39 -10.77 -79.43
C ARG F 152 26.04 -10.36 -80.75
N GLY F 153 25.59 -10.97 -81.84
CA GLY F 153 26.15 -10.70 -83.14
C GLY F 153 25.38 -9.66 -83.95
N ASN F 154 24.04 -9.74 -83.88
CA ASN F 154 23.22 -8.83 -84.67
C ASN F 154 23.38 -7.38 -84.23
N ASP F 155 23.50 -7.13 -82.93
CA ASP F 155 23.63 -5.77 -82.43
C ASP F 155 24.93 -5.13 -82.93
N SER F 156 26.04 -5.84 -82.80
CA SER F 156 27.36 -5.37 -83.23
C SER F 156 27.69 -4.01 -82.62
N THR F 157 27.34 -3.84 -81.36
CA THR F 157 27.56 -2.57 -80.68
C THR F 157 29.05 -2.37 -80.40
N GLU F 158 29.41 -1.11 -80.11
CA GLU F 158 30.80 -0.78 -79.81
C GLU F 158 31.24 -1.35 -78.47
N ASP F 159 30.31 -1.70 -77.59
CA ASP F 159 30.68 -2.27 -76.30
C ASP F 159 31.12 -3.71 -76.47
N LEU F 160 32.27 -4.05 -75.89
CA LEU F 160 32.83 -5.38 -75.98
C LEU F 160 32.63 -6.18 -74.69
N THR F 161 31.74 -5.72 -73.81
CA THR F 161 31.53 -6.39 -72.53
C THR F 161 31.01 -7.81 -72.73
N ALA F 162 30.07 -7.99 -73.66
CA ALA F 162 29.53 -9.32 -73.91
C ALA F 162 30.60 -10.27 -74.45
N ARG F 163 31.44 -9.77 -75.37
CA ARG F 163 32.50 -10.62 -75.92
C ARG F 163 33.54 -10.98 -74.86
N VAL F 164 33.90 -10.01 -74.02
CA VAL F 164 34.91 -10.27 -72.98
C VAL F 164 34.37 -11.24 -71.93
N LEU F 165 33.08 -11.12 -71.60
CA LEU F 165 32.51 -11.96 -70.55
C LEU F 165 32.57 -13.44 -70.90
N ASP F 166 32.28 -13.77 -72.17
CA ASP F 166 32.38 -15.16 -72.60
C ASP F 166 33.81 -15.67 -72.52
N LEU F 167 34.77 -14.85 -72.95
CA LEU F 167 36.17 -15.27 -72.90
C LEU F 167 36.68 -15.36 -71.48
N ALA F 168 36.35 -14.39 -70.63
CA ALA F 168 36.85 -14.37 -69.26
C ALA F 168 36.23 -15.50 -68.44
N SER F 169 34.91 -15.64 -68.49
CA SER F 169 34.23 -16.65 -67.69
C SER F 169 32.88 -17.01 -68.31
N PRO F 170 32.78 -18.15 -68.99
CA PRO F 170 31.50 -18.55 -69.57
C PRO F 170 30.45 -18.78 -68.49
N ILE F 171 29.21 -18.45 -68.81
CA ILE F 171 28.09 -18.56 -67.88
C ILE F 171 27.08 -19.56 -68.45
N GLY F 172 26.71 -20.54 -67.62
CA GLY F 172 25.74 -21.54 -67.99
C GLY F 172 24.47 -21.48 -67.15
N ARG F 173 23.57 -22.41 -67.44
CA ARG F 173 22.33 -22.51 -66.69
C ARG F 173 22.58 -23.18 -65.34
N GLY F 174 22.02 -22.59 -64.28
CA GLY F 174 22.20 -23.12 -62.95
C GLY F 174 23.48 -22.70 -62.26
N GLN F 175 24.19 -21.72 -62.80
CA GLN F 175 25.42 -21.23 -62.19
C GLN F 175 25.11 -20.47 -60.90
N ARG F 176 26.06 -20.51 -59.98
CA ARG F 176 25.98 -19.80 -58.70
C ARG F 176 27.12 -18.80 -58.58
N GLY F 177 27.39 -18.08 -59.66
CA GLY F 177 28.51 -17.16 -59.66
C GLY F 177 28.19 -15.87 -58.93
N LEU F 178 29.26 -15.14 -58.59
CA LEU F 178 29.16 -13.83 -57.96
C LEU F 178 30.12 -12.87 -58.64
N ILE F 179 29.81 -11.59 -58.54
CA ILE F 179 30.60 -10.54 -59.17
C ILE F 179 31.21 -9.69 -58.07
N VAL F 180 32.53 -9.55 -58.09
CA VAL F 180 33.26 -8.70 -57.16
C VAL F 180 33.51 -7.38 -57.85
N ALA F 181 32.78 -6.34 -57.44
CA ALA F 181 32.81 -5.05 -58.11
C ALA F 181 33.10 -3.94 -57.10
N PRO F 182 34.22 -3.25 -57.21
CA PRO F 182 34.46 -2.07 -56.36
C PRO F 182 33.52 -0.94 -56.76
N PRO F 183 33.30 0.04 -55.88
CA PRO F 183 32.42 1.15 -56.23
C PRO F 183 32.96 1.94 -57.41
N LYS F 184 32.03 2.45 -58.23
CA LYS F 184 32.36 3.22 -59.43
C LYS F 184 33.24 2.42 -60.38
N ALA F 185 32.84 1.18 -60.64
CA ALA F 185 33.56 0.31 -61.57
C ALA F 185 32.64 -0.25 -62.65
N GLY F 186 31.56 0.44 -62.97
CA GLY F 186 30.63 -0.03 -63.99
C GLY F 186 29.88 -1.29 -63.60
N LYS F 187 29.51 -1.43 -62.32
CA LYS F 187 28.78 -2.62 -61.89
C LYS F 187 27.36 -2.61 -62.42
N THR F 188 26.70 -1.45 -62.39
CA THR F 188 25.31 -1.37 -62.83
C THR F 188 25.18 -1.70 -64.32
N MET F 189 26.06 -1.14 -65.16
CA MET F 189 25.97 -1.39 -66.59
C MET F 189 26.38 -2.82 -66.93
N LEU F 190 27.19 -3.44 -66.07
CA LEU F 190 27.58 -4.83 -66.30
C LEU F 190 26.38 -5.76 -66.24
N LEU F 191 25.48 -5.54 -65.27
CA LEU F 191 24.28 -6.37 -65.17
C LEU F 191 23.32 -6.06 -66.31
N GLN F 192 23.23 -4.80 -66.72
CA GLN F 192 22.33 -4.43 -67.80
C GLN F 192 22.72 -5.09 -69.12
N ASN F 193 24.02 -5.14 -69.42
CA ASN F 193 24.47 -5.78 -70.65
C ASN F 193 24.15 -7.28 -70.63
N ILE F 194 24.33 -7.93 -69.48
CA ILE F 194 24.00 -9.34 -69.37
C ILE F 194 22.51 -9.56 -69.58
N ALA F 195 21.68 -8.69 -69.02
CA ALA F 195 20.23 -8.82 -69.17
C ALA F 195 19.81 -8.71 -70.63
N GLN F 196 20.45 -7.81 -71.39
CA GLN F 196 20.10 -7.66 -72.79
C GLN F 196 20.38 -8.93 -73.59
N SER F 197 21.52 -9.57 -73.33
CA SER F 197 21.86 -10.80 -74.04
C SER F 197 20.92 -11.93 -73.67
N ILE F 198 20.56 -12.05 -72.39
CA ILE F 198 19.66 -13.11 -71.95
C ILE F 198 18.28 -12.96 -72.58
N ALA F 199 17.76 -11.72 -72.60
CA ALA F 199 16.47 -11.48 -73.22
C ALA F 199 16.50 -11.64 -74.73
N TYR F 200 17.68 -11.62 -75.34
CA TYR F 200 17.83 -11.77 -76.78
C TYR F 200 18.21 -13.18 -77.19
N ASN F 201 19.29 -13.73 -76.61
CA ASN F 201 19.76 -15.04 -77.02
C ASN F 201 18.85 -16.15 -76.52
N HIS F 202 18.29 -16.01 -75.33
CA HIS F 202 17.44 -17.03 -74.71
C HIS F 202 16.14 -16.39 -74.26
N PRO F 203 15.24 -16.07 -75.19
CA PRO F 203 13.93 -15.51 -74.79
C PRO F 203 13.10 -16.46 -73.95
N ASP F 204 13.29 -17.78 -74.11
CA ASP F 204 12.49 -18.74 -73.36
C ASP F 204 12.80 -18.69 -71.87
N CYS F 205 14.06 -18.46 -71.51
CA CYS F 205 14.45 -18.41 -70.11
C CYS F 205 13.82 -17.22 -69.41
N VAL F 206 13.34 -17.45 -68.20
CA VAL F 206 12.71 -16.40 -67.39
C VAL F 206 13.82 -15.59 -66.71
N LEU F 207 13.80 -14.28 -66.91
CA LEU F 207 14.80 -13.38 -66.34
C LEU F 207 14.14 -12.53 -65.26
N MET F 208 14.70 -12.58 -64.06
CA MET F 208 14.22 -11.80 -62.92
C MET F 208 15.37 -10.99 -62.35
N VAL F 209 15.13 -9.70 -62.12
CA VAL F 209 16.13 -8.78 -61.61
C VAL F 209 15.67 -8.28 -60.24
N LEU F 210 16.53 -8.45 -59.23
CA LEU F 210 16.25 -7.99 -57.88
C LEU F 210 17.31 -7.00 -57.46
N LEU F 211 16.88 -5.83 -57.00
CA LEU F 211 17.77 -4.76 -56.58
C LEU F 211 17.45 -4.36 -55.14
N ILE F 212 18.49 -4.17 -54.33
CA ILE F 212 18.36 -3.84 -52.92
C ILE F 212 19.04 -2.50 -52.68
N ASP F 213 18.34 -1.60 -51.99
CA ASP F 213 18.89 -0.30 -51.58
C ASP F 213 19.37 0.52 -52.80
N GLU F 214 18.57 0.51 -53.86
CA GLU F 214 18.87 1.27 -55.06
C GLU F 214 18.03 2.53 -55.13
N ARG F 215 18.57 3.54 -55.79
CA ARG F 215 17.88 4.82 -55.92
C ARG F 215 16.63 4.65 -56.81
N PRO F 216 15.59 5.45 -56.56
CA PRO F 216 14.36 5.32 -57.38
C PRO F 216 14.58 5.52 -58.86
N GLU F 217 15.45 6.46 -59.24
CA GLU F 217 15.72 6.67 -60.67
C GLU F 217 16.48 5.49 -61.27
N GLU F 218 17.29 4.80 -60.47
CA GLU F 218 18.00 3.63 -60.97
C GLU F 218 17.04 2.47 -61.22
N VAL F 219 16.01 2.33 -60.40
CA VAL F 219 15.03 1.26 -60.59
C VAL F 219 14.24 1.49 -61.88
N THR F 220 13.84 2.74 -62.13
CA THR F 220 13.06 3.03 -63.33
C THR F 220 13.85 2.76 -64.61
N GLU F 221 15.14 3.11 -64.62
CA GLU F 221 15.97 2.85 -65.79
C GLU F 221 16.11 1.35 -66.03
N MET F 222 16.24 0.58 -64.95
CA MET F 222 16.39 -0.87 -65.07
C MET F 222 15.15 -1.50 -65.70
N GLN F 223 13.96 -1.04 -65.29
CA GLN F 223 12.73 -1.59 -65.85
C GLN F 223 12.61 -1.29 -67.34
N ARG F 224 12.97 -0.07 -67.75
CA ARG F 224 12.89 0.28 -69.16
C ARG F 224 13.89 -0.50 -70.00
N LEU F 225 15.08 -0.77 -69.46
CA LEU F 225 16.13 -1.41 -70.24
C LEU F 225 15.96 -2.93 -70.26
N VAL F 226 15.70 -3.53 -69.11
CA VAL F 226 15.59 -4.98 -69.02
C VAL F 226 14.23 -5.43 -69.54
N LYS F 227 14.24 -6.38 -70.47
CA LYS F 227 13.01 -6.94 -71.03
C LYS F 227 12.62 -8.16 -70.20
N GLY F 228 12.05 -7.90 -69.04
CA GLY F 228 11.65 -8.98 -68.16
C GLY F 228 10.99 -8.45 -66.91
N GLU F 229 10.95 -9.29 -65.87
CA GLU F 229 10.35 -8.93 -64.60
C GLU F 229 11.42 -8.33 -63.70
N VAL F 230 11.23 -7.07 -63.31
CA VAL F 230 12.17 -6.34 -62.48
C VAL F 230 11.45 -5.91 -61.20
N VAL F 231 12.00 -6.29 -60.06
CA VAL F 231 11.48 -5.90 -58.76
C VAL F 231 12.63 -5.36 -57.92
N ALA F 232 12.38 -4.27 -57.19
CA ALA F 232 13.42 -3.62 -56.43
C ALA F 232 12.82 -2.94 -55.21
N SER F 233 13.68 -2.67 -54.23
CA SER F 233 13.30 -1.97 -53.01
C SER F 233 14.19 -0.76 -52.83
N THR F 234 13.58 0.40 -52.61
CA THR F 234 14.33 1.64 -52.45
C THR F 234 14.98 1.71 -51.08
N PHE F 235 15.95 2.63 -50.94
CA PHE F 235 16.67 2.77 -49.69
C PHE F 235 15.78 3.30 -48.56
N ASP F 236 14.82 4.17 -48.90
CA ASP F 236 13.96 4.75 -47.87
C ASP F 236 13.06 3.72 -47.21
N GLU F 237 12.79 2.60 -47.88
CA GLU F 237 11.98 1.55 -47.29
C GLU F 237 12.72 0.88 -46.15
N PRO F 238 12.00 0.36 -45.16
CA PRO F 238 12.67 -0.26 -44.00
C PRO F 238 13.40 -1.54 -44.38
N ALA F 239 14.32 -1.94 -43.50
CA ALA F 239 15.10 -3.14 -43.73
C ALA F 239 14.23 -4.38 -43.79
N SER F 240 13.10 -4.39 -43.08
CA SER F 240 12.17 -5.51 -43.14
C SER F 240 11.57 -5.65 -44.53
N ARG F 241 11.36 -4.54 -45.22
CA ARG F 241 10.86 -4.59 -46.60
C ARG F 241 11.86 -5.29 -47.51
N HIS F 242 13.15 -5.04 -47.31
CA HIS F 242 14.19 -5.69 -48.12
C HIS F 242 14.17 -7.20 -47.91
N VAL F 243 13.98 -7.65 -46.67
CA VAL F 243 13.91 -9.08 -46.40
C VAL F 243 12.67 -9.69 -47.04
N GLN F 244 11.53 -8.98 -46.97
CA GLN F 244 10.28 -9.51 -47.49
C GLN F 244 10.36 -9.73 -49.00
N VAL F 245 10.92 -8.76 -49.73
CA VAL F 245 11.02 -8.90 -51.18
C VAL F 245 12.08 -9.92 -51.58
N ALA F 246 13.16 -10.06 -50.80
CA ALA F 246 14.20 -11.02 -51.14
C ALA F 246 13.69 -12.45 -51.09
N GLU F 247 12.91 -12.78 -50.05
CA GLU F 247 12.34 -14.12 -49.97
C GLU F 247 11.27 -14.34 -51.02
N MET F 248 10.59 -13.28 -51.44
CA MET F 248 9.55 -13.40 -52.46
C MET F 248 10.13 -13.85 -53.79
N VAL F 249 11.28 -13.29 -54.17
CA VAL F 249 11.87 -13.61 -55.48
C VAL F 249 12.33 -15.06 -55.53
N ILE F 250 13.03 -15.51 -54.48
CA ILE F 250 13.58 -16.86 -54.50
C ILE F 250 12.47 -17.91 -54.41
N GLU F 251 11.46 -17.65 -53.59
CA GLU F 251 10.35 -18.59 -53.48
C GLU F 251 9.58 -18.70 -54.78
N LYS F 252 9.39 -17.57 -55.47
CA LYS F 252 8.75 -17.60 -56.79
C LYS F 252 9.59 -18.37 -57.79
N ALA F 253 10.91 -18.18 -57.76
CA ALA F 253 11.79 -18.90 -58.68
C ALA F 253 11.74 -20.40 -58.45
N LYS F 254 11.72 -20.83 -57.18
CA LYS F 254 11.71 -22.26 -56.87
C LYS F 254 10.46 -22.94 -57.43
N ARG F 255 9.30 -22.28 -57.31
CA ARG F 255 8.06 -22.85 -57.84
C ARG F 255 8.13 -23.00 -59.35
N LEU F 256 8.70 -22.00 -60.04
CA LEU F 256 8.84 -22.09 -61.49
C LEU F 256 9.80 -23.20 -61.90
N VAL F 257 10.86 -23.42 -61.11
CA VAL F 257 11.82 -24.47 -61.43
C VAL F 257 11.15 -25.84 -61.35
N GLU F 258 10.23 -26.02 -60.39
CA GLU F 258 9.53 -27.29 -60.24
C GLU F 258 8.68 -27.61 -61.47
N HIS F 259 8.31 -26.60 -62.27
CA HIS F 259 7.53 -26.81 -63.48
C HIS F 259 8.39 -26.94 -64.73
N LYS F 260 9.62 -27.45 -64.59
CA LYS F 260 10.54 -27.67 -65.70
C LYS F 260 10.85 -26.38 -66.46
N LYS F 261 11.02 -25.28 -65.73
CA LYS F 261 11.34 -23.99 -66.31
C LYS F 261 12.68 -23.50 -65.79
N ASP F 262 13.36 -22.69 -66.60
CA ASP F 262 14.66 -22.13 -66.26
C ASP F 262 14.48 -20.68 -65.81
N VAL F 263 15.02 -20.35 -64.64
CA VAL F 263 14.90 -19.02 -64.05
C VAL F 263 16.30 -18.47 -63.83
N ILE F 264 16.53 -17.23 -64.27
CA ILE F 264 17.80 -16.55 -64.09
C ILE F 264 17.55 -15.32 -63.22
N ILE F 265 18.31 -15.21 -62.13
CA ILE F 265 18.13 -14.15 -61.15
C ILE F 265 19.40 -13.31 -61.12
N LEU F 266 19.25 -12.00 -61.31
CA LEU F 266 20.35 -11.05 -61.19
C LEU F 266 20.24 -10.37 -59.84
N LEU F 267 21.14 -10.71 -58.92
CA LEU F 267 21.09 -10.21 -57.55
C LEU F 267 22.04 -9.03 -57.38
N ASP F 268 21.55 -7.99 -56.71
CA ASP F 268 22.35 -6.80 -56.43
C ASP F 268 21.75 -6.14 -55.19
N SER F 269 22.43 -6.25 -54.06
CA SER F 269 23.71 -6.93 -53.91
C SER F 269 23.71 -7.81 -52.66
N ILE F 270 24.61 -8.79 -52.63
CA ILE F 270 24.72 -9.68 -51.47
C ILE F 270 25.09 -8.88 -50.24
N THR F 271 26.04 -7.96 -50.37
CA THR F 271 26.42 -7.12 -49.23
C THR F 271 25.24 -6.28 -48.75
N ARG F 272 24.48 -5.70 -49.68
CA ARG F 272 23.29 -4.96 -49.30
C ARG F 272 22.22 -5.90 -48.73
N LEU F 273 22.07 -7.09 -49.32
CA LEU F 273 21.10 -8.04 -48.80
C LEU F 273 21.48 -8.52 -47.40
N ALA F 274 22.77 -8.81 -47.18
CA ALA F 274 23.21 -9.20 -45.85
C ALA F 274 23.09 -8.07 -44.84
N ARG F 275 23.15 -6.82 -45.32
CA ARG F 275 22.99 -5.68 -44.42
C ARG F 275 21.60 -5.66 -43.81
N ALA F 276 20.56 -5.89 -44.62
CA ALA F 276 19.20 -5.90 -44.11
C ALA F 276 18.95 -7.14 -43.24
N TYR F 277 19.50 -8.28 -43.64
CA TYR F 277 19.28 -9.52 -42.88
C TYR F 277 19.86 -9.41 -41.47
N ASN F 278 21.04 -8.80 -41.35
CA ASN F 278 21.67 -8.67 -40.04
C ASN F 278 20.84 -7.82 -39.09
N THR F 279 20.26 -6.73 -39.60
CA THR F 279 19.46 -5.85 -38.75
C THR F 279 18.15 -6.50 -38.32
N VAL F 280 17.49 -7.21 -39.24
CA VAL F 280 16.18 -7.77 -38.97
C VAL F 280 16.26 -8.86 -37.91
N VAL F 281 17.25 -9.74 -38.00
CA VAL F 281 17.33 -10.87 -37.07
C VAL F 281 17.62 -10.34 -35.66
N PRO F 282 16.91 -10.80 -34.64
CA PRO F 282 17.20 -10.34 -33.27
C PRO F 282 18.56 -10.82 -32.80
N ALA F 283 19.15 -10.02 -31.90
CA ALA F 283 20.46 -10.36 -31.35
C ALA F 283 20.37 -11.62 -30.49
N SER F 284 21.37 -12.48 -30.62
CA SER F 284 21.46 -13.71 -29.85
C SER F 284 22.28 -13.56 -28.57
N GLY F 285 22.71 -12.34 -28.25
CA GLY F 285 23.52 -12.10 -27.08
C GLY F 285 25.02 -12.15 -27.31
N LYS F 286 25.46 -12.59 -28.50
CA LYS F 286 26.87 -12.66 -28.83
C LYS F 286 27.10 -11.89 -30.14
N VAL F 287 28.11 -11.02 -30.14
CA VAL F 287 28.44 -10.20 -31.30
C VAL F 287 29.83 -10.60 -31.77
N LEU F 288 29.93 -10.93 -33.06
CA LEU F 288 31.20 -11.31 -33.66
C LEU F 288 31.89 -10.06 -34.22
N THR F 289 32.97 -10.26 -34.97
CA THR F 289 33.69 -9.14 -35.57
C THR F 289 32.83 -8.44 -36.61
N GLY F 290 32.86 -7.12 -36.60
CA GLY F 290 32.10 -6.33 -37.54
C GLY F 290 30.63 -6.18 -37.22
N GLY F 291 30.20 -6.66 -36.05
CA GLY F 291 28.79 -6.54 -35.68
C GLY F 291 27.86 -7.45 -36.44
N VAL F 292 28.37 -8.53 -37.03
CA VAL F 292 27.56 -9.47 -37.79
C VAL F 292 27.50 -10.78 -37.02
N ASP F 293 26.29 -11.23 -36.72
CA ASP F 293 26.10 -12.49 -36.00
C ASP F 293 26.27 -13.67 -36.96
N ALA F 294 26.62 -14.82 -36.39
CA ALA F 294 26.78 -16.03 -37.19
C ALA F 294 25.45 -16.43 -37.83
N ASN F 295 24.36 -16.34 -37.08
CA ASN F 295 23.05 -16.68 -37.63
C ASN F 295 22.52 -15.61 -38.57
N ALA F 296 23.06 -14.38 -38.50
CA ALA F 296 22.59 -13.32 -39.37
C ALA F 296 22.89 -13.63 -40.83
N LEU F 297 24.07 -14.16 -41.12
CA LEU F 297 24.48 -14.48 -42.47
C LEU F 297 23.99 -15.85 -42.93
N HIS F 298 23.29 -16.59 -42.07
CA HIS F 298 22.71 -17.86 -42.48
C HIS F 298 21.65 -17.67 -43.57
N ARG F 299 20.83 -16.62 -43.43
CA ARG F 299 19.78 -16.37 -44.42
C ARG F 299 20.34 -16.06 -45.80
N PRO F 300 21.35 -15.17 -45.97
CA PRO F 300 21.91 -14.99 -47.31
C PRO F 300 22.50 -16.26 -47.91
N LYS F 301 23.07 -17.12 -47.07
CA LYS F 301 23.62 -18.38 -47.58
C LYS F 301 22.54 -19.26 -48.18
N ARG F 302 21.37 -19.32 -47.53
CA ARG F 302 20.25 -20.07 -48.09
C ARG F 302 19.79 -19.47 -49.42
N PHE F 303 19.71 -18.15 -49.49
CA PHE F 303 19.28 -17.49 -50.72
C PHE F 303 20.27 -17.72 -51.84
N PHE F 304 21.56 -17.55 -51.56
CA PHE F 304 22.58 -17.68 -52.59
C PHE F 304 22.79 -19.12 -53.02
N GLY F 305 22.69 -20.06 -52.08
CA GLY F 305 22.96 -21.46 -52.39
C GLY F 305 21.87 -22.17 -53.15
N ALA F 306 20.72 -21.52 -53.34
CA ALA F 306 19.59 -22.14 -54.02
C ALA F 306 19.82 -22.33 -55.52
N ALA F 307 20.86 -21.72 -56.09
CA ALA F 307 21.15 -21.85 -57.51
C ALA F 307 21.60 -23.27 -57.80
N ARG F 308 20.73 -24.06 -58.42
CA ARG F 308 21.00 -25.46 -58.69
C ARG F 308 20.56 -25.80 -60.12
N ASN F 309 21.17 -26.84 -60.67
CA ASN F 309 20.81 -27.38 -61.99
C ASN F 309 20.07 -28.69 -61.76
N VAL F 310 18.76 -28.68 -61.99
CA VAL F 310 17.93 -29.84 -61.70
C VAL F 310 18.17 -30.93 -62.74
N GLU F 311 18.45 -32.14 -62.25
CA GLU F 311 18.62 -33.28 -63.16
C GLU F 311 17.32 -33.61 -63.88
N GLU F 312 16.19 -33.57 -63.17
CA GLU F 312 14.91 -33.91 -63.77
C GLU F 312 14.55 -32.92 -64.87
N GLY F 313 14.79 -31.63 -64.66
CA GLY F 313 14.48 -30.63 -65.64
C GLY F 313 14.47 -29.22 -65.08
N GLY F 314 14.92 -28.25 -65.87
CA GLY F 314 15.00 -26.88 -65.44
C GLY F 314 16.25 -26.59 -64.63
N SER F 315 16.46 -25.30 -64.38
CA SER F 315 17.62 -24.86 -63.63
C SER F 315 17.34 -23.47 -63.04
N LEU F 316 18.11 -23.13 -62.01
CA LEU F 316 18.02 -21.83 -61.35
C LEU F 316 19.41 -21.19 -61.36
N THR F 317 19.55 -20.11 -62.13
CA THR F 317 20.81 -19.40 -62.24
C THR F 317 20.73 -18.11 -61.43
N ILE F 318 21.68 -17.93 -60.51
CA ILE F 318 21.73 -16.75 -59.66
C ILE F 318 23.07 -16.05 -59.89
N ILE F 319 23.01 -14.78 -60.29
CA ILE F 319 24.20 -13.96 -60.48
C ILE F 319 24.11 -12.79 -59.50
N ALA F 320 25.12 -12.67 -58.64
CA ALA F 320 25.12 -11.68 -57.57
C ALA F 320 26.34 -10.77 -57.71
N THR F 321 26.29 -9.65 -57.01
CA THR F 321 27.36 -8.66 -56.99
C THR F 321 27.85 -8.47 -55.56
N ALA F 322 29.18 -8.39 -55.41
CA ALA F 322 29.81 -8.21 -54.11
C ALA F 322 30.57 -6.89 -54.10
N LEU F 323 30.39 -6.10 -53.05
CA LEU F 323 31.04 -4.81 -52.90
C LEU F 323 32.26 -4.94 -52.01
N ILE F 324 33.40 -4.44 -52.48
CA ILE F 324 34.65 -4.45 -51.72
C ILE F 324 35.25 -3.06 -51.78
N ASP F 325 36.17 -2.80 -50.84
CA ASP F 325 36.88 -1.53 -50.75
C ASP F 325 35.91 -0.35 -50.63
N THR F 326 34.82 -0.61 -49.92
CA THR F 326 33.78 0.43 -49.73
C THR F 326 33.99 1.08 -48.36
N GLY F 327 35.08 0.71 -47.70
CA GLY F 327 35.38 1.30 -46.37
C GLY F 327 34.33 0.94 -45.35
N SER F 328 34.12 -0.35 -45.12
CA SER F 328 33.15 -0.79 -44.08
C SER F 328 33.50 -2.23 -43.67
N LYS F 329 34.07 -2.41 -42.49
CA LYS F 329 34.50 -3.77 -42.09
C LYS F 329 33.30 -4.70 -42.31
N MET F 330 32.10 -4.24 -41.97
CA MET F 330 30.89 -5.06 -42.18
C MET F 330 30.95 -5.63 -43.60
N ASP F 331 31.16 -4.76 -44.59
CA ASP F 331 31.16 -5.22 -46.00
C ASP F 331 32.32 -6.19 -46.22
N GLU F 332 33.43 -6.03 -45.52
CA GLU F 332 34.54 -6.93 -45.83
C GLU F 332 34.32 -8.32 -45.24
N VAL F 333 33.77 -8.40 -44.03
CA VAL F 333 33.52 -9.70 -43.40
C VAL F 333 32.51 -10.50 -44.23
N ILE F 334 31.50 -9.81 -44.77
CA ILE F 334 30.48 -10.49 -45.58
C ILE F 334 31.12 -11.11 -46.81
N TYR F 335 32.03 -10.38 -47.46
CA TYR F 335 32.67 -10.88 -48.67
C TYR F 335 33.51 -12.11 -48.39
N GLU F 336 34.20 -12.14 -47.24
CA GLU F 336 35.10 -13.26 -46.93
C GLU F 336 34.36 -14.58 -46.82
N GLU F 337 33.18 -14.57 -46.20
CA GLU F 337 32.42 -15.82 -46.06
C GLU F 337 31.80 -16.25 -47.39
N PHE F 338 31.69 -15.32 -48.35
CA PHE F 338 31.10 -15.62 -49.64
C PHE F 338 32.14 -15.75 -50.75
N LYS F 339 33.36 -16.16 -50.42
CA LYS F 339 34.41 -16.32 -51.41
C LYS F 339 34.28 -17.65 -52.14
N GLY F 340 34.42 -18.76 -51.42
CA GLY F 340 34.42 -20.08 -52.01
C GLY F 340 33.05 -20.67 -52.26
N THR F 341 32.01 -19.84 -52.23
CA THR F 341 30.63 -20.38 -52.36
C THR F 341 30.10 -20.18 -53.78
N GLY F 342 30.96 -19.93 -54.77
CA GLY F 342 30.45 -19.63 -56.11
C GLY F 342 31.06 -20.48 -57.20
N ASN F 343 30.26 -20.94 -58.16
CA ASN F 343 30.79 -21.71 -59.30
C ASN F 343 31.60 -20.77 -60.19
N MET F 344 31.10 -19.55 -60.41
CA MET F 344 31.79 -18.57 -61.29
C MET F 344 32.20 -17.36 -60.47
N GLU F 345 33.30 -16.71 -60.85
CA GLU F 345 33.72 -15.47 -60.16
C GLU F 345 34.20 -14.46 -61.20
N LEU F 346 33.60 -13.28 -61.24
CA LEU F 346 34.09 -12.23 -62.17
C LEU F 346 34.56 -11.05 -61.32
N HIS F 347 35.85 -10.73 -61.36
CA HIS F 347 36.38 -9.67 -60.48
C HIS F 347 36.61 -8.39 -61.29
N LEU F 348 35.87 -7.32 -60.97
CA LEU F 348 36.08 -6.02 -61.65
C LEU F 348 37.20 -5.28 -60.92
N SER F 349 37.87 -4.33 -61.58
CA SER F 349 39.03 -3.63 -60.95
C SER F 349 38.91 -2.12 -61.13
N ARG F 350 39.10 -1.37 -60.04
CA ARG F 350 38.97 0.11 -60.11
C ARG F 350 40.07 0.66 -61.04
N LYS F 351 41.28 0.12 -60.95
CA LYS F 351 42.40 0.67 -61.75
C LYS F 351 42.01 0.62 -63.23
N ILE F 352 41.53 -0.53 -63.68
CA ILE F 352 41.21 -0.68 -65.13
C ILE F 352 40.13 0.35 -65.46
N ALA F 353 39.23 0.60 -64.51
CA ALA F 353 38.11 1.54 -64.77
C ALA F 353 38.65 2.97 -64.84
N GLU F 354 39.53 3.35 -63.91
CA GLU F 354 40.04 4.74 -63.86
C GLU F 354 40.67 5.07 -65.21
N LYS F 355 41.25 4.07 -65.87
CA LYS F 355 41.88 4.30 -67.19
C LYS F 355 40.78 4.33 -68.25
N ARG F 356 39.52 4.29 -67.83
CA ARG F 356 38.38 4.36 -68.78
C ARG F 356 38.49 3.17 -69.74
N VAL F 357 39.11 2.08 -69.31
CA VAL F 357 39.16 0.86 -70.18
C VAL F 357 38.01 -0.05 -69.78
N PHE F 358 36.82 0.20 -70.32
CA PHE F 358 35.62 -0.62 -69.98
C PHE F 358 35.40 -1.65 -71.09
N PRO F 359 35.17 -2.95 -70.78
CA PRO F 359 34.82 -3.38 -69.43
C PRO F 359 36.07 -3.48 -68.55
N ALA F 360 35.90 -3.59 -67.24
CA ALA F 360 37.05 -3.61 -66.32
C ALA F 360 37.15 -4.96 -65.62
N ILE F 361 37.44 -6.03 -66.36
CA ILE F 361 37.44 -7.39 -65.76
C ILE F 361 38.88 -7.84 -65.53
N ASP F 362 39.19 -8.30 -64.32
CA ASP F 362 40.55 -8.85 -64.04
C ASP F 362 40.61 -10.25 -64.64
N TYR F 363 40.79 -10.36 -65.96
CA TYR F 363 40.74 -11.68 -66.61
C TYR F 363 41.57 -12.68 -65.80
N ASN F 364 42.78 -12.31 -65.42
CA ASN F 364 43.66 -13.28 -64.74
C ASN F 364 42.92 -13.87 -63.53
N ARG F 365 42.20 -13.04 -62.78
CA ARG F 365 41.54 -13.52 -61.55
C ARG F 365 40.20 -14.19 -61.90
N SER F 366 39.39 -13.53 -62.72
CA SER F 366 38.05 -14.07 -63.05
C SER F 366 38.20 -15.42 -63.75
N GLY F 367 37.28 -16.35 -63.47
CA GLY F 367 37.36 -17.68 -64.07
C GLY F 367 36.11 -18.49 -63.82
N THR F 368 36.23 -19.82 -63.82
CA THR F 368 35.05 -20.65 -63.67
C THR F 368 35.46 -22.09 -63.40
N ARG F 369 34.52 -22.84 -62.82
CA ARG F 369 34.74 -24.25 -62.50
C ARG F 369 33.91 -25.13 -63.43
N LYS F 370 34.48 -26.28 -63.79
CA LYS F 370 33.83 -27.25 -64.67
C LYS F 370 33.40 -26.62 -65.99
N GLU F 371 34.31 -25.84 -66.58
CA GLU F 371 34.05 -25.22 -67.87
C GLU F 371 34.03 -26.21 -69.02
N GLU F 372 34.46 -27.46 -68.79
CA GLU F 372 34.43 -28.47 -69.84
C GLU F 372 33.00 -28.77 -70.28
N LEU F 373 32.07 -28.83 -69.33
CA LEU F 373 30.68 -29.13 -69.67
C LEU F 373 30.04 -28.01 -70.49
N LEU F 374 30.35 -26.75 -70.18
CA LEU F 374 29.72 -25.64 -70.86
C LEU F 374 30.24 -25.49 -72.29
N THR F 375 31.54 -25.25 -72.44
CA THR F 375 32.13 -25.06 -73.76
C THR F 375 32.35 -26.41 -74.44
N THR F 376 32.73 -26.35 -75.71
CA THR F 376 33.03 -27.56 -76.47
C THR F 376 34.51 -27.90 -76.38
N GLN F 377 34.88 -29.05 -76.96
CA GLN F 377 36.26 -29.48 -76.92
C GLN F 377 37.16 -28.51 -77.68
N GLU F 378 36.73 -28.05 -78.84
CA GLU F 378 37.52 -27.11 -79.63
C GLU F 378 37.57 -25.74 -78.97
N GLU F 379 36.43 -25.29 -78.44
CA GLU F 379 36.37 -23.97 -77.82
C GLU F 379 37.19 -23.91 -76.54
N LEU F 380 37.19 -25.00 -75.76
CA LEU F 380 37.91 -25.01 -74.49
C LEU F 380 39.41 -24.85 -74.69
N GLN F 381 39.96 -25.52 -75.70
CA GLN F 381 41.40 -25.44 -75.94
C GLN F 381 41.83 -24.03 -76.34
N LYS F 382 41.00 -23.33 -77.13
CA LYS F 382 41.32 -21.97 -77.54
C LYS F 382 41.37 -21.03 -76.33
N MET F 383 40.45 -21.21 -75.38
CA MET F 383 40.47 -20.37 -74.18
C MET F 383 41.74 -20.60 -73.36
N TRP F 384 42.20 -21.85 -73.27
CA TRP F 384 43.41 -22.15 -72.52
C TRP F 384 44.63 -21.46 -73.15
N ILE F 385 44.69 -21.43 -74.48
CA ILE F 385 45.81 -20.77 -75.16
C ILE F 385 45.80 -19.28 -74.86
N LEU F 386 44.62 -18.66 -74.87
CA LEU F 386 44.52 -17.23 -74.58
C LEU F 386 44.97 -16.92 -73.14
N ARG F 387 44.57 -17.77 -72.19
CA ARG F 387 44.95 -17.53 -70.80
C ARG F 387 46.45 -17.63 -70.60
N LYS F 388 47.12 -18.49 -71.38
CA LYS F 388 48.56 -18.63 -71.26
C LYS F 388 49.28 -17.34 -71.64
N ILE F 389 48.80 -16.65 -72.67
CA ILE F 389 49.41 -15.39 -73.08
C ILE F 389 49.11 -14.30 -72.08
N ILE F 390 47.87 -14.26 -71.57
CA ILE F 390 47.45 -13.17 -70.68
C ILE F 390 48.15 -13.24 -69.33
N HIS F 391 48.40 -14.45 -68.82
CA HIS F 391 48.90 -14.59 -67.45
C HIS F 391 50.18 -13.82 -67.16
N PRO F 392 51.22 -13.87 -68.00
CA PRO F 392 52.41 -13.04 -67.72
C PRO F 392 52.11 -11.55 -67.68
N MET F 393 51.16 -11.08 -68.48
CA MET F 393 50.82 -9.66 -68.49
C MET F 393 50.09 -9.27 -67.22
N GLY F 394 50.15 -7.99 -66.90
CA GLY F 394 49.50 -7.47 -65.71
C GLY F 394 47.99 -7.41 -65.85
N GLU F 395 47.33 -7.15 -64.72
CA GLU F 395 45.89 -7.07 -64.71
C GLU F 395 45.35 -5.88 -65.51
N ILE F 396 46.17 -4.84 -65.69
CA ILE F 396 45.74 -3.66 -66.43
C ILE F 396 46.13 -3.75 -67.91
N ASP F 397 47.35 -4.19 -68.19
CA ASP F 397 47.80 -4.28 -69.57
C ASP F 397 47.05 -5.35 -70.36
N ALA F 398 46.44 -6.33 -69.68
CA ALA F 398 45.74 -7.39 -70.38
C ALA F 398 44.48 -6.89 -71.07
N MET F 399 43.82 -5.87 -70.50
CA MET F 399 42.55 -5.41 -71.05
C MET F 399 42.75 -4.70 -72.39
N GLU F 400 43.58 -3.65 -72.41
CA GLU F 400 43.81 -2.93 -73.66
C GLU F 400 44.41 -3.83 -74.73
N PHE F 401 45.19 -4.83 -74.32
CA PHE F 401 45.65 -5.84 -75.27
C PHE F 401 44.49 -6.63 -75.85
N LEU F 402 43.52 -7.00 -75.00
CA LEU F 402 42.37 -7.76 -75.47
C LEU F 402 41.36 -6.89 -76.20
N ILE F 403 41.23 -5.62 -75.79
CA ILE F 403 40.21 -4.74 -76.37
C ILE F 403 40.50 -4.48 -77.84
N ASN F 404 41.75 -4.15 -78.17
CA ASN F 404 42.09 -3.85 -79.56
C ASN F 404 41.92 -5.07 -80.45
N LYS F 405 42.29 -6.26 -79.95
CA LYS F 405 42.12 -7.47 -80.73
C LYS F 405 40.65 -7.75 -81.02
N LEU F 406 39.78 -7.57 -80.02
CA LEU F 406 38.36 -7.79 -80.22
C LEU F 406 37.72 -6.66 -81.02
N ALA F 407 38.29 -5.46 -80.97
CA ALA F 407 37.72 -4.33 -81.69
C ALA F 407 37.74 -4.54 -83.20
N MET F 408 38.83 -5.09 -83.73
CA MET F 408 38.97 -5.28 -85.17
C MET F 408 38.46 -6.64 -85.65
N THR F 409 37.91 -7.45 -84.76
CA THR F 409 37.33 -8.74 -85.13
C THR F 409 35.81 -8.68 -85.00
N LYS F 410 35.12 -9.40 -85.89
CA LYS F 410 33.66 -9.40 -85.89
C LYS F 410 33.12 -10.22 -84.72
N THR F 411 33.48 -11.50 -84.66
CA THR F 411 33.03 -12.40 -83.62
C THR F 411 34.22 -12.98 -82.86
N ASN F 412 33.91 -13.70 -81.79
CA ASN F 412 34.97 -14.33 -81.01
C ASN F 412 35.69 -15.42 -81.80
N ASP F 413 35.00 -16.04 -82.75
CA ASP F 413 35.65 -17.05 -83.60
C ASP F 413 36.75 -16.42 -84.44
N ASP F 414 36.50 -15.23 -84.98
CA ASP F 414 37.54 -14.53 -85.74
C ASP F 414 38.72 -14.17 -84.86
N PHE F 415 38.46 -13.76 -83.62
CA PHE F 415 39.54 -13.48 -82.68
C PHE F 415 40.34 -14.74 -82.36
N PHE F 416 39.65 -15.87 -82.18
CA PHE F 416 40.32 -17.11 -81.82
C PHE F 416 41.28 -17.57 -82.91
N GLU F 417 40.86 -17.49 -84.19
CA GLU F 417 41.73 -17.94 -85.27
C GLU F 417 42.90 -16.99 -85.48
N MET F 418 42.75 -15.72 -85.10
CA MET F 418 43.85 -14.78 -85.18
C MET F 418 44.96 -15.12 -84.20
N MET F 419 44.62 -15.52 -82.97
CA MET F 419 45.62 -15.91 -81.99
C MET F 419 46.35 -17.17 -82.42
N LYS F 420 45.71 -18.01 -83.23
CA LYS F 420 46.36 -19.23 -83.70
C LYS F 420 47.53 -18.92 -84.63
N ARG F 421 47.52 -17.75 -85.26
CA ARG F 421 48.63 -17.37 -86.14
C ARG F 421 49.93 -17.25 -85.36
N SER F 422 49.87 -16.66 -84.17
CA SER F 422 51.07 -16.49 -83.35
C SER F 422 51.45 -17.80 -82.67
N MET G 4 -4.92 45.43 -45.67
CA MET G 4 -6.00 44.77 -46.41
C MET G 4 -5.57 43.38 -46.88
N ASN G 5 -4.30 43.25 -47.24
CA ASN G 5 -3.74 42.00 -47.74
C ASN G 5 -2.73 41.48 -46.73
N LEU G 6 -2.89 40.21 -46.36
CA LEU G 6 -2.06 39.64 -45.29
C LEU G 6 -0.60 39.52 -45.71
N THR G 7 -0.33 39.11 -46.95
CA THR G 7 1.05 38.86 -47.36
C THR G 7 1.86 40.16 -47.39
N GLU G 8 1.28 41.25 -47.86
CA GLU G 8 2.01 42.51 -47.93
C GLU G 8 2.19 43.14 -46.55
N LEU G 9 1.32 42.83 -45.60
CA LEU G 9 1.42 43.43 -44.27
C LEU G 9 2.59 42.86 -43.49
N LYS G 10 2.86 41.57 -43.64
CA LYS G 10 3.98 40.96 -42.92
C LYS G 10 5.32 41.39 -43.49
N ASN G 11 5.39 41.67 -44.79
CA ASN G 11 6.64 42.10 -45.41
C ASN G 11 7.02 43.53 -45.01
N THR G 12 6.08 44.31 -44.50
CA THR G 12 6.39 45.66 -44.09
C THR G 12 7.29 45.66 -42.86
N PRO G 13 8.15 46.67 -42.72
CA PRO G 13 9.02 46.74 -41.54
C PRO G 13 8.22 46.91 -40.26
N VAL G 14 8.80 46.43 -39.16
CA VAL G 14 8.12 46.49 -37.86
C VAL G 14 7.91 47.94 -37.44
N SER G 15 8.88 48.81 -37.75
CA SER G 15 8.73 50.23 -37.40
C SER G 15 7.53 50.86 -38.11
N GLU G 16 7.36 50.55 -39.40
CA GLU G 16 6.21 51.06 -40.12
C GLU G 16 4.91 50.40 -39.64
N LEU G 17 4.99 49.16 -39.16
CA LEU G 17 3.80 48.46 -38.70
C LEU G 17 3.18 49.16 -37.50
N ILE G 18 4.01 49.64 -36.57
CA ILE G 18 3.49 50.36 -35.42
C ILE G 18 2.81 51.65 -35.86
N THR G 19 3.43 52.38 -36.78
CA THR G 19 2.88 53.66 -37.21
C THR G 19 1.52 53.48 -37.90
N LEU G 20 1.38 52.41 -38.67
CA LEU G 20 0.11 52.16 -39.35
C LEU G 20 -1.01 51.91 -38.34
N GLY G 21 -0.72 51.16 -37.28
CA GLY G 21 -1.75 50.87 -36.29
C GLY G 21 -2.10 52.04 -35.40
N GLU G 22 -1.18 52.97 -35.21
CA GLU G 22 -1.44 54.12 -34.33
C GLU G 22 -2.49 55.03 -34.92
N ASN G 23 -2.37 55.37 -36.20
CA ASN G 23 -3.35 56.25 -36.84
C ASN G 23 -4.69 55.55 -37.01
N MET G 24 -4.69 54.22 -37.13
CA MET G 24 -5.94 53.48 -37.28
C MET G 24 -6.82 53.62 -36.04
N GLY G 25 -6.22 53.58 -34.86
CA GLY G 25 -6.96 53.72 -33.62
C GLY G 25 -6.45 52.84 -32.50
N LEU G 26 -5.55 51.92 -32.82
CA LEU G 26 -4.99 51.02 -31.82
C LEU G 26 -3.93 51.73 -30.99
N GLU G 27 -3.64 51.16 -29.83
CA GLU G 27 -2.69 51.73 -28.89
C GLU G 27 -1.87 50.63 -28.25
N ASN G 28 -0.69 50.99 -27.75
CA ASN G 28 0.21 50.08 -27.05
C ASN G 28 0.63 48.90 -27.94
N LEU G 29 0.87 49.18 -29.21
CA LEU G 29 1.36 48.17 -30.14
C LEU G 29 2.88 48.10 -30.21
N ALA G 30 3.59 49.04 -29.57
CA ALA G 30 5.04 49.09 -29.71
C ALA G 30 5.72 47.96 -28.94
N ARG G 31 5.30 47.72 -27.70
CA ARG G 31 5.97 46.75 -26.83
C ARG G 31 5.23 45.41 -26.83
N MET G 32 5.22 44.77 -28.00
CA MET G 32 4.63 43.46 -28.15
C MET G 32 5.19 42.81 -29.41
N ARG G 33 4.99 41.50 -29.51
CA ARG G 33 5.53 40.75 -30.64
C ARG G 33 4.88 41.19 -31.95
N LYS G 34 5.65 41.08 -33.04
CA LYS G 34 5.15 41.50 -34.34
C LYS G 34 3.94 40.69 -34.79
N GLN G 35 3.90 39.40 -34.42
CA GLN G 35 2.78 38.56 -34.80
C GLN G 35 1.48 39.05 -34.18
N ASP G 36 1.54 39.48 -32.92
CA ASP G 36 0.34 39.99 -32.24
C ASP G 36 -0.12 41.31 -32.85
N ILE G 37 0.83 42.14 -33.31
CA ILE G 37 0.47 43.41 -33.92
C ILE G 37 -0.34 43.19 -35.19
N ILE G 38 0.07 42.22 -36.00
CA ILE G 38 -0.64 41.94 -37.24
C ILE G 38 -2.06 41.49 -36.95
N PHE G 39 -2.23 40.62 -35.95
CA PHE G 39 -3.57 40.18 -35.56
C PHE G 39 -4.41 41.36 -35.05
N ALA G 40 -3.81 42.24 -34.27
CA ALA G 40 -4.54 43.40 -33.75
C ALA G 40 -4.96 44.34 -34.86
N ILE G 41 -4.07 44.61 -35.82
CA ILE G 41 -4.40 45.52 -36.92
C ILE G 41 -5.51 44.94 -37.78
N LEU G 42 -5.43 43.65 -38.09
CA LEU G 42 -6.49 43.00 -38.87
C LEU G 42 -7.81 43.01 -38.12
N LYS G 43 -7.76 42.80 -36.79
CA LYS G 43 -8.99 42.82 -35.99
C LYS G 43 -9.66 44.19 -36.04
N GLN G 44 -8.87 45.26 -35.90
CA GLN G 44 -9.44 46.61 -35.96
C GLN G 44 -9.92 46.92 -37.38
N HIS G 45 -9.15 46.53 -38.39
CA HIS G 45 -9.56 46.80 -39.76
C HIS G 45 -10.78 45.99 -40.16
N ALA G 46 -11.00 44.84 -39.53
CA ALA G 46 -12.17 44.02 -39.83
C ALA G 46 -13.46 44.71 -39.41
N LYS G 47 -13.40 45.58 -38.40
CA LYS G 47 -14.59 46.29 -37.94
C LYS G 47 -15.13 47.23 -39.01
N SER G 48 -14.26 47.73 -39.90
CA SER G 48 -14.72 48.62 -40.96
C SER G 48 -15.55 47.90 -42.01
N GLY G 49 -15.50 46.57 -42.06
CA GLY G 49 -16.26 45.80 -43.02
C GLY G 49 -15.56 45.52 -44.32
N GLU G 50 -14.38 46.10 -44.55
CA GLU G 50 -13.64 45.85 -45.78
C GLU G 50 -13.12 44.41 -45.82
N ASP G 51 -13.09 43.84 -47.01
CA ASP G 51 -12.60 42.48 -47.19
C ASP G 51 -11.11 42.41 -46.93
N ILE G 52 -10.68 41.27 -46.38
CA ILE G 52 -9.27 41.03 -46.05
C ILE G 52 -8.80 39.83 -46.85
N PHE G 53 -7.67 39.98 -47.54
CA PHE G 53 -7.08 38.92 -48.34
C PHE G 53 -5.94 38.26 -47.58
N GLY G 54 -5.88 36.92 -47.66
CA GLY G 54 -4.83 36.18 -46.97
C GLY G 54 -4.39 35.00 -47.80
N ASP G 55 -3.15 34.57 -47.52
CA ASP G 55 -2.55 33.45 -48.25
C ASP G 55 -1.45 32.84 -47.39
N GLY G 56 -1.07 31.63 -47.75
CA GLY G 56 -0.03 30.92 -47.03
C GLY G 56 0.03 29.47 -47.46
N VAL G 57 0.79 28.70 -46.68
CA VAL G 57 0.96 27.27 -46.91
C VAL G 57 0.03 26.51 -45.97
N LEU G 58 -0.77 25.61 -46.53
CA LEU G 58 -1.78 24.88 -45.77
C LEU G 58 -1.18 23.59 -45.22
N GLU G 59 -1.47 23.31 -43.95
CA GLU G 59 -1.10 22.06 -43.31
C GLU G 59 -2.31 21.49 -42.59
N ILE G 60 -2.35 20.17 -42.44
CA ILE G 60 -3.47 19.48 -41.82
C ILE G 60 -2.97 18.81 -40.54
N LEU G 61 -3.66 19.08 -39.43
CA LEU G 61 -3.31 18.50 -38.15
C LEU G 61 -3.89 17.09 -38.04
N GLN G 62 -3.56 16.39 -36.95
CA GLN G 62 -4.03 15.03 -36.76
C GLN G 62 -5.52 14.97 -36.40
N ASP G 63 -6.05 16.02 -35.77
CA ASP G 63 -7.47 16.02 -35.41
C ASP G 63 -8.34 16.06 -36.66
N GLY G 64 -7.94 16.81 -37.69
CA GLY G 64 -8.71 16.91 -38.90
C GLY G 64 -8.77 18.32 -39.46
N PHE G 65 -8.75 19.32 -38.58
CA PHE G 65 -8.70 20.69 -39.03
C PHE G 65 -7.26 21.10 -39.34
N GLY G 66 -7.13 22.21 -40.07
CA GLY G 66 -5.82 22.68 -40.49
C GLY G 66 -5.70 24.19 -40.29
N PHE G 67 -4.46 24.66 -40.49
CA PHE G 67 -4.13 26.08 -40.41
C PHE G 67 -3.30 26.47 -41.62
N LEU G 68 -3.40 27.74 -42.00
CA LEU G 68 -2.69 28.28 -43.16
C LEU G 68 -1.44 29.00 -42.66
N ARG G 69 -0.35 28.25 -42.55
CA ARG G 69 0.91 28.81 -42.06
C ARG G 69 1.51 29.76 -43.09
N SER G 70 2.32 30.69 -42.60
CA SER G 70 2.99 31.68 -43.44
C SER G 70 4.49 31.36 -43.50
N ALA G 71 5.05 31.37 -44.71
CA ALA G 71 6.47 31.07 -44.87
C ALA G 71 7.36 32.20 -44.36
N ASP G 72 6.81 33.41 -44.18
CA ASP G 72 7.62 34.52 -43.69
C ASP G 72 8.12 34.28 -42.27
N SER G 73 7.28 33.70 -41.41
CA SER G 73 7.64 33.40 -40.03
C SER G 73 8.20 32.00 -39.85
N SER G 74 8.75 31.41 -40.92
CA SER G 74 9.31 30.05 -40.89
C SER G 74 8.26 29.04 -40.44
N TYR G 75 7.01 29.24 -40.88
CA TYR G 75 5.90 28.35 -40.57
C TYR G 75 5.73 28.17 -39.05
N LEU G 76 5.85 29.26 -38.31
CA LEU G 76 5.68 29.24 -36.87
C LEU G 76 4.23 29.52 -36.51
N ALA G 77 3.72 28.75 -35.55
CA ALA G 77 2.34 28.93 -35.10
C ALA G 77 2.17 30.31 -34.46
N GLY G 78 1.10 31.00 -34.84
CA GLY G 78 0.82 32.32 -34.33
C GLY G 78 -0.65 32.66 -34.35
N PRO G 79 -1.04 33.71 -33.62
CA PRO G 79 -2.45 34.13 -33.62
C PRO G 79 -2.97 34.57 -34.98
N ASP G 80 -2.08 34.96 -35.90
CA ASP G 80 -2.49 35.44 -37.21
C ASP G 80 -2.68 34.32 -38.23
N ASP G 81 -2.48 33.07 -37.83
CA ASP G 81 -2.66 31.95 -38.75
C ASP G 81 -4.14 31.80 -39.11
N ILE G 82 -4.39 31.47 -40.38
CA ILE G 82 -5.74 31.34 -40.90
C ILE G 82 -6.23 29.92 -40.64
N TYR G 83 -7.40 29.80 -40.02
CA TYR G 83 -8.01 28.51 -39.72
C TYR G 83 -8.96 28.11 -40.84
N VAL G 84 -8.92 26.84 -41.22
CA VAL G 84 -9.78 26.30 -42.26
C VAL G 84 -10.57 25.13 -41.69
N SER G 85 -11.89 25.13 -41.93
CA SER G 85 -12.72 24.05 -41.45
C SER G 85 -12.49 22.77 -42.25
N PRO G 86 -12.69 21.61 -41.64
CA PRO G 86 -12.55 20.35 -42.39
C PRO G 86 -13.54 20.22 -43.53
N SER G 87 -14.66 20.94 -43.49
CA SER G 87 -15.64 20.86 -44.57
C SER G 87 -15.06 21.39 -45.88
N GLN G 88 -14.29 22.47 -45.81
CA GLN G 88 -13.67 23.02 -47.02
C GLN G 88 -12.68 22.04 -47.63
N ILE G 89 -12.10 21.16 -46.80
CA ILE G 89 -11.16 20.17 -47.31
C ILE G 89 -11.85 19.17 -48.25
N ARG G 90 -13.09 18.77 -47.91
CA ARG G 90 -13.82 17.88 -48.79
C ARG G 90 -14.18 18.55 -50.11
N ARG G 91 -14.57 19.83 -50.06
CA ARG G 91 -14.90 20.55 -51.30
C ARG G 91 -13.70 20.65 -52.21
N PHE G 92 -12.53 20.96 -51.66
CA PHE G 92 -11.30 21.09 -52.44
C PHE G 92 -10.21 20.20 -51.86
N ASN G 93 -9.82 19.16 -52.59
CA ASN G 93 -8.81 18.23 -52.14
C ASN G 93 -7.50 18.95 -51.85
N LEU G 94 -7.19 19.10 -50.56
CA LEU G 94 -5.98 19.76 -50.12
C LEU G 94 -5.20 18.85 -49.18
N ARG G 95 -3.87 18.91 -49.31
CA ARG G 95 -2.97 18.19 -48.42
C ARG G 95 -1.91 19.16 -47.91
N THR G 96 -1.09 18.69 -46.98
CA THR G 96 -0.04 19.53 -46.42
C THR G 96 0.94 19.96 -47.52
N GLY G 97 1.26 21.25 -47.54
CA GLY G 97 2.26 21.78 -48.45
C GLY G 97 1.73 22.77 -49.48
N ASP G 98 0.48 22.61 -49.91
CA ASP G 98 -0.06 23.44 -50.97
C ASP G 98 -0.31 24.86 -50.50
N THR G 99 -0.31 25.80 -51.45
CA THR G 99 -0.55 27.20 -51.15
C THR G 99 -2.02 27.53 -51.41
N ILE G 100 -2.67 28.14 -50.43
CA ILE G 100 -4.07 28.53 -50.51
C ILE G 100 -4.17 30.05 -50.34
N SER G 101 -4.84 30.70 -51.27
CA SER G 101 -5.03 32.15 -51.24
C SER G 101 -6.50 32.47 -51.44
N GLY G 102 -7.01 33.39 -50.62
CA GLY G 102 -8.41 33.78 -50.73
C GLY G 102 -8.79 34.73 -49.62
N LYS G 103 -10.07 35.10 -49.63
CA LYS G 103 -10.59 36.01 -48.62
C LYS G 103 -10.75 35.30 -47.28
N ILE G 104 -10.53 36.06 -46.20
CA ILE G 104 -10.65 35.54 -44.84
C ILE G 104 -11.64 36.41 -44.08
N ARG G 105 -12.56 35.76 -43.35
CA ARG G 105 -13.57 36.48 -42.58
C ARG G 105 -13.07 36.80 -41.19
N PRO G 106 -13.60 37.86 -40.57
CA PRO G 106 -13.22 38.17 -39.19
C PRO G 106 -13.59 37.04 -38.26
N PRO G 107 -12.75 36.75 -37.26
CA PRO G 107 -13.07 35.67 -36.31
C PRO G 107 -14.19 36.08 -35.37
N LYS G 108 -15.20 35.22 -35.27
CA LYS G 108 -16.31 35.50 -34.37
C LYS G 108 -15.89 35.25 -32.91
N GLU G 109 -16.82 35.50 -32.00
CA GLU G 109 -16.56 35.26 -30.59
C GLU G 109 -16.38 33.76 -30.32
N GLY G 110 -15.41 33.43 -29.49
CA GLY G 110 -15.12 32.05 -29.16
C GLY G 110 -13.97 31.43 -29.93
N GLU G 111 -13.55 32.05 -31.04
CA GLU G 111 -12.43 31.57 -31.81
C GLU G 111 -11.34 32.63 -31.86
N ARG G 112 -10.09 32.17 -31.88
CA ARG G 112 -8.92 33.05 -31.82
C ARG G 112 -8.19 33.11 -33.16
N TYR G 113 -8.73 32.53 -34.22
CA TYR G 113 -8.06 32.48 -35.50
C TYR G 113 -9.02 32.89 -36.61
N PHE G 114 -8.48 33.53 -37.64
CA PHE G 114 -9.27 33.89 -38.81
C PHE G 114 -9.70 32.64 -39.58
N ALA G 115 -10.85 32.74 -40.21
CA ALA G 115 -11.41 31.64 -40.99
C ALA G 115 -11.45 32.00 -42.46
N LEU G 116 -11.13 31.03 -43.31
CA LEU G 116 -11.15 31.26 -44.76
C LEU G 116 -12.58 31.29 -45.27
N LEU G 117 -12.92 32.34 -46.02
CA LEU G 117 -14.27 32.49 -46.56
C LEU G 117 -14.39 31.86 -47.95
N LYS G 118 -13.59 32.32 -48.90
CA LYS G 118 -13.63 31.80 -50.26
C LYS G 118 -12.20 31.73 -50.79
N VAL G 119 -11.86 30.59 -51.40
CA VAL G 119 -10.54 30.38 -51.99
C VAL G 119 -10.64 30.55 -53.50
N ASN G 120 -9.78 31.40 -54.06
CA ASN G 120 -9.78 31.70 -55.48
C ASN G 120 -8.45 31.41 -56.15
N GLU G 121 -7.48 30.86 -55.43
CA GLU G 121 -6.16 30.59 -56.00
C GLU G 121 -5.52 29.46 -55.22
N VAL G 122 -5.26 28.34 -55.89
CA VAL G 122 -4.62 27.18 -55.29
C VAL G 122 -3.37 26.86 -56.08
N ASN G 123 -2.22 26.89 -55.40
CA ASN G 123 -0.92 26.60 -56.03
C ASN G 123 -0.69 27.47 -57.26
N PHE G 124 -1.03 28.75 -57.14
CA PHE G 124 -0.93 29.71 -58.23
C PHE G 124 -1.70 29.24 -59.46
N ASP G 125 -2.88 28.66 -59.22
CA ASP G 125 -3.70 28.12 -60.29
C ASP G 125 -5.15 28.09 -59.83
N LYS G 126 -6.05 27.89 -60.78
CA LYS G 126 -7.46 27.81 -60.47
C LYS G 126 -7.72 26.59 -59.58
N PRO G 127 -8.55 26.71 -58.55
CA PRO G 127 -8.78 25.56 -57.65
C PRO G 127 -9.34 24.34 -58.36
N GLU G 128 -10.19 24.54 -59.38
CA GLU G 128 -10.72 23.39 -60.12
C GLU G 128 -9.62 22.64 -60.85
N ASN G 129 -8.68 23.36 -61.45
CA ASN G 129 -7.58 22.72 -62.17
C ASN G 129 -6.65 21.97 -61.22
N ALA G 130 -6.44 22.50 -60.02
CA ALA G 130 -5.57 21.84 -59.06
C ALA G 130 -6.14 20.51 -58.58
N ARG G 131 -7.47 20.34 -58.65
CA ARG G 131 -8.09 19.10 -58.23
C ARG G 131 -7.76 17.93 -59.15
N ASN G 132 -7.36 18.19 -60.40
CA ASN G 132 -7.06 17.15 -61.37
C ASN G 132 -5.57 16.85 -61.48
N LYS G 133 -4.75 17.45 -60.61
CA LYS G 133 -3.31 17.23 -60.68
C LYS G 133 -2.96 15.80 -60.27
N ILE G 134 -1.91 15.21 -60.84
CA ILE G 134 -1.60 13.82 -60.38
C ILE G 134 -0.68 13.91 -59.15
N LEU G 135 -0.80 12.96 -58.21
CA LEU G 135 -0.01 13.00 -56.96
C LEU G 135 1.47 12.76 -57.29
N PHE G 136 2.39 13.32 -56.49
CA PHE G 136 3.84 13.21 -56.78
C PHE G 136 4.25 11.74 -56.81
N GLU G 137 3.82 10.97 -55.81
CA GLU G 137 4.25 9.56 -55.72
C GLU G 137 4.01 8.83 -57.04
N ASN G 138 2.86 9.03 -57.68
CA ASN G 138 2.56 8.27 -58.88
C ASN G 138 3.47 8.61 -60.05
N LEU G 139 4.23 9.70 -59.96
CA LEU G 139 5.12 10.09 -61.03
C LEU G 139 6.32 9.16 -61.12
N THR G 140 6.81 8.96 -62.35
CA THR G 140 7.94 8.07 -62.59
C THR G 140 9.24 8.86 -62.57
N PRO G 141 10.14 8.61 -61.61
CA PRO G 141 11.41 9.34 -61.60
C PRO G 141 12.34 8.88 -62.72
N LEU G 142 13.25 9.78 -63.09
CA LEU G 142 14.26 9.49 -64.10
C LEU G 142 15.57 10.15 -63.67
N HIS G 143 16.64 9.82 -64.40
CA HIS G 143 17.94 10.43 -64.15
C HIS G 143 17.96 11.88 -64.62
N ALA G 144 18.86 12.65 -64.03
CA ALA G 144 18.98 14.06 -64.38
C ALA G 144 19.48 14.23 -65.81
N ASN G 145 18.86 15.16 -66.54
CA ASN G 145 19.23 15.44 -67.91
C ASN G 145 19.34 16.91 -68.26
N SER G 146 18.93 17.81 -67.37
CA SER G 146 18.97 19.25 -67.60
C SER G 146 20.19 19.82 -66.88
N ARG G 147 21.19 20.24 -67.65
CA ARG G 147 22.42 20.77 -67.06
C ARG G 147 22.18 22.16 -66.48
N LEU G 148 22.64 22.34 -65.23
CA LEU G 148 22.55 23.62 -64.55
C LEU G 148 23.94 24.26 -64.52
N ARG G 149 24.10 25.34 -65.28
CA ARG G 149 25.38 26.03 -65.37
C ARG G 149 25.64 26.79 -64.08
N MET G 150 26.51 26.23 -63.22
CA MET G 150 26.81 26.87 -61.95
C MET G 150 27.83 27.99 -62.09
N GLU G 151 28.53 28.08 -63.22
CA GLU G 151 29.53 29.11 -63.42
C GLU G 151 28.88 30.43 -63.80
N ARG G 152 29.37 31.51 -63.19
CA ARG G 152 28.89 32.87 -63.45
C ARG G 152 29.98 33.65 -64.18
N GLY G 153 29.65 34.21 -65.33
CA GLY G 153 30.61 34.94 -66.12
C GLY G 153 30.58 36.44 -65.91
N ASN G 154 29.37 37.00 -65.77
CA ASN G 154 29.25 38.45 -65.62
C ASN G 154 29.86 38.94 -64.31
N ASP G 155 29.71 38.18 -63.23
CA ASP G 155 30.25 38.61 -61.95
C ASP G 155 31.77 38.68 -61.99
N SER G 156 32.41 37.62 -62.50
CA SER G 156 33.88 37.55 -62.61
C SER G 156 34.56 37.80 -61.27
N THR G 157 33.97 37.25 -60.20
CA THR G 157 34.50 37.45 -58.87
C THR G 157 35.79 36.67 -58.68
N GLU G 158 36.53 37.06 -57.64
CA GLU G 158 37.79 36.38 -57.34
C GLU G 158 37.58 34.96 -56.82
N ASP G 159 36.39 34.65 -56.35
CA ASP G 159 36.11 33.30 -55.86
C ASP G 159 35.95 32.35 -57.03
N LEU G 160 36.65 31.21 -56.97
CA LEU G 160 36.61 30.20 -58.01
C LEU G 160 35.75 29.00 -57.64
N THR G 161 34.93 29.14 -56.60
CA THR G 161 34.12 28.01 -56.13
C THR G 161 33.13 27.56 -57.21
N ALA G 162 32.49 28.51 -57.89
CA ALA G 162 31.55 28.15 -58.94
C ALA G 162 32.24 27.43 -60.09
N ARG G 163 33.42 27.89 -60.49
CA ARG G 163 34.15 27.24 -61.57
C ARG G 163 34.61 25.85 -61.18
N VAL G 164 35.09 25.69 -59.94
CA VAL G 164 35.58 24.38 -59.49
C VAL G 164 34.41 23.40 -59.36
N LEU G 165 33.26 23.87 -58.90
CA LEU G 165 32.12 22.97 -58.68
C LEU G 165 31.66 22.31 -59.97
N ASP G 166 31.63 23.06 -61.07
CA ASP G 166 31.26 22.47 -62.35
C ASP G 166 32.27 21.43 -62.80
N LEU G 167 33.56 21.72 -62.63
CA LEU G 167 34.60 20.76 -63.04
C LEU G 167 34.60 19.54 -62.13
N ALA G 168 34.48 19.74 -60.81
CA ALA G 168 34.54 18.62 -59.88
C ALA G 168 33.31 17.72 -60.01
N SER G 169 32.13 18.31 -60.02
CA SER G 169 30.90 17.54 -60.08
C SER G 169 29.75 18.38 -60.63
N PRO G 170 29.38 18.19 -61.90
CA PRO G 170 28.25 18.94 -62.46
C PRO G 170 26.95 18.62 -61.74
N ILE G 171 26.10 19.63 -61.61
CA ILE G 171 24.83 19.52 -60.91
C ILE G 171 23.70 19.76 -61.92
N GLY G 172 22.74 18.84 -61.96
CA GLY G 172 21.59 18.96 -62.83
C GLY G 172 20.29 19.07 -62.05
N ARG G 173 19.20 19.14 -62.82
CA ARG G 173 17.87 19.20 -62.23
C ARG G 173 17.44 17.82 -61.75
N GLY G 174 16.90 17.76 -60.54
CA GLY G 174 16.48 16.49 -59.98
C GLY G 174 17.57 15.68 -59.32
N GLN G 175 18.74 16.26 -59.09
CA GLN G 175 19.84 15.55 -58.44
C GLN G 175 19.53 15.32 -56.97
N ARG G 176 20.08 14.24 -56.43
CA ARG G 176 19.95 13.87 -55.02
C ARG G 176 21.31 13.83 -54.36
N GLY G 177 22.14 14.83 -54.65
CA GLY G 177 23.50 14.84 -54.13
C GLY G 177 23.56 15.27 -52.68
N LEU G 178 24.69 14.97 -52.04
CA LEU G 178 24.96 15.37 -50.67
C LEU G 178 26.37 15.91 -50.59
N ILE G 179 26.61 16.77 -49.59
CA ILE G 179 27.90 17.41 -49.39
C ILE G 179 28.47 16.90 -48.08
N VAL G 180 29.68 16.36 -48.14
CA VAL G 180 30.41 15.89 -46.96
C VAL G 180 31.36 17.00 -46.55
N ALA G 181 31.04 17.71 -45.47
CA ALA G 181 31.78 18.90 -45.05
C ALA G 181 32.20 18.76 -43.59
N PRO G 182 33.50 18.68 -43.30
CA PRO G 182 33.95 18.73 -41.91
C PRO G 182 33.71 20.10 -41.31
N PRO G 183 33.68 20.21 -39.98
CA PRO G 183 33.47 21.53 -39.37
C PRO G 183 34.59 22.49 -39.71
N LYS G 184 34.22 23.78 -39.85
CA LYS G 184 35.15 24.84 -40.20
C LYS G 184 35.86 24.56 -41.53
N ALA G 185 35.07 24.18 -42.54
CA ALA G 185 35.59 23.92 -43.88
C ALA G 185 34.86 24.73 -44.94
N GLY G 186 34.29 25.87 -44.57
CA GLY G 186 33.57 26.70 -45.53
C GLY G 186 32.30 26.07 -46.06
N LYS G 187 31.58 25.35 -45.20
CA LYS G 187 30.33 24.71 -45.64
C LYS G 187 29.24 25.75 -45.87
N THR G 188 29.15 26.75 -44.99
CA THR G 188 28.09 27.75 -45.11
C THR G 188 28.25 28.58 -46.37
N MET G 189 29.48 29.02 -46.67
CA MET G 189 29.69 29.84 -47.85
C MET G 189 29.56 29.01 -49.13
N LEU G 190 29.77 27.70 -49.04
CA LEU G 190 29.60 26.84 -50.20
C LEU G 190 28.15 26.84 -50.68
N LEU G 191 27.20 26.76 -49.75
CA LEU G 191 25.79 26.81 -50.12
C LEU G 191 25.40 28.19 -50.63
N GLN G 192 25.95 29.25 -50.03
CA GLN G 192 25.62 30.60 -50.46
C GLN G 192 26.05 30.86 -51.89
N ASN G 193 27.24 30.40 -52.28
CA ASN G 193 27.71 30.59 -53.64
C ASN G 193 26.82 29.86 -54.64
N ILE G 194 26.39 28.64 -54.29
CA ILE G 194 25.48 27.89 -55.16
C ILE G 194 24.16 28.62 -55.32
N ALA G 195 23.64 29.19 -54.22
CA ALA G 195 22.37 29.90 -54.27
C ALA G 195 22.45 31.12 -55.19
N GLN G 196 23.59 31.82 -55.17
CA GLN G 196 23.74 32.99 -56.03
C GLN G 196 23.67 32.61 -57.51
N SER G 197 24.34 31.51 -57.88
CA SER G 197 24.31 31.08 -59.28
C SER G 197 22.92 30.62 -59.71
N ILE G 198 22.21 29.91 -58.83
CA ILE G 198 20.88 29.43 -59.17
C ILE G 198 19.93 30.61 -59.38
N ALA G 199 19.98 31.60 -58.48
CA ALA G 199 19.12 32.76 -58.61
C ALA G 199 19.51 33.63 -59.81
N TYR G 200 20.71 33.46 -60.35
CA TYR G 200 21.18 34.23 -61.49
C TYR G 200 21.05 33.48 -62.80
N ASN G 201 21.59 32.27 -62.87
CA ASN G 201 21.58 31.52 -64.14
C ASN G 201 20.19 30.98 -64.46
N HIS G 202 19.43 30.57 -63.45
CA HIS G 202 18.10 29.98 -63.64
C HIS G 202 17.11 30.71 -62.73
N PRO G 203 16.72 31.93 -63.09
CA PRO G 203 15.70 32.63 -62.28
C PRO G 203 14.36 31.93 -62.25
N ASP G 204 14.03 31.17 -63.30
CA ASP G 204 12.73 30.51 -63.35
C ASP G 204 12.61 29.42 -62.29
N CYS G 205 13.70 28.71 -62.01
CA CYS G 205 13.67 27.65 -61.02
C CYS G 205 13.41 28.21 -59.62
N VAL G 206 12.56 27.53 -58.87
CA VAL G 206 12.24 27.93 -57.51
C VAL G 206 13.32 27.43 -56.57
N LEU G 207 13.91 28.35 -55.80
CA LEU G 207 14.99 28.02 -54.87
C LEU G 207 14.47 28.14 -53.45
N MET G 208 14.61 27.07 -52.68
CA MET G 208 14.20 27.03 -51.28
C MET G 208 15.37 26.58 -50.42
N VAL G 209 15.62 27.31 -49.33
CA VAL G 209 16.74 27.03 -48.44
C VAL G 209 16.16 26.67 -47.08
N LEU G 210 16.55 25.51 -46.56
CA LEU G 210 16.12 25.04 -45.25
C LEU G 210 17.34 24.84 -44.36
N LEU G 211 17.31 25.45 -43.18
CA LEU G 211 18.41 25.37 -42.22
C LEU G 211 17.90 24.83 -40.89
N ILE G 212 18.66 23.93 -40.30
CA ILE G 212 18.29 23.27 -39.05
C ILE G 212 19.37 23.58 -38.01
N ASP G 213 18.94 24.00 -36.81
CA ASP G 213 19.83 24.24 -35.69
C ASP G 213 20.92 25.27 -36.03
N GLU G 214 20.52 26.34 -36.71
CA GLU G 214 21.43 27.41 -37.07
C GLU G 214 21.24 28.61 -36.16
N ARG G 215 22.30 29.38 -35.98
CA ARG G 215 22.26 30.55 -35.12
C ARG G 215 21.36 31.62 -35.74
N PRO G 216 20.72 32.44 -34.90
CA PRO G 216 19.82 33.48 -35.45
C PRO G 216 20.50 34.45 -36.39
N GLU G 217 21.76 34.84 -36.11
CA GLU G 217 22.46 35.75 -37.00
C GLU G 217 22.81 35.07 -38.32
N GLU G 218 23.01 33.76 -38.31
CA GLU G 218 23.29 33.04 -39.56
C GLU G 218 22.04 32.99 -40.44
N VAL G 219 20.86 32.88 -39.85
CA VAL G 219 19.63 32.85 -40.62
C VAL G 219 19.39 34.19 -41.31
N THR G 220 19.62 35.29 -40.58
CA THR G 220 19.40 36.61 -41.14
C THR G 220 20.32 36.88 -42.32
N GLU G 221 21.60 36.48 -42.22
CA GLU G 221 22.53 36.68 -43.32
C GLU G 221 22.10 35.87 -44.55
N MET G 222 21.60 34.66 -44.33
CA MET G 222 21.17 33.81 -45.43
C MET G 222 20.01 34.44 -46.20
N GLN G 223 19.05 35.03 -45.46
CA GLN G 223 17.90 35.67 -46.12
C GLN G 223 18.34 36.85 -46.97
N ARG G 224 19.26 37.67 -46.45
CA ARG G 224 19.73 38.83 -47.20
C ARG G 224 20.52 38.44 -48.44
N LEU G 225 21.28 37.34 -48.36
CA LEU G 225 22.15 36.95 -49.47
C LEU G 225 21.39 36.16 -50.53
N VAL G 226 20.59 35.19 -50.09
CA VAL G 226 19.88 34.31 -51.03
C VAL G 226 18.65 35.04 -51.57
N LYS G 227 18.53 35.09 -52.89
CA LYS G 227 17.38 35.71 -53.55
C LYS G 227 16.32 34.65 -53.78
N GLY G 228 15.61 34.32 -52.70
CA GLY G 228 14.57 33.32 -52.79
C GLY G 228 13.87 33.14 -51.46
N GLU G 229 13.20 32.01 -51.31
CA GLU G 229 12.48 31.68 -50.09
C GLU G 229 13.41 30.93 -49.14
N VAL G 230 13.65 31.52 -47.97
CA VAL G 230 14.54 30.95 -46.96
C VAL G 230 13.73 30.74 -45.69
N VAL G 231 13.73 29.51 -45.18
CA VAL G 231 13.08 29.15 -43.94
C VAL G 231 14.07 28.38 -43.08
N ALA G 232 14.10 28.68 -41.79
CA ALA G 232 15.07 28.06 -40.90
C ALA G 232 14.49 27.97 -39.49
N SER G 233 15.07 27.08 -38.69
CA SER G 233 14.69 26.88 -37.30
C SER G 233 15.92 27.05 -36.42
N THR G 234 15.80 27.89 -35.39
CA THR G 234 16.91 28.16 -34.50
C THR G 234 17.12 26.99 -33.53
N PHE G 235 18.31 26.98 -32.90
CA PHE G 235 18.64 25.90 -31.97
C PHE G 235 17.78 25.93 -30.72
N ASP G 236 17.39 27.11 -30.26
CA ASP G 236 16.61 27.21 -29.03
C ASP G 236 15.22 26.62 -29.19
N GLU G 237 14.71 26.52 -30.41
CA GLU G 237 13.41 25.92 -30.65
C GLU G 237 13.46 24.42 -30.37
N PRO G 238 12.34 23.82 -29.95
CA PRO G 238 12.35 22.39 -29.62
C PRO G 238 12.58 21.52 -30.86
N ALA G 239 12.96 20.27 -30.60
CA ALA G 239 13.20 19.33 -31.69
C ALA G 239 11.95 19.06 -32.50
N SER G 240 10.77 19.15 -31.87
CA SER G 240 9.52 18.98 -32.61
C SER G 240 9.33 20.08 -33.65
N ARG G 241 9.79 21.29 -33.34
CA ARG G 241 9.72 22.38 -34.31
C ARG G 241 10.56 22.08 -35.54
N HIS G 242 11.72 21.46 -35.35
CA HIS G 242 12.58 21.10 -36.48
C HIS G 242 11.89 20.09 -37.39
N VAL G 243 11.19 19.12 -36.80
CA VAL G 243 10.47 18.13 -37.59
C VAL G 243 9.32 18.79 -38.35
N GLN G 244 8.59 19.70 -37.68
CA GLN G 244 7.43 20.34 -38.30
C GLN G 244 7.83 21.14 -39.53
N VAL G 245 8.93 21.91 -39.44
CA VAL G 245 9.35 22.72 -40.58
C VAL G 245 9.96 21.86 -41.68
N ALA G 246 10.63 20.76 -41.33
CA ALA G 246 11.24 19.90 -42.35
C ALA G 246 10.18 19.27 -43.24
N GLU G 247 9.09 18.78 -42.67
CA GLU G 247 8.02 18.22 -43.48
C GLU G 247 7.29 19.28 -44.27
N MET G 248 7.26 20.52 -43.76
CA MET G 248 6.57 21.60 -44.46
C MET G 248 7.27 21.92 -45.78
N VAL G 249 8.60 21.93 -45.79
CA VAL G 249 9.34 22.30 -46.99
C VAL G 249 9.16 21.25 -48.08
N ILE G 250 9.30 19.98 -47.73
CA ILE G 250 9.23 18.92 -48.74
C ILE G 250 7.81 18.77 -49.27
N GLU G 251 6.80 18.89 -48.41
CA GLU G 251 5.41 18.80 -48.88
C GLU G 251 5.08 19.97 -49.79
N LYS G 252 5.57 21.16 -49.48
CA LYS G 252 5.36 22.30 -50.37
C LYS G 252 6.04 22.10 -51.71
N ALA G 253 7.25 21.53 -51.70
CA ALA G 253 7.98 21.29 -52.93
C ALA G 253 7.26 20.27 -53.81
N LYS G 254 6.72 19.21 -53.20
CA LYS G 254 6.04 18.18 -53.98
C LYS G 254 4.82 18.73 -54.72
N ARG G 255 4.06 19.61 -54.06
CA ARG G 255 2.90 20.22 -54.71
C ARG G 255 3.32 21.07 -55.89
N LEU G 256 4.40 21.83 -55.75
CA LEU G 256 4.89 22.64 -56.86
C LEU G 256 5.39 21.78 -58.02
N VAL G 257 6.00 20.64 -57.71
CA VAL G 257 6.48 19.75 -58.78
C VAL G 257 5.31 19.22 -59.59
N GLU G 258 4.19 18.93 -58.94
CA GLU G 258 3.01 18.44 -59.65
C GLU G 258 2.47 19.45 -60.66
N HIS G 259 2.79 20.74 -60.49
CA HIS G 259 2.36 21.78 -61.42
C HIS G 259 3.41 22.08 -62.48
N LYS G 260 4.22 21.09 -62.86
CA LYS G 260 5.24 21.23 -63.90
C LYS G 260 6.25 22.34 -63.58
N LYS G 261 6.64 22.44 -62.31
CA LYS G 261 7.62 23.42 -61.87
C LYS G 261 8.84 22.72 -61.29
N ASP G 262 9.99 23.40 -61.37
CA ASP G 262 11.26 22.88 -60.87
C ASP G 262 11.57 23.52 -59.53
N VAL G 263 11.84 22.70 -58.51
CA VAL G 263 12.13 23.17 -57.16
C VAL G 263 13.51 22.66 -56.77
N ILE G 264 14.34 23.57 -56.26
CA ILE G 264 15.67 23.24 -55.77
C ILE G 264 15.72 23.52 -54.28
N ILE G 265 16.12 22.52 -53.50
CA ILE G 265 16.14 22.60 -52.04
C ILE G 265 17.57 22.46 -51.57
N LEU G 266 18.03 23.43 -50.78
CA LEU G 266 19.34 23.38 -50.15
C LEU G 266 19.16 22.96 -48.69
N LEU G 267 19.54 21.73 -48.37
CA LEU G 267 19.32 21.16 -47.05
C LEU G 267 20.58 21.29 -46.20
N ASP G 268 20.40 21.72 -44.95
CA ASP G 268 21.51 21.85 -44.01
C ASP G 268 20.92 21.74 -42.60
N SER G 269 21.17 20.60 -41.94
CA SER G 269 21.95 19.49 -42.44
C SER G 269 21.23 18.16 -42.16
N ILE G 270 21.61 17.12 -42.92
CA ILE G 270 21.01 15.80 -42.72
C ILE G 270 21.32 15.29 -41.32
N THR G 271 22.56 15.46 -40.87
CA THR G 271 22.92 15.04 -39.51
C THR G 271 22.11 15.80 -38.47
N ARG G 272 21.95 17.11 -38.66
CA ARG G 272 21.10 17.89 -37.76
C ARG G 272 19.64 17.47 -37.89
N LEU G 273 19.18 17.23 -39.11
CA LEU G 273 17.80 16.80 -39.32
C LEU G 273 17.55 15.44 -38.68
N ALA G 274 18.49 14.50 -38.86
CA ALA G 274 18.34 13.18 -38.23
C ALA G 274 18.42 13.27 -36.71
N ARG G 275 19.13 14.28 -36.19
CA ARG G 275 19.20 14.45 -34.74
C ARG G 275 17.83 14.74 -34.15
N ALA G 276 17.06 15.64 -34.79
CA ALA G 276 15.73 15.96 -34.29
C ALA G 276 14.77 14.79 -34.49
N TYR G 277 14.87 14.11 -35.64
CA TYR G 277 13.97 13.00 -35.92
C TYR G 277 14.13 11.87 -34.92
N ASN G 278 15.38 11.58 -34.52
CA ASN G 278 15.61 10.50 -33.56
C ASN G 278 14.98 10.80 -32.21
N THR G 279 15.05 12.05 -31.76
CA THR G 279 14.49 12.40 -30.46
C THR G 279 12.97 12.38 -30.48
N VAL G 280 12.37 12.88 -31.56
CA VAL G 280 10.91 13.01 -31.62
C VAL G 280 10.25 11.64 -31.63
N VAL G 281 10.76 10.70 -32.41
CA VAL G 281 10.12 9.39 -32.54
C VAL G 281 10.20 8.67 -31.20
N PRO G 282 9.10 8.07 -30.72
CA PRO G 282 9.17 7.32 -29.46
C PRO G 282 10.03 6.07 -29.58
N ALA G 283 10.61 5.67 -28.46
CA ALA G 283 11.45 4.49 -28.42
C ALA G 283 10.63 3.23 -28.67
N SER G 284 11.18 2.32 -29.47
CA SER G 284 10.53 1.06 -29.79
C SER G 284 10.95 -0.07 -28.86
N GLY G 285 11.74 0.22 -27.83
CA GLY G 285 12.23 -0.78 -26.90
C GLY G 285 13.56 -1.39 -27.26
N LYS G 286 14.09 -1.10 -28.46
CA LYS G 286 15.38 -1.60 -28.89
C LYS G 286 16.26 -0.43 -29.30
N VAL G 287 17.49 -0.40 -28.80
CA VAL G 287 18.44 0.67 -29.09
C VAL G 287 19.62 0.08 -29.86
N LEU G 288 19.92 0.65 -31.01
CA LEU G 288 21.04 0.20 -31.82
C LEU G 288 22.30 0.96 -31.43
N THR G 289 23.37 0.82 -32.22
CA THR G 289 24.61 1.50 -31.93
C THR G 289 24.46 3.00 -32.10
N GLY G 290 25.03 3.77 -31.17
CA GLY G 290 24.95 5.22 -31.22
C GLY G 290 23.64 5.80 -30.73
N GLY G 291 22.74 4.98 -30.20
CA GLY G 291 21.47 5.49 -29.70
C GLY G 291 20.49 5.90 -30.77
N VAL G 292 20.65 5.40 -31.99
CA VAL G 292 19.78 5.72 -33.12
C VAL G 292 18.98 4.48 -33.47
N ASP G 293 17.65 4.60 -33.44
CA ASP G 293 16.78 3.49 -33.80
C ASP G 293 16.70 3.32 -35.31
N ALA G 294 16.37 2.10 -35.74
CA ALA G 294 16.23 1.84 -37.16
C ALA G 294 15.09 2.66 -37.77
N ASN G 295 13.97 2.76 -37.06
CA ASN G 295 12.84 3.56 -37.55
C ASN G 295 13.09 5.05 -37.43
N ALA G 296 14.04 5.46 -36.58
CA ALA G 296 14.31 6.89 -36.41
C ALA G 296 14.86 7.50 -37.70
N LEU G 297 15.75 6.79 -38.39
CA LEU G 297 16.33 7.27 -39.62
C LEU G 297 15.48 7.00 -40.85
N HIS G 298 14.32 6.35 -40.67
CA HIS G 298 13.41 6.14 -41.79
C HIS G 298 12.88 7.47 -42.32
N ARG G 299 12.55 8.40 -41.42
CA ARG G 299 12.02 9.69 -41.84
C ARG G 299 13.01 10.50 -42.67
N PRO G 300 14.30 10.65 -42.27
CA PRO G 300 15.23 11.36 -43.16
C PRO G 300 15.40 10.70 -44.52
N LYS G 301 15.30 9.36 -44.58
CA LYS G 301 15.40 8.69 -45.87
C LYS G 301 14.26 9.08 -46.80
N ARG G 302 13.05 9.19 -46.25
CA ARG G 302 11.92 9.65 -47.06
C ARG G 302 12.13 11.08 -47.55
N PHE G 303 12.63 11.96 -46.68
CA PHE G 303 12.86 13.35 -47.05
C PHE G 303 13.95 13.46 -48.12
N PHE G 304 15.05 12.74 -47.93
CA PHE G 304 16.17 12.85 -48.85
C PHE G 304 15.88 12.16 -50.18
N GLY G 305 15.15 11.05 -50.16
CA GLY G 305 14.89 10.29 -51.37
C GLY G 305 13.86 10.89 -52.30
N ALA G 306 13.19 11.96 -51.86
CA ALA G 306 12.14 12.57 -52.68
C ALA G 306 12.67 13.32 -53.89
N ALA G 307 13.98 13.54 -53.97
CA ALA G 307 14.58 14.24 -55.10
C ALA G 307 14.47 13.36 -56.35
N ARG G 308 13.56 13.73 -57.25
CA ARG G 308 13.29 12.95 -58.45
C ARG G 308 13.17 13.88 -59.65
N ASN G 309 13.42 13.33 -60.83
CA ASN G 309 13.25 14.03 -62.09
C ASN G 309 12.00 13.47 -62.77
N VAL G 310 10.94 14.27 -62.80
CA VAL G 310 9.65 13.79 -63.31
C VAL G 310 9.70 13.70 -64.83
N GLU G 311 9.32 12.55 -65.37
CA GLU G 311 9.25 12.37 -66.81
C GLU G 311 8.18 13.27 -67.42
N GLU G 312 7.02 13.37 -66.77
CA GLU G 312 5.94 14.19 -67.31
C GLU G 312 6.33 15.67 -67.37
N GLY G 313 7.01 16.16 -66.35
CA GLY G 313 7.42 17.55 -66.32
C GLY G 313 7.85 18.01 -64.94
N GLY G 314 8.85 18.87 -64.88
CA GLY G 314 9.36 19.37 -63.62
C GLY G 314 10.35 18.42 -62.97
N SER G 315 10.99 18.91 -61.92
CA SER G 315 11.97 18.13 -61.19
C SER G 315 12.13 18.70 -59.80
N LEU G 316 12.66 17.87 -58.89
CA LEU G 316 12.93 18.25 -57.51
C LEU G 316 14.40 17.97 -57.22
N THR G 317 15.18 19.02 -57.03
CA THR G 317 16.60 18.91 -56.74
C THR G 317 16.84 19.18 -55.27
N ILE G 318 17.49 18.24 -54.58
CA ILE G 318 17.78 18.36 -53.15
C ILE G 318 19.29 18.27 -52.97
N ILE G 319 19.87 19.30 -52.37
CA ILE G 319 21.29 19.34 -52.05
C ILE G 319 21.43 19.44 -50.54
N ALA G 320 22.11 18.47 -49.95
CA ALA G 320 22.24 18.36 -48.50
C ALA G 320 23.70 18.39 -48.09
N THR G 321 23.92 18.64 -46.79
CA THR G 321 25.26 18.67 -46.22
C THR G 321 25.36 17.62 -45.11
N ALA G 322 26.50 16.94 -45.08
CA ALA G 322 26.76 15.90 -44.09
C ALA G 322 27.97 16.31 -43.25
N LEU G 323 27.84 16.17 -41.93
CA LEU G 323 28.90 16.53 -41.00
C LEU G 323 29.66 15.28 -40.57
N ILE G 324 30.99 15.34 -40.68
CA ILE G 324 31.86 14.23 -40.28
C ILE G 324 32.97 14.80 -39.41
N ASP G 325 33.61 13.90 -38.65
CA ASP G 325 34.72 14.25 -37.78
C ASP G 325 34.34 15.33 -36.78
N THR G 326 33.06 15.28 -36.39
CA THR G 326 32.54 16.27 -35.42
C THR G 326 32.64 15.66 -34.02
N GLY G 327 33.36 14.54 -33.92
CA GLY G 327 33.50 13.87 -32.62
C GLY G 327 32.16 13.50 -32.03
N SER G 328 31.36 12.72 -32.77
CA SER G 328 30.07 12.24 -32.22
C SER G 328 29.67 10.94 -32.93
N LYS G 329 29.76 9.82 -32.23
CA LYS G 329 29.46 8.53 -32.90
C LYS G 329 28.08 8.65 -33.52
N MET G 330 27.13 9.17 -32.75
CA MET G 330 25.74 9.30 -33.27
C MET G 330 25.83 9.93 -34.64
N ASP G 331 26.76 10.86 -34.84
CA ASP G 331 26.73 11.51 -36.15
C ASP G 331 27.41 10.66 -37.21
N GLU G 332 28.43 9.89 -36.83
CA GLU G 332 29.11 9.02 -37.78
C GLU G 332 28.18 7.93 -38.31
N VAL G 333 27.33 7.37 -37.45
CA VAL G 333 26.41 6.31 -37.89
C VAL G 333 25.43 6.86 -38.92
N ILE G 334 24.98 8.11 -38.72
CA ILE G 334 24.05 8.72 -39.67
C ILE G 334 24.69 8.84 -41.05
N TYR G 335 25.96 9.24 -41.09
CA TYR G 335 26.65 9.43 -42.37
C TYR G 335 26.79 8.11 -43.12
N GLU G 336 27.05 7.01 -42.38
CA GLU G 336 27.30 5.73 -43.03
C GLU G 336 26.08 5.24 -43.79
N GLU G 337 24.88 5.41 -43.22
CA GLU G 337 23.68 4.95 -43.91
C GLU G 337 23.33 5.85 -45.09
N PHE G 338 23.88 7.07 -45.12
CA PHE G 338 23.60 8.01 -46.19
C PHE G 338 24.77 8.15 -47.17
N LYS G 339 25.56 7.10 -47.35
CA LYS G 339 26.69 7.13 -48.27
C LYS G 339 26.23 6.89 -49.71
N GLY G 340 25.69 5.70 -49.97
CA GLY G 340 25.31 5.31 -51.31
C GLY G 340 23.94 5.77 -51.77
N THR G 341 23.42 6.81 -51.10
CA THR G 341 22.05 7.27 -51.44
C THR G 341 22.09 8.56 -52.26
N GLY G 342 23.18 8.84 -52.96
CA GLY G 342 23.27 10.13 -53.67
C GLY G 342 23.65 10.00 -55.13
N ASN G 343 22.98 10.74 -56.01
CA ASN G 343 23.34 10.72 -57.45
C ASN G 343 24.70 11.37 -57.59
N MET G 344 24.94 12.47 -56.88
CA MET G 344 26.26 13.14 -56.93
C MET G 344 26.81 13.28 -55.51
N GLU G 345 28.10 13.56 -55.38
CA GLU G 345 28.72 13.66 -54.04
C GLU G 345 29.74 14.78 -54.06
N LEU G 346 30.11 15.29 -52.89
CA LEU G 346 31.04 16.41 -52.80
C LEU G 346 31.68 16.36 -51.41
N HIS G 347 32.90 15.85 -51.35
CA HIS G 347 33.60 15.66 -50.08
C HIS G 347 34.59 16.79 -49.86
N LEU G 348 34.48 17.46 -48.72
CA LEU G 348 35.39 18.53 -48.36
C LEU G 348 36.47 17.99 -47.42
N SER G 349 37.62 18.67 -47.41
CA SER G 349 38.76 18.26 -46.62
C SER G 349 39.15 19.40 -45.68
N ARG G 350 39.28 19.08 -44.39
CA ARG G 350 39.69 20.09 -43.41
C ARG G 350 41.13 20.52 -43.64
N LYS G 351 41.99 19.58 -44.04
CA LYS G 351 43.40 19.89 -44.23
C LYS G 351 43.62 20.95 -45.29
N ILE G 352 42.84 20.89 -46.38
CA ILE G 352 42.93 21.91 -47.42
C ILE G 352 42.54 23.27 -46.88
N ALA G 353 41.49 23.33 -46.05
CA ALA G 353 41.09 24.60 -45.46
C ALA G 353 42.16 25.13 -44.51
N GLU G 354 42.92 24.24 -43.87
CA GLU G 354 44.00 24.67 -42.98
C GLU G 354 45.12 25.37 -43.74
N LYS G 355 45.22 25.17 -45.04
CA LYS G 355 46.24 25.82 -45.87
C LYS G 355 45.75 27.14 -46.44
N ARG G 356 44.58 27.62 -46.03
CA ARG G 356 44.00 28.88 -46.51
C ARG G 356 43.81 28.84 -48.03
N VAL G 357 43.41 27.68 -48.55
CA VAL G 357 43.11 27.49 -49.96
C VAL G 357 41.64 27.13 -50.06
N PHE G 358 40.89 27.90 -50.85
CA PHE G 358 39.46 27.69 -50.98
C PHE G 358 39.07 27.62 -52.45
N PRO G 359 38.06 26.80 -52.80
CA PRO G 359 37.27 25.95 -51.91
C PRO G 359 37.99 24.66 -51.53
N ALA G 360 37.82 24.19 -50.30
CA ALA G 360 38.48 22.98 -49.83
C ALA G 360 37.66 21.78 -50.29
N ILE G 361 37.84 21.42 -51.55
CA ILE G 361 37.10 20.34 -52.21
C ILE G 361 38.08 19.25 -52.60
N ASP G 362 37.77 18.01 -52.22
CA ASP G 362 38.58 16.86 -52.61
C ASP G 362 38.15 16.44 -54.01
N TYR G 363 38.95 16.80 -55.02
CA TYR G 363 38.59 16.52 -56.40
C TYR G 363 38.55 15.02 -56.67
N ASN G 364 39.53 14.27 -56.13
CA ASN G 364 39.56 12.83 -56.35
C ASN G 364 38.35 12.14 -55.73
N ARG G 365 37.97 12.55 -54.51
CA ARG G 365 36.83 11.92 -53.84
C ARG G 365 35.50 12.34 -54.45
N SER G 366 35.40 13.57 -54.92
CA SER G 366 34.15 14.06 -55.50
C SER G 366 33.89 13.39 -56.84
N GLY G 367 32.61 13.27 -57.18
CA GLY G 367 32.22 12.65 -58.43
C GLY G 367 30.71 12.71 -58.60
N THR G 368 30.26 12.19 -59.73
CA THR G 368 28.84 12.18 -60.07
C THR G 368 28.53 10.96 -60.93
N ARG G 369 27.26 10.59 -60.94
CA ARG G 369 26.78 9.45 -61.71
C ARG G 369 25.95 9.93 -62.90
N LYS G 370 26.08 9.21 -64.02
CA LYS G 370 25.34 9.52 -65.25
C LYS G 370 25.61 10.95 -65.70
N GLU G 371 26.88 11.34 -65.68
CA GLU G 371 27.27 12.68 -66.14
C GLU G 371 27.16 12.84 -67.65
N GLU G 372 26.95 11.74 -68.39
CA GLU G 372 26.80 11.85 -69.84
C GLU G 372 25.57 12.64 -70.22
N LEU G 373 24.46 12.45 -69.48
CA LEU G 373 23.23 13.17 -69.80
C LEU G 373 23.35 14.66 -69.54
N LEU G 374 24.06 15.06 -68.48
CA LEU G 374 24.16 16.47 -68.12
C LEU G 374 25.07 17.21 -69.09
N THR G 375 26.34 16.83 -69.17
CA THR G 375 27.30 17.50 -70.02
C THR G 375 27.12 17.04 -71.47
N THR G 376 27.83 17.70 -72.38
CA THR G 376 27.81 17.35 -73.79
C THR G 376 28.92 16.35 -74.11
N GLN G 377 28.92 15.88 -75.35
CA GLN G 377 29.95 14.92 -75.77
C GLN G 377 31.33 15.55 -75.72
N GLU G 378 31.46 16.79 -76.20
CA GLU G 378 32.76 17.46 -76.19
C GLU G 378 33.18 17.82 -74.76
N GLU G 379 32.23 18.30 -73.95
CA GLU G 379 32.56 18.71 -72.59
C GLU G 379 32.94 17.51 -71.73
N LEU G 380 32.27 16.38 -71.93
CA LEU G 380 32.53 15.20 -71.11
C LEU G 380 33.96 14.70 -71.28
N GLN G 381 34.45 14.67 -72.53
CA GLN G 381 35.80 14.18 -72.78
C GLN G 381 36.85 15.08 -72.13
N LYS G 382 36.63 16.39 -72.13
CA LYS G 382 37.59 17.30 -71.50
C LYS G 382 37.69 17.05 -70.01
N MET G 383 36.56 16.77 -69.34
CA MET G 383 36.57 16.49 -67.92
C MET G 383 37.35 15.21 -67.62
N TRP G 384 37.22 14.20 -68.48
CA TRP G 384 37.95 12.94 -68.28
C TRP G 384 39.46 13.17 -68.37
N ILE G 385 39.90 14.01 -69.30
CA ILE G 385 41.32 14.30 -69.44
C ILE G 385 41.85 14.99 -68.19
N LEU G 386 41.08 15.93 -67.64
CA LEU G 386 41.50 16.64 -66.43
C LEU G 386 41.62 15.68 -65.25
N ARG G 387 40.66 14.76 -65.11
CA ARG G 387 40.70 13.82 -63.99
C ARG G 387 41.92 12.90 -64.07
N LYS G 388 42.35 12.56 -65.29
CA LYS G 388 43.52 11.70 -65.45
C LYS G 388 44.77 12.37 -64.90
N ILE G 389 44.93 13.67 -65.11
CA ILE G 389 46.09 14.38 -64.59
C ILE G 389 45.99 14.53 -63.08
N ILE G 390 44.80 14.82 -62.57
CA ILE G 390 44.63 15.10 -61.14
C ILE G 390 44.85 13.84 -60.29
N HIS G 391 44.42 12.68 -60.80
CA HIS G 391 44.41 11.47 -59.97
C HIS G 391 45.76 11.12 -59.36
N PRO G 392 46.88 11.13 -60.10
CA PRO G 392 48.17 10.86 -59.44
C PRO G 392 48.52 11.86 -58.35
N MET G 393 48.11 13.12 -58.49
CA MET G 393 48.40 14.12 -57.49
C MET G 393 47.57 13.88 -56.23
N GLY G 394 48.06 14.40 -55.12
CA GLY G 394 47.38 14.26 -53.85
C GLY G 394 46.14 15.11 -53.76
N GLU G 395 45.36 14.86 -52.70
CA GLU G 395 44.13 15.61 -52.49
C GLU G 395 44.38 17.08 -52.17
N ILE G 396 45.57 17.42 -51.67
CA ILE G 396 45.88 18.80 -51.33
C ILE G 396 46.59 19.51 -52.48
N ASP G 397 47.55 18.84 -53.12
CA ASP G 397 48.29 19.46 -54.22
C ASP G 397 47.41 19.70 -55.45
N ALA G 398 46.30 18.98 -55.57
CA ALA G 398 45.44 19.14 -56.74
C ALA G 398 44.74 20.50 -56.74
N MET G 399 44.44 21.06 -55.57
CA MET G 399 43.68 22.30 -55.50
C MET G 399 44.51 23.48 -55.99
N GLU G 400 45.67 23.71 -55.36
CA GLU G 400 46.51 24.83 -55.78
C GLU G 400 46.95 24.70 -57.23
N PHE G 401 47.11 23.47 -57.71
CA PHE G 401 47.36 23.26 -59.13
C PHE G 401 46.18 23.74 -59.97
N LEU G 402 44.96 23.43 -59.53
CA LEU G 402 43.77 23.85 -60.27
C LEU G 402 43.46 25.32 -60.07
N ILE G 403 43.75 25.87 -58.90
CA ILE G 403 43.38 27.25 -58.60
C ILE G 403 44.15 28.22 -59.50
N ASN G 404 45.47 28.03 -59.62
CA ASN G 404 46.27 28.93 -60.44
C ASN G 404 45.87 28.86 -61.91
N LYS G 405 45.56 27.67 -62.41
CA LYS G 405 45.14 27.53 -63.80
C LYS G 405 43.82 28.27 -64.04
N LEU G 406 42.86 28.15 -63.12
CA LEU G 406 41.59 28.83 -63.28
C LEU G 406 41.72 30.33 -62.99
N ALA G 407 42.70 30.73 -62.17
CA ALA G 407 42.87 32.14 -61.85
C ALA G 407 43.22 32.98 -63.07
N MET G 408 44.08 32.47 -63.94
CA MET G 408 44.53 33.21 -65.11
C MET G 408 43.66 32.97 -66.34
N THR G 409 42.60 32.19 -66.23
CA THR G 409 41.67 31.96 -67.32
C THR G 409 40.34 32.63 -67.03
N LYS G 410 39.69 33.11 -68.09
CA LYS G 410 38.43 33.82 -67.95
C LYS G 410 37.30 32.86 -67.63
N THR G 411 37.06 31.88 -68.51
CA THR G 411 36.01 30.90 -68.35
C THR G 411 36.60 29.50 -68.33
N ASN G 412 35.74 28.51 -68.04
CA ASN G 412 36.17 27.12 -68.03
C ASN G 412 36.58 26.66 -69.42
N ASP G 413 35.99 27.23 -70.46
CA ASP G 413 36.37 26.87 -71.82
C ASP G 413 37.82 27.24 -72.10
N ASP G 414 38.25 28.42 -71.63
CA ASP G 414 39.64 28.82 -71.80
C ASP G 414 40.57 27.89 -71.04
N PHE G 415 40.16 27.46 -69.85
CA PHE G 415 40.97 26.50 -69.10
C PHE G 415 41.05 25.16 -69.82
N PHE G 416 39.94 24.71 -70.41
CA PHE G 416 39.92 23.42 -71.08
C PHE G 416 40.85 23.38 -72.28
N GLU G 417 40.87 24.45 -73.08
CA GLU G 417 41.75 24.46 -74.25
C GLU G 417 43.21 24.60 -73.86
N MET G 418 43.50 25.19 -72.70
CA MET G 418 44.87 25.25 -72.22
C MET G 418 45.42 23.87 -71.86
N MET G 419 44.61 23.01 -71.23
CA MET G 419 45.05 21.67 -70.90
C MET G 419 45.29 20.85 -72.16
N LYS G 420 44.61 21.18 -73.26
CA LYS G 420 44.80 20.45 -74.51
C LYS G 420 46.20 20.66 -75.08
N ARG G 421 46.85 21.77 -74.71
CA ARG G 421 48.21 22.02 -75.19
C ARG G 421 49.17 20.96 -74.68
N SER G 422 49.05 20.56 -73.41
CA SER G 422 49.92 19.55 -72.83
C SER G 422 49.52 18.16 -73.30
N MET H 4 16.31 58.99 2.77
CA MET H 4 15.31 59.60 1.89
C MET H 4 15.24 58.87 0.55
N ASN H 5 16.41 58.42 0.07
CA ASN H 5 16.51 57.73 -1.21
C ASN H 5 16.90 56.28 -0.97
N LEU H 6 16.13 55.36 -1.56
CA LEU H 6 16.32 53.94 -1.29
C LEU H 6 17.66 53.43 -1.80
N THR H 7 18.06 53.85 -3.00
CA THR H 7 19.27 53.31 -3.60
C THR H 7 20.52 53.68 -2.81
N GLU H 8 20.59 54.93 -2.33
CA GLU H 8 21.77 55.35 -1.58
C GLU H 8 21.80 54.76 -0.17
N LEU H 9 20.65 54.39 0.38
CA LEU H 9 20.60 53.84 1.73
C LEU H 9 21.17 52.42 1.78
N LYS H 10 20.92 51.62 0.74
CA LYS H 10 21.45 50.26 0.71
C LYS H 10 22.95 50.23 0.48
N ASN H 11 23.48 51.20 -0.27
CA ASN H 11 24.92 51.24 -0.53
C ASN H 11 25.72 51.64 0.69
N THR H 12 25.08 52.22 1.70
CA THR H 12 25.79 52.62 2.92
C THR H 12 26.24 51.38 3.69
N PRO H 13 27.36 51.47 4.40
CA PRO H 13 27.82 50.33 5.20
C PRO H 13 26.84 49.99 6.31
N VAL H 14 26.84 48.72 6.70
CA VAL H 14 25.91 48.25 7.74
C VAL H 14 26.21 48.94 9.06
N SER H 15 27.49 49.19 9.36
CA SER H 15 27.84 49.86 10.60
C SER H 15 27.27 51.27 10.66
N GLU H 16 27.35 52.00 9.54
CA GLU H 16 26.74 53.33 9.49
C GLU H 16 25.22 53.26 9.52
N LEU H 17 24.66 52.18 8.98
CA LEU H 17 23.20 52.05 8.94
C LEU H 17 22.61 51.99 10.35
N ILE H 18 23.26 51.27 11.26
CA ILE H 18 22.80 51.20 12.64
C ILE H 18 22.87 52.58 13.29
N THR H 19 23.97 53.30 13.09
CA THR H 19 24.13 54.61 13.71
C THR H 19 23.06 55.59 13.24
N LEU H 20 22.71 55.54 11.95
CA LEU H 20 21.69 56.44 11.43
C LEU H 20 20.34 56.19 12.09
N GLY H 21 19.99 54.93 12.30
CA GLY H 21 18.70 54.62 12.90
C GLY H 21 18.63 54.89 14.38
N GLU H 22 19.77 54.88 15.07
CA GLU H 22 19.76 55.11 16.52
C GLU H 22 19.38 56.55 16.84
N ASN H 23 19.99 57.52 16.15
CA ASN H 23 19.67 58.91 16.41
C ASN H 23 18.26 59.27 15.93
N MET H 24 17.76 58.56 14.93
CA MET H 24 16.41 58.83 14.43
C MET H 24 15.35 58.54 15.50
N GLY H 25 15.54 57.45 16.25
CA GLY H 25 14.61 57.10 17.31
C GLY H 25 14.38 55.61 17.45
N LEU H 26 14.86 54.84 16.48
CA LEU H 26 14.70 53.40 16.51
C LEU H 26 15.69 52.76 17.49
N GLU H 27 15.38 51.53 17.89
CA GLU H 27 16.19 50.81 18.86
C GLU H 27 16.26 49.34 18.46
N ASN H 28 17.30 48.67 18.96
CA ASN H 28 17.51 47.23 18.73
C ASN H 28 17.63 46.91 17.24
N LEU H 29 18.32 47.78 16.50
CA LEU H 29 18.58 47.54 15.09
C LEU H 29 19.90 46.80 14.84
N ALA H 30 20.71 46.61 15.87
CA ALA H 30 22.04 46.03 15.66
C ALA H 30 21.95 44.53 15.36
N ARG H 31 21.14 43.79 16.11
CA ARG H 31 21.08 42.33 15.99
C ARG H 31 19.90 41.90 15.13
N MET H 32 19.95 42.29 13.86
CA MET H 32 18.93 41.89 12.90
C MET H 32 19.50 42.05 11.49
N ARG H 33 18.82 41.44 10.53
CA ARG H 33 19.30 41.46 9.15
C ARG H 33 19.28 42.88 8.59
N LYS H 34 20.19 43.14 7.66
CA LYS H 34 20.31 44.48 7.07
C LYS H 34 19.04 44.87 6.32
N GLN H 35 18.39 43.89 5.69
CA GLN H 35 17.16 44.19 4.94
C GLN H 35 16.06 44.71 5.87
N ASP H 36 15.93 44.12 7.06
CA ASP H 36 14.92 44.56 8.01
C ASP H 36 15.24 45.96 8.54
N ILE H 37 16.53 46.28 8.70
CA ILE H 37 16.91 47.60 9.18
C ILE H 37 16.46 48.68 8.21
N ILE H 38 16.65 48.44 6.91
CA ILE H 38 16.26 49.42 5.89
C ILE H 38 14.76 49.65 5.94
N PHE H 39 13.98 48.58 6.08
CA PHE H 39 12.53 48.73 6.18
C PHE H 39 12.14 49.50 7.43
N ALA H 40 12.81 49.21 8.55
CA ALA H 40 12.50 49.91 9.80
C ALA H 40 12.83 51.40 9.71
N ILE H 41 13.98 51.74 9.12
CA ILE H 41 14.37 53.15 9.01
C ILE H 41 13.41 53.90 8.10
N LEU H 42 13.04 53.30 6.97
CA LEU H 42 12.07 53.94 6.08
C LEU H 42 10.71 54.09 6.76
N LYS H 43 10.31 53.09 7.55
CA LYS H 43 9.03 53.18 8.24
C LYS H 43 9.02 54.35 9.23
N GLN H 44 10.10 54.51 10.00
CA GLN H 44 10.18 55.62 10.94
C GLN H 44 10.28 56.95 10.22
N HIS H 45 11.07 57.00 9.15
CA HIS H 45 11.22 58.24 8.38
C HIS H 45 9.93 58.61 7.67
N ALA H 46 9.09 57.63 7.34
CA ALA H 46 7.82 57.92 6.68
C ALA H 46 6.87 58.67 7.58
N LYS H 47 7.00 58.50 8.90
CA LYS H 47 6.12 59.20 9.84
C LYS H 47 6.33 60.72 9.79
N SER H 48 7.54 61.16 9.41
CA SER H 48 7.81 62.59 9.32
C SER H 48 7.09 63.25 8.16
N GLY H 49 6.59 62.47 7.20
CA GLY H 49 5.89 63.00 6.06
C GLY H 49 6.75 63.34 4.86
N GLU H 50 8.07 63.25 4.98
CA GLU H 50 8.95 63.54 3.86
C GLU H 50 8.83 62.47 2.78
N ASP H 51 8.95 62.89 1.53
CA ASP H 51 8.85 61.96 0.41
C ASP H 51 10.06 61.03 0.39
N ILE H 52 9.81 59.80 -0.05
CA ILE H 52 10.83 58.75 -0.13
C ILE H 52 10.98 58.33 -1.58
N PHE H 53 12.22 58.31 -2.08
CA PHE H 53 12.51 57.92 -3.44
C PHE H 53 13.02 56.48 -3.48
N GLY H 54 12.55 55.72 -4.47
CA GLY H 54 12.95 54.34 -4.60
C GLY H 54 13.09 53.94 -6.05
N ASP H 55 13.91 52.92 -6.29
CA ASP H 55 14.17 52.43 -7.63
C ASP H 55 14.63 50.99 -7.56
N GLY H 56 14.57 50.31 -8.70
CA GLY H 56 14.99 48.93 -8.78
C GLY H 56 14.56 48.32 -10.09
N VAL H 57 14.68 46.99 -10.16
CA VAL H 57 14.30 46.22 -11.33
C VAL H 57 12.93 45.61 -11.10
N LEU H 58 12.01 45.83 -12.04
CA LEU H 58 10.63 45.40 -11.90
C LEU H 58 10.46 44.00 -12.47
N GLU H 59 9.75 43.14 -11.73
CA GLU H 59 9.38 41.82 -12.18
C GLU H 59 7.89 41.62 -11.95
N ILE H 60 7.28 40.75 -12.76
CA ILE H 60 5.84 40.48 -12.68
C ILE H 60 5.65 39.03 -12.28
N LEU H 61 4.86 38.80 -11.24
CA LEU H 61 4.56 37.46 -10.76
C LEU H 61 3.44 36.84 -11.61
N GLN H 62 3.15 35.57 -11.35
CA GLN H 62 2.12 34.87 -12.11
C GLN H 62 0.72 35.33 -11.75
N ASP H 63 0.50 35.80 -10.52
CA ASP H 63 -0.82 36.26 -10.12
C ASP H 63 -1.23 37.50 -10.88
N GLY H 64 -0.29 38.41 -11.14
CA GLY H 64 -0.58 39.63 -11.86
C GLY H 64 0.12 40.85 -11.27
N PHE H 65 0.30 40.86 -9.95
CA PHE H 65 1.03 41.94 -9.32
C PHE H 65 2.53 41.69 -9.40
N GLY H 66 3.31 42.75 -9.17
CA GLY H 66 4.75 42.67 -9.27
C GLY H 66 5.43 43.35 -8.09
N PHE H 67 6.74 43.17 -8.03
CA PHE H 67 7.59 43.79 -7.02
C PHE H 67 8.81 44.40 -7.69
N LEU H 68 9.35 45.44 -7.07
CA LEU H 68 10.51 46.16 -7.59
C LEU H 68 11.75 45.65 -6.86
N ARG H 69 12.36 44.61 -7.41
CA ARG H 69 13.54 44.03 -6.81
C ARG H 69 14.74 44.96 -6.94
N SER H 70 15.70 44.80 -6.02
CA SER H 70 16.92 45.59 -6.01
C SER H 70 18.10 44.72 -6.42
N ALA H 71 18.93 45.23 -7.33
CA ALA H 71 20.09 44.47 -7.80
C ALA H 71 21.18 44.37 -6.74
N ASP H 72 21.15 45.24 -5.72
CA ASP H 72 22.17 45.19 -4.68
C ASP H 72 22.11 43.88 -3.89
N SER H 73 20.90 43.40 -3.59
CA SER H 73 20.72 42.16 -2.85
C SER H 73 20.58 40.95 -3.75
N SER H 74 21.11 41.02 -4.98
CA SER H 74 21.02 39.93 -5.95
C SER H 74 19.58 39.54 -6.24
N TYR H 75 18.70 40.55 -6.28
CA TYR H 75 17.27 40.35 -6.57
C TYR H 75 16.63 39.37 -5.61
N LEU H 76 16.99 39.47 -4.32
CA LEU H 76 16.43 38.61 -3.29
C LEU H 76 15.18 39.25 -2.70
N ALA H 77 14.15 38.42 -2.49
CA ALA H 77 12.91 38.91 -1.90
C ALA H 77 13.15 39.39 -0.48
N GLY H 78 12.60 40.57 -0.16
CA GLY H 78 12.77 41.14 1.15
C GLY H 78 11.63 42.08 1.51
N PRO H 79 11.53 42.43 2.80
CA PRO H 79 10.47 43.34 3.23
C PRO H 79 10.58 44.74 2.63
N ASP H 80 11.76 45.14 2.15
CA ASP H 80 11.97 46.46 1.60
C ASP H 80 11.63 46.55 0.11
N ASP H 81 11.19 45.45 -0.49
CA ASP H 81 10.82 45.48 -1.90
C ASP H 81 9.58 46.34 -2.12
N ILE H 82 9.57 47.08 -3.22
CA ILE H 82 8.49 47.99 -3.55
C ILE H 82 7.41 47.24 -4.31
N TYR H 83 6.17 47.32 -3.83
CA TYR H 83 5.03 46.67 -4.45
C TYR H 83 4.35 47.62 -5.43
N VAL H 84 3.96 47.10 -6.59
CA VAL H 84 3.28 47.86 -7.62
C VAL H 84 1.96 47.18 -7.93
N SER H 85 0.90 47.97 -7.98
CA SER H 85 -0.42 47.44 -8.30
C SER H 85 -0.51 47.09 -9.78
N PRO H 86 -1.33 46.10 -10.14
CA PRO H 86 -1.51 45.78 -11.56
C PRO H 86 -2.12 46.92 -12.37
N SER H 87 -2.81 47.85 -11.72
CA SER H 87 -3.39 48.98 -12.43
C SER H 87 -2.31 49.86 -13.06
N GLN H 88 -1.21 50.08 -12.34
CA GLN H 88 -0.12 50.88 -12.89
C GLN H 88 0.52 50.21 -14.11
N ILE H 89 0.42 48.89 -14.19
CA ILE H 89 0.98 48.17 -15.33
C ILE H 89 0.22 48.52 -16.61
N ARG H 90 -1.10 48.67 -16.53
CA ARG H 90 -1.87 49.07 -17.70
C ARG H 90 -1.53 50.49 -18.14
N ARG H 91 -1.35 51.39 -17.19
CA ARG H 91 -1.01 52.77 -17.53
C ARG H 91 0.33 52.85 -18.23
N PHE H 92 1.32 52.11 -17.74
CA PHE H 92 2.66 52.10 -18.32
C PHE H 92 3.08 50.66 -18.64
N ASN H 93 3.19 50.33 -19.92
CA ASN H 93 3.56 48.99 -20.35
C ASN H 93 4.92 48.59 -19.77
N LEU H 94 4.89 47.70 -18.78
CA LEU H 94 6.09 47.22 -18.13
C LEU H 94 6.13 45.70 -18.18
N ARG H 95 7.34 45.17 -18.36
CA ARG H 95 7.58 43.74 -18.32
C ARG H 95 8.76 43.47 -17.40
N THR H 96 9.02 42.20 -17.13
CA THR H 96 10.13 41.82 -16.27
C THR H 96 11.46 42.31 -16.85
N GLY H 97 12.27 42.92 -15.99
CA GLY H 97 13.60 43.35 -16.37
C GLY H 97 13.84 44.85 -16.36
N ASP H 98 12.81 45.63 -16.66
CA ASP H 98 12.97 47.07 -16.79
C ASP H 98 13.21 47.73 -15.44
N THR H 99 13.87 48.89 -15.46
CA THR H 99 14.14 49.64 -14.25
C THR H 99 13.09 50.72 -14.05
N ILE H 100 12.50 50.76 -12.86
CA ILE H 100 11.46 51.74 -12.51
C ILE H 100 11.95 52.55 -11.33
N SER H 101 11.90 53.88 -11.47
CA SER H 101 12.32 54.80 -10.42
C SER H 101 11.23 55.83 -10.19
N GLY H 102 10.93 56.10 -8.92
CA GLY H 102 9.92 57.08 -8.59
C GLY H 102 9.67 57.10 -7.09
N LYS H 103 8.70 57.95 -6.72
CA LYS H 103 8.34 58.09 -5.31
C LYS H 103 7.54 56.88 -4.83
N ILE H 104 7.75 56.52 -3.56
CA ILE H 104 7.05 55.40 -2.94
C ILE H 104 6.34 55.91 -1.69
N ARG H 105 5.07 55.49 -1.53
CA ARG H 105 4.27 55.92 -0.39
C ARG H 105 4.45 54.97 0.78
N PRO H 106 4.26 55.44 2.01
CA PRO H 106 4.33 54.55 3.17
C PRO H 106 3.28 53.46 3.09
N PRO H 107 3.62 52.24 3.51
CA PRO H 107 2.63 51.15 3.47
C PRO H 107 1.57 51.33 4.53
N LYS H 108 0.31 51.25 4.12
CA LYS H 108 -0.80 51.37 5.06
C LYS H 108 -0.93 50.09 5.88
N GLU H 109 -1.89 50.09 6.79
CA GLU H 109 -2.16 48.91 7.61
C GLU H 109 -2.69 47.78 6.74
N GLY H 110 -2.21 46.56 7.00
CA GLY H 110 -2.62 45.40 6.25
C GLY H 110 -1.66 44.98 5.15
N GLU H 111 -0.74 45.85 4.75
CA GLU H 111 0.25 45.52 3.75
C GLU H 111 1.65 45.65 4.35
N ARG H 112 2.55 44.78 3.88
CA ARG H 112 3.90 44.70 4.42
C ARG H 112 4.95 45.23 3.44
N TYR H 113 4.53 45.84 2.34
CA TYR H 113 5.45 46.32 1.32
C TYR H 113 5.09 47.74 0.91
N PHE H 114 6.11 48.52 0.57
CA PHE H 114 5.90 49.86 0.06
C PHE H 114 5.22 49.83 -1.30
N ALA H 115 4.44 50.86 -1.58
CA ALA H 115 3.72 50.98 -2.84
C ALA H 115 4.24 52.17 -3.62
N LEU H 116 4.36 51.99 -4.94
CA LEU H 116 4.83 53.06 -5.80
C LEU H 116 3.74 54.11 -6.00
N LEU H 117 4.09 55.37 -5.78
CA LEU H 117 3.13 56.46 -5.92
C LEU H 117 3.15 57.05 -7.33
N LYS H 118 4.31 57.55 -7.77
CA LYS H 118 4.44 58.12 -9.10
C LYS H 118 5.79 57.74 -9.67
N VAL H 119 5.80 57.30 -10.93
CA VAL H 119 7.01 56.91 -11.63
C VAL H 119 7.41 58.04 -12.57
N ASN H 120 8.67 58.48 -12.47
CA ASN H 120 9.18 59.58 -13.28
C ASN H 120 10.41 59.19 -14.09
N GLU H 121 10.82 57.92 -14.05
CA GLU H 121 12.02 57.49 -14.77
C GLU H 121 11.89 56.01 -15.07
N VAL H 122 11.84 55.66 -16.36
CA VAL H 122 11.75 54.27 -16.80
C VAL H 122 12.93 53.98 -17.71
N ASN H 123 13.76 53.01 -17.33
CA ASN H 123 14.93 52.61 -18.10
C ASN H 123 15.83 53.81 -18.40
N PHE H 124 16.03 54.65 -17.38
CA PHE H 124 16.82 55.88 -17.50
C PHE H 124 16.29 56.76 -18.63
N ASP H 125 14.97 56.84 -18.74
CA ASP H 125 14.33 57.61 -19.80
C ASP H 125 12.93 58.00 -19.35
N LYS H 126 12.33 58.93 -20.06
CA LYS H 126 10.98 59.37 -19.76
C LYS H 126 10.01 58.21 -19.96
N PRO H 127 9.05 58.01 -19.05
CA PRO H 127 8.13 56.87 -19.20
C PRO H 127 7.33 56.88 -20.49
N GLU H 128 6.96 58.06 -20.99
CA GLU H 128 6.23 58.12 -22.25
C GLU H 128 7.09 57.61 -23.41
N ASN H 129 8.38 57.97 -23.43
CA ASN H 129 9.25 57.52 -24.50
C ASN H 129 9.50 56.01 -24.43
N ALA H 130 9.56 55.45 -23.22
CA ALA H 130 9.78 54.01 -23.09
C ALA H 130 8.61 53.21 -23.62
N ARG H 131 7.42 53.79 -23.65
CA ARG H 131 6.24 53.10 -24.16
C ARG H 131 6.30 52.84 -25.66
N ASN H 132 7.10 53.60 -26.40
CA ASN H 132 7.20 53.46 -27.85
C ASN H 132 8.40 52.64 -28.29
N LYS H 133 9.11 52.03 -27.35
CA LYS H 133 10.30 51.25 -27.69
C LYS H 133 9.91 49.97 -28.42
N ILE H 134 10.73 49.47 -29.35
CA ILE H 134 10.28 48.22 -30.03
C ILE H 134 10.77 47.01 -29.23
N LEU H 135 10.01 45.91 -29.21
CA LEU H 135 10.38 44.75 -28.36
C LEU H 135 11.64 44.08 -28.90
N PHE H 136 12.44 43.47 -28.03
CA PHE H 136 13.72 42.85 -28.45
C PHE H 136 13.47 41.73 -29.45
N GLU H 137 12.37 41.00 -29.30
CA GLU H 137 12.21 39.86 -30.19
C GLU H 137 11.94 40.25 -31.64
N ASN H 138 11.45 41.48 -31.88
CA ASN H 138 11.21 41.95 -33.23
C ASN H 138 12.47 42.46 -33.92
N LEU H 139 13.55 42.67 -33.17
CA LEU H 139 14.79 43.17 -33.75
C LEU H 139 15.47 42.09 -34.58
N THR H 140 16.16 42.53 -35.64
CA THR H 140 16.84 41.61 -36.54
C THR H 140 18.28 41.43 -36.11
N PRO H 141 18.70 40.24 -35.70
CA PRO H 141 20.09 40.03 -35.31
C PRO H 141 21.02 40.03 -36.52
N LEU H 142 22.29 40.36 -36.25
CA LEU H 142 23.33 40.35 -37.26
C LEU H 142 24.62 39.82 -36.65
N HIS H 143 25.61 39.59 -37.50
CA HIS H 143 26.92 39.15 -37.02
C HIS H 143 27.66 40.30 -36.35
N ALA H 144 28.61 39.94 -35.49
CA ALA H 144 29.39 40.94 -34.77
C ALA H 144 30.28 41.72 -35.73
N ASN H 145 30.33 43.03 -35.54
CA ASN H 145 31.15 43.91 -36.36
C ASN H 145 31.94 44.94 -35.58
N SER H 146 31.71 45.10 -34.28
CA SER H 146 32.40 46.08 -33.46
C SER H 146 33.50 45.36 -32.67
N ARG H 147 34.75 45.62 -33.03
CA ARG H 147 35.87 44.97 -32.37
C ARG H 147 36.07 45.51 -30.96
N LEU H 148 36.19 44.60 -29.99
CA LEU H 148 36.45 44.95 -28.61
C LEU H 148 37.91 44.64 -28.29
N ARG H 149 38.71 45.69 -28.08
CA ARG H 149 40.13 45.53 -27.82
C ARG H 149 40.31 45.02 -26.39
N MET H 150 40.59 43.73 -26.25
CA MET H 150 40.77 43.13 -24.93
C MET H 150 42.15 43.40 -24.35
N GLU H 151 43.11 43.83 -25.17
CA GLU H 151 44.46 44.09 -24.70
C GLU H 151 44.54 45.42 -23.97
N ARG H 152 45.24 45.43 -22.85
CA ARG H 152 45.46 46.63 -22.05
C ARG H 152 46.92 47.03 -22.12
N GLY H 153 47.18 48.27 -22.53
CA GLY H 153 48.54 48.74 -22.68
C GLY H 153 49.07 49.49 -21.49
N ASN H 154 48.22 50.33 -20.88
CA ASN H 154 48.65 51.15 -19.75
C ASN H 154 49.03 50.30 -18.54
N ASP H 155 48.29 49.22 -18.27
CA ASP H 155 48.58 48.39 -17.12
C ASP H 155 49.95 47.71 -17.25
N SER H 156 50.20 47.11 -18.42
CA SER H 156 51.48 46.44 -18.69
C SER H 156 51.79 45.39 -17.63
N THR H 157 50.76 44.66 -17.20
CA THR H 157 50.94 43.66 -16.16
C THR H 157 51.68 42.45 -16.70
N GLU H 158 52.21 41.64 -15.77
CA GLU H 158 52.93 40.44 -16.14
C GLU H 158 52.02 39.37 -16.74
N ASP H 159 50.71 39.45 -16.51
CA ASP H 159 49.80 38.49 -17.06
C ASP H 159 49.59 38.75 -18.55
N LEU H 160 49.71 37.70 -19.37
CA LEU H 160 49.56 37.79 -20.80
C LEU H 160 48.21 37.26 -21.28
N THR H 161 47.26 37.08 -20.36
CA THR H 161 45.96 36.51 -20.73
C THR H 161 45.22 37.41 -21.71
N ALA H 162 45.24 38.72 -21.48
CA ALA H 162 44.57 39.65 -22.38
C ALA H 162 45.20 39.62 -23.77
N ARG H 163 46.52 39.58 -23.84
CA ARG H 163 47.19 39.55 -25.14
C ARG H 163 46.90 38.24 -25.88
N VAL H 164 46.92 37.11 -25.16
CA VAL H 164 46.67 35.82 -25.79
C VAL H 164 45.22 35.71 -26.27
N LEU H 165 44.28 36.26 -25.50
CA LEU H 165 42.87 36.14 -25.85
C LEU H 165 42.56 36.80 -27.19
N ASP H 166 43.14 37.98 -27.44
CA ASP H 166 42.94 38.64 -28.72
C ASP H 166 43.51 37.81 -29.86
N LEU H 167 44.70 37.25 -29.67
CA LEU H 167 45.32 36.45 -30.73
C LEU H 167 44.57 35.13 -30.94
N ALA H 168 44.19 34.47 -29.85
CA ALA H 168 43.52 33.18 -29.98
C ALA H 168 42.12 33.32 -30.57
N SER H 169 41.33 34.25 -30.04
CA SER H 169 39.96 34.43 -30.50
C SER H 169 39.47 35.84 -30.20
N PRO H 170 39.42 36.73 -31.19
CA PRO H 170 38.92 38.08 -30.95
C PRO H 170 37.45 38.06 -30.53
N ILE H 171 37.09 38.99 -29.65
CA ILE H 171 35.74 39.08 -29.11
C ILE H 171 35.15 40.42 -29.53
N GLY H 172 33.94 40.38 -30.11
CA GLY H 172 33.23 41.56 -30.52
C GLY H 172 31.92 41.76 -29.77
N ARG H 173 31.23 42.82 -30.15
CA ARG H 173 29.93 43.12 -29.56
C ARG H 173 28.86 42.20 -30.14
N GLY H 174 28.03 41.64 -29.26
CA GLY H 174 26.98 40.74 -29.69
C GLY H 174 27.42 39.32 -29.91
N GLN H 175 28.61 38.95 -29.46
CA GLN H 175 29.08 37.57 -29.59
C GLN H 175 28.31 36.63 -28.67
N ARG H 176 28.21 35.39 -29.11
CA ARG H 176 27.55 34.33 -28.34
C ARG H 176 28.53 33.21 -28.03
N GLY H 177 29.74 33.58 -27.63
CA GLY H 177 30.77 32.59 -27.39
C GLY H 177 30.60 31.89 -26.06
N LEU H 178 31.28 30.76 -25.93
CA LEU H 178 31.30 29.97 -24.71
C LEU H 178 32.73 29.55 -24.41
N ILE H 179 33.01 29.30 -23.14
CA ILE H 179 34.34 28.92 -22.67
C ILE H 179 34.27 27.49 -22.16
N VAL H 180 35.11 26.63 -22.69
CA VAL H 180 35.22 25.24 -22.26
C VAL H 180 36.39 25.18 -21.28
N ALA H 181 36.09 25.05 -19.99
CA ALA H 181 37.11 25.11 -18.94
C ALA H 181 37.02 23.88 -18.06
N PRO H 182 38.04 23.03 -18.02
CA PRO H 182 38.06 21.93 -17.04
C PRO H 182 38.24 22.48 -15.64
N PRO H 183 37.90 21.70 -14.62
CA PRO H 183 38.08 22.19 -13.25
C PRO H 183 39.55 22.43 -12.93
N LYS H 184 39.80 23.45 -12.10
CA LYS H 184 41.14 23.86 -11.70
C LYS H 184 42.01 24.20 -12.92
N ALA H 185 41.44 25.01 -13.82
CA ALA H 185 42.16 25.47 -15.00
C ALA H 185 42.16 26.99 -15.12
N GLY H 186 42.04 27.70 -14.00
CA GLY H 186 42.01 29.16 -14.04
C GLY H 186 40.80 29.74 -14.72
N LYS H 187 39.62 29.12 -14.55
CA LYS H 187 38.41 29.63 -15.18
C LYS H 187 37.95 30.93 -14.51
N THR H 188 38.03 30.98 -13.18
CA THR H 188 37.55 32.16 -12.46
C THR H 188 38.39 33.39 -12.80
N MET H 189 39.72 33.25 -12.83
CA MET H 189 40.58 34.39 -13.13
C MET H 189 40.47 34.79 -14.59
N LEU H 190 40.10 33.85 -15.46
CA LEU H 190 39.91 34.18 -16.87
C LEU H 190 38.79 35.20 -17.06
N LEU H 191 37.67 35.01 -16.35
CA LEU H 191 36.57 35.96 -16.45
C LEU H 191 36.94 37.30 -15.82
N GLN H 192 37.69 37.26 -14.72
CA GLN H 192 38.07 38.50 -14.04
C GLN H 192 38.95 39.37 -14.93
N ASN H 193 39.90 38.77 -15.64
CA ASN H 193 40.77 39.53 -16.52
C ASN H 193 39.96 40.17 -17.65
N ILE H 194 39.00 39.44 -18.21
CA ILE H 194 38.15 40.00 -19.25
C ILE H 194 37.35 41.17 -18.72
N ALA H 195 36.82 41.04 -17.50
CA ALA H 195 36.03 42.12 -16.91
C ALA H 195 36.85 43.39 -16.72
N GLN H 196 38.12 43.25 -16.34
CA GLN H 196 38.97 44.42 -16.15
C GLN H 196 39.16 45.18 -17.46
N SER H 197 39.39 44.45 -18.56
CA SER H 197 39.59 45.11 -19.85
C SER H 197 38.32 45.79 -20.33
N ILE H 198 37.16 45.14 -20.14
CA ILE H 198 35.90 45.73 -20.57
C ILE H 198 35.61 47.01 -19.80
N ALA H 199 35.81 47.00 -18.49
CA ALA H 199 35.59 48.19 -17.68
C ALA H 199 36.61 49.29 -17.97
N TYR H 200 37.73 48.95 -18.60
CA TYR H 200 38.78 49.91 -18.92
C TYR H 200 38.73 50.38 -20.36
N ASN H 201 38.71 49.45 -21.31
CA ASN H 201 38.74 49.82 -22.73
C ASN H 201 37.41 50.39 -23.19
N HIS H 202 36.30 49.86 -22.68
CA HIS H 202 34.95 50.29 -23.09
C HIS H 202 34.13 50.61 -21.84
N PRO H 203 34.40 51.75 -21.20
CA PRO H 203 33.58 52.13 -20.04
C PRO H 203 32.11 52.36 -20.37
N ASP H 204 31.80 52.75 -21.61
CA ASP H 204 30.42 53.02 -21.98
C ASP H 204 29.58 51.75 -21.97
N CYS H 205 30.16 50.62 -22.37
CA CYS H 205 29.41 49.37 -22.40
C CYS H 205 29.04 48.93 -20.99
N VAL H 206 27.81 48.45 -20.85
CA VAL H 206 27.31 47.97 -19.55
C VAL H 206 27.80 46.53 -19.36
N LEU H 207 28.46 46.29 -18.23
CA LEU H 207 29.01 44.98 -17.89
C LEU H 207 28.21 44.39 -16.75
N MET H 208 27.68 43.18 -16.96
CA MET H 208 26.91 42.47 -15.95
C MET H 208 27.51 41.08 -15.77
N VAL H 209 27.73 40.69 -14.52
CA VAL H 209 28.34 39.40 -14.18
C VAL H 209 27.31 38.59 -13.40
N LEU H 210 27.02 37.38 -13.88
CA LEU H 210 26.10 36.47 -13.23
C LEU H 210 26.83 35.19 -12.86
N LEU H 211 26.73 34.80 -11.59
CA LEU H 211 27.38 33.60 -11.08
C LEU H 211 26.35 32.68 -10.46
N ILE H 212 26.47 31.38 -10.74
CA ILE H 212 25.53 30.38 -10.26
C ILE H 212 26.30 29.36 -9.43
N ASP H 213 25.77 29.05 -8.24
CA ASP H 213 26.34 28.03 -7.35
C ASP H 213 27.79 28.33 -6.99
N GLU H 214 28.08 29.60 -6.70
CA GLU H 214 29.41 30.03 -6.31
C GLU H 214 29.48 30.23 -4.80
N ARG H 215 30.67 30.04 -4.24
CA ARG H 215 30.88 30.22 -2.82
C ARG H 215 30.71 31.68 -2.41
N PRO H 216 30.25 31.94 -1.18
CA PRO H 216 30.05 33.34 -0.76
C PRO H 216 31.31 34.18 -0.83
N GLU H 217 32.48 33.61 -0.49
CA GLU H 217 33.71 34.39 -0.56
C GLU H 217 34.10 34.68 -2.00
N GLU H 218 33.74 33.79 -2.93
CA GLU H 218 34.02 34.04 -4.34
C GLU H 218 33.17 35.18 -4.89
N VAL H 219 31.93 35.31 -4.42
CA VAL H 219 31.06 36.39 -4.87
C VAL H 219 31.60 37.74 -4.40
N THR H 220 32.05 37.81 -3.14
CA THR H 220 32.56 39.07 -2.61
C THR H 220 33.80 39.53 -3.35
N GLU H 221 34.71 38.61 -3.68
CA GLU H 221 35.91 38.99 -4.42
C GLU H 221 35.55 39.51 -5.81
N MET H 222 34.54 38.89 -6.45
CA MET H 222 34.14 39.32 -7.79
C MET H 222 33.59 40.74 -7.76
N GLN H 223 32.80 41.08 -6.75
CA GLN H 223 32.25 42.43 -6.65
C GLN H 223 33.36 43.48 -6.47
N ARG H 224 34.35 43.17 -5.63
CA ARG H 224 35.44 44.11 -5.40
C ARG H 224 36.30 44.29 -6.64
N LEU H 225 36.51 43.23 -7.42
CA LEU H 225 37.40 43.30 -8.57
C LEU H 225 36.70 43.88 -9.79
N VAL H 226 35.49 43.41 -10.09
CA VAL H 226 34.77 43.84 -11.28
C VAL H 226 34.16 45.21 -11.03
N LYS H 227 34.44 46.16 -11.93
CA LYS H 227 33.89 47.51 -11.85
C LYS H 227 32.58 47.55 -12.65
N GLY H 228 31.53 47.00 -12.04
CA GLY H 228 30.25 46.97 -12.70
C GLY H 228 29.20 46.35 -11.80
N GLU H 229 28.11 45.91 -12.42
CA GLU H 229 27.00 45.28 -11.70
C GLU H 229 27.24 43.77 -11.62
N VAL H 230 27.37 43.25 -10.42
CA VAL H 230 27.62 41.83 -10.19
C VAL H 230 26.48 41.28 -9.35
N VAL H 231 25.84 40.22 -9.84
CA VAL H 231 24.78 39.52 -9.12
C VAL H 231 25.09 38.03 -9.16
N ALA H 232 24.86 37.36 -8.04
CA ALA H 232 25.21 35.95 -7.92
C ALA H 232 24.28 35.27 -6.93
N SER H 233 24.20 33.95 -7.04
CA SER H 233 23.40 33.13 -6.14
C SER H 233 24.30 32.06 -5.53
N THR H 234 24.25 31.95 -4.21
CA THR H 234 25.08 30.99 -3.50
C THR H 234 24.51 29.57 -3.63
N PHE H 235 25.36 28.59 -3.31
CA PHE H 235 24.96 27.20 -3.45
C PHE H 235 23.86 26.82 -2.44
N ASP H 236 23.89 27.41 -1.24
CA ASP H 236 22.91 27.06 -0.23
C ASP H 236 21.49 27.48 -0.61
N GLU H 237 21.36 28.46 -1.49
CA GLU H 237 20.05 28.89 -1.95
C GLU H 237 19.40 27.80 -2.80
N PRO H 238 18.07 27.72 -2.81
CA PRO H 238 17.40 26.66 -3.57
C PRO H 238 17.57 26.84 -5.07
N ALA H 239 17.31 25.75 -5.80
CA ALA H 239 17.45 25.76 -7.24
C ALA H 239 16.47 26.74 -7.89
N SER H 240 15.31 26.97 -7.26
CA SER H 240 14.36 27.94 -7.79
C SER H 240 14.93 29.35 -7.72
N ARG H 241 15.76 29.64 -6.72
CA ARG H 241 16.40 30.95 -6.64
C ARG H 241 17.35 31.16 -7.81
N HIS H 242 18.06 30.10 -8.23
CA HIS H 242 18.96 30.22 -9.37
C HIS H 242 18.20 30.53 -10.65
N VAL H 243 17.04 29.92 -10.83
CA VAL H 243 16.22 30.19 -12.01
C VAL H 243 15.70 31.63 -11.97
N GLN H 244 15.27 32.09 -10.79
CA GLN H 244 14.70 33.43 -10.68
C GLN H 244 15.72 34.50 -11.03
N VAL H 245 16.95 34.37 -10.54
CA VAL H 245 17.97 35.37 -10.84
C VAL H 245 18.45 35.28 -12.29
N ALA H 246 18.48 34.08 -12.87
CA ALA H 246 18.94 33.93 -14.24
C ALA H 246 18.01 34.65 -15.22
N GLU H 247 16.70 34.52 -15.04
CA GLU H 247 15.77 35.23 -15.89
C GLU H 247 15.79 36.73 -15.65
N MET H 248 16.13 37.14 -14.41
CA MET H 248 16.18 38.56 -14.10
C MET H 248 17.27 39.27 -14.88
N VAL H 249 18.44 38.63 -15.02
CA VAL H 249 19.57 39.26 -15.69
C VAL H 249 19.28 39.44 -17.18
N ILE H 250 18.78 38.39 -17.83
CA ILE H 250 18.57 38.45 -19.27
C ILE H 250 17.42 39.40 -19.62
N GLU H 251 16.35 39.40 -18.81
CA GLU H 251 15.24 40.33 -19.07
C GLU H 251 15.68 41.77 -18.88
N LYS H 252 16.51 42.04 -17.87
CA LYS H 252 17.04 43.38 -17.69
C LYS H 252 17.93 43.79 -18.86
N ALA H 253 18.75 42.86 -19.37
CA ALA H 253 19.62 43.16 -20.49
C ALA H 253 18.82 43.48 -21.75
N LYS H 254 17.74 42.72 -22.00
CA LYS H 254 16.94 42.94 -23.20
C LYS H 254 16.33 44.34 -23.21
N ARG H 255 15.83 44.81 -22.06
CA ARG H 255 15.25 46.14 -21.99
C ARG H 255 16.30 47.22 -22.27
N LEU H 256 17.52 47.03 -21.76
CA LEU H 256 18.58 47.99 -22.03
C LEU H 256 18.99 47.99 -23.50
N VAL H 257 18.95 46.83 -24.15
CA VAL H 257 19.30 46.75 -25.56
C VAL H 257 18.30 47.53 -26.40
N GLU H 258 17.02 47.49 -26.02
CA GLU H 258 15.99 48.23 -26.75
C GLU H 258 16.22 49.74 -26.72
N HIS H 259 16.98 50.23 -25.73
CA HIS H 259 17.30 51.65 -25.63
C HIS H 259 18.63 52.01 -26.28
N LYS H 260 19.03 51.28 -27.31
CA LYS H 260 20.27 51.54 -28.06
C LYS H 260 21.50 51.49 -27.17
N LYS H 261 21.54 50.54 -26.22
CA LYS H 261 22.66 50.36 -25.33
C LYS H 261 23.28 48.98 -25.53
N ASP H 262 24.57 48.87 -25.23
CA ASP H 262 25.32 47.63 -25.37
C ASP H 262 25.48 47.00 -23.99
N VAL H 263 25.10 45.72 -23.87
CA VAL H 263 25.17 44.99 -22.61
C VAL H 263 26.05 43.77 -22.82
N ILE H 264 27.00 43.57 -21.91
CA ILE H 264 27.89 42.41 -21.93
C ILE H 264 27.63 41.59 -20.68
N ILE H 265 27.35 40.31 -20.85
CA ILE H 265 27.00 39.40 -19.76
C ILE H 265 28.05 38.31 -19.68
N LEU H 266 28.63 38.15 -18.48
CA LEU H 266 29.58 37.08 -18.21
C LEU H 266 28.84 35.98 -17.43
N LEU H 267 28.58 34.86 -18.10
CA LEU H 267 27.78 33.78 -17.53
C LEU H 267 28.70 32.71 -16.96
N ASP H 268 28.36 32.24 -15.76
CA ASP H 268 29.11 31.17 -15.12
C ASP H 268 28.17 30.48 -14.13
N SER H 269 27.72 29.27 -14.47
CA SER H 269 28.09 28.55 -15.69
C SER H 269 26.85 27.94 -16.34
N ILE H 270 26.96 27.64 -17.64
CA ILE H 270 25.85 27.01 -18.34
C ILE H 270 25.51 25.66 -17.74
N THR H 271 26.54 24.86 -17.42
CA THR H 271 26.30 23.56 -16.79
C THR H 271 25.62 23.74 -15.44
N ARG H 272 26.07 24.71 -14.64
CA ARG H 272 25.40 25.00 -13.37
C ARG H 272 24.00 25.54 -13.60
N LEU H 273 23.84 26.42 -14.60
CA LEU H 273 22.52 26.96 -14.90
C LEU H 273 21.56 25.87 -15.38
N ALA H 274 22.04 24.96 -16.25
CA ALA H 274 21.20 23.87 -16.70
C ALA H 274 20.88 22.90 -15.57
N ARG H 275 21.76 22.81 -14.57
CA ARG H 275 21.51 21.95 -13.42
C ARG H 275 20.27 22.41 -12.66
N ALA H 276 20.15 23.71 -12.42
CA ALA H 276 18.98 24.23 -11.70
C ALA H 276 17.72 24.15 -12.57
N TYR H 277 17.85 24.42 -13.86
CA TYR H 277 16.69 24.40 -14.75
C TYR H 277 16.09 22.99 -14.83
N ASN H 278 16.93 21.96 -14.88
CA ASN H 278 16.44 20.59 -14.97
C ASN H 278 15.63 20.21 -13.73
N THR H 279 16.09 20.62 -12.55
CA THR H 279 15.39 20.27 -11.31
C THR H 279 14.06 21.00 -11.19
N VAL H 280 14.04 22.29 -11.56
CA VAL H 280 12.84 23.10 -11.36
C VAL H 280 11.70 22.64 -12.25
N VAL H 281 11.99 22.33 -13.51
CA VAL H 281 10.93 21.95 -14.45
C VAL H 281 10.32 20.61 -14.01
N PRO H 282 8.99 20.49 -13.97
CA PRO H 282 8.40 19.20 -13.60
C PRO H 282 8.66 18.13 -14.65
N ALA H 283 8.69 16.89 -14.18
CA ALA H 283 8.93 15.75 -15.07
C ALA H 283 7.76 15.57 -16.04
N SER H 284 8.09 15.28 -17.29
CA SER H 284 7.10 15.06 -18.33
C SER H 284 6.73 13.58 -18.49
N GLY H 285 7.26 12.71 -17.63
CA GLY H 285 7.01 11.30 -17.72
C GLY H 285 8.02 10.51 -18.54
N LYS H 286 8.93 11.19 -19.24
CA LYS H 286 9.97 10.55 -20.02
C LYS H 286 11.32 11.09 -19.60
N VAL H 287 12.26 10.19 -19.34
CA VAL H 287 13.61 10.54 -18.90
C VAL H 287 14.60 10.11 -19.96
N LEU H 288 15.42 11.04 -20.43
CA LEU H 288 16.43 10.77 -21.43
C LEU H 288 17.73 10.34 -20.75
N THR H 289 18.81 10.25 -21.52
CA THR H 289 20.10 9.86 -20.96
C THR H 289 20.63 10.95 -20.03
N GLY H 290 21.18 10.51 -18.90
CA GLY H 290 21.71 11.44 -17.91
C GLY H 290 20.69 12.10 -17.03
N GLY H 291 19.42 11.71 -17.12
CA GLY H 291 18.39 12.31 -16.29
C GLY H 291 18.01 13.72 -16.67
N VAL H 292 18.28 14.13 -17.91
CA VAL H 292 17.96 15.47 -18.38
C VAL H 292 16.85 15.35 -19.42
N ASP H 293 15.74 16.05 -19.18
CA ASP H 293 14.63 16.04 -20.12
C ASP H 293 14.92 16.96 -21.30
N ALA H 294 14.24 16.68 -22.42
CA ALA H 294 14.41 17.51 -23.61
C ALA H 294 13.93 18.93 -23.36
N ASN H 295 12.80 19.09 -22.67
CA ASN H 295 12.28 20.42 -22.36
C ASN H 295 13.07 21.10 -21.25
N ALA H 296 13.83 20.33 -20.45
CA ALA H 296 14.61 20.94 -19.38
C ALA H 296 15.69 21.86 -19.92
N LEU H 297 16.37 21.46 -20.99
CA LEU H 297 17.42 22.25 -21.60
C LEU H 297 16.90 23.30 -22.57
N HIS H 298 15.59 23.36 -22.78
CA HIS H 298 15.01 24.41 -23.63
C HIS H 298 15.25 25.79 -23.03
N ARG H 299 15.09 25.92 -21.70
CA ARG H 299 15.28 27.20 -21.06
C ARG H 299 16.71 27.73 -21.18
N PRO H 300 17.77 26.94 -20.94
CA PRO H 300 19.12 27.47 -21.16
C PRO H 300 19.38 27.88 -22.61
N LYS H 301 18.76 27.19 -23.57
CA LYS H 301 18.92 27.57 -24.98
C LYS H 301 18.36 28.95 -25.25
N ARG H 302 17.19 29.26 -24.66
CA ARG H 302 16.63 30.60 -24.80
C ARG H 302 17.53 31.65 -24.18
N PHE H 303 18.09 31.36 -23.00
CA PHE H 303 18.96 32.31 -22.32
C PHE H 303 20.24 32.54 -23.10
N PHE H 304 20.86 31.45 -23.58
CA PHE H 304 22.13 31.58 -24.28
C PHE H 304 21.97 32.17 -25.68
N GLY H 305 20.87 31.85 -26.36
CA GLY H 305 20.68 32.31 -27.72
C GLY H 305 20.28 33.77 -27.84
N ALA H 306 20.01 34.44 -26.73
CA ALA H 306 19.57 35.84 -26.77
C ALA H 306 20.69 36.79 -27.18
N ALA H 307 21.94 36.34 -27.22
CA ALA H 307 23.05 37.20 -27.60
C ALA H 307 22.95 37.54 -29.08
N ARG H 308 22.55 38.78 -29.38
CA ARG H 308 22.34 39.22 -30.75
C ARG H 308 22.94 40.60 -30.94
N ASN H 309 23.26 40.92 -32.19
CA ASN H 309 23.76 42.24 -32.59
C ASN H 309 22.63 42.94 -33.34
N VAL H 310 22.04 43.95 -32.69
CA VAL H 310 20.88 44.62 -33.26
C VAL H 310 21.30 45.52 -34.41
N GLU H 311 20.64 45.38 -35.55
CA GLU H 311 20.91 46.24 -36.70
C GLU H 311 20.52 47.68 -36.40
N GLU H 312 19.38 47.88 -35.74
CA GLU H 312 18.92 49.24 -35.45
C GLU H 312 19.88 49.96 -34.51
N GLY H 313 20.40 49.25 -33.51
CA GLY H 313 21.31 49.86 -32.56
C GLY H 313 21.49 49.04 -31.30
N GLY H 314 22.70 49.02 -30.76
CA GLY H 314 23.00 48.26 -29.57
C GLY H 314 23.29 46.80 -29.87
N SER H 315 23.75 46.10 -28.84
CA SER H 315 24.08 44.68 -28.97
C SER H 315 24.07 44.05 -27.59
N LEU H 316 23.93 42.72 -27.58
CA LEU H 316 23.94 41.92 -26.36
C LEU H 316 25.01 40.85 -26.51
N THR H 317 26.07 40.97 -25.71
CA THR H 317 27.19 40.02 -25.73
C THR H 317 27.10 39.12 -24.51
N ILE H 318 27.08 37.81 -24.74
CA ILE H 318 26.99 36.82 -23.67
C ILE H 318 28.21 35.91 -23.75
N ILE H 319 28.97 35.85 -22.67
CA ILE H 319 30.14 34.98 -22.56
C ILE H 319 29.86 34.00 -21.43
N ALA H 320 29.90 32.71 -21.75
CA ALA H 320 29.56 31.66 -20.80
C ALA H 320 30.73 30.70 -20.64
N THR H 321 30.67 29.90 -19.58
CA THR H 321 31.68 28.90 -19.27
C THR H 321 31.03 27.52 -19.22
N ALA H 322 31.73 26.54 -19.79
CA ALA H 322 31.26 25.16 -19.83
C ALA H 322 32.24 24.28 -19.07
N LEU H 323 31.70 23.40 -18.22
CA LEU H 323 32.51 22.50 -17.41
C LEU H 323 32.54 21.12 -18.06
N ILE H 324 33.75 20.57 -18.23
CA ILE H 324 33.94 19.25 -18.79
C ILE H 324 34.90 18.48 -17.90
N ASP H 325 34.87 17.15 -18.05
CA ASP H 325 35.75 16.24 -17.30
C ASP H 325 35.58 16.43 -15.79
N THR H 326 34.33 16.74 -15.41
CA THR H 326 34.01 16.92 -13.97
C THR H 326 33.46 15.59 -13.46
N GLY H 327 33.56 14.54 -14.28
CA GLY H 327 33.08 13.22 -13.86
C GLY H 327 31.58 13.21 -13.61
N SER H 328 30.82 13.95 -14.41
CA SER H 328 29.33 13.89 -14.28
C SER H 328 28.72 13.79 -15.67
N LYS H 329 28.16 12.63 -16.01
CA LYS H 329 27.48 12.48 -17.31
C LYS H 329 26.49 13.63 -17.46
N MET H 330 25.84 13.99 -16.37
CA MET H 330 24.82 15.07 -16.42
C MET H 330 25.48 16.27 -17.10
N ASP H 331 26.73 16.55 -16.76
CA ASP H 331 27.43 17.72 -17.33
C ASP H 331 27.96 17.39 -18.72
N GLU H 332 28.22 16.11 -19.01
CA GLU H 332 28.72 15.90 -20.37
C GLU H 332 27.62 16.04 -21.41
N VAL H 333 26.41 15.57 -21.10
CA VAL H 333 25.29 15.68 -22.04
C VAL H 333 24.95 17.14 -22.30
N ILE H 334 25.03 17.97 -21.25
CA ILE H 334 24.73 19.39 -21.40
C ILE H 334 25.72 20.04 -22.36
N TYR H 335 26.99 19.69 -22.24
CA TYR H 335 28.02 20.28 -23.09
C TYR H 335 27.81 19.92 -24.56
N GLU H 336 27.39 18.67 -24.82
CA GLU H 336 27.25 18.21 -26.20
C GLU H 336 26.20 19.01 -26.97
N GLU H 337 25.08 19.32 -26.32
CA GLU H 337 24.03 20.07 -27.00
C GLU H 337 24.42 21.55 -27.18
N PHE H 338 25.41 22.01 -26.42
CA PHE H 338 25.86 23.40 -26.49
C PHE H 338 27.20 23.54 -27.21
N LYS H 339 27.50 22.65 -28.15
CA LYS H 339 28.75 22.73 -28.90
C LYS H 339 28.65 23.72 -30.04
N GLY H 340 27.77 23.45 -31.00
CA GLY H 340 27.66 24.27 -32.19
C GLY H 340 26.79 25.51 -32.05
N THR H 341 26.54 25.91 -30.81
CA THR H 341 25.63 27.07 -30.58
C THR H 341 26.45 28.34 -30.29
N GLY H 342 27.72 28.38 -30.66
CA GLY H 342 28.54 29.55 -30.29
C GLY H 342 29.21 30.19 -31.50
N ASN H 343 29.33 31.52 -31.49
CA ASN H 343 30.06 32.22 -32.57
C ASN H 343 31.55 32.15 -32.26
N MET H 344 31.89 32.14 -30.97
CA MET H 344 33.31 32.09 -30.56
C MET H 344 33.49 30.92 -29.60
N GLU H 345 34.60 30.19 -29.72
CA GLU H 345 34.84 29.11 -28.74
C GLU H 345 36.20 29.32 -28.09
N LEU H 346 36.35 28.85 -26.86
CA LEU H 346 37.60 29.00 -26.11
C LEU H 346 37.75 27.77 -25.23
N HIS H 347 38.59 26.83 -25.65
CA HIS H 347 38.76 25.57 -24.96
C HIS H 347 40.03 25.61 -24.12
N LEU H 348 39.89 25.32 -22.84
CA LEU H 348 41.02 25.27 -21.92
C LEU H 348 41.47 23.83 -21.73
N SER H 349 42.75 23.67 -21.38
CA SER H 349 43.35 22.36 -21.20
C SER H 349 43.89 22.23 -19.79
N ARG H 350 43.52 21.15 -19.10
CA ARG H 350 44.01 20.92 -17.75
C ARG H 350 45.51 20.62 -17.75
N LYS H 351 45.99 19.91 -18.78
CA LYS H 351 47.39 19.52 -18.84
C LYS H 351 48.31 20.74 -18.89
N ILE H 352 47.90 21.78 -19.62
CA ILE H 352 48.69 23.00 -19.67
C ILE H 352 48.77 23.65 -18.29
N ALA H 353 47.65 23.66 -17.56
CA ALA H 353 47.66 24.22 -16.21
C ALA H 353 48.54 23.40 -15.28
N GLU H 354 48.65 22.09 -15.52
CA GLU H 354 49.53 21.25 -14.69
C GLU H 354 50.99 21.61 -14.85
N LYS H 355 51.36 22.29 -15.94
CA LYS H 355 52.73 22.71 -16.18
C LYS H 355 53.03 24.09 -15.62
N ARG H 356 52.09 24.68 -14.87
CA ARG H 356 52.23 26.01 -14.28
C ARG H 356 52.47 27.06 -15.37
N VAL H 357 51.80 26.90 -16.50
CA VAL H 357 51.84 27.84 -17.61
C VAL H 357 50.44 28.42 -17.78
N PHE H 358 50.34 29.74 -17.73
CA PHE H 358 49.05 30.41 -17.83
C PHE H 358 49.08 31.50 -18.88
N PRO H 359 47.98 31.73 -19.60
CA PRO H 359 46.68 31.04 -19.49
C PRO H 359 46.68 29.68 -20.18
N ALA H 360 45.99 28.69 -19.61
CA ALA H 360 45.94 27.35 -20.19
C ALA H 360 44.86 27.33 -21.27
N ILE H 361 45.23 27.85 -22.44
CA ILE H 361 44.32 27.99 -23.57
C ILE H 361 44.82 27.14 -24.72
N ASP H 362 43.94 26.30 -25.27
CA ASP H 362 44.29 25.49 -26.43
C ASP H 362 44.13 26.35 -27.68
N TYR H 363 45.25 26.83 -28.21
CA TYR H 363 45.21 27.72 -29.37
C TYR H 363 44.63 27.03 -30.59
N ASN H 364 45.02 25.77 -30.83
CA ASN H 364 44.51 25.05 -31.98
C ASN H 364 43.00 24.83 -31.90
N ARG H 365 42.51 24.46 -30.73
CA ARG H 365 41.08 24.20 -30.56
C ARG H 365 40.27 25.50 -30.58
N SER H 366 40.82 26.58 -30.04
CA SER H 366 40.09 27.84 -29.98
C SER H 366 39.95 28.45 -31.38
N GLY H 367 38.90 29.21 -31.57
CA GLY H 367 38.65 29.84 -32.85
C GLY H 367 37.41 30.71 -32.78
N THR H 368 37.12 31.37 -33.91
CA THR H 368 35.98 32.26 -34.01
C THR H 368 35.45 32.24 -35.43
N ARG H 369 34.19 32.65 -35.58
CA ARG H 369 33.51 32.71 -36.86
C ARG H 369 33.33 34.16 -37.29
N LYS H 370 33.46 34.39 -38.60
CA LYS H 370 33.29 35.73 -39.19
C LYS H 370 34.23 36.74 -38.54
N GLU H 371 35.49 36.35 -38.39
CA GLU H 371 36.50 37.24 -37.82
C GLU H 371 36.88 38.35 -38.78
N GLU H 372 36.46 38.29 -40.04
CA GLU H 372 36.78 39.36 -40.99
C GLU H 372 36.13 40.67 -40.58
N LEU H 373 34.90 40.63 -40.08
CA LEU H 373 34.20 41.84 -39.68
C LEU H 373 34.86 42.50 -38.47
N LEU H 374 35.34 41.70 -37.51
CA LEU H 374 35.91 42.26 -36.29
C LEU H 374 37.27 42.89 -36.55
N THR H 375 38.23 42.08 -37.00
CA THR H 375 39.59 42.57 -37.24
C THR H 375 39.65 43.32 -38.57
N THR H 376 40.79 43.94 -38.83
CA THR H 376 41.01 44.66 -40.08
C THR H 376 41.66 43.74 -41.11
N GLN H 377 41.81 44.26 -42.33
CA GLN H 377 42.42 43.47 -43.40
C GLN H 377 43.87 43.13 -43.07
N GLU H 378 44.62 44.11 -42.54
CA GLU H 378 46.02 43.87 -42.21
C GLU H 378 46.14 42.96 -40.99
N GLU H 379 45.29 43.18 -39.98
CA GLU H 379 45.36 42.39 -38.76
C GLU H 379 44.95 40.94 -39.01
N LEU H 380 43.97 40.72 -39.88
CA LEU H 380 43.48 39.37 -40.14
C LEU H 380 44.57 38.50 -40.76
N GLN H 381 45.33 39.04 -41.71
CA GLN H 381 46.38 38.27 -42.37
C GLN H 381 47.47 37.86 -41.40
N LYS H 382 47.82 38.74 -40.46
CA LYS H 382 48.84 38.41 -39.47
C LYS H 382 48.42 37.24 -38.59
N MET H 383 47.14 37.21 -38.19
CA MET H 383 46.64 36.11 -37.38
C MET H 383 46.71 34.79 -38.14
N TRP H 384 46.41 34.81 -39.44
CA TRP H 384 46.49 33.59 -40.23
C TRP H 384 47.90 33.04 -40.30
N ILE H 385 48.89 33.94 -40.43
CA ILE H 385 50.29 33.50 -40.46
C ILE H 385 50.67 32.83 -39.15
N LEU H 386 50.25 33.42 -38.02
CA LEU H 386 50.57 32.85 -36.72
C LEU H 386 49.94 31.47 -36.54
N ARG H 387 48.70 31.29 -37.00
CA ARG H 387 48.03 30.00 -36.86
C ARG H 387 48.73 28.92 -37.68
N LYS H 388 49.32 29.30 -38.82
CA LYS H 388 50.02 28.33 -39.65
C LYS H 388 51.22 27.75 -38.92
N ILE H 389 51.96 28.58 -38.19
CA ILE H 389 53.11 28.10 -37.44
C ILE H 389 52.68 27.26 -36.25
N ILE H 390 51.61 27.68 -35.56
CA ILE H 390 51.18 27.01 -34.33
C ILE H 390 50.62 25.62 -34.62
N HIS H 391 49.91 25.46 -35.74
CA HIS H 391 49.17 24.22 -36.00
C HIS H 391 50.04 22.96 -35.95
N PRO H 392 51.22 22.91 -36.58
CA PRO H 392 52.05 21.69 -36.42
C PRO H 392 52.45 21.41 -34.99
N MET H 393 52.65 22.45 -34.18
CA MET H 393 53.04 22.25 -32.79
C MET H 393 51.87 21.70 -31.98
N GLY H 394 52.21 21.05 -30.87
CA GLY H 394 51.20 20.48 -30.01
C GLY H 394 50.45 21.52 -29.21
N GLU H 395 49.37 21.07 -28.57
CA GLU H 395 48.55 21.97 -27.77
C GLU H 395 49.29 22.51 -26.56
N ILE H 396 50.31 21.81 -26.08
CA ILE H 396 51.06 22.26 -24.90
C ILE H 396 52.29 23.07 -25.30
N ASP H 397 53.03 22.63 -26.32
CA ASP H 397 54.23 23.34 -26.75
C ASP H 397 53.91 24.70 -27.36
N ALA H 398 52.68 24.90 -27.83
CA ALA H 398 52.32 26.17 -28.47
C ALA H 398 52.27 27.30 -27.46
N MET H 399 51.91 27.02 -26.21
CA MET H 399 51.75 28.08 -25.23
C MET H 399 53.09 28.69 -24.83
N GLU H 400 54.02 27.87 -24.35
CA GLU H 400 55.33 28.38 -23.94
C GLU H 400 56.06 29.02 -25.12
N PHE H 401 55.82 28.53 -26.33
CA PHE H 401 56.35 29.21 -27.51
C PHE H 401 55.75 30.60 -27.66
N LEU H 402 54.44 30.73 -27.43
CA LEU H 402 53.79 32.02 -27.55
C LEU H 402 54.07 32.93 -26.36
N ILE H 403 54.22 32.34 -25.17
CA ILE H 403 54.39 33.15 -23.95
C ILE H 403 55.70 33.93 -24.00
N ASN H 404 56.80 33.26 -24.36
CA ASN H 404 58.09 33.93 -24.39
C ASN H 404 58.12 35.03 -25.45
N LYS H 405 57.51 34.79 -26.60
CA LYS H 405 57.46 35.82 -27.64
C LYS H 405 56.70 37.04 -27.17
N LEU H 406 55.56 36.84 -26.50
CA LEU H 406 54.78 37.97 -26.00
C LEU H 406 55.43 38.61 -24.77
N ALA H 407 56.22 37.84 -24.02
CA ALA H 407 56.84 38.38 -22.81
C ALA H 407 57.84 39.49 -23.15
N MET H 408 58.62 39.33 -24.20
CA MET H 408 59.64 40.31 -24.57
C MET H 408 59.13 41.38 -25.52
N THR H 409 57.85 41.36 -25.88
CA THR H 409 57.25 42.38 -26.72
C THR H 409 56.29 43.24 -25.92
N LYS H 410 56.23 44.52 -26.26
CA LYS H 410 55.38 45.46 -25.54
C LYS H 410 53.90 45.24 -25.87
N THR H 411 53.56 45.35 -27.15
CA THR H 411 52.19 45.17 -27.62
C THR H 411 52.12 44.04 -28.65
N ASN H 412 50.89 43.69 -29.03
CA ASN H 412 50.70 42.65 -30.03
C ASN H 412 51.24 43.07 -31.39
N ASP H 413 51.25 44.38 -31.67
CA ASP H 413 51.81 44.87 -32.93
C ASP H 413 53.30 44.55 -33.02
N ASP H 414 54.02 44.74 -31.90
CA ASP H 414 55.44 44.40 -31.89
C ASP H 414 55.67 42.91 -32.09
N PHE H 415 54.80 42.08 -31.49
CA PHE H 415 54.89 40.65 -31.70
C PHE H 415 54.62 40.28 -33.16
N PHE H 416 53.63 40.95 -33.78
CA PHE H 416 53.27 40.63 -35.15
C PHE H 416 54.40 40.92 -36.13
N GLU H 417 55.08 42.06 -35.96
CA GLU H 417 56.17 42.39 -36.88
C GLU H 417 57.39 41.51 -36.65
N MET H 418 57.56 40.96 -35.44
CA MET H 418 58.64 40.02 -35.19
C MET H 418 58.44 38.72 -35.96
N MET H 419 57.22 38.20 -36.01
CA MET H 419 56.96 36.98 -36.77
C MET H 419 57.18 37.18 -38.26
N LYS H 420 57.03 38.42 -38.73
CA LYS H 420 57.24 38.71 -40.15
C LYS H 420 58.70 38.52 -40.56
N ARG H 421 59.61 38.62 -39.59
CA ARG H 421 61.04 38.41 -39.89
C ARG H 421 61.30 36.99 -40.37
N SER H 422 60.67 36.00 -39.73
CA SER H 422 60.84 34.61 -40.10
C SER H 422 60.06 34.27 -41.36
N MET I 4 26.92 25.55 44.57
CA MET I 4 26.56 26.95 44.47
C MET I 4 26.56 27.43 43.02
N ASN I 5 27.52 26.91 42.25
CA ASN I 5 27.68 27.26 40.84
C ASN I 5 27.34 26.07 39.98
N LEU I 6 26.47 26.28 38.99
CA LEU I 6 25.97 25.17 38.17
C LEU I 6 27.07 24.56 37.32
N THR I 7 27.93 25.39 36.72
CA THR I 7 28.93 24.87 35.79
C THR I 7 29.95 23.97 36.49
N GLU I 8 30.38 24.36 37.69
CA GLU I 8 31.37 23.56 38.40
C GLU I 8 30.76 22.29 38.98
N LEU I 9 29.45 22.26 39.24
CA LEU I 9 28.82 21.08 39.82
C LEU I 9 28.72 19.95 38.81
N LYS I 10 28.47 20.27 37.54
CA LYS I 10 28.36 19.23 36.52
C LYS I 10 29.72 18.64 36.19
N ASN I 11 30.78 19.43 36.28
CA ASN I 11 32.13 18.93 35.97
C ASN I 11 32.65 17.98 37.04
N THR I 12 32.06 17.99 38.23
CA THR I 12 32.49 17.09 39.29
C THR I 12 32.16 15.64 38.94
N PRO I 13 32.97 14.70 39.39
CA PRO I 13 32.69 13.28 39.12
C PRO I 13 31.38 12.84 39.78
N VAL I 14 30.75 11.83 39.18
CA VAL I 14 29.47 11.35 39.68
C VAL I 14 29.64 10.75 41.08
N SER I 15 30.78 10.08 41.32
CA SER I 15 31.02 9.50 42.64
C SER I 15 31.07 10.59 43.71
N GLU I 16 31.76 11.70 43.42
CA GLU I 16 31.79 12.81 44.37
C GLU I 16 30.43 13.49 44.49
N LEU I 17 29.64 13.47 43.42
CA LEU I 17 28.34 14.13 43.45
C LEU I 17 27.41 13.46 44.47
N ILE I 18 27.43 12.14 44.55
CA ILE I 18 26.62 11.44 45.54
C ILE I 18 27.05 11.79 46.95
N THR I 19 28.37 11.82 47.19
CA THR I 19 28.87 12.11 48.54
C THR I 19 28.49 13.51 48.99
N LEU I 20 28.52 14.48 48.07
CA LEU I 20 28.15 15.85 48.42
C LEU I 20 26.69 15.93 48.87
N GLY I 21 25.80 15.21 48.16
CA GLY I 21 24.39 15.27 48.50
C GLY I 21 24.02 14.51 49.76
N GLU I 22 24.82 13.51 50.13
CA GLU I 22 24.51 12.72 51.33
C GLU I 22 24.69 13.54 52.59
N ASN I 23 25.80 14.26 52.71
CA ASN I 23 26.03 15.07 53.89
C ASN I 23 25.09 16.28 53.95
N MET I 24 24.63 16.75 52.79
CA MET I 24 23.70 17.88 52.77
C MET I 24 22.38 17.53 53.42
N GLY I 25 21.89 16.31 53.19
CA GLY I 25 20.64 15.88 53.79
C GLY I 25 19.78 15.02 52.87
N LEU I 26 20.16 14.96 51.60
CA LEU I 26 19.42 14.15 50.64
C LEU I 26 19.74 12.67 50.79
N GLU I 27 18.86 11.84 50.25
CA GLU I 27 18.99 10.39 50.37
C GLU I 27 18.56 9.75 49.06
N ASN I 28 19.04 8.53 48.83
CA ASN I 28 18.71 7.73 47.65
C ASN I 28 19.09 8.45 46.36
N LEU I 29 20.25 9.10 46.36
CA LEU I 29 20.77 9.74 45.16
C LEU I 29 21.68 8.83 44.34
N ALA I 30 22.02 7.65 44.86
CA ALA I 30 22.99 6.80 44.17
C ALA I 30 22.39 6.16 42.92
N ARG I 31 21.17 5.62 43.03
CA ARG I 31 20.56 4.87 41.94
C ARG I 31 19.59 5.74 41.15
N MET I 32 20.14 6.77 40.50
CA MET I 32 19.36 7.64 39.64
C MET I 32 20.31 8.37 38.69
N ARG I 33 19.74 8.96 37.66
CA ARG I 33 20.55 9.63 36.64
C ARG I 33 21.26 10.84 37.23
N LYS I 34 22.43 11.15 36.66
CA LYS I 34 23.24 12.26 37.16
C LYS I 34 22.50 13.59 37.02
N GLN I 35 21.70 13.74 35.96
CA GLN I 35 20.97 14.99 35.76
C GLN I 35 19.98 15.23 36.88
N ASP I 36 19.29 14.18 37.33
CA ASP I 36 18.33 14.33 38.43
C ASP I 36 19.04 14.65 39.74
N ILE I 37 20.24 14.11 39.94
CA ILE I 37 20.98 14.40 41.17
C ILE I 37 21.32 15.88 41.27
N ILE I 38 21.74 16.49 40.16
CA ILE I 38 22.07 17.90 40.16
C ILE I 38 20.86 18.75 40.50
N PHE I 39 19.69 18.40 39.93
CA PHE I 39 18.47 19.12 40.25
C PHE I 39 18.11 18.95 41.72
N ALA I 40 18.26 17.74 42.27
CA ALA I 40 17.94 17.50 43.67
C ALA I 40 18.86 18.28 44.59
N ILE I 41 20.16 18.30 44.30
CA ILE I 41 21.11 19.01 45.15
C ILE I 41 20.83 20.51 45.14
N LEU I 42 20.57 21.07 43.94
CA LEU I 42 20.24 22.48 43.85
C LEU I 42 18.94 22.80 44.58
N LYS I 43 17.95 21.90 44.49
CA LYS I 43 16.69 22.12 45.18
C LYS I 43 16.89 22.18 46.69
N GLN I 44 17.68 21.24 47.24
CA GLN I 44 17.94 21.26 48.68
C GLN I 44 18.78 22.47 49.08
N HIS I 45 19.79 22.81 48.26
CA HIS I 45 20.64 23.95 48.57
C HIS I 45 19.86 25.26 48.45
N ALA I 46 18.82 25.30 47.62
CA ALA I 46 18.03 26.51 47.47
C ALA I 46 17.25 26.83 48.74
N LYS I 47 16.93 25.82 49.55
CA LYS I 47 16.20 26.06 50.79
C LYS I 47 17.02 26.88 51.78
N SER I 48 18.35 26.80 51.70
CA SER I 48 19.21 27.57 52.60
C SER I 48 19.16 29.06 52.31
N GLY I 49 18.68 29.46 51.13
CA GLY I 49 18.61 30.86 50.76
C GLY I 49 19.83 31.41 50.05
N GLU I 50 20.90 30.64 49.94
CA GLU I 50 22.09 31.10 49.25
C GLU I 50 21.83 31.22 47.76
N ASP I 51 22.47 32.22 47.14
CA ASP I 51 22.32 32.44 45.72
C ASP I 51 22.98 31.32 44.92
N ILE I 52 22.38 31.00 43.78
CA ILE I 52 22.87 29.93 42.90
C ILE I 52 23.22 30.55 41.56
N PHE I 53 24.42 30.26 41.07
CA PHE I 53 24.89 30.76 39.79
C PHE I 53 24.75 29.69 38.72
N GLY I 54 24.31 30.11 37.53
CA GLY I 54 24.13 29.18 36.44
C GLY I 54 24.50 29.82 35.12
N ASP I 55 24.85 28.96 34.15
CA ASP I 55 25.25 29.43 32.83
C ASP I 55 25.03 28.29 31.83
N GLY I 56 25.02 28.67 30.56
CA GLY I 56 24.84 27.70 29.50
C GLY I 56 24.58 28.39 28.17
N VAL I 57 24.16 27.59 27.20
CA VAL I 57 23.84 28.07 25.87
C VAL I 57 22.33 28.24 25.75
N LEU I 58 21.88 29.42 25.32
CA LEU I 58 20.47 29.74 25.26
C LEU I 58 19.90 29.36 23.90
N GLU I 59 18.73 28.72 23.91
CA GLU I 59 17.99 28.41 22.70
C GLU I 59 16.54 28.87 22.88
N ILE I 60 15.88 29.17 21.76
CA ILE I 60 14.51 29.66 21.78
C ILE I 60 13.63 28.64 21.07
N LEU I 61 12.56 28.21 21.74
CA LEU I 61 11.62 27.26 21.18
C LEU I 61 10.63 27.99 20.26
N GLN I 62 9.78 27.22 19.58
CA GLN I 62 8.81 27.79 18.66
C GLN I 62 7.68 28.51 19.38
N ASP I 63 7.34 28.08 20.60
CA ASP I 63 6.27 28.75 21.35
C ASP I 63 6.65 30.19 21.70
N GLY I 64 7.91 30.42 22.06
CA GLY I 64 8.36 31.74 22.43
C GLY I 64 9.29 31.75 23.62
N PHE I 65 9.09 30.82 24.54
CA PHE I 65 9.99 30.69 25.68
C PHE I 65 11.21 29.86 25.28
N GLY I 66 12.26 29.96 26.11
CA GLY I 66 13.51 29.28 25.84
C GLY I 66 14.05 28.60 27.09
N PHE I 67 15.10 27.81 26.86
CA PHE I 67 15.80 27.12 27.93
C PHE I 67 17.31 27.32 27.75
N LEU I 68 18.03 27.26 28.86
CA LEU I 68 19.48 27.47 28.88
C LEU I 68 20.15 26.10 28.92
N ARG I 69 20.40 25.54 27.74
CA ARG I 69 21.03 24.22 27.65
C ARG I 69 22.48 24.28 28.07
N SER I 70 23.00 23.14 28.52
CA SER I 70 24.38 23.00 28.96
C SER I 70 25.15 22.18 27.94
N ALA I 71 26.34 22.66 27.55
CA ALA I 71 27.16 21.95 26.58
C ALA I 71 27.78 20.69 27.15
N ASP I 72 27.83 20.55 28.49
CA ASP I 72 28.41 19.35 29.09
C ASP I 72 27.59 18.11 28.75
N SER I 73 26.27 18.21 28.75
CA SER I 73 25.39 17.09 28.44
C SER I 73 25.02 17.03 26.96
N SER I 74 25.85 17.60 26.09
CA SER I 74 25.60 17.64 24.64
C SER I 74 24.26 18.29 24.32
N TYR I 75 23.92 19.34 25.08
CA TYR I 75 22.69 20.10 24.89
C TYR I 75 21.46 19.20 24.95
N LEU I 76 21.46 18.27 25.90
CA LEU I 76 20.33 17.37 26.09
C LEU I 76 19.35 17.96 27.08
N ALA I 77 18.05 17.85 26.76
CA ALA I 77 17.01 18.35 27.65
C ALA I 77 17.02 17.60 28.97
N GLY I 78 16.94 18.36 30.06
CA GLY I 78 16.95 17.77 31.38
C GLY I 78 16.25 18.64 32.41
N PRO I 79 15.95 18.06 33.57
CA PRO I 79 15.28 18.84 34.63
C PRO I 79 16.13 20.01 35.15
N ASP I 80 17.45 19.97 34.97
CA ASP I 80 18.32 21.01 35.48
C ASP I 80 18.48 22.18 34.51
N ASP I 81 17.81 22.15 33.36
CA ASP I 81 17.89 23.25 32.41
C ASP I 81 17.23 24.50 32.99
N ILE I 82 17.84 25.65 32.72
CA ILE I 82 17.35 26.92 33.23
C ILE I 82 16.32 27.49 32.27
N TYR I 83 15.15 27.83 32.80
CA TYR I 83 14.06 28.40 32.02
C TYR I 83 14.14 29.92 32.05
N VAL I 84 13.90 30.55 30.90
CA VAL I 84 13.91 32.00 30.77
C VAL I 84 12.57 32.44 30.21
N SER I 85 11.98 33.46 30.83
CA SER I 85 10.71 33.98 30.37
C SER I 85 10.89 34.77 29.08
N PRO I 86 9.88 34.82 28.22
CA PRO I 86 9.98 35.64 27.00
C PRO I 86 10.15 37.12 27.28
N SER I 87 9.75 37.60 28.46
CA SER I 87 9.91 39.00 28.79
C SER I 87 11.39 39.40 28.84
N GLN I 88 12.23 38.53 29.39
CA GLN I 88 13.66 38.83 29.46
C GLN I 88 14.27 38.91 28.07
N ILE I 89 13.67 38.22 27.09
CA ILE I 89 14.17 38.28 25.72
C ILE I 89 14.02 39.67 25.14
N ARG I 90 12.91 40.35 25.42
CA ARG I 90 12.73 41.71 24.94
C ARG I 90 13.73 42.67 25.58
N ARG I 91 13.99 42.51 26.88
CA ARG I 91 14.95 43.37 27.56
C ARG I 91 16.34 43.22 26.98
N PHE I 92 16.75 41.99 26.71
CA PHE I 92 18.07 41.70 26.14
C PHE I 92 17.94 40.86 24.89
N ASN I 93 18.26 41.44 23.73
CA ASN I 93 18.15 40.74 22.46
C ASN I 93 19.00 39.48 22.46
N LEU I 94 18.33 38.33 22.54
CA LEU I 94 19.00 37.03 22.55
C LEU I 94 18.43 36.15 21.46
N ARG I 95 19.31 35.37 20.84
CA ARG I 95 18.91 34.38 19.85
C ARG I 95 19.58 33.06 20.20
N THR I 96 19.20 32.00 19.47
CA THR I 96 19.77 30.69 19.72
C THR I 96 21.28 30.70 19.52
N GLY I 97 22.01 30.12 20.47
CA GLY I 97 23.45 29.96 20.35
C GLY I 97 24.26 30.73 21.37
N ASP I 98 23.77 31.88 21.81
CA ASP I 98 24.55 32.74 22.70
C ASP I 98 24.65 32.15 24.10
N THR I 99 25.69 32.52 24.83
CA THR I 99 25.92 32.05 26.19
C THR I 99 25.39 33.08 27.17
N ILE I 100 24.55 32.62 28.11
CA ILE I 100 23.96 33.47 29.14
C ILE I 100 24.40 32.96 30.51
N SER I 101 24.93 33.85 31.33
CA SER I 101 25.39 33.51 32.67
C SER I 101 24.80 34.51 33.67
N GLY I 102 24.29 33.99 34.78
CA GLY I 102 23.72 34.85 35.81
C GLY I 102 23.10 34.02 36.92
N LYS I 103 22.51 34.73 37.86
CA LYS I 103 21.86 34.09 39.00
C LYS I 103 20.54 33.46 38.58
N ILE I 104 20.23 32.33 39.22
CA ILE I 104 18.99 31.60 38.96
C ILE I 104 18.23 31.45 40.27
N ARG I 105 16.91 31.72 40.22
CA ARG I 105 16.08 31.62 41.41
C ARG I 105 15.52 30.20 41.57
N PRO I 106 15.21 29.78 42.79
CA PRO I 106 14.58 28.48 43.00
C PRO I 106 13.25 28.40 42.28
N PRO I 107 12.92 27.24 41.70
CA PRO I 107 11.62 27.10 41.01
C PRO I 107 10.48 27.04 42.00
N LYS I 108 9.46 27.87 41.78
CA LYS I 108 8.30 27.87 42.64
C LYS I 108 7.43 26.65 42.35
N GLU I 109 6.33 26.53 43.10
CA GLU I 109 5.40 25.43 42.89
C GLU I 109 4.71 25.58 41.54
N GLY I 110 4.55 24.46 40.83
CA GLY I 110 3.93 24.45 39.52
C GLY I 110 4.89 24.45 38.36
N GLU I 111 6.17 24.78 38.59
CA GLU I 111 7.17 24.75 37.55
C GLU I 111 8.27 23.76 37.92
N ARG I 112 8.82 23.11 36.89
CA ARG I 112 9.82 22.07 37.08
C ARG I 112 11.21 22.50 36.65
N TYR I 113 11.40 23.78 36.33
CA TYR I 113 12.68 24.27 35.84
C TYR I 113 13.06 25.54 36.57
N PHE I 114 14.37 25.73 36.77
CA PHE I 114 14.87 26.95 37.37
C PHE I 114 14.66 28.14 36.44
N ALA I 115 14.47 29.31 37.04
CA ALA I 115 14.24 30.54 36.30
C ALA I 115 15.41 31.50 36.51
N LEU I 116 15.80 32.18 35.43
CA LEU I 116 16.89 33.14 35.51
C LEU I 116 16.43 34.42 36.21
N LEU I 117 17.19 34.85 37.22
CA LEU I 117 16.85 36.05 37.97
C LEU I 117 17.49 37.30 37.37
N LYS I 118 18.81 37.32 37.28
CA LYS I 118 19.54 38.45 36.73
C LYS I 118 20.72 37.94 35.91
N VAL I 119 20.89 38.49 34.71
CA VAL I 119 21.98 38.11 33.82
C VAL I 119 23.05 39.20 33.89
N ASN I 120 24.29 38.78 34.15
CA ASN I 120 25.41 39.70 34.28
C ASN I 120 26.55 39.40 33.30
N GLU I 121 26.37 38.43 32.41
CA GLU I 121 27.44 38.07 31.48
C GLU I 121 26.81 37.44 30.25
N VAL I 122 26.97 38.08 29.10
CA VAL I 122 26.45 37.60 27.83
C VAL I 122 27.60 37.45 26.85
N ASN I 123 27.82 36.22 26.37
CA ASN I 123 28.89 35.91 25.42
C ASN I 123 30.24 36.37 25.95
N PHE I 124 30.48 36.12 27.25
CA PHE I 124 31.70 36.54 27.93
C PHE I 124 31.92 38.04 27.79
N ASP I 125 30.84 38.80 27.90
CA ASP I 125 30.89 40.25 27.74
C ASP I 125 29.70 40.86 28.48
N LYS I 126 29.77 42.17 28.68
CA LYS I 126 28.69 42.89 29.34
C LYS I 126 27.43 42.80 28.48
N PRO I 127 26.26 42.56 29.10
CA PRO I 127 25.03 42.43 28.30
C PRO I 127 24.70 43.65 27.45
N GLU I 128 25.01 44.85 27.96
CA GLU I 128 24.75 46.06 27.17
C GLU I 128 25.61 46.09 25.91
N ASN I 129 26.87 45.69 26.01
CA ASN I 129 27.75 45.70 24.85
C ASN I 129 27.32 44.64 23.83
N ALA I 130 26.81 43.50 24.29
CA ALA I 130 26.37 42.45 23.36
C ALA I 130 25.17 42.89 22.54
N ARG I 131 24.38 43.84 23.05
CA ARG I 131 23.21 44.32 22.33
C ARG I 131 23.58 45.11 21.07
N ASN I 132 24.79 45.65 20.99
CA ASN I 132 25.22 46.45 19.85
C ASN I 132 26.04 45.67 18.85
N LYS I 133 26.16 44.35 19.03
CA LYS I 133 26.95 43.54 18.11
C LYS I 133 26.29 43.44 16.74
N ILE I 134 27.07 43.37 15.66
CA ILE I 134 26.44 43.22 14.32
C ILE I 134 26.13 41.75 14.04
N LEU I 135 24.98 41.46 13.42
CA LEU I 135 24.56 40.05 13.17
C LEU I 135 25.52 39.41 12.17
N PHE I 136 25.72 38.09 12.27
CA PHE I 136 26.69 37.38 11.39
C PHE I 136 26.30 37.51 9.93
N GLU I 137 25.00 37.53 9.64
CA GLU I 137 24.63 37.50 8.23
C GLU I 137 24.97 38.79 7.50
N ASN I 138 25.10 39.91 8.23
CA ASN I 138 25.47 41.17 7.62
C ASN I 138 26.96 41.31 7.36
N LEU I 139 27.79 40.43 7.93
CA LEU I 139 29.22 40.50 7.74
C LEU I 139 29.60 40.06 6.32
N THR I 140 30.67 40.68 5.81
CA THR I 140 31.12 40.39 4.45
C THR I 140 32.19 39.30 4.49
N PRO I 141 31.94 38.13 3.91
CA PRO I 141 32.97 37.08 3.90
C PRO I 141 34.11 37.41 2.96
N LEU I 142 35.27 36.81 3.24
CA LEU I 142 36.46 36.95 2.41
C LEU I 142 37.18 35.62 2.35
N HIS I 143 38.19 35.55 1.48
CA HIS I 143 39.01 34.36 1.37
C HIS I 143 39.95 34.25 2.58
N ALA I 144 40.38 33.01 2.85
CA ALA I 144 41.26 32.75 3.97
C ALA I 144 42.63 33.40 3.75
N ASN I 145 43.16 34.03 4.80
CA ASN I 145 44.45 34.68 4.73
C ASN I 145 45.36 34.40 5.92
N SER I 146 44.85 33.78 6.98
CA SER I 146 45.63 33.48 8.18
C SER I 146 46.07 32.03 8.13
N ARG I 147 47.36 31.80 7.93
CA ARG I 147 47.88 30.44 7.82
C ARG I 147 47.89 29.76 9.18
N LEU I 148 47.36 28.54 9.23
CA LEU I 148 47.34 27.73 10.44
C LEU I 148 48.39 26.63 10.30
N ARG I 149 49.46 26.73 11.09
CA ARG I 149 50.56 25.77 11.03
C ARG I 149 50.11 24.46 11.67
N MET I 150 49.78 23.47 10.84
CA MET I 150 49.33 22.18 11.35
C MET I 150 50.48 21.29 11.80
N GLU I 151 51.71 21.61 11.43
CA GLU I 151 52.86 20.81 11.80
C GLU I 151 53.27 21.08 13.24
N ARG I 152 53.58 20.02 13.98
CA ARG I 152 54.03 20.11 15.36
C ARG I 152 55.49 19.69 15.43
N GLY I 153 56.34 20.55 15.98
CA GLY I 153 57.76 20.27 16.06
C GLY I 153 58.19 19.68 17.39
N ASN I 154 57.62 20.20 18.48
CA ASN I 154 58.03 19.75 19.81
C ASN I 154 57.68 18.28 20.04
N ASP I 155 56.51 17.85 19.56
CA ASP I 155 56.09 16.45 19.77
C ASP I 155 57.04 15.49 19.07
N SER I 156 57.34 15.76 17.80
CA SER I 156 58.25 14.91 17.00
C SER I 156 57.80 13.46 17.00
N THR I 157 56.49 13.25 16.91
CA THR I 157 55.93 11.91 16.93
C THR I 157 56.24 11.17 15.63
N GLU I 158 56.10 9.85 15.69
CA GLU I 158 56.35 9.02 14.50
C GLU I 158 55.28 9.22 13.43
N ASP I 159 54.11 9.75 13.79
CA ASP I 159 53.07 9.99 12.80
C ASP I 159 53.42 11.21 11.96
N LEU I 160 53.32 11.04 10.64
CA LEU I 160 53.62 12.11 9.69
C LEU I 160 52.36 12.76 9.13
N THR I 161 51.21 12.51 9.74
CA THR I 161 49.95 13.04 9.21
C THR I 161 49.95 14.57 9.21
N ALA I 162 50.45 15.18 10.29
CA ALA I 162 50.50 16.63 10.36
C ALA I 162 51.40 17.21 9.29
N ARG I 163 52.56 16.59 9.07
CA ARG I 163 53.49 17.08 8.06
C ARG I 163 52.91 16.92 6.66
N VAL I 164 52.25 15.79 6.39
CA VAL I 164 51.68 15.56 5.06
C VAL I 164 50.52 16.51 4.80
N LEU I 165 49.71 16.80 5.82
CA LEU I 165 48.53 17.63 5.63
C LEU I 165 48.91 19.03 5.17
N ASP I 166 49.96 19.61 5.74
CA ASP I 166 50.41 20.92 5.31
C ASP I 166 50.89 20.90 3.86
N LEU I 167 51.64 19.87 3.48
CA LEU I 167 52.13 19.77 2.11
C LEU I 167 51.00 19.50 1.13
N ALA I 168 50.09 18.58 1.48
CA ALA I 168 49.02 18.22 0.56
C ALA I 168 48.03 19.37 0.39
N SER I 169 47.58 19.96 1.48
CA SER I 169 46.59 21.03 1.42
C SER I 169 46.66 21.91 2.67
N PRO I 170 47.26 23.10 2.59
CA PRO I 170 47.30 23.98 3.75
C PRO I 170 45.91 24.41 4.17
N ILE I 171 45.73 24.56 5.48
CA ILE I 171 44.45 24.93 6.08
C ILE I 171 44.60 26.28 6.76
N GLY I 172 43.70 27.21 6.44
CA GLY I 172 43.68 28.53 7.04
C GLY I 172 42.42 28.78 7.85
N ARG I 173 42.35 29.99 8.39
CA ARG I 173 41.19 30.42 9.16
C ARG I 173 40.05 30.77 8.21
N GLY I 174 38.85 30.28 8.53
CA GLY I 174 37.69 30.54 7.70
C GLY I 174 37.53 29.62 6.51
N GLN I 175 38.30 28.53 6.45
CA GLN I 175 38.19 27.59 5.36
C GLN I 175 36.88 26.81 5.44
N ARG I 176 36.38 26.40 4.27
CA ARG I 176 35.17 25.60 4.15
C ARG I 176 35.48 24.26 3.49
N GLY I 177 36.58 23.64 3.91
CA GLY I 177 36.99 22.40 3.30
C GLY I 177 36.19 21.21 3.76
N LEU I 178 36.27 20.13 2.99
CA LEU I 178 35.63 18.86 3.33
C LEU I 178 36.62 17.73 3.11
N ILE I 179 36.41 16.62 3.81
CA ILE I 179 37.27 15.45 3.74
C ILE I 179 36.48 14.31 3.13
N VAL I 180 37.00 13.74 2.05
CA VAL I 180 36.41 12.58 1.40
C VAL I 180 37.13 11.35 1.93
N ALA I 181 36.46 10.58 2.78
CA ALA I 181 37.08 9.46 3.47
C ALA I 181 36.25 8.20 3.26
N PRO I 182 36.77 7.19 2.58
CA PRO I 182 36.07 5.90 2.52
C PRO I 182 36.07 5.22 3.88
N PRO I 183 35.16 4.27 4.11
CA PRO I 183 35.14 3.58 5.39
C PRO I 183 36.44 2.81 5.64
N LYS I 184 36.83 2.76 6.92
CA LYS I 184 38.06 2.09 7.35
C LYS I 184 39.29 2.65 6.64
N ALA I 185 39.38 3.99 6.62
CA ALA I 185 40.53 4.67 6.01
C ALA I 185 41.18 5.66 6.98
N GLY I 186 41.06 5.41 8.29
CA GLY I 186 41.64 6.31 9.28
C GLY I 186 41.01 7.68 9.32
N LYS I 187 39.69 7.77 9.12
CA LYS I 187 39.02 9.06 9.16
C LYS I 187 38.98 9.62 10.58
N THR I 188 38.69 8.76 11.56
CA THR I 188 38.57 9.22 12.94
C THR I 188 39.89 9.76 13.47
N MET I 189 41.00 9.05 13.21
CA MET I 189 42.30 9.50 13.71
C MET I 189 42.77 10.74 12.94
N LEU I 190 42.30 10.92 11.72
CA LEU I 190 42.67 12.11 10.96
C LEU I 190 42.17 13.38 11.64
N LEU I 191 40.92 13.36 12.13
CA LEU I 191 40.39 14.52 12.84
C LEU I 191 41.07 14.72 14.18
N GLN I 192 41.41 13.63 14.87
CA GLN I 192 42.06 13.73 16.16
C GLN I 192 43.43 14.39 16.05
N ASN I 193 44.20 14.03 15.02
CA ASN I 193 45.52 14.64 14.84
C ASN I 193 45.39 16.13 14.56
N ILE I 194 44.41 16.52 13.76
CA ILE I 194 44.19 17.94 13.48
C ILE I 194 43.82 18.68 14.76
N ALA I 195 42.97 18.08 15.60
CA ALA I 195 42.57 18.71 16.84
C ALA I 195 43.76 18.94 17.77
N GLN I 196 44.69 17.99 17.82
CA GLN I 196 45.86 18.15 18.68
C GLN I 196 46.70 19.35 18.26
N SER I 197 46.91 19.52 16.95
CA SER I 197 47.70 20.64 16.46
C SER I 197 47.01 21.98 16.72
N ILE I 198 45.69 22.03 16.53
CA ILE I 198 44.96 23.26 16.75
C ILE I 198 45.01 23.67 18.22
N ALA I 199 44.82 22.71 19.13
CA ALA I 199 44.90 23.01 20.56
C ALA I 199 46.31 23.35 21.01
N TYR I 200 47.32 23.00 20.22
CA TYR I 200 48.72 23.28 20.55
C TYR I 200 49.26 24.51 19.85
N ASN I 201 49.13 24.58 18.53
CA ASN I 201 49.70 25.69 17.77
C ASN I 201 48.90 26.98 17.97
N HIS I 202 47.58 26.87 18.09
CA HIS I 202 46.70 28.03 18.22
C HIS I 202 45.77 27.83 19.41
N PRO I 203 46.29 27.96 20.64
CA PRO I 203 45.42 27.83 21.82
C PRO I 203 44.34 28.89 21.88
N ASP I 204 44.57 30.07 21.30
CA ASP I 204 43.59 31.14 21.37
C ASP I 204 42.33 30.79 20.58
N CYS I 205 42.48 30.10 19.46
CA CYS I 205 41.33 29.74 18.64
C CYS I 205 40.43 28.76 19.38
N VAL I 206 39.11 28.98 19.27
CA VAL I 206 38.13 28.10 19.91
C VAL I 206 37.91 26.89 19.01
N LEU I 207 38.08 25.70 19.57
CA LEU I 207 37.92 24.44 18.84
C LEU I 207 36.67 23.74 19.32
N MET I 208 35.77 23.42 18.40
CA MET I 208 34.53 22.72 18.69
C MET I 208 34.43 21.50 17.80
N VAL I 209 34.10 20.35 18.39
CA VAL I 209 34.01 19.08 17.68
C VAL I 209 32.57 18.60 17.77
N LEU I 210 31.96 18.33 16.62
CA LEU I 210 30.60 17.82 16.54
C LEU I 210 30.60 16.48 15.84
N LEU I 211 30.00 15.48 16.48
CA LEU I 211 29.94 14.12 15.95
C LEU I 211 28.49 13.67 15.87
N ILE I 212 28.15 13.03 14.75
CA ILE I 212 26.78 12.58 14.48
C ILE I 212 26.81 11.07 14.29
N ASP I 213 25.88 10.38 14.98
CA ASP I 213 25.72 8.93 14.84
C ASP I 213 27.00 8.17 15.15
N GLU I 214 27.68 8.59 16.22
CA GLU I 214 28.91 7.95 16.67
C GLU I 214 28.63 7.06 17.87
N ARG I 215 29.44 6.02 18.02
CA ARG I 215 29.29 5.09 19.13
C ARG I 215 29.64 5.78 20.45
N PRO I 216 29.01 5.37 21.56
CA PRO I 216 29.30 6.01 22.84
C PRO I 216 30.76 5.94 23.27
N GLU I 217 31.44 4.82 22.99
CA GLU I 217 32.84 4.73 23.35
C GLU I 217 33.71 5.64 22.48
N GLU I 218 33.28 5.89 21.24
CA GLU I 218 34.02 6.81 20.38
C GLU I 218 33.90 8.25 20.87
N VAL I 219 32.75 8.63 21.42
CA VAL I 219 32.57 9.97 21.94
C VAL I 219 33.45 10.20 23.16
N THR I 220 33.52 9.22 24.05
CA THR I 220 34.33 9.36 25.27
C THR I 220 35.81 9.51 24.93
N GLU I 221 36.31 8.74 23.97
CA GLU I 221 37.71 8.87 23.57
C GLU I 221 37.99 10.25 22.98
N MET I 222 37.05 10.78 22.20
CA MET I 222 37.24 12.09 21.59
C MET I 222 37.36 13.18 22.64
N GLN I 223 36.52 13.11 23.69
CA GLN I 223 36.57 14.11 24.75
C GLN I 223 37.91 14.07 25.49
N ARG I 224 38.42 12.87 25.77
CA ARG I 224 39.69 12.75 26.48
C ARG I 224 40.85 13.23 25.63
N LEU I 225 40.80 13.02 24.32
CA LEU I 225 41.92 13.36 23.46
C LEU I 225 41.90 14.84 23.06
N VAL I 226 40.74 15.33 22.66
CA VAL I 226 40.62 16.71 22.18
C VAL I 226 40.58 17.66 23.37
N LYS I 227 41.46 18.66 23.35
CA LYS I 227 41.52 19.68 24.41
C LYS I 227 40.63 20.84 24.00
N GLY I 228 39.32 20.64 24.16
CA GLY I 228 38.36 21.66 23.79
C GLY I 228 36.95 21.22 24.12
N GLU I 229 36.00 21.89 23.47
CA GLU I 229 34.59 21.59 23.66
C GLU I 229 34.15 20.55 22.64
N VAL I 230 33.70 19.39 23.13
CA VAL I 230 33.29 18.28 22.29
C VAL I 230 31.83 17.96 22.61
N VAL I 231 30.98 17.98 21.59
CA VAL I 231 29.58 17.62 21.71
C VAL I 231 29.23 16.61 20.63
N ALA I 232 28.46 15.59 20.99
CA ALA I 232 28.15 14.52 20.05
C ALA I 232 26.78 13.93 20.38
N SER I 233 26.20 13.26 19.39
CA SER I 233 24.92 12.59 19.54
C SER I 233 25.08 11.12 19.15
N THR I 234 24.63 10.22 20.02
CA THR I 234 24.77 8.80 19.77
C THR I 234 23.73 8.33 18.76
N PHE I 235 23.98 7.13 18.20
CA PHE I 235 23.08 6.59 17.19
C PHE I 235 21.71 6.25 17.75
N ASP I 236 21.64 5.81 19.01
CA ASP I 236 20.36 5.42 19.59
C ASP I 236 19.42 6.61 19.75
N GLU I 237 19.94 7.82 19.82
CA GLU I 237 19.11 9.00 19.93
C GLU I 237 18.33 9.22 18.62
N PRO I 238 17.15 9.83 18.70
CA PRO I 238 16.34 10.02 17.49
C PRO I 238 16.98 11.00 16.52
N ALA I 239 16.51 10.96 15.28
CA ALA I 239 17.03 11.84 14.25
C ALA I 239 16.76 13.31 14.57
N SER I 240 15.67 13.59 15.29
CA SER I 240 15.40 14.97 15.69
C SER I 240 16.46 15.49 16.65
N ARG I 241 17.01 14.61 17.49
CA ARG I 241 18.09 15.02 18.39
C ARG I 241 19.32 15.44 17.61
N HIS I 242 19.62 14.74 16.50
CA HIS I 242 20.77 15.10 15.67
C HIS I 242 20.59 16.49 15.06
N VAL I 243 19.37 16.80 14.62
CA VAL I 243 19.10 18.13 14.06
C VAL I 243 19.23 19.19 15.13
N GLN I 244 18.72 18.91 16.33
CA GLN I 244 18.74 19.91 17.40
C GLN I 244 20.17 20.28 17.80
N VAL I 245 21.05 19.29 17.93
CA VAL I 245 22.42 19.57 18.31
C VAL I 245 23.21 20.22 17.17
N ALA I 246 22.90 19.87 15.93
CA ALA I 246 23.63 20.45 14.79
C ALA I 246 23.38 21.95 14.69
N GLU I 247 22.14 22.39 14.86
CA GLU I 247 21.86 23.82 14.83
C GLU I 247 22.42 24.53 16.05
N MET I 248 22.54 23.82 17.18
CA MET I 248 23.08 24.43 18.38
C MET I 248 24.55 24.83 18.20
N VAL I 249 25.33 23.97 17.54
CA VAL I 249 26.76 24.23 17.40
C VAL I 249 27.00 25.43 16.49
N ILE I 250 26.31 25.47 15.35
CA ILE I 250 26.55 26.55 14.39
C ILE I 250 26.04 27.88 14.92
N GLU I 251 24.88 27.89 15.59
CA GLU I 251 24.37 29.12 16.17
C GLU I 251 25.30 29.65 17.26
N LYS I 252 25.85 28.75 18.08
CA LYS I 252 26.82 29.17 19.08
C LYS I 252 28.07 29.74 18.45
N ALA I 253 28.54 29.12 17.36
CA ALA I 253 29.74 29.60 16.67
C ALA I 253 29.53 30.99 16.08
N LYS I 254 28.34 31.23 15.50
CA LYS I 254 28.07 32.51 14.87
C LYS I 254 28.12 33.65 15.90
N ARG I 255 27.56 33.41 17.09
CA ARG I 255 27.59 34.45 18.13
C ARG I 255 29.02 34.75 18.56
N LEU I 256 29.85 33.72 18.68
CA LEU I 256 31.25 33.95 19.05
C LEU I 256 32.01 34.70 17.96
N VAL I 257 31.68 34.44 16.69
CA VAL I 257 32.34 35.14 15.60
C VAL I 257 32.03 36.63 15.64
N GLU I 258 30.80 36.98 16.02
CA GLU I 258 30.40 38.39 16.11
C GLU I 258 31.21 39.14 17.16
N HIS I 259 31.80 38.44 18.12
CA HIS I 259 32.63 39.04 19.16
C HIS I 259 34.11 39.03 18.81
N LYS I 260 34.45 39.07 17.52
CA LYS I 260 35.84 39.11 17.04
C LYS I 260 36.65 37.90 17.53
N LYS I 261 36.03 36.72 17.52
CA LYS I 261 36.68 35.49 17.92
C LYS I 261 36.70 34.51 16.76
N ASP I 262 37.70 33.63 16.76
CA ASP I 262 37.87 32.61 15.73
C ASP I 262 37.37 31.27 16.25
N VAL I 263 36.49 30.63 15.50
CA VAL I 263 35.90 29.35 15.87
C VAL I 263 36.22 28.34 14.79
N ILE I 264 36.70 27.17 15.21
CA ILE I 264 37.02 26.07 14.29
C ILE I 264 36.10 24.90 14.65
N ILE I 265 35.37 24.39 13.65
CA ILE I 265 34.39 23.34 13.85
C ILE I 265 34.84 22.12 13.04
N LEU I 266 34.94 20.97 13.71
CA LEU I 266 35.25 19.70 13.07
C LEU I 266 33.95 18.91 12.94
N LEU I 267 33.44 18.82 11.71
CA LEU I 267 32.15 18.19 11.45
C LEU I 267 32.34 16.75 11.00
N ASP I 268 31.54 15.85 11.58
CA ASP I 268 31.57 14.44 11.21
C ASP I 268 30.19 13.86 11.53
N SER I 269 29.40 13.57 10.50
CA SER I 269 29.75 13.76 9.09
C SER I 269 28.61 14.42 8.33
N ILE I 270 28.94 15.03 7.18
CA ILE I 270 27.91 15.66 6.36
C ILE I 270 26.90 14.63 5.88
N THR I 271 27.37 13.46 5.45
CA THR I 271 26.46 12.40 5.03
C THR I 271 25.56 11.96 6.18
N ARG I 272 26.13 11.80 7.38
CA ARG I 272 25.32 11.47 8.54
C ARG I 272 24.39 12.63 8.90
N LEU I 273 24.88 13.87 8.82
CA LEU I 273 24.05 15.03 9.11
C LEU I 273 22.90 15.15 8.11
N ALA I 274 23.19 14.94 6.83
CA ALA I 274 22.13 14.99 5.82
C ALA I 274 21.14 13.85 5.98
N ARG I 275 21.60 12.72 6.55
CA ARG I 275 20.70 11.60 6.79
C ARG I 275 19.59 11.98 7.77
N ALA I 276 19.96 12.65 8.87
CA ALA I 276 18.96 13.06 9.85
C ALA I 276 18.08 14.18 9.31
N TYR I 277 18.66 15.11 8.56
CA TYR I 277 17.89 16.24 8.02
C TYR I 277 16.81 15.75 7.06
N ASN I 278 17.14 14.76 6.23
CA ASN I 278 16.17 14.26 5.26
C ASN I 278 14.97 13.62 5.96
N THR I 279 15.20 12.88 7.03
CA THR I 279 14.11 12.22 7.73
C THR I 279 13.23 13.22 8.47
N VAL I 280 13.84 14.23 9.11
CA VAL I 280 13.08 15.16 9.94
C VAL I 280 12.14 16.01 9.09
N VAL I 281 12.61 16.50 7.95
CA VAL I 281 11.79 17.39 7.12
C VAL I 281 10.60 16.62 6.58
N PRO I 282 9.39 17.16 6.65
CA PRO I 282 8.23 16.45 6.08
C PRO I 282 8.30 16.37 4.56
N ALA I 283 7.69 15.31 4.04
CA ALA I 283 7.69 15.11 2.58
C ALA I 283 6.87 16.19 1.89
N SER I 284 7.39 16.67 0.76
CA SER I 284 6.71 17.69 -0.03
C SER I 284 5.84 17.10 -1.13
N GLY I 285 5.69 15.78 -1.18
CA GLY I 285 4.92 15.11 -2.20
C GLY I 285 5.70 14.69 -3.43
N LYS I 286 6.96 15.10 -3.55
CA LYS I 286 7.82 14.72 -4.67
C LYS I 286 9.10 14.11 -4.12
N VAL I 287 9.48 12.96 -4.66
CA VAL I 287 10.67 12.23 -4.24
C VAL I 287 11.65 12.19 -5.40
N LEU I 288 12.87 12.64 -5.16
CA LEU I 288 13.92 12.62 -6.17
C LEU I 288 14.68 11.30 -6.11
N THR I 289 15.80 11.22 -6.84
CA THR I 289 16.60 10.00 -6.84
C THR I 289 17.24 9.79 -5.48
N GLY I 290 17.23 8.53 -5.02
CA GLY I 290 17.80 8.19 -3.74
C GLY I 290 16.94 8.51 -2.54
N GLY I 291 15.70 8.95 -2.75
CA GLY I 291 14.83 9.27 -1.64
C GLY I 291 15.18 10.54 -0.90
N VAL I 292 15.93 11.44 -1.52
CA VAL I 292 16.33 12.70 -0.90
C VAL I 292 15.62 13.83 -1.60
N ASP I 293 14.87 14.63 -0.84
CA ASP I 293 14.16 15.76 -1.38
C ASP I 293 15.11 16.93 -1.62
N ALA I 294 14.73 17.81 -2.55
CA ALA I 294 15.54 18.99 -2.84
C ALA I 294 15.64 19.91 -1.61
N ASN I 295 14.52 20.10 -0.90
CA ASN I 295 14.53 20.93 0.29
C ASN I 295 15.19 20.23 1.48
N ALA I 296 15.32 18.91 1.43
CA ALA I 296 15.95 18.19 2.54
C ALA I 296 17.41 18.56 2.69
N LEU I 297 18.12 18.69 1.57
CA LEU I 297 19.55 19.03 1.59
C LEU I 297 19.79 20.53 1.68
N HIS I 298 18.73 21.35 1.70
CA HIS I 298 18.90 22.78 1.88
C HIS I 298 19.50 23.10 3.25
N ARG I 299 19.05 22.40 4.29
CA ARG I 299 19.57 22.65 5.64
C ARG I 299 21.06 22.34 5.76
N PRO I 300 21.58 21.21 5.29
CA PRO I 300 23.05 21.01 5.34
C PRO I 300 23.83 22.06 4.58
N LYS I 301 23.28 22.57 3.47
CA LYS I 301 23.97 23.62 2.73
C LYS I 301 24.12 24.88 3.56
N ARG I 302 23.08 25.25 4.31
CA ARG I 302 23.17 26.40 5.19
C ARG I 302 24.22 26.19 6.28
N PHE I 303 24.25 25.00 6.86
CA PHE I 303 25.21 24.69 7.91
C PHE I 303 26.64 24.71 7.37
N PHE I 304 26.86 24.08 6.22
CA PHE I 304 28.21 23.98 5.67
C PHE I 304 28.70 25.32 5.11
N GLY I 305 27.79 26.11 4.52
CA GLY I 305 28.20 27.35 3.89
C GLY I 305 28.49 28.48 4.84
N ALA I 306 28.22 28.29 6.14
CA ALA I 306 28.43 29.35 7.12
C ALA I 306 29.90 29.64 7.39
N ALA I 307 30.81 28.79 6.91
CA ALA I 307 32.24 29.00 7.13
C ALA I 307 32.70 30.21 6.33
N ARG I 308 32.94 31.32 7.01
CA ARG I 308 33.32 32.57 6.36
C ARG I 308 34.47 33.21 7.13
N ASN I 309 35.23 34.06 6.42
CA ASN I 309 36.30 34.84 7.01
C ASN I 309 35.83 36.29 7.08
N VAL I 310 35.55 36.76 8.29
CA VAL I 310 34.97 38.09 8.47
C VAL I 310 36.03 39.15 8.24
N GLU I 311 35.70 40.12 7.39
CA GLU I 311 36.61 41.24 7.15
C GLU I 311 36.78 42.09 8.40
N GLU I 312 35.69 42.34 9.13
CA GLU I 312 35.77 43.18 10.33
C GLU I 312 36.65 42.53 11.40
N GLY I 313 36.52 41.21 11.57
CA GLY I 313 37.31 40.51 12.56
C GLY I 313 36.77 39.13 12.88
N GLY I 314 37.66 38.19 13.12
CA GLY I 314 37.28 36.82 13.41
C GLY I 314 37.02 36.01 12.15
N SER I 315 36.85 34.71 12.36
CA SER I 315 36.59 33.79 11.24
C SER I 315 35.93 32.54 11.79
N LEU I 316 35.27 31.82 10.88
CA LEU I 316 34.61 30.56 11.20
C LEU I 316 35.14 29.49 10.25
N THR I 317 35.89 28.53 10.79
CA THR I 317 36.47 27.45 10.01
C THR I 317 35.68 26.17 10.26
N ILE I 318 35.20 25.56 9.18
CA ILE I 318 34.41 24.33 9.26
C ILE I 318 35.12 23.26 8.45
N ILE I 319 35.46 22.15 9.11
CA ILE I 319 36.08 21.00 8.46
C ILE I 319 35.13 19.81 8.60
N ALA I 320 34.72 19.25 7.48
CA ALA I 320 33.73 18.18 7.46
C ALA I 320 34.31 16.94 6.79
N THR I 321 33.63 15.82 6.99
CA THR I 321 34.02 14.54 6.42
C THR I 321 32.88 14.00 5.56
N ALA I 322 33.23 13.46 4.40
CA ALA I 322 32.27 12.89 3.46
C ALA I 322 32.54 11.41 3.29
N LEU I 323 31.49 10.60 3.35
CA LEU I 323 31.59 9.16 3.21
C LEU I 323 31.23 8.74 1.79
N ILE I 324 32.10 7.96 1.16
CA ILE I 324 31.87 7.43 -0.18
C ILE I 324 32.14 5.94 -0.17
N ASP I 325 31.62 5.27 -1.20
CA ASP I 325 31.79 3.82 -1.38
C ASP I 325 31.31 3.04 -0.17
N THR I 326 30.20 3.49 0.42
CA THR I 326 29.60 2.84 1.58
C THR I 326 28.53 1.83 1.22
N GLY I 327 28.30 1.60 -0.07
CA GLY I 327 27.29 0.66 -0.50
C GLY I 327 25.88 1.22 -0.56
N SER I 328 25.73 2.51 -0.23
CA SER I 328 24.38 3.14 -0.19
C SER I 328 24.28 4.25 -1.24
N LYS I 329 23.29 4.16 -2.12
CA LYS I 329 23.11 5.18 -3.19
C LYS I 329 22.82 6.51 -2.53
N MET I 330 21.85 6.54 -1.61
CA MET I 330 21.45 7.83 -1.01
C MET I 330 22.73 8.58 -0.64
N ASP I 331 23.71 7.88 -0.07
CA ASP I 331 24.88 8.63 0.38
C ASP I 331 25.67 9.20 -0.79
N GLU I 332 25.68 8.51 -1.93
CA GLU I 332 26.40 9.00 -3.09
C GLU I 332 25.79 10.30 -3.62
N VAL I 333 24.46 10.41 -3.61
CA VAL I 333 23.80 11.62 -4.10
C VAL I 333 24.18 12.81 -3.23
N ILE I 334 24.29 12.60 -1.92
CA ILE I 334 24.66 13.67 -1.00
C ILE I 334 26.05 14.19 -1.33
N TYR I 335 26.98 13.29 -1.63
CA TYR I 335 28.35 13.69 -1.92
C TYR I 335 28.43 14.52 -3.20
N GLU I 336 27.63 14.16 -4.21
CA GLU I 336 27.70 14.85 -5.49
C GLU I 336 27.32 16.32 -5.38
N GLU I 337 26.30 16.64 -4.59
CA GLU I 337 25.88 18.03 -4.44
C GLU I 337 26.88 18.82 -3.59
N PHE I 338 27.72 18.12 -2.82
CA PHE I 338 28.70 18.78 -1.95
C PHE I 338 30.12 18.67 -2.50
N LYS I 339 30.27 18.60 -3.83
CA LYS I 339 31.60 18.53 -4.42
C LYS I 339 32.24 19.91 -4.54
N GLY I 340 31.63 20.79 -5.32
CA GLY I 340 32.19 22.10 -5.59
C GLY I 340 31.91 23.15 -4.55
N THR I 341 31.35 22.76 -3.39
CA THR I 341 31.04 23.73 -2.34
C THR I 341 32.21 24.03 -1.42
N GLY I 342 33.31 23.29 -1.56
CA GLY I 342 34.41 23.46 -0.59
C GLY I 342 35.64 24.18 -1.10
N ASN I 343 36.27 24.99 -0.25
CA ASN I 343 37.52 25.68 -0.63
C ASN I 343 38.66 24.66 -0.67
N MET I 344 38.80 23.85 0.38
CA MET I 344 39.89 22.85 0.46
C MET I 344 39.30 21.46 0.28
N GLU I 345 39.97 20.59 -0.46
CA GLU I 345 39.48 19.20 -0.59
C GLU I 345 40.56 18.25 -0.10
N LEU I 346 40.16 17.14 0.51
CA LEU I 346 41.10 16.14 1.01
C LEU I 346 40.48 14.77 0.78
N HIS I 347 40.93 14.08 -0.26
CA HIS I 347 40.36 12.81 -0.67
C HIS I 347 41.25 11.67 -0.17
N LEU I 348 40.65 10.74 0.56
CA LEU I 348 41.36 9.58 1.06
C LEU I 348 41.11 8.38 0.15
N SER I 349 42.06 7.44 0.17
CA SER I 349 41.99 6.26 -0.69
C SER I 349 42.02 5.01 0.19
N ARG I 350 41.06 4.11 -0.05
CA ARG I 350 41.03 2.86 0.71
C ARG I 350 42.20 1.96 0.35
N LYS I 351 42.60 1.97 -0.93
CA LYS I 351 43.69 1.10 -1.39
C LYS I 351 45.00 1.41 -0.67
N ILE I 352 45.27 2.69 -0.42
CA ILE I 352 46.47 3.06 0.31
C ILE I 352 46.43 2.51 1.73
N ALA I 353 45.26 2.60 2.38
CA ALA I 353 45.11 2.05 3.72
C ALA I 353 45.29 0.53 3.74
N GLU I 354 44.92 -0.13 2.64
CA GLU I 354 45.10 -1.58 2.55
C GLU I 354 46.57 -1.99 2.54
N LYS I 355 47.47 -1.06 2.20
CA LYS I 355 48.89 -1.32 2.18
C LYS I 355 49.56 -1.01 3.52
N ARG I 356 48.78 -0.69 4.55
CA ARG I 356 49.30 -0.36 5.87
C ARG I 356 50.24 0.85 5.81
N VAL I 357 49.89 1.81 4.95
CA VAL I 357 50.63 3.07 4.83
C VAL I 357 49.71 4.19 5.24
N PHE I 358 50.14 4.99 6.21
CA PHE I 358 49.31 6.08 6.72
C PHE I 358 50.09 7.39 6.73
N PRO I 359 49.42 8.52 6.49
CA PRO I 359 47.98 8.66 6.23
C PRO I 359 47.62 8.32 4.79
N ALA I 360 46.45 7.70 4.58
CA ALA I 360 46.01 7.30 3.24
C ALA I 360 45.37 8.51 2.57
N ILE I 361 46.22 9.39 2.06
CA ILE I 361 45.80 10.65 1.45
C ILE I 361 46.22 10.64 -0.02
N ASP I 362 45.26 10.93 -0.90
CA ASP I 362 45.54 11.03 -2.33
C ASP I 362 46.10 12.42 -2.60
N TYR I 363 47.43 12.50 -2.77
CA TYR I 363 48.08 13.79 -2.96
C TYR I 363 47.63 14.45 -4.26
N ASN I 364 47.51 13.67 -5.34
CA ASN I 364 47.10 14.24 -6.61
C ASN I 364 45.68 14.78 -6.55
N ARG I 365 44.77 14.05 -5.92
CA ARG I 365 43.38 14.49 -5.83
C ARG I 365 43.20 15.65 -4.87
N SER I 366 43.97 15.68 -3.78
CA SER I 366 43.86 16.75 -2.80
C SER I 366 44.37 18.06 -3.36
N GLY I 367 43.82 19.16 -2.85
CA GLY I 367 44.22 20.47 -3.30
C GLY I 367 43.48 21.55 -2.52
N THR I 368 43.81 22.80 -2.84
CA THR I 368 43.21 23.94 -2.18
C THR I 368 43.13 25.11 -3.14
N ARG I 369 42.25 26.06 -2.84
CA ARG I 369 42.05 27.25 -3.65
C ARG I 369 42.61 28.47 -2.93
N LYS I 370 43.17 29.40 -3.71
CA LYS I 370 43.73 30.64 -3.19
C LYS I 370 44.78 30.37 -2.12
N GLU I 371 45.68 29.42 -2.41
CA GLU I 371 46.76 29.10 -1.50
C GLU I 371 47.83 30.18 -1.44
N GLU I 372 47.78 31.16 -2.33
CA GLU I 372 48.76 32.25 -2.31
C GLU I 372 48.63 33.07 -1.03
N LEU I 373 47.40 33.32 -0.59
CA LEU I 373 47.18 34.12 0.62
C LEU I 373 47.68 33.41 1.88
N LEU I 374 47.50 32.09 1.95
CA LEU I 374 47.89 31.35 3.15
C LEU I 374 49.41 31.23 3.27
N THR I 375 50.04 30.58 2.29
CA THR I 375 51.47 30.37 2.32
C THR I 375 52.21 31.64 1.88
N THR I 376 53.52 31.62 2.02
CA THR I 376 54.35 32.74 1.60
C THR I 376 54.83 32.55 0.17
N GLN I 377 55.51 33.57 -0.36
CA GLN I 377 56.02 33.49 -1.72
C GLN I 377 57.05 32.38 -1.87
N GLU I 378 57.96 32.26 -0.91
CA GLU I 378 58.97 31.22 -0.97
C GLU I 378 58.37 29.84 -0.74
N GLU I 379 57.45 29.73 0.21
CA GLU I 379 56.84 28.43 0.52
C GLU I 379 55.96 27.94 -0.62
N LEU I 380 55.25 28.85 -1.29
CA LEU I 380 54.35 28.45 -2.36
C LEU I 380 55.10 27.82 -3.53
N GLN I 381 56.26 28.38 -3.90
CA GLN I 381 57.03 27.84 -5.01
C GLN I 381 57.54 26.43 -4.72
N LYS I 382 57.95 26.18 -3.47
CA LYS I 382 58.44 24.86 -3.09
C LYS I 382 57.34 23.81 -3.23
N MET I 383 56.10 24.15 -2.85
CA MET I 383 54.99 23.22 -3.00
C MET I 383 54.71 22.89 -4.45
N TRP I 384 54.83 23.89 -5.33
CA TRP I 384 54.60 23.65 -6.76
C TRP I 384 55.63 22.68 -7.32
N ILE I 385 56.90 22.80 -6.90
CA ILE I 385 57.93 21.90 -7.37
C ILE I 385 57.64 20.47 -6.94
N LEU I 386 57.19 20.29 -5.68
CA LEU I 386 56.88 18.96 -5.18
C LEU I 386 55.71 18.33 -5.96
N ARG I 387 54.69 19.13 -6.28
CA ARG I 387 53.54 18.60 -7.01
C ARG I 387 53.94 18.15 -8.41
N LYS I 388 54.91 18.83 -9.01
CA LYS I 388 55.36 18.45 -10.35
C LYS I 388 55.96 17.05 -10.36
N ILE I 389 56.74 16.72 -9.32
CA ILE I 389 57.34 15.39 -9.25
C ILE I 389 56.28 14.34 -8.94
N ILE I 390 55.34 14.65 -8.05
CA ILE I 390 54.36 13.68 -7.60
C ILE I 390 53.37 13.32 -8.71
N HIS I 391 53.00 14.29 -9.55
CA HIS I 391 51.92 14.09 -10.52
C HIS I 391 52.14 12.88 -11.44
N PRO I 392 53.31 12.68 -12.06
CA PRO I 392 53.50 11.47 -12.88
C PRO I 392 53.33 10.18 -12.08
N MET I 393 53.71 10.17 -10.81
CA MET I 393 53.58 8.97 -10.01
C MET I 393 52.11 8.69 -9.68
N GLY I 394 51.84 7.42 -9.38
CA GLY I 394 50.48 7.02 -9.07
C GLY I 394 50.04 7.50 -7.69
N GLU I 395 48.74 7.33 -7.43
CA GLU I 395 48.18 7.75 -6.16
C GLU I 395 48.71 6.93 -4.99
N ILE I 396 49.17 5.71 -5.24
CA ILE I 396 49.68 4.85 -4.17
C ILE I 396 51.19 4.99 -4.02
N ASP I 397 51.94 5.03 -5.13
CA ASP I 397 53.39 5.14 -5.06
C ASP I 397 53.83 6.49 -4.52
N ALA I 398 52.98 7.51 -4.59
CA ALA I 398 53.37 8.84 -4.13
C ALA I 398 53.51 8.90 -2.61
N MET I 399 52.74 8.09 -1.88
CA MET I 399 52.76 8.17 -0.42
C MET I 399 54.07 7.62 0.15
N GLU I 400 54.39 6.37 -0.18
CA GLU I 400 55.63 5.77 0.34
C GLU I 400 56.86 6.56 -0.13
N PHE I 401 56.78 7.16 -1.31
CA PHE I 401 57.85 8.07 -1.74
C PHE I 401 57.94 9.28 -0.81
N LEU I 402 56.79 9.84 -0.42
CA LEU I 402 56.80 11.00 0.45
C LEU I 402 57.08 10.63 1.90
N ILE I 403 56.64 9.44 2.33
CA ILE I 403 56.78 9.05 3.73
C ILE I 403 58.25 8.91 4.11
N ASN I 404 59.03 8.21 3.26
CA ASN I 404 60.44 7.99 3.59
C ASN I 404 61.21 9.31 3.59
N LYS I 405 60.90 10.22 2.67
CA LYS I 405 61.57 11.52 2.65
C LYS I 405 61.27 12.31 3.92
N LEU I 406 60.02 12.30 4.37
CA LEU I 406 59.67 13.02 5.58
C LEU I 406 60.15 12.30 6.83
N ALA I 407 60.31 10.98 6.76
CA ALA I 407 60.75 10.21 7.93
C ALA I 407 62.15 10.59 8.36
N MET I 408 63.07 10.81 7.42
CA MET I 408 64.45 11.12 7.74
C MET I 408 64.72 12.62 7.86
N THR I 409 63.70 13.46 7.71
CA THR I 409 63.83 14.90 7.88
C THR I 409 63.12 15.35 9.15
N LYS I 410 63.69 16.37 9.80
CA LYS I 410 63.14 16.86 11.05
C LYS I 410 61.86 17.66 10.80
N THR I 411 61.96 18.72 10.01
CA THR I 411 60.83 19.58 9.70
C THR I 411 60.58 19.60 8.19
N ASN I 412 59.48 20.25 7.80
CA ASN I 412 59.16 20.37 6.38
C ASN I 412 60.18 21.24 5.65
N ASP I 413 60.81 22.18 6.35
CA ASP I 413 61.84 23.01 5.74
C ASP I 413 63.04 22.16 5.32
N ASP I 414 63.43 21.20 6.16
CA ASP I 414 64.52 20.30 5.79
C ASP I 414 64.16 19.44 4.60
N PHE I 415 62.90 18.99 4.53
CA PHE I 415 62.45 18.23 3.37
C PHE I 415 62.46 19.09 2.11
N PHE I 416 62.05 20.36 2.22
CA PHE I 416 61.98 21.24 1.06
C PHE I 416 63.36 21.48 0.46
N GLU I 417 64.37 21.72 1.30
CA GLU I 417 65.71 21.98 0.77
C GLU I 417 66.34 20.72 0.19
N MET I 418 65.92 19.54 0.66
CA MET I 418 66.40 18.30 0.07
C MET I 418 65.92 18.12 -1.36
N MET I 419 64.66 18.45 -1.63
CA MET I 419 64.14 18.33 -3.00
C MET I 419 64.82 19.31 -3.93
N LYS I 420 65.34 20.42 -3.40
CA LYS I 420 66.03 21.40 -4.23
C LYS I 420 67.33 20.84 -4.79
N ARG I 421 67.91 19.83 -4.13
CA ARG I 421 69.13 19.21 -4.63
C ARG I 421 68.90 18.55 -5.99
N SER I 422 67.78 17.86 -6.15
CA SER I 422 67.47 17.19 -7.41
C SER I 422 67.00 18.19 -8.45
N MET J 4 10.71 -26.19 49.99
CA MET J 4 10.99 -25.12 50.94
C MET J 4 11.61 -23.91 50.22
N ASN J 5 12.43 -24.18 49.22
CA ASN J 5 13.11 -23.14 48.46
C ASN J 5 12.57 -23.13 47.04
N LEU J 6 12.18 -21.94 46.57
CA LEU J 6 11.52 -21.83 45.28
C LEU J 6 12.45 -22.18 44.12
N THR J 7 13.70 -21.71 44.18
CA THR J 7 14.62 -21.91 43.06
C THR J 7 14.94 -23.39 42.83
N GLU J 8 15.14 -24.15 43.91
CA GLU J 8 15.47 -25.56 43.76
C GLU J 8 14.25 -26.39 43.35
N LEU J 9 13.04 -25.92 43.66
CA LEU J 9 11.85 -26.69 43.32
C LEU J 9 11.57 -26.65 41.82
N LYS J 10 11.83 -25.52 41.16
CA LYS J 10 11.59 -25.43 39.72
C LYS J 10 12.62 -26.23 38.94
N ASN J 11 13.85 -26.33 39.44
CA ASN J 11 14.89 -27.09 38.74
C ASN J 11 14.66 -28.60 38.79
N THR J 12 13.81 -29.07 39.71
CA THR J 12 13.53 -30.48 39.80
C THR J 12 12.74 -30.96 38.57
N PRO J 13 12.93 -32.21 38.14
CA PRO J 13 12.18 -32.72 37.01
C PRO J 13 10.68 -32.76 37.29
N VAL J 14 9.88 -32.67 36.23
CA VAL J 14 8.43 -32.66 36.38
C VAL J 14 7.94 -33.99 36.94
N SER J 15 8.58 -35.09 36.55
CA SER J 15 8.18 -36.40 37.06
C SER J 15 8.38 -36.48 38.57
N GLU J 16 9.51 -35.97 39.07
CA GLU J 16 9.74 -35.95 40.51
C GLU J 16 8.80 -34.96 41.21
N LEU J 17 8.41 -33.90 40.51
CA LEU J 17 7.54 -32.89 41.12
C LEU J 17 6.19 -33.48 41.48
N ILE J 18 5.64 -34.34 40.61
CA ILE J 18 4.35 -34.99 40.91
C ILE J 18 4.50 -35.90 42.12
N THR J 19 5.58 -36.68 42.18
CA THR J 19 5.76 -37.62 43.28
C THR J 19 5.88 -36.89 44.62
N LEU J 20 6.55 -35.75 44.64
CA LEU J 20 6.70 -34.99 45.87
C LEU J 20 5.34 -34.51 46.39
N GLY J 21 4.48 -34.05 45.49
CA GLY J 21 3.18 -33.55 45.91
C GLY J 21 2.20 -34.63 46.32
N GLU J 22 2.37 -35.85 45.80
CA GLU J 22 1.45 -36.93 46.12
C GLU J 22 1.58 -37.34 47.59
N ASN J 23 2.82 -37.53 48.06
CA ASN J 23 3.02 -37.93 49.45
C ASN J 23 2.68 -36.81 50.42
N MET J 24 2.80 -35.55 49.97
CA MET J 24 2.47 -34.41 50.83
C MET J 24 0.99 -34.41 51.19
N GLY J 25 0.13 -34.73 50.23
CA GLY J 25 -1.29 -34.77 50.48
C GLY J 25 -2.13 -34.27 49.32
N LEU J 26 -1.48 -33.67 48.33
CA LEU J 26 -2.18 -33.16 47.16
C LEU J 26 -2.56 -34.29 46.21
N GLU J 27 -3.52 -34.01 45.34
CA GLU J 27 -4.04 -34.99 44.39
C GLU J 27 -4.30 -34.31 43.06
N ASN J 28 -4.32 -35.14 42.00
CA ASN J 28 -4.62 -34.68 40.64
C ASN J 28 -3.63 -33.61 40.17
N LEU J 29 -2.36 -33.79 40.51
CA LEU J 29 -1.31 -32.89 40.06
C LEU J 29 -0.66 -33.35 38.75
N ALA J 30 -0.99 -34.55 38.26
CA ALA J 30 -0.32 -35.08 37.08
C ALA J 30 -0.76 -34.36 35.81
N ARG J 31 -2.06 -34.15 35.64
CA ARG J 31 -2.60 -33.59 34.40
C ARG J 31 -2.86 -32.09 34.54
N MET J 32 -1.78 -31.34 34.73
CA MET J 32 -1.85 -29.89 34.81
C MET J 32 -0.47 -29.32 34.54
N ARG J 33 -0.43 -28.02 34.27
CA ARG J 33 0.83 -27.36 33.93
C ARG J 33 1.78 -27.38 35.12
N LYS J 34 3.09 -27.39 34.81
CA LYS J 34 4.10 -27.45 35.85
C LYS J 34 4.05 -26.22 36.76
N GLN J 35 3.72 -25.06 36.19
CA GLN J 35 3.65 -23.84 36.98
C GLN J 35 2.58 -23.93 38.06
N ASP J 36 1.42 -24.51 37.71
CA ASP J 36 0.35 -24.67 38.69
C ASP J 36 0.73 -25.66 39.78
N ILE J 37 1.49 -26.70 39.43
CA ILE J 37 1.91 -27.69 40.42
C ILE J 37 2.78 -27.03 41.49
N ILE J 38 3.70 -26.17 41.07
CA ILE J 38 4.58 -25.50 42.03
C ILE J 38 3.78 -24.62 42.97
N PHE J 39 2.79 -23.89 42.46
CA PHE J 39 1.94 -23.08 43.30
C PHE J 39 1.14 -23.95 44.28
N ALA J 40 0.63 -25.08 43.80
CA ALA J 40 -0.15 -25.98 44.67
C ALA J 40 0.72 -26.56 45.78
N ILE J 41 1.93 -26.99 45.45
CA ILE J 41 2.81 -27.58 46.45
C ILE J 41 3.19 -26.56 47.51
N LEU J 42 3.53 -25.33 47.07
CA LEU J 42 3.85 -24.28 48.03
C LEU J 42 2.65 -23.93 48.89
N LYS J 43 1.46 -23.92 48.31
CA LYS J 43 0.26 -23.62 49.07
C LYS J 43 0.03 -24.66 50.17
N GLN J 44 0.17 -25.95 49.84
CA GLN J 44 0.01 -26.99 50.84
C GLN J 44 1.12 -26.94 51.88
N HIS J 45 2.36 -26.71 51.44
CA HIS J 45 3.48 -26.64 52.37
C HIS J 45 3.39 -25.42 53.27
N ALA J 46 2.73 -24.36 52.80
CA ALA J 46 2.58 -23.15 53.63
C ALA J 46 1.69 -23.40 54.84
N LYS J 47 0.77 -24.37 54.74
CA LYS J 47 -0.11 -24.67 55.87
C LYS J 47 0.66 -25.23 57.05
N SER J 48 1.81 -25.87 56.81
CA SER J 48 2.61 -26.41 57.89
C SER J 48 3.27 -25.32 58.74
N GLY J 49 3.35 -24.10 58.22
CA GLY J 49 3.95 -23.00 58.93
C GLY J 49 5.44 -22.80 58.68
N GLU J 50 6.09 -23.72 57.96
CA GLU J 50 7.51 -23.58 57.67
C GLU J 50 7.75 -22.42 56.71
N ASP J 51 8.88 -21.74 56.92
CA ASP J 51 9.24 -20.62 56.06
C ASP J 51 9.57 -21.09 54.66
N ILE J 52 9.24 -20.26 53.67
CA ILE J 52 9.47 -20.56 52.26
C ILE J 52 10.39 -19.50 51.69
N PHE J 53 11.46 -19.94 51.01
CA PHE J 53 12.44 -19.04 50.41
C PHE J 53 12.17 -18.92 48.92
N GLY J 54 12.29 -17.69 48.41
CA GLY J 54 12.06 -17.44 47.00
C GLY J 54 13.01 -16.40 46.47
N ASP J 55 13.23 -16.45 45.15
CA ASP J 55 14.12 -15.52 44.49
C ASP J 55 13.76 -15.44 43.01
N GLY J 56 14.25 -14.40 42.36
CA GLY J 56 13.99 -14.20 40.95
C GLY J 56 14.42 -12.82 40.52
N VAL J 57 14.00 -12.45 39.31
CA VAL J 57 14.29 -11.14 38.73
C VAL J 57 13.08 -10.24 38.91
N LEU J 58 13.29 -9.06 39.47
CA LEU J 58 12.23 -8.13 39.80
C LEU J 58 11.95 -7.20 38.62
N GLU J 59 10.68 -7.02 38.31
CA GLU J 59 10.24 -6.06 37.30
C GLU J 59 9.12 -5.20 37.89
N ILE J 60 8.98 -3.98 37.38
CA ILE J 60 7.98 -3.03 37.87
C ILE J 60 7.00 -2.75 36.74
N LEU J 61 5.72 -2.92 37.03
CA LEU J 61 4.67 -2.65 36.07
C LEU J 61 4.36 -1.15 36.01
N GLN J 62 3.49 -0.76 35.08
CA GLN J 62 3.14 0.64 34.93
C GLN J 62 2.25 1.15 36.05
N ASP J 63 1.45 0.28 36.66
CA ASP J 63 0.59 0.72 37.77
C ASP J 63 1.40 1.15 38.98
N GLY J 64 2.50 0.45 39.26
CA GLY J 64 3.33 0.78 40.39
C GLY J 64 3.81 -0.44 41.16
N PHE J 65 3.00 -1.49 41.19
CA PHE J 65 3.41 -2.74 41.81
C PHE J 65 4.23 -3.57 40.84
N GLY J 66 4.96 -4.55 41.39
CA GLY J 66 5.83 -5.38 40.60
C GLY J 66 5.68 -6.85 40.96
N PHE J 67 6.32 -7.69 40.14
CA PHE J 67 6.35 -9.13 40.35
C PHE J 67 7.79 -9.62 40.21
N LEU J 68 8.09 -10.73 40.90
CA LEU J 68 9.43 -11.32 40.89
C LEU J 68 9.43 -12.49 39.90
N ARG J 69 9.75 -12.17 38.65
CA ARG J 69 9.76 -13.19 37.61
C ARG J 69 10.94 -14.15 37.80
N SER J 70 10.78 -15.36 37.28
CA SER J 70 11.80 -16.40 37.35
C SER J 70 12.42 -16.60 35.98
N ALA J 71 13.76 -16.64 35.93
CA ALA J 71 14.45 -16.84 34.66
C ALA J 71 14.31 -18.26 34.12
N ASP J 72 13.92 -19.21 34.97
CA ASP J 72 13.76 -20.59 34.51
C ASP J 72 12.64 -20.72 33.48
N SER J 73 11.52 -20.01 33.69
CA SER J 73 10.39 -20.04 32.78
C SER J 73 10.46 -18.95 31.72
N SER J 74 11.66 -18.45 31.41
CA SER J 74 11.85 -17.38 30.43
C SER J 74 11.06 -16.13 30.80
N TYR J 75 10.99 -15.83 32.09
CA TYR J 75 10.28 -14.66 32.61
C TYR J 75 8.82 -14.63 32.16
N LEU J 76 8.17 -15.79 32.19
CA LEU J 76 6.77 -15.90 31.81
C LEU J 76 5.88 -15.70 33.03
N ALA J 77 4.80 -14.94 32.85
CA ALA J 77 3.86 -14.69 33.94
C ALA J 77 3.20 -16.00 34.36
N GLY J 78 3.13 -16.22 35.67
CA GLY J 78 2.53 -17.42 36.21
C GLY J 78 2.00 -17.22 37.61
N PRO J 79 1.17 -18.17 38.07
CA PRO J 79 0.63 -18.08 39.43
C PRO J 79 1.68 -18.13 40.52
N ASP J 80 2.86 -18.68 40.24
CA ASP J 80 3.92 -18.82 41.23
C ASP J 80 4.81 -17.59 41.35
N ASP J 81 4.53 -16.53 40.57
CA ASP J 81 5.32 -15.32 40.65
C ASP J 81 5.10 -14.62 41.99
N ILE J 82 6.18 -14.07 42.54
CA ILE J 82 6.14 -13.41 43.83
C ILE J 82 5.75 -11.96 43.65
N TYR J 83 4.72 -11.53 44.39
CA TYR J 83 4.23 -10.15 44.33
C TYR J 83 4.91 -9.32 45.41
N VAL J 84 5.29 -8.10 45.04
CA VAL J 84 5.93 -7.16 45.95
C VAL J 84 5.11 -5.87 46.00
N SER J 85 4.84 -5.40 47.21
CA SER J 85 4.08 -4.17 47.37
C SER J 85 4.93 -2.96 46.98
N PRO J 86 4.30 -1.88 46.50
CA PRO J 86 5.07 -0.67 46.19
C PRO J 86 5.75 -0.06 47.40
N SER J 87 5.27 -0.34 48.61
CA SER J 87 5.90 0.20 49.81
C SER J 87 7.33 -0.32 49.98
N GLN J 88 7.55 -1.60 49.68
CA GLN J 88 8.90 -2.17 49.79
C GLN J 88 9.85 -1.52 48.79
N ILE J 89 9.31 -1.00 47.69
CA ILE J 89 10.15 -0.33 46.69
C ILE J 89 10.76 0.94 47.26
N ARG J 90 9.99 1.70 48.05
CA ARG J 90 10.54 2.90 48.67
C ARG J 90 11.62 2.57 49.68
N ARG J 91 11.41 1.51 50.47
CA ARG J 91 12.41 1.12 51.47
C ARG J 91 13.72 0.72 50.79
N PHE J 92 13.65 -0.04 49.71
CA PHE J 92 14.83 -0.49 48.97
C PHE J 92 14.72 -0.10 47.51
N ASN J 93 15.55 0.83 47.06
CA ASN J 93 15.53 1.29 45.67
C ASN J 93 15.74 0.12 44.72
N LEU J 94 14.66 -0.28 44.05
CA LEU J 94 14.71 -1.37 43.09
C LEU J 94 14.16 -0.91 41.75
N ARG J 95 14.77 -1.40 40.68
CA ARG J 95 14.30 -1.15 39.32
C ARG J 95 14.22 -2.49 38.59
N THR J 96 13.67 -2.46 37.38
CA THR J 96 13.56 -3.67 36.58
C THR J 96 14.93 -4.26 36.29
N GLY J 97 15.06 -5.57 36.49
CA GLY J 97 16.27 -6.29 36.15
C GLY J 97 17.01 -6.89 37.33
N ASP J 98 16.93 -6.25 38.50
CA ASP J 98 17.71 -6.70 39.65
C ASP J 98 17.16 -8.00 40.22
N THR J 99 18.02 -8.76 40.89
CA THR J 99 17.65 -10.02 41.52
C THR J 99 17.33 -9.80 42.99
N ILE J 100 16.17 -10.27 43.42
CA ILE J 100 15.71 -10.14 44.80
C ILE J 100 15.49 -11.53 45.37
N SER J 101 16.10 -11.79 46.52
CA SER J 101 15.98 -13.07 47.20
C SER J 101 15.60 -12.85 48.66
N GLY J 102 14.64 -13.62 49.15
CA GLY J 102 14.21 -13.51 50.53
C GLY J 102 13.03 -14.40 50.80
N LYS J 103 12.54 -14.31 52.05
CA LYS J 103 11.41 -15.11 52.47
C LYS J 103 10.11 -14.57 51.87
N ILE J 104 9.19 -15.48 51.56
CA ILE J 104 7.89 -15.13 51.00
C ILE J 104 6.80 -15.70 51.90
N ARG J 105 5.78 -14.87 52.18
CA ARG J 105 4.69 -15.29 53.05
C ARG J 105 3.58 -15.95 52.23
N PRO J 106 2.79 -16.83 52.86
CA PRO J 106 1.65 -17.43 52.15
C PRO J 106 0.66 -16.37 51.73
N PRO J 107 0.06 -16.52 50.54
CA PRO J 107 -0.93 -15.53 50.08
C PRO J 107 -2.22 -15.65 50.86
N LYS J 108 -2.70 -14.51 51.38
CA LYS J 108 -3.95 -14.50 52.11
C LYS J 108 -5.13 -14.61 51.15
N GLU J 109 -6.33 -14.63 51.71
CA GLU J 109 -7.54 -14.69 50.88
C GLU J 109 -7.69 -13.39 50.10
N GLY J 110 -8.10 -13.53 48.84
CA GLY J 110 -8.28 -12.38 47.97
C GLY J 110 -7.12 -12.10 47.04
N GLU J 111 -5.94 -12.67 47.30
CA GLU J 111 -4.79 -12.51 46.43
C GLU J 111 -4.35 -13.86 45.90
N ARG J 112 -3.86 -13.86 44.66
CA ARG J 112 -3.48 -15.09 43.96
C ARG J 112 -1.97 -15.24 43.82
N TYR J 113 -1.18 -14.37 44.47
CA TYR J 113 0.27 -14.39 44.32
C TYR J 113 0.92 -14.29 45.70
N PHE J 114 2.07 -14.93 45.83
CA PHE J 114 2.85 -14.85 47.06
C PHE J 114 3.40 -13.45 47.24
N ALA J 115 3.56 -13.05 48.50
CA ALA J 115 4.08 -11.74 48.85
C ALA J 115 5.42 -11.87 49.55
N LEU J 116 6.35 -10.97 49.22
CA LEU J 116 7.67 -10.99 49.83
C LEU J 116 7.60 -10.46 51.26
N LEU J 117 8.16 -11.22 52.19
CA LEU J 117 8.14 -10.83 53.61
C LEU J 117 9.38 -10.02 53.98
N LYS J 118 10.57 -10.60 53.79
CA LYS J 118 11.81 -9.93 54.12
C LYS J 118 12.85 -10.28 53.05
N VAL J 119 13.55 -9.27 52.56
CA VAL J 119 14.60 -9.45 51.56
C VAL J 119 15.96 -9.38 52.25
N ASN J 120 16.79 -10.39 52.02
CA ASN J 120 18.10 -10.47 52.64
C ASN J 120 19.24 -10.58 51.62
N GLU J 121 18.93 -10.49 50.33
CA GLU J 121 19.96 -10.62 49.30
C GLU J 121 19.50 -9.89 48.05
N VAL J 122 20.23 -8.85 47.66
CA VAL J 122 19.93 -8.07 46.48
C VAL J 122 21.14 -8.10 45.56
N ASN J 123 20.96 -8.60 44.35
CA ASN J 123 22.03 -8.70 43.34
C ASN J 123 23.24 -9.43 43.91
N PHE J 124 22.98 -10.53 44.62
CA PHE J 124 24.03 -11.32 45.28
C PHE J 124 24.87 -10.45 46.21
N ASP J 125 24.22 -9.54 46.92
CA ASP J 125 24.89 -8.61 47.81
C ASP J 125 23.92 -8.15 48.88
N LYS J 126 24.47 -7.54 49.92
CA LYS J 126 23.64 -7.00 51.01
C LYS J 126 22.74 -5.90 50.46
N PRO J 127 21.46 -5.86 50.85
CA PRO J 127 20.56 -4.83 50.31
C PRO J 127 21.02 -3.41 50.60
N GLU J 128 21.64 -3.16 51.76
CA GLU J 128 22.13 -1.83 52.07
C GLU J 128 23.24 -1.41 51.10
N ASN J 129 24.14 -2.33 50.76
CA ASN J 129 25.23 -2.01 49.84
C ASN J 129 24.71 -1.76 48.43
N ALA J 130 23.66 -2.48 48.02
CA ALA J 130 23.12 -2.29 46.68
C ALA J 130 22.48 -0.91 46.52
N ARG J 131 22.04 -0.30 47.62
CA ARG J 131 21.43 1.02 47.56
C ARG J 131 22.42 2.11 47.17
N ASN J 132 23.72 1.89 47.36
CA ASN J 132 24.74 2.89 47.07
C ASN J 132 25.42 2.67 45.72
N LYS J 133 24.92 1.73 44.93
CA LYS J 133 25.53 1.45 43.63
C LYS J 133 25.30 2.59 42.66
N ILE J 134 26.25 2.86 41.77
CA ILE J 134 26.01 3.94 40.78
C ILE J 134 25.20 3.39 39.60
N LEU J 135 24.28 4.17 39.06
CA LEU J 135 23.41 3.70 37.95
C LEU J 135 24.29 3.43 36.71
N PHE J 136 23.80 2.62 35.78
CA PHE J 136 24.60 2.26 34.59
C PHE J 136 24.73 3.46 33.67
N GLU J 137 23.71 4.32 33.62
CA GLU J 137 23.78 5.38 32.63
C GLU J 137 24.81 6.45 32.98
N ASN J 138 25.17 6.56 34.26
CA ASN J 138 26.18 7.54 34.66
C ASN J 138 27.61 7.06 34.43
N LEU J 139 27.80 5.78 34.14
CA LEU J 139 29.14 5.24 33.90
C LEU J 139 29.68 5.70 32.56
N THR J 140 31.00 5.87 32.50
CA THR J 140 31.66 6.35 31.29
C THR J 140 32.12 5.18 30.45
N PRO J 141 31.59 4.97 29.25
CA PRO J 141 32.04 3.86 28.42
C PRO J 141 33.44 4.11 27.85
N LEU J 142 34.11 3.01 27.52
CA LEU J 142 35.43 3.05 26.91
C LEU J 142 35.53 1.95 25.87
N HIS J 143 36.62 1.98 25.10
CA HIS J 143 36.87 0.94 24.12
C HIS J 143 37.29 -0.36 24.79
N ALA J 144 37.08 -1.47 24.09
CA ALA J 144 37.43 -2.78 24.62
C ALA J 144 38.94 -2.92 24.77
N ASN J 145 39.37 -3.48 25.91
CA ASN J 145 40.79 -3.68 26.18
C ASN J 145 41.12 -5.05 26.74
N SER J 146 40.14 -5.86 27.11
CA SER J 146 40.35 -7.19 27.69
C SER J 146 40.15 -8.23 26.60
N ARG J 147 41.24 -8.86 26.15
CA ARG J 147 41.15 -9.85 25.08
C ARG J 147 40.50 -11.13 25.59
N LEU J 148 39.53 -11.62 24.82
CA LEU J 148 38.83 -12.87 25.12
C LEU J 148 39.33 -13.94 24.15
N ARG J 149 40.08 -14.91 24.69
CA ARG J 149 40.65 -15.97 23.86
C ARG J 149 39.54 -16.93 23.45
N MET J 150 39.08 -16.83 22.20
CA MET J 150 38.01 -17.69 21.71
C MET J 150 38.52 -19.08 21.31
N GLU J 151 39.83 -19.24 21.14
CA GLU J 151 40.39 -20.52 20.72
C GLU J 151 40.46 -21.48 21.91
N ARG J 152 40.09 -22.74 21.66
CA ARG J 152 40.12 -23.79 22.67
C ARG J 152 41.19 -24.79 22.27
N GLY J 153 42.14 -25.05 23.18
CA GLY J 153 43.23 -25.96 22.90
C GLY J 153 43.00 -27.37 23.39
N ASN J 154 42.41 -27.50 24.59
CA ASN J 154 42.21 -28.82 25.18
C ASN J 154 41.23 -29.65 24.36
N ASP J 155 40.17 -29.04 23.83
CA ASP J 155 39.18 -29.79 23.05
C ASP J 155 39.80 -30.37 21.79
N SER J 156 40.53 -29.54 21.04
CA SER J 156 41.19 -29.97 19.79
C SER J 156 40.20 -30.60 18.83
N THR J 157 39.00 -30.03 18.75
CA THR J 157 37.96 -30.57 17.89
C THR J 157 38.28 -30.32 16.42
N GLU J 158 37.60 -31.06 15.55
CA GLU J 158 37.81 -30.91 14.12
C GLU J 158 37.26 -29.57 13.60
N ASP J 159 36.36 -28.93 14.34
CA ASP J 159 35.83 -27.65 13.92
C ASP J 159 36.87 -26.55 14.12
N LEU J 160 37.09 -25.75 13.08
CA LEU J 160 38.05 -24.65 13.11
C LEU J 160 37.38 -23.30 13.28
N THR J 161 36.11 -23.28 13.66
CA THR J 161 35.38 -22.01 13.79
C THR J 161 36.01 -21.11 14.85
N ALA J 162 36.39 -21.69 15.99
CA ALA J 162 37.02 -20.89 17.05
C ALA J 162 38.34 -20.30 16.59
N ARG J 163 39.16 -21.09 15.89
CA ARG J 163 40.44 -20.60 15.42
C ARG J 163 40.27 -19.52 14.36
N VAL J 164 39.30 -19.69 13.45
CA VAL J 164 39.08 -18.69 12.41
C VAL J 164 38.54 -17.40 13.00
N LEU J 165 37.67 -17.50 14.00
CA LEU J 165 37.03 -16.30 14.56
C LEU J 165 38.07 -15.36 15.17
N ASP J 166 39.07 -15.91 15.88
CA ASP J 166 40.12 -15.06 16.43
C ASP J 166 40.93 -14.39 15.33
N LEU J 167 41.26 -15.12 14.27
CA LEU J 167 42.03 -14.54 13.18
C LEU J 167 41.22 -13.51 12.41
N ALA J 168 39.95 -13.82 12.12
CA ALA J 168 39.12 -12.92 11.32
C ALA J 168 38.79 -11.66 12.09
N SER J 169 38.33 -11.80 13.33
CA SER J 169 37.93 -10.65 14.13
C SER J 169 38.01 -10.97 15.61
N PRO J 170 39.04 -10.49 16.31
CA PRO J 170 39.12 -10.74 17.76
C PRO J 170 37.96 -10.09 18.50
N ILE J 171 37.51 -10.75 19.57
CA ILE J 171 36.39 -10.30 20.37
C ILE J 171 36.89 -10.02 21.78
N GLY J 172 36.57 -8.82 22.29
CA GLY J 172 36.93 -8.43 23.63
C GLY J 172 35.72 -8.18 24.50
N ARG J 173 36.01 -7.77 25.74
CA ARG J 173 34.96 -7.45 26.70
C ARG J 173 34.38 -6.08 26.39
N GLY J 174 33.05 -6.00 26.40
CA GLY J 174 32.38 -4.74 26.10
C GLY J 174 32.20 -4.44 24.63
N GLN J 175 32.43 -5.42 23.75
CA GLN J 175 32.24 -5.22 22.32
C GLN J 175 30.77 -5.09 21.98
N ARG J 176 30.50 -4.34 20.92
CA ARG J 176 29.15 -4.14 20.40
C ARG J 176 29.05 -4.65 18.97
N GLY J 177 29.63 -5.83 18.72
CA GLY J 177 29.66 -6.36 17.38
C GLY J 177 28.33 -6.98 16.97
N LEU J 178 28.18 -7.16 15.66
CA LEU J 178 27.01 -7.81 15.09
C LEU J 178 27.46 -8.81 14.04
N ILE J 179 26.62 -9.81 13.80
CA ILE J 179 26.91 -10.89 12.84
C ILE J 179 25.92 -10.77 11.70
N VAL J 180 26.44 -10.68 10.48
CA VAL J 180 25.63 -10.65 9.27
C VAL J 180 25.60 -12.06 8.71
N ALA J 181 24.47 -12.74 8.86
CA ALA J 181 24.34 -14.15 8.51
C ALA J 181 23.16 -14.35 7.57
N PRO J 182 23.39 -14.77 6.33
CA PRO J 182 22.27 -15.15 5.46
C PRO J 182 21.61 -16.42 5.95
N PRO J 183 20.36 -16.69 5.55
CA PRO J 183 19.70 -17.92 5.99
C PRO J 183 20.44 -19.16 5.51
N LYS J 184 20.40 -20.20 6.34
CA LYS J 184 21.07 -21.48 6.06
C LYS J 184 22.57 -21.28 5.82
N ALA J 185 23.21 -20.53 6.72
CA ALA J 185 24.64 -20.29 6.65
C ALA J 185 25.35 -20.66 7.96
N GLY J 186 24.79 -21.57 8.73
CA GLY J 186 25.38 -21.97 9.99
C GLY J 186 25.40 -20.88 11.04
N LYS J 187 24.34 -20.07 11.10
CA LYS J 187 24.28 -19.00 12.10
C LYS J 187 24.07 -19.56 13.50
N THR J 188 23.20 -20.57 13.63
CA THR J 188 22.90 -21.12 14.94
C THR J 188 24.13 -21.78 15.56
N MET J 189 24.86 -22.58 14.77
CA MET J 189 26.03 -23.26 15.30
C MET J 189 27.17 -22.28 15.57
N LEU J 190 27.17 -21.14 14.88
CA LEU J 190 28.19 -20.13 15.13
C LEU J 190 28.10 -19.58 16.54
N LEU J 191 26.87 -19.30 17.00
CA LEU J 191 26.69 -18.81 18.36
C LEU J 191 26.99 -19.89 19.38
N GLN J 192 26.64 -21.15 19.07
CA GLN J 192 26.89 -22.23 20.01
C GLN J 192 28.37 -22.44 20.26
N ASN J 193 29.18 -22.37 19.20
CA ASN J 193 30.63 -22.53 19.36
C ASN J 193 31.21 -21.42 20.21
N ILE J 194 30.74 -20.18 20.00
CA ILE J 194 31.21 -19.06 20.81
C ILE J 194 30.85 -19.27 22.28
N ALA J 195 29.63 -19.76 22.54
CA ALA J 195 29.19 -19.98 23.91
C ALA J 195 30.05 -21.03 24.61
N GLN J 196 30.46 -22.08 23.89
CA GLN J 196 31.30 -23.10 24.50
C GLN J 196 32.64 -22.52 24.94
N SER J 197 33.26 -21.68 24.11
CA SER J 197 34.55 -21.11 24.46
C SER J 197 34.42 -20.15 25.64
N ILE J 198 33.36 -19.34 25.67
CA ILE J 198 33.16 -18.39 26.77
C ILE J 198 32.97 -19.14 28.09
N ALA J 199 32.16 -20.20 28.09
CA ALA J 199 31.94 -20.98 29.30
C ALA J 199 33.19 -21.76 29.72
N TYR J 200 34.14 -21.94 28.81
CA TYR J 200 35.37 -22.68 29.09
C TYR J 200 36.55 -21.76 29.40
N ASN J 201 36.83 -20.80 28.52
CA ASN J 201 38.00 -19.94 28.70
C ASN J 201 37.78 -18.92 29.80
N HIS J 202 36.56 -18.41 29.96
CA HIS J 202 36.24 -17.39 30.95
C HIS J 202 35.02 -17.83 31.75
N PRO J 203 35.18 -18.79 32.66
CA PRO J 203 34.04 -19.20 33.50
C PRO J 203 33.51 -18.09 34.39
N ASP J 204 34.37 -17.14 34.77
CA ASP J 204 33.93 -16.06 35.66
C ASP J 204 32.91 -15.15 34.99
N CYS J 205 33.08 -14.91 33.69
CA CYS J 205 32.16 -14.03 32.97
C CYS J 205 30.77 -14.64 32.90
N VAL J 206 29.75 -13.81 33.11
CA VAL J 206 28.36 -14.26 33.05
C VAL J 206 27.92 -14.28 31.60
N LEU J 207 27.42 -15.44 31.16
CA LEU J 207 26.97 -15.63 29.79
C LEU J 207 25.45 -15.74 29.77
N MET J 208 24.80 -14.89 28.97
CA MET J 208 23.35 -14.90 28.82
C MET J 208 23.02 -14.99 27.35
N VAL J 209 22.10 -15.89 27.00
CA VAL J 209 21.69 -16.13 25.62
C VAL J 209 20.22 -15.77 25.50
N LEU J 210 19.90 -14.89 24.56
CA LEU J 210 18.52 -14.48 24.29
C LEU J 210 18.17 -14.83 22.85
N LEU J 211 17.06 -15.54 22.67
CA LEU J 211 16.59 -15.97 21.36
C LEU J 211 15.18 -15.47 21.13
N ILE J 212 14.92 -14.95 19.93
CA ILE J 212 13.63 -14.39 19.56
C ILE J 212 13.08 -15.16 18.38
N ASP J 213 11.81 -15.57 18.48
CA ASP J 213 11.09 -16.25 17.39
C ASP J 213 11.81 -17.53 16.96
N GLU J 214 12.28 -18.30 17.94
CA GLU J 214 12.95 -19.56 17.68
C GLU J 214 12.02 -20.73 17.96
N ARG J 215 12.24 -21.84 17.26
CA ARG J 215 11.42 -23.02 17.42
C ARG J 215 11.64 -23.63 18.81
N PRO J 216 10.62 -24.29 19.37
CA PRO J 216 10.77 -24.87 20.71
C PRO J 216 11.89 -25.89 20.81
N GLU J 217 12.10 -26.70 19.77
CA GLU J 217 13.18 -27.69 19.82
C GLU J 217 14.54 -27.01 19.73
N GLU J 218 14.62 -25.85 19.08
CA GLU J 218 15.88 -25.12 19.03
C GLU J 218 16.24 -24.53 20.39
N VAL J 219 15.23 -24.10 21.16
CA VAL J 219 15.49 -23.54 22.49
C VAL J 219 16.02 -24.62 23.42
N THR J 220 15.42 -25.82 23.36
CA THR J 220 15.85 -26.90 24.25
C THR J 220 17.29 -27.32 23.97
N GLU J 221 17.68 -27.40 22.69
CA GLU J 221 19.04 -27.76 22.36
C GLU J 221 20.02 -26.71 22.86
N MET J 222 19.64 -25.43 22.77
CA MET J 222 20.52 -24.36 23.23
C MET J 222 20.77 -24.44 24.73
N GLN J 223 19.73 -24.75 25.51
CA GLN J 223 19.89 -24.87 26.94
C GLN J 223 20.83 -26.02 27.31
N ARG J 224 20.69 -27.15 26.64
CA ARG J 224 21.55 -28.30 26.93
C ARG J 224 22.99 -28.04 26.54
N LEU J 225 23.23 -27.30 25.46
CA LEU J 225 24.59 -27.09 24.97
C LEU J 225 25.28 -25.95 25.71
N VAL J 226 24.59 -24.83 25.89
CA VAL J 226 25.19 -23.65 26.52
C VAL J 226 25.22 -23.85 28.02
N LYS J 227 26.40 -23.67 28.62
CA LYS J 227 26.57 -23.78 30.07
C LYS J 227 26.39 -22.39 30.68
N GLY J 228 25.13 -21.98 30.79
CA GLY J 228 24.83 -20.68 31.34
C GLY J 228 23.34 -20.45 31.40
N GLU J 229 22.95 -19.18 31.50
CA GLU J 229 21.55 -18.79 31.57
C GLU J 229 21.03 -18.54 30.17
N VAL J 230 20.03 -19.32 29.75
CA VAL J 230 19.45 -19.22 28.43
C VAL J 230 17.96 -18.91 28.59
N VAL J 231 17.52 -17.83 27.95
CA VAL J 231 16.11 -17.44 27.94
C VAL J 231 15.71 -17.16 26.49
N ALA J 232 14.52 -17.63 26.12
CA ALA J 232 14.07 -17.50 24.74
C ALA J 232 12.55 -17.40 24.71
N SER J 233 12.05 -16.87 23.60
CA SER J 233 10.61 -16.73 23.36
C SER J 233 10.26 -17.42 22.05
N THR J 234 9.26 -18.29 22.09
CA THR J 234 8.86 -19.04 20.91
C THR J 234 8.04 -18.16 19.96
N PHE J 235 7.91 -18.64 18.71
CA PHE J 235 7.20 -17.87 17.70
C PHE J 235 5.71 -17.75 18.00
N ASP J 236 5.12 -18.79 18.61
CA ASP J 236 3.68 -18.77 18.88
C ASP J 236 3.31 -17.72 19.92
N GLU J 237 4.25 -17.30 20.76
CA GLU J 237 3.97 -16.26 21.74
C GLU J 237 3.76 -14.92 21.05
N PRO J 238 2.96 -14.03 21.63
CA PRO J 238 2.67 -12.75 20.99
C PRO J 238 3.90 -11.86 20.92
N ALA J 239 3.82 -10.85 20.04
CA ALA J 239 4.93 -9.93 19.86
C ALA J 239 5.21 -9.14 21.14
N SER J 240 4.18 -8.90 21.97
CA SER J 240 4.41 -8.21 23.23
C SER J 240 5.26 -9.04 24.18
N ARG J 241 5.15 -10.36 24.11
CA ARG J 241 6.00 -11.23 24.91
C ARG J 241 7.47 -11.08 24.53
N HIS J 242 7.74 -10.93 23.23
CA HIS J 242 9.12 -10.73 22.77
C HIS J 242 9.71 -9.44 23.31
N VAL J 243 8.90 -8.37 23.34
CA VAL J 243 9.37 -7.11 23.90
C VAL J 243 9.63 -7.23 25.38
N GLN J 244 8.73 -7.92 26.10
CA GLN J 244 8.87 -8.03 27.55
C GLN J 244 10.14 -8.76 27.95
N VAL J 245 10.46 -9.86 27.26
CA VAL J 245 11.67 -10.60 27.59
C VAL J 245 12.92 -9.87 27.14
N ALA J 246 12.86 -9.12 26.05
CA ALA J 246 14.05 -8.40 25.57
C ALA J 246 14.49 -7.34 26.57
N GLU J 247 13.53 -6.59 27.12
CA GLU J 247 13.89 -5.58 28.12
C GLU J 247 14.34 -6.23 29.42
N MET J 248 13.83 -7.43 29.72
CA MET J 248 14.22 -8.11 30.95
C MET J 248 15.70 -8.48 30.95
N VAL J 249 16.21 -8.94 29.81
CA VAL J 249 17.59 -9.39 29.73
C VAL J 249 18.55 -8.21 29.90
N ILE J 250 18.29 -7.11 29.19
CA ILE J 250 19.21 -5.98 29.22
C ILE J 250 19.18 -5.28 30.57
N GLU J 251 17.99 -5.16 31.18
CA GLU J 251 17.90 -4.55 32.50
C GLU J 251 18.60 -5.39 33.55
N LYS J 252 18.49 -6.71 33.46
CA LYS J 252 19.22 -7.59 34.36
C LYS J 252 20.72 -7.45 34.17
N ALA J 253 21.17 -7.35 32.92
CA ALA J 253 22.60 -7.21 32.65
C ALA J 253 23.14 -5.90 33.21
N LYS J 254 22.38 -4.81 33.08
CA LYS J 254 22.85 -3.51 33.56
C LYS J 254 23.07 -3.52 35.06
N ARG J 255 22.17 -4.16 35.81
CA ARG J 255 22.32 -4.24 37.26
C ARG J 255 23.57 -5.03 37.64
N LEU J 256 23.84 -6.12 36.92
CA LEU J 256 25.04 -6.90 37.20
C LEU J 256 26.31 -6.13 36.87
N VAL J 257 26.28 -5.30 35.82
CA VAL J 257 27.44 -4.51 35.46
C VAL J 257 27.77 -3.50 36.56
N GLU J 258 26.73 -2.93 37.20
CA GLU J 258 26.96 -1.99 38.27
C GLU J 258 27.68 -2.62 39.46
N HIS J 259 27.63 -3.94 39.61
CA HIS J 259 28.31 -4.64 40.68
C HIS J 259 29.69 -5.15 40.28
N LYS J 260 30.36 -4.46 39.35
CA LYS J 260 31.71 -4.81 38.90
C LYS J 260 31.78 -6.21 38.32
N LYS J 261 30.75 -6.62 37.57
CA LYS J 261 30.70 -7.92 36.93
C LYS J 261 30.64 -7.76 35.42
N ASP J 262 31.14 -8.77 34.70
CA ASP J 262 31.16 -8.78 33.24
C ASP J 262 30.03 -9.66 32.73
N VAL J 263 29.21 -9.12 31.84
CA VAL J 263 28.06 -9.84 31.28
C VAL J 263 28.22 -9.89 29.77
N ILE J 264 28.05 -11.09 29.20
CA ILE J 264 28.12 -11.30 27.77
C ILE J 264 26.74 -11.76 27.30
N ILE J 265 26.18 -11.07 26.31
CA ILE J 265 24.85 -11.34 25.81
C ILE J 265 24.96 -11.76 24.35
N LEU J 266 24.38 -12.92 24.02
CA LEU J 266 24.30 -13.40 22.65
C LEU J 266 22.89 -13.15 22.14
N LEU J 267 22.75 -12.17 21.25
CA LEU J 267 21.45 -11.74 20.76
C LEU J 267 21.14 -12.40 19.42
N ASP J 268 19.91 -12.89 19.28
CA ASP J 268 19.45 -13.51 18.04
C ASP J 268 17.93 -13.39 18.01
N SER J 269 17.42 -12.51 17.15
CA SER J 269 18.20 -11.67 16.24
C SER J 269 17.68 -10.23 16.28
N ILE J 270 18.54 -9.30 15.85
CA ILE J 270 18.14 -7.89 15.80
C ILE J 270 16.97 -7.70 14.85
N THR J 271 17.02 -8.34 13.68
CA THR J 271 15.91 -8.25 12.74
C THR J 271 14.63 -8.81 13.34
N ARG J 272 14.73 -9.95 14.02
CA ARG J 272 13.56 -10.50 14.71
C ARG J 272 13.13 -9.60 15.87
N LEU J 273 14.10 -9.05 16.61
CA LEU J 273 13.76 -8.15 17.71
C LEU J 273 13.10 -6.88 17.20
N ALA J 274 13.62 -6.31 16.11
CA ALA J 274 13.01 -5.11 15.54
C ALA J 274 11.63 -5.41 14.96
N ARG J 275 11.41 -6.66 14.54
CA ARG J 275 10.09 -7.05 14.02
C ARG J 275 9.02 -6.92 15.09
N ALA J 276 9.31 -7.40 16.30
CA ALA J 276 8.34 -7.31 17.40
C ALA J 276 8.18 -5.87 17.87
N TYR J 277 9.28 -5.13 17.93
CA TYR J 277 9.22 -3.74 18.40
C TYR J 277 8.36 -2.87 17.49
N ASN J 278 8.47 -3.09 16.17
CA ASN J 278 7.68 -2.29 15.23
C ASN J 278 6.19 -2.52 15.41
N THR J 279 5.79 -3.77 15.64
CA THR J 279 4.37 -4.08 15.78
C THR J 279 3.81 -3.54 17.09
N VAL J 280 4.58 -3.65 18.18
CA VAL J 280 4.07 -3.27 19.50
C VAL J 280 3.84 -1.76 19.58
N VAL J 281 4.78 -0.97 19.07
CA VAL J 281 4.66 0.50 19.18
C VAL J 281 3.45 0.97 18.37
N PRO J 282 2.61 1.84 18.92
CA PRO J 282 1.48 2.34 18.15
C PRO J 282 1.93 3.23 17.00
N ALA J 283 1.11 3.26 15.95
CA ALA J 283 1.43 4.07 14.78
C ALA J 283 1.35 5.55 15.12
N SER J 284 2.31 6.31 14.59
CA SER J 284 2.37 7.75 14.80
C SER J 284 1.67 8.54 13.70
N GLY J 285 1.02 7.86 12.76
CA GLY J 285 0.36 8.50 11.64
C GLY J 285 1.21 8.66 10.41
N LYS J 286 2.50 8.37 10.47
CA LYS J 286 3.40 8.45 9.33
C LYS J 286 4.11 7.11 9.17
N VAL J 287 4.11 6.60 7.93
CA VAL J 287 4.72 5.31 7.62
C VAL J 287 5.87 5.56 6.66
N LEU J 288 7.06 5.07 7.02
CA LEU J 288 8.25 5.21 6.18
C LEU J 288 8.34 4.01 5.23
N THR J 289 9.48 3.89 4.55
CA THR J 289 9.68 2.79 3.62
C THR J 289 9.77 1.47 4.38
N GLY J 290 9.12 0.45 3.83
CA GLY J 290 9.11 -0.87 4.44
C GLY J 290 8.16 -1.03 5.60
N GLY J 291 7.33 -0.03 5.89
CA GLY J 291 6.39 -0.14 6.99
C GLY J 291 7.00 -0.03 8.37
N VAL J 292 8.20 0.53 8.48
CA VAL J 292 8.90 0.68 9.75
C VAL J 292 8.94 2.16 10.10
N ASP J 293 8.41 2.49 11.28
CA ASP J 293 8.42 3.87 11.75
C ASP J 293 9.78 4.24 12.30
N ALA J 294 10.07 5.54 12.29
CA ALA J 294 11.34 6.02 12.82
C ALA J 294 11.46 5.73 14.31
N ASN J 295 10.38 5.93 15.07
CA ASN J 295 10.40 5.65 16.50
C ASN J 295 10.35 4.15 16.79
N ALA J 296 9.93 3.33 15.82
CA ALA J 296 9.86 1.89 16.05
C ALA J 296 11.25 1.29 16.26
N LEU J 297 12.23 1.75 15.49
CA LEU J 297 13.60 1.24 15.60
C LEU J 297 14.41 1.96 16.67
N HIS J 298 13.82 2.93 17.36
CA HIS J 298 14.51 3.58 18.47
C HIS J 298 14.78 2.60 19.60
N ARG J 299 13.81 1.74 19.90
CA ARG J 299 13.99 0.76 20.98
C ARG J 299 15.13 -0.22 20.71
N PRO J 300 15.24 -0.84 19.53
CA PRO J 300 16.41 -1.71 19.29
C PRO J 300 17.73 -0.98 19.40
N LYS J 301 17.77 0.30 19.02
CA LYS J 301 19.01 1.06 19.14
C LYS J 301 19.43 1.21 20.60
N ARG J 302 18.47 1.45 21.49
CA ARG J 302 18.79 1.51 22.92
C ARG J 302 19.30 0.18 23.43
N PHE J 303 18.67 -0.92 23.00
CA PHE J 303 19.09 -2.24 23.46
C PHE J 303 20.49 -2.59 22.94
N PHE J 304 20.74 -2.32 21.66
CA PHE J 304 22.02 -2.69 21.06
C PHE J 304 23.14 -1.77 21.54
N GLY J 305 22.86 -0.49 21.75
CA GLY J 305 23.90 0.45 22.13
C GLY J 305 24.35 0.36 23.57
N ALA J 306 23.68 -0.45 24.38
CA ALA J 306 24.02 -0.56 25.80
C ALA J 306 25.34 -1.27 26.05
N ALA J 307 25.92 -1.93 25.02
CA ALA J 307 27.18 -2.63 25.17
C ALA J 307 28.30 -1.62 25.39
N ARG J 308 28.78 -1.52 26.64
CA ARG J 308 29.80 -0.56 27.00
C ARG J 308 30.85 -1.22 27.88
N ASN J 309 32.05 -0.64 27.88
CA ASN J 309 33.15 -1.08 28.74
C ASN J 309 33.31 -0.04 29.84
N VAL J 310 32.92 -0.41 31.06
CA VAL J 310 32.92 0.54 32.17
C VAL J 310 34.34 0.80 32.63
N GLU J 311 34.70 2.08 32.73
CA GLU J 311 36.01 2.44 33.25
C GLU J 311 36.18 2.06 34.71
N GLU J 312 35.13 2.27 35.51
CA GLU J 312 35.20 1.95 36.94
C GLU J 312 35.39 0.46 37.16
N GLY J 313 34.69 -0.37 36.39
CA GLY J 313 34.81 -1.81 36.53
C GLY J 313 33.69 -2.56 35.85
N GLY J 314 34.00 -3.72 35.27
CA GLY J 314 33.02 -4.52 34.58
C GLY J 314 32.82 -4.06 33.14
N SER J 315 32.08 -4.87 32.40
CA SER J 315 31.78 -4.56 31.01
C SER J 315 30.54 -5.34 30.58
N LEU J 316 29.92 -4.86 29.51
CA LEU J 316 28.74 -5.48 28.92
C LEU J 316 29.03 -5.75 27.45
N THR J 317 29.14 -7.04 27.09
CA THR J 317 29.40 -7.46 25.72
C THR J 317 28.13 -7.98 25.09
N ILE J 318 27.76 -7.42 23.95
CA ILE J 318 26.55 -7.81 23.23
C ILE J 318 26.95 -8.27 21.84
N ILE J 319 26.60 -9.50 21.50
CA ILE J 319 26.85 -10.07 20.18
C ILE J 319 25.49 -10.41 19.56
N ALA J 320 25.22 -9.81 18.40
CA ALA J 320 23.92 -9.94 17.75
C ALA J 320 24.10 -10.53 16.35
N THR J 321 22.99 -10.99 15.79
CA THR J 321 22.95 -11.56 14.45
C THR J 321 21.98 -10.77 13.58
N ALA J 322 22.39 -10.52 12.34
CA ALA J 322 21.59 -9.78 11.38
C ALA J 322 21.26 -10.68 10.20
N LEU J 323 20.00 -10.67 9.78
CA LEU J 323 19.53 -11.49 8.67
C LEU J 323 19.43 -10.64 7.41
N ILE J 324 20.05 -11.13 6.33
CA ILE J 324 20.02 -10.46 5.03
C ILE J 324 19.62 -11.48 3.97
N ASP J 325 19.18 -10.96 2.82
CA ASP J 325 18.79 -11.78 1.68
C ASP J 325 17.70 -12.78 2.06
N THR J 326 16.76 -12.35 2.88
CA THR J 326 15.66 -13.20 3.33
C THR J 326 14.41 -13.04 2.47
N GLY J 327 14.47 -12.23 1.41
CA GLY J 327 13.33 -12.00 0.56
C GLY J 327 12.35 -10.95 1.05
N SER J 328 12.67 -10.30 2.17
CA SER J 328 11.75 -9.30 2.77
C SER J 328 12.45 -7.94 2.87
N LYS J 329 11.77 -6.87 2.47
CA LYS J 329 12.40 -5.52 2.49
C LYS J 329 12.56 -5.06 3.94
N MET J 330 11.57 -5.30 4.78
CA MET J 330 11.64 -4.78 6.17
C MET J 330 12.99 -5.19 6.75
N ASP J 331 13.34 -6.46 6.60
CA ASP J 331 14.61 -6.97 7.19
C ASP J 331 15.81 -6.26 6.56
N GLU J 332 15.67 -5.76 5.33
CA GLU J 332 16.78 -5.00 4.72
C GLU J 332 16.86 -3.63 5.38
N VAL J 333 15.76 -2.88 5.40
CA VAL J 333 15.82 -1.54 5.97
C VAL J 333 16.40 -1.57 7.38
N ILE J 334 16.04 -2.61 8.14
CA ILE J 334 16.55 -2.74 9.51
C ILE J 334 18.07 -2.89 9.50
N TYR J 335 18.58 -3.69 8.57
CA TYR J 335 20.02 -3.93 8.49
C TYR J 335 20.78 -2.65 8.15
N GLU J 336 20.22 -1.83 7.27
CA GLU J 336 20.92 -0.63 6.82
C GLU J 336 21.17 0.34 7.96
N GLU J 337 20.19 0.53 8.85
CA GLU J 337 20.37 1.45 9.96
C GLU J 337 21.32 0.88 11.01
N PHE J 338 21.55 -0.43 11.00
CA PHE J 338 22.43 -1.08 11.96
C PHE J 338 23.77 -1.48 11.36
N LYS J 339 24.24 -0.75 10.36
CA LYS J 339 25.53 -1.05 9.73
C LYS J 339 26.68 -0.48 10.55
N GLY J 340 26.73 0.85 10.66
CA GLY J 340 27.84 1.52 11.33
C GLY J 340 27.74 1.61 12.84
N THR J 341 26.77 0.91 13.44
CA THR J 341 26.60 0.95 14.89
C THR J 341 27.49 -0.04 15.62
N GLY J 342 28.18 -0.93 14.91
CA GLY J 342 28.93 -1.99 15.62
C GLY J 342 30.43 -1.79 15.68
N ASN J 343 31.06 -2.20 16.78
CA ASN J 343 32.54 -2.11 16.91
C ASN J 343 33.17 -3.19 16.04
N MET J 344 32.68 -4.42 16.11
CA MET J 344 33.27 -5.53 15.33
C MET J 344 32.20 -6.11 14.42
N GLU J 345 32.59 -6.49 13.20
CA GLU J 345 31.59 -7.01 12.24
C GLU J 345 31.98 -8.43 11.86
N LEU J 346 31.01 -9.21 11.42
CA LEU J 346 31.26 -10.58 10.99
C LEU J 346 30.23 -10.93 9.94
N HIS J 347 30.63 -10.90 8.67
CA HIS J 347 29.72 -11.11 7.55
C HIS J 347 29.89 -12.53 7.04
N LEU J 348 28.78 -13.27 6.97
CA LEU J 348 28.77 -14.62 6.44
C LEU J 348 28.33 -14.62 4.99
N SER J 349 28.76 -15.64 4.25
CA SER J 349 28.44 -15.76 2.83
C SER J 349 27.71 -17.07 2.58
N ARG J 350 26.57 -16.98 1.90
CA ARG J 350 25.81 -18.18 1.56
C ARG J 350 26.56 -19.06 0.56
N LYS J 351 27.28 -18.43 -0.38
CA LYS J 351 27.98 -19.17 -1.42
C LYS J 351 29.03 -20.10 -0.83
N ILE J 352 29.75 -19.63 0.20
CA ILE J 352 30.74 -20.47 0.87
C ILE J 352 30.07 -21.68 1.50
N ALA J 353 28.92 -21.48 2.14
CA ALA J 353 28.19 -22.60 2.74
C ALA J 353 27.71 -23.58 1.68
N GLU J 354 27.42 -23.10 0.46
CA GLU J 354 27.00 -23.98 -0.62
C GLU J 354 28.11 -24.92 -1.06
N LYS J 355 29.37 -24.60 -0.75
CA LYS J 355 30.50 -25.44 -1.09
C LYS J 355 30.84 -26.44 0.01
N ARG J 356 30.00 -26.53 1.04
CA ARG J 356 30.23 -27.44 2.17
C ARG J 356 31.55 -27.15 2.87
N VAL J 357 31.90 -25.86 2.96
CA VAL J 357 33.08 -25.40 3.67
C VAL J 357 32.63 -24.54 4.83
N PHE J 358 33.06 -24.91 6.04
CA PHE J 358 32.65 -24.20 7.24
C PHE J 358 33.86 -23.82 8.07
N PRO J 359 33.81 -22.67 8.76
CA PRO J 359 32.70 -21.72 8.82
C PRO J 359 32.64 -20.81 7.58
N ALA J 360 31.43 -20.47 7.12
CA ALA J 360 31.26 -19.63 5.94
C ALA J 360 31.39 -18.17 6.38
N ILE J 361 32.64 -17.74 6.54
CA ILE J 361 32.96 -16.40 7.01
C ILE J 361 33.72 -15.66 5.91
N ASP J 362 33.27 -14.46 5.59
CA ASP J 362 33.95 -13.61 4.61
C ASP J 362 35.09 -12.89 5.32
N TYR J 363 36.31 -13.38 5.13
CA TYR J 363 37.46 -12.81 5.83
C TYR J 363 37.71 -11.36 5.40
N ASN J 364 37.58 -11.07 4.11
CA ASN J 364 37.82 -9.72 3.63
C ASN J 364 36.79 -8.75 4.20
N ARG J 365 35.51 -9.15 4.23
CA ARG J 365 34.47 -8.26 4.74
C ARG J 365 34.53 -8.11 6.26
N SER J 366 34.91 -9.17 6.96
CA SER J 366 34.97 -9.12 8.42
C SER J 366 36.12 -8.23 8.88
N GLY J 367 35.95 -7.64 10.06
CA GLY J 367 36.96 -6.77 10.62
C GLY J 367 36.55 -6.29 11.99
N THR J 368 37.44 -5.50 12.59
CA THR J 368 37.21 -4.96 13.93
C THR J 368 37.89 -3.61 14.05
N ARG J 369 37.42 -2.82 15.02
CA ARG J 369 37.96 -1.50 15.29
C ARG J 369 38.75 -1.51 16.59
N LYS J 370 39.84 -0.74 16.62
CA LYS J 370 40.69 -0.62 17.80
C LYS J 370 41.20 -1.98 18.27
N GLU J 371 41.67 -2.79 17.31
CA GLU J 371 42.22 -4.09 17.62
C GLU J 371 43.57 -4.01 18.32
N GLU J 372 44.19 -2.83 18.37
CA GLU J 372 45.48 -2.69 19.04
C GLU J 372 45.35 -2.96 20.53
N LEU J 373 44.26 -2.49 21.15
CA LEU J 373 44.07 -2.70 22.59
C LEU J 373 43.86 -4.17 22.93
N LEU J 374 43.14 -4.91 22.09
CA LEU J 374 42.83 -6.31 22.39
C LEU J 374 44.07 -7.19 22.23
N THR J 375 44.62 -7.25 21.02
CA THR J 375 45.77 -8.09 20.75
C THR J 375 47.05 -7.41 21.25
N THR J 376 48.15 -8.16 21.21
CA THR J 376 49.45 -7.64 21.60
C THR J 376 50.17 -7.06 20.39
N GLN J 377 51.34 -6.45 20.66
CA GLN J 377 52.13 -5.86 19.58
C GLN J 377 52.60 -6.92 18.60
N GLU J 378 53.07 -8.06 19.11
CA GLU J 378 53.54 -9.12 18.24
C GLU J 378 52.38 -9.79 17.50
N GLU J 379 51.27 -10.01 18.20
CA GLU J 379 50.13 -10.69 17.59
C GLU J 379 49.48 -9.82 16.51
N LEU J 380 49.43 -8.50 16.75
CA LEU J 380 48.78 -7.60 15.79
C LEU J 380 49.50 -7.60 14.45
N GLN J 381 50.83 -7.59 14.46
CA GLN J 381 51.58 -7.57 13.22
C GLN J 381 51.37 -8.84 12.40
N LYS J 382 51.28 -9.98 13.07
CA LYS J 382 51.04 -11.25 12.36
C LYS J 382 49.70 -11.24 11.65
N MET J 383 48.67 -10.68 12.28
CA MET J 383 47.35 -10.61 11.65
C MET J 383 47.38 -9.72 10.41
N TRP J 384 48.14 -8.62 10.46
CA TRP J 384 48.24 -7.74 9.30
C TRP J 384 48.89 -8.44 8.13
N ILE J 385 49.92 -9.26 8.38
CA ILE J 385 50.59 -10.00 7.32
C ILE J 385 49.61 -10.98 6.67
N LEU J 386 48.81 -11.67 7.48
CA LEU J 386 47.84 -12.62 6.94
C LEU J 386 46.80 -11.92 6.07
N ARG J 387 46.32 -10.76 6.51
CA ARG J 387 45.31 -10.04 5.73
C ARG J 387 45.86 -9.59 4.38
N LYS J 388 47.16 -9.27 4.32
CA LYS J 388 47.75 -8.84 3.06
C LYS J 388 47.70 -9.97 2.02
N ILE J 389 47.96 -11.21 2.45
CA ILE J 389 47.91 -12.34 1.52
C ILE J 389 46.46 -12.63 1.11
N ILE J 390 45.54 -12.56 2.07
CA ILE J 390 44.15 -12.95 1.80
C ILE J 390 43.47 -11.96 0.86
N HIS J 391 43.78 -10.67 0.97
CA HIS J 391 43.03 -9.64 0.26
C HIS J 391 42.98 -9.86 -1.25
N PRO J 392 44.08 -10.16 -1.95
CA PRO J 392 43.96 -10.44 -3.40
C PRO J 392 43.08 -11.62 -3.72
N MET J 393 43.04 -12.63 -2.85
CA MET J 393 42.21 -13.80 -3.09
C MET J 393 40.73 -13.46 -2.92
N GLY J 394 39.88 -14.26 -3.55
CA GLY J 394 38.45 -14.05 -3.46
C GLY J 394 37.88 -14.43 -2.12
N GLU J 395 36.62 -14.06 -1.92
CA GLU J 395 35.95 -14.37 -0.66
C GLU J 395 35.74 -15.86 -0.44
N ILE J 396 35.71 -16.65 -1.53
CA ILE J 396 35.51 -18.09 -1.40
C ILE J 396 36.83 -18.85 -1.35
N ASP J 397 37.80 -18.47 -2.19
CA ASP J 397 39.08 -19.15 -2.21
C ASP J 397 39.88 -18.92 -0.93
N ALA J 398 39.58 -17.85 -0.19
CA ALA J 398 40.34 -17.56 1.02
C ALA J 398 40.06 -18.57 2.12
N MET J 399 38.86 -19.15 2.17
CA MET J 399 38.49 -20.05 3.25
C MET J 399 39.25 -21.37 3.14
N GLU J 400 39.10 -22.06 2.01
CA GLU J 400 39.79 -23.34 1.84
C GLU J 400 41.30 -23.18 1.92
N PHE J 401 41.83 -22.02 1.51
CA PHE J 401 43.23 -21.73 1.73
C PHE J 401 43.56 -21.66 3.22
N LEU J 402 42.69 -21.03 4.00
CA LEU J 402 42.92 -20.90 5.44
C LEU J 402 42.61 -22.20 6.17
N ILE J 403 41.62 -22.96 5.70
CA ILE J 403 41.19 -24.16 6.42
C ILE J 403 42.30 -25.21 6.44
N ASN J 404 42.92 -25.46 5.28
CA ASN J 404 43.97 -26.48 5.21
C ASN J 404 45.18 -26.08 6.05
N LYS J 405 45.54 -24.79 6.06
CA LYS J 405 46.66 -24.34 6.88
C LYS J 405 46.38 -24.55 8.35
N LEU J 406 45.16 -24.23 8.80
CA LEU J 406 44.82 -24.42 10.20
C LEU J 406 44.59 -25.89 10.55
N ALA J 407 44.20 -26.69 9.55
CA ALA J 407 43.94 -28.11 9.81
C ALA J 407 45.20 -28.85 10.25
N MET J 408 46.34 -28.56 9.64
CA MET J 408 47.58 -29.25 9.94
C MET J 408 48.40 -28.58 11.04
N THR J 409 47.89 -27.50 11.62
CA THR J 409 48.55 -26.82 12.72
C THR J 409 47.78 -27.03 14.02
N LYS J 410 48.51 -27.12 15.12
CA LYS J 410 47.89 -27.37 16.41
C LYS J 410 47.18 -26.11 16.93
N THR J 411 47.91 -25.03 17.08
CA THR J 411 47.38 -23.76 17.57
C THR J 411 47.59 -22.66 16.54
N ASN J 412 47.02 -21.50 16.82
CA ASN J 412 47.18 -20.35 15.93
C ASN J 412 48.63 -19.86 15.90
N ASP J 413 49.36 -20.07 17.00
CA ASP J 413 50.77 -19.69 17.03
C ASP J 413 51.58 -20.50 16.02
N ASP J 414 51.29 -21.80 15.91
CA ASP J 414 51.97 -22.63 14.92
C ASP J 414 51.63 -22.18 13.50
N PHE J 415 50.37 -21.80 13.27
CA PHE J 415 49.99 -21.27 11.96
C PHE J 415 50.71 -19.96 11.66
N PHE J 416 50.84 -19.09 12.67
CA PHE J 416 51.46 -17.78 12.45
C PHE J 416 52.93 -17.92 12.05
N GLU J 417 53.67 -18.83 12.71
CA GLU J 417 55.09 -18.98 12.39
C GLU J 417 55.28 -19.66 11.04
N MET J 418 54.30 -20.45 10.59
CA MET J 418 54.37 -21.04 9.26
C MET J 418 54.28 -19.99 8.16
N MET J 419 53.38 -19.00 8.32
CA MET J 419 53.28 -17.94 7.33
C MET J 419 54.54 -17.10 7.27
N LYS J 420 55.29 -17.03 8.37
CA LYS J 420 56.52 -16.25 8.38
C LYS J 420 57.58 -16.86 7.47
N ARG J 421 57.47 -18.16 7.17
CA ARG J 421 58.42 -18.80 6.27
C ARG J 421 58.33 -18.20 4.87
N SER J 422 57.12 -17.96 4.39
CA SER J 422 56.92 -17.39 3.06
C SER J 422 57.22 -15.90 3.05
N MET K 4 -26.12 -52.41 19.35
CA MET K 4 -25.70 -52.54 20.74
C MET K 4 -24.48 -51.66 21.01
N ASN K 5 -23.60 -51.57 20.02
CA ASN K 5 -22.37 -50.80 20.13
C ASN K 5 -22.44 -49.60 19.19
N LEU K 6 -22.16 -48.41 19.73
CA LEU K 6 -22.33 -47.19 18.96
C LEU K 6 -21.34 -47.10 17.80
N THR K 7 -20.08 -47.48 18.03
CA THR K 7 -19.06 -47.30 17.01
C THR K 7 -19.33 -48.18 15.79
N GLU K 8 -19.75 -49.43 16.00
CA GLU K 8 -20.01 -50.31 14.87
C GLU K 8 -21.29 -49.96 14.13
N LEU K 9 -22.24 -49.29 14.79
CA LEU K 9 -23.50 -48.94 14.15
C LEU K 9 -23.32 -47.82 13.13
N LYS K 10 -22.44 -46.85 13.43
CA LYS K 10 -22.21 -45.76 12.49
C LYS K 10 -21.43 -46.21 11.27
N ASN K 11 -20.55 -47.20 11.42
CA ASN K 11 -19.75 -47.69 10.30
C ASN K 11 -20.59 -48.50 9.31
N THR K 12 -21.77 -48.96 9.72
CA THR K 12 -22.62 -49.71 8.82
C THR K 12 -23.16 -48.82 7.71
N PRO K 13 -23.39 -49.37 6.52
CA PRO K 13 -23.96 -48.56 5.43
C PRO K 13 -25.35 -48.07 5.76
N VAL K 14 -25.70 -46.92 5.15
CA VAL K 14 -27.00 -46.32 5.41
C VAL K 14 -28.13 -47.23 4.93
N SER K 15 -27.92 -47.93 3.82
CA SER K 15 -28.94 -48.84 3.32
C SER K 15 -29.21 -49.96 4.31
N GLU K 16 -28.16 -50.53 4.90
CA GLU K 16 -28.36 -51.56 5.91
C GLU K 16 -28.96 -50.98 7.19
N LEU K 17 -28.67 -49.70 7.49
CA LEU K 17 -29.18 -49.08 8.71
C LEU K 17 -30.71 -49.01 8.69
N ILE K 18 -31.30 -48.68 7.53
CA ILE K 18 -32.75 -48.64 7.42
C ILE K 18 -33.34 -50.03 7.64
N THR K 19 -32.74 -51.05 7.02
CA THR K 19 -33.27 -52.41 7.13
C THR K 19 -33.24 -52.91 8.58
N LEU K 20 -32.18 -52.57 9.32
CA LEU K 20 -32.09 -52.99 10.71
C LEU K 20 -33.21 -52.39 11.55
N GLY K 21 -33.53 -51.12 11.32
CA GLY K 21 -34.57 -50.46 12.10
C GLY K 21 -35.97 -50.89 11.74
N GLU K 22 -36.18 -51.36 10.50
CA GLU K 22 -37.52 -51.76 10.08
C GLU K 22 -37.98 -53.01 10.82
N ASN K 23 -37.11 -54.02 10.89
CA ASN K 23 -37.49 -55.26 11.58
C ASN K 23 -37.58 -55.04 13.09
N MET K 24 -36.84 -54.08 13.63
CA MET K 24 -36.90 -53.81 15.07
C MET K 24 -38.28 -53.32 15.48
N GLY K 25 -38.89 -52.47 14.66
CA GLY K 25 -40.22 -51.97 14.96
C GLY K 25 -40.42 -50.52 14.57
N LEU K 26 -39.34 -49.84 14.21
CA LEU K 26 -39.42 -48.44 13.81
C LEU K 26 -39.94 -48.32 12.39
N GLU K 27 -40.42 -47.11 12.06
CA GLU K 27 -41.01 -46.84 10.76
C GLU K 27 -40.59 -45.44 10.31
N ASN K 28 -40.65 -45.23 9.00
CA ASN K 28 -40.35 -43.94 8.38
C ASN K 28 -38.92 -43.48 8.68
N LEU K 29 -37.99 -44.43 8.67
CA LEU K 29 -36.57 -44.11 8.85
C LEU K 29 -35.84 -43.85 7.55
N ALA K 30 -36.48 -44.07 6.40
CA ALA K 30 -35.78 -43.95 5.13
C ALA K 30 -35.53 -42.49 4.77
N ARG K 31 -36.52 -41.62 4.93
CA ARG K 31 -36.42 -40.23 4.49
C ARG K 31 -36.07 -39.32 5.66
N MET K 32 -34.87 -39.53 6.21
CA MET K 32 -34.36 -38.68 7.28
C MET K 32 -32.85 -38.84 7.34
N ARG K 33 -32.21 -37.92 8.05
CA ARG K 33 -30.76 -37.92 8.14
C ARG K 33 -30.26 -39.17 8.87
N LYS K 34 -29.05 -39.60 8.51
CA LYS K 34 -28.47 -40.81 9.11
C LYS K 34 -28.27 -40.64 10.60
N GLN K 35 -27.92 -39.43 11.05
CA GLN K 35 -27.70 -39.20 12.47
C GLN K 35 -28.97 -39.43 13.27
N ASP K 36 -30.11 -38.98 12.75
CA ASP K 36 -31.38 -39.19 13.44
C ASP K 36 -31.76 -40.66 13.49
N ILE K 37 -31.42 -41.41 12.44
CA ILE K 37 -31.75 -42.84 12.42
C ILE K 37 -31.01 -43.57 13.54
N ILE K 38 -29.74 -43.24 13.75
CA ILE K 38 -28.97 -43.88 14.80
C ILE K 38 -29.57 -43.60 16.16
N PHE K 39 -29.98 -42.35 16.41
CA PHE K 39 -30.63 -42.01 17.66
C PHE K 39 -31.94 -42.76 17.83
N ALA K 40 -32.72 -42.88 16.76
CA ALA K 40 -34.00 -43.59 16.84
C ALA K 40 -33.81 -45.06 17.13
N ILE K 41 -32.83 -45.70 16.46
CA ILE K 41 -32.58 -47.12 16.68
C ILE K 41 -32.13 -47.38 18.11
N LEU K 42 -31.21 -46.55 18.61
CA LEU K 42 -30.76 -46.70 19.99
C LEU K 42 -31.90 -46.47 20.97
N LYS K 43 -32.77 -45.51 20.68
CA LYS K 43 -33.91 -45.25 21.57
C LYS K 43 -34.83 -46.45 21.64
N GLN K 44 -35.15 -47.06 20.50
CA GLN K 44 -36.00 -48.25 20.50
C GLN K 44 -35.29 -49.43 21.15
N HIS K 45 -34.00 -49.61 20.88
CA HIS K 45 -33.25 -50.71 21.47
C HIS K 45 -33.08 -50.53 22.98
N ALA K 46 -33.09 -49.28 23.45
CA ALA K 46 -32.95 -49.04 24.88
C ALA K 46 -34.16 -49.54 25.66
N LYS K 47 -35.33 -49.60 25.00
CA LYS K 47 -36.53 -50.08 25.69
C LYS K 47 -36.42 -51.55 26.07
N SER K 48 -35.62 -52.32 25.33
CA SER K 48 -35.45 -53.74 25.64
C SER K 48 -34.66 -53.96 26.93
N GLY K 49 -33.94 -52.94 27.41
CA GLY K 49 -33.16 -53.05 28.61
C GLY K 49 -31.73 -53.50 28.42
N GLU K 50 -31.34 -53.87 27.20
CA GLU K 50 -29.97 -54.30 26.95
C GLU K 50 -29.02 -53.12 27.06
N ASP K 51 -27.81 -53.38 27.55
CA ASP K 51 -26.80 -52.35 27.69
C ASP K 51 -26.32 -51.88 26.33
N ILE K 52 -25.99 -50.59 26.25
CA ILE K 52 -25.53 -49.96 25.01
C ILE K 52 -24.13 -49.42 25.25
N PHE K 53 -23.20 -49.76 24.35
CA PHE K 53 -21.81 -49.32 24.45
C PHE K 53 -21.58 -48.15 23.50
N GLY K 54 -20.84 -47.16 23.98
CA GLY K 54 -20.54 -45.98 23.17
C GLY K 54 -19.13 -45.48 23.42
N ASP K 55 -18.61 -44.77 22.43
CA ASP K 55 -17.26 -44.23 22.52
C ASP K 55 -17.14 -43.05 21.57
N GLY K 56 -16.10 -42.26 21.77
CA GLY K 56 -15.86 -41.10 20.95
C GLY K 56 -14.79 -40.21 21.56
N VAL K 57 -14.68 -39.01 21.00
CA VAL K 57 -13.72 -38.01 21.46
C VAL K 57 -14.46 -37.01 22.34
N LEU K 58 -13.93 -36.77 23.54
CA LEU K 58 -14.58 -35.92 24.52
C LEU K 58 -14.11 -34.48 24.36
N GLU K 59 -15.05 -33.55 24.40
CA GLU K 59 -14.77 -32.12 24.39
C GLU K 59 -15.54 -31.46 25.53
N ILE K 60 -15.03 -30.34 26.03
CA ILE K 60 -15.63 -29.61 27.13
C ILE K 60 -16.05 -28.24 26.63
N LEU K 61 -17.33 -27.90 26.85
CA LEU K 61 -17.86 -26.61 26.47
C LEU K 61 -17.50 -25.55 27.50
N GLN K 62 -17.84 -24.30 27.19
CA GLN K 62 -17.52 -23.20 28.10
C GLN K 62 -18.39 -23.20 29.35
N ASP K 63 -19.62 -23.72 29.26
CA ASP K 63 -20.49 -23.76 30.43
C ASP K 63 -19.94 -24.68 31.51
N GLY K 64 -19.35 -25.81 31.11
CA GLY K 64 -18.81 -26.76 32.06
C GLY K 64 -19.11 -28.20 31.71
N PHE K 65 -20.26 -28.44 31.08
CA PHE K 65 -20.58 -29.78 30.62
C PHE K 65 -19.93 -30.04 29.25
N GLY K 66 -19.86 -31.32 28.89
CA GLY K 66 -19.23 -31.73 27.66
C GLY K 66 -20.06 -32.75 26.91
N PHE K 67 -19.62 -33.03 25.69
CA PHE K 67 -20.24 -34.02 24.82
C PHE K 67 -19.16 -34.92 24.23
N LEU K 68 -19.54 -36.15 23.91
CA LEU K 68 -18.63 -37.15 23.37
C LEU K 68 -18.83 -37.19 21.85
N ARG K 69 -18.07 -36.36 21.15
CA ARG K 69 -18.19 -36.30 19.70
C ARG K 69 -17.61 -37.55 19.06
N SER K 70 -18.10 -37.84 17.85
CA SER K 70 -17.65 -39.00 17.08
C SER K 70 -16.83 -38.54 15.90
N ALA K 71 -15.67 -39.18 15.68
CA ALA K 71 -14.80 -38.80 14.59
C ALA K 71 -15.35 -39.22 13.23
N ASP K 72 -16.32 -40.15 13.20
CA ASP K 72 -16.90 -40.58 11.93
C ASP K 72 -17.64 -39.45 11.23
N SER K 73 -18.37 -38.63 11.99
CA SER K 73 -19.11 -37.51 11.44
C SER K 73 -18.32 -36.21 11.44
N SER K 74 -16.98 -36.30 11.44
CA SER K 74 -16.11 -35.13 11.47
C SER K 74 -16.39 -34.24 12.68
N TYR K 75 -16.69 -34.88 13.81
CA TYR K 75 -16.96 -34.17 15.07
C TYR K 75 -18.08 -33.16 14.93
N LEU K 76 -19.14 -33.55 14.20
CA LEU K 76 -20.29 -32.69 14.00
C LEU K 76 -21.33 -32.93 15.09
N ALA K 77 -21.89 -31.85 15.61
CA ALA K 77 -22.91 -31.95 16.65
C ALA K 77 -24.15 -32.66 16.11
N GLY K 78 -24.66 -33.61 16.89
CA GLY K 78 -25.81 -34.37 16.50
C GLY K 78 -26.60 -34.91 17.68
N PRO K 79 -27.82 -35.37 17.44
CA PRO K 79 -28.63 -35.92 18.53
C PRO K 79 -28.04 -37.17 19.16
N ASP K 80 -27.17 -37.88 18.45
CA ASP K 80 -26.58 -39.11 18.95
C ASP K 80 -25.34 -38.89 19.81
N ASP K 81 -24.93 -37.64 20.01
CA ASP K 81 -23.77 -37.36 20.84
C ASP K 81 -24.05 -37.71 22.29
N ILE K 82 -23.03 -38.26 22.95
CA ILE K 82 -23.15 -38.70 24.34
C ILE K 82 -22.85 -37.52 25.26
N TYR K 83 -23.76 -37.26 26.19
CA TYR K 83 -23.61 -36.17 27.15
C TYR K 83 -22.97 -36.70 28.43
N VAL K 84 -22.04 -35.93 28.99
CA VAL K 84 -21.35 -36.28 30.22
C VAL K 84 -21.55 -35.15 31.22
N SER K 85 -21.92 -35.53 32.45
CA SER K 85 -22.12 -34.54 33.49
C SER K 85 -20.78 -34.00 33.97
N PRO K 86 -20.75 -32.75 34.45
CA PRO K 86 -19.50 -32.20 35.00
C PRO K 86 -18.99 -32.95 36.22
N SER K 87 -19.86 -33.67 36.93
CA SER K 87 -19.43 -34.44 38.09
C SER K 87 -18.44 -35.54 37.70
N GLN K 88 -18.69 -36.21 36.58
CA GLN K 88 -17.79 -37.26 36.12
C GLN K 88 -16.42 -36.69 35.76
N ILE K 89 -16.37 -35.41 35.39
CA ILE K 89 -15.08 -34.79 35.06
C ILE K 89 -14.19 -34.69 36.30
N ARG K 90 -14.76 -34.39 37.46
CA ARG K 90 -13.98 -34.35 38.68
C ARG K 90 -13.45 -35.72 39.06
N ARG K 91 -14.29 -36.76 38.90
CA ARG K 91 -13.85 -38.12 39.23
C ARG K 91 -12.69 -38.56 38.35
N PHE K 92 -12.76 -38.26 37.05
CA PHE K 92 -11.72 -38.62 36.11
C PHE K 92 -11.25 -37.39 35.33
N ASN K 93 -10.02 -36.96 35.58
CA ASN K 93 -9.47 -35.78 34.93
C ASN K 93 -9.49 -35.95 33.40
N LEU K 94 -10.40 -35.23 32.76
CA LEU K 94 -10.55 -35.28 31.31
C LEU K 94 -10.48 -33.88 30.74
N ARG K 95 -9.84 -33.76 29.57
CA ARG K 95 -9.78 -32.51 28.82
C ARG K 95 -10.19 -32.79 27.38
N THR K 96 -10.32 -31.72 26.61
CA THR K 96 -10.70 -31.86 25.21
C THR K 96 -9.67 -32.68 24.45
N GLY K 97 -10.16 -33.65 23.67
CA GLY K 97 -9.30 -34.44 22.80
C GLY K 97 -9.23 -35.92 23.14
N ASP K 98 -9.36 -36.26 24.43
CA ASP K 98 -9.18 -37.65 24.85
C ASP K 98 -10.36 -38.51 24.40
N THR K 99 -10.10 -39.81 24.27
CA THR K 99 -11.12 -40.77 23.86
C THR K 99 -11.71 -41.43 25.11
N ILE K 100 -13.04 -41.43 25.21
CA ILE K 100 -13.76 -42.03 26.32
C ILE K 100 -14.68 -43.12 25.79
N SER K 101 -14.59 -44.30 26.36
CA SER K 101 -15.40 -45.45 25.96
C SER K 101 -16.04 -46.07 27.19
N GLY K 102 -17.33 -46.38 27.09
CA GLY K 102 -18.03 -46.99 28.20
C GLY K 102 -19.51 -47.12 27.90
N LYS K 103 -20.23 -47.63 28.89
CA LYS K 103 -21.66 -47.83 28.76
C LYS K 103 -22.40 -46.49 28.83
N ILE K 104 -23.50 -46.39 28.08
CA ILE K 104 -24.33 -45.19 28.05
C ILE K 104 -25.75 -45.58 28.41
N ARG K 105 -26.38 -44.79 29.29
CA ARG K 105 -27.74 -45.06 29.73
C ARG K 105 -28.75 -44.38 28.81
N PRO K 106 -29.96 -44.92 28.71
CA PRO K 106 -31.00 -44.27 27.91
C PRO K 106 -31.31 -42.89 28.45
N PRO K 107 -31.56 -41.92 27.57
CA PRO K 107 -31.88 -40.56 28.04
C PRO K 107 -33.27 -40.50 28.64
N LYS K 108 -33.38 -39.94 29.84
CA LYS K 108 -34.66 -39.80 30.50
C LYS K 108 -35.46 -38.67 29.86
N GLU K 109 -36.67 -38.46 30.37
CA GLU K 109 -37.51 -37.38 29.87
C GLU K 109 -36.90 -36.04 30.23
N GLY K 110 -36.95 -35.10 29.28
CA GLY K 110 -36.40 -33.77 29.47
C GLY K 110 -35.02 -33.57 28.88
N GLU K 111 -34.31 -34.65 28.55
CA GLU K 111 -33.00 -34.55 27.93
C GLU K 111 -33.02 -35.21 26.57
N ARG K 112 -32.24 -34.65 25.64
CA ARG K 112 -32.22 -35.10 24.26
C ARG K 112 -30.93 -35.83 23.90
N TYR K 113 -30.08 -36.11 24.88
CA TYR K 113 -28.79 -36.74 24.62
C TYR K 113 -28.56 -37.88 25.59
N PHE K 114 -27.86 -38.92 25.11
CA PHE K 114 -27.49 -40.03 25.96
C PHE K 114 -26.48 -39.59 27.01
N ALA K 115 -26.53 -40.25 28.17
CA ALA K 115 -25.64 -39.95 29.28
C ALA K 115 -24.72 -41.14 29.54
N LEU K 116 -23.46 -40.84 29.84
CA LEU K 116 -22.49 -41.89 30.13
C LEU K 116 -22.73 -42.47 31.51
N LEU K 117 -22.81 -43.80 31.60
CA LEU K 117 -23.06 -44.46 32.87
C LEU K 117 -21.75 -44.82 33.57
N LYS K 118 -20.91 -45.63 32.91
CA LYS K 118 -19.64 -46.04 33.48
C LYS K 118 -18.59 -46.07 32.38
N VAL K 119 -17.42 -45.50 32.66
CA VAL K 119 -16.31 -45.45 31.72
C VAL K 119 -15.29 -46.51 32.12
N ASN K 120 -14.93 -47.37 31.16
CA ASN K 120 -13.99 -48.46 31.42
C ASN K 120 -12.77 -48.41 30.50
N GLU K 121 -12.63 -47.38 29.68
CA GLU K 121 -11.50 -47.29 28.75
C GLU K 121 -11.26 -45.83 28.42
N VAL K 122 -10.09 -45.33 28.79
CA VAL K 122 -9.71 -43.94 28.52
C VAL K 122 -8.41 -43.95 27.72
N ASN K 123 -8.45 -43.37 26.53
CA ASN K 123 -7.28 -43.30 25.64
C ASN K 123 -6.68 -44.68 25.41
N PHE K 124 -7.55 -45.66 25.18
CA PHE K 124 -7.16 -47.06 24.99
C PHE K 124 -6.32 -47.56 26.17
N ASP K 125 -6.72 -47.17 27.38
CA ASP K 125 -5.99 -47.53 28.58
C ASP K 125 -6.94 -47.48 29.77
N LYS K 126 -6.51 -48.06 30.87
CA LYS K 126 -7.31 -48.04 32.09
C LYS K 126 -7.47 -46.60 32.57
N PRO K 127 -8.68 -46.21 33.01
CA PRO K 127 -8.89 -44.82 33.43
C PRO K 127 -7.99 -44.39 34.58
N GLU K 128 -7.67 -45.29 35.51
CA GLU K 128 -6.78 -44.95 36.61
C GLU K 128 -5.39 -44.61 36.10
N ASN K 129 -4.88 -45.38 35.13
CA ASN K 129 -3.55 -45.11 34.59
C ASN K 129 -3.50 -43.81 33.82
N ALA K 130 -4.60 -43.45 33.13
CA ALA K 130 -4.62 -42.21 32.36
C ALA K 130 -4.57 -40.99 33.27
N ARG K 131 -5.00 -41.13 34.52
CA ARG K 131 -4.97 -40.01 35.46
C ARG K 131 -3.55 -39.60 35.85
N ASN K 132 -2.57 -40.49 35.70
CA ASN K 132 -1.20 -40.20 36.08
C ASN K 132 -0.33 -39.79 34.89
N LYS K 133 -0.92 -39.58 33.72
CA LYS K 133 -0.15 -39.21 32.55
C LYS K 133 0.39 -37.79 32.68
N ILE K 134 1.55 -37.48 32.11
CA ILE K 134 2.04 -36.08 32.30
C ILE K 134 1.48 -35.21 31.16
N LEU K 135 1.19 -33.94 31.43
CA LEU K 135 0.56 -33.06 30.40
C LEU K 135 1.53 -32.82 29.25
N PHE K 136 1.01 -32.62 28.04
CA PHE K 136 1.88 -32.44 26.84
C PHE K 136 2.75 -31.21 26.99
N GLU K 137 2.23 -30.17 27.62
CA GLU K 137 2.99 -28.93 27.65
C GLU K 137 4.23 -29.02 28.53
N ASN K 138 4.25 -29.96 29.49
CA ASN K 138 5.40 -30.14 30.35
C ASN K 138 6.51 -30.96 29.70
N LEU K 139 6.24 -31.62 28.58
CA LEU K 139 7.23 -32.43 27.90
C LEU K 139 8.27 -31.54 27.22
N THR K 140 9.51 -32.04 27.16
CA THR K 140 10.60 -31.30 26.57
C THR K 140 10.76 -31.68 25.10
N PRO K 141 10.54 -30.76 24.16
CA PRO K 141 10.72 -31.10 22.75
C PRO K 141 12.18 -31.26 22.38
N LEU K 142 12.41 -32.03 21.31
CA LEU K 142 13.74 -32.24 20.77
C LEU K 142 13.66 -32.27 19.25
N HIS K 143 14.83 -32.28 18.61
CA HIS K 143 14.89 -32.38 17.16
C HIS K 143 14.55 -33.79 16.70
N ALA K 144 14.10 -33.88 15.45
CA ALA K 144 13.72 -35.17 14.89
C ALA K 144 14.94 -36.07 14.73
N ASN K 145 14.76 -37.35 15.11
CA ASN K 145 15.84 -38.33 15.01
C ASN K 145 15.40 -39.67 14.42
N SER K 146 14.11 -39.90 14.23
CA SER K 146 13.60 -41.16 13.69
C SER K 146 13.30 -40.96 12.21
N ARG K 147 14.10 -41.58 11.35
CA ARG K 147 13.91 -41.43 9.91
C ARG K 147 12.69 -42.19 9.43
N LEU K 148 11.85 -41.52 8.65
CA LEU K 148 10.66 -42.11 8.07
C LEU K 148 10.91 -42.35 6.59
N ARG K 149 11.02 -43.63 6.20
CA ARG K 149 11.30 -44.00 4.82
C ARG K 149 10.06 -43.77 3.97
N MET K 150 10.05 -42.68 3.22
CA MET K 150 8.91 -42.35 2.37
C MET K 150 8.89 -43.14 1.07
N GLU K 151 10.01 -43.77 0.69
CA GLU K 151 10.08 -44.53 -0.54
C GLU K 151 9.42 -45.89 -0.38
N ARG K 152 8.65 -46.29 -1.38
CA ARG K 152 7.97 -47.58 -1.41
C ARG K 152 8.60 -48.43 -2.50
N GLY K 153 9.06 -49.62 -2.13
CA GLY K 153 9.71 -50.51 -3.08
C GLY K 153 8.80 -51.54 -3.68
N ASN K 154 7.91 -52.11 -2.87
CA ASN K 154 7.02 -53.16 -3.35
C ASN K 154 6.05 -52.66 -4.41
N ASP K 155 5.54 -51.45 -4.25
CA ASP K 155 4.58 -50.91 -5.21
C ASP K 155 5.23 -50.73 -6.59
N SER K 156 6.41 -50.10 -6.62
CA SER K 156 7.15 -49.87 -7.86
C SER K 156 6.29 -49.14 -8.89
N THR K 157 5.52 -48.17 -8.43
CA THR K 157 4.62 -47.43 -9.30
C THR K 157 5.42 -46.48 -10.20
N GLU K 158 4.76 -46.03 -11.27
CA GLU K 158 5.40 -45.11 -12.20
C GLU K 158 5.61 -43.73 -11.60
N ASP K 159 4.90 -43.40 -10.52
CA ASP K 159 5.08 -42.11 -9.88
C ASP K 159 6.37 -42.09 -9.07
N LEU K 160 7.18 -41.05 -9.29
CA LEU K 160 8.45 -40.90 -8.59
C LEU K 160 8.39 -39.88 -7.46
N THR K 161 7.18 -39.50 -7.03
CA THR K 161 7.05 -38.48 -6.00
C THR K 161 7.66 -38.95 -4.69
N ALA K 162 7.44 -40.22 -4.31
CA ALA K 162 8.01 -40.73 -3.07
C ALA K 162 9.53 -40.74 -3.12
N ARG K 163 10.11 -41.14 -4.26
CA ARG K 163 11.56 -41.16 -4.38
C ARG K 163 12.15 -39.75 -4.35
N VAL K 164 11.49 -38.81 -5.02
CA VAL K 164 12.00 -37.43 -5.05
C VAL K 164 11.89 -36.79 -3.68
N LEU K 165 10.82 -37.08 -2.94
CA LEU K 165 10.61 -36.44 -1.64
C LEU K 165 11.72 -36.77 -0.67
N ASP K 166 12.17 -38.03 -0.65
CA ASP K 166 13.27 -38.40 0.23
C ASP K 166 14.55 -37.68 -0.15
N LEU K 167 14.84 -37.59 -1.46
CA LEU K 167 16.06 -36.91 -1.90
C LEU K 167 15.98 -35.41 -1.66
N ALA K 168 14.83 -34.80 -1.96
CA ALA K 168 14.71 -33.35 -1.81
C ALA K 168 14.73 -32.95 -0.34
N SER K 169 13.93 -33.61 0.49
CA SER K 169 13.83 -33.25 1.90
C SER K 169 13.35 -34.43 2.72
N PRO K 170 14.25 -35.11 3.44
CA PRO K 170 13.81 -36.24 4.28
C PRO K 170 12.87 -35.77 5.39
N ILE K 171 11.91 -36.63 5.73
CA ILE K 171 10.90 -36.33 6.73
C ILE K 171 11.06 -37.32 7.88
N GLY K 172 11.14 -36.79 9.10
CA GLY K 172 11.24 -37.60 10.29
C GLY K 172 10.04 -37.45 11.21
N ARG K 173 10.12 -38.14 12.34
CA ARG K 173 9.08 -38.07 13.35
C ARG K 173 9.23 -36.78 14.15
N GLY K 174 8.11 -36.09 14.36
CA GLY K 174 8.12 -34.83 15.08
C GLY K 174 8.49 -33.62 14.26
N GLN K 175 8.53 -33.73 12.94
CA GLN K 175 8.85 -32.61 12.08
C GLN K 175 7.71 -31.58 12.08
N ARG K 176 8.08 -30.33 11.87
CA ARG K 176 7.14 -29.23 11.78
C ARG K 176 7.23 -28.56 10.42
N GLY K 177 7.32 -29.36 9.37
CA GLY K 177 7.50 -28.82 8.03
C GLY K 177 6.21 -28.28 7.45
N LEU K 178 6.36 -27.47 6.41
CA LEU K 178 5.23 -26.91 5.67
C LEU K 178 5.51 -27.04 4.17
N ILE K 179 4.44 -27.07 3.40
CA ILE K 179 4.51 -27.23 1.95
C ILE K 179 4.01 -25.93 1.31
N VAL K 180 4.85 -25.34 0.46
CA VAL K 180 4.48 -24.14 -0.30
C VAL K 180 4.03 -24.61 -1.67
N ALA K 181 2.73 -24.55 -1.92
CA ALA K 181 2.14 -25.09 -3.15
C ALA K 181 1.29 -24.04 -3.82
N PRO K 182 1.65 -23.58 -5.03
CA PRO K 182 0.77 -22.70 -5.78
C PRO K 182 -0.46 -23.45 -6.25
N PRO K 183 -1.54 -22.75 -6.61
CA PRO K 183 -2.75 -23.44 -7.08
C PRO K 183 -2.48 -24.21 -8.36
N LYS K 184 -3.17 -25.35 -8.49
CA LYS K 184 -3.03 -26.24 -9.65
C LYS K 184 -1.58 -26.69 -9.83
N ALA K 185 -0.97 -27.15 -8.74
CA ALA K 185 0.40 -27.66 -8.77
C ALA K 185 0.49 -29.05 -8.17
N GLY K 186 -0.59 -29.82 -8.20
CA GLY K 186 -0.59 -31.16 -7.64
C GLY K 186 -0.42 -31.21 -6.13
N LYS K 187 -1.01 -30.25 -5.42
CA LYS K 187 -0.90 -30.24 -3.97
C LYS K 187 -1.70 -31.38 -3.34
N THR K 188 -2.90 -31.63 -3.86
CA THR K 188 -3.76 -32.66 -3.28
C THR K 188 -3.13 -34.04 -3.43
N MET K 189 -2.61 -34.35 -4.62
CA MET K 189 -2.01 -35.67 -4.83
C MET K 189 -0.70 -35.82 -4.07
N LEU K 190 -0.04 -34.71 -3.78
CA LEU K 190 1.21 -34.76 -3.00
C LEU K 190 0.94 -35.30 -1.60
N LEU K 191 -0.13 -34.84 -0.95
CA LEU K 191 -0.47 -35.35 0.37
C LEU K 191 -0.93 -36.80 0.32
N GLN K 192 -1.67 -37.16 -0.73
CA GLN K 192 -2.16 -38.53 -0.86
C GLN K 192 -1.01 -39.53 -0.98
N ASN K 193 0.01 -39.20 -1.77
CA ASN K 193 1.15 -40.09 -1.92
C ASN K 193 1.89 -40.27 -0.60
N ILE K 194 2.04 -39.18 0.17
CA ILE K 194 2.69 -39.28 1.47
C ILE K 194 1.88 -40.17 2.41
N ALA K 195 0.54 -40.04 2.37
CA ALA K 195 -0.31 -40.84 3.24
C ALA K 195 -0.18 -42.33 2.93
N GLN K 196 -0.06 -42.67 1.64
CA GLN K 196 0.09 -44.08 1.27
C GLN K 196 1.36 -44.68 1.85
N SER K 197 2.48 -43.95 1.77
CA SER K 197 3.74 -44.45 2.30
C SER K 197 3.69 -44.60 3.82
N ILE K 198 3.08 -43.62 4.51
CA ILE K 198 3.00 -43.69 5.97
C ILE K 198 2.17 -44.88 6.41
N ALA K 199 1.03 -45.10 5.75
CA ALA K 199 0.19 -46.25 6.10
C ALA K 199 0.83 -47.58 5.72
N TYR K 200 1.84 -47.57 4.85
CA TYR K 200 2.52 -48.78 4.42
C TYR K 200 3.83 -49.01 5.15
N ASN K 201 4.72 -48.01 5.16
CA ASN K 201 6.03 -48.19 5.77
C ASN K 201 5.96 -48.20 7.29
N HIS K 202 5.06 -47.40 7.88
CA HIS K 202 4.92 -47.28 9.33
C HIS K 202 3.46 -47.47 9.71
N PRO K 203 2.96 -48.70 9.67
CA PRO K 203 1.57 -48.93 10.10
C PRO K 203 1.33 -48.60 11.56
N ASP K 204 2.35 -48.70 12.41
CA ASP K 204 2.17 -48.43 13.83
C ASP K 204 1.84 -46.96 14.09
N CYS K 205 2.44 -46.06 13.32
CA CYS K 205 2.20 -44.64 13.51
C CYS K 205 0.77 -44.28 13.18
N VAL K 206 0.17 -43.44 14.01
CA VAL K 206 -1.21 -42.99 13.81
C VAL K 206 -1.20 -41.85 12.80
N LEU K 207 -1.99 -41.99 11.74
CA LEU K 207 -2.08 -41.00 10.68
C LEU K 207 -3.44 -40.32 10.75
N MET K 208 -3.43 -39.00 10.83
CA MET K 208 -4.65 -38.19 10.87
C MET K 208 -4.58 -37.13 9.79
N VAL K 209 -5.65 -37.00 9.01
CA VAL K 209 -5.72 -36.05 7.91
C VAL K 209 -6.82 -35.05 8.22
N LEU K 210 -6.47 -33.76 8.19
CA LEU K 210 -7.41 -32.68 8.43
C LEU K 210 -7.47 -31.78 7.21
N LEU K 211 -8.68 -31.55 6.70
CA LEU K 211 -8.90 -30.73 5.52
C LEU K 211 -9.86 -29.59 5.86
N ILE K 212 -9.54 -28.40 5.38
CA ILE K 212 -10.33 -27.20 5.65
C ILE K 212 -10.80 -26.62 4.32
N ASP K 213 -12.09 -26.30 4.24
CA ASP K 213 -12.69 -25.66 3.07
C ASP K 213 -12.47 -26.48 1.80
N GLU K 214 -12.65 -27.80 1.91
CA GLU K 214 -12.52 -28.71 0.77
C GLU K 214 -13.89 -29.11 0.26
N ARG K 215 -13.95 -29.42 -1.04
CA ARG K 215 -15.20 -29.83 -1.66
C ARG K 215 -15.64 -31.18 -1.12
N PRO K 216 -16.95 -31.43 -1.07
CA PRO K 216 -17.44 -32.73 -0.54
C PRO K 216 -16.91 -33.94 -1.30
N GLU K 217 -16.77 -33.84 -2.63
CA GLU K 217 -16.24 -34.96 -3.38
C GLU K 217 -14.77 -35.18 -3.11
N GLU K 218 -14.04 -34.12 -2.78
CA GLU K 218 -12.63 -34.26 -2.43
C GLU K 218 -12.45 -34.96 -1.09
N VAL K 219 -13.36 -34.73 -0.14
CA VAL K 219 -13.28 -35.38 1.15
C VAL K 219 -13.52 -36.88 1.01
N THR K 220 -14.52 -37.26 0.21
CA THR K 220 -14.84 -38.67 0.03
C THR K 220 -13.68 -39.44 -0.60
N GLU K 221 -13.02 -38.85 -1.61
CA GLU K 221 -11.89 -39.50 -2.23
C GLU K 221 -10.73 -39.68 -1.24
N MET K 222 -10.52 -38.68 -0.38
CA MET K 222 -9.44 -38.78 0.61
C MET K 222 -9.68 -39.92 1.58
N GLN K 223 -10.93 -40.10 2.03
CA GLN K 223 -11.24 -41.18 2.96
C GLN K 223 -10.99 -42.55 2.32
N ARG K 224 -11.40 -42.71 1.06
CA ARG K 224 -11.21 -43.99 0.37
C ARG K 224 -9.73 -44.29 0.14
N LEU K 225 -8.92 -43.26 -0.14
CA LEU K 225 -7.52 -43.48 -0.49
C LEU K 225 -6.66 -43.62 0.77
N VAL K 226 -6.84 -42.74 1.75
CA VAL K 226 -6.01 -42.75 2.95
C VAL K 226 -6.48 -43.85 3.89
N LYS K 227 -5.55 -44.71 4.31
CA LYS K 227 -5.85 -45.79 5.25
C LYS K 227 -5.61 -45.28 6.67
N GLY K 228 -6.56 -44.50 7.15
CA GLY K 228 -6.44 -43.94 8.48
C GLY K 228 -7.67 -43.13 8.84
N GLU K 229 -7.50 -42.26 9.84
CA GLU K 229 -8.58 -41.40 10.30
C GLU K 229 -8.54 -40.09 9.53
N VAL K 230 -9.61 -39.80 8.80
CA VAL K 230 -9.72 -38.59 7.98
C VAL K 230 -10.92 -37.80 8.46
N VAL K 231 -10.68 -36.53 8.81
CA VAL K 231 -11.74 -35.61 9.22
C VAL K 231 -11.58 -34.32 8.43
N ALA K 232 -12.70 -33.77 7.96
CA ALA K 232 -12.66 -32.59 7.13
C ALA K 232 -13.93 -31.77 7.32
N SER K 233 -13.84 -30.50 6.95
CA SER K 233 -14.96 -29.57 7.02
C SER K 233 -15.19 -28.96 5.65
N THR K 234 -16.43 -29.01 5.17
CA THR K 234 -16.76 -28.49 3.85
C THR K 234 -16.84 -26.97 3.88
N PHE K 235 -16.81 -26.37 2.68
CA PHE K 235 -16.83 -24.92 2.56
C PHE K 235 -18.16 -24.33 3.01
N ASP K 236 -19.27 -25.04 2.77
CA ASP K 236 -20.58 -24.51 3.14
C ASP K 236 -20.76 -24.39 4.64
N GLU K 237 -20.00 -25.13 5.43
CA GLU K 237 -20.08 -25.03 6.88
C GLU K 237 -19.53 -23.68 7.34
N PRO K 238 -20.02 -23.16 8.46
CA PRO K 238 -19.57 -21.84 8.93
C PRO K 238 -18.11 -21.87 9.37
N ALA K 239 -17.52 -20.67 9.45
CA ALA K 239 -16.13 -20.55 9.86
C ALA K 239 -15.92 -21.05 11.29
N SER K 240 -16.94 -20.94 12.14
CA SER K 240 -16.83 -21.46 13.50
C SER K 240 -16.67 -22.97 13.51
N ARG K 241 -17.30 -23.65 12.55
CA ARG K 241 -17.14 -25.11 12.43
C ARG K 241 -15.69 -25.47 12.12
N HIS K 242 -15.04 -24.67 11.27
CA HIS K 242 -13.63 -24.93 10.93
C HIS K 242 -12.74 -24.81 12.16
N VAL K 243 -13.01 -23.81 13.00
CA VAL K 243 -12.23 -23.64 14.23
C VAL K 243 -12.47 -24.80 15.18
N GLN K 244 -13.73 -25.25 15.30
CA GLN K 244 -14.07 -26.31 16.24
C GLN K 244 -13.37 -27.62 15.89
N VAL K 245 -13.36 -27.97 14.59
CA VAL K 245 -12.70 -29.21 14.18
C VAL K 245 -11.19 -29.10 14.25
N ALA K 246 -10.62 -27.92 13.99
CA ALA K 246 -9.17 -27.76 14.03
C ALA K 246 -8.63 -27.99 15.44
N GLU K 247 -9.29 -27.45 16.46
CA GLU K 247 -8.85 -27.67 17.83
C GLU K 247 -9.09 -29.11 18.26
N MET K 248 -10.11 -29.77 17.68
CA MET K 248 -10.39 -31.15 18.05
C MET K 248 -9.25 -32.08 17.64
N VAL K 249 -8.68 -31.86 16.45
CA VAL K 249 -7.64 -32.75 15.95
C VAL K 249 -6.37 -32.62 16.78
N ILE K 250 -5.95 -31.39 17.07
CA ILE K 250 -4.69 -31.19 17.79
C ILE K 250 -4.82 -31.65 19.24
N GLU K 251 -5.97 -31.38 19.88
CA GLU K 251 -6.15 -31.84 21.25
C GLU K 251 -6.18 -33.36 21.34
N LYS K 252 -6.80 -34.01 20.36
CA LYS K 252 -6.78 -35.48 20.33
C LYS K 252 -5.36 -36.00 20.13
N ALA K 253 -4.58 -35.35 19.27
CA ALA K 253 -3.21 -35.77 19.02
C ALA K 253 -2.35 -35.63 20.28
N LYS K 254 -2.53 -34.54 21.02
CA LYS K 254 -1.72 -34.32 22.21
C LYS K 254 -1.95 -35.40 23.26
N ARG K 255 -3.21 -35.82 23.44
CA ARG K 255 -3.50 -36.88 24.40
C ARG K 255 -2.85 -38.19 23.99
N LEU K 256 -2.88 -38.51 22.69
CA LEU K 256 -2.22 -39.73 22.21
C LEU K 256 -0.71 -39.67 22.40
N VAL K 257 -0.11 -38.50 22.23
CA VAL K 257 1.33 -38.36 22.40
C VAL K 257 1.72 -38.64 23.85
N GLU K 258 0.88 -38.21 24.80
CA GLU K 258 1.16 -38.46 26.21
C GLU K 258 1.20 -39.94 26.54
N HIS K 259 0.57 -40.79 25.73
CA HIS K 259 0.58 -42.24 25.93
C HIS K 259 1.68 -42.93 25.14
N LYS K 260 2.81 -42.25 24.90
CA LYS K 260 3.96 -42.82 24.20
C LYS K 260 3.60 -43.31 22.80
N LYS K 261 2.76 -42.56 22.09
CA LYS K 261 2.35 -42.89 20.74
C LYS K 261 2.79 -41.78 19.78
N ASP K 262 3.00 -42.16 18.52
CA ASP K 262 3.42 -41.24 17.47
C ASP K 262 2.22 -40.88 16.61
N VAL K 263 1.97 -39.58 16.44
CA VAL K 263 0.84 -39.09 15.66
C VAL K 263 1.37 -38.23 14.53
N ILE K 264 0.89 -38.47 13.32
CA ILE K 264 1.26 -37.70 12.14
C ILE K 264 0.01 -37.01 11.62
N ILE K 265 0.08 -35.69 11.46
CA ILE K 265 -1.06 -34.88 11.06
C ILE K 265 -0.73 -34.23 9.71
N LEU K 266 -1.61 -34.43 8.73
CA LEU K 266 -1.51 -33.78 7.43
C LEU K 266 -2.49 -32.62 7.39
N LEU K 267 -1.96 -31.40 7.45
CA LEU K 267 -2.78 -30.19 7.54
C LEU K 267 -2.95 -29.57 6.15
N ASP K 268 -4.18 -29.18 5.84
CA ASP K 268 -4.48 -28.52 4.58
C ASP K 268 -5.75 -27.69 4.79
N SER K 269 -5.59 -26.37 4.85
CA SER K 269 -4.32 -25.66 4.71
C SER K 269 -4.18 -24.59 5.79
N ILE K 270 -2.94 -24.17 6.05
CA ILE K 270 -2.69 -23.13 7.03
C ILE K 270 -3.37 -21.83 6.61
N THR K 271 -3.27 -21.48 5.33
CA THR K 271 -3.94 -20.28 4.83
C THR K 271 -5.44 -20.38 5.01
N ARG K 272 -6.02 -21.54 4.68
CA ARG K 272 -7.45 -21.73 4.92
C ARG K 272 -7.77 -21.75 6.41
N LEU K 273 -6.92 -22.37 7.21
CA LEU K 273 -7.14 -22.39 8.66
C LEU K 273 -7.05 -20.99 9.25
N ALA K 274 -6.06 -20.20 8.82
CA ALA K 274 -5.94 -18.83 9.31
C ALA K 274 -7.11 -17.97 8.82
N ARG K 275 -7.70 -18.31 7.68
CA ARG K 275 -8.85 -17.57 7.19
C ARG K 275 -10.03 -17.67 8.14
N ALA K 276 -10.31 -18.88 8.64
CA ALA K 276 -11.41 -19.06 9.58
C ALA K 276 -11.09 -18.45 10.93
N TYR K 277 -9.84 -18.58 11.38
CA TYR K 277 -9.47 -18.04 12.68
C TYR K 277 -9.60 -16.52 12.73
N ASN K 278 -9.23 -15.84 11.63
CA ASN K 278 -9.32 -14.38 11.60
C ASN K 278 -10.77 -13.92 11.73
N THR K 279 -11.69 -14.60 11.05
CA THR K 279 -13.09 -14.20 11.10
C THR K 279 -13.72 -14.45 12.46
N VAL K 280 -13.40 -15.59 13.08
CA VAL K 280 -14.04 -15.97 14.32
C VAL K 280 -13.65 -15.03 15.46
N VAL K 281 -12.37 -14.68 15.54
CA VAL K 281 -11.90 -13.84 16.66
C VAL K 281 -12.53 -12.45 16.54
N PRO K 282 -13.06 -11.89 17.62
CA PRO K 282 -13.62 -10.54 17.54
C PRO K 282 -12.55 -9.49 17.30
N ALA K 283 -12.95 -8.40 16.65
CA ALA K 283 -12.02 -7.32 16.35
C ALA K 283 -11.57 -6.62 17.63
N SER K 284 -10.28 -6.30 17.69
CA SER K 284 -9.69 -5.62 18.82
C SER K 284 -9.67 -4.11 18.66
N GLY K 285 -10.26 -3.58 17.60
CA GLY K 285 -10.26 -2.17 17.32
C GLY K 285 -9.11 -1.67 16.47
N LYS K 286 -8.13 -2.53 16.18
CA LYS K 286 -7.00 -2.18 15.32
C LYS K 286 -6.89 -3.20 14.20
N VAL K 287 -6.76 -2.71 12.97
CA VAL K 287 -6.66 -3.56 11.79
C VAL K 287 -5.29 -3.34 11.16
N LEU K 288 -4.56 -4.43 10.95
CA LEU K 288 -3.25 -4.39 10.34
C LEU K 288 -3.39 -4.52 8.82
N THR K 289 -2.26 -4.70 8.13
CA THR K 289 -2.29 -4.85 6.67
C THR K 289 -2.97 -6.17 6.29
N GLY K 290 -3.81 -6.09 5.26
CA GLY K 290 -4.51 -7.26 4.78
C GLY K 290 -5.73 -7.65 5.58
N GLY K 291 -6.12 -6.84 6.57
CA GLY K 291 -7.28 -7.16 7.39
C GLY K 291 -7.08 -8.30 8.36
N VAL K 292 -5.84 -8.61 8.72
CA VAL K 292 -5.54 -9.69 9.65
C VAL K 292 -4.99 -9.07 10.93
N ASP K 293 -5.64 -9.37 12.05
CA ASP K 293 -5.20 -8.87 13.33
C ASP K 293 -4.00 -9.66 13.84
N ALA K 294 -3.22 -9.03 14.72
CA ALA K 294 -2.06 -9.70 15.30
C ALA K 294 -2.49 -10.91 16.14
N ASN K 295 -3.56 -10.75 16.93
CA ASN K 295 -4.05 -11.85 17.74
C ASN K 295 -4.79 -12.91 16.92
N ALA K 296 -5.23 -12.55 15.70
CA ALA K 296 -5.94 -13.51 14.87
C ALA K 296 -5.03 -14.67 14.47
N LEU K 297 -3.78 -14.39 14.13
CA LEU K 297 -2.83 -15.41 13.72
C LEU K 297 -2.14 -16.08 14.89
N HIS K 298 -2.45 -15.67 16.12
CA HIS K 298 -1.88 -16.33 17.29
C HIS K 298 -2.36 -17.78 17.38
N ARG K 299 -3.64 -18.01 17.10
CA ARG K 299 -4.18 -19.37 17.16
C ARG K 299 -3.53 -20.32 16.17
N PRO K 300 -3.35 -19.98 14.88
CA PRO K 300 -2.63 -20.90 13.99
C PRO K 300 -1.21 -21.18 14.44
N LYS K 301 -0.54 -20.21 15.06
CA LYS K 301 0.82 -20.43 15.55
C LYS K 301 0.84 -21.49 16.65
N ARG K 302 -0.15 -21.47 17.54
CA ARG K 302 -0.25 -22.50 18.57
C ARG K 302 -0.49 -23.87 17.95
N PHE K 303 -1.37 -23.93 16.95
CA PHE K 303 -1.67 -25.21 16.31
C PHE K 303 -0.45 -25.75 15.55
N PHE K 304 0.23 -24.89 14.80
CA PHE K 304 1.35 -25.34 14.00
C PHE K 304 2.58 -25.66 14.86
N GLY K 305 2.79 -24.91 15.93
CA GLY K 305 3.98 -25.09 16.75
C GLY K 305 3.93 -26.30 17.66
N ALA K 306 2.80 -26.98 17.74
CA ALA K 306 2.65 -28.12 18.64
C ALA K 306 3.44 -29.35 18.17
N ALA K 307 3.96 -29.34 16.95
CA ALA K 307 4.73 -30.47 16.43
C ALA K 307 6.05 -30.56 17.17
N ARG K 308 6.16 -31.54 18.06
CA ARG K 308 7.34 -31.70 18.90
C ARG K 308 7.74 -33.17 18.95
N ASN K 309 9.02 -33.40 19.24
CA ASN K 309 9.56 -34.75 19.43
C ASN K 309 9.82 -34.93 20.91
N VAL K 310 8.99 -35.75 21.56
CA VAL K 310 9.07 -35.91 23.01
C VAL K 310 10.29 -36.75 23.38
N GLU K 311 11.10 -36.23 24.30
CA GLU K 311 12.25 -36.98 24.79
C GLU K 311 11.82 -38.23 25.55
N GLU K 312 10.77 -38.12 26.37
CA GLU K 312 10.30 -39.26 27.15
C GLU K 312 9.80 -40.38 26.25
N GLY K 313 9.07 -40.03 25.19
CA GLY K 313 8.54 -41.03 24.29
C GLY K 313 7.45 -40.49 23.39
N GLY K 314 7.40 -40.94 22.15
CA GLY K 314 6.42 -40.50 21.19
C GLY K 314 6.83 -39.19 20.51
N SER K 315 6.05 -38.83 19.49
CA SER K 315 6.31 -37.61 18.75
C SER K 315 5.03 -37.18 18.04
N LEU K 316 4.99 -35.91 17.67
CA LEU K 316 3.87 -35.33 16.94
C LEU K 316 4.41 -34.68 15.67
N THR K 317 4.07 -35.25 14.52
CA THR K 317 4.53 -34.74 13.22
C THR K 317 3.37 -34.03 12.54
N ILE K 318 3.59 -32.77 12.17
CA ILE K 318 2.58 -31.95 11.51
C ILE K 318 3.12 -31.52 10.16
N ILE K 319 2.41 -31.86 9.08
CA ILE K 319 2.75 -31.45 7.73
C ILE K 319 1.62 -30.60 7.20
N ALA K 320 1.94 -29.37 6.82
CA ALA K 320 0.95 -28.39 6.40
C ALA K 320 1.24 -27.92 4.98
N THR K 321 0.24 -27.29 4.37
CA THR K 321 0.35 -26.75 3.03
C THR K 321 0.07 -25.25 3.05
N ALA K 322 0.88 -24.49 2.31
CA ALA K 322 0.75 -23.04 2.22
C ALA K 322 0.42 -22.65 0.79
N LEU K 323 -0.56 -21.76 0.63
CA LEU K 323 -0.99 -21.30 -0.68
C LEU K 323 -0.38 -19.95 -0.98
N ILE K 324 0.25 -19.83 -2.15
CA ILE K 324 0.86 -18.58 -2.60
C ILE K 324 0.40 -18.29 -4.02
N ASP K 325 0.54 -17.04 -4.42
CA ASP K 325 0.18 -16.58 -5.78
C ASP K 325 -1.28 -16.90 -6.09
N THR K 326 -2.16 -16.73 -5.11
CA THR K 326 -3.58 -16.97 -5.27
C THR K 326 -4.36 -15.73 -5.63
N GLY K 327 -3.68 -14.59 -5.83
CA GLY K 327 -4.35 -13.35 -6.16
C GLY K 327 -4.90 -12.58 -4.98
N SER K 328 -4.70 -13.11 -3.77
CA SER K 328 -5.25 -12.46 -2.55
C SER K 328 -4.14 -12.07 -1.59
N LYS K 329 -4.12 -10.80 -1.18
CA LYS K 329 -3.08 -10.32 -0.25
C LYS K 329 -3.26 -10.99 1.10
N MET K 330 -4.49 -10.99 1.61
CA MET K 330 -4.69 -11.56 2.97
C MET K 330 -3.91 -12.87 3.02
N ASP K 331 -3.78 -13.54 1.88
CA ASP K 331 -3.12 -14.84 1.98
C ASP K 331 -1.60 -14.70 1.97
N GLU K 332 -1.09 -13.69 1.27
CA GLU K 332 0.37 -13.47 1.24
C GLU K 332 0.91 -13.11 2.62
N VAL K 333 0.17 -12.29 3.38
CA VAL K 333 0.62 -11.90 4.71
C VAL K 333 0.72 -13.11 5.62
N ILE K 334 -0.23 -14.04 5.49
CA ILE K 334 -0.22 -15.25 6.31
C ILE K 334 1.04 -16.06 6.05
N TYR K 335 1.41 -16.18 4.77
CA TYR K 335 2.58 -16.98 4.41
C TYR K 335 3.87 -16.38 4.96
N GLU K 336 3.96 -15.04 4.98
CA GLU K 336 5.19 -14.38 5.43
C GLU K 336 5.49 -14.67 6.89
N GLU K 337 4.47 -14.66 7.74
CA GLU K 337 4.69 -14.93 9.16
C GLU K 337 4.99 -16.40 9.41
N PHE K 338 4.66 -17.28 8.47
CA PHE K 338 4.88 -18.70 8.61
C PHE K 338 6.06 -19.20 7.76
N LYS K 339 7.05 -18.35 7.51
CA LYS K 339 8.20 -18.75 6.73
C LYS K 339 9.22 -19.50 7.59
N GLY K 340 9.78 -18.82 8.58
CA GLY K 340 10.83 -19.39 9.40
C GLY K 340 10.36 -20.26 10.55
N THR K 341 9.07 -20.60 10.60
CA THR K 341 8.54 -21.42 11.68
C THR K 341 8.70 -22.92 11.42
N GLY K 342 9.20 -23.31 10.24
CA GLY K 342 9.23 -24.75 9.94
C GLY K 342 10.61 -25.39 10.03
N ASN K 343 10.67 -26.69 10.31
CA ASN K 343 11.95 -27.43 10.35
C ASN K 343 12.25 -27.93 8.94
N MET K 344 11.22 -28.30 8.20
CA MET K 344 11.39 -28.79 6.80
C MET K 344 10.61 -27.87 5.88
N GLU K 345 11.12 -27.61 4.68
CA GLU K 345 10.33 -26.80 3.73
C GLU K 345 10.23 -27.54 2.41
N LEU K 346 9.15 -27.30 1.68
CA LEU K 346 8.93 -27.96 0.39
C LEU K 346 8.18 -26.98 -0.49
N HIS K 347 8.89 -26.33 -1.41
CA HIS K 347 8.33 -25.30 -2.26
C HIS K 347 8.03 -25.88 -3.63
N LEU K 348 6.78 -25.73 -4.07
CA LEU K 348 6.37 -26.18 -5.39
C LEU K 348 6.38 -25.02 -6.38
N SER K 349 6.54 -25.35 -7.66
CA SER K 349 6.61 -24.36 -8.72
C SER K 349 5.51 -24.61 -9.73
N ARG K 350 4.74 -23.56 -10.04
CA ARG K 350 3.68 -23.69 -11.04
C ARG K 350 4.26 -23.92 -12.43
N LYS K 351 5.39 -23.29 -12.74
CA LYS K 351 5.99 -23.39 -14.07
C LYS K 351 6.36 -24.83 -14.39
N ILE K 352 6.88 -25.56 -13.41
CA ILE K 352 7.22 -26.97 -13.62
C ILE K 352 5.97 -27.78 -13.95
N ALA K 353 4.86 -27.51 -13.24
CA ALA K 353 3.61 -28.20 -13.52
C ALA K 353 3.08 -27.86 -14.91
N GLU K 354 3.36 -26.65 -15.40
CA GLU K 354 2.93 -26.27 -16.75
C GLU K 354 3.64 -27.07 -17.83
N LYS K 355 4.79 -27.69 -17.51
CA LYS K 355 5.52 -28.52 -18.45
C LYS K 355 5.09 -29.98 -18.40
N ARG K 356 4.03 -30.30 -17.64
CA ARG K 356 3.54 -31.67 -17.50
C ARG K 356 4.63 -32.60 -16.94
N VAL K 357 5.43 -32.06 -16.01
CA VAL K 357 6.46 -32.82 -15.31
C VAL K 357 6.08 -32.86 -13.84
N PHE K 358 5.98 -34.06 -13.28
CA PHE K 358 5.58 -34.22 -11.89
C PHE K 358 6.56 -35.12 -11.15
N PRO K 359 6.80 -34.86 -9.87
CA PRO K 359 6.21 -33.80 -9.05
C PRO K 359 6.86 -32.44 -9.29
N ALA K 360 6.09 -31.36 -9.26
CA ALA K 360 6.61 -30.01 -9.49
C ALA K 360 7.20 -29.49 -8.18
N ILE K 361 8.42 -29.96 -7.89
CA ILE K 361 9.12 -29.63 -6.65
C ILE K 361 10.38 -28.86 -7.00
N ASP K 362 10.58 -27.71 -6.35
CA ASP K 362 11.78 -26.91 -6.52
C ASP K 362 12.87 -27.49 -5.63
N TYR K 363 13.79 -28.26 -6.24
CA TYR K 363 14.83 -28.93 -5.47
C TYR K 363 15.75 -27.93 -4.78
N ASN K 364 16.12 -26.86 -5.49
CA ASN K 364 17.02 -25.86 -4.90
C ASN K 364 16.36 -25.16 -3.72
N ARG K 365 15.09 -24.79 -3.84
CA ARG K 365 14.40 -24.10 -2.76
C ARG K 365 14.10 -25.02 -1.59
N SER K 366 13.79 -26.28 -1.85
CA SER K 366 13.47 -27.23 -0.80
C SER K 366 14.70 -27.56 0.03
N GLY K 367 14.47 -27.89 1.30
CA GLY K 367 15.56 -28.22 2.20
C GLY K 367 15.01 -28.63 3.56
N THR K 368 15.94 -28.98 4.44
CA THR K 368 15.59 -29.42 5.79
C THR K 368 16.71 -29.04 6.75
N ARG K 369 16.36 -28.98 8.03
CA ARG K 369 17.29 -28.63 9.08
C ARG K 369 17.61 -29.87 9.92
N LYS K 370 18.86 -29.96 10.37
CA LYS K 370 19.34 -31.07 11.21
C LYS K 370 19.08 -32.41 10.53
N GLU K 371 19.41 -32.50 9.25
CA GLU K 371 19.28 -33.73 8.50
C GLU K 371 20.29 -34.80 8.91
N GLU K 372 21.30 -34.42 9.71
CA GLU K 372 22.28 -35.40 10.15
C GLU K 372 21.66 -36.47 11.04
N LEU K 373 20.73 -36.06 11.91
CA LEU K 373 20.08 -37.01 12.81
C LEU K 373 19.20 -38.00 12.05
N LEU K 374 18.50 -37.55 11.01
CA LEU K 374 17.58 -38.41 10.29
C LEU K 374 18.33 -39.43 9.43
N THR K 375 19.12 -38.95 8.47
CA THR K 375 19.85 -39.83 7.58
C THR K 375 21.10 -40.37 8.26
N THR K 376 21.77 -41.32 7.61
CA THR K 376 22.99 -41.89 8.12
C THR K 376 24.21 -41.12 7.58
N GLN K 377 25.39 -41.50 8.08
CA GLN K 377 26.61 -40.84 7.65
C GLN K 377 26.87 -41.05 6.16
N GLU K 378 26.66 -42.29 5.68
CA GLU K 378 26.87 -42.58 4.27
C GLU K 378 25.80 -41.93 3.40
N GLU K 379 24.54 -41.98 3.86
CA GLU K 379 23.45 -41.43 3.06
C GLU K 379 23.54 -39.90 2.99
N LEU K 380 23.97 -39.26 4.07
CA LEU K 380 24.04 -37.79 4.08
C LEU K 380 25.04 -37.27 3.05
N GLN K 381 26.20 -37.92 2.94
CA GLN K 381 27.20 -37.46 1.99
C GLN K 381 26.72 -37.59 0.55
N LYS K 382 25.98 -38.65 0.23
CA LYS K 382 25.46 -38.81 -1.12
C LYS K 382 24.49 -37.70 -1.49
N MET K 383 23.65 -37.28 -0.54
CA MET K 383 22.72 -36.19 -0.80
C MET K 383 23.45 -34.88 -1.07
N TRP K 384 24.54 -34.63 -0.35
CA TRP K 384 25.31 -33.41 -0.56
C TRP K 384 25.92 -33.39 -1.97
N ILE K 385 26.40 -34.53 -2.45
CA ILE K 385 26.97 -34.59 -3.79
C ILE K 385 25.91 -34.28 -4.84
N LEU K 386 24.70 -34.82 -4.66
CA LEU K 386 23.61 -34.56 -5.60
C LEU K 386 23.23 -33.09 -5.63
N ARG K 387 23.18 -32.45 -4.46
CA ARG K 387 22.81 -31.04 -4.41
C ARG K 387 23.85 -30.17 -5.11
N LYS K 388 25.12 -30.57 -5.06
CA LYS K 388 26.16 -29.79 -5.73
C LYS K 388 25.95 -29.75 -7.24
N ILE K 389 25.54 -30.88 -7.83
CA ILE K 389 25.29 -30.92 -9.26
C ILE K 389 24.03 -30.14 -9.61
N ILE K 390 22.98 -30.27 -8.78
CA ILE K 390 21.70 -29.65 -9.10
C ILE K 390 21.76 -28.13 -9.02
N HIS K 391 22.53 -27.58 -8.06
CA HIS K 391 22.50 -26.16 -7.79
C HIS K 391 22.79 -25.28 -9.01
N PRO K 392 23.82 -25.54 -9.82
CA PRO K 392 24.01 -24.72 -11.03
C PRO K 392 22.83 -24.77 -12.00
N MET K 393 22.15 -25.91 -12.08
CA MET K 393 21.01 -26.04 -12.98
C MET K 393 19.82 -25.24 -12.46
N GLY K 394 18.93 -24.89 -13.38
CA GLY K 394 17.76 -24.12 -13.03
C GLY K 394 16.73 -24.96 -12.28
N GLU K 395 15.72 -24.25 -11.75
CA GLU K 395 14.67 -24.92 -10.99
C GLU K 395 13.81 -25.83 -11.87
N ILE K 396 13.77 -25.58 -13.17
CA ILE K 396 12.97 -26.40 -14.07
C ILE K 396 13.79 -27.53 -14.70
N ASP K 397 15.01 -27.23 -15.13
CA ASP K 397 15.86 -28.24 -15.75
C ASP K 397 16.30 -29.33 -14.77
N ALA K 398 16.27 -29.03 -13.46
CA ALA K 398 16.70 -30.01 -12.47
C ALA K 398 15.75 -31.19 -12.38
N MET K 399 14.45 -30.96 -12.61
CA MET K 399 13.47 -32.03 -12.44
C MET K 399 13.61 -33.09 -13.51
N GLU K 400 13.51 -32.70 -14.79
CA GLU K 400 13.63 -33.68 -15.86
C GLU K 400 14.98 -34.37 -15.85
N PHE K 401 16.03 -33.68 -15.39
CA PHE K 401 17.31 -34.33 -15.18
C PHE K 401 17.21 -35.41 -14.11
N LEU K 402 16.50 -35.11 -13.01
CA LEU K 402 16.35 -36.09 -11.93
C LEU K 402 15.35 -37.18 -12.27
N ILE K 403 14.31 -36.84 -13.04
CA ILE K 403 13.25 -37.80 -13.32
C ILE K 403 13.77 -38.97 -14.16
N ASN K 404 14.53 -38.67 -15.22
CA ASN K 404 15.04 -39.72 -16.08
C ASN K 404 16.03 -40.63 -15.33
N LYS K 405 16.86 -40.04 -14.47
CA LYS K 405 17.79 -40.85 -13.69
C LYS K 405 17.06 -41.80 -12.75
N LEU K 406 16.01 -41.30 -12.09
CA LEU K 406 15.24 -42.16 -11.18
C LEU K 406 14.34 -43.13 -11.94
N ALA K 407 13.95 -42.78 -13.17
CA ALA K 407 13.08 -43.66 -13.95
C ALA K 407 13.74 -44.99 -14.28
N MET K 408 15.02 -44.97 -14.63
CA MET K 408 15.73 -46.18 -15.03
C MET K 408 16.41 -46.88 -13.86
N THR K 409 16.26 -46.37 -12.64
CA THR K 409 16.80 -47.01 -11.45
C THR K 409 15.68 -47.59 -10.60
N LYS K 410 15.97 -48.72 -9.95
CA LYS K 410 14.98 -49.40 -9.14
C LYS K 410 14.73 -48.65 -7.83
N THR K 411 15.78 -48.47 -7.04
CA THR K 411 15.70 -47.78 -5.76
C THR K 411 16.63 -46.57 -5.75
N ASN K 412 16.51 -45.78 -4.68
CA ASN K 412 17.37 -44.61 -4.53
C ASN K 412 18.84 -45.02 -4.36
N ASP K 413 19.09 -46.20 -3.80
CA ASP K 413 20.46 -46.67 -3.66
C ASP K 413 21.11 -46.89 -5.02
N ASP K 414 20.36 -47.44 -5.97
CA ASP K 414 20.88 -47.62 -7.33
C ASP K 414 21.16 -46.27 -7.98
N PHE K 415 20.30 -45.29 -7.75
CA PHE K 415 20.54 -43.94 -8.27
C PHE K 415 21.78 -43.33 -7.65
N PHE K 416 21.98 -43.53 -6.35
CA PHE K 416 23.11 -42.93 -5.66
C PHE K 416 24.45 -43.46 -6.19
N GLU K 417 24.53 -44.78 -6.42
CA GLU K 417 25.79 -45.34 -6.90
C GLU K 417 26.05 -44.96 -8.35
N MET K 418 25.01 -44.67 -9.12
CA MET K 418 25.19 -44.19 -10.49
C MET K 418 25.84 -42.81 -10.53
N MET K 419 25.43 -41.90 -9.63
CA MET K 419 26.05 -40.58 -9.59
C MET K 419 27.50 -40.65 -9.17
N LYS K 420 27.88 -41.70 -8.42
CA LYS K 420 29.27 -41.84 -8.00
C LYS K 420 30.18 -42.12 -9.18
N ARG K 421 29.65 -42.65 -10.28
CA ARG K 421 30.46 -42.90 -11.46
C ARG K 421 31.01 -41.60 -12.03
N SER K 422 30.19 -40.55 -12.08
CA SER K 422 30.61 -39.27 -12.62
C SER K 422 31.49 -38.52 -11.62
N MET L 4 -60.44 -30.31 -16.95
CA MET L 4 -60.51 -31.48 -16.08
C MET L 4 -59.16 -31.73 -15.40
N ASN L 5 -58.08 -31.47 -16.13
CA ASN L 5 -56.73 -31.68 -15.64
C ASN L 5 -56.03 -30.34 -15.47
N LEU L 6 -55.46 -30.12 -14.30
CA LEU L 6 -54.88 -28.80 -13.98
C LEU L 6 -53.67 -28.49 -14.84
N THR L 7 -52.80 -29.48 -15.07
CA THR L 7 -51.55 -29.21 -15.77
C THR L 7 -51.80 -28.81 -17.24
N GLU L 8 -52.75 -29.47 -17.90
CA GLU L 8 -53.02 -29.15 -19.29
C GLU L 8 -53.78 -27.84 -19.44
N LEU L 9 -54.51 -27.41 -18.41
CA LEU L 9 -55.28 -26.17 -18.51
C LEU L 9 -54.38 -24.94 -18.47
N LYS L 10 -53.31 -24.99 -17.67
CA LYS L 10 -52.40 -23.86 -17.60
C LYS L 10 -51.56 -23.71 -18.86
N ASN L 11 -51.25 -24.83 -19.52
CA ASN L 11 -50.45 -24.77 -20.75
C ASN L 11 -51.23 -24.21 -21.93
N THR L 12 -52.56 -24.17 -21.84
CA THR L 12 -53.36 -23.62 -22.92
C THR L 12 -53.15 -22.11 -23.03
N PRO L 13 -53.26 -21.57 -24.25
CA PRO L 13 -53.10 -20.11 -24.41
C PRO L 13 -54.20 -19.35 -23.68
N VAL L 14 -53.86 -18.12 -23.29
CA VAL L 14 -54.83 -17.30 -22.54
C VAL L 14 -56.04 -16.98 -23.40
N SER L 15 -55.84 -16.77 -24.71
CA SER L 15 -56.96 -16.49 -25.60
C SER L 15 -57.94 -17.66 -25.64
N GLU L 16 -57.42 -18.88 -25.72
CA GLU L 16 -58.29 -20.06 -25.70
C GLU L 16 -58.93 -20.25 -24.32
N LEU L 17 -58.24 -19.83 -23.26
CA LEU L 17 -58.77 -19.99 -21.91
C LEU L 17 -60.05 -19.21 -21.72
N ILE L 18 -60.11 -17.98 -22.25
CA ILE L 18 -61.33 -17.18 -22.15
C ILE L 18 -62.48 -17.84 -22.91
N THR L 19 -62.20 -18.35 -24.11
CA THR L 19 -63.24 -18.96 -24.92
C THR L 19 -63.82 -20.20 -24.25
N LEU L 20 -62.97 -20.99 -23.58
CA LEU L 20 -63.45 -22.19 -22.91
C LEU L 20 -64.41 -21.83 -21.77
N GLY L 21 -64.10 -20.77 -21.02
CA GLY L 21 -64.96 -20.39 -19.91
C GLY L 21 -66.25 -19.72 -20.32
N GLU L 22 -66.28 -19.10 -21.50
CA GLU L 22 -67.48 -18.41 -21.94
C GLU L 22 -68.61 -19.40 -22.25
N ASN L 23 -68.29 -20.47 -22.99
CA ASN L 23 -69.31 -21.47 -23.31
C ASN L 23 -69.73 -22.27 -22.08
N MET L 24 -68.83 -22.41 -21.10
CA MET L 24 -69.18 -23.15 -19.90
C MET L 24 -70.29 -22.45 -19.12
N GLY L 25 -70.25 -21.12 -19.05
CA GLY L 25 -71.28 -20.37 -18.34
C GLY L 25 -70.75 -19.17 -17.60
N LEU L 26 -69.43 -19.06 -17.49
CA LEU L 26 -68.81 -17.95 -16.80
C LEU L 26 -68.82 -16.69 -17.67
N GLU L 27 -68.65 -15.55 -17.02
CA GLU L 27 -68.69 -14.26 -17.69
C GLU L 27 -67.63 -13.34 -17.08
N ASN L 28 -67.22 -12.34 -17.87
CA ASN L 28 -66.26 -11.32 -17.45
C ASN L 28 -64.92 -11.95 -17.06
N LEU L 29 -64.49 -12.95 -17.82
CA LEU L 29 -63.19 -13.57 -17.60
C LEU L 29 -62.08 -12.93 -18.42
N ALA L 30 -62.42 -12.01 -19.34
CA ALA L 30 -61.40 -11.45 -20.22
C ALA L 30 -60.48 -10.49 -19.49
N ARG L 31 -61.03 -9.60 -18.68
CA ARG L 31 -60.25 -8.54 -18.04
C ARG L 31 -59.90 -8.92 -16.60
N MET L 32 -59.10 -9.98 -16.47
CA MET L 32 -58.60 -10.42 -15.17
C MET L 32 -57.37 -11.29 -15.39
N ARG L 33 -56.63 -11.52 -14.31
CA ARG L 33 -55.40 -12.28 -14.40
C ARG L 33 -55.68 -13.73 -14.80
N LYS L 34 -54.71 -14.34 -15.47
CA LYS L 34 -54.87 -15.71 -15.95
C LYS L 34 -55.04 -16.68 -14.78
N GLN L 35 -54.36 -16.42 -13.66
CA GLN L 35 -54.46 -17.31 -12.51
C GLN L 35 -55.89 -17.35 -11.96
N ASP L 36 -56.55 -16.19 -11.91
CA ASP L 36 -57.93 -16.14 -11.43
C ASP L 36 -58.89 -16.86 -12.39
N ILE L 37 -58.60 -16.78 -13.69
CA ILE L 37 -59.46 -17.46 -14.68
C ILE L 37 -59.44 -18.97 -14.44
N ILE L 38 -58.26 -19.52 -14.20
CA ILE L 38 -58.14 -20.97 -13.98
C ILE L 38 -58.93 -21.38 -12.74
N PHE L 39 -58.84 -20.60 -11.67
CA PHE L 39 -59.61 -20.89 -10.46
C PHE L 39 -61.11 -20.81 -10.73
N ALA L 40 -61.53 -19.80 -11.50
CA ALA L 40 -62.96 -19.66 -11.81
C ALA L 40 -63.47 -20.81 -12.65
N ILE L 41 -62.70 -21.23 -13.66
CA ILE L 41 -63.14 -22.33 -14.53
C ILE L 41 -63.23 -23.63 -13.74
N LEU L 42 -62.24 -23.90 -12.90
CA LEU L 42 -62.29 -25.10 -12.06
C LEU L 42 -63.46 -25.05 -11.09
N LYS L 43 -63.74 -23.86 -10.53
CA LYS L 43 -64.87 -23.72 -9.61
C LYS L 43 -66.19 -24.05 -10.30
N GLN L 44 -66.40 -23.51 -11.51
CA GLN L 44 -67.62 -23.81 -12.25
C GLN L 44 -67.67 -25.26 -12.68
N HIS L 45 -66.55 -25.82 -13.13
CA HIS L 45 -66.52 -27.22 -13.55
C HIS L 45 -66.71 -28.16 -12.37
N ALA L 46 -66.33 -27.72 -11.16
CA ALA L 46 -66.52 -28.58 -9.98
C ALA L 46 -67.99 -28.78 -9.65
N LYS L 47 -68.85 -27.83 -10.04
CA LYS L 47 -70.28 -27.98 -9.77
C LYS L 47 -70.89 -29.14 -10.54
N SER L 48 -70.30 -29.51 -11.67
CA SER L 48 -70.82 -30.63 -12.45
C SER L 48 -70.58 -31.96 -11.77
N GLY L 49 -69.67 -32.03 -10.79
CA GLY L 49 -69.38 -33.25 -10.09
C GLY L 49 -68.27 -34.08 -10.68
N GLU L 50 -67.75 -33.71 -11.85
CA GLU L 50 -66.67 -34.46 -12.46
C GLU L 50 -65.37 -34.29 -11.66
N ASP L 51 -64.58 -35.36 -11.62
CA ASP L 51 -63.32 -35.32 -10.90
C ASP L 51 -62.33 -34.40 -11.59
N ILE L 52 -61.49 -33.74 -10.79
CA ILE L 52 -60.48 -32.81 -11.27
C ILE L 52 -59.10 -33.32 -10.87
N PHE L 53 -58.20 -33.39 -11.84
CA PHE L 53 -56.84 -33.86 -11.60
C PHE L 53 -55.89 -32.67 -11.49
N GLY L 54 -54.97 -32.76 -10.54
CA GLY L 54 -54.01 -31.69 -10.32
C GLY L 54 -52.65 -32.23 -9.93
N ASP L 55 -51.63 -31.43 -10.20
CA ASP L 55 -50.25 -31.82 -9.91
C ASP L 55 -49.40 -30.57 -9.77
N GLY L 56 -48.23 -30.75 -9.17
CA GLY L 56 -47.31 -29.64 -8.98
C GLY L 56 -46.20 -30.02 -8.04
N VAL L 57 -45.45 -29.01 -7.62
CA VAL L 57 -44.34 -29.18 -6.69
C VAL L 57 -44.81 -28.80 -5.29
N LEU L 58 -44.60 -29.69 -4.32
CA LEU L 58 -45.08 -29.51 -2.97
C LEU L 58 -44.03 -28.79 -2.13
N GLU L 59 -44.48 -27.80 -1.36
CA GLU L 59 -43.65 -27.09 -0.40
C GLU L 59 -44.36 -27.06 0.95
N ILE L 60 -43.59 -26.98 2.03
CA ILE L 60 -44.13 -26.97 3.38
C ILE L 60 -43.80 -25.62 4.02
N LEU L 61 -44.82 -24.95 4.54
CA LEU L 61 -44.65 -23.67 5.22
C LEU L 61 -44.18 -23.90 6.66
N GLN L 62 -43.89 -22.79 7.34
CA GLN L 62 -43.41 -22.88 8.72
C GLN L 62 -44.51 -23.26 9.70
N ASP L 63 -45.76 -22.92 9.40
CA ASP L 63 -46.86 -23.27 10.29
C ASP L 63 -47.06 -24.78 10.36
N GLY L 64 -46.91 -25.47 9.23
CA GLY L 64 -47.09 -26.91 9.20
C GLY L 64 -47.84 -27.38 7.97
N PHE L 65 -48.76 -26.57 7.47
CA PHE L 65 -49.46 -26.91 6.25
C PHE L 65 -48.63 -26.49 5.04
N GLY L 66 -49.00 -27.04 3.87
CA GLY L 66 -48.26 -26.80 2.65
C GLY L 66 -49.20 -26.52 1.49
N PHE L 67 -48.59 -26.10 0.38
CA PHE L 67 -49.30 -25.83 -0.86
C PHE L 67 -48.57 -26.51 -2.02
N LEU L 68 -49.31 -26.85 -3.06
CA LEU L 68 -48.78 -27.53 -4.23
C LEU L 68 -48.55 -26.48 -5.32
N ARG L 69 -47.36 -25.89 -5.32
CA ARG L 69 -47.03 -24.87 -6.30
C ARG L 69 -46.86 -25.47 -7.69
N SER L 70 -47.07 -24.64 -8.70
CA SER L 70 -46.95 -25.04 -10.10
C SER L 70 -45.70 -24.40 -10.70
N ALA L 71 -44.91 -25.20 -11.42
CA ALA L 71 -43.69 -24.70 -12.02
C ALA L 71 -43.97 -23.79 -13.22
N ASP L 72 -45.17 -23.86 -13.79
CA ASP L 72 -45.50 -23.01 -14.93
C ASP L 72 -45.49 -21.53 -14.57
N SER L 73 -46.00 -21.18 -13.39
CA SER L 73 -46.04 -19.80 -12.93
C SER L 73 -44.81 -19.43 -12.10
N SER L 74 -43.68 -20.13 -12.30
CA SER L 74 -42.45 -19.89 -11.56
C SER L 74 -42.67 -20.00 -10.05
N TYR L 75 -43.50 -20.95 -9.65
CA TYR L 75 -43.80 -21.23 -8.25
C TYR L 75 -44.33 -19.98 -7.53
N LEU L 76 -45.19 -19.23 -8.20
CA LEU L 76 -45.79 -18.04 -7.63
C LEU L 76 -47.09 -18.39 -6.92
N ALA L 77 -47.29 -17.80 -5.74
CA ALA L 77 -48.50 -18.04 -4.98
C ALA L 77 -49.71 -17.52 -5.73
N GLY L 78 -50.77 -18.33 -5.78
CA GLY L 78 -51.97 -17.96 -6.48
C GLY L 78 -53.19 -18.68 -5.93
N PRO L 79 -54.38 -18.18 -6.29
CA PRO L 79 -55.62 -18.83 -5.82
C PRO L 79 -55.80 -20.26 -6.30
N ASP L 80 -55.13 -20.65 -7.38
CA ASP L 80 -55.27 -21.98 -7.95
C ASP L 80 -54.34 -23.00 -7.31
N ASP L 81 -53.52 -22.59 -6.34
CA ASP L 81 -52.62 -23.52 -5.66
C ASP L 81 -53.41 -24.53 -4.85
N ILE L 82 -52.94 -25.78 -4.85
CA ILE L 82 -53.61 -26.87 -4.16
C ILE L 82 -53.12 -26.93 -2.72
N TYR L 83 -54.06 -26.91 -1.79
CA TYR L 83 -53.76 -26.97 -0.36
C TYR L 83 -53.77 -28.42 0.11
N VAL L 84 -52.80 -28.77 0.96
CA VAL L 84 -52.69 -30.11 1.52
C VAL L 84 -52.69 -30.00 3.04
N SER L 85 -53.49 -30.83 3.69
CA SER L 85 -53.56 -30.82 5.14
C SER L 85 -52.30 -31.46 5.73
N PRO L 86 -51.89 -31.04 6.93
CA PRO L 86 -50.74 -31.68 7.57
C PRO L 86 -50.94 -33.16 7.87
N SER L 87 -52.19 -33.62 7.95
CA SER L 87 -52.44 -35.03 8.21
C SER L 87 -51.93 -35.90 7.08
N GLN L 88 -52.11 -35.46 5.83
CA GLN L 88 -51.63 -36.22 4.69
C GLN L 88 -50.12 -36.32 4.68
N ILE L 89 -49.43 -35.35 5.31
CA ILE L 89 -47.98 -35.39 5.38
C ILE L 89 -47.50 -36.57 6.23
N ARG L 90 -48.21 -36.86 7.32
CA ARG L 90 -47.83 -38.00 8.15
C ARG L 90 -48.05 -39.32 7.40
N ARG L 91 -49.16 -39.43 6.66
CA ARG L 91 -49.43 -40.65 5.91
C ARG L 91 -48.36 -40.90 4.86
N PHE L 92 -47.94 -39.85 4.15
CA PHE L 92 -46.91 -39.96 3.12
C PHE L 92 -45.79 -38.96 3.38
N ASN L 93 -44.61 -39.46 3.72
CA ASN L 93 -43.46 -38.61 4.02
C ASN L 93 -43.13 -37.72 2.83
N LEU L 94 -43.46 -36.44 2.96
CA LEU L 94 -43.21 -35.47 1.91
C LEU L 94 -42.40 -34.29 2.47
N ARG L 95 -41.48 -33.79 1.66
CA ARG L 95 -40.70 -32.61 1.98
C ARG L 95 -40.78 -31.64 0.81
N THR L 96 -40.23 -30.44 1.01
CA THR L 96 -40.23 -29.44 -0.04
C THR L 96 -39.46 -29.93 -1.27
N GLY L 97 -40.06 -29.76 -2.44
CA GLY L 97 -39.40 -30.09 -3.69
C GLY L 97 -40.05 -31.21 -4.49
N ASP L 98 -40.65 -32.18 -3.79
CA ASP L 98 -41.19 -33.35 -4.47
C ASP L 98 -42.44 -33.01 -5.27
N THR L 99 -42.71 -33.82 -6.30
CA THR L 99 -43.88 -33.62 -7.15
C THR L 99 -45.01 -34.54 -6.67
N ILE L 100 -46.19 -33.95 -6.47
CA ILE L 100 -47.36 -34.67 -6.01
C ILE L 100 -48.46 -34.52 -7.06
N SER L 101 -49.03 -35.64 -7.49
CA SER L 101 -50.09 -35.66 -8.48
C SER L 101 -51.25 -36.51 -7.98
N GLY L 102 -52.46 -36.01 -8.13
CA GLY L 102 -53.63 -36.74 -7.69
C GLY L 102 -54.90 -35.91 -7.86
N LYS L 103 -56.00 -36.50 -7.43
CA LYS L 103 -57.30 -35.83 -7.51
C LYS L 103 -57.40 -34.74 -6.45
N ILE L 104 -58.10 -33.66 -6.81
CA ILE L 104 -58.32 -32.53 -5.92
C ILE L 104 -59.83 -32.30 -5.79
N ARG L 105 -60.29 -32.10 -4.55
CA ARG L 105 -61.70 -31.88 -4.29
C ARG L 105 -62.04 -30.39 -4.37
N PRO L 106 -63.30 -30.06 -4.70
CA PRO L 106 -63.71 -28.66 -4.70
C PRO L 106 -63.56 -28.04 -3.33
N PRO L 107 -63.14 -26.78 -3.26
CA PRO L 107 -62.98 -26.12 -1.95
C PRO L 107 -64.34 -25.81 -1.35
N LYS L 108 -64.52 -26.20 -0.09
CA LYS L 108 -65.77 -25.91 0.60
C LYS L 108 -65.83 -24.44 1.02
N GLU L 109 -66.93 -24.06 1.65
CA GLU L 109 -67.08 -22.70 2.13
C GLU L 109 -66.10 -22.43 3.26
N GLY L 110 -65.49 -21.24 3.24
CA GLY L 110 -64.52 -20.85 4.25
C GLY L 110 -63.08 -21.01 3.82
N GLU L 111 -62.82 -21.79 2.78
CA GLU L 111 -61.46 -21.96 2.27
C GLU L 111 -61.37 -21.47 0.83
N ARG L 112 -60.21 -20.91 0.48
CA ARG L 112 -59.99 -20.29 -0.82
C ARG L 112 -59.07 -21.12 -1.71
N TYR L 113 -58.71 -22.33 -1.29
CA TYR L 113 -57.78 -23.16 -2.04
C TYR L 113 -58.32 -24.57 -2.17
N PHE L 114 -58.01 -25.21 -3.29
CA PHE L 114 -58.38 -26.60 -3.50
C PHE L 114 -57.61 -27.51 -2.55
N ALA L 115 -58.25 -28.62 -2.18
CA ALA L 115 -57.66 -29.60 -1.27
C ALA L 115 -57.42 -30.91 -1.99
N LEU L 116 -56.29 -31.53 -1.71
CA LEU L 116 -55.94 -32.81 -2.33
C LEU L 116 -56.79 -33.92 -1.71
N LEU L 117 -57.43 -34.73 -2.57
CA LEU L 117 -58.27 -35.82 -2.11
C LEU L 117 -57.47 -37.12 -1.99
N LYS L 118 -56.89 -37.58 -3.11
CA LYS L 118 -56.11 -38.81 -3.12
C LYS L 118 -54.90 -38.62 -4.03
N VAL L 119 -53.74 -39.04 -3.54
CA VAL L 119 -52.49 -38.94 -4.29
C VAL L 119 -52.16 -40.32 -4.85
N ASN L 120 -51.92 -40.38 -6.16
CA ASN L 120 -51.62 -41.64 -6.84
C ASN L 120 -50.29 -41.62 -7.58
N GLU L 121 -49.52 -40.54 -7.46
CA GLU L 121 -48.25 -40.44 -8.17
C GLU L 121 -47.34 -39.48 -7.41
N VAL L 122 -46.21 -39.99 -6.91
CA VAL L 122 -45.24 -39.18 -6.18
C VAL L 122 -43.91 -39.32 -6.88
N ASN L 123 -43.36 -38.18 -7.33
CA ASN L 123 -42.07 -38.13 -8.04
C ASN L 123 -42.05 -39.08 -9.22
N PHE L 124 -43.16 -39.10 -9.98
CA PHE L 124 -43.33 -40.00 -11.13
C PHE L 124 -43.14 -41.45 -10.71
N ASP L 125 -43.66 -41.81 -9.55
CA ASP L 125 -43.50 -43.16 -9.01
C ASP L 125 -44.64 -43.42 -8.03
N LYS L 126 -44.80 -44.69 -7.69
CA LYS L 126 -45.83 -45.08 -6.73
C LYS L 126 -45.53 -44.46 -5.36
N PRO L 127 -46.53 -43.92 -4.67
CA PRO L 127 -46.26 -43.27 -3.38
C PRO L 127 -45.62 -44.19 -2.36
N GLU L 128 -45.97 -45.48 -2.36
CA GLU L 128 -45.36 -46.42 -1.42
C GLU L 128 -43.87 -46.57 -1.69
N ASN L 129 -43.48 -46.64 -2.96
CA ASN L 129 -42.07 -46.79 -3.29
C ASN L 129 -41.28 -45.53 -2.95
N ALA L 130 -41.89 -44.35 -3.08
CA ALA L 130 -41.19 -43.11 -2.76
C ALA L 130 -40.89 -43.00 -1.27
N ARG L 131 -41.67 -43.68 -0.43
CA ARG L 131 -41.45 -43.65 1.02
C ARG L 131 -40.15 -44.33 1.43
N ASN L 132 -39.62 -45.24 0.61
CA ASN L 132 -38.41 -45.99 0.94
C ASN L 132 -37.17 -45.40 0.30
N LYS L 133 -37.27 -44.23 -0.34
CA LYS L 133 -36.12 -43.63 -0.99
C LYS L 133 -35.10 -43.14 0.04
N ILE L 134 -33.81 -43.17 -0.27
CA ILE L 134 -32.87 -42.63 0.77
C ILE L 134 -32.72 -41.12 0.57
N LEU L 135 -32.51 -40.36 1.65
CA LEU L 135 -32.44 -38.88 1.55
C LEU L 135 -31.19 -38.48 0.78
N PHE L 136 -31.16 -37.27 0.23
CA PHE L 136 -30.01 -36.82 -0.60
C PHE L 136 -28.79 -36.60 0.28
N GLU L 137 -28.98 -36.26 1.55
CA GLU L 137 -27.82 -35.92 2.36
C GLU L 137 -27.03 -37.15 2.80
N ASN L 138 -27.66 -38.32 2.82
CA ASN L 138 -26.97 -39.55 3.19
C ASN L 138 -26.17 -40.15 2.05
N LEU L 139 -26.36 -39.68 0.82
CA LEU L 139 -25.64 -40.21 -0.33
C LEU L 139 -24.18 -39.75 -0.30
N THR L 140 -23.30 -40.60 -0.81
CA THR L 140 -21.87 -40.32 -0.83
C THR L 140 -21.49 -39.68 -2.16
N PRO L 141 -21.04 -38.42 -2.17
CA PRO L 141 -20.63 -37.79 -3.43
C PRO L 141 -19.32 -38.36 -3.94
N LEU L 142 -19.15 -38.23 -5.26
CA LEU L 142 -17.93 -38.66 -5.93
C LEU L 142 -17.58 -37.66 -7.02
N HIS L 143 -16.39 -37.82 -7.60
CA HIS L 143 -15.98 -36.97 -8.70
C HIS L 143 -16.73 -37.33 -9.98
N ALA L 144 -16.81 -36.37 -10.89
CA ALA L 144 -17.51 -36.58 -12.15
C ALA L 144 -16.78 -37.61 -13.01
N ASN L 145 -17.55 -38.51 -13.61
CA ASN L 145 -17.00 -39.55 -14.47
C ASN L 145 -17.76 -39.76 -15.77
N SER L 146 -18.93 -39.13 -15.94
CA SER L 146 -19.73 -39.29 -17.15
C SER L 146 -19.51 -38.07 -18.04
N ARG L 147 -18.83 -38.27 -19.16
CA ARG L 147 -18.52 -37.16 -20.06
C ARG L 147 -19.77 -36.71 -20.81
N LEU L 148 -20.00 -35.40 -20.82
CA LEU L 148 -21.13 -34.80 -21.52
C LEU L 148 -20.59 -34.11 -22.77
N ARG L 149 -20.91 -34.66 -23.94
CA ARG L 149 -20.43 -34.13 -25.21
C ARG L 149 -21.19 -32.84 -25.53
N MET L 150 -20.53 -31.70 -25.30
CA MET L 150 -21.16 -30.42 -25.56
C MET L 150 -21.14 -30.03 -27.04
N GLU L 151 -20.32 -30.71 -27.85
CA GLU L 151 -20.22 -30.39 -29.27
C GLU L 151 -21.40 -30.98 -30.03
N ARG L 152 -21.95 -30.18 -30.95
CA ARG L 152 -23.06 -30.61 -31.80
C ARG L 152 -22.57 -30.71 -33.24
N GLY L 153 -22.76 -31.88 -33.84
CA GLY L 153 -22.29 -32.10 -35.20
C GLY L 153 -23.35 -31.88 -36.25
N ASN L 154 -24.58 -32.31 -35.97
CA ASN L 154 -25.65 -32.20 -36.96
C ASN L 154 -25.98 -30.74 -37.27
N ASP L 155 -25.98 -29.88 -36.26
CA ASP L 155 -26.32 -28.47 -36.49
C ASP L 155 -25.30 -27.80 -37.40
N SER L 156 -24.01 -27.98 -37.10
CA SER L 156 -22.92 -27.40 -37.90
C SER L 156 -23.09 -25.89 -38.04
N THR L 157 -23.50 -25.25 -36.95
CA THR L 157 -23.72 -23.81 -36.98
C THR L 157 -22.39 -23.06 -37.04
N GLU L 158 -22.48 -21.78 -37.42
CA GLU L 158 -21.29 -20.94 -37.51
C GLU L 158 -20.70 -20.63 -36.14
N ASP L 159 -21.49 -20.77 -35.07
CA ASP L 159 -20.97 -20.51 -33.73
C ASP L 159 -20.07 -21.65 -33.29
N LEU L 160 -18.89 -21.30 -32.78
CA LEU L 160 -17.91 -22.27 -32.31
C LEU L 160 -17.86 -22.37 -30.80
N THR L 161 -18.87 -21.83 -30.11
CA THR L 161 -18.87 -21.83 -28.65
C THR L 161 -18.88 -23.25 -28.10
N ALA L 162 -19.70 -24.13 -28.68
CA ALA L 162 -19.76 -25.52 -28.22
C ALA L 162 -18.42 -26.22 -28.41
N ARG L 163 -17.78 -26.01 -29.56
CA ARG L 163 -16.49 -26.65 -29.82
C ARG L 163 -15.41 -26.12 -28.87
N VAL L 164 -15.40 -24.81 -28.63
CA VAL L 164 -14.40 -24.22 -27.74
C VAL L 164 -14.60 -24.67 -26.30
N LEU L 165 -15.86 -24.80 -25.87
CA LEU L 165 -16.14 -25.15 -24.49
C LEU L 165 -15.58 -26.53 -24.13
N ASP L 166 -15.71 -27.50 -25.04
CA ASP L 166 -15.15 -28.82 -24.79
C ASP L 166 -13.63 -28.77 -24.69
N LEU L 167 -13.00 -28.01 -25.58
CA LEU L 167 -11.53 -27.92 -25.55
C LEU L 167 -11.05 -27.15 -24.32
N ALA L 168 -11.71 -26.03 -24.00
CA ALA L 168 -11.27 -25.21 -22.87
C ALA L 168 -11.49 -25.93 -21.55
N SER L 169 -12.69 -26.47 -21.33
CA SER L 169 -13.02 -27.12 -20.08
C SER L 169 -14.15 -28.13 -20.26
N PRO L 170 -13.85 -29.42 -20.32
CA PRO L 170 -14.92 -30.41 -20.45
C PRO L 170 -15.86 -30.40 -19.25
N ILE L 171 -17.13 -30.65 -19.51
CA ILE L 171 -18.17 -30.64 -18.48
C ILE L 171 -18.76 -32.03 -18.36
N GLY L 172 -18.82 -32.55 -17.14
CA GLY L 172 -19.38 -33.86 -16.87
C GLY L 172 -20.61 -33.77 -15.98
N ARG L 173 -21.15 -34.95 -15.67
CA ARG L 173 -22.30 -35.06 -14.79
C ARG L 173 -21.87 -34.87 -13.34
N GLY L 174 -22.61 -34.05 -12.60
CA GLY L 174 -22.30 -33.79 -11.21
C GLY L 174 -21.24 -32.73 -10.99
N GLN L 175 -20.89 -31.96 -12.02
CA GLN L 175 -19.91 -30.90 -11.88
C GLN L 175 -20.48 -29.74 -11.06
N ARG L 176 -19.59 -29.04 -10.37
CA ARG L 176 -19.93 -27.87 -9.56
C ARG L 176 -19.19 -26.65 -10.08
N GLY L 177 -19.15 -26.49 -11.40
CA GLY L 177 -18.41 -25.39 -11.98
C GLY L 177 -19.15 -24.07 -11.90
N LEU L 178 -18.39 -22.99 -12.09
CA LEU L 178 -18.93 -21.64 -12.11
C LEU L 178 -18.33 -20.90 -13.29
N ILE L 179 -19.06 -19.88 -13.76
CA ILE L 179 -18.65 -19.07 -14.90
C ILE L 179 -18.38 -17.66 -14.42
N VAL L 180 -17.18 -17.17 -14.69
CA VAL L 180 -16.80 -15.80 -14.36
C VAL L 180 -16.99 -14.96 -15.62
N ALA L 181 -18.04 -14.14 -15.63
CA ALA L 181 -18.43 -13.39 -16.82
C ALA L 181 -18.54 -11.91 -16.49
N PRO L 182 -17.70 -11.05 -17.06
CA PRO L 182 -17.90 -9.60 -16.90
C PRO L 182 -19.15 -9.14 -17.64
N PRO L 183 -19.70 -7.98 -17.29
CA PRO L 183 -20.89 -7.50 -17.98
C PRO L 183 -20.63 -7.26 -19.45
N LYS L 184 -21.65 -7.51 -20.26
CA LYS L 184 -21.58 -7.35 -21.73
C LYS L 184 -20.45 -8.21 -22.32
N ALA L 185 -20.41 -9.48 -21.91
CA ALA L 185 -19.43 -10.43 -22.42
C ALA L 185 -20.08 -11.69 -22.98
N GLY L 186 -21.33 -11.59 -23.43
CA GLY L 186 -22.03 -12.75 -23.96
C GLY L 186 -22.32 -13.82 -22.94
N LYS L 187 -22.64 -13.43 -21.71
CA LYS L 187 -22.94 -14.42 -20.67
C LYS L 187 -24.28 -15.10 -20.93
N THR L 188 -25.28 -14.34 -21.36
CA THR L 188 -26.61 -14.91 -21.58
C THR L 188 -26.61 -15.92 -22.71
N MET L 189 -25.94 -15.61 -23.82
CA MET L 189 -25.91 -16.53 -24.95
C MET L 189 -25.03 -17.74 -24.65
N LEU L 190 -24.08 -17.59 -23.72
CA LEU L 190 -23.25 -18.73 -23.34
C LEU L 190 -24.08 -19.83 -22.69
N LEU L 191 -25.01 -19.45 -21.82
CA LEU L 191 -25.87 -20.44 -21.18
C LEU L 191 -26.86 -21.04 -22.18
N GLN L 192 -27.35 -20.22 -23.12
CA GLN L 192 -28.30 -20.71 -24.10
C GLN L 192 -27.69 -21.78 -24.99
N ASN L 193 -26.44 -21.56 -25.42
CA ASN L 193 -25.78 -22.55 -26.27
C ASN L 193 -25.57 -23.87 -25.52
N ILE L 194 -25.21 -23.80 -24.24
CA ILE L 194 -25.06 -25.00 -23.44
C ILE L 194 -26.39 -25.73 -23.32
N ALA L 195 -27.47 -24.99 -23.11
CA ALA L 195 -28.79 -25.61 -22.97
C ALA L 195 -29.20 -26.35 -24.24
N GLN L 196 -28.88 -25.79 -25.41
CA GLN L 196 -29.23 -26.44 -26.66
C GLN L 196 -28.52 -27.79 -26.80
N SER L 197 -27.24 -27.85 -26.45
CA SER L 197 -26.50 -29.11 -26.55
C SER L 197 -27.01 -30.14 -25.57
N ILE L 198 -27.34 -29.72 -24.34
CA ILE L 198 -27.83 -30.65 -23.34
C ILE L 198 -29.17 -31.25 -23.77
N ALA L 199 -30.07 -30.41 -24.28
CA ALA L 199 -31.37 -30.88 -24.75
C ALA L 199 -31.25 -31.75 -26.00
N TYR L 200 -30.13 -31.66 -26.71
CA TYR L 200 -29.91 -32.43 -27.93
C TYR L 200 -29.07 -33.68 -27.70
N ASN L 201 -27.89 -33.52 -27.09
CA ASN L 201 -26.99 -34.66 -26.91
C ASN L 201 -27.49 -35.61 -25.83
N HIS L 202 -28.10 -35.08 -24.77
CA HIS L 202 -28.57 -35.88 -23.64
C HIS L 202 -30.02 -35.53 -23.34
N PRO L 203 -30.96 -35.99 -24.18
CA PRO L 203 -32.38 -35.73 -23.90
C PRO L 203 -32.86 -36.36 -22.61
N ASP L 204 -32.24 -37.46 -22.17
CA ASP L 204 -32.69 -38.13 -20.96
C ASP L 204 -32.44 -37.27 -19.72
N CYS L 205 -31.34 -36.53 -19.71
CA CYS L 205 -31.01 -35.70 -18.55
C CYS L 205 -32.03 -34.57 -18.39
N VAL L 206 -32.43 -34.33 -17.15
CA VAL L 206 -33.39 -33.26 -16.85
C VAL L 206 -32.63 -31.94 -16.78
N LEU L 207 -33.07 -30.96 -17.55
CA LEU L 207 -32.45 -29.65 -17.61
C LEU L 207 -33.37 -28.62 -16.95
N MET L 208 -32.85 -27.90 -15.97
CA MET L 208 -33.59 -26.87 -15.26
C MET L 208 -32.79 -25.57 -15.30
N VAL L 209 -33.45 -24.48 -15.65
CA VAL L 209 -32.82 -23.17 -15.78
C VAL L 209 -33.45 -22.25 -14.74
N LEU L 210 -32.62 -21.63 -13.90
CA LEU L 210 -33.05 -20.69 -12.89
C LEU L 210 -32.40 -19.34 -13.13
N LEU L 211 -33.21 -18.30 -13.21
CA LEU L 211 -32.73 -16.94 -13.46
C LEU L 211 -33.19 -16.02 -12.34
N ILE L 212 -32.30 -15.16 -11.86
CA ILE L 212 -32.56 -14.25 -10.76
C ILE L 212 -32.36 -12.82 -11.26
N ASP L 213 -33.34 -11.96 -10.97
CA ASP L 213 -33.27 -10.53 -11.30
C ASP L 213 -33.07 -10.30 -12.80
N GLU L 214 -33.78 -11.06 -13.61
CA GLU L 214 -33.73 -10.93 -15.06
C GLU L 214 -34.94 -10.17 -15.58
N ARG L 215 -34.76 -9.49 -16.70
CA ARG L 215 -35.83 -8.72 -17.31
C ARG L 215 -36.93 -9.66 -17.83
N PRO L 216 -38.18 -9.20 -17.83
CA PRO L 216 -39.28 -10.07 -18.30
C PRO L 216 -39.11 -10.55 -19.73
N GLU L 217 -38.59 -9.70 -20.63
CA GLU L 217 -38.38 -10.14 -22.01
C GLU L 217 -37.25 -11.16 -22.11
N GLU L 218 -36.28 -11.10 -21.21
CA GLU L 218 -35.21 -12.09 -21.20
C GLU L 218 -35.72 -13.45 -20.75
N VAL L 219 -36.67 -13.48 -19.82
CA VAL L 219 -37.24 -14.76 -19.36
C VAL L 219 -38.02 -15.42 -20.47
N THR L 220 -38.82 -14.64 -21.21
CA THR L 220 -39.62 -15.21 -22.28
C THR L 220 -38.75 -15.81 -23.39
N GLU L 221 -37.67 -15.13 -23.75
CA GLU L 221 -36.77 -15.68 -24.77
C GLU L 221 -36.12 -16.98 -24.30
N MET L 222 -35.77 -17.05 -23.02
CA MET L 222 -35.14 -18.25 -22.49
C MET L 222 -36.09 -19.45 -22.57
N GLN L 223 -37.37 -19.23 -22.26
CA GLN L 223 -38.34 -20.32 -22.31
C GLN L 223 -38.51 -20.84 -23.73
N ARG L 224 -38.57 -19.93 -24.71
CA ARG L 224 -38.74 -20.34 -26.11
C ARG L 224 -37.52 -21.08 -26.63
N LEU L 225 -36.32 -20.68 -26.20
CA LEU L 225 -35.10 -21.27 -26.73
C LEU L 225 -34.75 -22.59 -26.03
N VAL L 226 -34.83 -22.61 -24.71
CA VAL L 226 -34.44 -23.79 -23.94
C VAL L 226 -35.57 -24.81 -23.98
N LYS L 227 -35.22 -26.05 -24.37
CA LYS L 227 -36.19 -27.14 -24.42
C LYS L 227 -36.16 -27.87 -23.09
N GLY L 228 -36.80 -27.26 -22.10
CA GLY L 228 -36.84 -27.85 -20.78
C GLY L 228 -37.67 -27.01 -19.83
N GLU L 229 -37.45 -27.22 -18.54
CA GLU L 229 -38.15 -26.48 -17.49
C GLU L 229 -37.37 -25.24 -17.14
N VAL L 230 -37.98 -24.07 -17.36
CA VAL L 230 -37.36 -22.78 -17.09
C VAL L 230 -38.20 -22.03 -16.07
N VAL L 231 -37.58 -21.63 -14.97
CA VAL L 231 -38.23 -20.83 -13.93
C VAL L 231 -37.34 -19.64 -13.61
N ALA L 232 -37.96 -18.47 -13.45
CA ALA L 232 -37.20 -17.25 -13.23
C ALA L 232 -38.03 -16.29 -12.39
N SER L 233 -37.33 -15.33 -11.78
CA SER L 233 -37.94 -14.28 -10.97
C SER L 233 -37.50 -12.93 -11.51
N THR L 234 -38.47 -12.05 -11.75
CA THR L 234 -38.19 -10.73 -12.30
C THR L 234 -37.63 -9.81 -11.21
N PHE L 235 -37.03 -8.70 -11.66
CA PHE L 235 -36.41 -7.77 -10.73
C PHE L 235 -37.45 -7.05 -9.87
N ASP L 236 -38.65 -6.79 -10.42
CA ASP L 236 -39.67 -6.07 -9.66
C ASP L 236 -40.19 -6.88 -8.47
N GLU L 237 -40.06 -8.20 -8.52
CA GLU L 237 -40.49 -9.02 -7.41
C GLU L 237 -39.58 -8.80 -6.19
N PRO L 238 -40.10 -8.97 -4.98
CA PRO L 238 -39.30 -8.72 -3.79
C PRO L 238 -38.17 -9.73 -3.64
N ALA L 239 -37.20 -9.36 -2.79
CA ALA L 239 -36.05 -10.23 -2.57
C ALA L 239 -36.46 -11.54 -1.91
N SER L 240 -37.55 -11.54 -1.13
CA SER L 240 -38.03 -12.77 -0.54
C SER L 240 -38.52 -13.74 -1.60
N ARG L 241 -39.09 -13.22 -2.69
CA ARG L 241 -39.50 -14.08 -3.81
C ARG L 241 -38.31 -14.79 -4.42
N HIS L 242 -37.17 -14.10 -4.55
CA HIS L 242 -35.97 -14.71 -5.10
C HIS L 242 -35.48 -15.86 -4.23
N VAL L 243 -35.54 -15.69 -2.91
CA VAL L 243 -35.14 -16.76 -2.00
C VAL L 243 -36.10 -17.95 -2.11
N GLN L 244 -37.40 -17.67 -2.19
CA GLN L 244 -38.39 -18.74 -2.23
C GLN L 244 -38.21 -19.62 -3.47
N VAL L 245 -38.00 -19.01 -4.63
CA VAL L 245 -37.82 -19.78 -5.85
C VAL L 245 -36.48 -20.51 -5.88
N ALA L 246 -35.43 -19.92 -5.30
CA ALA L 246 -34.12 -20.55 -5.31
C ALA L 246 -34.13 -21.86 -4.52
N GLU L 247 -34.77 -21.87 -3.34
CA GLU L 247 -34.86 -23.10 -2.58
C GLU L 247 -35.78 -24.12 -3.25
N MET L 248 -36.77 -23.64 -4.01
CA MET L 248 -37.68 -24.55 -4.68
C MET L 248 -36.97 -25.39 -5.74
N VAL L 249 -36.05 -24.77 -6.49
CA VAL L 249 -35.36 -25.48 -7.57
C VAL L 249 -34.45 -26.55 -7.01
N ILE L 250 -33.66 -26.22 -5.99
CA ILE L 250 -32.68 -27.16 -5.46
C ILE L 250 -33.38 -28.31 -4.74
N GLU L 251 -34.44 -28.02 -3.99
CA GLU L 251 -35.18 -29.07 -3.30
C GLU L 251 -35.84 -30.02 -4.29
N LYS L 252 -36.38 -29.47 -5.38
CA LYS L 252 -36.95 -30.33 -6.43
C LYS L 252 -35.88 -31.19 -7.07
N ALA L 253 -34.70 -30.62 -7.31
CA ALA L 253 -33.62 -31.39 -7.93
C ALA L 253 -33.16 -32.53 -7.02
N LYS L 254 -33.07 -32.28 -5.71
CA LYS L 254 -32.60 -33.31 -4.79
C LYS L 254 -33.54 -34.51 -4.78
N ARG L 255 -34.85 -34.27 -4.81
CA ARG L 255 -35.82 -35.36 -4.83
C ARG L 255 -35.67 -36.20 -6.11
N LEU L 256 -35.46 -35.53 -7.25
CA LEU L 256 -35.26 -36.27 -8.50
C LEU L 256 -33.98 -37.08 -8.49
N VAL L 257 -32.93 -36.57 -7.85
CA VAL L 257 -31.67 -37.30 -7.77
C VAL L 257 -31.84 -38.59 -6.97
N GLU L 258 -32.66 -38.54 -5.92
CA GLU L 258 -32.92 -39.73 -5.11
C GLU L 258 -33.58 -40.84 -5.91
N HIS L 259 -34.24 -40.52 -7.02
CA HIS L 259 -34.89 -41.50 -7.87
C HIS L 259 -34.00 -41.94 -9.04
N LYS L 260 -32.68 -41.93 -8.84
CA LYS L 260 -31.72 -42.37 -9.85
C LYS L 260 -31.84 -41.58 -11.16
N LYS L 261 -32.07 -40.28 -11.05
CA LYS L 261 -32.18 -39.40 -12.21
C LYS L 261 -31.08 -38.34 -12.16
N ASP L 262 -30.70 -37.85 -13.34
CA ASP L 262 -29.66 -36.83 -13.49
C ASP L 262 -30.33 -35.48 -13.74
N VAL L 263 -29.96 -34.49 -12.94
CA VAL L 263 -30.52 -33.15 -13.02
C VAL L 263 -29.39 -32.17 -13.28
N ILE L 264 -29.57 -31.29 -14.28
CA ILE L 264 -28.61 -30.25 -14.62
C ILE L 264 -29.27 -28.91 -14.37
N ILE L 265 -28.63 -28.06 -13.58
CA ILE L 265 -29.16 -26.77 -13.19
C ILE L 265 -28.25 -25.68 -13.72
N LEU L 266 -28.82 -24.73 -14.48
CA LEU L 266 -28.09 -23.57 -14.97
C LEU L 266 -28.46 -22.38 -14.08
N LEU L 267 -27.52 -21.95 -13.25
CA LEU L 267 -27.75 -20.90 -12.27
C LEU L 267 -27.26 -19.56 -12.80
N ASP L 268 -28.10 -18.53 -12.63
CA ASP L 268 -27.73 -17.17 -13.04
C ASP L 268 -28.54 -16.21 -12.18
N SER L 269 -27.89 -15.54 -11.23
CA SER L 269 -26.45 -15.65 -10.97
C SER L 269 -26.19 -15.78 -9.47
N ILE L 270 -25.02 -16.30 -9.12
CA ILE L 270 -24.64 -16.44 -7.72
C ILE L 270 -24.59 -15.07 -7.05
N THR L 271 -23.99 -14.09 -7.73
CA THR L 271 -23.95 -12.74 -7.18
C THR L 271 -25.34 -12.18 -6.98
N ARG L 272 -26.23 -12.37 -7.95
CA ARG L 272 -27.62 -11.94 -7.78
C ARG L 272 -28.31 -12.75 -6.70
N LEU L 273 -28.05 -14.07 -6.64
CA LEU L 273 -28.66 -14.90 -5.60
C LEU L 273 -28.16 -14.49 -4.22
N ALA L 274 -26.86 -14.23 -4.08
CA ALA L 274 -26.34 -13.80 -2.79
C ALA L 274 -26.86 -12.41 -2.41
N ARG L 275 -27.20 -11.59 -3.41
CA ARG L 275 -27.75 -10.27 -3.13
C ARG L 275 -29.08 -10.38 -2.40
N ALA L 276 -29.97 -11.27 -2.87
CA ALA L 276 -31.26 -11.44 -2.20
C ALA L 276 -31.10 -12.12 -0.85
N TYR L 277 -30.20 -13.09 -0.75
CA TYR L 277 -30.00 -13.80 0.52
C TYR L 277 -29.52 -12.86 1.61
N ASN L 278 -28.62 -11.94 1.28
CA ASN L 278 -28.09 -11.01 2.28
C ASN L 278 -29.18 -10.11 2.83
N THR L 279 -30.09 -9.63 1.97
CA THR L 279 -31.15 -8.74 2.42
C THR L 279 -32.17 -9.47 3.27
N VAL L 280 -32.53 -10.70 2.89
CA VAL L 280 -33.59 -11.41 3.59
C VAL L 280 -33.17 -11.78 5.00
N VAL L 281 -31.95 -12.25 5.18
CA VAL L 281 -31.52 -12.70 6.51
C VAL L 281 -31.45 -11.50 7.45
N PRO L 282 -31.98 -11.61 8.67
CA PRO L 282 -31.90 -10.48 9.61
C PRO L 282 -30.47 -10.23 10.05
N ALA L 283 -30.19 -8.98 10.39
CA ALA L 283 -28.86 -8.58 10.84
C ALA L 283 -28.53 -9.23 12.18
N SER L 284 -27.29 -9.70 12.32
CA SER L 284 -26.83 -10.32 13.54
C SER L 284 -26.13 -9.33 14.48
N GLY L 285 -26.13 -8.04 14.14
CA GLY L 285 -25.48 -7.03 14.94
C GLY L 285 -24.04 -6.74 14.55
N LYS L 286 -23.46 -7.54 13.66
CA LYS L 286 -22.10 -7.33 13.18
C LYS L 286 -22.10 -7.26 11.66
N VAL L 287 -21.45 -6.24 11.10
CA VAL L 287 -21.38 -6.03 9.67
C VAL L 287 -19.94 -6.15 9.23
N LEU L 288 -19.69 -7.02 8.24
CA LEU L 288 -18.36 -7.24 7.71
C LEU L 288 -18.11 -6.27 6.56
N THR L 289 -17.02 -6.48 5.82
CA THR L 289 -16.70 -5.62 4.68
C THR L 289 -17.72 -5.81 3.56
N GLY L 290 -18.13 -4.70 2.96
CA GLY L 290 -19.09 -4.74 1.89
C GLY L 290 -20.53 -4.90 2.32
N GLY L 291 -20.81 -4.88 3.62
CA GLY L 291 -22.18 -5.01 4.09
C GLY L 291 -22.74 -6.40 3.98
N VAL L 292 -21.89 -7.42 3.89
CA VAL L 292 -22.32 -8.81 3.77
C VAL L 292 -21.95 -9.54 5.05
N ASP L 293 -22.95 -10.13 5.71
CA ASP L 293 -22.72 -10.87 6.93
C ASP L 293 -22.15 -12.25 6.62
N ALA L 294 -21.45 -12.82 7.60
CA ALA L 294 -20.89 -14.16 7.43
C ALA L 294 -21.99 -15.19 7.24
N ASN L 295 -23.07 -15.10 8.01
CA ASN L 295 -24.18 -16.03 7.88
C ASN L 295 -25.01 -15.76 6.63
N ALA L 296 -24.92 -14.56 6.06
CA ALA L 296 -25.70 -14.24 4.86
C ALA L 296 -25.27 -15.10 3.68
N LEU L 297 -23.97 -15.32 3.51
CA LEU L 297 -23.45 -16.12 2.41
C LEU L 297 -23.45 -17.61 2.72
N HIS L 298 -23.89 -18.02 3.91
CA HIS L 298 -24.00 -19.44 4.22
C HIS L 298 -25.03 -20.12 3.33
N ARG L 299 -26.16 -19.45 3.09
CA ARG L 299 -27.21 -20.03 2.25
C ARG L 299 -26.76 -20.27 0.82
N PRO L 300 -26.11 -19.33 0.12
CA PRO L 300 -25.61 -19.65 -1.23
C PRO L 300 -24.61 -20.79 -1.24
N LYS L 301 -23.80 -20.94 -0.19
CA LYS L 301 -22.85 -22.05 -0.14
C LYS L 301 -23.58 -23.39 -0.10
N ARG L 302 -24.68 -23.47 0.66
CA ARG L 302 -25.47 -24.70 0.69
C ARG L 302 -26.06 -24.99 -0.69
N PHE L 303 -26.59 -23.96 -1.36
CA PHE L 303 -27.19 -24.15 -2.67
C PHE L 303 -26.15 -24.57 -3.71
N PHE L 304 -24.99 -23.91 -3.71
CA PHE L 304 -23.97 -24.20 -4.71
C PHE L 304 -23.28 -25.54 -4.44
N GLY L 305 -23.08 -25.88 -3.17
CA GLY L 305 -22.35 -27.10 -2.84
C GLY L 305 -23.14 -28.38 -3.02
N ALA L 306 -24.43 -28.28 -3.33
CA ALA L 306 -25.27 -29.47 -3.47
C ALA L 306 -24.96 -30.28 -4.73
N ALA L 307 -24.17 -29.73 -5.65
CA ALA L 307 -23.83 -30.43 -6.88
C ALA L 307 -22.92 -31.61 -6.55
N ARG L 308 -23.47 -32.82 -6.60
CA ARG L 308 -22.73 -34.03 -6.24
C ARG L 308 -23.01 -35.12 -7.27
N ASN L 309 -22.08 -36.07 -7.36
CA ASN L 309 -22.21 -37.25 -8.21
C ASN L 309 -22.48 -38.44 -7.30
N VAL L 310 -23.71 -38.94 -7.33
CA VAL L 310 -24.11 -40.00 -6.41
C VAL L 310 -23.50 -41.33 -6.86
N GLU L 311 -22.84 -42.01 -5.92
CA GLU L 311 -22.28 -43.32 -6.21
C GLU L 311 -23.38 -44.34 -6.50
N GLU L 312 -24.48 -44.30 -5.73
CA GLU L 312 -25.56 -45.25 -5.92
C GLU L 312 -26.21 -45.08 -7.28
N GLY L 313 -26.41 -43.84 -7.72
CA GLY L 313 -27.03 -43.59 -9.01
C GLY L 313 -27.51 -42.16 -9.16
N GLY L 314 -27.38 -41.61 -10.36
CA GLY L 314 -27.78 -40.25 -10.63
C GLY L 314 -26.71 -39.24 -10.25
N SER L 315 -26.95 -38.00 -10.64
CA SER L 315 -26.02 -36.92 -10.35
C SER L 315 -26.75 -35.59 -10.43
N LEU L 316 -26.17 -34.57 -9.80
CA LEU L 316 -26.71 -33.22 -9.81
C LEU L 316 -25.61 -32.28 -10.32
N THR L 317 -25.81 -31.71 -11.50
CA THR L 317 -24.86 -30.80 -12.11
C THR L 317 -25.39 -29.38 -11.99
N ILE L 318 -24.57 -28.50 -11.40
CA ILE L 318 -24.93 -27.10 -11.20
C ILE L 318 -23.90 -26.23 -11.92
N ILE L 319 -24.36 -25.40 -12.84
CA ILE L 319 -23.52 -24.46 -13.56
C ILE L 319 -24.00 -23.05 -13.23
N ALA L 320 -23.12 -22.24 -12.67
CA ALA L 320 -23.47 -20.90 -12.20
C ALA L 320 -22.63 -19.85 -12.91
N THR L 321 -23.07 -18.61 -12.81
CA THR L 321 -22.38 -17.47 -13.39
C THR L 321 -22.00 -16.48 -12.30
N ALA L 322 -20.79 -15.92 -12.39
CA ALA L 322 -20.29 -14.96 -11.43
C ALA L 322 -20.01 -13.65 -12.15
N LEU L 323 -20.45 -12.55 -11.55
CA LEU L 323 -20.28 -11.21 -12.11
C LEU L 323 -19.10 -10.52 -11.44
N ILE L 324 -18.19 -10.00 -12.26
CA ILE L 324 -17.02 -9.27 -11.77
C ILE L 324 -16.91 -7.96 -12.54
N ASP L 325 -16.16 -7.02 -11.97
CA ASP L 325 -15.91 -5.71 -12.58
C ASP L 325 -17.21 -4.98 -12.88
N THR L 326 -18.18 -5.10 -11.97
CA THR L 326 -19.47 -4.45 -12.11
C THR L 326 -19.53 -3.09 -11.43
N GLY L 327 -18.43 -2.62 -10.85
CA GLY L 327 -18.41 -1.35 -10.15
C GLY L 327 -18.90 -1.39 -8.73
N SER L 328 -19.24 -2.59 -8.24
CA SER L 328 -19.79 -2.74 -6.87
C SER L 328 -18.91 -3.69 -6.05
N LYS L 329 -18.51 -3.26 -4.86
CA LYS L 329 -17.63 -4.08 -3.99
C LYS L 329 -18.39 -5.29 -3.50
N MET L 330 -19.66 -5.13 -3.14
CA MET L 330 -20.40 -6.28 -2.57
C MET L 330 -20.19 -7.46 -3.52
N ASP L 331 -20.34 -7.21 -4.81
CA ASP L 331 -20.18 -8.30 -5.80
C ASP L 331 -18.73 -8.76 -5.84
N GLU L 332 -17.77 -7.94 -5.42
CA GLU L 332 -16.42 -8.49 -5.44
C GLU L 332 -16.18 -9.43 -4.26
N VAL L 333 -16.70 -9.08 -3.09
CA VAL L 333 -16.51 -9.92 -1.91
C VAL L 333 -17.18 -11.27 -2.11
N ILE L 334 -18.35 -11.28 -2.75
CA ILE L 334 -19.06 -12.52 -3.01
C ILE L 334 -18.23 -13.44 -3.89
N TYR L 335 -17.61 -12.87 -4.92
CA TYR L 335 -16.81 -13.68 -5.85
C TYR L 335 -15.60 -14.30 -5.15
N GLU L 336 -14.98 -13.57 -4.23
CA GLU L 336 -13.76 -14.06 -3.59
C GLU L 336 -14.02 -15.32 -2.77
N GLU L 337 -15.15 -15.37 -2.05
CA GLU L 337 -15.46 -16.55 -1.25
C GLU L 337 -15.86 -17.73 -2.12
N PHE L 338 -16.25 -17.47 -3.37
CA PHE L 338 -16.69 -18.52 -4.29
C PHE L 338 -15.64 -18.84 -5.36
N LYS L 339 -14.36 -18.66 -5.03
CA LYS L 339 -13.30 -18.94 -5.99
C LYS L 339 -12.96 -20.43 -6.00
N GLY L 340 -12.47 -20.95 -4.88
CA GLY L 340 -12.03 -22.32 -4.79
C GLY L 340 -13.11 -23.35 -4.54
N THR L 341 -14.36 -22.96 -4.74
CA THR L 341 -15.49 -23.86 -4.43
C THR L 341 -16.00 -24.54 -5.69
N GLY L 342 -15.21 -24.55 -6.77
CA GLY L 342 -15.74 -25.10 -8.03
C GLY L 342 -14.87 -26.19 -8.64
N ASN L 343 -15.49 -27.25 -9.14
CA ASN L 343 -14.72 -28.31 -9.82
C ASN L 343 -14.23 -27.76 -11.16
N MET L 344 -15.09 -27.03 -11.88
CA MET L 344 -14.73 -26.51 -13.21
C MET L 344 -14.80 -24.98 -13.18
N GLU L 345 -13.89 -24.30 -13.86
CA GLU L 345 -13.98 -22.83 -13.92
C GLU L 345 -14.03 -22.38 -15.39
N LEU L 346 -14.58 -21.20 -15.63
CA LEU L 346 -14.69 -20.65 -16.97
C LEU L 346 -14.69 -19.13 -16.85
N HIS L 347 -13.55 -18.51 -17.12
CA HIS L 347 -13.38 -17.07 -16.96
C HIS L 347 -13.49 -16.39 -18.31
N LEU L 348 -14.39 -15.41 -18.39
CA LEU L 348 -14.58 -14.63 -19.60
C LEU L 348 -13.81 -13.31 -19.50
N SER L 349 -13.46 -12.76 -20.65
CA SER L 349 -12.69 -11.53 -20.72
C SER L 349 -13.47 -10.48 -21.52
N ARG L 350 -13.61 -9.29 -20.93
CA ARG L 350 -14.32 -8.21 -21.62
C ARG L 350 -13.53 -7.73 -22.82
N LYS L 351 -12.19 -7.70 -22.72
CA LYS L 351 -11.35 -7.20 -23.80
C LYS L 351 -11.52 -8.02 -25.07
N ILE L 352 -11.65 -9.34 -24.93
CA ILE L 352 -11.88 -10.19 -26.09
C ILE L 352 -13.20 -9.85 -26.76
N ALA L 353 -14.24 -9.62 -25.96
CA ALA L 353 -15.54 -9.23 -26.52
C ALA L 353 -15.46 -7.88 -27.21
N GLU L 354 -14.60 -6.99 -26.75
CA GLU L 354 -14.43 -5.69 -27.40
C GLU L 354 -13.86 -5.81 -28.79
N LYS L 355 -13.21 -6.93 -29.12
CA LYS L 355 -12.65 -7.17 -30.44
C LYS L 355 -13.63 -7.86 -31.38
N ARG L 356 -14.88 -8.03 -30.96
CA ARG L 356 -15.92 -8.70 -31.75
C ARG L 356 -15.51 -10.12 -32.10
N VAL L 357 -14.86 -10.79 -31.15
CA VAL L 357 -14.47 -12.19 -31.29
C VAL L 357 -15.22 -12.98 -30.23
N PHE L 358 -15.94 -14.01 -30.65
CA PHE L 358 -16.75 -14.80 -29.74
C PHE L 358 -16.47 -16.28 -29.94
N PRO L 359 -16.52 -17.08 -28.86
CA PRO L 359 -16.82 -16.70 -27.48
C PRO L 359 -15.63 -16.05 -26.77
N ALA L 360 -15.87 -15.05 -25.92
CA ALA L 360 -14.80 -14.37 -25.20
C ALA L 360 -14.43 -15.19 -23.97
N ILE L 361 -13.64 -16.24 -24.21
CA ILE L 361 -13.25 -17.18 -23.18
C ILE L 361 -11.74 -17.11 -23.01
N ASP L 362 -11.28 -16.96 -21.77
CA ASP L 362 -9.85 -16.96 -21.46
C ASP L 362 -9.41 -18.41 -21.33
N TYR L 363 -8.75 -18.91 -22.39
CA TYR L 363 -8.33 -20.31 -22.41
C TYR L 363 -7.31 -20.60 -21.32
N ASN L 364 -6.35 -19.70 -21.12
CA ASN L 364 -5.33 -19.92 -20.10
C ASN L 364 -5.93 -19.95 -18.70
N ARG L 365 -6.86 -19.04 -18.42
CA ARG L 365 -7.48 -19.00 -17.08
C ARG L 365 -8.44 -20.14 -16.86
N SER L 366 -9.15 -20.57 -17.90
CA SER L 366 -10.11 -21.65 -17.76
C SER L 366 -9.41 -22.98 -17.53
N GLY L 367 -10.10 -23.88 -16.84
CA GLY L 367 -9.54 -25.19 -16.54
C GLY L 367 -10.56 -26.03 -15.80
N THR L 368 -10.15 -27.27 -15.51
CA THR L 368 -11.00 -28.22 -14.82
C THR L 368 -10.14 -29.15 -13.98
N ARG L 369 -10.77 -29.77 -12.99
CA ARG L 369 -10.11 -30.72 -12.10
C ARG L 369 -10.58 -32.13 -12.39
N LYS L 370 -9.65 -33.08 -12.26
CA LYS L 370 -9.93 -34.51 -12.48
C LYS L 370 -10.52 -34.75 -13.87
N GLU L 371 -9.89 -34.13 -14.88
CA GLU L 371 -10.32 -34.31 -16.26
C GLU L 371 -9.98 -35.70 -16.80
N GLU L 372 -9.18 -36.47 -16.08
CA GLU L 372 -8.85 -37.82 -16.54
C GLU L 372 -10.08 -38.71 -16.59
N LEU L 373 -10.96 -38.59 -15.59
CA LEU L 373 -12.16 -39.42 -15.54
C LEU L 373 -13.12 -39.09 -16.69
N LEU L 374 -13.25 -37.80 -17.03
CA LEU L 374 -14.21 -37.41 -18.06
C LEU L 374 -13.73 -37.82 -19.46
N THR L 375 -12.58 -37.29 -19.88
CA THR L 375 -12.07 -37.60 -21.20
C THR L 375 -11.40 -38.97 -21.22
N THR L 376 -11.02 -39.42 -22.41
CA THR L 376 -10.33 -40.68 -22.57
C THR L 376 -8.82 -40.48 -22.54
N GLN L 377 -8.08 -41.59 -22.57
CA GLN L 377 -6.62 -41.52 -22.54
C GLN L 377 -6.09 -40.80 -23.78
N GLU L 378 -6.64 -41.12 -24.95
CA GLU L 378 -6.18 -40.49 -26.18
C GLU L 378 -6.60 -39.03 -26.24
N GLU L 379 -7.84 -38.74 -25.82
CA GLU L 379 -8.34 -37.38 -25.89
C GLU L 379 -7.62 -36.46 -24.91
N LEU L 380 -7.28 -36.99 -23.73
CA LEU L 380 -6.62 -36.17 -22.71
C LEU L 380 -5.25 -35.67 -23.17
N GLN L 381 -4.48 -36.55 -23.83
CA GLN L 381 -3.15 -36.16 -24.29
C GLN L 381 -3.22 -35.07 -25.34
N LYS L 382 -4.21 -35.13 -26.23
CA LYS L 382 -4.36 -34.10 -27.26
C LYS L 382 -4.64 -32.73 -26.65
N MET L 383 -5.47 -32.69 -25.60
CA MET L 383 -5.76 -31.43 -24.93
C MET L 383 -4.50 -30.84 -24.29
N TRP L 384 -3.66 -31.69 -23.71
CA TRP L 384 -2.43 -31.20 -23.10
C TRP L 384 -1.50 -30.57 -24.13
N ILE L 385 -1.41 -31.17 -25.32
CA ILE L 385 -0.58 -30.63 -26.38
C ILE L 385 -1.08 -29.25 -26.79
N LEU L 386 -2.40 -29.09 -26.92
CA LEU L 386 -2.97 -27.81 -27.31
C LEU L 386 -2.69 -26.74 -26.27
N ARG L 387 -2.80 -27.08 -24.98
CA ARG L 387 -2.55 -26.11 -23.93
C ARG L 387 -1.10 -25.64 -23.92
N LYS L 388 -0.18 -26.52 -24.29
CA LYS L 388 1.24 -26.14 -24.34
C LYS L 388 1.48 -25.05 -25.36
N ILE L 389 0.82 -25.13 -26.52
CA ILE L 389 0.99 -24.11 -27.55
C ILE L 389 0.31 -22.81 -27.13
N ILE L 390 -0.87 -22.90 -26.52
CA ILE L 390 -1.65 -21.72 -26.19
C ILE L 390 -0.98 -20.91 -25.08
N HIS L 391 -0.37 -21.58 -24.11
CA HIS L 391 0.12 -20.89 -22.91
C HIS L 391 1.07 -19.73 -23.20
N PRO L 392 2.08 -19.86 -24.07
CA PRO L 392 2.91 -18.68 -24.36
C PRO L 392 2.14 -17.53 -24.97
N MET L 393 1.10 -17.82 -25.76
CA MET L 393 0.31 -16.76 -26.37
C MET L 393 -0.53 -16.04 -25.33
N GLY L 394 -0.91 -14.81 -25.65
CA GLY L 394 -1.72 -14.01 -24.75
C GLY L 394 -3.15 -14.48 -24.69
N GLU L 395 -3.89 -13.92 -23.73
CA GLU L 395 -5.29 -14.30 -23.54
C GLU L 395 -6.16 -13.86 -24.72
N ILE L 396 -5.74 -12.85 -25.47
CA ILE L 396 -6.53 -12.36 -26.60
C ILE L 396 -6.10 -13.02 -27.91
N ASP L 397 -4.79 -13.16 -28.13
CA ASP L 397 -4.30 -13.77 -29.37
C ASP L 397 -4.63 -15.25 -29.46
N ALA L 398 -4.91 -15.91 -28.32
CA ALA L 398 -5.20 -17.33 -28.34
C ALA L 398 -6.54 -17.62 -29.00
N MET L 399 -7.51 -16.71 -28.87
CA MET L 399 -8.85 -16.98 -29.39
C MET L 399 -8.86 -16.98 -30.91
N GLU L 400 -8.43 -15.89 -31.54
CA GLU L 400 -8.43 -15.83 -32.99
C GLU L 400 -7.55 -16.90 -33.61
N PHE L 401 -6.48 -17.30 -32.90
CA PHE L 401 -5.69 -18.44 -33.33
C PHE L 401 -6.52 -19.71 -33.30
N LEU L 402 -7.32 -19.90 -32.25
CA LEU L 402 -8.14 -21.11 -32.14
C LEU L 402 -9.37 -21.04 -33.05
N ILE L 403 -9.93 -19.84 -33.25
CA ILE L 403 -11.16 -19.71 -34.01
C ILE L 403 -10.95 -20.12 -35.46
N ASN L 404 -9.87 -19.63 -36.09
CA ASN L 404 -9.63 -19.94 -37.49
C ASN L 404 -9.35 -21.44 -37.69
N LYS L 405 -8.62 -22.05 -36.76
CA LYS L 405 -8.36 -23.48 -36.86
C LYS L 405 -9.65 -24.28 -36.77
N LEU L 406 -10.54 -23.92 -35.85
CA LEU L 406 -11.81 -24.63 -35.72
C LEU L 406 -12.77 -24.28 -36.85
N ALA L 407 -12.63 -23.09 -37.44
CA ALA L 407 -13.55 -22.68 -38.51
C ALA L 407 -13.41 -23.58 -39.73
N MET L 408 -12.20 -23.95 -40.11
CA MET L 408 -11.97 -24.76 -41.30
C MET L 408 -11.99 -26.26 -41.03
N THR L 409 -12.26 -26.67 -39.78
CA THR L 409 -12.36 -28.09 -39.44
C THR L 409 -13.82 -28.43 -39.13
N LYS L 410 -14.21 -29.65 -39.48
CA LYS L 410 -15.58 -30.10 -39.26
C LYS L 410 -15.85 -30.38 -37.79
N THR L 411 -15.09 -31.29 -37.21
CA THR L 411 -15.23 -31.67 -35.81
C THR L 411 -13.93 -31.41 -35.06
N ASN L 412 -13.99 -31.59 -33.73
CA ASN L 412 -12.81 -31.41 -32.90
C ASN L 412 -11.76 -32.47 -33.21
N ASP L 413 -12.18 -33.65 -33.65
CA ASP L 413 -11.21 -34.69 -34.03
C ASP L 413 -10.36 -34.24 -35.21
N ASP L 414 -10.98 -33.60 -36.20
CA ASP L 414 -10.23 -33.08 -37.34
C ASP L 414 -9.25 -32.00 -36.90
N PHE L 415 -9.66 -31.15 -35.96
CA PHE L 415 -8.75 -30.14 -35.43
C PHE L 415 -7.59 -30.78 -34.67
N PHE L 416 -7.87 -31.83 -33.91
CA PHE L 416 -6.83 -32.48 -33.11
C PHE L 416 -5.74 -33.09 -34.00
N GLU L 417 -6.14 -33.76 -35.08
CA GLU L 417 -5.14 -34.39 -35.95
C GLU L 417 -4.35 -33.35 -36.74
N MET L 418 -4.94 -32.17 -36.98
CA MET L 418 -4.20 -31.10 -37.63
C MET L 418 -3.06 -30.58 -36.77
N MET L 419 -3.29 -30.42 -35.46
CA MET L 419 -2.23 -29.97 -34.57
C MET L 419 -1.10 -30.99 -34.47
N LYS L 420 -1.41 -32.27 -34.70
CA LYS L 420 -0.39 -33.31 -34.64
C LYS L 420 0.63 -33.15 -35.77
N ARG L 421 0.25 -32.49 -36.86
CA ARG L 421 1.18 -32.26 -37.96
C ARG L 421 2.36 -31.40 -37.52
N SER L 422 2.08 -30.35 -36.74
CA SER L 422 3.13 -29.46 -36.27
C SER L 422 3.91 -30.09 -35.13
N MET M 4 -71.05 22.75 -23.89
CA MET M 4 -71.82 21.53 -24.08
C MET M 4 -70.94 20.29 -23.91
N ASN M 5 -69.70 20.39 -24.35
CA ASN M 5 -68.75 19.28 -24.29
C ASN M 5 -67.64 19.64 -23.30
N LEU M 6 -67.38 18.73 -22.36
CA LEU M 6 -66.44 19.01 -21.29
C LEU M 6 -65.01 19.17 -21.80
N THR M 7 -64.59 18.31 -22.73
CA THR M 7 -63.20 18.32 -23.19
C THR M 7 -62.85 19.62 -23.91
N GLU M 8 -63.76 20.11 -24.76
CA GLU M 8 -63.47 21.34 -25.50
C GLU M 8 -63.55 22.58 -24.61
N LEU M 9 -64.30 22.52 -23.50
CA LEU M 9 -64.44 23.68 -22.64
C LEU M 9 -63.16 23.95 -21.85
N LYS M 10 -62.47 22.88 -21.43
CA LYS M 10 -61.23 23.07 -20.67
C LYS M 10 -60.09 23.56 -21.56
N ASN M 11 -60.10 23.17 -22.84
CA ASN M 11 -59.04 23.61 -23.75
C ASN M 11 -59.16 25.08 -24.12
N THR M 12 -60.32 25.70 -23.89
CA THR M 12 -60.49 27.10 -24.20
C THR M 12 -59.66 27.96 -23.26
N PRO M 13 -59.18 29.12 -23.72
CA PRO M 13 -58.41 30.01 -22.84
C PRO M 13 -59.25 30.52 -21.68
N VAL M 14 -58.57 30.83 -20.58
CA VAL M 14 -59.27 31.31 -19.39
C VAL M 14 -59.96 32.64 -19.65
N SER M 15 -59.33 33.50 -20.46
CA SER M 15 -59.94 34.78 -20.78
C SER M 15 -61.26 34.60 -21.53
N GLU M 16 -61.30 33.67 -22.49
CA GLU M 16 -62.54 33.39 -23.20
C GLU M 16 -63.55 32.70 -22.29
N LEU M 17 -63.07 31.92 -21.30
CA LEU M 17 -63.98 31.22 -20.41
C LEU M 17 -64.82 32.18 -19.60
N ILE M 18 -64.22 33.28 -19.12
CA ILE M 18 -64.97 34.28 -18.37
C ILE M 18 -66.04 34.93 -19.25
N THR M 19 -65.67 35.27 -20.49
CA THR M 19 -66.61 35.94 -21.39
C THR M 19 -67.80 35.06 -21.71
N LEU M 20 -67.57 33.76 -21.88
CA LEU M 20 -68.67 32.84 -22.17
C LEU M 20 -69.67 32.79 -21.02
N GLY M 21 -69.18 32.78 -19.77
CA GLY M 21 -70.07 32.69 -18.64
C GLY M 21 -70.80 33.98 -18.34
N GLU M 22 -70.25 35.13 -18.74
CA GLU M 22 -70.89 36.41 -18.46
C GLU M 22 -72.18 36.56 -19.25
N ASN M 23 -72.14 36.25 -20.55
CA ASN M 23 -73.35 36.38 -21.37
C ASN M 23 -74.38 35.32 -21.02
N MET M 24 -73.94 34.16 -20.50
CA MET M 24 -74.87 33.11 -20.11
C MET M 24 -75.77 33.56 -18.97
N GLY M 25 -75.21 34.28 -18.00
CA GLY M 25 -75.98 34.77 -16.88
C GLY M 25 -75.24 34.74 -15.57
N LEU M 26 -74.08 34.09 -15.55
CA LEU M 26 -73.28 34.01 -14.33
C LEU M 26 -72.53 35.31 -14.09
N GLU M 27 -72.10 35.48 -12.84
CA GLU M 27 -71.41 36.69 -12.42
C GLU M 27 -70.29 36.34 -11.46
N ASN M 28 -69.31 37.23 -11.36
CA ASN M 28 -68.17 37.09 -10.45
C ASN M 28 -67.37 35.81 -10.74
N LEU M 29 -67.20 35.51 -12.02
CA LEU M 29 -66.38 34.37 -12.44
C LEU M 29 -64.92 34.75 -12.68
N ALA M 30 -64.59 36.04 -12.66
CA ALA M 30 -63.22 36.45 -13.01
C ALA M 30 -62.23 36.09 -11.91
N ARG M 31 -62.57 36.36 -10.65
CA ARG M 31 -61.64 36.19 -9.54
C ARG M 31 -61.89 34.87 -8.82
N MET M 32 -61.67 33.77 -9.54
CA MET M 32 -61.78 32.44 -8.97
C MET M 32 -61.01 31.47 -9.87
N ARG M 33 -60.76 30.28 -9.33
CA ARG M 33 -59.97 29.28 -10.04
C ARG M 33 -60.71 28.82 -11.30
N LYS M 34 -59.92 28.43 -12.30
CA LYS M 34 -60.49 28.00 -13.58
C LYS M 34 -61.36 26.76 -13.41
N GLN M 35 -60.98 25.86 -12.49
CA GLN M 35 -61.76 24.64 -12.29
C GLN M 35 -63.16 24.97 -11.79
N ASP M 36 -63.27 25.94 -10.88
CA ASP M 36 -64.59 26.32 -10.36
C ASP M 36 -65.44 26.98 -11.44
N ILE M 37 -64.81 27.73 -12.35
CA ILE M 37 -65.55 28.38 -13.43
C ILE M 37 -66.22 27.34 -14.32
N ILE M 38 -65.49 26.27 -14.65
CA ILE M 38 -66.03 25.22 -15.51
C ILE M 38 -67.24 24.57 -14.83
N PHE M 39 -67.14 24.29 -13.53
CA PHE M 39 -68.26 23.71 -12.81
C PHE M 39 -69.45 24.66 -12.79
N ALA M 40 -69.19 25.96 -12.59
CA ALA M 40 -70.29 26.94 -12.57
C ALA M 40 -70.98 27.05 -13.92
N ILE M 41 -70.20 27.08 -15.00
CA ILE M 41 -70.79 27.20 -16.34
C ILE M 41 -71.62 25.98 -16.67
N LEU M 42 -71.11 24.78 -16.36
CA LEU M 42 -71.88 23.56 -16.60
C LEU M 42 -73.14 23.53 -15.75
N LYS M 43 -73.06 24.01 -14.51
CA LYS M 43 -74.23 24.04 -13.64
C LYS M 43 -75.32 24.94 -14.22
N GLN M 44 -74.94 26.14 -14.70
CA GLN M 44 -75.92 27.04 -15.29
C GLN M 44 -76.45 26.48 -16.61
N HIS M 45 -75.57 25.89 -17.43
CA HIS M 45 -76.00 25.33 -18.71
C HIS M 45 -76.88 24.10 -18.50
N ALA M 46 -76.72 23.39 -17.37
CA ALA M 46 -77.54 22.23 -17.11
C ALA M 46 -79.00 22.61 -16.87
N LYS M 47 -79.25 23.83 -16.40
CA LYS M 47 -80.62 24.26 -16.16
C LYS M 47 -81.43 24.37 -17.45
N SER M 48 -80.75 24.61 -18.58
CA SER M 48 -81.44 24.69 -19.86
C SER M 48 -81.98 23.35 -20.33
N GLY M 49 -81.48 22.25 -19.77
CA GLY M 49 -81.92 20.93 -20.14
C GLY M 49 -81.13 20.27 -21.26
N GLU M 50 -80.21 21.00 -21.89
CA GLU M 50 -79.40 20.41 -22.95
C GLU M 50 -78.43 19.38 -22.39
N ASP M 51 -78.20 18.33 -23.19
CA ASP M 51 -77.28 17.27 -22.78
C ASP M 51 -75.85 17.79 -22.73
N ILE M 52 -75.08 17.25 -21.78
CA ILE M 52 -73.68 17.63 -21.58
C ILE M 52 -72.81 16.40 -21.79
N PHE M 53 -71.78 16.54 -22.62
CA PHE M 53 -70.86 15.45 -22.92
C PHE M 53 -69.58 15.61 -22.11
N GLY M 54 -69.08 14.50 -21.58
CA GLY M 54 -67.87 14.53 -20.77
C GLY M 54 -67.03 13.30 -21.02
N ASP M 55 -65.73 13.45 -20.76
CA ASP M 55 -64.79 12.36 -20.94
C ASP M 55 -63.56 12.60 -20.07
N GLY M 56 -62.78 11.55 -19.88
CA GLY M 56 -61.59 11.63 -19.07
C GLY M 56 -61.04 10.24 -18.78
N VAL M 57 -60.10 10.21 -17.85
CA VAL M 57 -59.45 8.97 -17.41
C VAL M 57 -60.10 8.52 -16.11
N LEU M 58 -60.54 7.27 -16.07
CA LEU M 58 -61.27 6.74 -14.92
C LEU M 58 -60.30 6.11 -13.94
N GLU M 59 -60.50 6.42 -12.65
CA GLU M 59 -59.74 5.81 -11.56
C GLU M 59 -60.72 5.31 -10.51
N ILE M 60 -60.33 4.29 -9.77
CA ILE M 60 -61.17 3.68 -8.74
C ILE M 60 -60.51 3.90 -7.38
N LEU M 61 -61.27 4.45 -6.44
CA LEU M 61 -60.77 4.69 -5.09
C LEU M 61 -60.86 3.41 -4.26
N GLN M 62 -60.34 3.46 -3.05
CA GLN M 62 -60.35 2.29 -2.17
C GLN M 62 -61.73 1.97 -1.63
N ASP M 63 -62.59 2.98 -1.48
CA ASP M 63 -63.95 2.73 -0.98
C ASP M 63 -64.76 1.89 -1.95
N GLY M 64 -64.59 2.13 -3.25
CA GLY M 64 -65.32 1.39 -4.26
C GLY M 64 -65.84 2.27 -5.38
N PHE M 65 -66.17 3.52 -5.08
CA PHE M 65 -66.57 4.46 -6.12
C PHE M 65 -65.34 5.08 -6.78
N GLY M 66 -65.56 5.67 -7.95
CA GLY M 66 -64.48 6.26 -8.72
C GLY M 66 -64.86 7.63 -9.26
N PHE M 67 -63.85 8.29 -9.82
CA PHE M 67 -64.01 9.60 -10.45
C PHE M 67 -63.33 9.58 -11.81
N LEU M 68 -63.83 10.42 -12.72
CA LEU M 68 -63.32 10.51 -14.08
C LEU M 68 -62.39 11.73 -14.15
N ARG M 69 -61.11 11.50 -13.86
CA ARG M 69 -60.12 12.56 -13.87
C ARG M 69 -59.85 13.03 -15.30
N SER M 70 -59.40 14.28 -15.42
CA SER M 70 -59.07 14.89 -16.70
C SER M 70 -57.56 15.04 -16.81
N ALA M 71 -57.00 14.64 -17.96
CA ALA M 71 -55.57 14.75 -18.17
C ALA M 71 -55.11 16.18 -18.37
N ASP M 72 -56.02 17.10 -18.69
CA ASP M 72 -55.64 18.49 -18.88
C ASP M 72 -55.12 19.12 -17.60
N SER M 73 -55.75 18.82 -16.45
CA SER M 73 -55.34 19.35 -15.17
C SER M 73 -54.35 18.44 -14.44
N SER M 74 -53.60 17.62 -15.18
CA SER M 74 -52.64 16.68 -14.61
C SER M 74 -53.30 15.74 -13.60
N TYR M 75 -54.53 15.33 -13.90
CA TYR M 75 -55.29 14.40 -13.05
C TYR M 75 -55.43 14.93 -11.63
N LEU M 76 -55.69 16.23 -11.50
CA LEU M 76 -55.88 16.85 -10.20
C LEU M 76 -57.35 16.83 -9.80
N ALA M 77 -57.61 16.50 -8.54
CA ALA M 77 -58.97 16.46 -8.04
C ALA M 77 -59.61 17.84 -8.09
N GLY M 78 -60.84 17.91 -8.59
CA GLY M 78 -61.54 19.15 -8.71
C GLY M 78 -63.05 18.98 -8.68
N PRO M 79 -63.78 20.08 -8.48
CA PRO M 79 -65.24 20.00 -8.47
C PRO M 79 -65.84 19.55 -9.78
N ASP M 80 -65.13 19.69 -10.89
CA ASP M 80 -65.64 19.33 -12.22
C ASP M 80 -65.42 17.87 -12.56
N ASP M 81 -64.82 17.09 -11.66
CA ASP M 81 -64.61 15.67 -11.93
C ASP M 81 -65.93 14.93 -11.96
N ILE M 82 -66.04 13.97 -12.88
CA ILE M 82 -67.27 13.20 -13.09
C ILE M 82 -67.25 12.01 -12.14
N TYR M 83 -68.33 11.86 -11.37
CA TYR M 83 -68.49 10.76 -10.43
C TYR M 83 -69.22 9.61 -11.10
N VAL M 84 -68.76 8.38 -10.85
CA VAL M 84 -69.37 7.18 -11.39
C VAL M 84 -69.74 6.27 -10.24
N SER M 85 -70.97 5.75 -10.27
CA SER M 85 -71.43 4.85 -9.22
C SER M 85 -70.76 3.48 -9.37
N PRO M 86 -70.56 2.76 -8.27
CA PRO M 86 -70.00 1.39 -8.36
C PRO M 86 -70.87 0.44 -9.17
N SER M 87 -72.16 0.72 -9.30
CA SER M 87 -73.04 -0.15 -10.07
C SER M 87 -72.64 -0.18 -11.54
N GLN M 88 -72.27 0.97 -12.10
CA GLN M 88 -71.84 1.02 -13.49
C GLN M 88 -70.57 0.23 -13.71
N ILE M 89 -69.75 0.07 -12.66
CA ILE M 89 -68.52 -0.71 -12.79
C ILE M 89 -68.83 -2.18 -13.05
N ARG M 90 -69.86 -2.72 -12.40
CA ARG M 90 -70.25 -4.11 -12.65
C ARG M 90 -70.76 -4.30 -14.07
N ARG M 91 -71.55 -3.34 -14.56
CA ARG M 91 -72.09 -3.44 -15.92
C ARG M 91 -70.96 -3.44 -16.95
N PHE M 92 -69.97 -2.57 -16.77
CA PHE M 92 -68.84 -2.46 -17.69
C PHE M 92 -67.53 -2.59 -16.92
N ASN M 93 -66.81 -3.69 -17.13
CA ASN M 93 -65.54 -3.93 -16.45
C ASN M 93 -64.56 -2.80 -16.71
N LEU M 94 -64.35 -1.96 -15.69
CA LEU M 94 -63.44 -0.83 -15.78
C LEU M 94 -62.42 -0.90 -14.66
N ARG M 95 -61.19 -0.52 -14.97
CA ARG M 95 -60.12 -0.41 -13.99
C ARG M 95 -59.45 0.95 -14.16
N THR M 96 -58.54 1.27 -13.24
CA THR M 96 -57.84 2.54 -13.28
C THR M 96 -57.04 2.67 -14.58
N GLY M 97 -57.16 3.81 -15.23
CA GLY M 97 -56.38 4.11 -16.42
C GLY M 97 -57.18 4.27 -17.70
N ASP M 98 -58.30 3.55 -17.82
CA ASP M 98 -59.05 3.55 -19.06
C ASP M 98 -59.77 4.88 -19.27
N THR M 99 -60.06 5.19 -20.54
CA THR M 99 -60.75 6.43 -20.88
C THR M 99 -62.24 6.13 -21.06
N ILE M 100 -63.09 6.91 -20.39
CA ILE M 100 -64.53 6.77 -20.46
C ILE M 100 -65.12 8.06 -20.99
N SER M 101 -65.96 7.95 -22.01
CA SER M 101 -66.61 9.10 -22.63
C SER M 101 -68.11 8.83 -22.74
N GLY M 102 -68.91 9.81 -22.37
CA GLY M 102 -70.35 9.68 -22.46
C GLY M 102 -71.05 10.88 -21.87
N LYS M 103 -72.39 10.79 -21.86
CA LYS M 103 -73.20 11.87 -21.32
C LYS M 103 -73.15 11.89 -19.81
N ILE M 104 -73.21 13.09 -19.24
CA ILE M 104 -73.19 13.29 -17.80
C ILE M 104 -74.43 14.07 -17.40
N ARG M 105 -75.10 13.61 -16.32
CA ARG M 105 -76.31 14.26 -15.84
C ARG M 105 -75.97 15.36 -14.84
N PRO M 106 -76.83 16.37 -14.71
CA PRO M 106 -76.61 17.41 -13.69
C PRO M 106 -76.61 16.81 -12.31
N PRO M 107 -75.74 17.30 -11.42
CA PRO M 107 -75.71 16.78 -10.05
C PRO M 107 -76.93 17.23 -9.26
N LYS M 108 -77.60 16.27 -8.62
CA LYS M 108 -78.76 16.60 -7.80
C LYS M 108 -78.31 17.23 -6.48
N GLU M 109 -79.29 17.58 -5.65
CA GLU M 109 -78.99 18.15 -4.35
C GLU M 109 -78.34 17.11 -3.45
N GLY M 110 -77.32 17.52 -2.70
CA GLY M 110 -76.61 16.63 -1.81
C GLY M 110 -75.30 16.11 -2.38
N GLU M 111 -75.09 16.20 -3.68
CA GLU M 111 -73.85 15.76 -4.31
C GLU M 111 -73.17 16.94 -4.99
N ARG M 112 -71.84 16.93 -4.97
CA ARG M 112 -71.03 18.02 -5.49
C ARG M 112 -70.33 17.67 -6.79
N TYR M 113 -70.63 16.51 -7.37
CA TYR M 113 -69.95 16.05 -8.57
C TYR M 113 -70.97 15.56 -9.59
N PHE M 114 -70.64 15.76 -10.87
CA PHE M 114 -71.48 15.26 -11.95
C PHE M 114 -71.45 13.73 -11.98
N ALA M 115 -72.55 13.15 -12.42
CA ALA M 115 -72.70 11.70 -12.51
C ALA M 115 -72.83 11.28 -13.97
N LEU M 116 -72.19 10.16 -14.31
CA LEU M 116 -72.24 9.65 -15.67
C LEU M 116 -73.59 9.01 -15.93
N LEU M 117 -74.24 9.40 -17.03
CA LEU M 117 -75.55 8.87 -17.37
C LEU M 117 -75.43 7.63 -18.28
N LYS M 118 -74.81 7.79 -19.44
CA LYS M 118 -74.63 6.70 -20.40
C LYS M 118 -73.25 6.81 -21.03
N VAL M 119 -72.54 5.69 -21.08
CA VAL M 119 -71.21 5.63 -21.69
C VAL M 119 -71.33 5.01 -23.07
N ASN M 120 -70.79 5.70 -24.07
CA ASN M 120 -70.86 5.26 -25.46
C ASN M 120 -69.48 5.10 -26.10
N GLU M 121 -68.40 5.29 -25.34
CA GLU M 121 -67.06 5.19 -25.91
C GLU M 121 -66.10 4.82 -24.80
N VAL M 122 -65.46 3.65 -24.91
CA VAL M 122 -64.49 3.18 -23.92
C VAL M 122 -63.18 2.91 -24.65
N ASN M 123 -62.13 3.60 -24.23
CA ASN M 123 -60.79 3.46 -24.82
C ASN M 123 -60.84 3.66 -26.34
N PHE M 124 -61.59 4.67 -26.78
CA PHE M 124 -61.78 4.96 -28.19
C PHE M 124 -62.32 3.75 -28.94
N ASP M 125 -63.25 3.03 -28.31
CA ASP M 125 -63.82 1.82 -28.87
C ASP M 125 -65.18 1.59 -28.25
N LYS M 126 -65.95 0.69 -28.87
CA LYS M 126 -67.26 0.35 -28.36
C LYS M 126 -67.12 -0.31 -26.98
N PRO M 127 -67.97 0.04 -26.01
CA PRO M 127 -67.83 -0.55 -24.67
C PRO M 127 -67.93 -2.07 -24.64
N GLU M 128 -68.77 -2.64 -25.50
CA GLU M 128 -68.89 -4.10 -25.55
C GLU M 128 -67.58 -4.74 -26.01
N ASN M 129 -66.91 -4.15 -27.00
CA ASN M 129 -65.65 -4.71 -27.47
C ASN M 129 -64.54 -4.57 -26.44
N ALA M 130 -64.56 -3.50 -25.65
CA ALA M 130 -63.53 -3.31 -24.62
C ALA M 130 -63.64 -4.35 -23.52
N ARG M 131 -64.83 -4.92 -23.32
CA ARG M 131 -65.02 -5.94 -22.30
C ARG M 131 -64.30 -7.24 -22.61
N ASN M 132 -63.98 -7.50 -23.87
CA ASN M 132 -63.33 -8.74 -24.27
C ASN M 132 -61.83 -8.59 -24.45
N LYS M 133 -61.27 -7.44 -24.08
CA LYS M 133 -59.84 -7.22 -24.24
C LYS M 133 -59.04 -8.08 -23.27
N ILE M 134 -57.91 -8.62 -23.73
CA ILE M 134 -57.15 -9.54 -22.85
C ILE M 134 -56.34 -8.67 -21.88
N LEU M 135 -56.23 -9.10 -20.63
CA LEU M 135 -55.54 -8.23 -19.64
C LEU M 135 -54.09 -8.06 -20.05
N PHE M 136 -53.47 -6.99 -19.59
CA PHE M 136 -52.09 -6.64 -19.94
C PHE M 136 -51.09 -7.60 -19.30
N GLU M 137 -51.31 -7.97 -18.03
CA GLU M 137 -50.39 -8.86 -17.34
C GLU M 137 -50.34 -10.26 -17.96
N ASN M 138 -51.38 -10.66 -18.69
CA ASN M 138 -51.38 -11.96 -19.36
C ASN M 138 -50.60 -11.96 -20.66
N LEU M 139 -50.25 -10.80 -21.19
CA LEU M 139 -49.51 -10.72 -22.45
C LEU M 139 -48.07 -11.17 -22.26
N THR M 140 -47.52 -11.77 -23.30
CA THR M 140 -46.15 -12.28 -23.26
C THR M 140 -45.18 -11.24 -23.79
N PRO M 141 -44.28 -10.71 -22.97
CA PRO M 141 -43.31 -9.73 -23.47
C PRO M 141 -42.27 -10.37 -24.37
N LEU M 142 -41.69 -9.53 -25.23
CA LEU M 142 -40.62 -9.93 -26.13
C LEU M 142 -39.60 -8.81 -26.25
N HIS M 143 -38.49 -9.11 -26.89
CA HIS M 143 -37.47 -8.10 -27.13
C HIS M 143 -37.91 -7.12 -28.21
N ALA M 144 -37.33 -5.93 -28.19
CA ALA M 144 -37.67 -4.90 -29.16
C ALA M 144 -37.23 -5.31 -30.55
N ASN M 145 -38.10 -5.07 -31.54
CA ASN M 145 -37.81 -5.41 -32.92
C ASN M 145 -38.18 -4.31 -33.92
N SER M 146 -38.90 -3.27 -33.49
CA SER M 146 -39.33 -2.18 -34.38
C SER M 146 -38.38 -1.00 -34.18
N ARG M 147 -37.56 -0.73 -35.19
CA ARG M 147 -36.60 0.35 -35.09
C ARG M 147 -37.29 1.71 -35.18
N LEU M 148 -36.95 2.59 -34.24
CA LEU M 148 -37.48 3.96 -34.22
C LEU M 148 -36.38 4.91 -34.69
N ARG M 149 -36.56 5.48 -35.87
CA ARG M 149 -35.57 6.39 -36.45
C ARG M 149 -35.61 7.72 -35.71
N MET M 150 -34.64 7.93 -34.82
CA MET M 150 -34.58 9.16 -34.04
C MET M 150 -34.00 10.33 -34.84
N GLU M 151 -33.34 10.06 -35.95
CA GLU M 151 -32.73 11.12 -36.76
C GLU M 151 -33.78 11.84 -37.59
N ARG M 152 -33.68 13.16 -37.64
CA ARG M 152 -34.58 14.00 -38.43
C ARG M 152 -33.79 14.62 -39.57
N GLY M 153 -34.27 14.43 -40.79
CA GLY M 153 -33.58 14.93 -41.96
C GLY M 153 -34.11 16.26 -42.46
N ASN M 154 -35.43 16.42 -42.43
CA ASN M 154 -36.04 17.65 -42.95
C ASN M 154 -35.65 18.87 -42.12
N ASP M 155 -35.57 18.73 -40.79
CA ASP M 155 -35.23 19.86 -39.95
C ASP M 155 -33.82 20.35 -40.23
N SER M 156 -32.84 19.44 -40.28
CA SER M 156 -31.45 19.76 -40.55
C SER M 156 -30.92 20.82 -39.58
N THR M 157 -31.32 20.70 -38.31
CA THR M 157 -30.92 21.66 -37.32
C THR M 157 -29.44 21.51 -36.97
N GLU M 158 -28.88 22.55 -36.34
CA GLU M 158 -27.48 22.52 -35.94
C GLU M 158 -27.23 21.54 -34.81
N ASP M 159 -28.26 21.14 -34.07
CA ASP M 159 -28.09 20.19 -32.99
C ASP M 159 -27.89 18.79 -33.56
N LEU M 160 -26.86 18.10 -33.07
CA LEU M 160 -26.53 16.75 -33.51
C LEU M 160 -26.96 15.69 -32.51
N THR M 161 -27.80 16.06 -31.54
CA THR M 161 -28.21 15.11 -30.51
C THR M 161 -28.96 13.92 -31.10
N ALA M 162 -29.87 14.18 -32.05
CA ALA M 162 -30.61 13.10 -32.67
C ALA M 162 -29.69 12.15 -33.43
N ARG M 163 -28.73 12.70 -34.17
CA ARG M 163 -27.80 11.86 -34.92
C ARG M 163 -26.91 11.05 -33.99
N VAL M 164 -26.43 11.65 -32.90
CA VAL M 164 -25.56 10.94 -31.97
C VAL M 164 -26.33 9.85 -31.24
N LEU M 165 -27.59 10.10 -30.90
CA LEU M 165 -28.37 9.14 -30.12
C LEU M 165 -28.55 7.82 -30.89
N ASP M 166 -28.80 7.90 -32.19
CA ASP M 166 -28.93 6.69 -32.99
C ASP M 166 -27.62 5.92 -33.04
N LEU M 167 -26.49 6.63 -33.21
CA LEU M 167 -25.20 5.96 -33.27
C LEU M 167 -24.80 5.38 -31.91
N ALA M 168 -25.02 6.15 -30.83
CA ALA M 168 -24.61 5.70 -29.52
C ALA M 168 -25.47 4.53 -29.04
N SER M 169 -26.78 4.65 -29.15
CA SER M 169 -27.69 3.61 -28.67
C SER M 169 -29.03 3.69 -29.39
N PRO M 170 -29.29 2.82 -30.36
CA PRO M 170 -30.59 2.84 -31.03
C PRO M 170 -31.72 2.52 -30.07
N ILE M 171 -32.87 3.15 -30.31
CA ILE M 171 -34.05 3.01 -29.47
C ILE M 171 -35.17 2.40 -30.30
N GLY M 172 -35.77 1.34 -29.78
CA GLY M 172 -36.87 0.66 -30.42
C GLY M 172 -38.15 0.73 -29.61
N ARG M 173 -39.18 0.10 -30.16
CA ARG M 173 -40.47 0.02 -29.49
C ARG M 173 -40.43 -1.01 -28.37
N GLY M 174 -40.95 -0.64 -27.20
CA GLY M 174 -40.94 -1.54 -26.07
C GLY M 174 -39.66 -1.56 -25.28
N GLN M 175 -38.75 -0.62 -25.50
CA GLN M 175 -37.50 -0.55 -24.77
C GLN M 175 -37.75 -0.12 -23.33
N ARG M 176 -36.88 -0.60 -22.43
CA ARG M 176 -36.92 -0.26 -21.02
C ARG M 176 -35.63 0.44 -20.60
N GLY M 177 -35.17 1.37 -21.44
CA GLY M 177 -33.91 2.04 -21.17
C GLY M 177 -34.04 3.11 -20.11
N LEU M 178 -32.88 3.51 -19.58
CA LEU M 178 -32.79 4.58 -18.59
C LEU M 178 -31.63 5.49 -18.98
N ILE M 179 -31.72 6.74 -18.54
CA ILE M 179 -30.72 7.76 -18.83
C ILE M 179 -30.03 8.15 -17.53
N VAL M 180 -28.71 8.03 -17.49
CA VAL M 180 -27.91 8.45 -16.35
C VAL M 180 -27.39 9.84 -16.65
N ALA M 181 -27.95 10.84 -15.97
CA ALA M 181 -27.65 12.24 -16.26
C ALA M 181 -27.24 12.95 -14.98
N PRO M 182 -26.00 13.43 -14.87
CA PRO M 182 -25.62 14.27 -13.74
C PRO M 182 -26.31 15.62 -13.81
N PRO M 183 -26.41 16.34 -12.71
CA PRO M 183 -27.06 17.66 -12.74
C PRO M 183 -26.32 18.62 -13.65
N LYS M 184 -27.08 19.50 -14.30
CA LYS M 184 -26.55 20.50 -15.24
C LYS M 184 -25.76 19.83 -16.36
N ALA M 185 -26.35 18.80 -16.97
CA ALA M 185 -25.75 18.09 -18.09
C ALA M 185 -26.67 18.03 -19.29
N GLY M 186 -27.60 18.98 -19.42
CA GLY M 186 -28.53 18.98 -20.54
C GLY M 186 -29.51 17.82 -20.53
N LYS M 187 -29.97 17.41 -19.34
CA LYS M 187 -30.93 16.31 -19.26
C LYS M 187 -32.29 16.72 -19.79
N THR M 188 -32.74 17.94 -19.45
CA THR M 188 -34.06 18.40 -19.88
C THR M 188 -34.15 18.51 -21.40
N MET M 189 -33.13 19.11 -22.03
CA MET M 189 -33.18 19.27 -23.48
C MET M 189 -33.00 17.93 -24.19
N LEU M 190 -32.37 16.96 -23.53
CA LEU M 190 -32.21 15.64 -24.13
C LEU M 190 -33.57 14.98 -24.35
N LEU M 191 -34.47 15.08 -23.36
CA LEU M 191 -35.80 14.51 -23.52
C LEU M 191 -36.62 15.28 -24.55
N GLN M 192 -36.46 16.60 -24.59
CA GLN M 192 -37.21 17.41 -25.54
C GLN M 192 -36.87 17.07 -26.98
N ASN M 193 -35.58 16.86 -27.26
CA ASN M 193 -35.17 16.50 -28.61
C ASN M 193 -35.74 15.15 -29.02
N ILE M 194 -35.75 14.19 -28.09
CA ILE M 194 -36.33 12.88 -28.38
C ILE M 194 -37.82 13.01 -28.67
N ALA M 195 -38.52 13.85 -27.89
CA ALA M 195 -39.95 14.02 -28.09
C ALA M 195 -40.26 14.61 -29.47
N GLN M 196 -39.43 15.54 -29.94
CA GLN M 196 -39.65 16.13 -31.26
C GLN M 196 -39.56 15.08 -32.36
N SER M 197 -38.55 14.20 -32.28
CA SER M 197 -38.40 13.17 -33.30
C SER M 197 -39.56 12.17 -33.27
N ILE M 198 -40.00 11.78 -32.07
CA ILE M 198 -41.10 10.83 -31.96
C ILE M 198 -42.38 11.42 -32.54
N ALA M 199 -42.68 12.67 -32.23
CA ALA M 199 -43.87 13.31 -32.76
C ALA M 199 -43.77 13.56 -34.27
N TYR M 200 -42.57 13.53 -34.83
CA TYR M 200 -42.35 13.76 -36.25
C TYR M 200 -42.20 12.46 -37.04
N ASN M 201 -41.28 11.58 -36.61
CA ASN M 201 -41.02 10.37 -37.37
C ASN M 201 -42.14 9.35 -37.20
N HIS M 202 -42.74 9.27 -36.02
CA HIS M 202 -43.80 8.30 -35.73
C HIS M 202 -45.00 9.02 -35.13
N PRO M 203 -45.76 9.75 -35.96
CA PRO M 203 -46.96 10.41 -35.43
C PRO M 203 -48.01 9.43 -34.90
N ASP M 204 -48.04 8.20 -35.41
CA ASP M 204 -49.05 7.25 -34.97
C ASP M 204 -48.82 6.83 -33.51
N CYS M 205 -47.57 6.72 -33.10
CA CYS M 205 -47.26 6.31 -31.74
C CYS M 205 -47.72 7.37 -30.74
N VAL M 206 -48.32 6.90 -29.64
CA VAL M 206 -48.79 7.80 -28.59
C VAL M 206 -47.61 8.17 -27.70
N LEU M 207 -47.39 9.46 -27.53
CA LEU M 207 -46.29 9.97 -26.71
C LEU M 207 -46.85 10.59 -25.45
N MET M 208 -46.38 10.13 -24.29
CA MET M 208 -46.79 10.65 -23.00
C MET M 208 -45.55 11.05 -22.20
N VAL M 209 -45.58 12.24 -21.63
CA VAL M 209 -44.46 12.78 -20.86
C VAL M 209 -44.91 12.98 -19.42
N LEU M 210 -44.17 12.38 -18.50
CA LEU M 210 -44.45 12.50 -17.07
C LEU M 210 -43.26 13.13 -16.37
N LEU M 211 -43.51 14.19 -15.61
CA LEU M 211 -42.47 14.92 -14.89
C LEU M 211 -42.81 14.96 -13.41
N ILE M 212 -41.80 14.73 -12.57
CA ILE M 212 -41.96 14.69 -11.12
C ILE M 212 -41.07 15.75 -10.51
N ASP M 213 -41.64 16.55 -9.60
CA ASP M 213 -40.90 17.57 -8.85
C ASP M 213 -40.21 18.57 -9.78
N GLU M 214 -40.92 19.00 -10.81
CA GLU M 214 -40.42 19.98 -11.75
C GLU M 214 -41.03 21.35 -11.47
N ARG M 215 -40.27 22.40 -11.82
CA ARG M 215 -40.72 23.75 -11.61
C ARG M 215 -41.91 24.07 -12.52
N PRO M 216 -42.81 24.96 -12.08
CA PRO M 216 -43.99 25.28 -12.90
C PRO M 216 -43.64 25.84 -14.27
N GLU M 217 -42.59 26.66 -14.37
CA GLU M 217 -42.20 27.19 -15.68
C GLU M 217 -41.62 26.11 -16.58
N GLU M 218 -40.99 25.09 -15.99
CA GLU M 218 -40.47 23.98 -16.79
C GLU M 218 -41.61 23.13 -17.36
N VAL M 219 -42.71 22.97 -16.62
CA VAL M 219 -43.84 22.20 -17.12
C VAL M 219 -44.48 22.91 -18.30
N THR M 220 -44.65 24.24 -18.20
CA THR M 220 -45.29 24.98 -19.29
C THR M 220 -44.47 24.92 -20.57
N GLU M 221 -43.14 25.02 -20.47
CA GLU M 221 -42.30 24.93 -21.66
C GLU M 221 -42.41 23.55 -22.31
N MET M 222 -42.49 22.50 -21.48
CA MET M 222 -42.59 21.14 -21.99
C MET M 222 -43.87 20.95 -22.79
N GLN M 223 -44.99 21.49 -22.28
CA GLN M 223 -46.27 21.36 -22.99
C GLN M 223 -46.23 22.06 -24.34
N ARG M 224 -45.64 23.25 -24.39
CA ARG M 224 -45.56 23.99 -25.65
C ARG M 224 -44.67 23.30 -26.66
N LEU M 225 -43.57 22.67 -26.20
CA LEU M 225 -42.61 22.08 -27.11
C LEU M 225 -43.04 20.69 -27.56
N VAL M 226 -43.49 19.85 -26.63
CA VAL M 226 -43.84 18.48 -26.94
C VAL M 226 -45.23 18.45 -27.58
N LYS M 227 -45.33 17.80 -28.74
CA LYS M 227 -46.61 17.66 -29.45
C LYS M 227 -47.25 16.35 -29.01
N GLY M 228 -47.84 16.39 -27.81
CA GLY M 228 -48.47 15.20 -27.27
C GLY M 228 -49.11 15.49 -25.94
N GLU M 229 -49.37 14.43 -25.19
CA GLU M 229 -49.97 14.53 -23.86
C GLU M 229 -48.87 14.66 -22.81
N VAL M 230 -48.87 15.78 -22.10
CA VAL M 230 -47.86 16.06 -21.08
C VAL M 230 -48.58 16.26 -19.75
N VAL M 231 -48.18 15.49 -18.74
CA VAL M 231 -48.71 15.60 -17.38
C VAL M 231 -47.53 15.67 -16.42
N ALA M 232 -47.64 16.55 -15.43
CA ALA M 232 -46.54 16.76 -14.50
C ALA M 232 -47.10 17.19 -13.14
N SER M 233 -46.26 17.03 -12.12
CA SER M 233 -46.59 17.41 -10.76
C SER M 233 -45.51 18.35 -10.23
N THR M 234 -45.92 19.50 -9.71
CA THR M 234 -44.98 20.48 -9.21
C THR M 234 -44.42 20.06 -7.85
N PHE M 235 -43.31 20.71 -7.46
CA PHE M 235 -42.66 20.36 -6.20
C PHE M 235 -43.51 20.73 -4.99
N ASP M 236 -44.28 21.81 -5.07
CA ASP M 236 -45.08 22.25 -3.93
C ASP M 236 -46.19 21.26 -3.60
N GLU M 237 -46.61 20.44 -4.56
CA GLU M 237 -47.64 19.46 -4.30
C GLU M 237 -47.10 18.36 -3.38
N PRO M 238 -47.96 17.74 -2.58
CA PRO M 238 -47.48 16.72 -1.63
C PRO M 238 -46.96 15.48 -2.34
N ALA M 239 -46.20 14.69 -1.59
CA ALA M 239 -45.62 13.47 -2.15
C ALA M 239 -46.70 12.47 -2.55
N SER M 240 -47.85 12.49 -1.88
CA SER M 240 -48.95 11.62 -2.27
C SER M 240 -49.48 11.97 -3.66
N ARG M 241 -49.46 13.25 -4.02
CA ARG M 241 -49.86 13.67 -5.36
C ARG M 241 -48.94 13.07 -6.42
N HIS M 242 -47.64 13.01 -6.13
CA HIS M 242 -46.70 12.42 -7.08
C HIS M 242 -46.98 10.94 -7.30
N VAL M 243 -47.33 10.21 -6.24
CA VAL M 243 -47.67 8.80 -6.38
C VAL M 243 -48.96 8.64 -7.18
N GLN M 244 -49.96 9.49 -6.92
CA GLN M 244 -51.24 9.37 -7.59
C GLN M 244 -51.11 9.56 -9.10
N VAL M 245 -50.34 10.57 -9.52
CA VAL M 245 -50.17 10.81 -10.95
C VAL M 245 -49.29 9.75 -11.61
N ALA M 246 -48.30 9.22 -10.89
CA ALA M 246 -47.42 8.20 -11.47
C ALA M 246 -48.19 6.93 -11.82
N GLU M 247 -49.06 6.48 -10.93
CA GLU M 247 -49.87 5.30 -11.22
C GLU M 247 -50.89 5.58 -12.31
N MET M 248 -51.35 6.83 -12.43
CA MET M 248 -52.33 7.18 -13.45
C MET M 248 -51.75 7.02 -14.85
N VAL M 249 -50.50 7.41 -15.04
CA VAL M 249 -49.89 7.37 -16.37
C VAL M 249 -49.70 5.92 -16.83
N ILE M 250 -49.15 5.08 -15.94
CA ILE M 250 -48.85 3.70 -16.33
C ILE M 250 -50.13 2.91 -16.54
N GLU M 251 -51.13 3.11 -15.68
CA GLU M 251 -52.40 2.40 -15.86
C GLU M 251 -53.08 2.81 -17.15
N LYS M 252 -53.03 4.09 -17.51
CA LYS M 252 -53.58 4.54 -18.78
C LYS M 252 -52.83 3.93 -19.95
N ALA M 253 -51.51 3.84 -19.85
CA ALA M 253 -50.71 3.26 -20.92
C ALA M 253 -51.03 1.77 -21.12
N LYS M 254 -51.21 1.04 -20.02
CA LYS M 254 -51.50 -0.39 -20.13
C LYS M 254 -52.80 -0.64 -20.86
N ARG M 255 -53.83 0.16 -20.57
CA ARG M 255 -55.12 -0.01 -21.26
C ARG M 255 -54.97 0.24 -22.75
N LEU M 256 -54.20 1.27 -23.13
CA LEU M 256 -53.98 1.55 -24.56
C LEU M 256 -53.20 0.44 -25.23
N VAL M 257 -52.25 -0.19 -24.53
CA VAL M 257 -51.49 -1.27 -25.11
C VAL M 257 -52.39 -2.46 -25.43
N GLU M 258 -53.38 -2.71 -24.56
CA GLU M 258 -54.31 -3.82 -24.78
C GLU M 258 -55.12 -3.64 -26.06
N HIS M 259 -55.25 -2.40 -26.56
CA HIS M 259 -55.98 -2.12 -27.79
C HIS M 259 -55.07 -2.06 -29.00
N LYS M 260 -53.96 -2.82 -28.99
CA LYS M 260 -53.02 -2.89 -30.12
C LYS M 260 -52.44 -1.53 -30.48
N LYS M 261 -52.14 -0.72 -29.48
CA LYS M 261 -51.55 0.59 -29.68
C LYS M 261 -50.18 0.66 -29.02
N ASP M 262 -49.32 1.53 -29.56
CA ASP M 262 -47.96 1.72 -29.06
C ASP M 262 -47.92 3.00 -28.24
N VAL M 263 -47.41 2.89 -27.01
CA VAL M 263 -47.32 4.01 -26.08
C VAL M 263 -45.86 4.20 -25.69
N ILE M 264 -45.39 5.45 -25.78
CA ILE M 264 -44.04 5.81 -25.40
C ILE M 264 -44.12 6.77 -24.22
N ILE M 265 -43.43 6.44 -23.13
CA ILE M 265 -43.47 7.22 -21.89
C ILE M 265 -42.08 7.76 -21.61
N LEU M 266 -41.98 9.08 -21.43
CA LEU M 266 -40.74 9.73 -21.05
C LEU M 266 -40.81 10.05 -19.55
N LEU M 267 -40.06 9.30 -18.76
CA LEU M 267 -40.10 9.41 -17.31
C LEU M 267 -38.98 10.30 -16.80
N ASP M 268 -39.32 11.19 -15.88
CA ASP M 268 -38.34 12.08 -15.26
C ASP M 268 -38.89 12.50 -13.90
N SER M 269 -38.31 11.96 -12.84
CA SER M 269 -37.18 11.02 -12.86
C SER M 269 -37.43 9.86 -11.91
N ILE M 270 -36.71 8.75 -12.15
CA ILE M 270 -36.83 7.58 -11.27
C ILE M 270 -36.41 7.93 -9.86
N THR M 271 -35.30 8.66 -9.71
CA THR M 271 -34.86 9.08 -8.39
C THR M 271 -35.90 9.96 -7.72
N ARG M 272 -36.48 10.91 -8.46
CA ARG M 272 -37.55 11.72 -7.90
C ARG M 272 -38.79 10.89 -7.62
N LEU M 273 -39.12 9.95 -8.52
CA LEU M 273 -40.27 9.08 -8.30
C LEU M 273 -40.07 8.19 -7.08
N ALA M 274 -38.87 7.61 -6.93
CA ALA M 274 -38.60 6.79 -5.76
C ALA M 274 -38.58 7.62 -4.48
N ARG M 275 -38.26 8.91 -4.59
CA ARG M 275 -38.28 9.77 -3.41
C ARG M 275 -39.68 9.90 -2.83
N ALA M 276 -40.69 10.09 -3.69
CA ALA M 276 -42.06 10.18 -3.22
C ALA M 276 -42.58 8.84 -2.73
N TYR M 277 -42.22 7.76 -3.42
CA TYR M 277 -42.70 6.44 -3.04
C TYR M 277 -42.20 6.04 -1.66
N ASN M 278 -40.94 6.37 -1.35
CA ASN M 278 -40.38 6.01 -0.04
C ASN M 278 -41.12 6.72 1.09
N THR M 279 -41.47 7.99 0.89
CA THR M 279 -42.14 8.74 1.95
C THR M 279 -43.57 8.26 2.15
N VAL M 280 -44.28 7.96 1.05
CA VAL M 280 -45.69 7.61 1.16
C VAL M 280 -45.87 6.27 1.88
N VAL M 281 -45.05 5.28 1.55
CA VAL M 281 -45.22 3.94 2.13
C VAL M 281 -44.94 4.02 3.64
N PRO M 282 -45.78 3.43 4.48
CA PRO M 282 -45.50 3.44 5.92
C PRO M 282 -44.28 2.61 6.27
N ALA M 283 -43.62 3.00 7.36
CA ALA M 283 -42.43 2.30 7.81
C ALA M 283 -42.79 0.89 8.29
N SER M 284 -41.95 -0.07 7.94
CA SER M 284 -42.13 -1.46 8.33
C SER M 284 -41.39 -1.81 9.61
N GLY M 285 -40.76 -0.84 10.27
CA GLY M 285 -40.00 -1.07 11.46
C GLY M 285 -38.53 -1.35 11.25
N LYS M 286 -38.09 -1.53 10.00
CA LYS M 286 -36.70 -1.76 9.67
C LYS M 286 -36.26 -0.73 8.64
N VAL M 287 -35.12 -0.09 8.88
CA VAL M 287 -34.56 0.93 8.01
C VAL M 287 -33.24 0.44 7.45
N LEU M 288 -33.11 0.43 6.13
CA LEU M 288 -31.89 0.01 5.47
C LEU M 288 -30.96 1.21 5.29
N THR M 289 -29.89 1.03 4.52
CA THR M 289 -28.95 2.11 4.28
C THR M 289 -29.60 3.21 3.44
N GLY M 290 -29.33 4.46 3.83
CA GLY M 290 -29.89 5.60 3.13
C GLY M 290 -31.31 5.93 3.47
N GLY M 291 -31.91 5.24 4.44
CA GLY M 291 -33.28 5.51 4.82
C GLY M 291 -34.32 5.04 3.83
N VAL M 292 -33.98 4.09 2.96
CA VAL M 292 -34.89 3.55 1.97
C VAL M 292 -35.22 2.12 2.34
N ASP M 293 -36.51 1.83 2.49
CA ASP M 293 -36.95 0.49 2.82
C ASP M 293 -36.94 -0.41 1.58
N ALA M 294 -36.84 -1.71 1.82
CA ALA M 294 -36.85 -2.66 0.71
C ALA M 294 -38.18 -2.62 -0.05
N ASN M 295 -39.29 -2.53 0.69
CA ASN M 295 -40.61 -2.46 0.06
C ASN M 295 -40.88 -1.10 -0.56
N ALA M 296 -40.14 -0.06 -0.14
CA ALA M 296 -40.35 1.27 -0.69
C ALA M 296 -40.01 1.33 -2.17
N LEU M 297 -38.92 0.67 -2.58
CA LEU M 297 -38.49 0.66 -3.97
C LEU M 297 -39.19 -0.41 -4.79
N HIS M 298 -40.06 -1.21 -4.18
CA HIS M 298 -40.83 -2.20 -4.93
C HIS M 298 -41.76 -1.52 -5.93
N ARG M 299 -42.40 -0.43 -5.52
CA ARG M 299 -43.32 0.28 -6.42
C ARG M 299 -42.62 0.85 -7.65
N PRO M 300 -41.48 1.54 -7.56
CA PRO M 300 -40.80 1.97 -8.80
C PRO M 300 -40.40 0.83 -9.70
N LYS M 301 -40.05 -0.33 -9.14
CA LYS M 301 -39.70 -1.48 -9.96
C LYS M 301 -40.89 -1.94 -10.80
N ARG M 302 -42.08 -1.96 -10.21
CA ARG M 302 -43.28 -2.30 -10.96
C ARG M 302 -43.54 -1.31 -12.08
N PHE M 303 -43.38 -0.01 -11.78
CA PHE M 303 -43.61 1.02 -12.79
C PHE M 303 -42.60 0.92 -13.93
N PHE M 304 -41.32 0.76 -13.59
CA PHE M 304 -40.28 0.73 -14.60
C PHE M 304 -40.30 -0.55 -15.41
N GLY M 305 -40.63 -1.68 -14.77
CA GLY M 305 -40.58 -2.96 -15.45
C GLY M 305 -41.74 -3.22 -16.39
N ALA M 306 -42.74 -2.34 -16.41
CA ALA M 306 -43.92 -2.54 -17.26
C ALA M 306 -43.62 -2.35 -18.73
N ALA M 307 -42.46 -1.82 -19.10
CA ALA M 307 -42.10 -1.61 -20.50
C ALA M 307 -41.89 -2.96 -21.17
N ARG M 308 -42.85 -3.36 -22.00
CA ARG M 308 -42.81 -4.66 -22.65
C ARG M 308 -43.22 -4.51 -24.11
N ASN M 309 -42.77 -5.47 -24.92
CA ASN M 309 -43.13 -5.54 -26.33
C ASN M 309 -44.10 -6.72 -26.49
N VAL M 310 -45.37 -6.39 -26.74
CA VAL M 310 -46.41 -7.41 -26.78
C VAL M 310 -46.29 -8.21 -28.08
N GLU M 311 -46.27 -9.54 -27.96
CA GLU M 311 -46.25 -10.40 -29.14
C GLU M 311 -47.53 -10.27 -29.94
N GLU M 312 -48.68 -10.22 -29.25
CA GLU M 312 -49.96 -10.13 -29.94
C GLU M 312 -50.08 -8.83 -30.74
N GLY M 313 -49.61 -7.72 -30.16
CA GLY M 313 -49.69 -6.44 -30.83
C GLY M 313 -49.48 -5.27 -29.90
N GLY M 314 -48.81 -4.22 -30.39
CA GLY M 314 -48.53 -3.05 -29.59
C GLY M 314 -47.29 -3.24 -28.73
N SER M 315 -46.88 -2.12 -28.11
CA SER M 315 -45.70 -2.12 -27.25
C SER M 315 -45.78 -0.93 -26.32
N LEU M 316 -45.03 -1.03 -25.22
CA LEU M 316 -44.93 0.04 -24.23
C LEU M 316 -43.46 0.38 -24.05
N THR M 317 -43.07 1.58 -24.47
CA THR M 317 -41.70 2.06 -24.37
C THR M 317 -41.60 3.07 -23.23
N ILE M 318 -40.69 2.82 -22.29
CA ILE M 318 -40.49 3.69 -21.13
C ILE M 318 -39.05 4.15 -21.15
N ILE M 319 -38.84 5.47 -21.18
CA ILE M 319 -37.53 6.08 -21.12
C ILE M 319 -37.46 6.93 -19.86
N ALA M 320 -36.52 6.62 -18.99
CA ALA M 320 -36.40 7.28 -17.69
C ALA M 320 -35.04 7.94 -17.55
N THR M 321 -34.94 8.83 -16.56
CA THR M 321 -33.70 9.54 -16.26
C THR M 321 -33.28 9.25 -14.83
N ALA M 322 -31.98 9.03 -14.63
CA ALA M 322 -31.41 8.74 -13.33
C ALA M 322 -30.43 9.84 -12.95
N LEU M 323 -30.53 10.32 -11.72
CA LEU M 323 -29.67 11.39 -11.22
C LEU M 323 -28.56 10.79 -10.38
N ILE M 324 -27.32 11.18 -10.68
CA ILE M 324 -26.14 10.73 -9.94
C ILE M 324 -25.30 11.94 -9.60
N ASP M 325 -24.42 11.76 -8.61
CA ASP M 325 -23.49 12.81 -8.17
C ASP M 325 -24.24 14.07 -7.74
N THR M 326 -25.38 13.88 -7.06
CA THR M 326 -26.20 14.99 -6.59
C THR M 326 -25.88 15.37 -5.15
N GLY M 327 -24.90 14.74 -4.52
CA GLY M 327 -24.55 15.03 -3.16
C GLY M 327 -25.39 14.33 -2.10
N SER M 328 -26.32 13.49 -2.56
CA SER M 328 -27.20 12.72 -1.63
C SER M 328 -26.85 11.23 -1.70
N LYS M 329 -27.06 10.51 -0.61
CA LYS M 329 -26.79 9.05 -0.59
C LYS M 329 -28.03 8.32 -1.08
N MET M 330 -29.20 8.77 -0.64
CA MET M 330 -30.43 8.04 -1.03
C MET M 330 -30.40 7.92 -2.55
N ASP M 331 -30.12 9.03 -3.24
CA ASP M 331 -30.13 9.01 -4.71
C ASP M 331 -29.07 8.03 -5.21
N GLU M 332 -28.01 7.79 -4.43
CA GLU M 332 -27.06 6.81 -4.96
C GLU M 332 -27.57 5.39 -4.79
N VAL M 333 -28.20 5.08 -3.66
CA VAL M 333 -28.71 3.73 -3.43
C VAL M 333 -29.80 3.39 -4.44
N ILE M 334 -30.63 4.37 -4.79
CA ILE M 334 -31.69 4.14 -5.76
C ILE M 334 -31.10 3.77 -7.12
N TYR M 335 -30.03 4.46 -7.52
CA TYR M 335 -29.42 4.20 -8.81
C TYR M 335 -28.82 2.80 -8.88
N GLU M 336 -28.23 2.33 -7.78
CA GLU M 336 -27.56 1.04 -7.78
C GLU M 336 -28.53 -0.10 -8.05
N GLU M 337 -29.72 -0.05 -7.46
CA GLU M 337 -30.70 -1.12 -7.68
C GLU M 337 -31.31 -1.05 -9.08
N PHE M 338 -31.19 0.10 -9.74
CA PHE M 338 -31.74 0.29 -11.09
C PHE M 338 -30.66 0.27 -12.17
N LYS M 339 -29.56 -0.44 -11.95
CA LYS M 339 -28.49 -0.51 -12.93
C LYS M 339 -28.81 -1.55 -14.02
N GLY M 340 -28.91 -2.81 -13.62
CA GLY M 340 -29.10 -3.90 -14.56
C GLY M 340 -30.55 -4.15 -14.98
N THR M 341 -31.47 -3.24 -14.63
CA THR M 341 -32.87 -3.42 -14.99
C THR M 341 -33.20 -2.89 -16.37
N GLY M 342 -32.27 -2.20 -17.03
CA GLY M 342 -32.60 -1.55 -18.31
C GLY M 342 -32.19 -2.33 -19.54
N ASN M 343 -32.73 -1.96 -20.71
CA ASN M 343 -32.36 -2.61 -21.98
C ASN M 343 -31.35 -1.73 -22.72
N MET M 344 -31.37 -0.42 -22.48
CA MET M 344 -30.34 0.47 -23.10
C MET M 344 -29.83 1.49 -22.08
N GLU M 345 -28.52 1.58 -21.88
CA GLU M 345 -28.07 2.60 -20.94
C GLU M 345 -27.51 3.80 -21.70
N LEU M 346 -27.86 4.99 -21.23
CA LEU M 346 -27.34 6.23 -21.79
C LEU M 346 -26.76 7.05 -20.65
N HIS M 347 -25.44 7.04 -20.53
CA HIS M 347 -24.74 7.70 -19.43
C HIS M 347 -24.19 9.03 -19.90
N LEU M 348 -24.54 10.10 -19.19
CA LEU M 348 -24.05 11.43 -19.49
C LEU M 348 -22.87 11.77 -18.58
N SER M 349 -22.01 12.68 -19.05
CA SER M 349 -20.82 13.07 -18.32
C SER M 349 -20.84 14.57 -18.08
N ARG M 350 -20.65 14.97 -16.82
CA ARG M 350 -20.62 16.39 -16.49
C ARG M 350 -19.40 17.07 -17.09
N LYS M 351 -18.27 16.37 -17.14
CA LYS M 351 -17.03 16.96 -17.63
C LYS M 351 -17.16 17.38 -19.10
N ILE M 352 -17.85 16.57 -19.90
CA ILE M 352 -18.07 16.93 -21.30
C ILE M 352 -18.90 18.20 -21.40
N ALA M 353 -19.93 18.33 -20.56
CA ALA M 353 -20.74 19.54 -20.56
C ALA M 353 -19.93 20.76 -20.13
N GLU M 354 -18.94 20.56 -19.25
CA GLU M 354 -18.08 21.66 -18.84
C GLU M 354 -17.24 22.22 -19.98
N LYS M 355 -17.05 21.45 -21.04
CA LYS M 355 -16.29 21.89 -22.21
C LYS M 355 -17.17 22.56 -23.25
N ARG M 356 -18.44 22.80 -22.94
CA ARG M 356 -19.39 23.43 -23.87
C ARG M 356 -19.53 22.60 -25.15
N VAL M 357 -19.50 21.28 -25.01
CA VAL M 357 -19.70 20.36 -26.12
C VAL M 357 -20.97 19.56 -25.84
N PHE M 358 -21.91 19.59 -26.78
CA PHE M 358 -23.19 18.93 -26.60
C PHE M 358 -23.49 18.05 -27.80
N PRO M 359 -24.16 16.90 -27.59
CA PRO M 359 -24.65 16.38 -26.30
C PRO M 359 -23.54 15.73 -25.48
N ALA M 360 -23.58 15.89 -24.15
CA ALA M 360 -22.57 15.31 -23.27
C ALA M 360 -22.93 13.85 -23.01
N ILE M 361 -22.61 13.00 -23.98
CA ILE M 361 -22.95 11.58 -23.94
C ILE M 361 -21.65 10.78 -23.92
N ASP M 362 -21.53 9.86 -22.98
CA ASP M 362 -20.39 8.97 -22.90
C ASP M 362 -20.62 7.81 -23.87
N TYR M 363 -19.97 7.88 -25.03
CA TYR M 363 -20.17 6.86 -26.07
C TYR M 363 -19.71 5.49 -25.59
N ASN M 364 -18.56 5.42 -24.92
CA ASN M 364 -18.04 4.14 -24.45
C ASN M 364 -18.98 3.52 -23.42
N ARG M 365 -19.48 4.32 -22.48
CA ARG M 365 -20.37 3.79 -21.45
C ARG M 365 -21.75 3.44 -21.99
N SER M 366 -22.24 4.19 -22.96
CA SER M 366 -23.57 3.94 -23.51
C SER M 366 -23.57 2.66 -24.35
N GLY M 367 -24.73 2.02 -24.41
CA GLY M 367 -24.86 0.78 -25.16
C GLY M 367 -26.29 0.31 -25.12
N THR M 368 -26.52 -0.81 -25.81
CA THR M 368 -27.84 -1.40 -25.90
C THR M 368 -27.72 -2.92 -26.04
N ARG M 369 -28.80 -3.61 -25.71
CA ARG M 369 -28.85 -5.06 -25.79
C ARG M 369 -29.76 -5.49 -26.94
N LYS M 370 -29.39 -6.59 -27.60
CA LYS M 370 -30.14 -7.15 -28.71
C LYS M 370 -30.37 -6.10 -29.81
N GLU M 371 -29.30 -5.39 -30.16
CA GLU M 371 -29.36 -4.40 -31.23
C GLU M 371 -29.49 -5.03 -32.60
N GLU M 372 -29.31 -6.35 -32.72
CA GLU M 372 -29.44 -7.00 -34.02
C GLU M 372 -30.86 -6.90 -34.54
N LEU M 373 -31.85 -7.05 -33.66
CA LEU M 373 -33.25 -6.97 -34.08
C LEU M 373 -33.63 -5.58 -34.57
N LEU M 374 -33.11 -4.53 -33.91
CA LEU M 374 -33.50 -3.17 -34.27
C LEU M 374 -32.87 -2.74 -35.60
N THR M 375 -31.54 -2.72 -35.66
CA THR M 375 -30.84 -2.29 -36.86
C THR M 375 -30.82 -3.42 -37.89
N THR M 376 -30.35 -3.10 -39.09
CA THR M 376 -30.23 -4.08 -40.15
C THR M 376 -28.83 -4.72 -40.13
N GLN M 377 -28.64 -5.71 -41.00
CA GLN M 377 -27.36 -6.39 -41.08
C GLN M 377 -26.25 -5.44 -41.51
N GLU M 378 -26.54 -4.60 -42.52
CA GLU M 378 -25.53 -3.66 -43.00
C GLU M 378 -25.29 -2.55 -41.99
N GLU M 379 -26.36 -2.05 -41.36
CA GLU M 379 -26.22 -0.95 -40.40
C GLU M 379 -25.48 -1.40 -39.15
N LEU M 380 -25.74 -2.64 -38.70
CA LEU M 380 -25.11 -3.13 -37.48
C LEU M 380 -23.60 -3.21 -37.61
N GLN M 381 -23.11 -3.67 -38.75
CA GLN M 381 -21.66 -3.80 -38.94
C GLN M 381 -20.98 -2.44 -38.93
N LYS M 382 -21.62 -1.41 -39.50
CA LYS M 382 -21.04 -0.08 -39.51
C LYS M 382 -20.89 0.47 -38.10
N MET M 383 -21.88 0.22 -37.24
CA MET M 383 -21.80 0.69 -35.85
C MET M 383 -20.65 0.01 -35.11
N TRP M 384 -20.43 -1.28 -35.37
CA TRP M 384 -19.33 -1.99 -34.72
C TRP M 384 -17.98 -1.41 -35.12
N ILE M 385 -17.81 -1.03 -36.39
CA ILE M 385 -16.57 -0.43 -36.85
C ILE M 385 -16.32 0.90 -36.13
N LEU M 386 -17.38 1.71 -35.98
CA LEU M 386 -17.24 3.00 -35.31
C LEU M 386 -16.84 2.82 -33.85
N ARG M 387 -17.43 1.84 -33.17
CA ARG M 387 -17.11 1.62 -31.76
C ARG M 387 -15.67 1.18 -31.58
N LYS M 388 -15.12 0.45 -32.56
CA LYS M 388 -13.72 0.02 -32.46
C LYS M 388 -12.77 1.21 -32.45
N ILE M 389 -13.05 2.23 -33.27
CA ILE M 389 -12.21 3.41 -33.31
C ILE M 389 -12.38 4.24 -32.04
N ILE M 390 -13.61 4.36 -31.55
CA ILE M 390 -13.90 5.23 -30.41
C ILE M 390 -13.30 4.67 -29.12
N HIS M 391 -13.31 3.34 -28.96
CA HIS M 391 -12.94 2.74 -27.68
C HIS M 391 -11.55 3.15 -27.17
N PRO M 392 -10.49 3.14 -27.98
CA PRO M 392 -9.20 3.62 -27.46
C PRO M 392 -9.22 5.07 -27.01
N MET M 393 -10.02 5.91 -27.66
CA MET M 393 -10.10 7.31 -27.29
C MET M 393 -10.84 7.48 -25.96
N GLY M 394 -10.57 8.59 -25.30
CA GLY M 394 -11.20 8.87 -24.02
C GLY M 394 -12.65 9.25 -24.15
N GLU M 395 -13.33 9.32 -23.01
CA GLU M 395 -14.74 9.66 -22.99
C GLU M 395 -15.00 11.10 -23.44
N ILE M 396 -14.00 11.99 -23.31
CA ILE M 396 -14.18 13.38 -23.71
C ILE M 396 -13.71 13.63 -25.13
N ASP M 397 -12.57 13.05 -25.53
CA ASP M 397 -12.06 13.25 -26.88
C ASP M 397 -12.92 12.60 -27.94
N ALA M 398 -13.75 11.61 -27.56
CA ALA M 398 -14.57 10.92 -28.53
C ALA M 398 -15.69 11.82 -29.07
N MET M 399 -16.17 12.75 -28.25
CA MET M 399 -17.31 13.58 -28.67
C MET M 399 -16.91 14.57 -29.75
N GLU M 400 -15.90 15.42 -29.48
CA GLU M 400 -15.47 16.39 -30.48
C GLU M 400 -14.98 15.71 -31.74
N PHE M 401 -14.41 14.51 -31.62
CA PHE M 401 -14.07 13.72 -32.81
C PHE M 401 -15.33 13.36 -33.59
N LEU M 402 -16.39 12.96 -32.89
CA LEU M 402 -17.63 12.58 -33.56
C LEU M 402 -18.41 13.80 -34.03
N ILE M 403 -18.35 14.90 -33.30
CA ILE M 403 -19.16 16.08 -33.62
C ILE M 403 -18.74 16.67 -34.96
N ASN M 404 -17.43 16.84 -35.17
CA ASN M 404 -16.95 17.44 -36.42
C ASN M 404 -17.27 16.56 -37.61
N LYS M 405 -17.15 15.23 -37.45
CA LYS M 405 -17.49 14.33 -38.55
C LYS M 405 -18.96 14.42 -38.91
N LEU M 406 -19.84 14.48 -37.91
CA LEU M 406 -21.26 14.59 -38.20
C LEU M 406 -21.65 15.99 -38.65
N ALA M 407 -20.87 17.01 -38.26
CA ALA M 407 -21.19 18.38 -38.65
C ALA M 407 -21.11 18.59 -40.16
N MET M 408 -20.10 18.01 -40.80
CA MET M 408 -19.91 18.19 -42.24
C MET M 408 -20.62 17.14 -43.08
N THR M 409 -21.36 16.22 -42.47
CA THR M 409 -22.13 15.22 -43.18
C THR M 409 -23.62 15.52 -43.06
N LYS M 410 -24.36 15.21 -44.12
CA LYS M 410 -25.79 15.48 -44.14
C LYS M 410 -26.56 14.50 -43.26
N THR M 411 -26.43 13.21 -43.55
CA THR M 411 -27.10 12.16 -42.80
C THR M 411 -26.08 11.18 -42.23
N ASN M 412 -26.58 10.26 -41.39
CA ASN M 412 -25.70 9.26 -40.80
C ASN M 412 -25.13 8.32 -41.86
N ASP M 413 -25.86 8.11 -42.96
CA ASP M 413 -25.35 7.28 -44.04
C ASP M 413 -24.10 7.89 -44.66
N ASP M 414 -24.09 9.21 -44.86
CA ASP M 414 -22.91 9.87 -45.38
C ASP M 414 -21.74 9.76 -44.41
N PHE M 415 -22.01 9.85 -43.11
CA PHE M 415 -20.95 9.67 -42.12
C PHE M 415 -20.41 8.24 -42.15
N PHE M 416 -21.31 7.26 -42.31
CA PHE M 416 -20.88 5.86 -42.29
C PHE M 416 -19.95 5.54 -43.46
N GLU M 417 -20.26 6.04 -44.66
CA GLU M 417 -19.41 5.74 -45.81
C GLU M 417 -18.08 6.48 -45.74
N MET M 418 -18.04 7.61 -45.03
CA MET M 418 -16.78 8.31 -44.82
C MET M 418 -15.81 7.50 -43.96
N MET M 419 -16.31 6.87 -42.90
CA MET M 419 -15.45 6.05 -42.06
C MET M 419 -14.92 4.83 -42.81
N LYS M 420 -15.65 4.38 -43.83
CA LYS M 420 -15.21 3.23 -44.61
C LYS M 420 -13.94 3.55 -45.41
N ARG M 421 -13.70 4.84 -45.69
CA ARG M 421 -12.50 5.22 -46.41
C ARG M 421 -11.24 4.88 -45.61
N SER M 422 -11.26 5.13 -44.31
CA SER M 422 -10.12 4.84 -43.45
C SER M 422 -10.01 3.35 -43.15
N MET N 4 -56.49 63.65 9.20
CA MET N 4 -57.62 63.43 8.30
C MET N 4 -57.41 62.17 7.47
N ASN N 5 -56.16 61.90 7.09
CA ASN N 5 -55.80 60.75 6.29
C ASN N 5 -54.97 59.79 7.12
N LEU N 6 -55.38 58.51 7.12
CA LEU N 6 -54.74 57.53 7.99
C LEU N 6 -53.30 57.27 7.58
N THR N 7 -53.02 57.16 6.28
CA THR N 7 -51.69 56.78 5.83
C THR N 7 -50.66 57.85 6.18
N GLU N 8 -51.01 59.12 6.02
CA GLU N 8 -50.05 60.19 6.31
C GLU N 8 -49.86 60.39 7.81
N LEU N 9 -50.83 60.00 8.63
CA LEU N 9 -50.72 60.19 10.07
C LEU N 9 -49.71 59.22 10.69
N LYS N 10 -49.66 57.98 10.18
CA LYS N 10 -48.72 57.00 10.72
C LYS N 10 -47.29 57.32 10.30
N ASN N 11 -47.10 57.91 9.13
CA ASN N 11 -45.74 58.24 8.68
C ASN N 11 -45.14 59.41 9.45
N THR N 12 -45.97 60.19 10.16
CA THR N 12 -45.45 61.30 10.93
C THR N 12 -44.63 60.79 12.12
N PRO N 13 -43.62 61.54 12.54
CA PRO N 13 -42.83 61.13 13.70
C PRO N 13 -43.66 61.09 14.97
N VAL N 14 -43.25 60.23 15.91
CA VAL N 14 -43.99 60.08 17.16
C VAL N 14 -43.97 61.38 17.96
N SER N 15 -42.84 62.10 17.92
CA SER N 15 -42.75 63.36 18.65
C SER N 15 -43.77 64.38 18.12
N GLU N 16 -43.92 64.47 16.80
CA GLU N 16 -44.92 65.36 16.23
C GLU N 16 -46.33 64.85 16.49
N LEU N 17 -46.51 63.53 16.61
CA LEU N 17 -47.83 62.98 16.84
C LEU N 17 -48.40 63.43 18.18
N ILE N 18 -47.56 63.48 19.23
CA ILE N 18 -48.00 63.95 20.53
C ILE N 18 -48.41 65.41 20.46
N THR N 19 -47.60 66.23 19.78
CA THR N 19 -47.90 67.67 19.70
C THR N 19 -49.21 67.93 18.98
N LEU N 20 -49.50 67.16 17.93
CA LEU N 20 -50.75 67.34 17.19
C LEU N 20 -51.96 67.06 18.08
N GLY N 21 -51.89 66.01 18.90
CA GLY N 21 -53.01 65.66 19.75
C GLY N 21 -53.20 66.59 20.94
N GLU N 22 -52.13 67.25 21.39
CA GLU N 22 -52.24 68.13 22.55
C GLU N 22 -53.08 69.36 22.22
N ASN N 23 -52.82 70.00 21.08
CA ASN N 23 -53.58 71.18 20.70
C ASN N 23 -55.02 70.83 20.31
N MET N 24 -55.24 69.61 19.85
CA MET N 24 -56.59 69.19 19.48
C MET N 24 -57.51 69.15 20.70
N GLY N 25 -56.99 68.68 21.83
CA GLY N 25 -57.78 68.62 23.04
C GLY N 25 -57.51 67.39 23.89
N LEU N 26 -56.77 66.43 23.33
CA LEU N 26 -56.45 65.22 24.05
C LEU N 26 -55.33 65.45 25.06
N GLU N 27 -55.22 64.54 26.03
CA GLU N 27 -54.25 64.66 27.10
C GLU N 27 -53.69 63.28 27.41
N ASN N 28 -52.49 63.27 28.01
CA ASN N 28 -51.82 62.04 28.44
C ASN N 28 -51.57 61.09 27.27
N LEU N 29 -51.19 61.66 26.12
CA LEU N 29 -50.83 60.86 24.96
C LEU N 29 -49.34 60.53 24.90
N ALA N 30 -48.53 61.11 25.78
CA ALA N 30 -47.08 60.91 25.68
C ALA N 30 -46.67 59.52 26.11
N ARG N 31 -47.20 59.03 27.23
CA ARG N 31 -46.77 57.76 27.80
C ARG N 31 -47.73 56.64 27.43
N MET N 32 -47.79 56.35 26.13
CA MET N 32 -48.59 55.25 25.61
C MET N 32 -48.07 54.88 24.23
N ARG N 33 -48.50 53.71 23.75
CA ARG N 33 -48.03 53.21 22.48
C ARG N 33 -48.50 54.10 21.33
N LYS N 34 -47.70 54.13 20.26
CA LYS N 34 -48.03 54.98 19.12
C LYS N 34 -49.34 54.56 18.46
N GLN N 35 -49.62 53.26 18.45
CA GLN N 35 -50.86 52.77 17.83
C GLN N 35 -52.08 53.32 18.56
N ASP N 36 -52.04 53.37 19.90
CA ASP N 36 -53.15 53.90 20.66
C ASP N 36 -53.32 55.39 20.44
N ILE N 37 -52.23 56.12 20.24
CA ILE N 37 -52.30 57.55 20.01
C ILE N 37 -53.06 57.85 18.72
N ILE N 38 -52.77 57.07 17.66
CA ILE N 38 -53.45 57.27 16.38
C ILE N 38 -54.95 57.03 16.52
N PHE N 39 -55.33 55.99 17.24
CA PHE N 39 -56.75 55.72 17.48
C PHE N 39 -57.39 56.85 18.27
N ALA N 40 -56.70 57.36 19.28
CA ALA N 40 -57.25 58.45 20.10
C ALA N 40 -57.42 59.72 19.28
N ILE N 41 -56.43 60.06 18.45
CA ILE N 41 -56.52 61.28 17.64
C ILE N 41 -57.67 61.18 16.64
N LEU N 42 -57.79 60.02 15.98
CA LEU N 42 -58.89 59.82 15.05
C LEU N 42 -60.24 59.88 15.76
N LYS N 43 -60.32 59.31 16.97
CA LYS N 43 -61.57 59.35 17.72
C LYS N 43 -61.98 60.78 18.05
N GLN N 44 -61.03 61.61 18.49
CA GLN N 44 -61.34 63.00 18.80
C GLN N 44 -61.66 63.78 17.53
N HIS N 45 -60.92 63.54 16.45
CA HIS N 45 -61.17 64.23 15.19
C HIS N 45 -62.50 63.80 14.58
N ALA N 46 -62.96 62.58 14.87
CA ALA N 46 -64.23 62.12 14.33
C ALA N 46 -65.40 62.90 14.91
N LYS N 47 -65.25 63.44 16.12
CA LYS N 47 -66.33 64.21 16.74
C LYS N 47 -66.62 65.49 15.97
N SER N 48 -65.62 66.03 15.27
CA SER N 48 -65.84 67.25 14.48
C SER N 48 -66.72 67.01 13.27
N GLY N 49 -66.90 65.76 12.85
CA GLY N 49 -67.72 65.44 11.71
C GLY N 49 -66.99 65.39 10.39
N GLU N 50 -65.72 65.77 10.35
CA GLU N 50 -64.97 65.73 9.10
C GLU N 50 -64.70 64.29 8.68
N ASP N 51 -64.70 64.06 7.37
CA ASP N 51 -64.46 62.74 6.84
C ASP N 51 -63.01 62.31 7.07
N ILE N 52 -62.83 61.01 7.29
CA ILE N 52 -61.53 60.43 7.56
C ILE N 52 -61.22 59.41 6.46
N PHE N 53 -60.03 59.53 5.88
CA PHE N 53 -59.60 58.64 4.81
C PHE N 53 -58.64 57.58 5.37
N GLY N 54 -58.81 56.34 4.92
CA GLY N 54 -57.98 55.26 5.39
C GLY N 54 -57.68 54.28 4.27
N ASP N 55 -56.57 53.56 4.43
CA ASP N 55 -56.14 52.59 3.44
C ASP N 55 -55.22 51.57 4.10
N GLY N 56 -55.03 50.44 3.42
CA GLY N 56 -54.18 49.40 3.94
C GLY N 56 -54.35 48.13 3.13
N VAL N 57 -53.81 47.04 3.68
CA VAL N 57 -53.88 45.72 3.06
C VAL N 57 -54.98 44.93 3.74
N LEU N 58 -55.90 44.38 2.95
CA LEU N 58 -57.06 43.68 3.46
C LEU N 58 -56.75 42.19 3.63
N GLU N 59 -57.16 41.65 4.78
CA GLU N 59 -57.06 40.22 5.06
C GLU N 59 -58.41 39.72 5.56
N ILE N 60 -58.69 38.44 5.34
CA ILE N 60 -59.94 37.83 5.73
C ILE N 60 -59.66 36.77 6.79
N LEU N 61 -60.36 36.85 7.92
CA LEU N 61 -60.20 35.88 8.99
C LEU N 61 -61.03 34.64 8.69
N GLN N 62 -60.90 33.63 9.55
CA GLN N 62 -61.62 32.38 9.36
C GLN N 62 -63.12 32.51 9.66
N ASP N 63 -63.49 33.43 10.56
CA ASP N 63 -64.90 33.61 10.88
C ASP N 63 -65.69 34.14 9.68
N GLY N 64 -65.07 35.04 8.91
CA GLY N 64 -65.74 35.62 7.76
C GLY N 64 -65.50 37.10 7.61
N PHE N 65 -65.37 37.81 8.74
CA PHE N 65 -65.04 39.23 8.69
C PHE N 65 -63.54 39.42 8.53
N GLY N 66 -63.16 40.63 8.12
CA GLY N 66 -61.77 40.96 7.87
C GLY N 66 -61.38 42.29 8.48
N PHE N 67 -60.08 42.56 8.44
CA PHE N 67 -59.51 43.81 8.91
C PHE N 67 -58.54 44.35 7.87
N LEU N 68 -58.39 45.67 7.85
CA LEU N 68 -57.52 46.36 6.89
C LEU N 68 -56.20 46.66 7.60
N ARG N 69 -55.26 45.72 7.51
CA ARG N 69 -53.96 45.89 8.15
C ARG N 69 -53.13 46.94 7.42
N SER N 70 -52.20 47.54 8.16
CA SER N 70 -51.32 48.56 7.63
C SER N 70 -49.90 48.00 7.51
N ALA N 71 -49.27 48.23 6.37
CA ALA N 71 -47.92 47.72 6.14
C ALA N 71 -46.88 48.48 6.95
N ASP N 72 -47.21 49.67 7.45
CA ASP N 72 -46.25 50.44 8.25
C ASP N 72 -45.89 49.73 9.54
N SER N 73 -46.88 49.12 10.20
CA SER N 73 -46.66 48.40 11.45
C SER N 73 -46.37 46.92 11.24
N SER N 74 -45.87 46.55 10.06
CA SER N 74 -45.57 45.15 9.71
C SER N 74 -46.81 44.27 9.86
N TYR N 75 -47.97 44.81 9.48
CA TYR N 75 -49.24 44.09 9.52
C TYR N 75 -49.54 43.55 10.91
N LEU N 76 -49.27 44.36 11.93
CA LEU N 76 -49.53 43.99 13.31
C LEU N 76 -50.93 44.42 13.72
N ALA N 77 -51.64 43.54 14.41
CA ALA N 77 -52.98 43.86 14.89
C ALA N 77 -52.95 45.01 15.87
N GLY N 78 -53.86 45.97 15.69
CA GLY N 78 -53.92 47.12 16.55
C GLY N 78 -55.31 47.73 16.60
N PRO N 79 -55.54 48.61 17.58
CA PRO N 79 -56.86 49.26 17.68
C PRO N 79 -57.20 50.14 16.49
N ASP N 80 -56.21 50.60 15.73
CA ASP N 80 -56.44 51.48 14.59
C ASP N 80 -56.75 50.74 13.31
N ASP N 81 -56.80 49.41 13.34
CA ASP N 81 -57.13 48.63 12.15
C ASP N 81 -58.57 48.87 11.74
N ILE N 82 -58.80 48.95 10.43
CA ILE N 82 -60.12 49.22 9.88
C ILE N 82 -60.87 47.90 9.72
N TYR N 83 -62.08 47.84 10.27
CA TYR N 83 -62.92 46.66 10.19
C TYR N 83 -63.86 46.77 8.99
N VAL N 84 -64.03 45.65 8.28
CA VAL N 84 -64.90 45.58 7.12
C VAL N 84 -65.92 44.49 7.34
N SER N 85 -67.19 44.80 7.08
CA SER N 85 -68.24 43.81 7.25
C SER N 85 -68.18 42.78 6.12
N PRO N 86 -68.62 41.54 6.38
CA PRO N 86 -68.67 40.54 5.31
C PRO N 86 -69.59 40.91 4.16
N SER N 87 -70.56 41.79 4.40
CA SER N 87 -71.47 42.19 3.33
C SER N 87 -70.73 42.93 2.23
N GLN N 88 -69.77 43.79 2.60
CA GLN N 88 -68.99 44.51 1.59
C GLN N 88 -68.16 43.56 0.75
N ILE N 89 -67.80 42.41 1.30
CA ILE N 89 -67.02 41.43 0.55
C ILE N 89 -67.82 40.87 -0.63
N ARG N 90 -69.12 40.64 -0.43
CA ARG N 90 -69.94 40.16 -1.54
C ARG N 90 -70.08 41.22 -2.62
N ARG N 91 -70.24 42.49 -2.23
CA ARG N 91 -70.37 43.56 -3.22
C ARG N 91 -69.11 43.69 -4.06
N PHE N 92 -67.94 43.61 -3.43
CA PHE N 92 -66.67 43.71 -4.12
C PHE N 92 -65.79 42.51 -3.79
N ASN N 93 -65.54 41.65 -4.78
CA ASN N 93 -64.74 40.45 -4.59
C ASN N 93 -63.35 40.81 -4.09
N LEU N 94 -63.11 40.54 -2.82
CA LEU N 94 -61.83 40.82 -2.19
C LEU N 94 -61.28 39.56 -1.53
N ARG N 95 -59.97 39.39 -1.63
CA ARG N 95 -59.26 38.31 -0.96
C ARG N 95 -58.09 38.88 -0.19
N THR N 96 -57.42 38.03 0.58
CA THR N 96 -56.27 38.48 1.36
C THR N 96 -55.16 39.00 0.44
N GLY N 97 -54.62 40.16 0.79
CA GLY N 97 -53.49 40.72 0.08
C GLY N 97 -53.76 42.02 -0.64
N ASP N 98 -54.99 42.22 -1.12
CA ASP N 98 -55.31 43.39 -1.92
C ASP N 98 -55.33 44.66 -1.07
N THR N 99 -55.09 45.80 -1.72
CA THR N 99 -55.10 47.09 -1.05
C THR N 99 -56.46 47.76 -1.24
N ILE N 100 -57.05 48.19 -0.13
CA ILE N 100 -58.35 48.84 -0.12
C ILE N 100 -58.19 50.24 0.46
N SER N 101 -58.67 51.24 -0.26
CA SER N 101 -58.61 52.64 0.17
C SER N 101 -59.98 53.28 0.05
N GLY N 102 -60.38 54.01 1.08
CA GLY N 102 -61.66 54.68 1.06
C GLY N 102 -61.94 55.35 2.39
N LYS N 103 -63.12 55.94 2.48
CA LYS N 103 -63.55 56.63 3.69
C LYS N 103 -63.92 55.63 4.78
N ILE N 104 -63.63 56.01 6.03
CA ILE N 104 -63.93 55.18 7.19
C ILE N 104 -64.80 55.98 8.14
N ARG N 105 -65.86 55.34 8.66
CA ARG N 105 -66.78 56.01 9.58
C ARG N 105 -66.32 55.84 11.02
N PRO N 106 -66.68 56.78 11.89
CA PRO N 106 -66.34 56.62 13.32
C PRO N 106 -66.98 55.37 13.90
N PRO N 107 -66.26 54.68 14.78
CA PRO N 107 -66.83 53.45 15.39
C PRO N 107 -67.92 53.81 16.39
N LYS N 108 -69.08 53.16 16.25
CA LYS N 108 -70.17 53.38 17.17
C LYS N 108 -69.89 52.68 18.50
N GLU N 109 -70.83 52.84 19.44
CA GLU N 109 -70.70 52.19 20.73
C GLU N 109 -70.81 50.67 20.58
N GLY N 110 -69.97 49.94 21.29
CA GLY N 110 -69.96 48.50 21.23
C GLY N 110 -68.88 47.91 20.33
N GLU N 111 -68.30 48.71 19.45
CA GLU N 111 -67.23 48.26 18.58
C GLU N 111 -65.96 49.06 18.84
N ARG N 112 -64.82 48.39 18.72
CA ARG N 112 -63.52 48.99 19.02
C ARG N 112 -62.69 49.27 17.78
N TYR N 113 -63.27 49.11 16.59
CA TYR N 113 -62.54 49.28 15.34
C TYR N 113 -63.33 50.14 14.38
N PHE N 114 -62.62 50.92 13.58
CA PHE N 114 -63.25 51.73 12.54
C PHE N 114 -63.85 50.85 11.46
N ALA N 115 -64.93 51.32 10.85
CA ALA N 115 -65.62 50.59 9.80
C ALA N 115 -65.51 51.35 8.48
N LEU N 116 -65.30 50.60 7.40
CA LEU N 116 -65.19 51.21 6.08
C LEU N 116 -66.56 51.65 5.57
N LEU N 117 -66.65 52.90 5.13
CA LEU N 117 -67.91 53.45 4.64
C LEU N 117 -68.06 53.24 3.14
N LYS N 118 -67.13 53.79 2.36
CA LYS N 118 -67.16 53.66 0.90
C LYS N 118 -65.75 53.48 0.40
N VAL N 119 -65.58 52.50 -0.50
CA VAL N 119 -64.28 52.21 -1.11
C VAL N 119 -64.25 52.80 -2.51
N ASN N 120 -63.22 53.59 -2.80
CA ASN N 120 -63.09 54.25 -4.10
C ASN N 120 -61.78 53.91 -4.80
N GLU N 121 -60.98 53.01 -4.24
CA GLU N 121 -59.69 52.66 -4.84
C GLU N 121 -59.31 51.26 -4.40
N VAL N 122 -59.20 50.34 -5.36
CA VAL N 122 -58.83 48.96 -5.09
C VAL N 122 -57.61 48.63 -5.93
N ASN N 123 -56.51 48.25 -5.25
CA ASN N 123 -55.25 47.90 -5.91
C ASN N 123 -54.80 49.01 -6.85
N PHE N 124 -54.91 50.26 -6.38
CA PHE N 124 -54.56 51.44 -7.16
C PHE N 124 -55.33 51.47 -8.49
N ASP N 125 -56.61 51.08 -8.43
CA ASP N 125 -57.44 51.02 -9.62
C ASP N 125 -58.90 51.14 -9.21
N LYS N 126 -59.76 51.39 -10.19
CA LYS N 126 -61.18 51.49 -9.93
C LYS N 126 -61.70 50.14 -9.43
N PRO N 127 -62.56 50.14 -8.40
CA PRO N 127 -63.05 48.85 -7.86
C PRO N 127 -63.78 48.00 -8.90
N GLU N 128 -64.51 48.61 -9.83
CA GLU N 128 -65.19 47.84 -10.86
C GLU N 128 -64.20 47.12 -11.75
N ASN N 129 -63.10 47.79 -12.12
CA ASN N 129 -62.10 47.16 -12.98
C ASN N 129 -61.37 46.02 -12.26
N ALA N 130 -61.16 46.16 -10.94
CA ALA N 130 -60.48 45.11 -10.20
C ALA N 130 -61.31 43.84 -10.12
N ARG N 131 -62.63 43.94 -10.25
CA ARG N 131 -63.49 42.78 -10.20
C ARG N 131 -63.32 41.87 -11.40
N ASN N 132 -62.80 42.37 -12.52
CA ASN N 132 -62.64 41.58 -13.74
C ASN N 132 -61.22 41.05 -13.90
N LYS N 133 -60.35 41.22 -12.90
CA LYS N 133 -58.98 40.76 -13.01
C LYS N 133 -58.91 39.24 -13.00
N ILE N 134 -57.94 38.65 -13.70
CA ILE N 134 -57.84 37.16 -13.75
C ILE N 134 -57.01 36.68 -12.55
N LEU N 135 -57.44 35.60 -11.86
CA LEU N 135 -56.74 35.15 -10.63
C LEU N 135 -55.32 34.70 -10.95
N PHE N 136 -54.38 34.86 -10.02
CA PHE N 136 -52.96 34.52 -10.27
C PHE N 136 -52.80 33.04 -10.59
N GLU N 137 -53.61 32.17 -9.99
CA GLU N 137 -53.36 30.76 -10.20
C GLU N 137 -53.71 30.30 -11.62
N ASN N 138 -54.58 31.05 -12.31
CA ASN N 138 -54.94 30.71 -13.69
C ASN N 138 -53.91 31.17 -14.71
N LEU N 139 -52.97 32.03 -14.31
CA LEU N 139 -51.95 32.53 -15.22
C LEU N 139 -50.93 31.44 -15.54
N THR N 140 -50.41 31.49 -16.77
CA THR N 140 -49.45 30.50 -17.23
C THR N 140 -48.03 30.99 -16.98
N PRO N 141 -47.25 30.33 -16.12
CA PRO N 141 -45.88 30.77 -15.89
C PRO N 141 -44.98 30.47 -17.08
N LEU N 142 -43.90 31.24 -17.17
CA LEU N 142 -42.88 31.06 -18.21
C LEU N 142 -41.51 31.30 -17.61
N HIS N 143 -40.48 31.00 -18.39
CA HIS N 143 -39.11 31.26 -17.96
C HIS N 143 -38.80 32.74 -18.00
N ALA N 144 -37.81 33.14 -17.21
CA ALA N 144 -37.41 34.55 -17.15
C ALA N 144 -36.81 35.00 -18.48
N ASN N 145 -37.20 36.18 -18.93
CA ASN N 145 -36.70 36.75 -20.18
C ASN N 145 -36.31 38.21 -20.08
N SER N 146 -36.61 38.90 -18.98
CA SER N 146 -36.29 40.32 -18.82
C SER N 146 -35.04 40.43 -17.96
N ARG N 147 -33.93 40.85 -18.57
CA ARG N 147 -32.67 40.95 -17.84
C ARG N 147 -32.70 42.15 -16.89
N LEU N 148 -32.30 41.91 -15.64
CA LEU N 148 -32.20 42.95 -14.62
C LEU N 148 -30.73 43.28 -14.41
N ARG N 149 -30.32 44.47 -14.83
CA ARG N 149 -28.93 44.89 -14.72
C ARG N 149 -28.63 45.22 -13.26
N MET N 150 -27.94 44.30 -12.58
CA MET N 150 -27.59 44.51 -11.18
C MET N 150 -26.39 45.41 -10.98
N GLU N 151 -25.61 45.66 -12.04
CA GLU N 151 -24.43 46.50 -11.93
C GLU N 151 -24.81 47.97 -11.93
N ARG N 152 -24.18 48.74 -11.05
CA ARG N 152 -24.39 50.18 -10.94
C ARG N 152 -23.13 50.90 -11.39
N GLY N 153 -23.29 51.80 -12.36
CA GLY N 153 -22.15 52.52 -12.91
C GLY N 153 -21.94 53.89 -12.28
N ASN N 154 -23.02 54.61 -12.01
CA ASN N 154 -22.90 55.95 -11.47
C ASN N 154 -22.29 55.96 -10.07
N ASP N 155 -22.65 54.98 -9.23
CA ASP N 155 -22.13 54.93 -7.88
C ASP N 155 -20.61 54.72 -7.88
N SER N 156 -20.14 53.73 -8.66
CA SER N 156 -18.71 53.42 -8.77
C SER N 156 -18.09 53.18 -7.40
N THR N 157 -18.83 52.48 -6.54
CA THR N 157 -18.36 52.21 -5.19
C THR N 157 -17.24 51.18 -5.21
N GLU N 158 -16.50 51.12 -4.10
CA GLU N 158 -15.41 50.16 -3.97
C GLU N 158 -15.90 48.72 -3.87
N ASP N 159 -17.18 48.52 -3.52
CA ASP N 159 -17.71 47.17 -3.43
C ASP N 159 -17.96 46.61 -4.82
N LEU N 160 -17.48 45.40 -5.07
CA LEU N 160 -17.63 44.72 -6.35
C LEU N 160 -18.72 43.66 -6.32
N THR N 161 -19.57 43.66 -5.30
CA THR N 161 -20.60 42.62 -5.18
C THR N 161 -21.57 42.67 -6.34
N ALA N 162 -22.00 43.88 -6.75
CA ALA N 162 -22.91 44.00 -7.87
C ALA N 162 -22.29 43.49 -9.17
N ARG N 163 -21.02 43.83 -9.41
CA ARG N 163 -20.35 43.36 -10.62
C ARG N 163 -20.17 41.85 -10.61
N VAL N 164 -19.81 41.27 -9.47
CA VAL N 164 -19.60 39.83 -9.39
C VAL N 164 -20.92 39.08 -9.55
N LEU N 165 -22.01 39.63 -8.99
CA LEU N 165 -23.29 38.93 -9.04
C LEU N 165 -23.78 38.74 -10.47
N ASP N 166 -23.61 39.76 -11.33
CA ASP N 166 -23.99 39.62 -12.73
C ASP N 166 -23.15 38.56 -13.42
N LEU N 167 -21.85 38.54 -13.17
CA LEU N 167 -20.98 37.56 -13.81
C LEU N 167 -21.25 36.15 -13.29
N ALA N 168 -21.41 36.01 -11.96
CA ALA N 168 -21.61 34.69 -11.38
C ALA N 168 -22.97 34.11 -11.77
N SER N 169 -24.04 34.89 -11.62
CA SER N 169 -25.38 34.41 -11.91
C SER N 169 -26.31 35.57 -12.23
N PRO N 170 -26.63 35.80 -13.50
CA PRO N 170 -27.57 36.88 -13.84
C PRO N 170 -28.95 36.63 -13.26
N ILE N 171 -29.61 37.71 -12.87
CA ILE N 171 -30.93 37.65 -12.25
C ILE N 171 -31.92 38.37 -13.14
N GLY N 172 -33.03 37.70 -13.46
CA GLY N 172 -34.08 38.25 -14.28
C GLY N 172 -35.39 38.40 -13.51
N ARG N 173 -36.40 38.88 -14.25
CA ARG N 173 -37.74 39.03 -13.68
C ARG N 173 -38.43 37.68 -13.61
N GLY N 174 -39.04 37.39 -12.47
CA GLY N 174 -39.73 36.13 -12.28
C GLY N 174 -38.84 34.97 -11.87
N GLN N 175 -37.60 35.24 -11.47
CA GLN N 175 -36.70 34.19 -11.04
C GLN N 175 -37.14 33.63 -9.67
N ARG N 176 -36.82 32.36 -9.47
CA ARG N 176 -37.10 31.67 -8.21
C ARG N 176 -35.82 31.19 -7.56
N GLY N 177 -34.81 32.05 -7.56
CA GLY N 177 -33.51 31.65 -7.04
C GLY N 177 -33.47 31.67 -5.52
N LEU N 178 -32.45 30.99 -4.98
CA LEU N 178 -32.20 30.95 -3.55
C LEU N 178 -30.72 31.18 -3.30
N ILE N 179 -30.41 31.67 -2.11
CA ILE N 179 -29.03 31.98 -1.72
C ILE N 179 -28.64 31.03 -0.59
N VAL N 180 -27.55 30.30 -0.79
CA VAL N 180 -26.99 29.42 0.24
C VAL N 180 -25.89 30.18 0.94
N ALA N 181 -26.15 30.61 2.17
CA ALA N 181 -25.24 31.47 2.91
C ALA N 181 -24.94 30.87 4.28
N PRO N 182 -23.70 30.48 4.55
CA PRO N 182 -23.33 30.06 5.91
C PRO N 182 -23.36 31.23 6.86
N PRO N 183 -23.46 30.99 8.17
CA PRO N 183 -23.47 32.11 9.12
C PRO N 183 -22.17 32.90 9.07
N LYS N 184 -22.31 34.21 9.29
CA LYS N 184 -21.17 35.15 9.26
C LYS N 184 -20.44 35.10 7.92
N ALA N 185 -21.22 35.17 6.84
CA ALA N 185 -20.67 35.18 5.49
C ALA N 185 -21.17 36.37 4.68
N GLY N 186 -21.55 37.46 5.34
CA GLY N 186 -22.05 38.64 4.64
C GLY N 186 -23.37 38.42 3.94
N LYS N 187 -24.27 37.64 4.55
CA LYS N 187 -25.57 37.41 3.94
C LYS N 187 -26.45 38.66 3.98
N THR N 188 -26.43 39.37 5.11
CA THR N 188 -27.27 40.55 5.26
C THR N 188 -26.88 41.65 4.28
N MET N 189 -25.58 41.91 4.13
CA MET N 189 -25.14 42.96 3.22
C MET N 189 -25.34 42.55 1.77
N LEU N 190 -25.37 41.24 1.50
CA LEU N 190 -25.63 40.78 0.14
C LEU N 190 -27.02 41.18 -0.34
N LEU N 191 -28.02 41.04 0.53
CA LEU N 191 -29.38 41.44 0.15
C LEU N 191 -29.49 42.97 0.04
N GLN N 192 -28.78 43.69 0.91
CA GLN N 192 -28.85 45.15 0.88
C GLN N 192 -28.29 45.71 -0.42
N ASN N 193 -27.17 45.14 -0.90
CA ASN N 193 -26.59 45.61 -2.15
C ASN N 193 -27.53 45.35 -3.32
N ILE N 194 -28.19 44.18 -3.34
CA ILE N 194 -29.16 43.88 -4.39
C ILE N 194 -30.32 44.88 -4.34
N ALA N 195 -30.79 45.21 -3.14
CA ALA N 195 -31.91 46.13 -3.02
C ALA N 195 -31.55 47.51 -3.55
N GLN N 196 -30.32 47.97 -3.33
CA GLN N 196 -29.90 49.27 -3.84
C GLN N 196 -29.95 49.32 -5.36
N SER N 197 -29.47 48.26 -6.02
CA SER N 197 -29.47 48.24 -7.48
C SER N 197 -30.89 48.18 -8.04
N ILE N 198 -31.77 47.40 -7.39
CA ILE N 198 -33.15 47.30 -7.87
C ILE N 198 -33.85 48.64 -7.75
N ALA N 199 -33.69 49.32 -6.62
CA ALA N 199 -34.31 50.63 -6.43
C ALA N 199 -33.70 51.70 -7.34
N TYR N 200 -32.52 51.45 -7.90
CA TYR N 200 -31.84 52.40 -8.77
C TYR N 200 -32.02 52.07 -10.24
N ASN N 201 -31.70 50.84 -10.64
CA ASN N 201 -31.76 50.47 -12.05
C ASN N 201 -33.20 50.31 -12.54
N HIS N 202 -34.09 49.80 -11.68
CA HIS N 202 -35.48 49.54 -12.05
C HIS N 202 -36.39 50.17 -10.99
N PRO N 203 -36.53 51.50 -10.99
CA PRO N 203 -37.46 52.14 -10.04
C PRO N 203 -38.90 51.72 -10.22
N ASP N 204 -39.30 51.35 -11.45
CA ASP N 204 -40.69 50.98 -11.70
C ASP N 204 -41.07 49.69 -10.98
N CYS N 205 -40.13 48.75 -10.89
CA CYS N 205 -40.42 47.48 -10.24
C CYS N 205 -40.67 47.68 -8.74
N VAL N 206 -41.67 47.00 -8.22
CA VAL N 206 -42.00 47.07 -6.80
C VAL N 206 -41.08 46.14 -6.02
N LEU N 207 -40.39 46.68 -5.02
CA LEU N 207 -39.45 45.92 -4.20
C LEU N 207 -40.04 45.75 -2.81
N MET N 208 -40.14 44.50 -2.36
CA MET N 208 -40.64 44.17 -1.04
C MET N 208 -39.63 43.29 -0.33
N VAL N 209 -39.31 43.64 0.92
CA VAL N 209 -38.33 42.93 1.72
C VAL N 209 -39.05 42.32 2.93
N LEU N 210 -38.91 41.01 3.11
CA LEU N 210 -39.50 40.30 4.22
C LEU N 210 -38.39 39.64 5.04
N LEU N 211 -38.38 39.90 6.34
CA LEU N 211 -37.39 39.36 7.26
C LEU N 211 -38.07 38.60 8.38
N ILE N 212 -37.53 37.43 8.71
CA ILE N 212 -38.08 36.55 9.72
C ILE N 212 -37.05 36.35 10.82
N ASP N 213 -37.46 36.51 12.08
CA ASP N 213 -36.61 36.27 13.24
C ASP N 213 -35.34 37.12 13.21
N GLU N 214 -35.49 38.39 12.84
CA GLU N 214 -34.39 39.33 12.80
C GLU N 214 -34.43 40.25 14.01
N ARG N 215 -33.25 40.72 14.42
CA ARG N 215 -33.14 41.61 15.56
C ARG N 215 -33.79 42.96 15.25
N PRO N 216 -34.33 43.64 16.27
CA PRO N 216 -35.00 44.92 16.03
C PRO N 216 -34.08 45.97 15.40
N GLU N 217 -32.80 46.01 15.79
CA GLU N 217 -31.89 46.98 15.21
C GLU N 217 -31.58 46.64 13.75
N GLU N 218 -31.62 45.35 13.39
CA GLU N 218 -31.41 44.97 12.01
C GLU N 218 -32.57 45.38 11.12
N VAL N 219 -33.79 45.34 11.65
CA VAL N 219 -34.96 45.76 10.88
C VAL N 219 -34.91 47.26 10.59
N THR N 220 -34.53 48.05 11.59
CA THR N 220 -34.47 49.50 11.41
C THR N 220 -33.44 49.89 10.37
N GLU N 221 -32.27 49.25 10.37
CA GLU N 221 -31.26 49.56 9.37
C GLU N 221 -31.73 49.21 7.97
N MET N 222 -32.46 48.09 7.84
CA MET N 222 -32.96 47.67 6.54
C MET N 222 -33.94 48.70 5.97
N GLN N 223 -34.83 49.23 6.82
CA GLN N 223 -35.79 50.22 6.36
C GLN N 223 -35.09 51.50 5.87
N ARG N 224 -34.07 51.95 6.61
CA ARG N 224 -33.36 53.16 6.22
C ARG N 224 -32.58 52.97 4.93
N LEU N 225 -32.03 51.78 4.71
CA LEU N 225 -31.18 51.54 3.55
C LEU N 225 -32.00 51.22 2.31
N VAL N 226 -32.99 50.34 2.44
CA VAL N 226 -33.78 49.90 1.29
C VAL N 226 -34.82 50.96 0.96
N LYS N 227 -34.85 51.39 -0.30
CA LYS N 227 -35.81 52.38 -0.78
C LYS N 227 -37.05 51.63 -1.30
N GLY N 228 -37.86 51.17 -0.38
CA GLY N 228 -39.05 50.44 -0.74
C GLY N 228 -39.85 50.05 0.47
N GLU N 229 -40.73 49.06 0.29
CA GLU N 229 -41.58 48.57 1.36
C GLU N 229 -40.86 47.43 2.09
N VAL N 230 -40.59 47.63 3.38
CA VAL N 230 -39.89 46.65 4.19
C VAL N 230 -40.79 46.25 5.35
N VAL N 231 -41.04 44.95 5.50
CA VAL N 231 -41.83 44.40 6.59
C VAL N 231 -41.05 43.25 7.21
N ALA N 232 -41.05 43.18 8.54
CA ALA N 232 -40.27 42.18 9.23
C ALA N 232 -40.95 41.81 10.55
N SER N 233 -40.58 40.66 11.08
CA SER N 233 -41.08 40.17 12.36
C SER N 233 -39.91 39.86 13.26
N THR N 234 -39.94 40.39 14.48
CA THR N 234 -38.85 40.19 15.43
C THR N 234 -38.92 38.80 16.04
N PHE N 235 -37.80 38.39 16.66
CA PHE N 235 -37.72 37.06 17.24
C PHE N 235 -38.64 36.90 18.45
N ASP N 236 -38.84 37.98 19.23
CA ASP N 236 -39.68 37.89 20.41
C ASP N 236 -41.14 37.63 20.08
N GLU N 237 -41.57 37.97 18.87
CA GLU N 237 -42.94 37.71 18.47
C GLU N 237 -43.18 36.21 18.32
N PRO N 238 -44.40 35.74 18.54
CA PRO N 238 -44.68 34.30 18.46
C PRO N 238 -44.54 33.77 17.04
N ALA N 239 -44.40 32.45 16.94
CA ALA N 239 -44.26 31.80 15.64
C ALA N 239 -45.49 32.00 14.77
N SER N 240 -46.66 32.15 15.38
CA SER N 240 -47.87 32.41 14.61
C SER N 240 -47.80 33.78 13.92
N ARG N 241 -47.15 34.75 14.55
CA ARG N 241 -46.97 36.06 13.93
C ARG N 241 -46.11 35.94 12.66
N HIS N 242 -45.09 35.09 12.69
CA HIS N 242 -44.25 34.89 11.52
C HIS N 242 -45.04 34.31 10.35
N VAL N 243 -45.94 33.36 10.65
CA VAL N 243 -46.78 32.79 9.60
C VAL N 243 -47.74 33.83 9.05
N GLN N 244 -48.33 34.64 9.93
CA GLN N 244 -49.31 35.63 9.49
C GLN N 244 -48.69 36.65 8.54
N VAL N 245 -47.50 37.15 8.86
CA VAL N 245 -46.85 38.13 7.99
C VAL N 245 -46.35 37.51 6.70
N ALA N 246 -45.91 36.24 6.74
CA ALA N 246 -45.40 35.59 5.53
C ALA N 246 -46.49 35.44 4.48
N GLU N 247 -47.69 35.02 4.89
CA GLU N 247 -48.79 34.91 3.94
C GLU N 247 -49.26 36.28 3.47
N MET N 248 -49.10 37.31 4.30
CA MET N 248 -49.54 38.65 3.92
C MET N 248 -48.71 39.17 2.74
N VAL N 249 -47.40 38.93 2.75
CA VAL N 249 -46.53 39.47 1.71
C VAL N 249 -46.82 38.81 0.37
N ILE N 250 -46.95 37.48 0.36
CA ILE N 250 -47.13 36.77 -0.90
C ILE N 250 -48.52 37.05 -1.49
N GLU N 251 -49.54 37.11 -0.63
CA GLU N 251 -50.89 37.42 -1.11
C GLU N 251 -50.95 38.83 -1.69
N LYS N 252 -50.28 39.79 -1.05
CA LYS N 252 -50.23 41.14 -1.59
C LYS N 252 -49.50 41.17 -2.93
N ALA N 253 -48.41 40.41 -3.05
CA ALA N 253 -47.67 40.37 -4.30
C ALA N 253 -48.50 39.78 -5.44
N LYS N 254 -49.26 38.72 -5.15
CA LYS N 254 -50.07 38.09 -6.19
C LYS N 254 -51.10 39.04 -6.75
N ARG N 255 -51.74 39.83 -5.89
CA ARG N 255 -52.74 40.80 -6.36
C ARG N 255 -52.09 41.85 -7.26
N LEU N 256 -50.90 42.32 -6.90
CA LEU N 256 -50.20 43.29 -7.73
C LEU N 256 -49.79 42.70 -9.08
N VAL N 257 -49.42 41.43 -9.10
CA VAL N 257 -49.04 40.78 -10.35
C VAL N 257 -50.23 40.71 -11.31
N GLU N 258 -51.44 40.48 -10.77
CA GLU N 258 -52.63 40.44 -11.60
C GLU N 258 -52.91 41.76 -12.30
N HIS N 259 -52.37 42.87 -11.78
CA HIS N 259 -52.54 44.18 -12.39
C HIS N 259 -51.40 44.57 -13.32
N LYS N 260 -50.75 43.58 -13.93
CA LYS N 260 -49.65 43.80 -14.89
C LYS N 260 -48.50 44.56 -14.26
N LYS N 261 -48.17 44.24 -13.01
CA LYS N 261 -47.06 44.86 -12.30
C LYS N 261 -46.02 43.81 -11.92
N ASP N 262 -44.78 44.25 -11.80
CA ASP N 262 -43.66 43.38 -11.44
C ASP N 262 -43.32 43.58 -9.97
N VAL N 263 -43.26 42.48 -9.23
CA VAL N 263 -42.99 42.50 -7.79
C VAL N 263 -41.74 41.66 -7.53
N ILE N 264 -40.80 42.21 -6.77
CA ILE N 264 -39.57 41.52 -6.38
C ILE N 264 -39.59 41.38 -4.88
N ILE N 265 -39.42 40.15 -4.40
CA ILE N 265 -39.48 39.83 -2.97
C ILE N 265 -38.13 39.28 -2.54
N LEU N 266 -37.55 39.90 -1.50
CA LEU N 266 -36.31 39.43 -0.90
C LEU N 266 -36.66 38.68 0.38
N LEU N 267 -36.53 37.37 0.36
CA LEU N 267 -36.93 36.51 1.47
C LEU N 267 -35.73 36.18 2.33
N ASP N 268 -35.91 36.27 3.65
CA ASP N 268 -34.86 35.93 4.61
C ASP N 268 -35.55 35.55 5.91
N SER N 269 -35.56 34.26 6.24
CA SER N 269 -34.96 33.19 5.46
C SER N 269 -35.90 32.00 5.35
N ILE N 270 -35.68 31.16 4.34
CA ILE N 270 -36.51 29.97 4.16
C ILE N 270 -36.39 29.05 5.37
N THR N 271 -35.16 28.85 5.87
CA THR N 271 -34.98 28.03 7.06
C THR N 271 -35.71 28.62 8.26
N ARG N 272 -35.62 29.93 8.43
CA ARG N 272 -36.37 30.58 9.51
C ARG N 272 -37.86 30.51 9.26
N LEU N 273 -38.29 30.69 8.00
CA LEU N 273 -39.71 30.60 7.67
C LEU N 273 -40.24 29.18 7.90
N ALA N 274 -39.47 28.17 7.48
CA ALA N 274 -39.89 26.79 7.72
C ALA N 274 -39.90 26.45 9.20
N ARG N 275 -39.05 27.13 9.99
CA ARG N 275 -39.04 26.89 11.43
C ARG N 275 -40.37 27.26 12.06
N ALA N 276 -40.93 28.42 11.69
CA ALA N 276 -42.21 28.85 12.23
C ALA N 276 -43.35 27.98 11.71
N TYR N 277 -43.29 27.62 10.42
CA TYR N 277 -44.36 26.82 9.82
C TYR N 277 -44.46 25.45 10.48
N ASN N 278 -43.32 24.83 10.80
CA ASN N 278 -43.35 23.52 11.43
C ASN N 278 -44.01 23.55 12.80
N THR N 279 -43.73 24.60 13.58
CA THR N 279 -44.30 24.69 14.92
C THR N 279 -45.81 24.97 14.87
N VAL N 280 -46.23 25.85 13.96
CA VAL N 280 -47.64 26.26 13.93
C VAL N 280 -48.54 25.09 13.53
N VAL N 281 -48.14 24.32 12.52
CA VAL N 281 -49.00 23.24 12.04
C VAL N 281 -49.14 22.17 13.12
N PRO N 282 -50.35 21.69 13.40
CA PRO N 282 -50.51 20.63 14.41
C PRO N 282 -49.89 19.32 13.95
N ALA N 283 -49.45 18.54 14.93
CA ALA N 283 -48.84 17.24 14.64
C ALA N 283 -49.85 16.28 14.04
N SER N 284 -49.43 15.53 13.03
CA SER N 284 -50.27 14.54 12.36
C SER N 284 -50.12 13.15 12.97
N GLY N 285 -49.36 13.00 14.04
CA GLY N 285 -49.12 11.72 14.66
C GLY N 285 -47.89 10.98 14.16
N LYS N 286 -47.25 11.47 13.11
CA LYS N 286 -46.03 10.87 12.57
C LYS N 286 -44.95 11.93 12.50
N VAL N 287 -43.76 11.59 13.00
CA VAL N 287 -42.61 12.50 13.03
C VAL N 287 -41.52 11.91 12.15
N LEU N 288 -41.04 12.71 11.20
CA LEU N 288 -39.97 12.29 10.31
C LEU N 288 -38.62 12.67 10.92
N THR N 289 -37.56 12.54 10.13
CA THR N 289 -36.22 12.87 10.62
C THR N 289 -36.10 14.37 10.87
N GLY N 290 -35.46 14.73 11.98
CA GLY N 290 -35.29 16.12 12.32
C GLY N 290 -36.49 16.80 12.95
N GLY N 291 -37.55 16.05 13.22
CA GLY N 291 -38.74 16.64 13.82
C GLY N 291 -39.56 17.49 12.89
N VAL N 292 -39.42 17.32 11.58
CA VAL N 292 -40.15 18.10 10.58
C VAL N 292 -41.13 17.17 9.88
N ASP N 293 -42.41 17.53 9.93
CA ASP N 293 -43.45 16.74 9.27
C ASP N 293 -43.45 17.01 7.77
N ALA N 294 -43.97 16.04 7.02
CA ALA N 294 -44.06 16.20 5.57
C ALA N 294 -44.98 17.35 5.21
N ASN N 295 -46.12 17.47 5.90
CA ASN N 295 -47.05 18.55 5.63
C ASN N 295 -46.55 19.89 6.17
N ALA N 296 -45.61 19.87 7.11
CA ALA N 296 -45.09 21.12 7.67
C ALA N 296 -44.36 21.94 6.61
N LEU N 297 -43.58 21.29 5.76
CA LEU N 297 -42.82 21.97 4.72
C LEU N 297 -43.64 22.20 3.45
N HIS N 298 -44.90 21.77 3.43
CA HIS N 298 -45.75 22.04 2.28
C HIS N 298 -46.02 23.54 2.14
N ARG N 299 -46.23 24.23 3.26
CA ARG N 299 -46.49 25.67 3.20
C ARG N 299 -45.31 26.46 2.65
N PRO N 300 -44.05 26.25 3.08
CA PRO N 300 -42.95 26.98 2.43
C PRO N 300 -42.81 26.70 0.94
N LYS N 301 -43.15 25.48 0.51
CA LYS N 301 -43.09 25.16 -0.91
C LYS N 301 -44.08 26.00 -1.71
N ARG N 302 -45.29 26.19 -1.17
CA ARG N 302 -46.26 27.06 -1.83
C ARG N 302 -45.76 28.49 -1.91
N PHE N 303 -45.17 28.99 -0.81
CA PHE N 303 -44.67 30.37 -0.79
C PHE N 303 -43.52 30.55 -1.76
N PHE N 304 -42.58 29.61 -1.77
CA PHE N 304 -41.39 29.75 -2.61
C PHE N 304 -41.72 29.52 -4.09
N GLY N 305 -42.64 28.60 -4.38
CA GLY N 305 -42.94 28.26 -5.76
C GLY N 305 -43.79 29.28 -6.49
N ALA N 306 -44.29 30.30 -5.79
CA ALA N 306 -45.17 31.29 -6.41
C ALA N 306 -44.42 32.22 -7.37
N ALA N 307 -43.09 32.20 -7.36
CA ALA N 307 -42.31 33.05 -8.25
C ALA N 307 -42.50 32.59 -9.69
N ARG N 308 -43.27 33.34 -10.47
CA ARG N 308 -43.59 32.98 -11.84
C ARG N 308 -43.47 34.20 -12.74
N ASN N 309 -43.24 33.95 -14.02
CA ASN N 309 -43.20 35.00 -15.05
C ASN N 309 -44.48 34.88 -15.87
N VAL N 310 -45.39 35.84 -15.69
CA VAL N 310 -46.69 35.78 -16.32
C VAL N 310 -46.56 36.09 -17.81
N GLU N 311 -47.12 35.21 -18.65
CA GLU N 311 -47.12 35.45 -20.09
C GLU N 311 -47.97 36.67 -20.45
N GLU N 312 -49.13 36.82 -19.79
CA GLU N 312 -50.02 37.93 -20.09
C GLU N 312 -49.37 39.26 -19.75
N GLY N 313 -48.67 39.33 -18.62
CA GLY N 313 -48.02 40.55 -18.20
C GLY N 313 -47.61 40.54 -16.74
N GLY N 314 -46.47 41.15 -16.43
CA GLY N 314 -45.97 41.18 -15.07
C GLY N 314 -45.20 39.93 -14.71
N SER N 315 -44.55 39.98 -13.55
CA SER N 315 -43.78 38.85 -13.05
C SER N 315 -43.61 38.99 -11.55
N LEU N 316 -43.30 37.87 -10.91
CA LEU N 316 -43.05 37.81 -9.47
C LEU N 316 -41.69 37.17 -9.26
N THR N 317 -40.74 37.96 -8.76
CA THR N 317 -39.38 37.51 -8.50
C THR N 317 -39.19 37.33 -7.00
N ILE N 318 -38.77 36.13 -6.60
CA ILE N 318 -38.55 35.81 -5.20
C ILE N 318 -37.10 35.39 -5.03
N ILE N 319 -36.38 36.09 -4.15
CA ILE N 319 -35.00 35.77 -3.82
C ILE N 319 -34.95 35.43 -2.34
N ALA N 320 -34.49 34.23 -2.03
CA ALA N 320 -34.48 33.71 -0.66
C ALA N 320 -33.06 33.35 -0.25
N THR N 321 -32.89 33.19 1.07
CA THR N 321 -31.60 32.82 1.65
C THR N 321 -31.75 31.51 2.42
N ALA N 322 -30.77 30.64 2.28
CA ALA N 322 -30.75 29.34 2.95
C ALA N 322 -29.55 29.27 3.88
N LEU N 323 -29.79 28.81 5.11
CA LEU N 323 -28.74 28.70 6.12
C LEU N 323 -28.26 27.26 6.19
N ILE N 324 -26.93 27.09 6.11
CA ILE N 324 -26.30 25.77 6.20
C ILE N 324 -25.16 25.86 7.22
N ASP N 325 -24.75 24.69 7.70
CA ASP N 325 -23.64 24.56 8.65
C ASP N 325 -23.89 25.39 9.91
N THR N 326 -25.14 25.41 10.36
CA THR N 326 -25.53 26.15 11.56
C THR N 326 -25.50 25.30 12.81
N GLY N 327 -25.07 24.04 12.72
CA GLY N 327 -25.03 23.15 13.87
C GLY N 327 -26.33 22.47 14.20
N SER N 328 -27.38 22.77 13.43
CA SER N 328 -28.72 22.16 13.66
C SER N 328 -28.93 21.07 12.63
N LYS N 329 -30.02 20.31 12.76
CA LYS N 329 -30.34 19.27 11.75
C LYS N 329 -31.57 19.74 10.97
N MET N 330 -32.52 20.36 11.66
CA MET N 330 -33.70 20.89 10.94
C MET N 330 -33.19 21.74 9.79
N ASP N 331 -32.26 22.65 10.06
CA ASP N 331 -31.81 23.59 9.01
C ASP N 331 -31.17 22.84 7.85
N GLU N 332 -30.85 21.55 8.02
CA GLU N 332 -30.32 20.78 6.86
C GLU N 332 -31.50 20.09 6.18
N VAL N 333 -32.23 19.27 6.91
CA VAL N 333 -33.43 18.61 6.33
C VAL N 333 -34.15 19.63 5.45
N ILE N 334 -34.24 20.88 5.91
CA ILE N 334 -34.99 21.88 5.17
C ILE N 334 -34.25 22.24 3.89
N TYR N 335 -32.93 22.40 3.98
CA TYR N 335 -32.14 22.79 2.81
C TYR N 335 -32.18 21.72 1.73
N GLU N 336 -32.17 20.43 2.13
CA GLU N 336 -32.11 19.35 1.16
C GLU N 336 -33.35 19.32 0.27
N GLU N 337 -34.53 19.55 0.85
CA GLU N 337 -35.76 19.54 0.05
C GLU N 337 -35.86 20.77 -0.84
N PHE N 338 -35.10 21.82 -0.53
CA PHE N 338 -35.13 23.07 -1.30
C PHE N 338 -33.91 23.24 -2.19
N LYS N 339 -33.31 22.13 -2.64
CA LYS N 339 -32.13 22.21 -3.50
C LYS N 339 -32.53 22.45 -4.95
N GLY N 340 -33.25 21.49 -5.54
CA GLY N 340 -33.62 21.57 -6.95
C GLY N 340 -34.84 22.39 -7.27
N THR N 341 -35.25 23.24 -6.34
CA THR N 341 -36.49 24.04 -6.54
C THR N 341 -36.15 25.47 -6.97
N GLY N 342 -34.95 25.71 -7.51
CA GLY N 342 -34.57 27.10 -7.81
C GLY N 342 -34.14 27.30 -9.24
N ASN N 343 -34.61 28.38 -9.87
CA ASN N 343 -34.17 28.69 -11.25
C ASN N 343 -32.70 29.08 -11.20
N MET N 344 -32.33 30.00 -10.32
CA MET N 344 -30.90 30.38 -10.16
C MET N 344 -30.47 30.01 -8.75
N GLU N 345 -29.16 29.89 -8.54
CA GLU N 345 -28.63 29.56 -7.19
C GLU N 345 -27.49 30.51 -6.87
N LEU N 346 -27.02 30.50 -5.64
CA LEU N 346 -25.90 31.36 -5.23
C LEU N 346 -25.38 30.81 -3.91
N HIS N 347 -24.27 30.09 -3.97
CA HIS N 347 -23.70 29.43 -2.80
C HIS N 347 -22.54 30.25 -2.25
N LEU N 348 -22.61 30.60 -0.97
CA LEU N 348 -21.54 31.33 -0.31
C LEU N 348 -20.64 30.37 0.45
N SER N 349 -19.39 30.79 0.65
CA SER N 349 -18.39 29.98 1.33
C SER N 349 -17.87 30.72 2.55
N ARG N 350 -17.89 30.05 3.70
CA ARG N 350 -17.36 30.66 4.92
C ARG N 350 -15.86 30.85 4.84
N LYS N 351 -15.15 29.92 4.21
CA LYS N 351 -13.69 29.98 4.13
C LYS N 351 -13.23 31.25 3.39
N ILE N 352 -13.94 31.63 2.34
CA ILE N 352 -13.60 32.84 1.61
C ILE N 352 -13.77 34.06 2.51
N ALA N 353 -14.84 34.09 3.30
CA ALA N 353 -15.05 35.20 4.23
C ALA N 353 -13.97 35.25 5.29
N GLU N 354 -13.42 34.09 5.67
CA GLU N 354 -12.34 34.05 6.65
C GLU N 354 -11.07 34.70 6.14
N LYS N 355 -10.92 34.84 4.82
CA LYS N 355 -9.76 35.49 4.22
C LYS N 355 -9.95 36.99 4.04
N ARG N 356 -11.05 37.55 4.55
CA ARG N 356 -11.36 38.98 4.42
C ARG N 356 -11.45 39.39 2.96
N VAL N 357 -12.02 38.50 2.14
CA VAL N 357 -12.26 38.76 0.73
C VAL N 357 -13.76 38.73 0.50
N PHE N 358 -14.30 39.81 -0.05
CA PHE N 358 -15.74 39.92 -0.25
C PHE N 358 -16.04 40.33 -1.69
N PRO N 359 -17.15 39.84 -2.26
CA PRO N 359 -18.14 38.95 -1.66
C PRO N 359 -17.68 37.49 -1.64
N ALA N 360 -18.03 36.75 -0.59
CA ALA N 360 -17.62 35.35 -0.47
C ALA N 360 -18.62 34.49 -1.25
N ILE N 361 -18.41 34.46 -2.56
CA ILE N 361 -19.29 33.76 -3.49
C ILE N 361 -18.50 32.65 -4.17
N ASP N 362 -19.05 31.44 -4.15
CA ASP N 362 -18.43 30.30 -4.83
C ASP N 362 -18.84 30.36 -6.30
N TYR N 363 -17.92 30.83 -7.15
CA TYR N 363 -18.24 31.00 -8.57
C TYR N 363 -18.52 29.67 -9.24
N ASN N 364 -17.74 28.63 -8.91
CA ASN N 364 -17.96 27.32 -9.53
C ASN N 364 -19.30 26.74 -9.13
N ARG N 365 -19.68 26.85 -7.86
CA ARG N 365 -20.96 26.30 -7.40
C ARG N 365 -22.14 27.11 -7.89
N SER N 366 -22.00 28.43 -7.99
CA SER N 366 -23.10 29.28 -8.44
C SER N 366 -23.39 29.06 -9.92
N GLY N 367 -24.65 29.28 -10.28
CA GLY N 367 -25.06 29.11 -11.67
C GLY N 367 -26.51 29.50 -11.83
N THR N 368 -26.98 29.39 -13.07
CA THR N 368 -28.35 29.74 -13.41
C THR N 368 -28.82 28.88 -14.58
N ARG N 369 -30.14 28.78 -14.71
CA ARG N 369 -30.76 28.00 -15.77
C ARG N 369 -31.41 28.92 -16.79
N LYS N 370 -31.34 28.52 -18.06
CA LYS N 370 -31.93 29.29 -19.17
C LYS N 370 -31.39 30.71 -19.20
N GLU N 371 -30.07 30.84 -19.06
CA GLU N 371 -29.42 32.15 -19.13
C GLU N 371 -29.40 32.73 -20.53
N GLU N 372 -29.76 31.93 -21.55
CA GLU N 372 -29.79 32.45 -22.91
C GLU N 372 -30.84 33.54 -23.08
N LEU N 373 -32.00 33.36 -22.44
CA LEU N 373 -33.06 34.36 -22.56
C LEU N 373 -32.69 35.68 -21.90
N LEU N 374 -31.99 35.63 -20.75
CA LEU N 374 -31.66 36.84 -20.02
C LEU N 374 -30.57 37.64 -20.74
N THR N 375 -29.40 37.05 -20.90
CA THR N 375 -28.28 37.74 -21.52
C THR N 375 -28.44 37.73 -23.04
N THR N 376 -27.57 38.46 -23.72
CA THR N 376 -27.57 38.51 -25.18
C THR N 376 -26.63 37.46 -25.74
N GLN N 377 -26.63 37.33 -27.07
CA GLN N 377 -25.76 36.35 -27.73
C GLN N 377 -24.30 36.67 -27.50
N GLU N 378 -23.92 37.94 -27.60
CA GLU N 378 -22.53 38.32 -27.39
C GLU N 378 -22.14 38.20 -25.92
N GLU N 379 -23.03 38.62 -25.02
CA GLU N 379 -22.73 38.58 -23.59
C GLU N 379 -22.63 37.14 -23.08
N LEU N 380 -23.48 36.25 -23.61
CA LEU N 380 -23.48 34.86 -23.13
C LEU N 380 -22.15 34.17 -23.42
N GLN N 381 -21.60 34.39 -24.62
CA GLN N 381 -20.35 33.74 -24.98
C GLN N 381 -19.19 34.21 -24.10
N LYS N 382 -19.18 35.49 -23.74
CA LYS N 382 -18.11 36.01 -22.87
C LYS N 382 -18.16 35.34 -21.49
N MET N 383 -19.35 35.12 -20.96
CA MET N 383 -19.48 34.46 -19.67
C MET N 383 -18.96 33.02 -19.72
N TRP N 384 -19.23 32.33 -20.83
CA TRP N 384 -18.74 30.95 -20.97
C TRP N 384 -17.22 30.90 -20.98
N ILE N 385 -16.58 31.86 -21.63
CA ILE N 385 -15.12 31.91 -21.67
C ILE N 385 -14.57 32.11 -20.27
N LEU N 386 -15.18 33.01 -19.49
CA LEU N 386 -14.71 33.26 -18.13
C LEU N 386 -14.86 32.02 -17.25
N ARG N 387 -15.96 31.29 -17.39
CA ARG N 387 -16.16 30.09 -16.57
C ARG N 387 -15.14 29.02 -16.90
N LYS N 388 -14.68 28.95 -18.16
CA LYS N 388 -13.68 27.96 -18.52
C LYS N 388 -12.37 28.20 -17.80
N ILE N 389 -11.97 29.46 -17.65
CA ILE N 389 -10.73 29.77 -16.93
C ILE N 389 -10.90 29.52 -15.43
N ILE N 390 -12.05 29.88 -14.88
CA ILE N 390 -12.26 29.79 -13.44
C ILE N 390 -12.33 28.35 -12.97
N HIS N 391 -12.92 27.45 -13.77
CA HIS N 391 -13.20 26.09 -13.32
C HIS N 391 -11.97 25.34 -12.82
N PRO N 392 -10.82 25.34 -13.50
CA PRO N 392 -9.65 24.66 -12.93
C PRO N 392 -9.20 25.24 -11.60
N MET N 393 -9.37 26.54 -11.39
CA MET N 393 -8.97 27.17 -10.15
C MET N 393 -9.91 26.77 -9.01
N GLY N 394 -9.40 26.87 -7.80
CA GLY N 394 -10.18 26.51 -6.63
C GLY N 394 -11.25 27.53 -6.32
N GLU N 395 -12.13 27.16 -5.38
CA GLU N 395 -13.22 28.04 -4.98
C GLU N 395 -12.73 29.29 -4.28
N ILE N 396 -11.54 29.26 -3.68
CA ILE N 396 -11.01 30.41 -2.97
C ILE N 396 -10.11 31.25 -3.87
N ASP N 397 -9.24 30.61 -4.65
CA ASP N 397 -8.33 31.35 -5.53
C ASP N 397 -9.07 32.07 -6.65
N ALA N 398 -10.29 31.64 -6.99
CA ALA N 398 -11.02 32.28 -8.07
C ALA N 398 -11.47 33.68 -7.71
N MET N 399 -11.74 33.95 -6.43
CA MET N 399 -12.27 35.26 -6.04
C MET N 399 -11.21 36.34 -6.17
N GLU N 400 -10.08 36.17 -5.49
CA GLU N 400 -9.02 37.18 -5.57
C GLU N 400 -8.51 37.36 -6.99
N PHE N 401 -8.55 36.29 -7.79
CA PHE N 401 -8.25 36.44 -9.21
C PHE N 401 -9.27 37.34 -9.90
N LEU N 402 -10.55 37.16 -9.58
CA LEU N 402 -11.60 37.98 -10.19
C LEU N 402 -11.65 39.38 -9.60
N ILE N 403 -11.35 39.52 -8.31
CA ILE N 403 -11.48 40.81 -7.65
C ILE N 403 -10.50 41.83 -8.23
N ASN N 404 -9.23 41.43 -8.40
CA ASN N 404 -8.22 42.36 -8.91
C ASN N 404 -8.53 42.76 -10.35
N LYS N 405 -9.02 41.82 -11.17
CA LYS N 405 -9.38 42.15 -12.54
C LYS N 405 -10.52 43.17 -12.59
N LEU N 406 -11.53 42.98 -11.74
CA LEU N 406 -12.65 43.92 -11.72
C LEU N 406 -12.28 45.22 -11.03
N ALA N 407 -11.29 45.19 -10.13
CA ALA N 407 -10.90 46.41 -9.42
C ALA N 407 -10.32 47.46 -10.36
N MET N 408 -9.51 47.05 -11.32
CA MET N 408 -8.87 47.98 -12.24
C MET N 408 -9.68 48.25 -13.50
N THR N 409 -10.87 47.69 -13.61
CA THR N 409 -11.75 47.93 -14.74
C THR N 409 -12.96 48.75 -14.30
N LYS N 410 -13.44 49.61 -15.18
CA LYS N 410 -14.57 50.48 -14.86
C LYS N 410 -15.88 49.70 -14.85
N THR N 411 -16.21 49.07 -15.97
CA THR N 411 -17.44 48.29 -16.09
C THR N 411 -17.11 46.84 -16.46
N ASN N 412 -18.15 46.01 -16.46
CA ASN N 412 -17.97 44.60 -16.83
C ASN N 412 -17.57 44.46 -18.29
N ASP N 413 -17.98 45.40 -19.15
CA ASP N 413 -17.58 45.35 -20.55
C ASP N 413 -16.07 45.51 -20.69
N ASP N 414 -15.47 46.41 -19.91
CA ASP N 414 -14.02 46.57 -19.94
C ASP N 414 -13.32 45.31 -19.45
N PHE N 415 -13.88 44.65 -18.43
CA PHE N 415 -13.31 43.39 -17.96
C PHE N 415 -13.42 42.31 -19.03
N PHE N 416 -14.55 42.27 -19.74
CA PHE N 416 -14.77 41.22 -20.74
C PHE N 416 -13.76 41.34 -21.89
N GLU N 417 -13.51 42.56 -22.37
CA GLU N 417 -12.57 42.72 -23.48
C GLU N 417 -11.13 42.46 -23.05
N MET N 418 -10.83 42.64 -21.76
CA MET N 418 -9.50 42.32 -21.26
C MET N 418 -9.23 40.82 -21.30
N MET N 419 -10.22 40.00 -20.93
CA MET N 419 -10.05 38.54 -20.99
C MET N 419 -9.87 38.06 -22.43
N LYS N 420 -10.41 38.80 -23.40
CA LYS N 420 -10.28 38.41 -24.79
C LYS N 420 -8.83 38.51 -25.26
N ARG N 421 -8.01 39.33 -24.60
CA ARG N 421 -6.60 39.43 -24.96
C ARG N 421 -5.88 38.11 -24.76
N SER N 422 -6.16 37.42 -23.67
CA SER N 422 -5.52 36.15 -23.36
C SER N 422 -6.13 35.03 -24.20
N MET O 4 -36.16 59.43 59.76
CA MET O 4 -36.96 60.44 59.08
C MET O 4 -37.07 60.12 57.60
N ASN O 5 -36.00 59.60 57.03
CA ASN O 5 -35.94 59.27 55.61
C ASN O 5 -35.84 57.77 55.44
N LEU O 6 -36.71 57.21 54.60
CA LEU O 6 -36.81 55.76 54.48
C LEU O 6 -35.55 55.16 53.86
N THR O 7 -35.01 55.81 52.82
CA THR O 7 -33.88 55.23 52.10
C THR O 7 -32.63 55.13 52.99
N GLU O 8 -32.36 56.15 53.80
CA GLU O 8 -31.18 56.13 54.65
C GLU O 8 -31.35 55.19 55.83
N LEU O 9 -32.58 54.91 56.25
CA LEU O 9 -32.80 54.03 57.40
C LEU O 9 -32.51 52.57 57.06
N LYS O 10 -32.83 52.14 55.83
CA LYS O 10 -32.57 50.76 55.44
C LYS O 10 -31.08 50.51 55.22
N ASN O 11 -30.34 51.53 54.78
CA ASN O 11 -28.91 51.36 54.55
C ASN O 11 -28.12 51.26 55.85
N THR O 12 -28.70 51.66 56.98
CA THR O 12 -28.02 51.57 58.25
C THR O 12 -27.85 50.11 58.65
N PRO O 13 -26.77 49.78 59.38
CA PRO O 13 -26.58 48.40 59.83
C PRO O 13 -27.68 47.97 60.80
N VAL O 14 -27.93 46.66 60.82
CA VAL O 14 -28.99 46.12 61.68
C VAL O 14 -28.65 46.36 63.15
N SER O 15 -27.37 46.27 63.52
CA SER O 15 -26.97 46.50 64.90
C SER O 15 -27.29 47.93 65.33
N GLU O 16 -27.01 48.90 64.47
CA GLU O 16 -27.36 50.28 64.78
C GLU O 16 -28.87 50.50 64.76
N LEU O 17 -29.60 49.74 63.95
CA LEU O 17 -31.04 49.90 63.86
C LEU O 17 -31.71 49.58 65.19
N ILE O 18 -31.25 48.52 65.87
CA ILE O 18 -31.82 48.18 67.18
C ILE O 18 -31.55 49.30 68.19
N THR O 19 -30.32 49.82 68.19
CA THR O 19 -29.96 50.86 69.16
C THR O 19 -30.80 52.11 68.97
N LEU O 20 -31.07 52.48 67.72
CA LEU O 20 -31.88 53.67 67.45
C LEU O 20 -33.29 53.52 68.00
N GLY O 21 -33.88 52.33 67.85
CA GLY O 21 -35.23 52.12 68.33
C GLY O 21 -35.36 52.00 69.83
N GLU O 22 -34.28 51.58 70.50
CA GLU O 22 -34.34 51.41 71.94
C GLU O 22 -34.47 52.75 72.66
N ASN O 23 -33.65 53.73 72.26
CA ASN O 23 -33.73 55.05 72.89
C ASN O 23 -35.01 55.78 72.52
N MET O 24 -35.58 55.47 71.35
CA MET O 24 -36.82 56.12 70.94
C MET O 24 -37.97 55.76 71.87
N GLY O 25 -38.03 54.50 72.30
CA GLY O 25 -39.08 54.06 73.21
C GLY O 25 -39.58 52.67 72.92
N LEU O 26 -39.18 52.11 71.79
CA LEU O 26 -39.60 50.76 71.42
C LEU O 26 -38.81 49.71 72.19
N GLU O 27 -39.36 48.50 72.23
CA GLU O 27 -38.77 47.40 72.98
C GLU O 27 -38.94 46.11 72.19
N ASN O 28 -38.07 45.14 72.49
CA ASN O 28 -38.11 43.81 71.87
C ASN O 28 -37.95 43.88 70.36
N LEU O 29 -37.08 44.77 69.89
CA LEU O 29 -36.77 44.87 68.47
C LEU O 29 -35.60 44.00 68.05
N ALA O 30 -34.89 43.37 69.00
CA ALA O 30 -33.69 42.62 68.64
C ALA O 30 -34.04 41.32 67.93
N ARG O 31 -35.00 40.57 68.45
CA ARG O 31 -35.31 39.24 67.93
C ARG O 31 -36.51 39.29 66.97
N MET O 32 -36.31 39.98 65.86
CA MET O 32 -37.32 40.06 64.81
C MET O 32 -36.63 40.48 63.52
N ARG O 33 -37.35 40.30 62.41
CA ARG O 33 -36.79 40.60 61.10
C ARG O 33 -36.53 42.09 60.96
N LYS O 34 -35.52 42.42 60.13
CA LYS O 34 -35.13 43.81 59.94
C LYS O 34 -36.26 44.63 59.32
N GLN O 35 -37.04 44.01 58.43
CA GLN O 35 -38.14 44.72 57.78
C GLN O 35 -39.17 45.17 58.80
N ASP O 36 -39.49 44.31 59.78
CA ASP O 36 -40.46 44.68 60.81
C ASP O 36 -39.93 45.79 61.70
N ILE O 37 -38.61 45.80 61.96
CA ILE O 37 -38.03 46.84 62.79
C ILE O 37 -38.20 48.21 62.15
N ILE O 38 -37.99 48.30 60.84
CA ILE O 38 -38.13 49.57 60.14
C ILE O 38 -39.57 50.07 60.22
N PHE O 39 -40.54 49.16 60.05
CA PHE O 39 -41.94 49.55 60.17
C PHE O 39 -42.26 50.01 61.59
N ALA O 40 -41.72 49.32 62.60
CA ALA O 40 -41.98 49.70 63.98
C ALA O 40 -41.38 51.07 64.31
N ILE O 41 -40.15 51.33 63.85
CA ILE O 41 -39.50 52.61 64.13
C ILE O 41 -40.25 53.75 63.46
N LEU O 42 -40.66 53.56 62.20
CA LEU O 42 -41.44 54.58 61.51
C LEU O 42 -42.78 54.81 62.19
N LYS O 43 -43.42 53.73 62.67
CA LYS O 43 -44.69 53.87 63.36
C LYS O 43 -44.55 54.70 64.62
N GLN O 44 -43.52 54.44 65.42
CA GLN O 44 -43.29 55.23 66.63
C GLN O 44 -42.91 56.66 66.30
N HIS O 45 -42.06 56.85 65.29
CA HIS O 45 -41.64 58.19 64.91
C HIS O 45 -42.80 58.99 64.31
N ALA O 46 -43.78 58.29 63.71
CA ALA O 46 -44.93 58.99 63.14
C ALA O 46 -45.78 59.64 64.21
N LYS O 47 -45.77 59.11 65.44
CA LYS O 47 -46.56 59.69 66.52
C LYS O 47 -46.07 61.08 66.89
N SER O 48 -44.78 61.37 66.67
CA SER O 48 -44.25 62.69 66.97
C SER O 48 -44.78 63.77 66.03
N GLY O 49 -45.34 63.39 64.89
CA GLY O 49 -45.86 64.33 63.93
C GLY O 49 -44.88 64.80 62.88
N GLU O 50 -43.61 64.44 62.99
CA GLU O 50 -42.63 64.84 62.00
C GLU O 50 -42.88 64.14 60.67
N ASP O 51 -42.60 64.86 59.58
CA ASP O 51 -42.79 64.30 58.25
C ASP O 51 -41.78 63.19 57.98
N ILE O 52 -42.21 62.19 57.21
CA ILE O 52 -41.39 61.04 56.86
C ILE O 52 -41.23 61.00 55.35
N PHE O 53 -39.99 60.87 54.89
CA PHE O 53 -39.69 60.82 53.47
C PHE O 53 -39.45 59.38 53.04
N GLY O 54 -39.99 59.02 51.87
CA GLY O 54 -39.83 57.67 51.37
C GLY O 54 -39.67 57.66 49.86
N ASP O 55 -39.04 56.60 49.37
CA ASP O 55 -38.79 56.46 47.94
C ASP O 55 -38.60 54.98 47.62
N GLY O 56 -38.71 54.67 46.33
CA GLY O 56 -38.54 53.30 45.89
C GLY O 56 -38.99 53.16 44.44
N VAL O 57 -39.11 51.90 44.02
CA VAL O 57 -39.55 51.56 42.67
C VAL O 57 -41.02 51.18 42.71
N LEU O 58 -41.82 51.82 41.86
CA LEU O 58 -43.26 51.64 41.86
C LEU O 58 -43.65 50.51 40.92
N GLU O 59 -44.55 49.63 41.39
CA GLU O 59 -45.12 48.57 40.59
C GLU O 59 -46.64 48.61 40.74
N ILE O 60 -47.35 48.13 39.72
CA ILE O 60 -48.81 48.13 39.71
C ILE O 60 -49.28 46.68 39.68
N LEU O 61 -50.16 46.34 40.61
CA LEU O 61 -50.74 45.01 40.69
C LEU O 61 -51.88 44.87 39.70
N GLN O 62 -52.42 43.64 39.59
CA GLN O 62 -53.51 43.39 38.66
C GLN O 62 -54.84 43.99 39.12
N ASP O 63 -55.04 44.14 40.44
CA ASP O 63 -56.28 44.73 40.94
C ASP O 63 -56.39 46.19 40.52
N GLY O 64 -55.29 46.93 40.54
CA GLY O 64 -55.31 48.33 40.19
C GLY O 64 -54.46 49.20 41.10
N PHE O 65 -54.36 48.82 42.37
CA PHE O 65 -53.48 49.52 43.29
C PHE O 65 -52.05 49.01 43.16
N GLY O 66 -51.10 49.80 43.68
CA GLY O 66 -49.70 49.48 43.57
C GLY O 66 -48.98 49.69 44.90
N PHE O 67 -47.73 49.24 44.92
CA PHE O 67 -46.86 49.40 46.08
C PHE O 67 -45.51 49.92 45.61
N LEU O 68 -44.82 50.62 46.51
CA LEU O 68 -43.51 51.23 46.21
C LEU O 68 -42.44 50.31 46.79
N ARG O 69 -41.99 49.36 45.97
CA ARG O 69 -40.97 48.42 46.41
C ARG O 69 -39.62 49.10 46.55
N SER O 70 -38.77 48.53 47.39
CA SER O 70 -37.43 49.04 47.64
C SER O 70 -36.40 48.09 47.02
N ALA O 71 -35.44 48.66 46.29
CA ALA O 71 -34.41 47.86 45.65
C ALA O 71 -33.42 47.27 46.65
N ASP O 72 -33.35 47.81 47.86
CA ASP O 72 -32.43 47.29 48.86
C ASP O 72 -32.78 45.85 49.26
N SER O 73 -34.07 45.55 49.40
CA SER O 73 -34.52 44.21 49.77
C SER O 73 -34.82 43.33 48.56
N SER O 74 -34.20 43.63 47.41
CA SER O 74 -34.42 42.89 46.17
C SER O 74 -35.91 42.88 45.78
N TYR O 75 -36.58 44.01 46.00
CA TYR O 75 -38.00 44.17 45.66
C TYR O 75 -38.87 43.11 46.31
N LEU O 76 -38.58 42.79 47.57
CA LEU O 76 -39.34 41.81 48.32
C LEU O 76 -40.49 42.48 49.05
N ALA O 77 -41.66 41.85 49.01
CA ALA O 77 -42.83 42.39 49.70
C ALA O 77 -42.60 42.41 51.20
N GLY O 78 -42.94 43.54 51.83
CA GLY O 78 -42.76 43.70 53.24
C GLY O 78 -43.73 44.71 53.85
N PRO O 79 -43.84 44.70 55.18
CA PRO O 79 -44.75 45.66 55.83
C PRO O 79 -44.35 47.12 55.63
N ASP O 80 -43.10 47.39 55.30
CA ASP O 80 -42.60 48.76 55.13
C ASP O 80 -42.83 49.30 53.74
N ASP O 81 -43.43 48.52 52.84
CA ASP O 81 -43.70 48.99 51.49
C ASP O 81 -44.74 50.10 51.50
N ILE O 82 -44.55 51.10 50.65
CA ILE O 82 -45.42 52.26 50.59
C ILE O 82 -46.58 51.95 49.63
N TYR O 83 -47.80 52.13 50.10
CA TYR O 83 -49.00 51.91 49.31
C TYR O 83 -49.43 53.20 48.63
N VAL O 84 -49.83 53.09 47.37
CA VAL O 84 -50.30 54.22 46.57
C VAL O 84 -51.70 53.92 46.07
N SER O 85 -52.60 54.89 46.24
CA SER O 85 -53.97 54.71 45.77
C SER O 85 -54.02 54.80 44.25
N PRO O 86 -54.99 54.11 43.62
CA PRO O 86 -55.14 54.23 42.16
C PRO O 86 -55.47 55.64 41.69
N SER O 87 -56.03 56.49 42.57
CA SER O 87 -56.35 57.85 42.18
C SER O 87 -55.09 58.64 41.83
N GLN O 88 -54.01 58.45 42.60
CA GLN O 88 -52.76 59.14 42.31
C GLN O 88 -52.18 58.72 40.97
N ILE O 89 -52.51 57.50 40.51
CA ILE O 89 -52.02 57.04 39.22
C ILE O 89 -52.61 57.85 38.09
N ARG O 90 -53.90 58.22 38.18
CA ARG O 90 -54.50 59.06 37.16
C ARG O 90 -53.89 60.45 37.14
N ARG O 91 -53.61 61.02 38.31
CA ARG O 91 -53.00 62.34 38.37
C ARG O 91 -51.62 62.35 37.72
N PHE O 92 -50.82 61.33 38.00
CA PHE O 92 -49.48 61.21 37.45
C PHE O 92 -49.31 59.87 36.76
N ASN O 93 -49.17 59.89 35.43
CA ASN O 93 -49.02 58.67 34.66
C ASN O 93 -47.80 57.88 35.11
N LEU O 94 -48.05 56.78 35.82
CA LEU O 94 -47.00 55.91 36.33
C LEU O 94 -47.22 54.48 35.87
N ARG O 95 -46.13 53.80 35.55
CA ARG O 95 -46.15 52.39 35.20
C ARG O 95 -45.11 51.66 36.02
N THR O 96 -45.09 50.34 35.92
CA THR O 96 -44.13 49.54 36.67
C THR O 96 -42.71 49.90 36.27
N GLY O 97 -41.85 50.10 37.26
CA GLY O 97 -40.44 50.34 37.03
C GLY O 97 -39.94 51.71 37.45
N ASP O 98 -40.79 52.72 37.38
CA ASP O 98 -40.35 54.09 37.64
C ASP O 98 -40.09 54.30 39.13
N THR O 99 -39.23 55.27 39.44
CA THR O 99 -38.90 55.60 40.82
C THR O 99 -39.76 56.77 41.29
N ILE O 100 -40.40 56.60 42.45
CA ILE O 100 -41.27 57.63 43.03
C ILE O 100 -40.71 57.99 44.40
N SER O 101 -40.52 59.28 44.63
CA SER O 101 -40.00 59.79 45.90
C SER O 101 -40.90 60.91 46.39
N GLY O 102 -41.23 60.87 47.68
CA GLY O 102 -42.06 61.91 48.27
C GLY O 102 -42.40 61.58 49.70
N LYS O 103 -43.21 62.46 50.29
CA LYS O 103 -43.63 62.28 51.67
C LYS O 103 -44.66 61.17 51.79
N ILE O 104 -44.61 60.44 52.91
CA ILE O 104 -45.53 59.36 53.20
C ILE O 104 -46.22 59.64 54.52
N ARG O 105 -47.56 59.45 54.55
CA ARG O 105 -48.33 59.68 55.76
C ARG O 105 -48.40 58.44 56.62
N PRO O 106 -48.58 58.60 57.93
CA PRO O 106 -48.74 57.43 58.81
C PRO O 106 -49.95 56.63 58.41
N PRO O 107 -49.88 55.30 58.48
CA PRO O 107 -51.04 54.46 58.13
C PRO O 107 -52.12 54.55 59.20
N LYS O 108 -53.35 54.82 58.76
CA LYS O 108 -54.46 54.89 59.69
C LYS O 108 -54.88 53.49 60.12
N GLU O 109 -55.89 53.43 60.99
CA GLU O 109 -56.40 52.15 61.44
C GLU O 109 -57.08 51.42 60.29
N GLY O 110 -56.85 50.10 60.21
CA GLY O 110 -57.42 49.28 59.16
C GLY O 110 -56.47 48.99 58.00
N GLU O 111 -55.39 49.76 57.87
CA GLU O 111 -54.41 49.52 56.82
C GLU O 111 -53.06 49.23 57.44
N ARG O 112 -52.30 48.34 56.77
CA ARG O 112 -51.01 47.87 57.27
C ARG O 112 -49.84 48.44 56.50
N TYR O 113 -50.07 49.40 55.60
CA TYR O 113 -49.02 49.94 54.76
C TYR O 113 -49.09 51.46 54.76
N PHE O 114 -47.92 52.10 54.65
CA PHE O 114 -47.85 53.54 54.55
C PHE O 114 -48.43 54.01 53.21
N ALA O 115 -49.00 55.20 53.22
CA ALA O 115 -49.61 55.79 52.04
C ALA O 115 -48.83 57.03 51.62
N LEU O 116 -48.67 57.19 50.30
CA LEU O 116 -47.95 58.34 49.77
C LEU O 116 -48.82 59.58 49.86
N LEU O 117 -48.26 60.66 50.43
CA LEU O 117 -49.00 61.92 50.59
C LEU O 117 -48.79 62.83 49.39
N LYS O 118 -47.54 63.21 49.11
CA LYS O 118 -47.22 64.09 48.00
C LYS O 118 -45.92 63.62 47.36
N VAL O 119 -45.92 63.54 46.03
CA VAL O 119 -44.75 63.12 45.26
C VAL O 119 -44.10 64.36 44.67
N ASN O 120 -42.79 64.52 44.91
CA ASN O 120 -42.04 65.67 44.44
C ASN O 120 -40.86 65.29 43.57
N GLU O 121 -40.68 64.00 43.26
CA GLU O 121 -39.54 63.57 42.45
C GLU O 121 -39.91 62.27 41.75
N VAL O 122 -39.94 62.30 40.42
CA VAL O 122 -40.25 61.13 39.62
C VAL O 122 -39.09 60.87 38.67
N ASN O 123 -38.48 59.69 38.78
CA ASN O 123 -37.35 59.30 37.94
C ASN O 123 -36.23 60.33 37.99
N PHE O 124 -35.95 60.82 39.21
CA PHE O 124 -34.94 61.86 39.43
C PHE O 124 -35.23 63.10 38.59
N ASP O 125 -36.51 63.46 38.49
CA ASP O 125 -36.93 64.58 37.68
C ASP O 125 -38.26 65.09 38.21
N LYS O 126 -38.63 66.29 37.76
CA LYS O 126 -39.90 66.88 38.17
C LYS O 126 -41.04 66.02 37.65
N PRO O 127 -42.08 65.77 38.46
CA PRO O 127 -43.19 64.91 38.00
C PRO O 127 -43.88 65.42 36.74
N GLU O 128 -44.00 66.74 36.58
CA GLU O 128 -44.62 67.28 35.38
C GLU O 128 -43.81 66.95 34.13
N ASN O 129 -42.48 67.05 34.23
CA ASN O 129 -41.63 66.74 33.08
C ASN O 129 -41.66 65.26 32.73
N ALA O 130 -41.79 64.39 33.74
CA ALA O 130 -41.83 62.95 33.47
C ALA O 130 -43.10 62.55 32.73
N ARG O 131 -44.17 63.35 32.84
CA ARG O 131 -45.41 63.05 32.16
C ARG O 131 -45.31 63.20 30.65
N ASN O 132 -44.34 63.97 30.14
CA ASN O 132 -44.17 64.21 28.72
C ASN O 132 -43.11 63.31 28.09
N LYS O 133 -42.58 62.35 28.84
CA LYS O 133 -41.54 61.48 28.30
C LYS O 133 -42.11 60.54 27.24
N ILE O 134 -41.35 60.26 26.18
CA ILE O 134 -41.93 59.43 25.08
C ILE O 134 -41.77 57.97 25.46
N LEU O 135 -42.80 57.16 25.20
CA LEU O 135 -42.73 55.75 25.66
C LEU O 135 -41.51 55.06 25.06
N PHE O 136 -41.02 54.03 25.72
CA PHE O 136 -39.83 53.29 25.31
C PHE O 136 -40.09 52.48 24.03
N GLU O 137 -41.26 51.85 23.94
CA GLU O 137 -41.56 51.03 22.77
C GLU O 137 -41.67 51.85 21.49
N ASN O 138 -41.92 53.16 21.59
CA ASN O 138 -41.98 54.02 20.42
C ASN O 138 -40.61 54.45 19.92
N LEU O 139 -39.55 54.24 20.69
CA LEU O 139 -38.22 54.63 20.29
C LEU O 139 -37.69 53.70 19.21
N THR O 140 -36.87 54.27 18.31
CA THR O 140 -36.32 53.51 17.19
C THR O 140 -34.95 52.95 17.58
N PRO O 141 -34.79 51.63 17.65
CA PRO O 141 -33.48 51.07 17.98
C PRO O 141 -32.49 51.22 16.83
N LEU O 142 -31.21 51.21 17.18
CA LEU O 142 -30.11 51.27 16.22
C LEU O 142 -28.99 50.37 16.69
N HIS O 143 -28.01 50.19 15.82
CA HIS O 143 -26.83 49.40 16.16
C HIS O 143 -25.93 50.16 17.13
N ALA O 144 -25.13 49.40 17.87
CA ALA O 144 -24.23 50.00 18.84
C ALA O 144 -23.15 50.82 18.15
N ASN O 145 -22.88 52.00 18.70
CA ASN O 145 -21.86 52.89 18.15
C ASN O 145 -20.94 53.51 19.20
N SER O 146 -21.23 53.35 20.49
CA SER O 146 -20.42 53.93 21.56
C SER O 146 -19.53 52.83 22.13
N ARG O 147 -18.23 52.92 21.87
CA ARG O 147 -17.29 51.91 22.33
C ARG O 147 -17.08 52.01 23.84
N LEU O 148 -17.18 50.87 24.51
CA LEU O 148 -16.95 50.78 25.96
C LEU O 148 -15.60 50.13 26.19
N ARG O 149 -14.64 50.91 26.68
CA ARG O 149 -13.28 50.41 26.91
C ARG O 149 -13.29 49.51 28.14
N MET O 150 -13.25 48.20 27.93
CA MET O 150 -13.27 47.24 29.03
C MET O 150 -11.90 47.07 29.68
N GLU O 151 -10.84 47.52 29.01
CA GLU O 151 -9.49 47.38 29.55
C GLU O 151 -9.23 48.43 30.62
N ARG O 152 -8.59 47.99 31.72
CA ARG O 152 -8.23 48.87 32.81
C ARG O 152 -6.71 48.98 32.86
N GLY O 153 -6.20 50.21 32.82
CA GLY O 153 -4.77 50.44 32.82
C GLY O 153 -4.20 50.74 34.19
N ASN O 154 -4.91 51.52 34.99
CA ASN O 154 -4.41 51.90 36.30
C ASN O 154 -4.27 50.70 37.24
N ASP O 155 -5.22 49.77 37.19
CA ASP O 155 -5.15 48.60 38.07
C ASP O 155 -3.93 47.74 37.77
N SER O 156 -3.70 47.43 36.49
CA SER O 156 -2.56 46.64 36.05
C SER O 156 -2.51 45.30 36.78
N THR O 157 -3.68 44.69 36.98
CA THR O 157 -3.76 43.43 37.71
C THR O 157 -3.20 42.29 36.87
N GLU O 158 -2.90 41.18 37.55
CA GLU O 158 -2.37 40.01 36.86
C GLU O 158 -3.42 39.33 35.98
N ASP O 159 -4.71 39.60 36.21
CA ASP O 159 -5.75 39.01 35.40
C ASP O 159 -5.81 39.70 34.04
N LEU O 160 -5.83 38.91 32.97
CA LEU O 160 -5.88 39.41 31.62
C LEU O 160 -7.27 39.30 31.00
N THR O 161 -8.29 39.05 31.82
CA THR O 161 -9.64 38.86 31.29
C THR O 161 -10.15 40.12 30.59
N ALA O 162 -9.90 41.29 31.18
CA ALA O 162 -10.34 42.54 30.56
C ALA O 162 -9.65 42.77 29.22
N ARG O 163 -8.33 42.50 29.15
CA ARG O 163 -7.61 42.69 27.90
C ARG O 163 -8.08 41.71 26.83
N VAL O 164 -8.32 40.45 27.21
CA VAL O 164 -8.76 39.44 26.24
C VAL O 164 -10.17 39.76 25.74
N LEU O 165 -11.04 40.24 26.63
CA LEU O 165 -12.42 40.49 26.24
C LEU O 165 -12.52 41.53 25.13
N ASP O 166 -11.72 42.59 25.22
CA ASP O 166 -11.73 43.60 24.16
C ASP O 166 -11.24 43.02 22.85
N LEU O 167 -10.18 42.21 22.88
CA LEU O 167 -9.66 41.63 21.65
C LEU O 167 -10.62 40.59 21.08
N ALA O 168 -11.18 39.74 21.94
CA ALA O 168 -12.06 38.68 21.46
C ALA O 168 -13.37 39.24 20.91
N SER O 169 -14.01 40.13 21.67
CA SER O 169 -15.30 40.68 21.26
C SER O 169 -15.54 42.03 21.94
N PRO O 170 -15.36 43.15 21.23
CA PRO O 170 -15.64 44.45 21.83
C PRO O 170 -17.10 44.59 22.21
N ILE O 171 -17.35 45.31 23.31
CA ILE O 171 -18.68 45.51 23.85
C ILE O 171 -19.00 47.00 23.80
N GLY O 172 -20.15 47.34 23.22
CA GLY O 172 -20.60 48.71 23.14
C GLY O 172 -21.89 48.94 23.91
N ARG O 173 -22.37 50.18 23.83
CA ARG O 173 -23.62 50.56 24.46
C ARG O 173 -24.81 50.05 23.64
N GLY O 174 -25.78 49.45 24.33
CA GLY O 174 -26.94 48.92 23.64
C GLY O 174 -26.77 47.53 23.05
N GLN O 175 -25.69 46.83 23.39
CA GLN O 175 -25.46 45.49 22.89
C GLN O 175 -26.44 44.50 23.50
N ARG O 176 -26.75 43.46 22.75
CA ARG O 176 -27.63 42.39 23.18
C ARG O 176 -26.89 41.06 23.18
N GLY O 177 -25.65 41.06 23.67
CA GLY O 177 -24.84 39.87 23.64
C GLY O 177 -25.22 38.88 24.72
N LEU O 178 -24.77 37.65 24.54
CA LEU O 178 -24.96 36.57 25.50
C LEU O 178 -23.65 35.82 25.69
N ILE O 179 -23.50 35.19 26.85
CA ILE O 179 -22.30 34.45 27.20
C ILE O 179 -22.66 32.98 27.30
N VAL O 180 -21.96 32.14 26.55
CA VAL O 180 -22.13 30.70 26.60
C VAL O 180 -21.06 30.15 27.53
N ALA O 181 -21.46 29.74 28.73
CA ALA O 181 -20.50 29.33 29.76
C ALA O 181 -20.88 27.95 30.28
N PRO O 182 -20.04 26.93 30.08
CA PRO O 182 -20.27 25.63 30.72
C PRO O 182 -20.07 25.73 32.22
N PRO O 183 -20.62 24.79 32.99
CA PRO O 183 -20.43 24.84 34.45
C PRO O 183 -18.97 24.71 34.83
N LYS O 184 -18.60 25.40 35.92
CA LYS O 184 -17.23 25.42 36.42
C LYS O 184 -16.25 25.90 35.36
N ALA O 185 -16.59 27.02 34.72
CA ALA O 185 -15.73 27.63 33.71
C ALA O 185 -15.45 29.10 34.01
N GLY O 186 -15.51 29.50 35.27
CA GLY O 186 -15.27 30.88 35.64
C GLY O 186 -16.33 31.86 35.14
N LYS O 187 -17.59 31.44 35.12
CA LYS O 187 -18.65 32.33 34.65
C LYS O 187 -18.90 33.45 35.64
N THR O 188 -18.91 33.14 36.93
CA THR O 188 -19.20 34.14 37.95
C THR O 188 -18.13 35.24 37.97
N MET O 189 -16.86 34.86 37.92
CA MET O 189 -15.79 35.85 37.95
C MET O 189 -15.73 36.64 36.66
N LEU O 190 -16.22 36.06 35.55
CA LEU O 190 -16.24 36.79 34.29
C LEU O 190 -17.15 38.01 34.37
N LEU O 191 -18.32 37.86 35.00
CA LEU O 191 -19.23 39.00 35.15
C LEU O 191 -18.67 40.02 36.13
N GLN O 192 -18.00 39.54 37.20
CA GLN O 192 -17.44 40.45 38.19
C GLN O 192 -16.38 41.35 37.59
N ASN O 193 -15.50 40.78 36.75
CA ASN O 193 -14.45 41.58 36.12
C ASN O 193 -15.06 42.64 35.20
N ILE O 194 -16.10 42.28 34.45
CA ILE O 194 -16.77 43.25 33.59
C ILE O 194 -17.39 44.38 34.42
N ALA O 195 -18.00 44.03 35.55
CA ALA O 195 -18.62 45.04 36.41
C ALA O 195 -17.59 46.03 36.94
N GLN O 196 -16.39 45.54 37.30
CA GLN O 196 -15.36 46.44 37.80
C GLN O 196 -14.95 47.47 36.75
N SER O 197 -14.79 47.04 35.50
CA SER O 197 -14.39 47.96 34.44
C SER O 197 -15.50 48.98 34.16
N ILE O 198 -16.75 48.54 34.16
CA ILE O 198 -17.86 49.45 33.88
C ILE O 198 -17.96 50.51 34.97
N ALA O 199 -17.85 50.10 36.24
CA ALA O 199 -17.90 51.06 37.34
C ALA O 199 -16.68 51.98 37.38
N TYR O 200 -15.60 51.61 36.70
CA TYR O 200 -14.38 52.41 36.66
C TYR O 200 -14.26 53.25 35.40
N ASN O 201 -14.38 52.63 34.22
CA ASN O 201 -14.20 53.36 32.97
C ASN O 201 -15.37 54.27 32.66
N HIS O 202 -16.59 53.85 33.01
CA HIS O 202 -17.81 54.61 32.72
C HIS O 202 -18.63 54.74 33.99
N PRO O 203 -18.21 55.60 34.92
CA PRO O 203 -19.01 55.80 36.14
C PRO O 203 -20.39 56.38 35.87
N ASP O 204 -20.54 57.14 34.78
CA ASP O 204 -21.83 57.76 34.48
C ASP O 204 -22.89 56.72 34.14
N CYS O 205 -22.50 55.65 33.45
CA CYS O 205 -23.44 54.62 33.07
C CYS O 205 -23.98 53.89 34.29
N VAL O 206 -25.29 53.64 34.29
CA VAL O 206 -25.95 52.94 35.39
C VAL O 206 -25.74 51.44 35.19
N LEU O 207 -25.20 50.78 36.21
CA LEU O 207 -24.92 49.35 36.17
C LEU O 207 -25.89 48.63 37.11
N MET O 208 -26.61 47.65 36.57
CA MET O 208 -27.56 46.85 37.33
C MET O 208 -27.23 45.37 37.13
N VAL O 209 -27.17 44.63 38.23
CA VAL O 209 -26.84 43.21 38.20
C VAL O 209 -28.03 42.43 38.71
N LEU O 210 -28.50 41.47 37.92
CA LEU O 210 -29.62 40.61 38.27
C LEU O 210 -29.16 39.16 38.29
N LEU O 211 -29.41 38.47 39.39
CA LEU O 211 -29.01 37.08 39.56
C LEU O 211 -30.23 36.24 39.90
N ILE O 212 -30.33 35.07 39.27
CA ILE O 212 -31.46 34.16 39.44
C ILE O 212 -30.95 32.83 39.97
N ASP O 213 -31.59 32.33 41.02
CA ASP O 213 -31.27 31.01 41.60
C ASP O 213 -29.81 30.92 42.04
N GLU O 214 -29.33 31.99 42.67
CA GLU O 214 -27.97 32.03 43.19
C GLU O 214 -27.97 31.80 44.70
N ARG O 215 -26.86 31.25 45.19
CA ARG O 215 -26.71 30.99 46.61
C ARG O 215 -26.64 32.30 47.40
N PRO O 216 -27.12 32.30 48.65
CA PRO O 216 -27.09 33.55 49.43
C PRO O 216 -25.70 34.12 49.62
N GLU O 217 -24.67 33.27 49.80
CA GLU O 217 -23.32 33.78 49.96
C GLU O 217 -22.79 34.36 48.65
N GLU O 218 -23.26 33.85 47.51
CA GLU O 218 -22.85 34.41 46.23
C GLU O 218 -23.43 35.80 46.02
N VAL O 219 -24.67 36.03 46.49
CA VAL O 219 -25.29 37.34 46.34
C VAL O 219 -24.54 38.38 47.18
N THR O 220 -24.17 38.02 48.41
CA THR O 220 -23.47 38.96 49.27
C THR O 220 -22.12 39.36 48.70
N GLU O 221 -21.38 38.42 48.14
CA GLU O 221 -20.09 38.74 47.54
C GLU O 221 -20.26 39.68 46.35
N MET O 222 -21.32 39.45 45.55
CA MET O 222 -21.55 40.29 44.39
C MET O 222 -21.82 41.74 44.79
N GLN O 223 -22.61 41.93 45.85
CA GLN O 223 -22.91 43.30 46.31
C GLN O 223 -21.65 44.01 46.79
N ARG O 224 -20.79 43.31 47.52
CA ARG O 224 -19.56 43.93 48.01
C ARG O 224 -18.61 44.27 46.88
N LEU O 225 -18.55 43.43 45.84
CA LEU O 225 -17.59 43.63 44.76
C LEU O 225 -18.09 44.64 43.74
N VAL O 226 -19.34 44.52 43.32
CA VAL O 226 -19.89 45.39 42.28
C VAL O 226 -20.26 46.73 42.89
N LYS O 227 -19.77 47.81 42.29
CA LYS O 227 -20.07 49.17 42.74
C LYS O 227 -21.28 49.67 41.97
N GLY O 228 -22.45 49.20 42.40
CA GLY O 228 -23.68 49.58 41.73
C GLY O 228 -24.88 48.95 42.42
N GLU O 229 -25.99 48.91 41.69
CA GLU O 229 -27.23 48.34 42.20
C GLU O 229 -27.27 46.86 41.85
N VAL O 230 -27.32 46.02 42.87
CA VAL O 230 -27.34 44.56 42.70
C VAL O 230 -28.62 44.03 43.35
N VAL O 231 -29.40 43.29 42.57
CA VAL O 231 -30.62 42.65 43.05
C VAL O 231 -30.58 41.19 42.61
N ALA O 232 -30.99 40.29 43.51
CA ALA O 232 -30.91 38.87 43.22
C ALA O 232 -32.02 38.14 43.98
N SER O 233 -32.32 36.93 43.51
CA SER O 233 -33.31 36.07 44.13
C SER O 233 -32.67 34.72 44.44
N THR O 234 -32.82 34.27 45.69
CA THR O 234 -32.21 33.02 46.10
C THR O 234 -33.03 31.82 45.58
N PHE O 235 -32.40 30.65 45.62
CA PHE O 235 -33.04 29.44 45.11
C PHE O 235 -34.23 29.02 45.95
N ASP O 236 -34.18 29.25 47.27
CA ASP O 236 -35.28 28.83 48.14
C ASP O 236 -36.56 29.61 47.87
N GLU O 237 -36.45 30.81 47.28
CA GLU O 237 -37.64 31.58 46.96
C GLU O 237 -38.42 30.90 45.83
N PRO O 238 -39.74 31.09 45.79
CA PRO O 238 -40.54 30.41 44.77
C PRO O 238 -40.24 30.95 43.37
N ALA O 239 -40.64 30.17 42.36
CA ALA O 239 -40.42 30.55 40.97
C ALA O 239 -41.16 31.83 40.62
N SER O 240 -42.30 32.10 41.28
CA SER O 240 -43.02 33.34 41.03
C SER O 240 -42.22 34.55 41.48
N ARG O 241 -41.41 34.40 42.54
CA ARG O 241 -40.55 35.48 42.98
C ARG O 241 -39.50 35.82 41.92
N HIS O 242 -38.97 34.80 41.25
CA HIS O 242 -37.99 35.04 40.19
C HIS O 242 -38.60 35.83 39.03
N VAL O 243 -39.85 35.51 38.68
CA VAL O 243 -40.53 36.26 37.62
C VAL O 243 -40.78 37.70 38.04
N GLN O 244 -41.20 37.89 39.29
CA GLN O 244 -41.52 39.24 39.77
C GLN O 244 -40.30 40.16 39.74
N VAL O 245 -39.15 39.66 40.19
CA VAL O 245 -37.94 40.48 40.19
C VAL O 245 -37.40 40.71 38.78
N ALA O 246 -37.55 39.71 37.89
CA ALA O 246 -37.04 39.87 36.53
C ALA O 246 -37.75 40.99 35.79
N GLU O 247 -39.08 41.06 35.91
CA GLU O 247 -39.82 42.14 35.27
C GLU O 247 -39.53 43.48 35.92
N MET O 248 -39.21 43.47 37.22
CA MET O 248 -38.92 44.72 37.92
C MET O 248 -37.67 45.39 37.37
N VAL O 249 -36.63 44.60 37.08
CA VAL O 249 -35.37 45.17 36.62
C VAL O 249 -35.52 45.79 35.24
N ILE O 250 -36.17 45.07 34.31
CA ILE O 250 -36.27 45.56 32.94
C ILE O 250 -37.20 46.77 32.87
N GLU O 251 -38.30 46.75 33.61
CA GLU O 251 -39.21 47.89 33.62
C GLU O 251 -38.53 49.13 34.20
N LYS O 252 -37.72 48.96 35.25
CA LYS O 252 -36.97 50.07 35.81
C LYS O 252 -35.95 50.60 34.80
N ALA O 253 -35.29 49.70 34.07
CA ALA O 253 -34.31 50.13 33.08
C ALA O 253 -34.96 50.91 31.95
N LYS O 254 -36.14 50.48 31.49
CA LYS O 254 -36.81 51.16 30.39
C LYS O 254 -37.16 52.60 30.76
N ARG O 255 -37.63 52.82 31.98
CA ARG O 255 -37.96 54.18 32.42
C ARG O 255 -36.72 55.06 32.45
N LEU O 256 -35.59 54.52 32.92
CA LEU O 256 -34.35 55.30 32.92
C LEU O 256 -33.87 55.61 31.51
N VAL O 257 -34.07 54.70 30.57
CA VAL O 257 -33.64 54.94 29.19
C VAL O 257 -34.45 56.10 28.59
N GLU O 258 -35.73 56.20 28.94
CA GLU O 258 -36.55 57.29 28.43
C GLU O 258 -36.05 58.65 28.88
N HIS O 259 -35.29 58.71 29.98
CA HIS O 259 -34.72 59.97 30.47
C HIS O 259 -33.32 60.22 29.96
N LYS O 260 -32.98 59.73 28.76
CA LYS O 260 -31.68 59.94 28.13
C LYS O 260 -30.53 59.42 28.99
N LYS O 261 -30.73 58.27 29.62
CA LYS O 261 -29.71 57.64 30.45
C LYS O 261 -29.35 56.27 29.88
N ASP O 262 -28.12 55.84 30.15
CA ASP O 262 -27.61 54.56 29.69
C ASP O 262 -27.64 53.56 30.84
N VAL O 263 -28.25 52.40 30.60
CA VAL O 263 -28.40 51.35 31.60
C VAL O 263 -27.74 50.09 31.08
N ILE O 264 -26.90 49.47 31.91
CA ILE O 264 -26.23 48.22 31.58
C ILE O 264 -26.72 47.16 32.56
N ILE O 265 -27.22 46.05 32.02
CA ILE O 265 -27.80 44.97 32.83
C ILE O 265 -26.96 43.72 32.62
N LEU O 266 -26.50 43.12 33.72
CA LEU O 266 -25.79 41.86 33.70
C LEU O 266 -26.76 40.77 34.13
N LEU O 267 -27.18 39.94 33.18
CA LEU O 267 -28.18 38.92 33.42
C LEU O 267 -27.51 37.57 33.68
N ASP O 268 -28.00 36.87 34.70
CA ASP O 268 -27.50 35.53 35.04
C ASP O 268 -28.61 34.81 35.78
N SER O 269 -29.24 33.84 35.12
CA SER O 269 -28.95 33.42 33.75
C SER O 269 -30.23 33.26 32.94
N ILE O 270 -30.10 33.30 31.61
CA ILE O 270 -31.26 33.11 30.74
C ILE O 270 -31.87 31.74 30.96
N THR O 271 -31.03 30.71 31.05
CA THR O 271 -31.53 29.35 31.30
C THR O 271 -32.26 29.28 32.64
N ARG O 272 -31.69 29.90 33.67
CA ARG O 272 -32.37 29.95 34.96
C ARG O 272 -33.64 30.81 34.88
N LEU O 273 -33.57 31.93 34.16
CA LEU O 273 -34.75 32.78 34.00
C LEU O 273 -35.85 32.05 33.23
N ALA O 274 -35.49 31.35 32.16
CA ALA O 274 -36.49 30.59 31.41
C ALA O 274 -37.04 29.44 32.23
N ARG O 275 -36.26 28.91 33.17
CA ARG O 275 -36.74 27.84 34.03
C ARG O 275 -37.93 28.30 34.87
N ALA O 276 -37.82 29.49 35.47
CA ALA O 276 -38.92 30.01 36.29
C ALA O 276 -40.11 30.40 35.43
N TYR O 277 -39.85 30.99 34.25
CA TYR O 277 -40.94 31.42 33.38
C TYR O 277 -41.78 30.24 32.91
N ASN O 278 -41.14 29.12 32.59
CA ASN O 278 -41.87 27.95 32.12
C ASN O 278 -42.81 27.41 33.19
N THR O 279 -42.36 27.39 34.45
CA THR O 279 -43.19 26.85 35.52
C THR O 279 -44.36 27.78 35.83
N VAL O 280 -44.13 29.09 35.84
CA VAL O 280 -45.17 30.04 36.24
C VAL O 280 -46.31 30.05 35.24
N VAL O 281 -46.01 30.04 33.94
CA VAL O 281 -47.06 30.13 32.93
C VAL O 281 -47.93 28.87 32.98
N PRO O 282 -49.25 29.00 32.97
CA PRO O 282 -50.10 27.81 32.97
C PRO O 282 -49.97 27.02 31.67
N ALA O 283 -50.20 25.72 31.77
CA ALA O 283 -50.11 24.85 30.61
C ALA O 283 -51.22 25.16 29.61
N SER O 284 -50.87 25.16 28.33
CA SER O 284 -51.82 25.41 27.26
C SER O 284 -52.43 24.13 26.69
N GLY O 285 -52.13 22.98 27.28
CA GLY O 285 -52.62 21.71 26.81
C GLY O 285 -51.73 21.00 25.82
N LYS O 286 -50.67 21.65 25.34
CA LYS O 286 -49.72 21.06 24.42
C LYS O 286 -48.32 21.20 25.00
N VAL O 287 -47.56 20.10 24.99
CA VAL O 287 -46.21 20.06 25.54
C VAL O 287 -45.26 19.74 24.40
N LEU O 288 -44.24 20.60 24.22
CA LEU O 288 -43.24 20.41 23.19
C LEU O 288 -42.09 19.58 23.74
N THR O 289 -40.99 19.49 22.99
CA THR O 289 -39.84 18.73 23.43
C THR O 289 -39.18 19.39 24.64
N GLY O 290 -38.79 18.58 25.61
CA GLY O 290 -38.17 19.09 26.81
C GLY O 290 -39.10 19.66 27.83
N GLY O 291 -40.41 19.58 27.63
CA GLY O 291 -41.37 20.11 28.58
C GLY O 291 -41.46 21.62 28.60
N VAL O 292 -41.04 22.28 27.52
CA VAL O 292 -41.08 23.74 27.43
C VAL O 292 -42.13 24.12 26.40
N ASP O 293 -43.10 24.92 26.80
CA ASP O 293 -44.14 25.38 25.89
C ASP O 293 -43.62 26.51 25.01
N ALA O 294 -44.25 26.67 23.85
CA ALA O 294 -43.87 27.75 22.95
C ALA O 294 -44.10 29.12 23.57
N ASN O 295 -45.23 29.30 24.26
CA ASN O 295 -45.51 30.56 24.93
C ASN O 295 -44.68 30.76 26.19
N ALA O 296 -44.13 29.68 26.75
CA ALA O 296 -43.32 29.80 27.96
C ALA O 296 -42.06 30.61 27.70
N LEU O 297 -41.41 30.39 26.57
CA LEU O 297 -40.18 31.11 26.22
C LEU O 297 -40.44 32.46 25.56
N HIS O 298 -41.70 32.83 25.37
CA HIS O 298 -42.02 34.15 24.83
C HIS O 298 -41.59 35.25 25.80
N ARG O 299 -41.80 35.04 27.10
CA ARG O 299 -41.42 36.04 28.08
C ARG O 299 -39.91 36.30 28.12
N PRO O 300 -39.03 35.29 28.15
CA PRO O 300 -37.59 35.59 28.10
C PRO O 300 -37.18 36.32 26.82
N LYS O 301 -37.85 36.04 25.70
CA LYS O 301 -37.53 36.75 24.45
C LYS O 301 -37.82 38.24 24.58
N ARG O 302 -38.95 38.59 25.21
CA ARG O 302 -39.25 40.00 25.44
C ARG O 302 -38.20 40.65 26.34
N PHE O 303 -37.79 39.95 27.40
CA PHE O 303 -36.81 40.50 28.32
C PHE O 303 -35.45 40.68 27.63
N PHE O 304 -35.02 39.67 26.88
CA PHE O 304 -33.70 39.72 26.26
C PHE O 304 -33.67 40.69 25.09
N GLY O 305 -34.77 40.79 24.33
CA GLY O 305 -34.78 41.63 23.15
C GLY O 305 -34.90 43.11 23.42
N ALA O 306 -35.11 43.50 24.68
CA ALA O 306 -35.29 44.91 25.02
C ALA O 306 -33.99 45.71 24.90
N ALA O 307 -32.84 45.06 24.75
CA ALA O 307 -31.57 45.76 24.64
C ALA O 307 -31.53 46.50 23.31
N ARG O 308 -31.67 47.82 23.36
CA ARG O 308 -31.71 48.65 22.17
C ARG O 308 -30.85 49.88 22.36
N ASN O 309 -30.40 50.46 21.25
CA ASN O 309 -29.66 51.72 21.24
C ASN O 309 -30.58 52.79 20.71
N VAL O 310 -31.02 53.70 21.60
CA VAL O 310 -32.01 54.70 21.23
C VAL O 310 -31.35 55.78 20.38
N GLU O 311 -31.96 56.07 19.22
CA GLU O 311 -31.46 57.14 18.37
C GLU O 311 -31.60 58.50 19.05
N GLU O 312 -32.73 58.73 19.72
CA GLU O 312 -32.95 60.02 20.38
C GLU O 312 -31.94 60.27 21.49
N GLY O 313 -31.63 59.24 22.27
CA GLY O 313 -30.67 59.37 23.34
C GLY O 313 -30.74 58.23 24.34
N GLY O 314 -29.58 57.83 24.87
CA GLY O 314 -29.50 56.73 25.80
C GLY O 314 -29.46 55.38 25.11
N SER O 315 -29.20 54.36 25.92
CA SER O 315 -29.12 52.98 25.40
C SER O 315 -29.34 52.01 26.55
N LEU O 316 -29.71 50.79 26.19
CA LEU O 316 -29.92 49.71 27.14
C LEU O 316 -29.05 48.53 26.72
N THR O 317 -28.04 48.22 27.53
CA THR O 317 -27.13 47.12 27.26
C THR O 317 -27.45 45.96 28.18
N ILE O 318 -27.69 44.79 27.60
CA ILE O 318 -28.03 43.59 28.34
C ILE O 318 -26.99 42.52 28.03
N ILE O 319 -26.32 42.02 29.07
CA ILE O 319 -25.34 40.95 28.94
C ILE O 319 -25.85 39.77 29.76
N ALA O 320 -26.04 38.62 29.09
CA ALA O 320 -26.62 37.45 29.71
C ALA O 320 -25.65 36.27 29.62
N THR O 321 -25.93 35.25 30.41
CA THR O 321 -25.13 34.03 30.45
C THR O 321 -26.01 32.83 30.10
N ALA O 322 -25.48 31.93 29.29
CA ALA O 322 -26.18 30.73 28.87
C ALA O 322 -25.43 29.50 29.36
N LEU O 323 -26.16 28.55 29.93
CA LEU O 323 -25.59 27.33 30.47
C LEU O 323 -25.77 26.19 29.47
N ILE O 324 -24.67 25.49 29.16
CA ILE O 324 -24.69 24.36 28.25
C ILE O 324 -23.95 23.20 28.92
N ASP O 325 -24.21 21.99 28.40
CA ASP O 325 -23.56 20.77 28.88
C ASP O 325 -23.78 20.58 30.38
N THR O 326 -24.99 20.89 30.84
CA THR O 326 -25.35 20.76 32.24
C THR O 326 -26.03 19.42 32.54
N GLY O 327 -26.15 18.54 31.55
CA GLY O 327 -26.79 17.26 31.76
C GLY O 327 -28.30 17.27 31.65
N SER O 328 -28.87 18.45 31.34
CA SER O 328 -30.35 18.60 31.27
C SER O 328 -30.78 19.02 29.87
N LYS O 329 -31.82 18.38 29.33
CA LYS O 329 -32.27 18.69 27.95
C LYS O 329 -33.01 20.02 27.95
N MET O 330 -33.82 20.30 28.97
CA MET O 330 -34.62 21.53 28.95
C MET O 330 -33.67 22.69 28.67
N ASP O 331 -32.53 22.69 29.34
CA ASP O 331 -31.53 23.78 29.15
C ASP O 331 -31.01 23.74 27.72
N GLU O 332 -30.86 22.55 27.11
CA GLU O 332 -30.33 22.61 25.76
C GLU O 332 -31.31 23.25 24.80
N VAL O 333 -32.60 22.94 24.94
CA VAL O 333 -33.62 23.52 24.05
C VAL O 333 -33.67 25.03 24.21
N ILE O 334 -33.51 25.52 25.44
CA ILE O 334 -33.54 26.95 25.69
C ILE O 334 -32.40 27.64 24.96
N TYR O 335 -31.21 27.02 24.99
CA TYR O 335 -30.04 27.62 24.35
C TYR O 335 -30.22 27.70 22.83
N GLU O 336 -30.85 26.69 22.23
CA GLU O 336 -30.98 26.65 20.78
C GLU O 336 -31.81 27.81 20.26
N GLU O 337 -32.90 28.15 20.95
CA GLU O 337 -33.75 29.25 20.49
C GLU O 337 -33.09 30.60 20.73
N PHE O 338 -32.08 30.65 21.60
CA PHE O 338 -31.39 31.89 21.92
C PHE O 338 -30.00 31.96 21.29
N LYS O 339 -29.81 31.32 20.14
CA LYS O 339 -28.52 31.35 19.45
C LYS O 339 -28.37 32.62 18.64
N GLY O 340 -29.22 32.79 17.62
CA GLY O 340 -29.11 33.91 16.71
C GLY O 340 -29.74 35.20 17.17
N THR O 341 -29.99 35.32 18.48
CA THR O 341 -30.69 36.52 18.98
C THR O 341 -29.72 37.55 19.55
N GLY O 342 -28.41 37.34 19.40
CA GLY O 342 -27.46 38.26 20.05
C GLY O 342 -26.58 39.01 19.09
N ASN O 343 -26.04 40.15 19.52
CA ASN O 343 -25.11 40.93 18.67
C ASN O 343 -23.67 40.53 19.02
N MET O 344 -23.43 40.07 20.25
CA MET O 344 -22.07 39.66 20.69
C MET O 344 -22.15 38.28 21.32
N GLU O 345 -21.14 37.43 21.15
CA GLU O 345 -21.12 36.11 21.80
C GLU O 345 -19.75 35.84 22.40
N LEU O 346 -19.69 35.22 23.59
CA LEU O 346 -18.39 34.88 24.22
C LEU O 346 -18.47 33.43 24.70
N HIS O 347 -18.33 32.47 23.81
CA HIS O 347 -18.43 31.05 24.12
C HIS O 347 -17.23 30.62 24.96
N LEU O 348 -17.51 30.03 26.12
CA LEU O 348 -16.46 29.53 27.00
C LEU O 348 -16.28 28.03 26.78
N SER O 349 -15.09 27.54 27.09
CA SER O 349 -14.74 26.14 26.90
C SER O 349 -14.32 25.54 28.23
N ARG O 350 -14.93 24.40 28.59
CA ARG O 350 -14.57 23.72 29.83
C ARG O 350 -13.15 23.16 29.76
N LYS O 351 -12.75 22.67 28.58
CA LYS O 351 -11.44 22.05 28.42
C LYS O 351 -10.32 23.04 28.73
N ILE O 352 -10.48 24.29 28.31
CA ILE O 352 -9.48 25.31 28.60
C ILE O 352 -9.37 25.54 30.11
N ALA O 353 -10.51 25.57 30.80
CA ALA O 353 -10.49 25.72 32.26
C ALA O 353 -9.83 24.53 32.94
N GLU O 354 -9.94 23.34 32.35
CA GLU O 354 -9.30 22.16 32.91
C GLU O 354 -7.77 22.26 32.87
N LYS O 355 -7.22 23.12 32.02
CA LYS O 355 -5.78 23.32 31.92
C LYS O 355 -5.29 24.43 32.85
N ARG O 356 -6.15 24.95 33.72
CA ARG O 356 -5.79 26.03 34.65
C ARG O 356 -5.31 27.26 33.90
N VAL O 357 -5.93 27.54 32.76
CA VAL O 357 -5.64 28.73 31.96
C VAL O 357 -6.89 29.58 31.93
N PHE O 358 -6.76 30.84 32.35
CA PHE O 358 -7.91 31.73 32.42
C PHE O 358 -7.60 33.05 31.71
N PRO O 359 -8.61 33.67 31.07
CA PRO O 359 -10.01 33.23 30.98
C PRO O 359 -10.21 32.14 29.94
N ALA O 360 -11.10 31.18 30.21
CA ALA O 360 -11.36 30.08 29.28
C ALA O 360 -12.36 30.57 28.23
N ILE O 361 -11.83 31.29 27.25
CA ILE O 361 -12.63 31.91 26.20
C ILE O 361 -12.21 31.31 24.86
N ASP O 362 -13.19 30.85 24.09
CA ASP O 362 -12.93 30.33 22.75
C ASP O 362 -12.85 31.50 21.78
N TYR O 363 -11.62 31.88 21.41
CA TYR O 363 -11.43 33.05 20.56
C TYR O 363 -12.05 32.83 19.17
N ASN O 364 -11.88 31.63 18.61
CA ASN O 364 -12.43 31.35 17.29
C ASN O 364 -13.96 31.41 17.29
N ARG O 365 -14.58 30.85 18.32
CA ARG O 365 -16.04 30.84 18.39
C ARG O 365 -16.61 32.22 18.73
N SER O 366 -15.91 32.98 19.55
CA SER O 366 -16.39 34.30 19.94
C SER O 366 -16.33 35.27 18.76
N GLY O 367 -17.22 36.26 18.78
CA GLY O 367 -17.26 37.24 17.72
C GLY O 367 -18.33 38.28 18.02
N THR O 368 -18.42 39.25 17.12
CA THR O 368 -19.38 40.34 17.25
C THR O 368 -19.81 40.81 15.88
N ARG O 369 -20.96 41.48 15.84
CA ARG O 369 -21.53 42.00 14.61
C ARG O 369 -21.42 43.52 14.59
N LYS O 370 -21.19 44.08 13.40
CA LYS O 370 -21.07 45.52 13.20
C LYS O 370 -20.00 46.13 14.12
N GLU O 371 -18.84 45.47 14.17
CA GLU O 371 -17.73 45.96 14.96
C GLU O 371 -17.08 47.21 14.36
N GLU O 372 -17.44 47.57 13.13
CA GLU O 372 -16.87 48.77 12.51
C GLU O 372 -17.28 50.02 13.27
N LEU O 373 -18.54 50.08 13.72
CA LEU O 373 -19.02 51.25 14.43
C LEU O 373 -18.35 51.42 15.78
N LEU O 374 -18.07 50.32 16.48
CA LEU O 374 -17.49 50.40 17.82
C LEU O 374 -16.02 50.81 17.76
N THR O 375 -15.20 49.99 17.11
CA THR O 375 -13.77 50.25 17.03
C THR O 375 -13.50 51.31 15.96
N THR O 376 -12.24 51.75 15.90
CA THR O 376 -11.82 52.73 14.89
C THR O 376 -11.28 52.00 13.66
N GLN O 377 -10.97 52.79 12.63
CA GLN O 377 -10.43 52.22 11.40
C GLN O 377 -9.09 51.54 11.63
N GLU O 378 -8.21 52.18 12.41
CA GLU O 378 -6.91 51.58 12.68
C GLU O 378 -7.03 50.38 13.61
N GLU O 379 -7.88 50.47 14.63
CA GLU O 379 -8.03 49.39 15.58
C GLU O 379 -8.68 48.16 14.94
N LEU O 380 -9.64 48.38 14.03
CA LEU O 380 -10.34 47.27 13.41
C LEU O 380 -9.39 46.41 12.57
N GLN O 381 -8.48 47.03 11.83
CA GLN O 381 -7.57 46.27 10.99
C GLN O 381 -6.62 45.42 11.82
N LYS O 382 -6.17 45.93 12.97
CA LYS O 382 -5.29 45.16 13.84
C LYS O 382 -5.98 43.91 14.36
N MET O 383 -7.26 44.01 14.70
CA MET O 383 -8.00 42.85 15.18
C MET O 383 -8.13 41.79 14.09
N TRP O 384 -8.34 42.21 12.85
CA TRP O 384 -8.43 41.26 11.75
C TRP O 384 -7.14 40.50 11.54
N ILE O 385 -6.00 41.18 11.68
CA ILE O 385 -4.71 40.51 11.54
C ILE O 385 -4.52 39.45 12.63
N LEU O 386 -4.91 39.79 13.86
CA LEU O 386 -4.78 38.84 14.96
C LEU O 386 -5.65 37.61 14.74
N ARG O 387 -6.88 37.80 14.24
CA ARG O 387 -7.78 36.67 14.01
C ARG O 387 -7.24 35.74 12.93
N LYS O 388 -6.52 36.30 11.95
CA LYS O 388 -5.95 35.46 10.89
C LYS O 388 -4.92 34.49 11.45
N ILE O 389 -4.10 34.94 12.39
CA ILE O 389 -3.10 34.07 12.99
C ILE O 389 -3.76 33.03 13.90
N ILE O 390 -4.77 33.45 14.66
CA ILE O 390 -5.38 32.57 15.64
C ILE O 390 -6.17 31.44 14.97
N HIS O 391 -6.82 31.73 13.85
CA HIS O 391 -7.76 30.77 13.25
C HIS O 391 -7.14 29.40 12.96
N PRO O 392 -5.95 29.29 12.36
CA PRO O 392 -5.37 27.94 12.18
C PRO O 392 -5.11 27.22 13.48
N MET O 393 -4.78 27.94 14.55
CA MET O 393 -4.52 27.30 15.83
C MET O 393 -5.81 26.79 16.45
N GLY O 394 -5.68 25.81 17.34
CA GLY O 394 -6.82 25.22 18.00
C GLY O 394 -7.42 26.16 19.04
N GLU O 395 -8.60 25.75 19.53
CA GLU O 395 -9.29 26.55 20.53
C GLU O 395 -8.55 26.59 21.87
N ILE O 396 -7.70 25.60 22.14
CA ILE O 396 -6.96 25.57 23.40
C ILE O 396 -5.58 26.20 23.26
N ASP O 397 -4.87 25.92 22.15
CA ASP O 397 -3.54 26.48 21.96
C ASP O 397 -3.56 27.98 21.73
N ALA O 398 -4.71 28.54 21.33
CA ALA O 398 -4.78 29.97 21.06
C ALA O 398 -4.69 30.79 22.35
N MET O 399 -5.17 30.25 23.46
CA MET O 399 -5.21 31.02 24.70
C MET O 399 -3.80 31.23 25.26
N GLU O 400 -3.08 30.14 25.52
CA GLU O 400 -1.73 30.27 26.06
C GLU O 400 -0.81 31.05 25.12
N PHE O 401 -1.06 30.96 23.81
CA PHE O 401 -0.35 31.81 22.86
C PHE O 401 -0.67 33.28 23.10
N LEU O 402 -1.95 33.59 23.35
CA LEU O 402 -2.34 34.98 23.58
C LEU O 402 -1.98 35.45 24.98
N ILE O 403 -2.01 34.56 25.96
CA ILE O 403 -1.78 34.96 27.35
C ILE O 403 -0.34 35.45 27.54
N ASN O 404 0.63 34.71 27.02
CA ASN O 404 2.03 35.10 27.18
C ASN O 404 2.32 36.41 26.48
N LYS O 405 1.75 36.62 25.30
CA LYS O 405 1.96 37.87 24.58
C LYS O 405 1.40 39.05 25.37
N LEU O 406 0.20 38.89 25.94
CA LEU O 406 -0.40 39.98 26.72
C LEU O 406 0.28 40.12 28.09
N ALA O 407 0.87 39.05 28.60
CA ALA O 407 1.51 39.11 29.91
C ALA O 407 2.70 40.06 29.92
N MET O 408 3.51 40.04 28.87
CA MET O 408 4.71 40.87 28.80
C MET O 408 4.46 42.24 28.17
N THR O 409 3.22 42.55 27.82
CA THR O 409 2.87 43.86 27.27
C THR O 409 2.03 44.64 28.28
N LYS O 410 2.23 45.96 28.29
CA LYS O 410 1.52 46.80 29.23
C LYS O 410 0.06 46.98 28.85
N THR O 411 -0.19 47.49 27.64
CA THR O 411 -1.53 47.71 27.13
C THR O 411 -1.74 46.93 25.84
N ASN O 412 -2.99 46.95 25.36
CA ASN O 412 -3.30 46.26 24.11
C ASN O 412 -2.61 46.92 22.92
N ASP O 413 -2.34 48.23 23.01
CA ASP O 413 -1.62 48.92 21.94
C ASP O 413 -0.21 48.37 21.79
N ASP O 414 0.46 48.10 22.91
CA ASP O 414 1.80 47.51 22.86
C ASP O 414 1.75 46.11 22.25
N PHE O 415 0.71 45.34 22.58
CA PHE O 415 0.56 44.02 21.98
C PHE O 415 0.31 44.12 20.48
N PHE O 416 -0.49 45.10 20.06
CA PHE O 416 -0.83 45.24 18.65
C PHE O 416 0.40 45.56 17.80
N GLU O 417 1.27 46.46 18.29
CA GLU O 417 2.46 46.81 17.51
C GLU O 417 3.48 45.69 17.49
N MET O 418 3.46 44.81 18.51
CA MET O 418 4.33 43.65 18.50
C MET O 418 3.97 42.66 17.40
N MET O 419 2.67 42.43 17.19
CA MET O 419 2.25 41.52 16.12
C MET O 419 2.59 42.08 14.75
N LYS O 420 2.69 43.41 14.63
CA LYS O 420 3.05 44.02 13.35
C LYS O 420 4.47 43.66 12.93
N ARG O 421 5.33 43.32 13.90
CA ARG O 421 6.70 42.94 13.57
C ARG O 421 6.72 41.67 12.72
N SER O 422 5.90 40.70 13.06
CA SER O 422 5.85 39.44 12.31
C SER O 422 5.09 39.62 11.00
N MET P 4 -34.28 14.56 90.74
CA MET P 4 -34.38 15.99 91.03
C MET P 4 -34.19 16.82 89.77
N ASN P 5 -33.31 16.36 88.89
CA ASN P 5 -32.99 17.04 87.65
C ASN P 5 -33.49 16.21 86.47
N LEU P 6 -34.25 16.85 85.58
CA LEU P 6 -34.89 16.13 84.48
C LEU P 6 -33.87 15.56 83.49
N THR P 7 -32.84 16.34 83.16
CA THR P 7 -31.90 15.91 82.12
C THR P 7 -31.10 14.68 82.56
N GLU P 8 -30.68 14.64 83.82
CA GLU P 8 -29.90 13.50 84.29
C GLU P 8 -30.76 12.25 84.50
N LEU P 9 -32.07 12.42 84.72
CA LEU P 9 -32.94 11.28 84.95
C LEU P 9 -33.19 10.49 83.67
N LYS P 10 -33.30 11.18 82.54
CA LYS P 10 -33.52 10.50 81.27
C LYS P 10 -32.28 9.76 80.78
N ASN P 11 -31.10 10.28 81.10
CA ASN P 11 -29.86 9.64 80.68
C ASN P 11 -29.58 8.36 81.45
N THR P 12 -30.23 8.16 82.59
CA THR P 12 -30.03 6.94 83.36
C THR P 12 -30.60 5.73 82.62
N PRO P 13 -30.00 4.56 82.80
CA PRO P 13 -30.53 3.36 82.15
C PRO P 13 -31.92 3.02 82.64
N VAL P 14 -32.69 2.35 81.78
CA VAL P 14 -34.07 2.00 82.13
C VAL P 14 -34.09 1.03 83.30
N SER P 15 -33.12 0.11 83.36
CA SER P 15 -33.07 -0.84 84.47
C SER P 15 -32.87 -0.12 85.80
N GLU P 16 -31.98 0.87 85.84
CA GLU P 16 -31.80 1.66 87.06
C GLU P 16 -33.02 2.52 87.35
N LEU P 17 -33.74 2.96 86.30
CA LEU P 17 -34.90 3.81 86.51
C LEU P 17 -35.99 3.10 87.30
N ILE P 18 -36.21 1.81 87.01
CA ILE P 18 -37.20 1.04 87.75
C ILE P 18 -36.79 0.92 89.22
N THR P 19 -35.51 0.63 89.47
CA THR P 19 -35.05 0.44 90.84
C THR P 19 -35.20 1.71 91.66
N LEU P 20 -34.94 2.87 91.04
CA LEU P 20 -35.07 4.13 91.76
C LEU P 20 -36.52 4.37 92.20
N GLY P 21 -37.47 4.06 91.32
CA GLY P 21 -38.87 4.29 91.66
C GLY P 21 -39.44 3.30 92.65
N GLU P 22 -38.87 2.10 92.73
CA GLU P 22 -39.39 1.09 93.65
C GLU P 22 -39.15 1.49 95.10
N ASN P 23 -37.93 1.92 95.42
CA ASN P 23 -37.63 2.33 96.79
C ASN P 23 -38.33 3.63 97.16
N MET P 24 -38.63 4.48 96.17
CA MET P 24 -39.32 5.73 96.47
C MET P 24 -40.74 5.48 96.99
N GLY P 25 -41.43 4.48 96.43
CA GLY P 25 -42.77 4.16 96.88
C GLY P 25 -43.70 3.75 95.75
N LEU P 26 -43.27 3.96 94.51
CA LEU P 26 -44.08 3.62 93.36
C LEU P 26 -44.04 2.11 93.10
N GLU P 27 -45.03 1.64 92.34
CA GLU P 27 -45.18 0.22 92.04
C GLU P 27 -45.63 0.05 90.61
N ASN P 28 -45.36 -1.13 90.06
CA ASN P 28 -45.78 -1.50 88.69
C ASN P 28 -45.18 -0.56 87.65
N LEU P 29 -43.93 -0.17 87.84
CA LEU P 29 -43.23 0.67 86.88
C LEU P 29 -42.45 -0.15 85.85
N ALA P 30 -42.36 -1.46 86.02
CA ALA P 30 -41.52 -2.27 85.13
C ALA P 30 -42.16 -2.42 83.75
N ARG P 31 -43.46 -2.72 83.69
CA ARG P 31 -44.13 -3.02 82.43
C ARG P 31 -44.88 -1.79 81.91
N MET P 32 -44.10 -0.75 81.57
CA MET P 32 -44.66 0.45 80.99
C MET P 32 -43.54 1.20 80.28
N ARG P 33 -43.93 2.16 79.44
CA ARG P 33 -42.95 2.91 78.66
C ARG P 33 -42.07 3.75 79.57
N LYS P 34 -40.83 3.98 79.11
CA LYS P 34 -39.87 4.74 79.90
C LYS P 34 -40.33 6.17 80.14
N GLN P 35 -41.03 6.76 79.15
CA GLN P 35 -41.51 8.13 79.30
C GLN P 35 -42.51 8.25 80.44
N ASP P 36 -43.40 7.25 80.58
CA ASP P 36 -44.38 7.28 81.66
C ASP P 36 -43.71 7.10 83.01
N ILE P 37 -42.64 6.31 83.07
CA ILE P 37 -41.93 6.10 84.34
C ILE P 37 -41.34 7.40 84.84
N ILE P 38 -40.75 8.19 83.95
CA ILE P 38 -40.16 9.47 84.34
C ILE P 38 -41.22 10.41 84.89
N PHE P 39 -42.39 10.46 84.25
CA PHE P 39 -43.48 11.28 84.74
C PHE P 39 -43.96 10.80 86.10
N ALA P 40 -44.06 9.48 86.29
CA ALA P 40 -44.50 8.94 87.57
C ALA P 40 -43.52 9.25 88.69
N ILE P 41 -42.22 9.09 88.42
CA ILE P 41 -41.21 9.35 89.44
C ILE P 41 -41.21 10.83 89.83
N LEU P 42 -41.29 11.71 88.85
CA LEU P 42 -41.34 13.15 89.15
C LEU P 42 -42.61 13.50 89.92
N LYS P 43 -43.73 12.87 89.57
CA LYS P 43 -44.97 13.12 90.30
C LYS P 43 -44.86 12.72 91.76
N GLN P 44 -44.30 11.55 92.04
CA GLN P 44 -44.12 11.13 93.42
C GLN P 44 -43.10 12.00 94.14
N HIS P 45 -42.00 12.34 93.47
CA HIS P 45 -40.98 13.18 94.09
C HIS P 45 -41.49 14.60 94.33
N ALA P 46 -42.46 15.06 93.53
CA ALA P 46 -43.00 16.39 93.72
C ALA P 46 -43.78 16.50 95.03
N LYS P 47 -44.33 15.39 95.52
CA LYS P 47 -45.07 15.42 96.77
C LYS P 47 -44.19 15.76 97.96
N SER P 48 -42.89 15.46 97.87
CA SER P 48 -41.97 15.78 98.95
C SER P 48 -41.72 17.27 99.09
N GLY P 49 -42.04 18.05 98.06
CA GLY P 49 -41.84 19.48 98.09
C GLY P 49 -40.51 19.97 97.57
N GLU P 50 -39.58 19.06 97.27
CA GLU P 50 -38.28 19.45 96.74
C GLU P 50 -38.42 20.03 95.33
N ASP P 51 -37.59 21.02 95.03
CA ASP P 51 -37.61 21.64 93.72
C ASP P 51 -37.12 20.67 92.64
N ILE P 52 -37.68 20.78 91.45
CA ILE P 52 -37.35 19.92 90.32
C ILE P 52 -36.82 20.80 89.20
N PHE P 53 -35.66 20.42 88.66
CA PHE P 53 -35.02 21.17 87.57
C PHE P 53 -35.29 20.47 86.24
N GLY P 54 -35.57 21.27 85.21
CA GLY P 54 -35.86 20.73 83.90
C GLY P 54 -35.30 21.61 82.81
N ASP P 55 -35.05 21.00 81.66
CA ASP P 55 -34.50 21.71 80.52
C ASP P 55 -34.85 20.96 79.24
N GLY P 56 -34.71 21.66 78.12
CA GLY P 56 -35.02 21.07 76.84
C GLY P 56 -35.07 22.13 75.76
N VAL P 57 -35.57 21.72 74.59
CA VAL P 57 -35.71 22.60 73.44
C VAL P 57 -37.15 23.07 73.36
N LEU P 58 -37.35 24.38 73.28
CA LEU P 58 -38.68 24.98 73.30
C LEU P 58 -39.22 25.10 71.87
N GLU P 59 -40.48 24.72 71.70
CA GLU P 59 -41.20 24.89 70.45
C GLU P 59 -42.54 25.55 70.73
N ILE P 60 -43.07 26.27 69.75
CA ILE P 60 -44.33 26.99 69.88
C ILE P 60 -45.34 26.38 68.91
N LEU P 61 -46.50 26.00 69.43
CA LEU P 61 -47.57 25.44 68.62
C LEU P 61 -48.35 26.56 67.93
N GLN P 62 -49.29 26.18 67.05
CA GLN P 62 -50.08 27.15 66.32
C GLN P 62 -51.11 27.86 67.21
N ASP P 63 -51.59 27.20 68.26
CA ASP P 63 -52.55 27.83 69.15
C ASP P 63 -51.95 29.00 69.89
N GLY P 64 -50.69 28.89 70.31
CA GLY P 64 -50.02 29.96 71.03
C GLY P 64 -49.19 29.46 72.19
N PHE P 65 -49.61 28.37 72.83
CA PHE P 65 -48.81 27.78 73.88
C PHE P 65 -47.74 26.86 73.28
N GLY P 66 -46.74 26.53 74.11
CA GLY P 66 -45.63 25.72 73.67
C GLY P 66 -45.29 24.64 74.68
N PHE P 67 -44.40 23.75 74.26
CA PHE P 67 -43.89 22.68 75.10
C PHE P 67 -42.37 22.63 74.99
N LEU P 68 -41.73 22.13 76.05
CA LEU P 68 -40.28 22.04 76.13
C LEU P 68 -39.88 20.61 75.80
N ARG P 69 -39.65 20.35 74.51
CA ARG P 69 -39.28 19.02 74.06
C ARG P 69 -37.86 18.68 74.50
N SER P 70 -37.59 17.38 74.61
CA SER P 70 -36.29 16.87 75.00
C SER P 70 -35.61 16.21 73.81
N ALA P 71 -34.35 16.55 73.59
CA ALA P 71 -33.60 15.99 72.46
C ALA P 71 -33.26 14.52 72.66
N ASP P 72 -33.32 14.02 73.90
CA ASP P 72 -33.02 12.62 74.16
C ASP P 72 -34.01 11.69 73.48
N SER P 73 -35.30 12.04 73.50
CA SER P 73 -36.35 11.24 72.88
C SER P 73 -36.63 11.65 71.44
N SER P 74 -35.65 12.26 70.77
CA SER P 74 -35.81 12.74 69.38
C SER P 74 -36.99 13.69 69.25
N TYR P 75 -37.17 14.54 70.27
CA TYR P 75 -38.23 15.56 70.28
C TYR P 75 -39.60 14.93 70.08
N LEU P 76 -39.84 13.79 70.74
CA LEU P 76 -41.11 13.10 70.66
C LEU P 76 -42.04 13.59 71.77
N ALA P 77 -43.30 13.81 71.42
CA ALA P 77 -44.29 14.25 72.40
C ALA P 77 -44.50 13.19 73.47
N GLY P 78 -44.50 13.62 74.73
CA GLY P 78 -44.68 12.71 75.84
C GLY P 78 -45.27 13.38 77.05
N PRO P 79 -45.74 12.58 78.01
CA PRO P 79 -46.31 13.16 79.24
C PRO P 79 -45.32 13.95 80.07
N ASP P 80 -44.02 13.71 79.90
CA ASP P 80 -42.99 14.39 80.68
C ASP P 80 -42.57 15.73 80.08
N ASP P 81 -43.16 16.13 78.96
CA ASP P 81 -42.82 17.42 78.36
C ASP P 81 -43.28 18.56 79.25
N ILE P 82 -42.46 19.60 79.30
CA ILE P 82 -42.73 20.76 80.15
C ILE P 82 -43.58 21.75 79.37
N TYR P 83 -44.70 22.16 79.97
CA TYR P 83 -45.62 23.11 79.37
C TYR P 83 -45.28 24.52 79.82
N VAL P 84 -45.31 25.47 78.88
CA VAL P 84 -45.03 26.87 79.16
C VAL P 84 -46.23 27.70 78.74
N SER P 85 -46.66 28.61 79.61
CA SER P 85 -47.79 29.47 79.31
C SER P 85 -47.39 30.53 78.28
N PRO P 86 -48.33 31.00 77.46
CA PRO P 86 -48.00 32.08 76.52
C PRO P 86 -47.58 33.37 77.19
N SER P 87 -47.95 33.57 78.46
CA SER P 87 -47.57 34.79 79.17
C SER P 87 -46.05 34.86 79.34
N GLN P 88 -45.41 33.73 79.64
CA GLN P 88 -43.95 33.72 79.79
C GLN P 88 -43.25 34.06 78.48
N ILE P 89 -43.91 33.79 77.35
CA ILE P 89 -43.33 34.11 76.05
C ILE P 89 -43.19 35.61 75.87
N ARG P 90 -44.17 36.39 76.33
CA ARG P 90 -44.07 37.84 76.24
C ARG P 90 -42.95 38.38 77.13
N ARG P 91 -42.81 37.82 78.34
CA ARG P 91 -41.75 38.27 79.23
C ARG P 91 -40.38 38.02 78.64
N PHE P 92 -40.17 36.84 78.05
CA PHE P 92 -38.91 36.48 77.44
C PHE P 92 -39.11 36.05 76.00
N ASN P 93 -38.62 36.85 75.05
CA ASN P 93 -38.77 36.56 73.63
C ASN P 93 -38.18 35.20 73.29
N LEU P 94 -39.04 34.22 73.05
CA LEU P 94 -38.62 32.87 72.71
C LEU P 94 -39.28 32.44 71.40
N ARG P 95 -38.52 31.71 70.59
CA ARG P 95 -39.02 31.12 69.37
C ARG P 95 -38.64 29.65 69.34
N THR P 96 -39.15 28.92 68.35
CA THR P 96 -38.85 27.50 68.23
C THR P 96 -37.35 27.28 68.04
N GLY P 97 -36.81 26.33 68.81
CA GLY P 97 -35.42 25.94 68.66
C GLY P 97 -34.54 26.24 69.87
N ASP P 98 -34.84 27.31 70.61
CA ASP P 98 -33.98 27.72 71.71
C ASP P 98 -34.07 26.75 72.88
N THR P 99 -33.01 26.71 73.69
CA THR P 99 -32.97 25.86 74.87
C THR P 99 -33.36 26.67 76.10
N ILE P 100 -34.31 26.14 76.86
CA ILE P 100 -34.80 26.77 78.08
C ILE P 100 -34.55 25.84 79.25
N SER P 101 -33.92 26.36 80.30
CA SER P 101 -33.61 25.59 81.50
C SER P 101 -34.07 26.36 82.72
N GLY P 102 -34.73 25.68 83.65
CA GLY P 102 -35.19 26.31 84.86
C GLY P 102 -36.02 25.36 85.70
N LYS P 103 -36.52 25.88 86.81
CA LYS P 103 -37.34 25.09 87.72
C LYS P 103 -38.73 24.86 87.13
N ILE P 104 -39.29 23.69 87.42
CA ILE P 104 -40.62 23.31 86.96
C ILE P 104 -41.48 22.95 88.17
N ARG P 105 -42.71 23.47 88.19
CA ARG P 105 -43.62 23.22 89.30
C ARG P 105 -44.44 21.95 89.05
N PRO P 106 -44.89 21.29 90.11
CA PRO P 106 -45.75 20.12 89.94
C PRO P 106 -47.04 20.50 89.22
N PRO P 107 -47.54 19.62 88.35
CA PRO P 107 -48.79 19.93 87.62
C PRO P 107 -49.99 19.82 88.56
N LYS P 108 -50.81 20.85 88.56
CA LYS P 108 -52.02 20.84 89.38
C LYS P 108 -53.07 19.94 88.76
N GLU P 109 -54.21 19.83 89.44
CA GLU P 109 -55.32 19.03 88.92
C GLU P 109 -55.89 19.67 87.66
N GLY P 110 -56.20 18.84 86.67
CA GLY P 110 -56.74 19.31 85.42
C GLY P 110 -55.72 19.42 84.30
N GLU P 111 -54.43 19.44 84.62
CA GLU P 111 -53.38 19.50 83.61
C GLU P 111 -52.50 18.26 83.71
N ARG P 112 -52.02 17.81 82.55
CA ARG P 112 -51.24 16.58 82.44
C ARG P 112 -49.77 16.84 82.17
N TYR P 113 -49.33 18.10 82.21
CA TYR P 113 -47.95 18.45 81.89
C TYR P 113 -47.39 19.38 82.95
N PHE P 114 -46.09 19.25 83.19
CA PHE P 114 -45.41 20.14 84.12
C PHE P 114 -45.35 21.55 83.55
N ALA P 115 -45.35 22.53 84.45
CA ALA P 115 -45.30 23.95 84.07
C ALA P 115 -44.01 24.57 84.55
N LEU P 116 -43.43 25.43 83.71
CA LEU P 116 -42.18 26.11 84.06
C LEU P 116 -42.45 27.20 85.08
N LEU P 117 -41.69 27.20 86.17
CA LEU P 117 -41.85 28.19 87.23
C LEU P 117 -40.96 29.40 86.99
N LYS P 118 -39.64 29.19 86.93
CA LYS P 118 -38.69 30.27 86.72
C LYS P 118 -37.58 29.78 85.80
N VAL P 119 -37.24 30.59 84.80
CA VAL P 119 -36.19 30.27 83.85
C VAL P 119 -34.95 31.06 84.22
N ASN P 120 -33.82 30.36 84.37
CA ASN P 120 -32.56 30.99 84.76
C ASN P 120 -31.44 30.74 83.75
N GLU P 121 -31.73 30.11 82.63
CA GLU P 121 -30.70 29.81 81.63
C GLU P 121 -31.36 29.68 80.26
N VAL P 122 -31.00 30.56 79.34
CA VAL P 122 -31.53 30.55 77.98
C VAL P 122 -30.37 30.44 77.02
N ASN P 123 -30.36 29.38 76.21
CA ASN P 123 -29.30 29.14 75.22
C ASN P 123 -27.92 29.16 75.87
N PHE P 124 -27.81 28.54 77.04
CA PHE P 124 -26.58 28.51 77.83
C PHE P 124 -26.08 29.93 78.12
N ASP P 125 -27.01 30.82 78.42
CA ASP P 125 -26.69 32.22 78.68
C ASP P 125 -27.78 32.82 79.54
N LYS P 126 -27.48 33.99 80.09
CA LYS P 126 -28.46 34.70 80.91
C LYS P 126 -29.67 35.10 80.06
N PRO P 127 -30.89 34.92 80.58
CA PRO P 127 -32.07 35.25 79.75
C PRO P 127 -32.11 36.70 79.29
N GLU P 128 -31.63 37.63 80.11
CA GLU P 128 -31.61 39.04 79.69
C GLU P 128 -30.70 39.24 78.50
N ASN P 129 -29.53 38.60 78.49
CA ASN P 129 -28.60 38.74 77.38
C ASN P 129 -29.15 38.11 76.10
N ALA P 130 -29.89 37.00 76.21
CA ALA P 130 -30.45 36.35 75.04
C ALA P 130 -31.51 37.22 74.36
N ARG P 131 -32.14 38.13 75.11
CA ARG P 131 -33.15 39.00 74.54
C ARG P 131 -32.57 40.02 73.55
N ASN P 132 -31.28 40.31 73.63
CA ASN P 132 -30.64 41.29 72.77
C ASN P 132 -29.91 40.66 71.59
N LYS P 133 -30.05 39.35 71.39
CA LYS P 133 -29.36 38.68 70.30
C LYS P 133 -29.95 39.09 68.95
N ILE P 134 -29.09 39.25 67.94
CA ILE P 134 -29.62 39.74 66.63
C ILE P 134 -30.22 38.54 65.91
N LEU P 135 -31.34 38.74 65.21
CA LEU P 135 -32.01 37.59 64.56
C LEU P 135 -31.07 36.97 63.53
N PHE P 136 -31.25 35.70 63.24
CA PHE P 136 -30.41 34.94 62.30
C PHE P 136 -30.62 35.41 60.86
N GLU P 137 -31.87 35.68 60.48
CA GLU P 137 -32.15 36.10 59.11
C GLU P 137 -31.53 37.46 58.78
N ASN P 138 -31.25 38.28 59.79
CA ASN P 138 -30.63 39.58 59.55
C ASN P 138 -29.12 39.48 59.35
N LEU P 139 -28.51 38.34 59.66
CA LEU P 139 -27.07 38.19 59.50
C LEU P 139 -26.69 38.08 58.03
N THR P 140 -25.50 38.60 57.71
CA THR P 140 -25.02 38.60 56.33
C THR P 140 -24.17 37.37 56.07
N PRO P 141 -24.60 36.46 55.19
CA PRO P 141 -23.77 35.28 54.90
C PRO P 141 -22.55 35.62 54.09
N LEU P 142 -21.53 34.77 54.21
CA LEU P 142 -20.29 34.90 53.46
C LEU P 142 -19.81 33.51 53.04
N HIS P 143 -18.79 33.49 52.19
CA HIS P 143 -18.19 32.23 51.77
C HIS P 143 -17.37 31.61 52.90
N ALA P 144 -17.18 30.31 52.82
CA ALA P 144 -16.43 29.59 53.84
C ALA P 144 -14.96 30.00 53.81
N ASN P 145 -14.39 30.20 55.00
CA ASN P 145 -12.99 30.59 55.12
C ASN P 145 -12.23 29.83 56.20
N SER P 146 -12.91 29.05 57.04
CA SER P 146 -12.26 28.30 58.11
C SER P 146 -12.10 26.85 57.67
N ARG P 147 -10.85 26.45 57.42
CA ARG P 147 -10.59 25.09 56.94
C ARG P 147 -10.78 24.08 58.07
N LEU P 148 -11.53 23.01 57.77
CA LEU P 148 -11.78 21.93 58.70
C LEU P 148 -10.93 20.73 58.28
N ARG P 149 -9.92 20.41 59.07
CA ARG P 149 -9.01 19.30 58.75
C ARG P 149 -9.73 17.99 59.00
N MET P 150 -10.18 17.33 57.94
CA MET P 150 -10.89 16.07 58.06
C MET P 150 -9.95 14.89 58.26
N GLU P 151 -8.66 15.05 58.00
CA GLU P 151 -7.70 13.97 58.14
C GLU P 151 -7.34 13.76 59.60
N ARG P 152 -7.28 12.50 60.02
CA ARG P 152 -6.89 12.13 61.38
C ARG P 152 -5.55 11.43 61.34
N GLY P 153 -4.59 11.93 62.11
CA GLY P 153 -3.26 11.37 62.13
C GLY P 153 -3.01 10.39 63.24
N ASN P 154 -3.54 10.68 64.43
CA ASN P 154 -3.30 9.81 65.58
C ASN P 154 -3.93 8.43 65.40
N ASP P 155 -5.13 8.37 64.80
CA ASP P 155 -5.80 7.09 64.62
C ASP P 155 -5.00 6.19 63.68
N SER P 156 -4.58 6.72 62.53
CA SER P 156 -3.80 5.97 61.54
C SER P 156 -4.51 4.68 61.14
N THR P 157 -5.83 4.77 60.98
CA THR P 157 -6.62 3.60 60.63
C THR P 157 -6.37 3.20 59.18
N GLU P 158 -6.75 1.96 58.86
CA GLU P 158 -6.59 1.45 57.50
C GLU P 158 -7.53 2.14 56.51
N ASP P 159 -8.60 2.76 57.00
CA ASP P 159 -9.53 3.45 56.11
C ASP P 159 -8.92 4.76 55.64
N LEU P 160 -8.96 4.99 54.32
CA LEU P 160 -8.41 6.19 53.71
C LEU P 160 -9.50 7.20 53.33
N THR P 161 -10.72 7.02 53.85
CA THR P 161 -11.81 7.91 53.48
C THR P 161 -11.54 9.34 53.91
N ALA P 162 -11.01 9.54 55.12
CA ALA P 162 -10.70 10.88 55.59
C ALA P 162 -9.64 11.54 54.72
N ARG P 163 -8.59 10.79 54.35
CA ARG P 163 -7.53 11.36 53.51
C ARG P 163 -8.05 11.69 52.12
N VAL P 164 -8.89 10.83 51.54
CA VAL P 164 -9.41 11.07 50.20
C VAL P 164 -10.36 12.26 50.20
N LEU P 165 -11.15 12.40 51.26
CA LEU P 165 -12.16 13.47 51.30
C LEU P 165 -11.50 14.85 51.25
N ASP P 166 -10.40 15.04 51.97
CA ASP P 166 -9.70 16.31 51.91
C ASP P 166 -9.14 16.58 50.52
N LEU P 167 -8.57 15.56 49.88
CA LEU P 167 -8.01 15.75 48.54
C LEU P 167 -9.12 15.98 47.51
N ALA P 168 -10.20 15.20 47.58
CA ALA P 168 -11.27 15.31 46.60
C ALA P 168 -12.02 16.64 46.73
N SER P 169 -12.42 16.98 47.95
CA SER P 169 -13.19 18.19 48.18
C SER P 169 -13.04 18.67 49.62
N PRO P 170 -12.23 19.70 49.87
CA PRO P 170 -12.09 20.22 51.23
C PRO P 170 -13.41 20.76 51.76
N ILE P 171 -13.64 20.59 53.06
CA ILE P 171 -14.86 21.03 53.72
C ILE P 171 -14.51 22.08 54.75
N GLY P 172 -15.20 23.21 54.69
CA GLY P 172 -15.02 24.30 55.63
C GLY P 172 -16.25 24.56 56.47
N ARG P 173 -16.14 25.58 57.32
CA ARG P 173 -17.25 26.00 58.17
C ARG P 173 -18.25 26.81 57.35
N GLY P 174 -19.53 26.49 57.51
CA GLY P 174 -20.58 27.18 56.77
C GLY P 174 -20.82 26.66 55.38
N GLN P 175 -20.27 25.50 55.02
CA GLN P 175 -20.48 24.93 53.71
C GLN P 175 -21.91 24.42 53.56
N ARG P 176 -22.40 24.44 52.32
CA ARG P 176 -23.72 23.96 51.98
C ARG P 176 -23.63 22.82 50.98
N GLY P 177 -22.69 21.91 51.21
CA GLY P 177 -22.47 20.82 50.28
C GLY P 177 -23.50 19.72 50.40
N LEU P 178 -23.57 18.89 49.36
CA LEU P 178 -24.45 17.74 49.33
C LEU P 178 -23.67 16.54 48.80
N ILE P 179 -24.13 15.35 49.17
CA ILE P 179 -23.49 14.10 48.79
C ILE P 179 -24.44 13.33 47.87
N VAL P 180 -23.96 12.99 46.69
CA VAL P 180 -24.72 12.19 45.73
C VAL P 180 -24.27 10.74 45.90
N ALA P 181 -25.11 9.91 46.51
CA ALA P 181 -24.75 8.55 46.87
C ALA P 181 -25.79 7.58 46.32
N PRO P 182 -25.42 6.70 45.38
CA PRO P 182 -26.34 5.64 44.96
C PRO P 182 -26.54 4.63 46.07
N PRO P 183 -27.61 3.85 46.02
CA PRO P 183 -27.84 2.84 47.08
C PRO P 183 -26.73 1.81 47.11
N LYS P 184 -26.43 1.35 48.32
CA LYS P 184 -25.37 0.36 48.57
C LYS P 184 -24.02 0.85 48.04
N ALA P 185 -23.67 2.10 48.39
CA ALA P 185 -22.40 2.68 48.01
C ALA P 185 -21.63 3.22 49.22
N GLY P 186 -21.88 2.67 50.40
CA GLY P 186 -21.21 3.12 51.61
C GLY P 186 -21.56 4.54 52.02
N LYS P 187 -22.84 4.92 51.86
CA LYS P 187 -23.26 6.26 52.24
C LYS P 187 -23.29 6.41 53.76
N THR P 188 -23.78 5.39 54.46
CA THR P 188 -23.91 5.48 55.91
C THR P 188 -22.54 5.59 56.58
N MET P 189 -21.57 4.77 56.15
CA MET P 189 -20.24 4.82 56.75
C MET P 189 -19.51 6.09 56.37
N LEU P 190 -19.87 6.70 55.24
CA LEU P 190 -19.25 7.95 54.84
C LEU P 190 -19.54 9.06 55.84
N LEU P 191 -20.79 9.15 56.30
CA LEU P 191 -21.15 10.16 57.29
C LEU P 191 -20.53 9.84 58.65
N GLN P 192 -20.43 8.56 59.01
CA GLN P 192 -19.86 8.18 60.30
C GLN P 192 -18.39 8.58 60.37
N ASN P 193 -17.63 8.37 59.30
CA ASN P 193 -16.22 8.74 59.30
C ASN P 193 -16.05 10.25 59.44
N ILE P 194 -16.90 11.02 58.77
CA ILE P 194 -16.84 12.48 58.89
C ILE P 194 -17.14 12.90 60.33
N ALA P 195 -18.13 12.26 60.95
CA ALA P 195 -18.49 12.61 62.32
C ALA P 195 -17.34 12.35 63.29
N GLN P 196 -16.60 11.25 63.08
CA GLN P 196 -15.47 10.95 63.96
C GLN P 196 -14.41 12.04 63.89
N SER P 197 -14.09 12.51 62.69
CA SER P 197 -13.07 13.55 62.54
C SER P 197 -13.53 14.87 63.15
N ILE P 198 -14.80 15.23 62.97
CA ILE P 198 -15.31 16.47 63.52
C ILE P 198 -15.26 16.44 65.04
N ALA P 199 -15.69 15.33 65.65
CA ALA P 199 -15.65 15.20 67.10
C ALA P 199 -14.23 15.14 67.64
N TYR P 200 -13.24 14.84 66.79
CA TYR P 200 -11.85 14.73 67.20
C TYR P 200 -11.05 15.98 66.87
N ASN P 201 -11.08 16.43 65.62
CA ASN P 201 -10.27 17.57 65.21
C ASN P 201 -10.84 18.88 65.74
N HIS P 202 -12.16 19.01 65.82
CA HIS P 202 -12.82 20.23 66.27
C HIS P 202 -13.83 19.90 67.35
N PRO P 203 -13.37 19.59 68.56
CA PRO P 203 -14.32 19.32 69.65
C PRO P 203 -15.20 20.50 70.00
N ASP P 204 -14.72 21.73 69.77
CA ASP P 204 -15.51 22.92 70.12
C ASP P 204 -16.76 23.04 69.26
N CYS P 205 -16.66 22.66 67.99
CA CYS P 205 -17.81 22.76 67.10
C CYS P 205 -18.92 21.80 67.52
N VAL P 206 -20.15 22.30 67.47
CA VAL P 206 -21.31 21.49 67.84
C VAL P 206 -21.70 20.63 66.63
N LEU P 207 -21.78 19.32 66.85
CA LEU P 207 -22.13 18.37 65.79
C LEU P 207 -23.52 17.81 66.06
N MET P 208 -24.40 17.94 65.06
CA MET P 208 -25.77 17.43 65.14
C MET P 208 -26.03 16.53 63.95
N VAL P 209 -26.59 15.35 64.20
CA VAL P 209 -26.87 14.37 63.16
C VAL P 209 -28.38 14.17 63.10
N LEU P 210 -28.96 14.34 61.92
CA LEU P 210 -30.38 14.15 61.69
C LEU P 210 -30.58 13.06 60.65
N LEU P 211 -31.38 12.06 60.98
CA LEU P 211 -31.67 10.94 60.09
C LEU P 211 -33.16 10.82 59.88
N ILE P 212 -33.56 10.59 58.63
CA ILE P 212 -34.96 10.49 58.24
C ILE P 212 -35.21 9.11 57.64
N ASP P 213 -36.27 8.45 58.09
CA ASP P 213 -36.69 7.16 57.55
C ASP P 213 -35.58 6.11 57.67
N GLU P 214 -34.90 6.09 58.80
CA GLU P 214 -33.85 5.11 59.06
C GLU P 214 -34.35 4.00 59.98
N ARG P 215 -33.75 2.83 59.83
CA ARG P 215 -34.14 1.69 60.64
C ARG P 215 -33.74 1.91 62.11
N PRO P 216 -34.52 1.34 63.05
CA PRO P 216 -34.19 1.55 64.47
C PRO P 216 -32.80 1.09 64.86
N GLU P 217 -32.32 -0.02 64.30
CA GLU P 217 -30.97 -0.48 64.63
C GLU P 217 -29.92 0.44 64.05
N GLU P 218 -30.21 1.11 62.93
CA GLU P 218 -29.26 2.07 62.36
C GLU P 218 -29.15 3.31 63.23
N VAL P 219 -30.25 3.74 63.86
CA VAL P 219 -30.21 4.91 64.73
C VAL P 219 -29.37 4.62 65.96
N THR P 220 -29.53 3.43 66.55
CA THR P 220 -28.79 3.10 67.76
C THR P 220 -27.29 3.04 67.50
N GLU P 221 -26.88 2.48 66.35
CA GLU P 221 -25.45 2.44 66.02
C GLU P 221 -24.89 3.84 65.83
N MET P 222 -25.67 4.73 65.23
CA MET P 222 -25.21 6.09 65.01
C MET P 222 -24.96 6.82 66.33
N GLN P 223 -25.86 6.63 67.30
CA GLN P 223 -25.70 7.28 68.60
C GLN P 223 -24.43 6.79 69.31
N ARG P 224 -24.17 5.48 69.26
CA ARG P 224 -22.99 4.93 69.91
C ARG P 224 -21.71 5.40 69.24
N LEU P 225 -21.72 5.55 67.91
CA LEU P 225 -20.49 5.89 67.19
C LEU P 225 -20.22 7.40 67.22
N VAL P 226 -21.25 8.20 66.96
CA VAL P 226 -21.08 9.64 66.88
C VAL P 226 -21.02 10.23 68.28
N LYS P 227 -19.98 11.01 68.56
CA LYS P 227 -19.80 11.67 69.86
C LYS P 227 -20.45 13.06 69.77
N GLY P 228 -21.77 13.07 69.87
CA GLY P 228 -22.49 14.31 69.79
C GLY P 228 -23.98 14.09 69.96
N GLU P 229 -24.75 15.07 69.52
CA GLU P 229 -26.21 15.02 69.62
C GLU P 229 -26.76 14.39 68.34
N VAL P 230 -27.44 13.25 68.49
CA VAL P 230 -28.01 12.51 67.37
C VAL P 230 -29.51 12.40 67.58
N VAL P 231 -30.28 12.86 66.59
CA VAL P 231 -31.74 12.75 66.61
C VAL P 231 -32.18 12.16 65.27
N ALA P 232 -33.15 11.25 65.34
CA ALA P 232 -33.60 10.56 64.13
C ALA P 232 -35.06 10.17 64.28
N SER P 233 -35.70 9.91 63.14
CA SER P 233 -37.09 9.49 63.08
C SER P 233 -37.17 8.18 62.30
N THR P 234 -37.83 7.19 62.88
CA THR P 234 -37.94 5.88 62.25
C THR P 234 -38.98 5.91 61.14
N PHE P 235 -38.93 4.88 60.28
CA PHE P 235 -39.84 4.81 59.14
C PHE P 235 -41.28 4.61 59.58
N ASP P 236 -41.51 3.87 60.67
CA ASP P 236 -42.88 3.59 61.11
C ASP P 236 -43.59 4.84 61.59
N GLU P 237 -42.86 5.87 61.99
CA GLU P 237 -43.47 7.11 62.42
C GLU P 237 -44.12 7.83 61.21
N PRO P 238 -45.17 8.60 61.45
CA PRO P 238 -45.86 9.27 60.34
C PRO P 238 -44.99 10.33 59.68
N ALA P 239 -45.38 10.71 58.46
CA ALA P 239 -44.65 11.73 57.73
C ALA P 239 -44.66 13.07 58.44
N SER P 240 -45.72 13.36 59.20
CA SER P 240 -45.77 14.61 59.97
C SER P 240 -44.69 14.63 61.04
N ARG P 241 -44.36 13.47 61.62
CA ARG P 241 -43.28 13.40 62.59
C ARG P 241 -41.95 13.77 61.97
N HIS P 242 -41.71 13.35 60.72
CA HIS P 242 -40.47 13.70 60.03
C HIS P 242 -40.36 15.20 59.82
N VAL P 243 -41.47 15.86 59.48
CA VAL P 243 -41.46 17.31 59.30
C VAL P 243 -41.20 18.00 60.64
N GLN P 244 -41.82 17.52 61.71
CA GLN P 244 -41.69 18.16 63.01
C GLN P 244 -40.25 18.13 63.51
N VAL P 245 -39.57 16.98 63.36
CA VAL P 245 -38.19 16.88 63.81
C VAL P 245 -37.24 17.66 62.91
N ALA P 246 -37.53 17.73 61.60
CA ALA P 246 -36.65 18.43 60.69
C ALA P 246 -36.59 19.93 61.01
N GLU P 247 -37.75 20.53 61.28
CA GLU P 247 -37.77 21.94 61.65
C GLU P 247 -37.14 22.18 63.02
N MET P 248 -37.23 21.18 63.91
CA MET P 248 -36.66 21.32 65.25
C MET P 248 -35.14 21.46 65.19
N VAL P 249 -34.49 20.68 64.32
CA VAL P 249 -33.03 20.69 64.26
C VAL P 249 -32.53 22.03 63.72
N ILE P 250 -33.13 22.51 62.64
CA ILE P 250 -32.64 23.73 62.01
C ILE P 250 -32.91 24.95 62.89
N GLU P 251 -34.09 24.99 63.53
CA GLU P 251 -34.41 26.11 64.42
C GLU P 251 -33.46 26.13 65.62
N LYS P 252 -33.14 24.95 66.16
CA LYS P 252 -32.18 24.89 67.26
C LYS P 252 -30.80 25.36 66.81
N ALA P 253 -30.39 24.98 65.59
CA ALA P 253 -29.09 25.38 65.08
C ALA P 253 -29.01 26.90 64.89
N LYS P 254 -30.09 27.51 64.39
CA LYS P 254 -30.08 28.94 64.14
C LYS P 254 -29.90 29.73 65.43
N ARG P 255 -30.55 29.29 66.52
CA ARG P 255 -30.41 29.98 67.80
C ARG P 255 -28.98 29.87 68.31
N LEU P 256 -28.35 28.71 68.15
CA LEU P 256 -26.96 28.56 68.57
C LEU P 256 -26.01 29.41 67.74
N VAL P 257 -26.29 29.57 66.45
CA VAL P 257 -25.45 30.41 65.60
C VAL P 257 -25.50 31.87 66.05
N GLU P 258 -26.67 32.33 66.50
CA GLU P 258 -26.79 33.70 66.98
C GLU P 258 -25.93 33.97 68.20
N HIS P 259 -25.54 32.93 68.93
CA HIS P 259 -24.68 33.07 70.10
C HIS P 259 -23.20 32.87 69.78
N LYS P 260 -22.79 33.19 68.55
CA LYS P 260 -21.39 33.09 68.12
C LYS P 260 -20.85 31.67 68.25
N LYS P 261 -21.67 30.68 67.92
CA LYS P 261 -21.28 29.27 67.97
C LYS P 261 -21.36 28.66 66.57
N ASP P 262 -20.55 27.63 66.35
CA ASP P 262 -20.50 26.93 65.07
C ASP P 262 -21.26 25.62 65.19
N VAL P 263 -22.20 25.38 64.29
CA VAL P 263 -23.04 24.19 64.29
C VAL P 263 -22.84 23.46 62.97
N ILE P 264 -22.60 22.15 63.04
CA ILE P 264 -22.44 21.30 61.87
C ILE P 264 -23.58 20.29 61.88
N ILE P 265 -24.32 20.21 60.77
CA ILE P 265 -25.49 19.35 60.65
C ILE P 265 -25.23 18.33 59.55
N LEU P 266 -25.37 17.05 59.88
CA LEU P 266 -25.27 15.96 58.92
C LEU P 266 -26.68 15.51 58.56
N LEU P 267 -27.11 15.84 57.35
CA LEU P 267 -28.48 15.57 56.91
C LEU P 267 -28.52 14.29 56.09
N ASP P 268 -29.52 13.46 56.38
CA ASP P 268 -29.73 12.21 55.65
C ASP P 268 -31.20 11.84 55.77
N SER P 269 -31.96 12.00 54.70
CA SER P 269 -31.49 12.49 53.41
C SER P 269 -32.46 13.54 52.84
N ILE P 270 -31.96 14.36 51.92
CA ILE P 270 -32.79 15.38 51.29
C ILE P 270 -33.95 14.73 50.55
N THR P 271 -33.67 13.65 49.80
CA THR P 271 -34.73 12.94 49.10
C THR P 271 -35.77 12.38 50.07
N ARG P 272 -35.30 11.80 51.18
CA ARG P 272 -36.24 11.33 52.20
C ARG P 272 -36.96 12.50 52.86
N LEU P 273 -36.24 13.60 53.13
CA LEU P 273 -36.87 14.77 53.72
C LEU P 273 -37.91 15.38 52.79
N ALA P 274 -37.58 15.48 51.50
CA ALA P 274 -38.56 16.01 50.54
C ALA P 274 -39.75 15.06 50.38
N ARG P 275 -39.53 13.77 50.61
CA ARG P 275 -40.64 12.82 50.52
C ARG P 275 -41.71 13.11 51.57
N ALA P 276 -41.29 13.38 52.80
CA ALA P 276 -42.26 13.69 53.85
C ALA P 276 -42.90 15.06 53.64
N TYR P 277 -42.10 16.04 53.18
CA TYR P 277 -42.63 17.39 52.97
C TYR P 277 -43.71 17.41 51.90
N ASN P 278 -43.52 16.63 50.82
CA ASN P 278 -44.51 16.61 49.75
C ASN P 278 -45.84 16.05 50.24
N THR P 279 -45.81 15.01 51.07
CA THR P 279 -47.06 14.41 51.55
C THR P 279 -47.78 15.32 52.54
N VAL P 280 -47.03 15.97 53.42
CA VAL P 280 -47.66 16.78 54.46
C VAL P 280 -48.38 17.99 53.89
N VAL P 281 -47.75 18.67 52.94
CA VAL P 281 -48.34 19.89 52.38
C VAL P 281 -49.62 19.55 51.64
N PRO P 282 -50.72 20.27 51.84
CA PRO P 282 -51.95 19.97 51.09
C PRO P 282 -51.80 20.29 49.61
N ALA P 283 -52.56 19.56 48.80
CA ALA P 283 -52.52 19.76 47.36
C ALA P 283 -53.08 21.12 46.99
N SER P 284 -52.42 21.77 46.03
CA SER P 284 -52.84 23.08 45.55
C SER P 284 -53.74 23.00 44.32
N GLY P 285 -54.12 21.78 43.90
CA GLY P 285 -54.94 21.59 42.73
C GLY P 285 -54.17 21.37 41.45
N LYS P 286 -52.85 21.55 41.45
CA LYS P 286 -52.02 21.32 40.28
C LYS P 286 -50.90 20.35 40.65
N VAL P 287 -50.71 19.34 39.81
CA VAL P 287 -49.70 18.31 40.03
C VAL P 287 -48.67 18.39 38.90
N LEU P 288 -47.41 18.52 39.27
CA LEU P 288 -46.32 18.58 38.30
C LEU P 288 -45.82 17.18 38.01
N THR P 289 -44.69 17.08 37.29
CA THR P 289 -44.12 15.78 36.95
C THR P 289 -43.62 15.08 38.21
N GLY P 290 -43.89 13.78 38.30
CA GLY P 290 -43.46 13.00 39.44
C GLY P 290 -44.33 13.14 40.68
N GLY P 291 -45.45 13.85 40.59
CA GLY P 291 -46.31 14.02 41.74
C GLY P 291 -45.78 14.94 42.80
N VAL P 292 -44.85 15.83 42.47
CA VAL P 292 -44.25 16.77 43.41
C VAL P 292 -44.71 18.16 43.04
N ASP P 293 -45.35 18.85 43.99
CA ASP P 293 -45.81 20.21 43.78
C ASP P 293 -44.64 21.19 43.87
N ALA P 294 -44.80 22.34 43.23
CA ALA P 294 -43.77 23.38 43.29
C ALA P 294 -43.58 23.89 44.71
N ASN P 295 -44.69 24.09 45.44
CA ASN P 295 -44.59 24.55 46.82
C ASN P 295 -44.15 23.45 47.77
N ALA P 296 -44.27 22.18 47.36
CA ALA P 296 -43.85 21.09 48.23
C ALA P 296 -42.35 21.11 48.49
N LEU P 297 -41.56 21.40 47.45
CA LEU P 297 -40.11 21.46 47.58
C LEU P 297 -39.60 22.80 48.07
N HIS P 298 -40.48 23.75 48.33
CA HIS P 298 -40.07 25.03 48.89
C HIS P 298 -39.50 24.85 50.29
N ARG P 299 -40.14 23.99 51.11
CA ARG P 299 -39.67 23.77 52.47
C ARG P 299 -38.27 23.16 52.51
N PRO P 300 -37.94 22.11 51.75
CA PRO P 300 -36.53 21.64 51.76
C PRO P 300 -35.53 22.68 51.32
N LYS P 301 -35.91 23.57 50.40
CA LYS P 301 -34.99 24.63 49.98
C LYS P 301 -34.67 25.57 51.12
N ARG P 302 -35.67 25.91 51.94
CA ARG P 302 -35.42 26.74 53.11
C ARG P 302 -34.50 26.04 54.10
N PHE P 303 -34.73 24.75 54.32
CA PHE P 303 -33.89 24.00 55.26
C PHE P 303 -32.46 23.89 54.76
N PHE P 304 -32.28 23.56 53.48
CA PHE P 304 -30.95 23.35 52.94
C PHE P 304 -30.20 24.66 52.77
N GLY P 305 -30.89 25.74 52.42
CA GLY P 305 -30.23 27.02 52.15
C GLY P 305 -29.80 27.77 53.40
N ALA P 306 -30.17 27.28 54.58
CA ALA P 306 -29.83 27.98 55.82
C ALA P 306 -28.35 27.90 56.16
N ALA P 307 -27.59 27.05 55.49
CA ALA P 307 -26.16 26.92 55.76
C ALA P 307 -25.44 28.19 55.32
N ARG P 308 -25.04 29.01 56.30
CA ARG P 308 -24.40 30.29 56.01
C ARG P 308 -23.20 30.47 56.94
N ASN P 309 -22.27 31.31 56.50
CA ASN P 309 -21.10 31.69 57.30
C ASN P 309 -21.32 33.12 57.76
N VAL P 310 -21.58 33.29 59.06
CA VAL P 310 -21.92 34.61 59.58
C VAL P 310 -20.66 35.47 59.67
N GLU P 311 -20.75 36.68 59.11
CA GLU P 311 -19.64 37.63 59.20
C GLU P 311 -19.39 38.06 60.64
N GLU P 312 -20.46 38.31 61.39
CA GLU P 312 -20.31 38.75 62.78
C GLU P 312 -19.63 37.68 63.64
N GLY P 313 -20.00 36.43 63.44
CA GLY P 313 -19.42 35.34 64.21
C GLY P 313 -20.22 34.06 64.13
N GLY P 314 -19.53 32.93 64.10
CA GLY P 314 -20.17 31.63 64.01
C GLY P 314 -20.50 31.27 62.57
N SER P 315 -20.92 30.01 62.40
CA SER P 315 -21.27 29.50 61.08
C SER P 315 -22.18 28.30 61.25
N LEU P 316 -22.91 27.98 60.17
CA LEU P 316 -23.80 26.84 60.12
C LEU P 316 -23.41 25.98 58.92
N THR P 317 -22.90 24.80 59.17
CA THR P 317 -22.46 23.87 58.13
C THR P 317 -23.48 22.75 58.01
N ILE P 318 -24.01 22.56 56.80
CA ILE P 318 -25.01 21.53 56.53
C ILE P 318 -24.46 20.60 55.46
N ILE P 319 -24.37 19.31 55.79
CA ILE P 319 -23.93 18.28 54.85
C ILE P 319 -25.08 17.30 54.66
N ALA P 320 -25.53 17.15 53.42
CA ALA P 320 -26.69 16.34 53.09
C ALA P 320 -26.31 15.24 52.11
N THR P 321 -27.20 14.26 52.00
CA THR P 321 -27.02 13.14 51.09
C THR P 321 -28.18 13.08 50.11
N ALA P 322 -27.86 12.80 48.84
CA ALA P 322 -28.84 12.71 47.77
C ALA P 322 -28.84 11.30 47.20
N LEU P 323 -30.03 10.73 47.02
CA LEU P 323 -30.18 9.38 46.49
C LEU P 323 -30.53 9.45 45.02
N ILE P 324 -29.78 8.71 44.20
CA ILE P 324 -30.01 8.62 42.76
C ILE P 324 -30.02 7.16 42.36
N ASP P 325 -30.59 6.90 41.18
CA ASP P 325 -30.67 5.56 40.61
C ASP P 325 -31.36 4.58 41.56
N THR P 326 -32.41 5.07 42.23
CA THR P 326 -33.18 4.25 43.17
C THR P 326 -34.40 3.60 42.53
N GLY P 327 -34.59 3.78 41.22
CA GLY P 327 -35.73 3.20 40.53
C GLY P 327 -37.01 4.02 40.63
N SER P 328 -36.93 5.17 41.29
CA SER P 328 -38.14 6.03 41.48
C SER P 328 -37.93 7.39 40.81
N LYS P 329 -38.94 7.87 40.09
CA LYS P 329 -38.80 9.17 39.40
C LYS P 329 -38.82 10.29 40.44
N MET P 330 -39.71 10.19 41.43
CA MET P 330 -39.83 11.30 42.39
C MET P 330 -38.43 11.69 42.87
N ASP P 331 -37.64 10.71 43.28
CA ASP P 331 -36.30 11.02 43.83
C ASP P 331 -35.48 11.79 42.80
N GLU P 332 -35.60 11.42 41.52
CA GLU P 332 -34.78 12.09 40.49
C GLU P 332 -35.24 13.54 40.40
N VAL P 333 -36.53 13.78 40.23
CA VAL P 333 -36.93 15.18 40.09
C VAL P 333 -36.40 16.00 41.26
N ILE P 334 -36.40 15.41 42.46
CA ILE P 334 -35.91 16.11 43.65
C ILE P 334 -34.43 16.44 43.48
N TYR P 335 -33.65 15.48 42.96
CA TYR P 335 -32.22 15.67 42.80
C TYR P 335 -31.92 16.78 41.80
N GLU P 336 -32.71 16.88 40.73
CA GLU P 336 -32.44 17.86 39.68
C GLU P 336 -32.54 19.29 40.20
N GLU P 337 -33.54 19.56 41.03
CA GLU P 337 -33.70 20.92 41.56
C GLU P 337 -32.63 21.24 42.60
N PHE P 338 -31.99 20.22 43.15
CA PHE P 338 -30.95 20.41 44.18
C PHE P 338 -29.54 20.19 43.63
N LYS P 339 -29.33 20.45 42.35
CA LYS P 339 -28.00 20.28 41.75
C LYS P 339 -27.11 21.49 42.03
N GLY P 340 -27.50 22.66 41.52
CA GLY P 340 -26.69 23.86 41.63
C GLY P 340 -26.85 24.63 42.92
N THR P 341 -27.53 24.06 43.92
CA THR P 341 -27.74 24.74 45.18
C THR P 341 -26.58 24.55 46.16
N GLY P 342 -25.61 23.70 45.84
CA GLY P 342 -24.56 23.40 46.83
C GLY P 342 -23.22 24.06 46.57
N ASN P 343 -22.42 24.25 47.62
CA ASN P 343 -21.05 24.80 47.45
C ASN P 343 -20.07 23.65 47.24
N MET P 344 -20.38 22.45 47.73
CA MET P 344 -19.47 21.28 47.61
C MET P 344 -20.27 20.07 47.11
N GLU P 345 -19.64 19.16 46.37
CA GLU P 345 -20.35 17.93 45.93
C GLU P 345 -19.41 16.73 46.03
N LEU P 346 -19.90 15.59 46.52
CA LEU P 346 -19.08 14.36 46.58
C LEU P 346 -19.87 13.22 45.92
N HIS P 347 -19.90 13.18 44.59
CA HIS P 347 -20.66 12.19 43.84
C HIS P 347 -20.03 10.82 44.02
N LEU P 348 -20.83 9.86 44.45
CA LEU P 348 -20.38 8.48 44.62
C LEU P 348 -20.79 7.65 43.41
N SER P 349 -20.03 6.58 43.17
CA SER P 349 -20.26 5.71 42.04
C SER P 349 -20.51 4.29 42.52
N ARG P 350 -21.61 3.69 42.05
CA ARG P 350 -21.91 2.32 42.42
C ARG P 350 -20.91 1.34 41.83
N LYS P 351 -20.43 1.61 40.62
CA LYS P 351 -19.50 0.70 39.94
C LYS P 351 -18.21 0.55 40.73
N ILE P 352 -17.72 1.64 41.32
CA ILE P 352 -16.51 1.56 42.14
C ILE P 352 -16.74 0.68 43.35
N ALA P 353 -17.91 0.80 43.98
CA ALA P 353 -18.23 -0.06 45.12
C ALA P 353 -18.34 -1.52 44.71
N GLU P 354 -18.76 -1.79 43.48
CA GLU P 354 -18.84 -3.16 42.99
C GLU P 354 -17.47 -3.82 42.88
N LYS P 355 -16.40 -3.02 42.81
CA LYS P 355 -15.05 -3.54 42.74
C LYS P 355 -14.42 -3.74 44.11
N ARG P 356 -15.19 -3.57 45.19
CA ARG P 356 -14.70 -3.70 46.56
C ARG P 356 -13.56 -2.73 46.83
N VAL P 357 -13.66 -1.53 46.27
CA VAL P 357 -12.71 -0.46 46.50
C VAL P 357 -13.44 0.68 47.21
N PHE P 358 -12.92 1.10 48.36
CA PHE P 358 -13.56 2.13 49.16
C PHE P 358 -12.56 3.21 49.53
N PRO P 359 -13.00 4.48 49.61
CA PRO P 359 -14.36 4.96 49.38
C PRO P 359 -14.71 5.09 47.90
N ALA P 360 -15.95 4.78 47.52
CA ALA P 360 -16.37 4.86 46.12
C ALA P 360 -16.74 6.30 45.81
N ILE P 361 -15.71 7.11 45.57
CA ILE P 361 -15.85 8.54 45.32
C ILE P 361 -15.37 8.84 43.91
N ASP P 362 -16.19 9.54 43.14
CA ASP P 362 -15.81 9.98 41.79
C ASP P 362 -14.98 11.25 41.92
N TYR P 363 -13.67 11.11 41.80
CA TYR P 363 -12.78 12.26 41.98
C TYR P 363 -13.02 13.33 40.90
N ASN P 364 -13.21 12.90 39.66
CA ASN P 364 -13.44 13.87 38.58
C ASN P 364 -14.73 14.63 38.78
N ARG P 365 -15.81 13.94 39.18
CA ARG P 365 -17.09 14.60 39.37
C ARG P 365 -17.11 15.47 40.62
N SER P 366 -16.42 15.06 41.68
CA SER P 366 -16.40 15.82 42.92
C SER P 366 -15.61 17.12 42.75
N GLY P 367 -15.99 18.11 43.53
CA GLY P 367 -15.33 19.40 43.47
C GLY P 367 -15.91 20.34 44.51
N THR P 368 -15.34 21.54 44.55
CA THR P 368 -15.76 22.56 45.51
C THR P 368 -15.56 23.95 44.89
N ARG P 369 -16.28 24.92 45.45
CA ARG P 369 -16.20 26.30 45.00
C ARG P 369 -15.49 27.15 46.03
N LYS P 370 -14.71 28.13 45.54
CA LYS P 370 -13.96 29.05 46.40
C LYS P 370 -13.04 28.30 47.35
N GLU P 371 -12.32 27.32 46.82
CA GLU P 371 -11.38 26.56 47.61
C GLU P 371 -10.13 27.36 47.98
N GLU P 372 -9.95 28.54 47.39
CA GLU P 372 -8.79 29.36 47.73
C GLU P 372 -8.84 29.82 49.18
N LEU P 373 -10.03 30.18 49.66
CA LEU P 373 -10.17 30.65 51.04
C LEU P 373 -9.88 29.54 52.04
N LEU P 374 -10.30 28.30 51.76
CA LEU P 374 -10.14 27.21 52.71
C LEU P 374 -8.67 26.78 52.79
N THR P 375 -8.12 26.31 51.69
CA THR P 375 -6.74 25.82 51.66
C THR P 375 -5.77 27.00 51.61
N THR P 376 -4.48 26.69 51.74
CA THR P 376 -3.45 27.70 51.66
C THR P 376 -2.93 27.82 50.23
N GLN P 377 -2.04 28.79 50.01
CA GLN P 377 -1.47 28.99 48.68
C GLN P 377 -0.66 27.78 48.24
N GLU P 378 0.15 27.23 49.14
CA GLU P 378 0.97 26.07 48.80
C GLU P 378 0.11 24.83 48.63
N GLU P 379 -0.88 24.64 49.51
CA GLU P 379 -1.72 23.45 49.44
C GLU P 379 -2.60 23.46 48.20
N LEU P 380 -3.09 24.64 47.81
CA LEU P 380 -3.99 24.73 46.65
C LEU P 380 -3.29 24.29 45.37
N GLN P 381 -2.04 24.71 45.19
CA GLN P 381 -1.31 24.36 43.97
C GLN P 381 -1.08 22.85 43.86
N LYS P 382 -0.81 22.20 45.00
CA LYS P 382 -0.59 20.76 44.99
C LYS P 382 -1.86 20.01 44.56
N MET P 383 -3.02 20.47 45.01
CA MET P 383 -4.27 19.84 44.61
C MET P 383 -4.52 19.97 43.12
N TRP P 384 -4.18 21.14 42.55
CA TRP P 384 -4.36 21.33 41.11
C TRP P 384 -3.48 20.38 40.30
N ILE P 385 -2.25 20.14 40.75
CA ILE P 385 -1.36 19.21 40.07
C ILE P 385 -1.95 17.80 40.09
N LEU P 386 -2.49 17.39 41.23
CA LEU P 386 -3.07 16.05 41.34
C LEU P 386 -4.27 15.89 40.42
N ARG P 387 -5.12 16.92 40.33
CA ARG P 387 -6.30 16.84 39.47
C ARG P 387 -5.91 16.73 38.00
N LYS P 388 -4.79 17.34 37.61
CA LYS P 388 -4.35 17.26 36.22
C LYS P 388 -4.00 15.83 35.83
N ILE P 389 -3.36 15.09 36.74
CA ILE P 389 -3.02 13.70 36.45
C ILE P 389 -4.27 12.82 36.45
N ILE P 390 -5.19 13.07 37.39
CA ILE P 390 -6.37 12.21 37.54
C ILE P 390 -7.32 12.36 36.36
N HIS P 391 -7.46 13.58 35.82
CA HIS P 391 -8.50 13.85 34.83
C HIS P 391 -8.44 12.93 33.61
N PRO P 392 -7.29 12.67 32.97
CA PRO P 392 -7.29 11.71 31.85
C PRO P 392 -7.73 10.31 32.25
N MET P 393 -7.44 9.89 33.47
CA MET P 393 -7.83 8.56 33.92
C MET P 393 -9.34 8.50 34.14
N GLY P 394 -9.87 7.27 34.07
CA GLY P 394 -11.29 7.07 34.26
C GLY P 394 -11.72 7.22 35.70
N GLU P 395 -13.04 7.25 35.89
CA GLU P 395 -13.59 7.41 37.23
C GLU P 395 -13.30 6.22 38.14
N ILE P 396 -13.05 5.05 37.56
CA ILE P 396 -12.76 3.85 38.35
C ILE P 396 -11.27 3.65 38.55
N ASP P 397 -10.46 3.84 37.50
CA ASP P 397 -9.02 3.65 37.61
C ASP P 397 -8.36 4.70 38.50
N ALA P 398 -9.02 5.84 38.71
CA ALA P 398 -8.42 6.89 39.53
C ALA P 398 -8.36 6.50 40.99
N MET P 399 -9.31 5.70 41.47
CA MET P 399 -9.37 5.37 42.89
C MET P 399 -8.22 4.45 43.29
N GLU P 400 -8.10 3.29 42.64
CA GLU P 400 -7.03 2.36 42.98
C GLU P 400 -5.66 2.98 42.76
N PHE P 401 -5.54 3.90 41.79
CA PHE P 401 -4.31 4.66 41.64
C PHE P 401 -4.05 5.53 42.86
N LEU P 402 -5.10 6.18 43.38
CA LEU P 402 -4.94 7.04 44.55
C LEU P 402 -4.81 6.24 45.84
N ILE P 403 -5.49 5.09 45.92
CA ILE P 403 -5.51 4.32 47.16
C ILE P 403 -4.12 3.79 47.49
N ASN P 404 -3.43 3.21 46.50
CA ASN P 404 -2.10 2.65 46.75
C ASN P 404 -1.10 3.74 47.14
N LYS P 405 -1.20 4.91 46.49
CA LYS P 405 -0.29 6.00 46.84
C LYS P 405 -0.52 6.47 48.28
N LEU P 406 -1.77 6.58 48.69
CA LEU P 406 -2.06 7.01 50.06
C LEU P 406 -1.79 5.89 51.07
N ALA P 407 -1.87 4.63 50.63
CA ALA P 407 -1.65 3.51 51.54
C ALA P 407 -0.24 3.49 52.08
N MET P 408 0.76 3.77 51.24
CA MET P 408 2.16 3.71 51.64
C MET P 408 2.68 5.04 52.17
N THR P 409 1.84 6.07 52.27
CA THR P 409 2.22 7.36 52.82
C THR P 409 1.53 7.57 54.16
N LYS P 410 2.24 8.24 55.07
CA LYS P 410 1.71 8.48 56.41
C LYS P 410 0.62 9.54 56.38
N THR P 411 0.95 10.74 55.91
CA THR P 411 0.02 11.85 55.84
C THR P 411 -0.12 12.34 54.40
N ASN P 412 -1.07 13.25 54.19
CA ASN P 412 -1.27 13.82 52.87
C ASN P 412 -0.07 14.64 52.41
N ASP P 413 0.68 15.22 53.36
CA ASP P 413 1.88 15.96 52.99
C ASP P 413 2.92 15.05 52.37
N ASP P 414 3.09 13.84 52.91
CA ASP P 414 4.01 12.88 52.32
C ASP P 414 3.57 12.47 50.92
N PHE P 415 2.25 12.30 50.73
CA PHE P 415 1.74 11.98 49.40
C PHE P 415 1.99 13.13 48.43
N PHE P 416 1.81 14.37 48.89
CA PHE P 416 1.97 15.53 48.01
C PHE P 416 3.41 15.66 47.51
N GLU P 417 4.39 15.46 48.39
CA GLU P 417 5.79 15.60 47.97
C GLU P 417 6.21 14.44 47.07
N MET P 418 5.56 13.29 47.18
CA MET P 418 5.84 12.18 46.28
C MET P 418 5.42 12.48 44.85
N MET P 419 4.25 13.11 44.66
CA MET P 419 3.81 13.47 43.32
C MET P 419 4.72 14.52 42.70
N LYS P 420 5.39 15.32 43.53
CA LYS P 420 6.30 16.34 43.00
C LYS P 420 7.51 15.71 42.31
N ARG P 421 7.85 14.47 42.68
CA ARG P 421 8.97 13.79 42.04
C ARG P 421 8.71 13.58 40.55
N SER P 422 7.49 13.19 40.20
CA SER P 422 7.13 12.95 38.80
C SER P 422 6.92 14.27 38.06
N MET Q 4 -59.67 -32.88 81.34
CA MET Q 4 -59.26 -32.18 82.55
C MET Q 4 -58.40 -30.97 82.22
N ASN Q 5 -57.59 -31.09 81.18
CA ASN Q 5 -56.68 -30.03 80.74
C ASN Q 5 -57.13 -29.53 79.38
N LEU Q 6 -57.28 -28.21 79.26
CA LEU Q 6 -57.84 -27.63 78.04
C LEU Q 6 -56.91 -27.81 76.85
N THR Q 7 -55.61 -27.62 77.05
CA THR Q 7 -54.67 -27.67 75.92
C THR Q 7 -54.61 -29.06 75.29
N GLU Q 8 -54.60 -30.11 76.11
CA GLU Q 8 -54.53 -31.46 75.58
C GLU Q 8 -55.83 -31.91 74.94
N LEU Q 9 -56.96 -31.33 75.36
CA LEU Q 9 -58.25 -31.74 74.81
C LEU Q 9 -58.43 -31.24 73.37
N LYS Q 10 -57.94 -30.05 73.06
CA LYS Q 10 -58.07 -29.53 71.71
C LYS Q 10 -57.15 -30.25 70.73
N ASN Q 11 -55.99 -30.72 71.20
CA ASN Q 11 -55.06 -31.43 70.32
C ASN Q 11 -55.55 -32.82 69.95
N THR Q 12 -56.53 -33.36 70.69
CA THR Q 12 -57.06 -34.67 70.37
C THR Q 12 -57.84 -34.63 69.06
N PRO Q 13 -57.85 -35.74 68.31
CA PRO Q 13 -58.62 -35.77 67.06
C PRO Q 13 -60.12 -35.62 67.32
N VAL Q 14 -60.81 -35.08 66.32
CA VAL Q 14 -62.26 -34.85 66.45
C VAL Q 14 -63.00 -36.17 66.62
N SER Q 15 -62.54 -37.22 65.93
CA SER Q 15 -63.19 -38.53 66.06
C SER Q 15 -63.09 -39.05 67.49
N GLU Q 16 -61.93 -38.91 68.12
CA GLU Q 16 -61.79 -39.32 69.51
C GLU Q 16 -62.57 -38.41 70.45
N LEU Q 17 -62.73 -37.14 70.07
CA LEU Q 17 -63.44 -36.20 70.93
C LEU Q 17 -64.91 -36.61 71.10
N ILE Q 18 -65.54 -37.07 70.02
CA ILE Q 18 -66.93 -37.53 70.12
C ILE Q 18 -67.02 -38.75 71.03
N THR Q 19 -66.11 -39.70 70.88
CA THR Q 19 -66.15 -40.93 71.67
C THR Q 19 -65.98 -40.63 73.16
N LEU Q 20 -65.11 -39.68 73.51
CA LEU Q 20 -64.92 -39.33 74.90
C LEU Q 20 -66.19 -38.76 75.52
N GLY Q 21 -66.91 -37.93 74.78
CA GLY Q 21 -68.12 -37.33 75.31
C GLY Q 21 -69.30 -38.28 75.40
N GLU Q 22 -69.31 -39.32 74.56
CA GLU Q 22 -70.43 -40.26 74.57
C GLU Q 22 -70.46 -41.08 75.86
N ASN Q 23 -69.31 -41.61 76.26
CA ASN Q 23 -69.26 -42.41 77.49
C ASN Q 23 -69.45 -41.54 78.72
N MET Q 24 -69.09 -40.25 78.64
CA MET Q 24 -69.26 -39.37 79.79
C MET Q 24 -70.73 -39.18 80.12
N GLY Q 25 -71.58 -39.06 79.11
CA GLY Q 25 -73.01 -38.90 79.33
C GLY Q 25 -73.67 -37.96 78.35
N LEU Q 26 -72.87 -37.24 77.57
CA LEU Q 26 -73.40 -36.30 76.59
C LEU Q 26 -73.91 -37.05 75.35
N GLU Q 27 -74.75 -36.36 74.58
CA GLU Q 27 -75.38 -36.94 73.41
C GLU Q 27 -75.45 -35.89 72.30
N ASN Q 28 -75.54 -36.37 71.06
CA ASN Q 28 -75.68 -35.51 69.88
C ASN Q 28 -74.50 -34.56 69.74
N LEU Q 29 -73.29 -35.05 70.02
CA LEU Q 29 -72.08 -34.28 69.84
C LEU Q 29 -71.45 -34.47 68.47
N ALA Q 30 -71.95 -35.40 67.66
CA ALA Q 30 -71.31 -35.70 66.38
C ALA Q 30 -71.54 -34.59 65.36
N ARG Q 31 -72.78 -34.11 65.25
CA ARG Q 31 -73.14 -33.15 64.21
C ARG Q 31 -73.15 -31.72 64.76
N MET Q 32 -71.96 -31.27 65.17
CA MET Q 32 -71.78 -29.90 65.65
C MET Q 32 -70.31 -29.55 65.56
N ARG Q 33 -70.02 -28.25 65.66
CA ARG Q 33 -68.65 -27.78 65.53
C ARG Q 33 -67.78 -28.29 66.67
N LYS Q 34 -66.49 -28.46 66.38
CA LYS Q 34 -65.56 -28.99 67.37
C LYS Q 34 -65.44 -28.07 68.58
N GLN Q 35 -65.54 -26.75 68.36
CA GLN Q 35 -65.43 -25.81 69.46
C GLN Q 35 -66.58 -25.99 70.46
N ASP Q 36 -67.79 -26.23 69.96
CA ASP Q 36 -68.93 -26.44 70.84
C ASP Q 36 -68.79 -27.74 71.61
N ILE Q 37 -68.21 -28.77 71.00
CA ILE Q 37 -68.02 -30.06 71.67
C ILE Q 37 -67.12 -29.89 72.89
N ILE Q 38 -66.03 -29.13 72.74
CA ILE Q 38 -65.10 -28.92 73.85
C ILE Q 38 -65.80 -28.21 75.00
N PHE Q 39 -66.61 -27.20 74.69
CA PHE Q 39 -67.36 -26.51 75.73
C PHE Q 39 -68.35 -27.44 76.42
N ALA Q 40 -69.03 -28.29 75.64
CA ALA Q 40 -69.99 -29.22 76.21
C ALA Q 40 -69.32 -30.24 77.12
N ILE Q 41 -68.17 -30.78 76.69
CA ILE Q 41 -67.48 -31.78 77.50
C ILE Q 41 -66.98 -31.16 78.81
N LEU Q 42 -66.41 -29.96 78.73
CA LEU Q 42 -65.96 -29.27 79.95
C LEU Q 42 -67.13 -28.96 80.87
N LYS Q 43 -68.27 -28.57 80.29
CA LYS Q 43 -69.45 -28.28 81.11
C LYS Q 43 -69.92 -29.52 81.87
N GLN Q 44 -69.98 -30.66 81.19
CA GLN Q 44 -70.38 -31.89 81.86
C GLN Q 44 -69.34 -32.34 82.88
N HIS Q 45 -68.05 -32.23 82.53
CA HIS Q 45 -66.99 -32.62 83.45
C HIS Q 45 -66.92 -31.70 84.66
N ALA Q 46 -67.36 -30.45 84.50
CA ALA Q 46 -67.34 -29.52 85.62
C ALA Q 46 -68.33 -29.91 86.71
N LYS Q 47 -69.40 -30.63 86.34
CA LYS Q 47 -70.38 -31.06 87.33
C LYS Q 47 -69.80 -32.05 88.32
N SER Q 48 -68.77 -32.80 87.91
CA SER Q 48 -68.14 -33.76 88.81
C SER Q 48 -67.34 -33.08 89.92
N GLY Q 49 -67.02 -31.80 89.77
CA GLY Q 49 -66.27 -31.06 90.77
C GLY Q 49 -64.77 -31.10 90.60
N GLU Q 50 -64.25 -31.88 89.65
CA GLU Q 50 -62.81 -31.94 89.42
C GLU Q 50 -62.31 -30.62 88.83
N ASP Q 51 -61.10 -30.24 89.23
CA ASP Q 51 -60.50 -29.02 88.72
C ASP Q 51 -60.17 -29.14 87.23
N ILE Q 52 -60.29 -28.02 86.52
CA ILE Q 52 -60.03 -27.96 85.09
C ILE Q 52 -58.90 -26.97 84.84
N PHE Q 53 -57.90 -27.41 84.08
CA PHE Q 53 -56.74 -26.58 83.76
C PHE Q 53 -56.90 -26.00 82.36
N GLY Q 54 -56.54 -24.73 82.21
CA GLY Q 54 -56.64 -24.06 80.92
C GLY Q 54 -55.50 -23.10 80.71
N ASP Q 55 -55.21 -22.84 79.43
CA ASP Q 55 -54.12 -21.94 79.07
C ASP Q 55 -54.38 -21.40 77.68
N GLY Q 56 -53.67 -20.33 77.34
CA GLY Q 56 -53.82 -19.70 76.05
C GLY Q 56 -53.13 -18.36 76.02
N VAL Q 57 -53.40 -17.60 74.96
CA VAL Q 57 -52.86 -16.27 74.77
C VAL Q 57 -53.90 -15.25 75.19
N LEU Q 58 -53.51 -14.31 76.05
CA LEU Q 58 -54.42 -13.34 76.62
C LEU Q 58 -54.45 -12.08 75.75
N GLU Q 59 -55.65 -11.58 75.49
CA GLU Q 59 -55.87 -10.33 74.79
C GLU Q 59 -56.84 -9.47 75.59
N ILE Q 60 -56.73 -8.16 75.44
CA ILE Q 60 -57.58 -7.21 76.15
C ILE Q 60 -58.43 -6.45 75.15
N LEU Q 61 -59.75 -6.45 75.38
CA LEU Q 61 -60.68 -5.73 74.51
C LEU Q 61 -60.70 -4.25 74.88
N GLN Q 62 -61.44 -3.47 74.09
CA GLN Q 62 -61.52 -2.03 74.33
C GLN Q 62 -62.38 -1.70 75.54
N ASP Q 63 -63.35 -2.54 75.88
CA ASP Q 63 -64.19 -2.27 77.05
C ASP Q 63 -63.37 -2.35 78.34
N GLY Q 64 -62.44 -3.29 78.43
CA GLY Q 64 -61.64 -3.45 79.62
C GLY Q 64 -61.42 -4.89 80.01
N PHE Q 65 -62.41 -5.74 79.75
CA PHE Q 65 -62.25 -7.17 80.00
C PHE Q 65 -61.54 -7.84 78.83
N GLY Q 66 -61.03 -9.04 79.09
CA GLY Q 66 -60.27 -9.77 78.11
C GLY Q 66 -60.70 -11.23 78.04
N PHE Q 67 -60.17 -11.92 77.03
CA PHE Q 67 -60.39 -13.34 76.83
C PHE Q 67 -59.06 -14.04 76.56
N LEU Q 68 -59.00 -15.32 76.91
CA LEU Q 68 -57.80 -16.13 76.76
C LEU Q 68 -57.94 -16.94 75.49
N ARG Q 69 -57.50 -16.38 74.37
CA ARG Q 69 -57.60 -17.05 73.09
C ARG Q 69 -56.62 -18.23 73.01
N SER Q 70 -56.95 -19.19 72.17
CA SER Q 70 -56.14 -20.39 71.96
C SER Q 70 -55.49 -20.32 70.59
N ALA Q 71 -54.18 -20.60 70.53
CA ALA Q 71 -53.46 -20.56 69.26
C ALA Q 71 -53.82 -21.72 68.35
N ASP Q 72 -54.41 -22.79 68.90
CA ASP Q 72 -54.79 -23.93 68.07
C ASP Q 72 -55.86 -23.56 67.04
N SER Q 73 -56.83 -22.75 67.43
CA SER Q 73 -57.90 -22.32 66.54
C SER Q 73 -57.58 -21.00 65.83
N SER Q 74 -56.30 -20.67 65.68
CA SER Q 74 -55.86 -19.43 65.04
C SER Q 74 -56.45 -18.20 65.73
N TYR Q 75 -56.54 -18.27 67.06
CA TYR Q 75 -57.05 -17.17 67.88
C TYR Q 75 -58.45 -16.74 67.44
N LEU Q 76 -59.30 -17.73 67.14
CA LEU Q 76 -60.68 -17.47 66.73
C LEU Q 76 -61.59 -17.46 67.96
N ALA Q 77 -62.49 -16.48 67.99
CA ALA Q 77 -63.44 -16.38 69.10
C ALA Q 77 -64.35 -17.60 69.13
N GLY Q 78 -64.54 -18.16 70.33
CA GLY Q 78 -65.37 -19.33 70.50
C GLY Q 78 -65.94 -19.43 71.90
N PRO Q 79 -66.94 -20.30 72.07
CA PRO Q 79 -67.54 -20.48 73.41
C PRO Q 79 -66.58 -21.02 74.44
N ASP Q 80 -65.50 -21.68 74.02
CA ASP Q 80 -64.54 -22.28 74.95
C ASP Q 80 -63.46 -21.31 75.40
N ASP Q 81 -63.50 -20.06 74.95
CA ASP Q 81 -62.52 -19.07 75.38
C ASP Q 81 -62.69 -18.75 76.86
N ILE Q 82 -61.58 -18.56 77.54
CA ILE Q 82 -61.56 -18.30 78.97
C ILE Q 82 -61.68 -16.79 79.20
N TYR Q 83 -62.66 -16.40 80.01
CA TYR Q 83 -62.89 -15.00 80.35
C TYR Q 83 -62.15 -14.64 81.62
N VAL Q 84 -61.54 -13.45 81.61
CA VAL Q 84 -60.79 -12.93 82.75
C VAL Q 84 -61.39 -11.59 83.15
N SER Q 85 -61.63 -11.42 84.44
CA SER Q 85 -62.17 -10.16 84.94
C SER Q 85 -61.10 -9.07 84.91
N PRO Q 86 -61.50 -7.81 84.74
CA PRO Q 86 -60.52 -6.71 84.80
C PRO Q 86 -59.81 -6.60 86.13
N SER Q 87 -60.40 -7.11 87.21
CA SER Q 87 -59.76 -7.04 88.52
C SER Q 87 -58.46 -7.84 88.54
N GLN Q 88 -58.45 -9.01 87.89
CA GLN Q 88 -57.23 -9.82 87.86
C GLN Q 88 -56.12 -9.11 87.09
N ILE Q 89 -56.49 -8.22 86.16
CA ILE Q 89 -55.49 -7.47 85.40
C ILE Q 89 -54.70 -6.54 86.31
N ARG Q 90 -55.37 -5.90 87.27
CA ARG Q 90 -54.67 -5.04 88.21
C ARG Q 90 -53.72 -5.83 89.10
N ARG Q 91 -54.15 -7.01 89.56
CA ARG Q 91 -53.30 -7.83 90.40
C ARG Q 91 -52.05 -8.26 89.66
N PHE Q 92 -52.18 -8.67 88.40
CA PHE Q 92 -51.06 -9.10 87.60
C PHE Q 92 -51.02 -8.33 86.28
N ASN Q 93 -50.01 -7.48 86.12
CA ASN Q 93 -49.87 -6.66 84.93
C ASN Q 93 -49.80 -7.53 83.68
N LEU Q 94 -50.89 -7.54 82.91
CA LEU Q 94 -50.99 -8.31 81.69
C LEU Q 94 -51.38 -7.42 80.53
N ARG Q 95 -50.79 -7.69 79.37
CA ARG Q 95 -51.13 -7.00 78.13
C ARG Q 95 -51.39 -8.04 77.05
N THR Q 96 -51.86 -7.58 75.89
CA THR Q 96 -52.14 -8.49 74.78
C THR Q 96 -50.88 -9.21 74.35
N GLY Q 97 -51.00 -10.53 74.18
CA GLY Q 97 -49.91 -11.35 73.66
C GLY Q 97 -49.36 -12.38 74.64
N ASP Q 98 -49.39 -12.08 75.93
CA ASP Q 98 -48.77 -12.96 76.92
C ASP Q 98 -49.57 -14.24 77.09
N THR Q 99 -48.89 -15.29 77.54
CA THR Q 99 -49.53 -16.58 77.77
C THR Q 99 -49.88 -16.71 79.25
N ILE Q 100 -51.14 -17.07 79.52
CA ILE Q 100 -51.64 -17.23 80.88
C ILE Q 100 -52.13 -18.67 81.04
N SER Q 101 -51.65 -19.35 82.09
CA SER Q 101 -52.03 -20.72 82.37
C SER Q 101 -52.45 -20.83 83.84
N GLY Q 102 -53.57 -21.52 84.07
CA GLY Q 102 -54.04 -21.71 85.43
C GLY Q 102 -55.38 -22.41 85.44
N LYS Q 103 -55.91 -22.57 86.65
CA LYS Q 103 -57.20 -23.22 86.83
C LYS Q 103 -58.33 -22.31 86.39
N ILE Q 104 -59.38 -22.92 85.84
CA ILE Q 104 -60.57 -22.21 85.39
C ILE Q 104 -61.79 -22.79 86.08
N ARG Q 105 -62.67 -21.90 86.58
CA ARG Q 105 -63.86 -22.32 87.28
C ARG Q 105 -65.02 -22.52 86.31
N PRO Q 106 -65.98 -23.37 86.65
CA PRO Q 106 -67.16 -23.54 85.80
C PRO Q 106 -67.93 -22.23 85.68
N PRO Q 107 -68.47 -21.94 84.51
CA PRO Q 107 -69.24 -20.70 84.33
C PRO Q 107 -70.59 -20.79 85.04
N LYS Q 108 -70.89 -19.77 85.85
CA LYS Q 108 -72.16 -19.73 86.54
C LYS Q 108 -73.28 -19.35 85.58
N GLU Q 109 -74.50 -19.30 86.10
CA GLU Q 109 -75.64 -18.91 85.29
C GLU Q 109 -75.53 -17.43 84.88
N GLY Q 110 -75.87 -17.14 83.64
CA GLY Q 110 -75.80 -15.79 83.13
C GLY Q 110 -74.55 -15.49 82.31
N GLU Q 111 -73.52 -16.31 82.42
CA GLU Q 111 -72.30 -16.14 81.64
C GLU Q 111 -72.07 -17.35 80.75
N ARG Q 112 -71.52 -17.10 79.56
CA ARG Q 112 -71.31 -18.14 78.56
C ARG Q 112 -69.85 -18.52 78.40
N TYR Q 113 -68.96 -18.01 79.26
CA TYR Q 113 -67.54 -18.26 79.13
C TYR Q 113 -66.96 -18.67 80.47
N PHE Q 114 -65.94 -19.53 80.43
CA PHE Q 114 -65.24 -19.93 81.64
C PHE Q 114 -64.45 -18.76 82.21
N ALA Q 115 -64.31 -18.76 83.53
CA ALA Q 115 -63.58 -17.71 84.24
C ALA Q 115 -62.33 -18.27 84.88
N LEU Q 116 -61.25 -17.51 84.82
CA LEU Q 116 -59.99 -17.93 85.42
C LEU Q 116 -60.05 -17.82 86.93
N LEU Q 117 -59.69 -18.90 87.62
CA LEU Q 117 -59.72 -18.90 89.09
C LEU Q 117 -58.38 -18.47 89.68
N LYS Q 118 -57.31 -19.19 89.36
CA LYS Q 118 -55.98 -18.88 89.85
C LYS Q 118 -54.96 -19.10 88.75
N VAL Q 119 -54.05 -18.14 88.56
CA VAL Q 119 -53.01 -18.23 87.56
C VAL Q 119 -51.71 -18.60 88.25
N ASN Q 120 -51.05 -19.66 87.75
CA ASN Q 120 -49.81 -20.15 88.34
C ASN Q 120 -48.66 -20.18 87.34
N GLU Q 121 -48.86 -19.68 86.11
CA GLU Q 121 -47.81 -19.72 85.10
C GLU Q 121 -48.06 -18.60 84.11
N VAL Q 122 -47.13 -17.65 84.03
CA VAL Q 122 -47.23 -16.52 83.10
C VAL Q 122 -45.98 -16.52 82.23
N ASN Q 123 -46.19 -16.63 80.92
CA ASN Q 123 -45.10 -16.65 79.94
C ASN Q 123 -44.06 -17.72 80.29
N PHE Q 124 -44.55 -18.90 80.66
CA PHE Q 124 -43.70 -20.02 81.08
C PHE Q 124 -42.77 -19.61 82.22
N ASP Q 125 -43.30 -18.83 83.16
CA ASP Q 125 -42.52 -18.32 84.28
C ASP Q 125 -43.47 -18.00 85.42
N LYS Q 126 -42.88 -17.80 86.61
CA LYS Q 126 -43.66 -17.45 87.78
C LYS Q 126 -44.32 -16.08 87.55
N PRO Q 127 -45.59 -15.92 87.93
CA PRO Q 127 -46.26 -14.63 87.69
C PRO Q 127 -45.58 -13.45 88.37
N GLU Q 128 -45.00 -13.66 89.55
CA GLU Q 128 -44.30 -12.56 90.23
C GLU Q 128 -43.08 -12.12 89.43
N ASN Q 129 -42.34 -13.06 88.86
CA ASN Q 129 -41.16 -12.70 88.07
C ASN Q 129 -41.54 -11.98 86.78
N ALA Q 130 -42.67 -12.36 86.17
CA ALA Q 130 -43.10 -11.71 84.94
C ALA Q 130 -43.47 -10.25 85.17
N ARG Q 131 -43.85 -9.89 86.39
CA ARG Q 131 -44.22 -8.51 86.70
C ARG Q 131 -43.03 -7.56 86.64
N ASN Q 132 -41.81 -8.06 86.77
CA ASN Q 132 -40.61 -7.23 86.77
C ASN Q 132 -39.92 -7.20 85.42
N LYS Q 133 -40.51 -7.77 84.39
CA LYS Q 133 -39.90 -7.80 83.08
C LYS Q 133 -39.86 -6.41 82.45
N ILE Q 134 -38.86 -6.09 81.63
CA ILE Q 134 -38.86 -4.70 81.07
C ILE Q 134 -39.64 -4.70 79.76
N LEU Q 135 -40.36 -3.62 79.44
CA LEU Q 135 -41.23 -3.59 78.24
C LEU Q 135 -40.37 -3.66 76.97
N PHE Q 136 -40.91 -4.22 75.88
CA PHE Q 136 -40.14 -4.39 74.63
C PHE Q 136 -39.75 -3.03 74.06
N GLU Q 137 -40.58 -2.02 74.25
CA GLU Q 137 -40.28 -0.75 73.60
C GLU Q 137 -39.10 -0.03 74.24
N ASN Q 138 -38.79 -0.33 75.51
CA ASN Q 138 -37.65 0.28 76.18
C ASN Q 138 -36.32 -0.37 75.82
N LEU Q 139 -36.35 -1.53 75.19
CA LEU Q 139 -35.11 -2.23 74.82
C LEU Q 139 -34.42 -1.52 73.67
N THR Q 140 -33.08 -1.58 73.67
CA THR Q 140 -32.29 -0.92 72.64
C THR Q 140 -31.99 -1.89 71.52
N PRO Q 141 -32.47 -1.66 70.30
CA PRO Q 141 -32.17 -2.56 69.18
C PRO Q 141 -30.73 -2.43 68.72
N LEU Q 142 -30.24 -3.50 68.11
CA LEU Q 142 -28.90 -3.54 67.55
C LEU Q 142 -28.93 -4.32 66.24
N HIS Q 143 -27.81 -4.28 65.52
CA HIS Q 143 -27.70 -5.03 64.28
C HIS Q 143 -27.54 -6.53 64.57
N ALA Q 144 -27.90 -7.33 63.59
CA ALA Q 144 -27.82 -8.79 63.73
C ALA Q 144 -26.36 -9.23 63.85
N ASN Q 145 -26.11 -10.16 64.78
CA ASN Q 145 -24.77 -10.68 64.99
C ASN Q 145 -24.72 -12.19 65.16
N SER Q 146 -25.86 -12.88 65.28
CA SER Q 146 -25.89 -14.32 65.46
C SER Q 146 -26.22 -14.97 64.12
N ARG Q 147 -25.25 -15.65 63.53
CA ARG Q 147 -25.44 -16.27 62.23
C ARG Q 147 -26.33 -17.50 62.34
N LEU Q 148 -27.33 -17.58 61.47
CA LEU Q 148 -28.25 -18.71 61.40
C LEU Q 148 -27.89 -19.55 60.18
N ARG Q 149 -27.35 -20.74 60.41
CA ARG Q 149 -26.93 -21.63 59.33
C ARG Q 149 -28.16 -22.22 58.66
N MET Q 150 -28.52 -21.69 57.49
CA MET Q 150 -29.69 -22.18 56.78
C MET Q 150 -29.42 -23.46 56.00
N GLU Q 151 -28.15 -23.82 55.80
CA GLU Q 151 -27.79 -25.02 55.06
C GLU Q 151 -27.96 -26.26 55.92
N ARG Q 152 -28.54 -27.30 55.32
CA ARG Q 152 -28.74 -28.58 56.00
C ARG Q 152 -27.85 -29.62 55.34
N GLY Q 153 -27.02 -30.28 56.15
CA GLY Q 153 -26.09 -31.27 55.64
C GLY Q 153 -26.59 -32.69 55.71
N ASN Q 154 -27.26 -33.03 56.82
CA ASN Q 154 -27.74 -34.40 57.01
C ASN Q 154 -28.79 -34.79 56.00
N ASP Q 155 -29.69 -33.86 55.64
CA ASP Q 155 -30.74 -34.18 54.69
C ASP Q 155 -30.17 -34.49 53.31
N SER Q 156 -29.26 -33.64 52.83
CA SER Q 156 -28.62 -33.82 51.53
C SER Q 156 -29.64 -33.98 50.41
N THR Q 157 -30.72 -33.19 50.49
CA THR Q 157 -31.78 -33.28 49.51
C THR Q 157 -31.34 -32.69 48.16
N GLU Q 158 -32.09 -33.03 47.12
CA GLU Q 158 -31.77 -32.53 45.78
C GLU Q 158 -32.04 -31.04 45.65
N ASP Q 159 -32.85 -30.46 46.54
CA ASP Q 159 -33.13 -29.03 46.48
C ASP Q 159 -31.92 -28.25 46.99
N LEU Q 160 -31.50 -27.24 46.22
CA LEU Q 160 -30.38 -26.40 46.57
C LEU Q 160 -30.81 -25.05 47.11
N THR Q 161 -32.08 -24.89 47.47
CA THR Q 161 -32.57 -23.59 47.94
C THR Q 161 -31.86 -23.15 49.21
N ALA Q 162 -31.65 -24.08 50.15
CA ALA Q 162 -30.96 -23.74 51.39
C ALA Q 162 -29.53 -23.30 51.14
N ARG Q 163 -28.83 -24.01 50.24
CA ARG Q 163 -27.46 -23.65 49.93
C ARG Q 163 -27.37 -22.30 49.23
N VAL Q 164 -28.29 -22.04 48.30
CA VAL Q 164 -28.27 -20.77 47.56
C VAL Q 164 -28.62 -19.60 48.48
N LEU Q 165 -29.55 -19.82 49.41
CA LEU Q 165 -29.99 -18.74 50.29
C LEU Q 165 -28.84 -18.19 51.14
N ASP Q 166 -28.00 -19.09 51.68
CA ASP Q 166 -26.85 -18.65 52.45
C ASP Q 166 -25.88 -17.85 51.59
N LEU Q 167 -25.62 -18.31 50.38
CA LEU Q 167 -24.69 -17.60 49.50
C LEU Q 167 -25.27 -16.27 49.03
N ALA Q 168 -26.54 -16.27 48.65
CA ALA Q 168 -27.16 -15.04 48.13
C ALA Q 168 -27.30 -13.99 49.23
N SER Q 169 -27.85 -14.38 50.37
CA SER Q 169 -28.09 -13.43 51.46
C SER Q 169 -28.16 -14.15 52.79
N PRO Q 170 -27.11 -14.09 53.61
CA PRO Q 170 -27.15 -14.74 54.93
C PRO Q 170 -28.23 -14.11 55.81
N ILE Q 171 -28.85 -14.94 56.65
CA ILE Q 171 -29.92 -14.52 57.53
C ILE Q 171 -29.46 -14.74 58.97
N GLY Q 172 -29.60 -13.69 59.79
CA GLY Q 172 -29.24 -13.76 61.19
C GLY Q 172 -30.44 -13.54 62.09
N ARG Q 173 -30.16 -13.55 63.40
CA ARG Q 173 -31.19 -13.31 64.40
C ARG Q 173 -31.50 -11.82 64.48
N GLY Q 174 -32.79 -11.49 64.51
CA GLY Q 174 -33.21 -10.11 64.56
C GLY Q 174 -33.25 -9.39 63.23
N GLN Q 175 -33.15 -10.12 62.13
CA GLN Q 175 -33.21 -9.50 60.81
C GLN Q 175 -34.62 -9.01 60.49
N ARG Q 176 -34.69 -7.96 59.68
CA ARG Q 176 -35.95 -7.38 59.24
C ARG Q 176 -36.06 -7.46 57.72
N GLY Q 177 -35.68 -8.61 57.15
CA GLY Q 177 -35.67 -8.75 55.72
C GLY Q 177 -37.05 -8.97 55.14
N LEU Q 178 -37.17 -8.77 53.83
CA LEU Q 178 -38.39 -9.00 53.09
C LEU Q 178 -38.05 -9.75 51.81
N ILE Q 179 -39.05 -10.47 51.29
CA ILE Q 179 -38.89 -11.27 50.09
C ILE Q 179 -39.78 -10.67 49.00
N VAL Q 180 -39.18 -10.34 47.87
CA VAL Q 180 -39.91 -9.83 46.70
C VAL Q 180 -40.14 -11.01 45.77
N ALA Q 181 -41.39 -11.48 45.72
CA ALA Q 181 -41.73 -12.70 44.98
C ALA Q 181 -42.88 -12.42 44.02
N PRO Q 182 -42.66 -12.51 42.71
CA PRO Q 182 -43.77 -12.42 41.76
C PRO Q 182 -44.67 -13.64 41.88
N PRO Q 183 -45.92 -13.55 41.41
CA PRO Q 183 -46.81 -14.71 41.48
C PRO Q 183 -46.27 -15.88 40.67
N LYS Q 184 -46.54 -17.09 41.18
CA LYS Q 184 -46.09 -18.33 40.56
C LYS Q 184 -44.57 -18.36 40.40
N ALA Q 185 -43.86 -18.02 41.48
CA ALA Q 185 -42.41 -18.04 41.48
C ALA Q 185 -41.86 -18.87 42.64
N GLY Q 186 -42.61 -19.85 43.12
CA GLY Q 186 -42.17 -20.68 44.22
C GLY Q 186 -42.03 -19.93 45.54
N LYS Q 187 -42.92 -18.98 45.82
CA LYS Q 187 -42.85 -18.24 47.07
C LYS Q 187 -43.24 -19.11 48.26
N THR Q 188 -44.28 -19.93 48.09
CA THR Q 188 -44.75 -20.77 49.20
C THR Q 188 -43.70 -21.79 49.62
N MET Q 189 -43.07 -22.46 48.64
CA MET Q 189 -42.07 -23.46 48.97
C MET Q 189 -40.80 -22.82 49.52
N LEU Q 190 -40.55 -21.56 49.16
CA LEU Q 190 -39.39 -20.86 49.69
C LEU Q 190 -39.47 -20.71 51.21
N LEU Q 191 -40.65 -20.35 51.71
CA LEU Q 191 -40.83 -20.22 53.16
C LEU Q 191 -40.78 -21.58 53.85
N GLN Q 192 -41.32 -22.61 53.19
CA GLN Q 192 -41.33 -23.94 53.79
C GLN Q 192 -39.92 -24.48 53.98
N ASN Q 193 -39.04 -24.28 52.99
CA ASN Q 193 -37.67 -24.73 53.10
C ASN Q 193 -36.94 -24.02 54.23
N ILE Q 194 -37.17 -22.71 54.38
CA ILE Q 194 -36.56 -21.97 55.48
C ILE Q 194 -37.04 -22.50 56.82
N ALA Q 195 -38.34 -22.80 56.93
CA ALA Q 195 -38.89 -23.30 58.17
C ALA Q 195 -38.27 -24.64 58.57
N GLN Q 196 -38.01 -25.51 57.58
CA GLN Q 196 -37.40 -26.81 57.88
C GLN Q 196 -36.01 -26.63 58.48
N SER Q 197 -35.21 -25.72 57.92
CA SER Q 197 -33.86 -25.51 58.43
C SER Q 197 -33.88 -24.90 59.83
N ILE Q 198 -34.80 -23.96 60.07
CA ILE Q 198 -34.88 -23.33 61.39
C ILE Q 198 -35.27 -24.35 62.45
N ALA Q 199 -36.26 -25.20 62.15
CA ALA Q 199 -36.68 -26.23 63.09
C ALA Q 199 -35.62 -27.30 63.28
N TYR Q 200 -34.65 -27.41 62.37
CA TYR Q 200 -33.60 -28.41 62.44
C TYR Q 200 -32.29 -27.85 63.01
N ASN Q 201 -31.79 -26.76 62.43
CA ASN Q 201 -30.51 -26.21 62.85
C ASN Q 201 -30.61 -25.51 64.20
N HIS Q 202 -31.73 -24.84 64.47
CA HIS Q 202 -31.93 -24.09 65.72
C HIS Q 202 -33.25 -24.49 66.35
N PRO Q 203 -33.31 -25.68 66.95
CA PRO Q 203 -34.55 -26.10 67.63
C PRO Q 203 -34.93 -25.19 68.80
N ASP Q 204 -33.95 -24.55 69.44
CA ASP Q 204 -34.24 -23.70 70.59
C ASP Q 204 -35.04 -22.47 70.18
N CYS Q 205 -34.76 -21.91 69.01
CA CYS Q 205 -35.46 -20.72 68.56
C CYS Q 205 -36.94 -21.02 68.31
N VAL Q 206 -37.79 -20.11 68.74
CA VAL Q 206 -39.23 -20.26 68.55
C VAL Q 206 -39.59 -19.80 67.14
N LEU Q 207 -40.27 -20.67 66.39
CA LEU Q 207 -40.65 -20.39 65.02
C LEU Q 207 -42.17 -20.21 64.96
N MET Q 208 -42.61 -19.08 64.43
CA MET Q 208 -44.02 -18.77 64.27
C MET Q 208 -44.29 -18.40 62.82
N VAL Q 209 -45.33 -18.98 62.24
CA VAL Q 209 -45.70 -18.76 60.84
C VAL Q 209 -47.08 -18.12 60.81
N LEU Q 210 -47.17 -16.97 60.15
CA LEU Q 210 -48.43 -16.25 60.00
C LEU Q 210 -48.76 -16.12 58.51
N LEU Q 211 -49.97 -16.53 58.14
CA LEU Q 211 -50.42 -16.49 56.76
C LEU Q 211 -51.72 -15.70 56.68
N ILE Q 212 -51.81 -14.84 55.66
CA ILE Q 212 -52.95 -13.96 55.46
C ILE Q 212 -53.56 -14.27 54.09
N ASP Q 213 -54.89 -14.44 54.07
CA ASP Q 213 -55.64 -14.66 52.83
C ASP Q 213 -55.14 -15.88 52.06
N GLU Q 214 -54.87 -16.97 52.79
CA GLU Q 214 -54.41 -18.21 52.19
C GLU Q 214 -55.56 -19.22 52.12
N ARG Q 215 -55.48 -20.11 51.15
CA ARG Q 215 -56.51 -21.12 50.96
C ARG Q 215 -56.48 -22.12 52.12
N PRO Q 216 -57.64 -22.69 52.47
CA PRO Q 216 -57.67 -23.64 53.59
C PRO Q 216 -56.75 -24.85 53.42
N GLU Q 217 -56.63 -25.36 52.19
CA GLU Q 217 -55.74 -26.50 51.97
C GLU Q 217 -54.28 -26.09 52.11
N GLU Q 218 -53.96 -24.84 51.79
CA GLU Q 218 -52.59 -24.36 51.95
C GLU Q 218 -52.21 -24.24 53.43
N VAL Q 219 -53.17 -23.86 54.28
CA VAL Q 219 -52.90 -23.75 55.71
C VAL Q 219 -52.63 -25.12 56.32
N THR Q 220 -53.42 -26.13 55.92
CA THR Q 220 -53.25 -27.47 56.46
C THR Q 220 -51.88 -28.05 56.09
N GLU Q 221 -51.45 -27.85 54.85
CA GLU Q 221 -50.14 -28.35 54.44
C GLU Q 221 -49.02 -27.67 55.23
N MET Q 222 -49.16 -26.37 55.49
CA MET Q 222 -48.15 -25.64 56.23
C MET Q 222 -48.00 -26.19 57.66
N GLN Q 223 -49.12 -26.50 58.30
CA GLN Q 223 -49.07 -27.03 59.66
C GLN Q 223 -48.37 -28.39 59.70
N ARG Q 224 -48.67 -29.25 58.72
CA ARG Q 224 -48.05 -30.57 58.69
C ARG Q 224 -46.55 -30.49 58.41
N LEU Q 225 -46.12 -29.53 57.57
CA LEU Q 225 -44.72 -29.46 57.17
C LEU Q 225 -43.89 -28.71 58.20
N VAL Q 226 -44.38 -27.57 58.69
CA VAL Q 226 -43.62 -26.75 59.61
C VAL Q 226 -43.72 -27.34 61.02
N LYS Q 227 -42.56 -27.56 61.65
CA LYS Q 227 -42.50 -28.09 63.01
C LYS Q 227 -42.48 -26.91 63.98
N GLY Q 228 -43.64 -26.32 64.19
CA GLY Q 228 -43.75 -25.19 65.07
C GLY Q 228 -45.17 -24.71 65.19
N GLU Q 229 -45.33 -23.47 65.65
CA GLU Q 229 -46.64 -22.87 65.82
C GLU Q 229 -47.03 -22.15 64.52
N VAL Q 230 -48.13 -22.59 63.91
CA VAL Q 230 -48.61 -22.02 62.65
C VAL Q 230 -50.02 -21.49 62.89
N VAL Q 231 -50.23 -20.23 62.57
CA VAL Q 231 -51.53 -19.59 62.66
C VAL Q 231 -51.80 -18.87 61.35
N ALA Q 232 -53.03 -18.97 60.84
CA ALA Q 232 -53.37 -18.40 59.56
C ALA Q 232 -54.85 -18.00 59.54
N SER Q 233 -55.18 -17.11 58.61
CA SER Q 233 -56.56 -16.66 58.41
C SER Q 233 -56.94 -16.89 56.97
N THR Q 234 -58.08 -17.53 56.75
CA THR Q 234 -58.54 -17.85 55.41
C THR Q 234 -59.13 -16.60 54.74
N PHE Q 235 -59.27 -16.68 53.41
CA PHE Q 235 -59.77 -15.55 52.65
C PHE Q 235 -61.24 -15.25 52.96
N ASP Q 236 -62.04 -16.28 53.24
CA ASP Q 236 -63.46 -16.07 53.50
C ASP Q 236 -63.70 -15.30 54.79
N GLU Q 237 -62.75 -15.31 55.72
CA GLU Q 237 -62.90 -14.55 56.94
C GLU Q 237 -62.83 -13.04 56.65
N PRO Q 238 -63.50 -12.23 57.46
CA PRO Q 238 -63.51 -10.78 57.20
C PRO Q 238 -62.14 -10.14 57.39
N ALA Q 239 -62.00 -8.95 56.83
CA ALA Q 239 -60.73 -8.22 56.93
C ALA Q 239 -60.39 -7.88 58.37
N SER Q 240 -61.41 -7.69 59.22
CA SER Q 240 -61.15 -7.43 60.63
C SER Q 240 -60.50 -8.63 61.32
N ARG Q 241 -60.84 -9.84 60.88
CA ARG Q 241 -60.20 -11.04 61.42
C ARG Q 241 -58.71 -11.06 61.10
N HIS Q 242 -58.34 -10.62 59.89
CA HIS Q 242 -56.93 -10.57 59.52
C HIS Q 242 -56.16 -9.60 60.41
N VAL Q 243 -56.76 -8.45 60.73
CA VAL Q 243 -56.11 -7.49 61.61
C VAL Q 243 -55.97 -8.06 63.02
N GLN Q 244 -57.02 -8.74 63.50
CA GLN Q 244 -56.99 -9.26 64.87
C GLN Q 244 -55.89 -10.30 65.05
N VAL Q 245 -55.73 -11.21 64.08
CA VAL Q 245 -54.69 -12.22 64.20
C VAL Q 245 -53.30 -11.64 63.99
N ALA Q 246 -53.16 -10.62 63.15
CA ALA Q 246 -51.85 -10.04 62.90
C ALA Q 246 -51.28 -9.39 64.15
N GLU Q 247 -52.12 -8.65 64.89
CA GLU Q 247 -51.66 -8.03 66.14
C GLU Q 247 -51.41 -9.09 67.20
N MET Q 248 -52.13 -10.22 67.16
CA MET Q 248 -51.94 -11.26 68.15
C MET Q 248 -50.55 -11.88 68.05
N VAL Q 249 -50.07 -12.10 66.82
CA VAL Q 249 -48.77 -12.76 66.64
C VAL Q 249 -47.63 -11.87 67.14
N ILE Q 250 -47.66 -10.59 66.76
CA ILE Q 250 -46.56 -9.69 67.11
C ILE Q 250 -46.55 -9.41 68.62
N GLU Q 251 -47.73 -9.23 69.21
CA GLU Q 251 -47.80 -8.99 70.66
C GLU Q 251 -47.30 -10.21 71.43
N LYS Q 252 -47.65 -11.42 70.97
CA LYS Q 252 -47.14 -12.62 71.61
C LYS Q 252 -45.62 -12.72 71.47
N ALA Q 253 -45.09 -12.36 70.30
CA ALA Q 253 -43.65 -12.42 70.09
C ALA Q 253 -42.91 -11.44 70.99
N LYS Q 254 -43.46 -10.24 71.17
CA LYS Q 254 -42.80 -9.23 72.00
C LYS Q 254 -42.67 -9.70 73.44
N ARG Q 255 -43.73 -10.32 73.98
CA ARG Q 255 -43.67 -10.82 75.35
C ARG Q 255 -42.60 -11.91 75.50
N LEU Q 256 -42.49 -12.80 74.51
CA LEU Q 256 -41.46 -13.83 74.56
C LEU Q 256 -40.05 -13.25 74.47
N VAL Q 257 -39.88 -12.17 73.69
CA VAL Q 257 -38.57 -11.54 73.59
C VAL Q 257 -38.15 -10.95 74.92
N GLU Q 258 -39.10 -10.40 75.68
CA GLU Q 258 -38.78 -9.84 76.98
C GLU Q 258 -38.25 -10.88 77.96
N HIS Q 259 -38.54 -12.17 77.72
CA HIS Q 259 -38.05 -13.25 78.56
C HIS Q 259 -36.76 -13.88 78.04
N LYS Q 260 -35.94 -13.09 77.35
CA LYS Q 260 -34.64 -13.55 76.83
C LYS Q 260 -34.79 -14.73 75.88
N LYS Q 261 -35.81 -14.71 75.04
CA LYS Q 261 -36.06 -15.76 74.05
C LYS Q 261 -36.00 -15.18 72.64
N ASP Q 262 -35.65 -16.04 71.69
CA ASP Q 262 -35.54 -15.65 70.29
C ASP Q 262 -36.78 -16.14 69.54
N VAL Q 263 -37.44 -15.24 68.83
CA VAL Q 263 -38.66 -15.53 68.08
C VAL Q 263 -38.41 -15.20 66.62
N ILE Q 264 -38.77 -16.14 65.74
CA ILE Q 264 -38.65 -15.97 64.29
C ILE Q 264 -40.05 -16.02 63.71
N ILE Q 265 -40.43 -15.00 62.95
CA ILE Q 265 -41.76 -14.87 62.38
C ILE Q 265 -41.64 -14.88 60.86
N LEU Q 266 -42.39 -15.79 60.22
CA LEU Q 266 -42.48 -15.85 58.76
C LEU Q 266 -43.78 -15.21 58.34
N LEU Q 267 -43.70 -14.02 57.76
CA LEU Q 267 -44.87 -13.23 57.40
C LEU Q 267 -45.21 -13.44 55.93
N ASP Q 268 -46.50 -13.64 55.65
CA ASP Q 268 -46.99 -13.80 54.28
C ASP Q 268 -48.46 -13.39 54.27
N SER Q 269 -48.75 -12.23 53.69
CA SER Q 269 -47.80 -11.33 53.06
C SER Q 269 -48.04 -9.89 53.50
N ILE Q 270 -47.02 -9.04 53.35
CA ILE Q 270 -47.16 -7.63 53.69
C ILE Q 270 -48.22 -6.97 52.82
N THR Q 271 -48.22 -7.28 51.52
CA THR Q 271 -49.23 -6.72 50.63
C THR Q 271 -50.63 -7.18 51.05
N ARG Q 272 -50.77 -8.47 51.38
CA ARG Q 272 -52.06 -8.95 51.88
C ARG Q 272 -52.39 -8.34 53.24
N LEU Q 273 -51.39 -8.21 54.11
CA LEU Q 273 -51.62 -7.60 55.42
C LEU Q 273 -52.02 -6.13 55.28
N ALA Q 274 -51.34 -5.39 54.40
CA ALA Q 274 -51.70 -3.99 54.18
C ALA Q 274 -53.07 -3.87 53.53
N ARG Q 275 -53.49 -4.89 52.77
CA ARG Q 275 -54.81 -4.86 52.16
C ARG Q 275 -55.92 -4.84 53.21
N ALA Q 276 -55.78 -5.69 54.24
CA ALA Q 276 -56.78 -5.71 55.30
C ALA Q 276 -56.71 -4.46 56.16
N TYR Q 277 -55.50 -3.97 56.44
CA TYR Q 277 -55.35 -2.78 57.29
C TYR Q 277 -55.99 -1.56 56.64
N ASN Q 278 -55.84 -1.41 55.32
CA ASN Q 278 -56.42 -0.25 54.64
C ASN Q 278 -57.95 -0.25 54.73
N THR Q 279 -58.57 -1.42 54.60
CA THR Q 279 -60.03 -1.49 54.64
C THR Q 279 -60.56 -1.24 56.04
N VAL Q 280 -59.89 -1.78 57.06
CA VAL Q 280 -60.39 -1.68 58.43
C VAL Q 280 -60.36 -0.24 58.93
N VAL Q 281 -59.27 0.48 58.66
CA VAL Q 281 -59.13 1.85 59.18
C VAL Q 281 -60.18 2.74 58.53
N PRO Q 282 -60.90 3.57 59.30
CA PRO Q 282 -61.88 4.46 58.68
C PRO Q 282 -61.21 5.53 57.83
N ALA Q 283 -61.95 6.00 56.82
CA ALA Q 283 -61.43 7.02 55.93
C ALA Q 283 -61.27 8.35 56.67
N SER Q 284 -60.16 9.03 56.38
CA SER Q 284 -59.85 10.31 56.99
C SER Q 284 -60.34 11.49 56.14
N GLY Q 285 -61.04 11.22 55.04
CA GLY Q 285 -61.51 12.27 54.16
C GLY Q 285 -60.58 12.60 53.01
N LYS Q 286 -59.36 12.06 53.00
CA LYS Q 286 -58.40 12.28 51.94
C LYS Q 286 -57.93 10.94 51.41
N VAL Q 287 -57.95 10.78 50.08
CA VAL Q 287 -57.55 9.54 49.42
C VAL Q 287 -56.31 9.83 48.58
N LEU Q 288 -55.26 9.05 48.80
CA LEU Q 288 -54.03 9.19 48.05
C LEU Q 288 -54.08 8.31 46.80
N THR Q 289 -52.95 8.17 46.11
CA THR Q 289 -52.88 7.34 44.92
C THR Q 289 -53.08 5.87 45.28
N GLY Q 290 -53.87 5.18 44.46
CA GLY Q 290 -54.14 3.77 44.68
C GLY Q 290 -55.17 3.47 45.75
N GLY Q 291 -55.82 4.49 46.30
CA GLY Q 291 -56.83 4.27 47.31
C GLY Q 291 -56.29 3.87 48.66
N VAL Q 292 -55.02 4.16 48.94
CA VAL Q 292 -54.38 3.81 50.21
C VAL Q 292 -54.11 5.11 50.96
N ASP Q 293 -54.64 5.20 52.17
CA ASP Q 293 -54.42 6.36 53.01
C ASP Q 293 -53.04 6.32 53.65
N ALA Q 294 -52.52 7.50 54.01
CA ALA Q 294 -51.23 7.57 54.67
C ALA Q 294 -51.24 6.86 56.02
N ASN Q 295 -52.32 7.05 56.79
CA ASN Q 295 -52.44 6.38 58.08
C ASN Q 295 -52.75 4.90 57.94
N ALA Q 296 -53.27 4.47 56.79
CA ALA Q 296 -53.59 3.06 56.60
C ALA Q 296 -52.35 2.19 56.65
N LEU Q 297 -51.25 2.64 56.04
CA LEU Q 297 -50.00 1.89 56.01
C LEU Q 297 -49.15 2.11 57.25
N HIS Q 298 -49.60 2.95 58.18
CA HIS Q 298 -48.87 3.14 59.43
C HIS Q 298 -48.84 1.85 60.25
N ARG Q 299 -49.97 1.13 60.29
CA ARG Q 299 -50.03 -0.12 61.05
C ARG Q 299 -49.07 -1.18 60.53
N PRO Q 300 -48.99 -1.47 59.21
CA PRO Q 300 -47.98 -2.43 58.76
C PRO Q 300 -46.55 -2.02 59.07
N LYS Q 301 -46.27 -0.72 59.07
CA LYS Q 301 -44.92 -0.26 59.40
C LYS Q 301 -44.58 -0.60 60.85
N ARG Q 302 -45.53 -0.44 61.76
CA ARG Q 302 -45.30 -0.83 63.16
C ARG Q 302 -45.05 -2.32 63.28
N PHE Q 303 -45.84 -3.13 62.56
CA PHE Q 303 -45.69 -4.58 62.62
C PHE Q 303 -44.34 -5.01 62.04
N PHE Q 304 -43.97 -4.46 60.89
CA PHE Q 304 -42.75 -4.88 60.22
C PHE Q 304 -41.51 -4.36 60.94
N GLY Q 305 -41.57 -3.15 61.51
CA GLY Q 305 -40.41 -2.55 62.14
C GLY Q 305 -40.07 -3.11 63.50
N ALA Q 306 -40.91 -3.98 64.05
CA ALA Q 306 -40.67 -4.53 65.38
C ALA Q 306 -39.52 -5.52 65.42
N ALA Q 307 -39.01 -5.96 64.28
CA ALA Q 307 -37.90 -6.90 64.23
C ALA Q 307 -36.63 -6.22 64.73
N ARG Q 308 -36.22 -6.55 65.95
CA ARG Q 308 -35.07 -5.93 66.58
C ARG Q 308 -34.21 -6.99 67.24
N ASN Q 309 -32.92 -6.66 67.42
CA ASN Q 309 -31.97 -7.52 68.13
C ASN Q 309 -31.70 -6.86 69.48
N VAL Q 310 -32.21 -7.48 70.54
CA VAL Q 310 -32.12 -6.89 71.87
C VAL Q 310 -30.70 -7.03 72.40
N GLU Q 311 -30.13 -5.91 72.85
CA GLU Q 311 -28.80 -5.95 73.47
C GLU Q 311 -28.80 -6.74 74.77
N GLU Q 312 -29.85 -6.57 75.58
CA GLU Q 312 -29.91 -7.27 76.86
C GLU Q 312 -30.00 -8.78 76.66
N GLY Q 313 -30.77 -9.23 75.68
CA GLY Q 313 -30.93 -10.64 75.41
C GLY Q 313 -32.12 -10.96 74.55
N GLY Q 314 -31.98 -11.95 73.67
CA GLY Q 314 -33.04 -12.33 72.77
C GLY Q 314 -33.08 -11.47 71.52
N SER Q 315 -33.91 -11.90 70.57
CA SER Q 315 -34.06 -11.18 69.31
C SER Q 315 -35.39 -11.56 68.68
N LEU Q 316 -35.86 -10.70 67.78
CA LEU Q 316 -37.09 -10.92 67.03
C LEU Q 316 -36.77 -10.82 65.55
N THR Q 317 -36.87 -11.94 64.85
CA THR Q 317 -36.59 -12.02 63.42
C THR Q 317 -37.91 -12.11 62.67
N ILE Q 318 -38.10 -11.20 61.71
CA ILE Q 318 -39.33 -11.15 60.91
C ILE Q 318 -38.92 -11.27 59.44
N ILE Q 319 -39.46 -12.28 58.77
CA ILE Q 319 -39.24 -12.49 57.35
C ILE Q 319 -40.60 -12.40 56.65
N ALA Q 320 -40.70 -11.47 55.70
CA ALA Q 320 -41.94 -11.18 55.03
C ALA Q 320 -41.80 -11.37 53.53
N THR Q 321 -42.94 -11.45 52.85
CA THR Q 321 -42.99 -11.62 51.40
C THR Q 321 -43.75 -10.46 50.79
N ALA Q 322 -43.24 -9.96 49.66
CA ALA Q 322 -43.84 -8.84 48.94
C ALA Q 322 -44.26 -9.31 47.55
N LEU Q 323 -45.47 -8.96 47.14
CA LEU Q 323 -46.01 -9.35 45.85
C LEU Q 323 -45.88 -8.18 44.87
N ILE Q 324 -45.30 -8.46 43.70
CA ILE Q 324 -45.14 -7.46 42.65
C ILE Q 324 -45.63 -8.06 41.34
N ASP Q 325 -45.92 -7.17 40.39
CA ASP Q 325 -46.38 -7.56 39.05
C ASP Q 325 -47.64 -8.41 39.12
N THR Q 326 -48.54 -8.06 40.04
CA THR Q 326 -49.79 -8.78 40.21
C THR Q 326 -50.94 -8.16 39.43
N GLY Q 327 -50.68 -7.02 38.79
CA GLY Q 327 -51.76 -6.31 38.09
C GLY Q 327 -52.68 -5.60 39.05
N SER Q 328 -52.13 -4.92 40.06
CA SER Q 328 -52.97 -4.12 40.98
C SER Q 328 -52.14 -2.94 41.51
N LYS Q 329 -52.47 -1.73 41.09
CA LYS Q 329 -51.65 -0.57 41.50
C LYS Q 329 -51.60 -0.55 43.03
N MET Q 330 -52.77 -0.73 43.65
CA MET Q 330 -52.80 -0.66 45.13
C MET Q 330 -51.65 -1.50 45.65
N ASP Q 331 -51.28 -2.57 44.92
CA ASP Q 331 -50.23 -3.38 45.51
C ASP Q 331 -48.85 -2.82 45.22
N GLU Q 332 -48.68 -2.16 44.07
CA GLU Q 332 -47.39 -1.57 43.73
C GLU Q 332 -47.03 -0.44 44.69
N VAL Q 333 -48.01 0.38 45.08
CA VAL Q 333 -47.75 1.48 46.01
C VAL Q 333 -47.27 0.95 47.35
N ILE Q 334 -47.84 -0.17 47.80
CA ILE Q 334 -47.45 -0.75 49.07
C ILE Q 334 -45.99 -1.18 49.04
N TYR Q 335 -45.56 -1.77 47.92
CA TYR Q 335 -44.19 -2.24 47.80
C TYR Q 335 -43.19 -1.10 47.83
N GLU Q 336 -43.55 0.04 47.21
CA GLU Q 336 -42.62 1.16 47.12
C GLU Q 336 -42.28 1.73 48.49
N GLU Q 337 -43.26 1.83 49.38
CA GLU Q 337 -42.98 2.36 50.71
C GLU Q 337 -42.21 1.38 51.57
N PHE Q 338 -42.22 0.09 51.19
CA PHE Q 338 -41.53 -0.95 51.94
C PHE Q 338 -40.24 -1.41 51.25
N LYS Q 339 -39.59 -0.53 50.51
CA LYS Q 339 -38.34 -0.88 49.84
C LYS Q 339 -37.16 -0.78 50.79
N GLY Q 340 -36.88 0.43 51.27
CA GLY Q 340 -35.71 0.67 52.10
C GLY Q 340 -35.89 0.36 53.56
N THR Q 341 -36.96 -0.35 53.91
CA THR Q 341 -37.24 -0.60 55.34
C THR Q 341 -36.74 -2.00 55.73
N GLY Q 342 -35.73 -2.52 55.06
CA GLY Q 342 -35.33 -3.91 55.35
C GLY Q 342 -33.83 -4.06 55.58
N ASN Q 343 -33.42 -5.15 56.23
CA ASN Q 343 -31.98 -5.40 56.45
C ASN Q 343 -31.52 -6.44 55.41
N MET Q 344 -32.45 -7.20 54.84
CA MET Q 344 -32.10 -8.20 53.80
C MET Q 344 -33.15 -8.17 52.69
N GLU Q 345 -32.79 -8.59 51.48
CA GLU Q 345 -33.80 -8.67 50.38
C GLU Q 345 -33.50 -9.90 49.52
N LEU Q 346 -34.54 -10.65 49.13
CA LEU Q 346 -34.35 -11.82 48.24
C LEU Q 346 -35.32 -11.67 47.06
N HIS Q 347 -34.99 -10.83 46.10
CA HIS Q 347 -35.85 -10.56 44.95
C HIS Q 347 -35.92 -11.80 44.06
N LEU Q 348 -37.13 -12.26 43.78
CA LEU Q 348 -37.34 -13.40 42.91
C LEU Q 348 -37.70 -12.91 41.50
N SER Q 349 -37.41 -13.75 40.52
CA SER Q 349 -37.65 -13.41 39.11
C SER Q 349 -38.59 -14.45 38.50
N ARG Q 350 -39.65 -13.97 37.85
CA ARG Q 350 -40.59 -14.87 37.20
C ARG Q 350 -39.94 -15.56 36.00
N LYS Q 351 -39.08 -14.84 35.27
CA LYS Q 351 -38.45 -15.39 34.07
C LYS Q 351 -37.62 -16.62 34.40
N ILE Q 352 -36.90 -16.60 35.53
CA ILE Q 352 -36.11 -17.75 35.93
C ILE Q 352 -37.01 -18.95 36.20
N ALA Q 353 -38.15 -18.72 36.86
CA ALA Q 353 -39.10 -19.80 37.11
C ALA Q 353 -39.68 -20.35 35.81
N GLU Q 354 -39.81 -19.51 34.78
CA GLU Q 354 -40.31 -19.97 33.49
C GLU Q 354 -39.35 -20.95 32.81
N LYS Q 355 -38.08 -20.95 33.21
CA LYS Q 355 -37.09 -21.87 32.67
C LYS Q 355 -37.01 -23.17 33.44
N ARG Q 356 -37.90 -23.39 34.40
CA ARG Q 356 -37.92 -24.59 35.24
C ARG Q 356 -36.60 -24.75 35.98
N VAL Q 357 -36.04 -23.63 36.44
CA VAL Q 357 -34.83 -23.61 37.25
C VAL Q 357 -35.20 -23.04 38.61
N PHE Q 358 -34.90 -23.79 39.67
CA PHE Q 358 -35.27 -23.37 41.02
C PHE Q 358 -34.04 -23.46 41.94
N PRO Q 359 -33.93 -22.55 42.92
CA PRO Q 359 -34.86 -21.46 43.23
C PRO Q 359 -34.70 -20.26 42.30
N ALA Q 360 -35.80 -19.60 41.94
CA ALA Q 360 -35.75 -18.44 41.04
C ALA Q 360 -35.38 -17.21 41.86
N ILE Q 361 -34.09 -17.08 42.15
CA ILE Q 361 -33.57 -16.00 42.98
C ILE Q 361 -32.63 -15.14 42.14
N ASP Q 362 -32.85 -13.83 42.16
CA ASP Q 362 -31.97 -12.90 41.47
C ASP Q 362 -30.77 -12.62 42.36
N TYR Q 363 -29.64 -13.25 42.05
CA TYR Q 363 -28.45 -13.13 42.88
C TYR Q 363 -27.93 -11.69 42.88
N ASN Q 364 -27.92 -11.04 41.72
CA ASN Q 364 -27.43 -9.66 41.64
C ASN Q 364 -28.29 -8.71 42.45
N ARG Q 365 -29.62 -8.87 42.36
CA ARG Q 365 -30.53 -7.98 43.09
C ARG Q 365 -30.53 -8.27 44.58
N SER Q 366 -30.38 -9.53 44.98
CA SER Q 366 -30.40 -9.89 46.38
C SER Q 366 -29.14 -9.39 47.09
N GLY Q 367 -29.28 -9.12 48.38
CA GLY Q 367 -28.16 -8.64 49.17
C GLY Q 367 -28.57 -8.48 50.61
N THR Q 368 -27.60 -8.07 51.42
CA THR Q 368 -27.80 -7.88 52.85
C THR Q 368 -26.90 -6.76 53.36
N ARG Q 369 -27.27 -6.20 54.50
CA ARG Q 369 -26.52 -5.13 55.13
C ARG Q 369 -25.83 -5.64 56.38
N LYS Q 370 -24.62 -5.12 56.64
CA LYS Q 370 -23.83 -5.48 57.81
C LYS Q 370 -23.60 -7.00 57.88
N GLU Q 371 -23.23 -7.58 56.75
CA GLU Q 371 -22.94 -9.00 56.68
C GLU Q 371 -21.63 -9.36 57.37
N GLU Q 372 -20.82 -8.37 57.77
CA GLU Q 372 -19.57 -8.66 58.46
C GLU Q 372 -19.83 -9.30 59.81
N LEU Q 373 -20.86 -8.83 60.53
CA LEU Q 373 -21.17 -9.38 61.84
C LEU Q 373 -21.65 -10.82 61.77
N LEU Q 374 -22.44 -11.15 60.74
CA LEU Q 374 -22.99 -12.50 60.64
C LEU Q 374 -21.93 -13.52 60.25
N THR Q 375 -21.34 -13.34 59.08
CA THR Q 375 -20.33 -14.28 58.59
C THR Q 375 -18.98 -14.02 59.27
N THR Q 376 -18.03 -14.91 59.03
CA THR Q 376 -16.69 -14.76 59.56
C THR Q 376 -15.80 -14.02 58.56
N GLN Q 377 -14.57 -13.74 59.00
CA GLN Q 377 -13.63 -13.03 58.13
C GLN Q 377 -13.29 -13.85 56.90
N GLU Q 378 -13.06 -15.15 57.08
CA GLU Q 378 -12.73 -16.01 55.94
C GLU Q 378 -13.94 -16.22 55.05
N GLU Q 379 -15.11 -16.42 55.65
CA GLU Q 379 -16.32 -16.67 54.86
C GLU Q 379 -16.74 -15.44 54.07
N LEU Q 380 -16.57 -14.25 54.66
CA LEU Q 380 -17.00 -13.03 53.99
C LEU Q 380 -16.21 -12.79 52.70
N GLN Q 381 -14.90 -13.03 52.73
CA GLN Q 381 -14.08 -12.80 51.55
C GLN Q 381 -14.47 -13.74 50.41
N LYS Q 382 -14.81 -14.99 50.73
CA LYS Q 382 -15.21 -15.94 49.69
C LYS Q 382 -16.49 -15.49 49.00
N MET Q 383 -17.44 -14.95 49.76
CA MET Q 383 -18.68 -14.45 49.17
C MET Q 383 -18.42 -13.29 48.22
N TRP Q 384 -17.50 -12.41 48.59
CA TRP Q 384 -17.17 -11.27 47.72
C TRP Q 384 -16.59 -11.74 46.39
N ILE Q 385 -15.73 -12.77 46.43
CA ILE Q 385 -15.15 -13.30 45.19
C ILE Q 385 -16.24 -13.87 44.29
N LEU Q 386 -17.20 -14.59 44.88
CA LEU Q 386 -18.27 -15.16 44.08
C LEU Q 386 -19.13 -14.07 43.43
N ARG Q 387 -19.42 -13.01 44.17
CA ARG Q 387 -20.25 -11.93 43.62
C ARG Q 387 -19.55 -11.23 42.46
N LYS Q 388 -18.22 -11.16 42.50
CA LYS Q 388 -17.48 -10.53 41.41
C LYS Q 388 -17.66 -11.29 40.09
N ILE Q 389 -17.66 -12.62 40.16
CA ILE Q 389 -17.85 -13.42 38.96
C ILE Q 389 -19.29 -13.33 38.47
N ILE Q 390 -20.25 -13.35 39.40
CA ILE Q 390 -21.67 -13.39 39.03
C ILE Q 390 -22.12 -12.07 38.39
N HIS Q 391 -21.58 -10.94 38.87
CA HIS Q 391 -22.11 -9.63 38.45
C HIS Q 391 -22.10 -9.42 36.95
N PRO Q 392 -21.03 -9.71 36.20
CA PRO Q 392 -21.11 -9.56 34.74
C PRO Q 392 -22.17 -10.43 34.09
N MET Q 393 -22.42 -11.61 34.63
CA MET Q 393 -23.43 -12.50 34.07
C MET Q 393 -24.84 -11.95 34.33
N GLY Q 394 -25.77 -12.38 33.50
CA GLY Q 394 -27.14 -11.93 33.61
C GLY Q 394 -27.85 -12.56 34.81
N GLU Q 395 -29.05 -12.04 35.09
CA GLU Q 395 -29.84 -12.54 36.21
C GLU Q 395 -30.31 -13.96 35.99
N ILE Q 396 -30.41 -14.41 34.74
CA ILE Q 396 -30.88 -15.76 34.45
C ILE Q 396 -29.71 -16.74 34.30
N ASP Q 397 -28.65 -16.32 33.60
CA ASP Q 397 -27.50 -17.21 33.40
C ASP Q 397 -26.75 -17.48 34.69
N ALA Q 398 -26.90 -16.62 35.70
CA ALA Q 398 -26.18 -16.82 36.96
C ALA Q 398 -26.69 -18.04 37.73
N MET Q 399 -27.98 -18.35 37.60
CA MET Q 399 -28.55 -19.44 38.40
C MET Q 399 -28.04 -20.80 37.92
N GLU Q 400 -28.24 -21.11 36.64
CA GLU Q 400 -27.77 -22.41 36.13
C GLU Q 400 -26.27 -22.55 36.27
N PHE Q 401 -25.52 -21.45 36.19
CA PHE Q 401 -24.10 -21.49 36.50
C PHE Q 401 -23.86 -21.89 37.94
N LEU Q 402 -24.65 -21.33 38.87
CA LEU Q 402 -24.47 -21.66 40.29
C LEU Q 402 -25.06 -23.02 40.63
N ILE Q 403 -26.13 -23.44 39.96
CA ILE Q 403 -26.80 -24.68 40.31
C ILE Q 403 -25.90 -25.88 40.03
N ASN Q 404 -25.27 -25.92 38.86
CA ASN Q 404 -24.42 -27.05 38.52
C ASN Q 404 -23.21 -27.13 39.44
N LYS Q 405 -22.62 -25.99 39.81
CA LYS Q 405 -21.50 -25.99 40.73
C LYS Q 405 -21.89 -26.54 42.09
N LEU Q 406 -23.06 -26.14 42.60
CA LEU Q 406 -23.51 -26.63 43.89
C LEU Q 406 -24.02 -28.07 43.80
N ALA Q 407 -24.47 -28.50 42.62
CA ALA Q 407 -25.00 -29.84 42.47
C ALA Q 407 -23.92 -30.90 42.71
N MET Q 408 -22.71 -30.67 42.20
CA MET Q 408 -21.63 -31.64 42.31
C MET Q 408 -20.77 -31.45 43.55
N THR Q 409 -21.11 -30.50 44.41
CA THR Q 409 -20.40 -30.27 45.67
C THR Q 409 -21.29 -30.69 46.84
N LYS Q 410 -20.64 -31.22 47.89
CA LYS Q 410 -21.38 -31.67 49.06
C LYS Q 410 -21.88 -30.51 49.89
N THR Q 411 -20.98 -29.65 50.36
CA THR Q 411 -21.31 -28.50 51.16
C THR Q 411 -20.84 -27.23 50.49
N ASN Q 412 -21.23 -26.09 51.08
CA ASN Q 412 -20.81 -24.80 50.54
C ASN Q 412 -19.30 -24.60 50.67
N ASP Q 413 -18.68 -25.23 51.67
CA ASP Q 413 -17.23 -25.14 51.81
C ASP Q 413 -16.52 -25.77 50.63
N ASP Q 414 -17.03 -26.92 50.15
CA ASP Q 414 -16.45 -27.55 48.98
C ASP Q 414 -16.62 -26.68 47.74
N PHE Q 415 -17.77 -26.02 47.61
CA PHE Q 415 -17.98 -25.10 46.50
C PHE Q 415 -17.02 -23.91 46.58
N PHE Q 416 -16.80 -23.39 47.79
CA PHE Q 416 -15.95 -22.22 47.96
C PHE Q 416 -14.51 -22.51 47.54
N GLU Q 417 -13.98 -23.67 47.93
CA GLU Q 417 -12.59 -24.00 47.59
C GLU Q 417 -12.44 -24.30 46.10
N MET Q 418 -13.52 -24.74 45.44
CA MET Q 418 -13.48 -24.95 44.01
C MET Q 418 -13.32 -23.64 43.24
N MET Q 419 -14.03 -22.59 43.66
CA MET Q 419 -13.90 -21.29 43.00
C MET Q 419 -12.50 -20.71 43.19
N LYS Q 420 -11.82 -21.09 44.27
CA LYS Q 420 -10.48 -20.59 44.51
C LYS Q 420 -9.48 -21.11 43.47
N ARG Q 421 -9.80 -22.23 42.83
CA ARG Q 421 -8.92 -22.77 41.79
C ARG Q 421 -8.83 -21.80 40.61
N SER Q 422 -9.95 -21.22 40.20
CA SER Q 422 -9.97 -20.28 39.09
C SER Q 422 -9.41 -18.92 39.49
N MET R 4 -98.65 -42.59 44.15
CA MET R 4 -98.33 -43.16 45.45
C MET R 4 -97.01 -42.64 45.97
N ASN R 5 -96.06 -42.43 45.06
CA ASN R 5 -94.72 -41.96 45.39
C ASN R 5 -94.53 -40.57 44.83
N LEU R 6 -94.08 -39.64 45.68
CA LEU R 6 -94.00 -38.24 45.28
C LEU R 6 -92.93 -38.02 44.20
N THR R 7 -91.77 -38.67 44.34
CA THR R 7 -90.67 -38.41 43.41
C THR R 7 -91.01 -38.86 41.99
N GLU R 8 -91.66 -40.02 41.84
CA GLU R 8 -91.99 -40.50 40.51
C GLU R 8 -93.15 -39.73 39.88
N LEU R 9 -94.00 -39.11 40.70
CA LEU R 9 -95.14 -38.36 40.15
C LEU R 9 -94.70 -37.06 39.49
N LYS R 10 -93.70 -36.39 40.05
CA LYS R 10 -93.22 -35.15 39.47
C LYS R 10 -92.45 -35.38 38.17
N ASN R 11 -91.77 -36.52 38.07
CA ASN R 11 -91.00 -36.82 36.86
C ASN R 11 -91.90 -37.17 35.67
N THR R 12 -93.17 -37.50 35.92
CA THR R 12 -94.08 -37.81 34.84
C THR R 12 -94.38 -36.56 34.01
N PRO R 13 -94.64 -36.72 32.71
CA PRO R 13 -94.98 -35.56 31.88
C PRO R 13 -96.28 -34.92 32.32
N VAL R 14 -96.39 -33.61 32.05
CA VAL R 14 -97.59 -32.87 32.46
C VAL R 14 -98.82 -33.40 31.73
N SER R 15 -98.67 -33.79 30.46
CA SER R 15 -99.80 -34.33 29.71
C SER R 15 -100.32 -35.61 30.36
N GLU R 16 -99.43 -36.50 30.78
CA GLU R 16 -99.86 -37.71 31.46
C GLU R 16 -100.42 -37.40 32.84
N LEU R 17 -99.94 -36.33 33.48
CA LEU R 17 -100.41 -35.99 34.81
C LEU R 17 -101.90 -35.64 34.80
N ILE R 18 -102.35 -34.90 33.78
CA ILE R 18 -103.76 -34.57 33.67
C ILE R 18 -104.60 -35.83 33.48
N THR R 19 -104.14 -36.74 32.61
CA THR R 19 -104.90 -37.96 32.33
C THR R 19 -105.05 -38.82 33.58
N LEU R 20 -104.00 -38.90 34.40
CA LEU R 20 -104.07 -39.69 35.62
C LEU R 20 -105.12 -39.16 36.57
N GLY R 21 -105.20 -37.82 36.71
CA GLY R 21 -106.16 -37.24 37.63
C GLY R 21 -107.59 -37.28 37.14
N GLU R 22 -107.79 -37.35 35.82
CA GLU R 22 -109.15 -37.36 35.29
C GLU R 22 -109.86 -38.67 35.64
N ASN R 23 -109.20 -39.80 35.43
CA ASN R 23 -109.82 -41.08 35.76
C ASN R 23 -109.96 -41.28 37.26
N MET R 24 -109.11 -40.65 38.05
CA MET R 24 -109.20 -40.78 39.50
C MET R 24 -110.51 -40.17 40.03
N GLY R 25 -110.92 -39.04 39.47
CA GLY R 25 -112.15 -38.40 39.88
C GLY R 25 -112.07 -36.89 39.91
N LEU R 26 -110.87 -36.35 39.77
CA LEU R 26 -110.68 -34.91 39.78
C LEU R 26 -111.09 -34.30 38.43
N GLU R 27 -111.33 -32.99 38.46
CA GLU R 27 -111.78 -32.27 37.28
C GLU R 27 -111.10 -30.90 37.23
N ASN R 28 -111.05 -30.34 36.02
CA ASN R 28 -110.48 -28.99 35.80
C ASN R 28 -109.03 -28.92 36.24
N LEU R 29 -108.26 -29.97 35.97
CA LEU R 29 -106.84 -29.99 36.26
C LEU R 29 -105.99 -29.51 35.08
N ALA R 30 -106.59 -29.30 33.92
CA ALA R 30 -105.80 -28.95 32.74
C ALA R 30 -105.27 -27.53 32.80
N ARG R 31 -106.12 -26.57 33.18
CA ARG R 31 -105.74 -25.16 33.15
C ARG R 31 -105.32 -24.68 34.54
N MET R 32 -104.22 -25.24 35.02
CA MET R 32 -103.63 -24.83 36.29
C MET R 32 -102.18 -25.28 36.33
N ARG R 33 -101.43 -24.71 37.28
CA ARG R 33 -100.01 -25.01 37.37
C ARG R 33 -99.78 -26.47 37.73
N LYS R 34 -98.64 -27.00 37.29
CA LYS R 34 -98.32 -28.41 37.52
C LYS R 34 -98.18 -28.70 39.01
N GLN R 35 -97.66 -27.73 39.78
CA GLN R 35 -97.50 -27.94 41.21
C GLN R 35 -98.84 -28.15 41.91
N ASP R 36 -99.84 -27.38 41.51
CA ASP R 36 -101.16 -27.53 42.11
C ASP R 36 -101.80 -28.87 41.74
N ILE R 37 -101.53 -29.34 40.52
CA ILE R 37 -102.09 -30.63 40.09
C ILE R 37 -101.57 -31.76 40.97
N ILE R 38 -100.28 -31.74 41.29
CA ILE R 38 -99.69 -32.78 42.13
C ILE R 38 -100.32 -32.77 43.51
N PHE R 39 -100.53 -31.58 44.08
CA PHE R 39 -101.18 -31.48 45.38
C PHE R 39 -102.61 -31.99 45.31
N ALA R 40 -103.34 -31.67 44.24
CA ALA R 40 -104.71 -32.13 44.10
C ALA R 40 -104.80 -33.65 43.97
N ILE R 41 -103.90 -34.24 43.17
CA ILE R 41 -103.92 -35.69 42.98
C ILE R 41 -103.60 -36.40 44.28
N LEU R 42 -102.59 -35.93 45.01
CA LEU R 42 -102.26 -36.52 46.30
C LEU R 42 -103.40 -36.37 47.29
N LYS R 43 -104.08 -35.22 47.28
CA LYS R 43 -105.21 -35.01 48.17
C LYS R 43 -106.32 -36.00 47.90
N GLN R 44 -106.66 -36.21 46.63
CA GLN R 44 -107.70 -37.17 46.30
C GLN R 44 -107.26 -38.60 46.60
N HIS R 45 -106.00 -38.93 46.30
CA HIS R 45 -105.49 -40.27 46.56
C HIS R 45 -105.39 -40.53 48.06
N ALA R 46 -105.21 -39.49 48.86
CA ALA R 46 -105.12 -39.67 50.31
C ALA R 46 -106.45 -40.13 50.90
N LYS R 47 -107.57 -39.80 50.25
CA LYS R 47 -108.87 -40.22 50.76
C LYS R 47 -109.04 -41.73 50.72
N SER R 48 -108.34 -42.41 49.79
CA SER R 48 -108.43 -43.86 49.71
C SER R 48 -107.77 -44.55 50.88
N GLY R 49 -106.92 -43.86 51.64
CA GLY R 49 -106.24 -44.43 52.78
C GLY R 49 -104.90 -45.07 52.49
N GLU R 50 -104.51 -45.16 51.21
CA GLU R 50 -103.22 -45.74 50.87
C GLU R 50 -102.09 -44.82 51.31
N ASP R 51 -100.98 -45.44 51.72
CA ASP R 51 -99.82 -44.68 52.16
C ASP R 51 -99.17 -43.95 50.99
N ILE R 52 -98.63 -42.77 51.27
CA ILE R 52 -97.98 -41.92 50.27
C ILE R 52 -96.53 -41.74 50.67
N PHE R 53 -95.62 -41.98 49.72
CA PHE R 53 -94.19 -41.84 49.95
C PHE R 53 -93.70 -40.52 49.38
N GLY R 54 -92.82 -39.85 50.12
CA GLY R 54 -92.29 -38.58 49.68
C GLY R 54 -90.84 -38.43 50.09
N ASP R 55 -90.14 -37.58 49.34
CA ASP R 55 -88.72 -37.34 49.58
C ASP R 55 -88.34 -35.99 48.99
N GLY R 56 -87.19 -35.49 49.43
CA GLY R 56 -86.71 -34.21 48.97
C GLY R 56 -85.55 -33.73 49.81
N VAL R 57 -85.19 -32.46 49.60
CA VAL R 57 -84.11 -31.81 50.34
C VAL R 57 -84.72 -30.98 51.46
N LEU R 58 -84.24 -31.18 52.68
CA LEU R 58 -84.78 -30.53 53.86
C LEU R 58 -84.06 -29.21 54.11
N GLU R 59 -84.83 -28.16 54.40
CA GLU R 59 -84.31 -26.86 54.80
C GLU R 59 -85.03 -26.41 56.06
N ILE R 60 -84.36 -25.59 56.86
CA ILE R 60 -84.90 -25.09 58.12
C ILE R 60 -85.06 -23.58 58.02
N LEU R 61 -86.26 -23.09 58.31
CA LEU R 61 -86.54 -21.66 58.28
C LEU R 61 -86.06 -21.01 59.58
N GLN R 62 -86.16 -19.68 59.64
CA GLN R 62 -85.71 -18.94 60.82
C GLN R 62 -86.64 -19.13 62.01
N ASP R 63 -87.94 -19.37 61.77
CA ASP R 63 -88.87 -19.56 62.86
C ASP R 63 -88.56 -20.83 63.64
N GLY R 64 -88.16 -21.89 62.96
CA GLY R 64 -87.84 -23.15 63.61
C GLY R 64 -88.36 -24.37 62.86
N PHE R 65 -89.49 -24.21 62.18
CA PHE R 65 -90.01 -25.29 61.35
C PHE R 65 -89.34 -25.28 59.98
N GLY R 66 -89.46 -26.41 59.28
CA GLY R 66 -88.83 -26.57 57.99
C GLY R 66 -89.78 -27.17 56.97
N PHE R 67 -89.31 -27.18 55.72
CA PHE R 67 -90.05 -27.78 54.61
C PHE R 67 -89.10 -28.67 53.81
N LEU R 68 -89.66 -29.68 53.15
CA LEU R 68 -88.90 -30.64 52.36
C LEU R 68 -89.01 -30.23 50.89
N ARG R 69 -88.08 -29.38 50.46
CA ARG R 69 -88.10 -28.90 49.08
C ARG R 69 -87.71 -30.02 48.12
N SER R 70 -88.15 -29.88 46.87
CA SER R 70 -87.87 -30.85 45.81
C SER R 70 -86.90 -30.24 44.81
N ALA R 71 -85.87 -30.99 44.45
CA ALA R 71 -84.87 -30.50 43.51
C ALA R 71 -85.41 -30.42 42.09
N ASP R 72 -86.51 -31.11 41.79
CA ASP R 72 -87.08 -31.07 40.44
C ASP R 72 -87.57 -29.67 40.08
N SER R 73 -88.19 -28.97 41.03
CA SER R 73 -88.70 -27.62 40.79
C SER R 73 -87.69 -26.55 41.17
N SER R 74 -86.40 -26.88 41.17
CA SER R 74 -85.33 -25.94 41.53
C SER R 74 -85.53 -25.37 42.94
N TYR R 75 -86.01 -26.23 43.84
CA TYR R 75 -86.24 -25.86 45.24
C TYR R 75 -87.16 -24.66 45.38
N LEU R 76 -88.21 -24.64 44.56
CA LEU R 76 -89.19 -23.56 44.60
C LEU R 76 -90.32 -23.89 45.56
N ALA R 77 -90.72 -22.91 46.36
CA ALA R 77 -91.80 -23.10 47.30
C ALA R 77 -93.10 -23.42 46.57
N GLY R 78 -93.83 -24.43 47.05
CA GLY R 78 -95.07 -24.83 46.45
C GLY R 78 -96.00 -25.51 47.43
N PRO R 79 -97.27 -25.65 47.05
CA PRO R 79 -98.23 -26.33 47.94
C PRO R 79 -97.90 -27.79 48.20
N ASP R 80 -97.12 -28.43 47.33
CA ASP R 80 -96.79 -29.84 47.48
C ASP R 80 -95.58 -30.08 48.37
N ASP R 81 -94.98 -29.03 48.92
CA ASP R 81 -93.84 -29.20 49.81
C ASP R 81 -94.25 -29.88 51.10
N ILE R 82 -93.39 -30.76 51.60
CA ILE R 82 -93.67 -31.54 52.81
C ILE R 82 -93.23 -30.74 54.02
N TYR R 83 -94.14 -30.57 54.98
CA TYR R 83 -93.87 -29.83 56.21
C TYR R 83 -93.42 -30.80 57.30
N VAL R 84 -92.40 -30.39 58.05
CA VAL R 84 -91.86 -31.18 59.15
C VAL R 84 -91.93 -30.36 60.42
N SER R 85 -92.43 -30.98 61.49
CA SER R 85 -92.53 -30.30 62.77
C SER R 85 -91.14 -30.15 63.40
N PRO R 86 -90.92 -29.10 64.20
CA PRO R 86 -89.64 -28.96 64.90
C PRO R 86 -89.34 -30.11 65.86
N SER R 87 -90.36 -30.82 66.33
CA SER R 87 -90.14 -31.94 67.24
C SER R 87 -89.34 -33.04 66.57
N GLN R 88 -89.63 -33.33 65.30
CA GLN R 88 -88.89 -34.37 64.58
C GLN R 88 -87.43 -33.98 64.42
N ILE R 89 -87.13 -32.68 64.42
CA ILE R 89 -85.74 -32.23 64.29
C ILE R 89 -84.93 -32.64 65.51
N ARG R 90 -85.51 -32.57 66.71
CA ARG R 90 -84.80 -33.01 67.89
C ARG R 90 -84.55 -34.51 67.89
N ARG R 91 -85.53 -35.29 67.43
CA ARG R 91 -85.36 -36.74 67.38
C ARG R 91 -84.23 -37.12 66.42
N PHE R 92 -84.18 -36.48 65.26
CA PHE R 92 -83.16 -36.76 64.26
C PHE R 92 -82.45 -35.47 63.87
N ASN R 93 -81.17 -35.35 64.24
CA ASN R 93 -80.38 -34.16 63.94
C ASN R 93 -80.34 -33.90 62.44
N LEU R 94 -81.08 -32.88 62.01
CA LEU R 94 -81.14 -32.50 60.61
C LEU R 94 -80.78 -31.03 60.45
N ARG R 95 -80.08 -30.72 59.37
CA ARG R 95 -79.75 -29.35 59.01
C ARG R 95 -80.10 -29.14 57.54
N THR R 96 -80.00 -27.90 57.08
CA THR R 96 -80.32 -27.58 55.70
C THR R 96 -79.40 -28.34 54.75
N GLY R 97 -79.98 -28.95 53.73
CA GLY R 97 -79.23 -29.62 52.68
C GLY R 97 -79.44 -31.12 52.60
N ASP R 98 -79.70 -31.77 53.74
CA ASP R 98 -79.80 -33.23 53.76
C ASP R 98 -81.07 -33.71 53.07
N THR R 99 -81.03 -34.95 52.58
CA THR R 99 -82.18 -35.56 51.92
C THR R 99 -82.94 -36.42 52.91
N ILE R 100 -84.25 -36.19 52.99
CA ILE R 100 -85.14 -36.94 53.89
C ILE R 100 -86.19 -37.65 53.06
N SER R 101 -86.34 -38.94 53.28
CA SER R 101 -87.31 -39.77 52.56
C SER R 101 -88.13 -40.58 53.57
N GLY R 102 -89.44 -40.60 53.37
CA GLY R 102 -90.31 -41.36 54.26
C GLY R 102 -91.76 -41.13 53.91
N LYS R 103 -92.62 -41.74 54.71
CA LYS R 103 -94.06 -41.63 54.51
C LYS R 103 -94.56 -40.26 54.96
N ILE R 104 -95.57 -39.76 54.24
CA ILE R 104 -96.18 -38.47 54.53
C ILE R 104 -97.67 -38.68 54.76
N ARG R 105 -98.20 -38.04 55.82
CA ARG R 105 -99.62 -38.18 56.14
C ARG R 105 -100.43 -37.10 55.44
N PRO R 106 -101.71 -37.37 55.18
CA PRO R 106 -102.58 -36.34 54.58
C PRO R 106 -102.67 -35.13 55.48
N PRO R 107 -102.70 -33.93 54.90
CA PRO R 107 -102.81 -32.72 55.72
C PRO R 107 -104.21 -32.57 56.30
N LYS R 108 -104.28 -32.35 57.61
CA LYS R 108 -105.56 -32.16 58.26
C LYS R 108 -106.12 -30.77 57.96
N GLU R 109 -107.31 -30.50 58.49
CA GLU R 109 -107.91 -29.18 58.31
C GLU R 109 -107.10 -28.12 59.03
N GLY R 110 -106.93 -26.97 58.38
CA GLY R 110 -106.17 -25.88 58.95
C GLY R 110 -104.75 -25.76 58.45
N GLU R 111 -104.21 -26.82 57.84
CA GLU R 111 -102.87 -26.80 57.29
C GLU R 111 -102.92 -27.05 55.79
N ARG R 112 -102.01 -26.41 55.06
CA ARG R 112 -101.98 -26.46 53.61
C ARG R 112 -100.81 -27.29 53.08
N TYR R 113 -100.08 -27.98 53.96
CA TYR R 113 -98.90 -28.73 53.54
C TYR R 113 -98.93 -30.12 54.16
N PHE R 114 -98.40 -31.09 53.43
CA PHE R 114 -98.27 -32.45 53.94
C PHE R 114 -97.27 -32.51 55.08
N ALA R 115 -97.50 -33.43 56.01
CA ALA R 115 -96.65 -33.62 57.17
C ALA R 115 -95.97 -34.98 57.10
N LEU R 116 -94.69 -35.00 57.48
CA LEU R 116 -93.93 -36.24 57.48
C LEU R 116 -94.36 -37.13 58.64
N LEU R 117 -94.67 -38.39 58.35
CA LEU R 117 -95.11 -39.33 59.38
C LEU R 117 -93.93 -40.10 59.97
N LYS R 118 -93.20 -40.83 59.13
CA LYS R 118 -92.05 -41.61 59.57
C LYS R 118 -90.96 -41.52 58.52
N VAL R 119 -89.73 -41.27 58.96
CA VAL R 119 -88.57 -41.17 58.09
C VAL R 119 -87.78 -42.47 58.18
N ASN R 120 -87.51 -43.09 57.03
CA ASN R 120 -86.79 -44.35 56.98
C ASN R 120 -85.52 -44.29 56.12
N GLU R 121 -85.17 -43.11 55.62
CA GLU R 121 -83.98 -42.98 54.77
C GLU R 121 -83.47 -41.56 54.87
N VAL R 122 -82.24 -41.39 55.38
CA VAL R 122 -81.62 -40.07 55.52
C VAL R 122 -80.29 -40.11 54.77
N ASN R 123 -80.16 -39.22 53.78
CA ASN R 123 -78.95 -39.13 52.97
C ASN R 123 -78.58 -40.48 52.36
N PHE R 124 -79.59 -41.19 51.85
CA PHE R 124 -79.42 -42.53 51.28
C PHE R 124 -78.76 -43.48 52.29
N ASP R 125 -79.16 -43.36 53.55
CA ASP R 125 -78.58 -44.17 54.61
C ASP R 125 -79.59 -44.26 55.76
N LYS R 126 -79.33 -45.19 56.67
CA LYS R 126 -80.18 -45.36 57.82
C LYS R 126 -80.13 -44.10 58.69
N PRO R 127 -81.28 -43.64 59.20
CA PRO R 127 -81.27 -42.39 60.00
C PRO R 127 -80.38 -42.47 61.23
N GLU R 128 -80.29 -43.63 61.87
CA GLU R 128 -79.42 -43.77 63.04
C GLU R 128 -77.96 -43.57 62.66
N ASN R 129 -77.54 -44.12 61.52
CA ASN R 129 -76.15 -43.96 61.09
C ASN R 129 -75.83 -42.52 60.71
N ALA R 130 -76.80 -41.80 60.13
CA ALA R 130 -76.57 -40.42 59.75
C ALA R 130 -76.36 -39.52 60.96
N ARG R 131 -76.88 -39.91 62.13
CA ARG R 131 -76.72 -39.12 63.34
C ARG R 131 -75.28 -39.10 63.84
N ASN R 132 -74.46 -40.07 63.46
CA ASN R 132 -73.08 -40.16 63.92
C ASN R 132 -72.08 -39.60 62.91
N LYS R 133 -72.56 -38.98 61.84
CA LYS R 133 -71.67 -38.45 60.82
C LYS R 133 -70.90 -37.24 61.35
N ILE R 134 -69.68 -37.00 60.87
CA ILE R 134 -68.88 -35.87 61.42
C ILE R 134 -69.19 -34.60 60.62
N LEU R 135 -69.36 -33.45 61.27
CA LEU R 135 -69.76 -32.20 60.55
C LEU R 135 -68.70 -31.80 59.53
N PHE R 136 -69.11 -31.25 58.39
CA PHE R 136 -68.15 -30.90 57.30
C PHE R 136 -67.09 -29.94 57.80
N GLU R 137 -67.47 -28.99 58.64
CA GLU R 137 -66.50 -27.96 59.03
C GLU R 137 -65.36 -28.52 59.87
N ASN R 138 -65.57 -29.67 60.52
CA ASN R 138 -64.50 -30.30 61.32
C ASN R 138 -63.52 -31.09 60.48
N LEU R 139 -63.84 -31.36 59.21
CA LEU R 139 -62.95 -32.12 58.35
C LEU R 139 -61.73 -31.29 57.95
N THR R 140 -60.60 -31.98 57.77
CA THR R 140 -59.36 -31.30 57.43
C THR R 140 -59.18 -31.30 55.91
N PRO R 141 -59.18 -30.13 55.26
CA PRO R 141 -58.97 -30.09 53.81
C PRO R 141 -57.53 -30.41 53.43
N LEU R 142 -57.38 -30.89 52.20
CA LEU R 142 -56.07 -31.19 51.63
C LEU R 142 -56.06 -30.79 50.17
N HIS R 143 -54.88 -30.83 49.56
CA HIS R 143 -54.74 -30.54 48.14
C HIS R 143 -55.29 -31.69 47.30
N ALA R 144 -55.67 -31.35 46.07
CA ALA R 144 -56.23 -32.35 45.17
C ALA R 144 -55.18 -33.38 44.78
N ASN R 145 -55.59 -34.64 44.78
CA ASN R 145 -54.70 -35.74 44.43
C ASN R 145 -55.31 -36.77 43.49
N SER R 146 -56.62 -36.70 43.21
CA SER R 146 -57.30 -37.66 42.34
C SER R 146 -57.47 -37.00 40.97
N ARG R 147 -56.73 -37.50 39.98
CA ARG R 147 -56.79 -36.94 38.64
C ARG R 147 -58.11 -37.30 37.96
N LEU R 148 -58.77 -36.30 37.38
CA LEU R 148 -60.01 -36.49 36.64
C LEU R 148 -59.70 -36.36 35.16
N ARG R 149 -59.79 -37.48 34.43
CA ARG R 149 -59.49 -37.50 33.00
C ARG R 149 -60.63 -36.83 32.24
N MET R 150 -60.39 -35.59 31.82
CA MET R 150 -61.41 -34.84 31.08
C MET R 150 -61.48 -35.23 29.62
N GLU R 151 -60.47 -35.92 29.09
CA GLU R 151 -60.45 -36.31 27.70
C GLU R 151 -61.34 -37.52 27.46
N ARG R 152 -62.11 -37.48 26.37
CA ARG R 152 -62.99 -38.57 25.98
C ARG R 152 -62.45 -39.20 24.70
N GLY R 153 -62.23 -40.50 24.73
CA GLY R 153 -61.68 -41.20 23.58
C GLY R 153 -62.73 -41.85 22.70
N ASN R 154 -63.74 -42.45 23.32
CA ASN R 154 -64.77 -43.15 22.55
C ASN R 154 -65.57 -42.21 21.66
N ASP R 155 -65.88 -41.01 22.14
CA ASP R 155 -66.66 -40.07 21.36
C ASP R 155 -65.90 -39.64 20.10
N SER R 156 -64.64 -39.25 20.25
CA SER R 156 -63.79 -38.83 19.13
C SER R 156 -64.44 -37.70 18.34
N THR R 157 -65.07 -36.77 19.05
CA THR R 157 -65.76 -35.67 18.40
C THR R 157 -64.77 -34.68 17.82
N GLU R 158 -65.27 -33.84 16.91
CA GLU R 158 -64.42 -32.83 16.28
C GLU R 158 -64.01 -31.74 17.25
N ASP R 159 -64.72 -31.58 18.36
CA ASP R 159 -64.37 -30.56 19.35
C ASP R 159 -63.14 -31.01 20.14
N LEU R 160 -62.15 -30.12 20.24
CA LEU R 160 -60.92 -30.40 20.96
C LEU R 160 -60.88 -29.73 22.33
N THR R 161 -62.03 -29.27 22.82
CA THR R 161 -62.06 -28.56 24.11
C THR R 161 -61.61 -29.47 25.25
N ALA R 162 -62.07 -30.72 25.25
CA ALA R 162 -61.68 -31.66 26.30
C ALA R 162 -60.17 -31.93 26.27
N ARG R 163 -59.61 -32.10 25.07
CA ARG R 163 -58.17 -32.36 24.97
C ARG R 163 -57.36 -31.15 25.40
N VAL R 164 -57.80 -29.95 25.01
CA VAL R 164 -57.06 -28.73 25.36
C VAL R 164 -57.14 -28.47 26.87
N LEU R 165 -58.30 -28.75 27.48
CA LEU R 165 -58.47 -28.46 28.90
C LEU R 165 -57.49 -29.25 29.77
N ASP R 166 -57.28 -30.53 29.44
CA ASP R 166 -56.31 -31.33 30.18
C ASP R 166 -54.90 -30.77 30.03
N LEU R 167 -54.52 -30.38 28.81
CA LEU R 167 -53.19 -29.84 28.59
C LEU R 167 -53.02 -28.48 29.23
N ALA R 168 -54.02 -27.60 29.11
CA ALA R 168 -53.91 -26.25 29.66
C ALA R 168 -53.91 -26.27 31.17
N SER R 169 -54.86 -26.98 31.78
CA SER R 169 -54.98 -27.00 33.23
C SER R 169 -55.71 -28.27 33.69
N PRO R 170 -54.99 -29.27 34.19
CA PRO R 170 -55.65 -30.48 34.69
C PRO R 170 -56.57 -30.16 35.86
N ILE R 171 -57.69 -30.90 35.94
CA ILE R 171 -58.69 -30.70 36.97
C ILE R 171 -58.78 -31.98 37.81
N GLY R 172 -58.69 -31.83 39.13
CA GLY R 172 -58.79 -32.94 40.04
C GLY R 172 -60.01 -32.82 40.95
N ARG R 173 -60.12 -33.80 41.84
CA ARG R 173 -61.19 -33.81 42.83
C ARG R 173 -60.88 -32.83 43.95
N GLY R 174 -61.87 -32.04 44.32
CA GLY R 174 -61.69 -31.06 45.38
C GLY R 174 -61.07 -29.75 44.94
N GLN R 175 -60.97 -29.51 43.63
CA GLN R 175 -60.40 -28.26 43.13
C GLN R 175 -61.34 -27.10 43.39
N ARG R 176 -60.75 -25.92 43.56
CA ARG R 176 -61.49 -24.68 43.77
C ARG R 176 -61.19 -23.69 42.65
N GLY R 177 -61.18 -24.19 41.41
CA GLY R 177 -60.84 -23.34 40.29
C GLY R 177 -61.98 -22.44 39.86
N LEU R 178 -61.62 -21.41 39.09
CA LEU R 178 -62.58 -20.48 38.52
C LEU R 178 -62.24 -20.25 37.06
N ILE R 179 -63.26 -19.87 36.29
CA ILE R 179 -63.11 -19.63 34.85
C ILE R 179 -63.34 -18.15 34.60
N VAL R 180 -62.37 -17.50 33.95
CA VAL R 180 -62.47 -16.11 33.56
C VAL R 180 -62.91 -16.08 32.10
N ALA R 181 -64.17 -15.73 31.86
CA ALA R 181 -64.76 -15.81 30.53
C ALA R 181 -65.37 -14.45 30.16
N PRO R 182 -64.86 -13.77 29.14
CA PRO R 182 -65.53 -12.57 28.64
C PRO R 182 -66.84 -12.92 27.97
N PRO R 183 -67.76 -11.97 27.82
CA PRO R 183 -69.03 -12.28 27.15
C PRO R 183 -68.83 -12.70 25.71
N LYS R 184 -69.68 -13.61 25.26
CA LYS R 184 -69.63 -14.17 23.90
C LYS R 184 -68.28 -14.80 23.61
N ALA R 185 -67.82 -15.65 24.55
CA ALA R 185 -66.56 -16.36 24.39
C ALA R 185 -66.75 -17.87 24.57
N GLY R 186 -67.94 -18.38 24.32
CA GLY R 186 -68.20 -19.81 24.48
C GLY R 186 -68.13 -20.29 25.92
N LYS R 187 -68.60 -19.48 26.86
CA LYS R 187 -68.58 -19.88 28.27
C LYS R 187 -69.60 -20.98 28.54
N THR R 188 -70.80 -20.86 27.96
CA THR R 188 -71.84 -21.83 28.22
C THR R 188 -71.46 -23.22 27.69
N MET R 189 -70.92 -23.29 26.47
CA MET R 189 -70.56 -24.58 25.90
C MET R 189 -69.34 -25.16 26.60
N LEU R 190 -68.51 -24.30 27.21
CA LEU R 190 -67.36 -24.81 27.95
C LEU R 190 -67.79 -25.64 29.14
N LEU R 191 -68.80 -25.19 29.88
CA LEU R 191 -69.30 -25.97 31.01
C LEU R 191 -70.00 -27.24 30.54
N GLN R 192 -70.72 -27.17 29.42
CA GLN R 192 -71.43 -28.33 28.92
C GLN R 192 -70.48 -29.45 28.53
N ASN R 193 -69.36 -29.11 27.88
CA ASN R 193 -68.38 -30.12 27.50
C ASN R 193 -67.77 -30.78 28.74
N ILE R 194 -67.48 -30.00 29.77
CA ILE R 194 -66.94 -30.55 31.01
C ILE R 194 -67.96 -31.51 31.64
N ALA R 195 -69.23 -31.13 31.64
CA ALA R 195 -70.27 -31.96 32.23
C ALA R 195 -70.38 -33.32 31.51
N GLN R 196 -70.23 -33.31 30.19
CA GLN R 196 -70.31 -34.57 29.44
C GLN R 196 -69.20 -35.53 29.83
N SER R 197 -67.97 -35.01 29.99
CA SER R 197 -66.85 -35.87 30.37
C SER R 197 -67.02 -36.40 31.78
N ILE R 198 -67.49 -35.56 32.71
CA ILE R 198 -67.67 -36.00 34.09
C ILE R 198 -68.72 -37.10 34.17
N ALA R 199 -69.84 -36.93 33.47
CA ALA R 199 -70.89 -37.95 33.47
C ALA R 199 -70.46 -39.22 32.74
N TYR R 200 -69.41 -39.15 31.92
CA TYR R 200 -68.92 -40.30 31.18
C TYR R 200 -67.71 -40.95 31.83
N ASN R 201 -66.68 -40.18 32.13
CA ASN R 201 -65.45 -40.75 32.68
C ASN R 201 -65.62 -41.17 34.14
N HIS R 202 -66.40 -40.40 34.91
CA HIS R 202 -66.61 -40.67 36.33
C HIS R 202 -68.10 -40.68 36.64
N PRO R 203 -68.80 -41.75 36.24
CA PRO R 203 -70.24 -41.83 36.57
C PRO R 203 -70.51 -41.87 38.06
N ASP R 204 -69.57 -42.38 38.87
CA ASP R 204 -69.80 -42.48 40.30
C ASP R 204 -69.88 -41.11 40.96
N CYS R 205 -69.09 -40.15 40.48
CA CYS R 205 -69.08 -38.82 41.06
C CYS R 205 -70.43 -38.13 40.82
N VAL R 206 -70.92 -37.44 41.86
CA VAL R 206 -72.18 -36.71 41.77
C VAL R 206 -71.91 -35.37 41.11
N LEU R 207 -72.64 -35.07 40.04
CA LEU R 207 -72.50 -33.82 39.30
C LEU R 207 -73.72 -32.95 39.54
N MET R 208 -73.49 -31.73 40.00
CA MET R 208 -74.55 -30.76 40.24
C MET R 208 -74.23 -29.47 39.50
N VAL R 209 -75.22 -28.94 38.78
CA VAL R 209 -75.06 -27.73 37.98
C VAL R 209 -75.99 -26.67 38.55
N LEU R 210 -75.42 -25.51 38.89
CA LEU R 210 -76.18 -24.38 39.41
C LEU R 210 -76.00 -23.19 38.48
N LEU R 211 -77.11 -22.61 38.04
CA LEU R 211 -77.12 -21.46 37.14
C LEU R 211 -77.89 -20.32 37.76
N ILE R 212 -77.34 -19.11 37.65
CA ILE R 212 -77.93 -17.91 38.23
C ILE R 212 -78.20 -16.91 37.11
N ASP R 213 -79.42 -16.37 37.11
CA ASP R 213 -79.82 -15.33 36.15
C ASP R 213 -79.68 -15.79 34.71
N GLU R 214 -80.08 -17.04 34.44
CA GLU R 214 -80.03 -17.60 33.11
C GLU R 214 -81.43 -17.60 32.47
N ARG R 215 -81.45 -17.53 31.15
CA ARG R 215 -82.71 -17.52 30.42
C ARG R 215 -83.41 -18.87 30.55
N PRO R 216 -84.75 -18.87 30.52
CA PRO R 216 -85.47 -20.15 30.65
C PRO R 216 -85.13 -21.19 29.59
N GLU R 217 -84.89 -20.76 28.35
CA GLU R 217 -84.52 -21.71 27.31
C GLU R 217 -83.11 -22.26 27.54
N GLU R 218 -82.24 -21.47 28.16
CA GLU R 218 -80.89 -21.96 28.47
C GLU R 218 -80.93 -23.02 29.56
N VAL R 219 -81.84 -22.89 30.53
CA VAL R 219 -81.95 -23.88 31.59
C VAL R 219 -82.44 -25.21 31.04
N THR R 220 -83.44 -25.17 30.14
CA THR R 220 -83.97 -26.39 29.57
C THR R 220 -82.93 -27.15 28.77
N GLU R 221 -82.12 -26.44 27.98
CA GLU R 221 -81.07 -27.10 27.21
C GLU R 221 -80.04 -27.75 28.12
N MET R 222 -79.71 -27.08 29.23
CA MET R 222 -78.73 -27.63 30.16
C MET R 222 -79.22 -28.94 30.78
N GLN R 223 -80.50 -29.00 31.14
CA GLN R 223 -81.06 -30.22 31.73
C GLN R 223 -81.01 -31.38 30.74
N ARG R 224 -81.35 -31.12 29.47
CA ARG R 224 -81.34 -32.18 28.46
C ARG R 224 -79.93 -32.66 28.17
N LEU R 225 -78.94 -31.76 28.20
CA LEU R 225 -77.58 -32.13 27.83
C LEU R 225 -76.83 -32.77 28.99
N VAL R 226 -76.93 -32.17 30.18
CA VAL R 226 -76.18 -32.65 31.34
C VAL R 226 -76.90 -33.86 31.93
N LYS R 227 -76.15 -34.96 32.10
CA LYS R 227 -76.69 -36.18 32.70
C LYS R 227 -76.46 -36.13 34.21
N GLY R 228 -77.29 -35.35 34.89
CA GLY R 228 -77.16 -35.20 36.32
C GLY R 228 -78.23 -34.32 36.87
N GLU R 229 -77.99 -33.79 38.08
CA GLU R 229 -78.93 -32.92 38.75
C GLU R 229 -78.61 -31.47 38.38
N VAL R 230 -79.58 -30.81 37.74
CA VAL R 230 -79.43 -29.43 37.29
C VAL R 230 -80.51 -28.59 37.96
N VAL R 231 -80.08 -27.52 38.65
CA VAL R 231 -80.98 -26.58 39.28
C VAL R 231 -80.56 -25.17 38.89
N ALA R 232 -81.53 -24.32 38.58
CA ALA R 232 -81.23 -22.98 38.11
C ALA R 232 -82.36 -22.03 38.51
N SER R 233 -82.03 -20.74 38.51
CA SER R 233 -82.98 -19.68 38.83
C SER R 233 -83.01 -18.69 37.67
N THR R 234 -84.21 -18.39 37.19
CA THR R 234 -84.36 -17.47 36.07
C THR R 234 -84.19 -16.03 36.51
N PHE R 235 -83.97 -15.15 35.53
CA PHE R 235 -83.73 -13.74 35.82
C PHE R 235 -84.97 -13.06 36.40
N ASP R 236 -86.17 -13.46 35.97
CA ASP R 236 -87.39 -12.83 36.44
C ASP R 236 -87.64 -13.07 37.92
N GLU R 237 -87.07 -14.14 38.48
CA GLU R 237 -87.22 -14.42 39.90
C GLU R 237 -86.47 -13.37 40.73
N PRO R 238 -86.94 -13.09 41.95
CA PRO R 238 -86.29 -12.06 42.76
C PRO R 238 -84.90 -12.47 43.20
N ALA R 239 -84.13 -11.48 43.62
CA ALA R 239 -82.76 -11.72 44.06
C ALA R 239 -82.72 -12.62 45.30
N SER R 240 -83.76 -12.57 46.13
CA SER R 240 -83.82 -13.45 47.30
C SER R 240 -83.93 -14.91 46.88
N ARG R 241 -84.61 -15.18 45.75
CA ARG R 241 -84.69 -16.54 45.24
C ARG R 241 -83.31 -17.06 44.85
N HIS R 242 -82.47 -16.21 44.26
CA HIS R 242 -81.12 -16.61 43.89
C HIS R 242 -80.30 -16.99 45.12
N VAL R 243 -80.45 -16.23 46.20
CA VAL R 243 -79.73 -16.54 47.44
C VAL R 243 -80.23 -17.86 48.02
N GLN R 244 -81.54 -18.07 48.00
CA GLN R 244 -82.11 -19.28 48.60
C GLN R 244 -81.62 -20.54 47.90
N VAL R 245 -81.60 -20.53 46.57
CA VAL R 245 -81.14 -21.71 45.83
C VAL R 245 -79.63 -21.90 45.95
N ALA R 246 -78.87 -20.82 46.04
CA ALA R 246 -77.41 -20.94 46.14
C ALA R 246 -76.99 -21.64 47.43
N GLU R 247 -77.62 -21.28 48.55
CA GLU R 247 -77.32 -21.95 49.81
C GLU R 247 -77.83 -23.39 49.82
N MET R 248 -78.90 -23.67 49.07
CA MET R 248 -79.44 -25.02 49.03
C MET R 248 -78.46 -25.99 48.38
N VAL R 249 -77.79 -25.56 47.32
CA VAL R 249 -76.88 -26.46 46.60
C VAL R 249 -75.67 -26.80 47.46
N ILE R 250 -75.06 -25.78 48.08
CA ILE R 250 -73.83 -26.02 48.84
C ILE R 250 -74.13 -26.83 50.10
N GLU R 251 -75.24 -26.54 50.77
CA GLU R 251 -75.60 -27.30 51.97
C GLU R 251 -75.88 -28.76 51.62
N LYS R 252 -76.55 -29.01 50.49
CA LYS R 252 -76.77 -30.38 50.05
C LYS R 252 -75.46 -31.08 49.73
N ALA R 253 -74.53 -30.37 49.10
CA ALA R 253 -73.23 -30.96 48.76
C ALA R 253 -72.45 -31.32 50.01
N LYS R 254 -72.48 -30.46 51.03
CA LYS R 254 -71.72 -30.73 52.26
C LYS R 254 -72.20 -31.99 52.94
N ARG R 255 -73.52 -32.21 52.99
CA ARG R 255 -74.05 -33.41 53.60
C ARG R 255 -73.61 -34.66 52.85
N LEU R 256 -73.60 -34.60 51.52
CA LEU R 256 -73.14 -35.75 50.74
C LEU R 256 -71.66 -36.01 50.94
N VAL R 257 -70.86 -34.96 51.11
CA VAL R 257 -69.42 -35.15 51.34
C VAL R 257 -69.18 -35.88 52.66
N GLU R 258 -69.99 -35.58 53.67
CA GLU R 258 -69.85 -36.24 54.97
C GLU R 258 -70.08 -37.75 54.88
N HIS R 259 -70.79 -38.22 53.84
CA HIS R 259 -71.04 -39.63 53.63
C HIS R 259 -70.03 -40.29 52.70
N LYS R 260 -68.80 -39.77 52.67
CA LYS R 260 -67.72 -40.33 51.85
C LYS R 260 -68.07 -40.35 50.37
N LYS R 261 -68.72 -39.29 49.88
CA LYS R 261 -69.09 -39.16 48.48
C LYS R 261 -68.42 -37.94 47.89
N ASP R 262 -68.19 -37.99 46.57
CA ASP R 262 -67.56 -36.91 45.83
C ASP R 262 -68.63 -36.12 45.08
N VAL R 263 -68.64 -34.80 45.27
CA VAL R 263 -69.62 -33.91 44.66
C VAL R 263 -68.87 -32.89 43.82
N ILE R 264 -69.31 -32.69 42.58
CA ILE R 264 -68.74 -31.72 41.66
C ILE R 264 -69.83 -30.70 41.35
N ILE R 265 -69.51 -29.41 41.56
CA ILE R 265 -70.48 -28.32 41.39
C ILE R 265 -69.95 -27.41 40.29
N LEU R 266 -70.79 -27.17 39.28
CA LEU R 266 -70.50 -26.23 38.21
C LEU R 266 -71.26 -24.93 38.49
N LEU R 267 -70.53 -23.89 38.89
CA LEU R 267 -71.14 -22.64 39.29
C LEU R 267 -71.10 -21.64 38.14
N ASP R 268 -72.23 -20.96 37.94
CA ASP R 268 -72.34 -19.93 36.90
C ASP R 268 -73.45 -18.98 37.32
N SER R 269 -73.08 -17.78 37.75
CA SER R 269 -71.70 -17.30 37.84
C SER R 269 -71.45 -16.61 39.17
N ILE R 270 -70.17 -16.51 39.55
CA ILE R 270 -69.81 -15.83 40.79
C ILE R 270 -70.23 -14.37 40.73
N THR R 271 -69.98 -13.71 39.61
CA THR R 271 -70.40 -12.32 39.46
C THR R 271 -71.91 -12.18 39.58
N ARG R 272 -72.66 -13.08 38.94
CA ARG R 272 -74.12 -13.07 39.08
C ARG R 272 -74.52 -13.43 40.51
N LEU R 273 -73.84 -14.40 41.12
CA LEU R 273 -74.15 -14.77 42.50
C LEU R 273 -73.86 -13.63 43.46
N ALA R 274 -72.73 -12.95 43.28
CA ALA R 274 -72.41 -11.81 44.13
C ALA R 274 -73.38 -10.65 43.90
N ARG R 275 -73.95 -10.56 42.69
CA ARG R 275 -74.92 -9.50 42.41
C ARG R 275 -76.16 -9.64 43.29
N ALA R 276 -76.67 -10.87 43.42
CA ALA R 276 -77.84 -11.09 44.26
C ALA R 276 -77.51 -10.95 45.73
N TYR R 277 -76.33 -11.42 46.15
CA TYR R 277 -75.95 -11.34 47.56
C TYR R 277 -75.83 -9.89 48.01
N ASN R 278 -75.28 -9.01 47.17
CA ASN R 278 -75.12 -7.62 47.54
C ASN R 278 -76.46 -6.94 47.77
N THR R 279 -77.45 -7.24 46.92
CA THR R 279 -78.76 -6.61 47.06
C THR R 279 -79.50 -7.11 48.29
N VAL R 280 -79.42 -8.42 48.57
CA VAL R 280 -80.20 -9.00 49.65
C VAL R 280 -79.72 -8.49 51.00
N VAL R 281 -78.41 -8.42 51.20
CA VAL R 281 -77.88 -8.01 52.51
C VAL R 281 -78.24 -6.55 52.78
N PRO R 282 -78.73 -6.22 53.97
CA PRO R 282 -79.05 -4.81 54.26
C PRO R 282 -77.80 -3.96 54.33
N ALA R 283 -77.97 -2.68 54.01
CA ALA R 283 -76.86 -1.75 54.04
C ALA R 283 -76.37 -1.52 55.46
N SER R 284 -75.05 -1.46 55.63
CA SER R 284 -74.43 -1.24 56.92
C SER R 284 -74.13 0.23 57.19
N GLY R 285 -74.56 1.13 56.30
CA GLY R 285 -74.29 2.54 56.44
C GLY R 285 -73.03 3.03 55.76
N LYS R 286 -72.19 2.12 55.25
CA LYS R 286 -70.97 2.48 54.55
C LYS R 286 -70.97 1.80 53.19
N VAL R 287 -70.67 2.58 52.15
CA VAL R 287 -70.65 2.08 50.77
C VAL R 287 -69.23 2.20 50.25
N LEU R 288 -68.69 1.10 49.75
CA LEU R 288 -67.35 1.07 49.19
C LEU R 288 -67.42 1.38 47.69
N THR R 289 -66.30 1.19 46.99
CA THR R 289 -66.26 1.45 45.56
C THR R 289 -67.12 0.45 44.81
N GLY R 290 -67.87 0.94 43.83
CA GLY R 290 -68.74 0.09 43.04
C GLY R 290 -70.05 -0.27 43.70
N GLY R 291 -70.35 0.30 44.86
CA GLY R 291 -71.60 -0.01 45.53
C GLY R 291 -71.67 -1.38 46.15
N VAL R 292 -70.52 -2.00 46.43
CA VAL R 292 -70.46 -3.33 47.02
C VAL R 292 -69.90 -3.19 48.43
N ASP R 293 -70.66 -3.67 49.41
CA ASP R 293 -70.22 -3.63 50.80
C ASP R 293 -69.22 -4.73 51.07
N ALA R 294 -68.39 -4.52 52.09
CA ALA R 294 -67.40 -5.53 52.48
C ALA R 294 -68.08 -6.81 52.95
N ASN R 295 -69.15 -6.68 53.73
CA ASN R 295 -69.89 -7.86 54.21
C ASN R 295 -70.73 -8.49 53.11
N ALA R 296 -71.03 -7.75 52.04
CA ALA R 296 -71.84 -8.29 50.96
C ALA R 296 -71.13 -9.45 50.26
N LEU R 297 -69.82 -9.31 50.03
CA LEU R 297 -69.03 -10.33 49.36
C LEU R 297 -68.54 -11.41 50.31
N HIS R 298 -68.85 -11.31 51.60
CA HIS R 298 -68.48 -12.36 52.54
C HIS R 298 -69.21 -13.66 52.22
N ARG R 299 -70.49 -13.58 51.87
CA ARG R 299 -71.26 -14.77 51.55
C ARG R 299 -70.72 -15.52 50.34
N PRO R 300 -70.41 -14.88 49.20
CA PRO R 300 -69.80 -15.64 48.10
C PRO R 300 -68.48 -16.29 48.46
N LYS R 301 -67.69 -15.66 49.34
CA LYS R 301 -66.42 -16.25 49.76
C LYS R 301 -66.66 -17.56 50.51
N ARG R 302 -67.68 -17.60 51.38
CA ARG R 302 -68.02 -18.83 52.08
C ARG R 302 -68.45 -19.92 51.09
N PHE R 303 -69.26 -19.55 50.10
CA PHE R 303 -69.74 -20.52 49.12
C PHE R 303 -68.60 -21.05 48.27
N PHE R 304 -67.73 -20.15 47.79
CA PHE R 304 -66.64 -20.57 46.91
C PHE R 304 -65.55 -21.32 47.66
N GLY R 305 -65.28 -20.93 48.90
CA GLY R 305 -64.20 -21.55 49.65
C GLY R 305 -64.50 -22.93 50.19
N ALA R 306 -65.75 -23.39 50.06
CA ALA R 306 -66.13 -24.69 50.60
C ALA R 306 -65.54 -25.86 49.82
N ALA R 307 -64.96 -25.61 48.65
CA ALA R 307 -64.36 -26.69 47.85
C ALA R 307 -63.12 -27.21 48.55
N ARG R 308 -63.23 -28.41 49.13
CA ARG R 308 -62.14 -28.99 49.91
C ARG R 308 -62.02 -30.47 49.56
N ASN R 309 -60.82 -31.01 49.78
CA ASN R 309 -60.54 -32.43 49.59
C ASN R 309 -60.40 -33.05 50.97
N VAL R 310 -61.39 -33.85 51.35
CA VAL R 310 -61.44 -34.41 52.71
C VAL R 310 -60.41 -35.52 52.84
N GLU R 311 -59.58 -35.44 53.88
CA GLU R 311 -58.60 -36.48 54.15
C GLU R 311 -59.29 -37.80 54.52
N GLU R 312 -60.35 -37.72 55.34
CA GLU R 312 -61.05 -38.93 55.75
C GLU R 312 -61.68 -39.65 54.58
N GLY R 313 -62.27 -38.90 53.65
CA GLY R 313 -62.92 -39.49 52.49
C GLY R 313 -63.84 -38.55 51.77
N GLY R 314 -63.88 -38.63 50.44
CA GLY R 314 -64.71 -37.76 49.64
C GLY R 314 -64.05 -36.42 49.36
N SER R 315 -64.68 -35.66 48.47
CA SER R 315 -64.17 -34.36 48.10
C SER R 315 -65.32 -33.53 47.52
N LEU R 316 -65.11 -32.21 47.53
CA LEU R 316 -66.07 -31.26 46.96
C LEU R 316 -65.34 -30.39 45.94
N THR R 317 -65.69 -30.56 44.67
CA THR R 317 -65.09 -29.81 43.59
C THR R 317 -66.07 -28.74 43.11
N ILE R 318 -65.61 -27.49 43.09
CA ILE R 318 -66.42 -26.36 42.68
C ILE R 318 -65.72 -25.67 41.51
N ILE R 319 -66.42 -25.58 40.39
CA ILE R 319 -65.92 -24.89 39.20
C ILE R 319 -66.86 -23.72 38.91
N ALA R 320 -66.31 -22.52 38.90
CA ALA R 320 -67.10 -21.29 38.75
C ALA R 320 -66.63 -20.52 37.53
N THR R 321 -67.48 -19.57 37.10
CA THR R 321 -67.18 -18.72 35.97
C THR R 321 -67.20 -17.26 36.41
N ALA R 322 -66.24 -16.48 35.91
CA ALA R 322 -66.11 -15.07 36.24
C ALA R 322 -66.27 -14.25 34.97
N LEU R 323 -67.08 -13.20 35.04
CA LEU R 323 -67.35 -12.32 33.91
C LEU R 323 -66.49 -11.07 34.01
N ILE R 324 -65.77 -10.75 32.93
CA ILE R 324 -64.94 -9.56 32.85
C ILE R 324 -65.25 -8.82 31.56
N ASP R 325 -64.87 -7.55 31.53
CA ASP R 325 -65.06 -6.68 30.36
C ASP R 325 -66.53 -6.63 29.94
N THR R 326 -67.42 -6.58 30.93
CA THR R 326 -68.86 -6.51 30.69
C THR R 326 -69.39 -5.08 30.67
N GLY R 327 -68.51 -4.09 30.82
CA GLY R 327 -68.94 -2.70 30.83
C GLY R 327 -69.42 -2.19 32.17
N SER R 328 -69.38 -3.05 33.20
CA SER R 328 -69.86 -2.67 34.55
C SER R 328 -68.74 -2.75 35.58
N LYS R 329 -68.48 -1.65 36.29
CA LYS R 329 -67.41 -1.64 37.32
C LYS R 329 -67.79 -2.59 38.44
N MET R 330 -69.03 -2.51 38.92
CA MET R 330 -69.41 -3.36 40.07
C MET R 330 -68.87 -4.76 39.78
N ASP R 331 -68.92 -5.18 38.50
CA ASP R 331 -68.49 -6.55 38.25
C ASP R 331 -66.98 -6.69 38.30
N GLU R 332 -66.24 -5.64 37.92
CA GLU R 332 -64.79 -5.69 37.97
C GLU R 332 -64.28 -5.83 39.39
N VAL R 333 -64.91 -5.12 40.34
CA VAL R 333 -64.48 -5.20 41.73
C VAL R 333 -64.65 -6.60 42.27
N ILE R 334 -65.73 -7.28 41.87
CA ILE R 334 -65.98 -8.65 42.33
C ILE R 334 -64.87 -9.57 41.86
N TYR R 335 -64.44 -9.41 40.60
CA TYR R 335 -63.40 -10.27 40.05
C TYR R 335 -62.07 -10.09 40.77
N GLU R 336 -61.75 -8.85 41.15
CA GLU R 336 -60.46 -8.57 41.79
C GLU R 336 -60.30 -9.30 43.11
N GLU R 337 -61.36 -9.33 43.92
CA GLU R 337 -61.27 -10.01 45.21
C GLU R 337 -61.25 -11.52 45.05
N PHE R 338 -61.67 -12.03 43.89
CA PHE R 338 -61.70 -13.47 43.63
C PHE R 338 -60.58 -13.92 42.70
N LYS R 339 -59.44 -13.23 42.70
CA LYS R 339 -58.32 -13.60 41.85
C LYS R 339 -57.51 -14.73 42.47
N GLY R 340 -56.91 -14.46 43.64
CA GLY R 340 -56.02 -15.41 44.28
C GLY R 340 -56.71 -16.47 45.13
N THR R 341 -58.03 -16.56 45.06
CA THR R 341 -58.77 -17.53 45.86
C THR R 341 -58.85 -18.90 45.19
N GLY R 342 -58.41 -19.04 43.94
CA GLY R 342 -58.61 -20.32 43.24
C GLY R 342 -57.39 -21.21 43.20
N ASN R 343 -57.60 -22.52 42.99
CA ASN R 343 -56.48 -23.48 42.87
C ASN R 343 -56.13 -23.66 41.39
N MET R 344 -57.01 -23.26 40.47
CA MET R 344 -56.65 -23.32 39.03
C MET R 344 -57.33 -22.15 38.29
N GLU R 345 -56.59 -21.45 37.41
CA GLU R 345 -57.27 -20.39 36.68
C GLU R 345 -57.38 -20.77 35.21
N LEU R 346 -58.55 -20.47 34.63
CA LEU R 346 -58.80 -20.71 33.21
C LEU R 346 -59.32 -19.41 32.61
N HIS R 347 -58.44 -18.67 31.94
CA HIS R 347 -58.77 -17.36 31.40
C HIS R 347 -59.08 -17.48 29.91
N LEU R 348 -60.24 -16.99 29.51
CA LEU R 348 -60.65 -16.99 28.12
C LEU R 348 -60.38 -15.63 27.50
N SER R 349 -60.20 -15.62 26.18
CA SER R 349 -59.89 -14.39 25.44
C SER R 349 -60.95 -14.16 24.38
N ARG R 350 -61.51 -12.95 24.36
CA ARG R 350 -62.51 -12.60 23.37
C ARG R 350 -61.90 -12.54 21.96
N LYS R 351 -60.65 -12.06 21.86
CA LYS R 351 -60.00 -11.91 20.57
C LYS R 351 -59.86 -13.26 19.85
N ILE R 352 -59.54 -14.30 20.60
CA ILE R 352 -59.44 -15.64 20.01
C ILE R 352 -60.78 -16.09 19.46
N ALA R 353 -61.87 -15.82 20.19
CA ALA R 353 -63.20 -16.16 19.71
C ALA R 353 -63.57 -15.38 18.47
N GLU R 354 -63.06 -14.15 18.34
CA GLU R 354 -63.33 -13.34 17.15
C GLU R 354 -62.71 -13.94 15.90
N LYS R 355 -61.71 -14.81 16.04
CA LYS R 355 -61.08 -15.48 14.92
C LYS R 355 -61.74 -16.80 14.55
N ARG R 356 -62.88 -17.11 15.18
CA ARG R 356 -63.61 -18.36 14.92
C ARG R 356 -62.74 -19.58 15.23
N VAL R 357 -61.93 -19.47 16.27
CA VAL R 357 -61.08 -20.57 16.74
C VAL R 357 -61.54 -20.94 18.14
N PHE R 358 -61.88 -22.20 18.34
CA PHE R 358 -62.40 -22.66 19.62
C PHE R 358 -61.63 -23.89 20.09
N PRO R 359 -61.44 -24.05 21.40
CA PRO R 359 -61.88 -23.15 22.49
C PRO R 359 -60.99 -21.93 22.63
N ALA R 360 -61.58 -20.77 22.95
CA ALA R 360 -60.82 -19.53 23.11
C ALA R 360 -60.22 -19.50 24.52
N ILE R 361 -59.12 -20.23 24.69
CA ILE R 361 -58.46 -20.40 25.97
C ILE R 361 -57.06 -19.80 25.87
N ASP R 362 -56.72 -18.93 26.82
CA ASP R 362 -55.38 -18.35 26.90
C ASP R 362 -54.47 -19.35 27.60
N TYR R 363 -53.65 -20.06 26.82
CA TYR R 363 -52.79 -21.09 27.39
C TYR R 363 -51.76 -20.50 28.33
N ASN R 364 -51.17 -19.37 27.95
CA ASN R 364 -50.15 -18.75 28.81
C ASN R 364 -50.75 -18.30 30.13
N ARG R 365 -51.94 -17.69 30.10
CA ARG R 365 -52.56 -17.19 31.32
C ARG R 365 -53.08 -18.33 32.20
N SER R 366 -53.59 -19.40 31.57
CA SER R 366 -54.14 -20.51 32.33
C SER R 366 -53.04 -21.29 33.05
N GLY R 367 -53.41 -21.89 34.16
CA GLY R 367 -52.45 -22.66 34.94
C GLY R 367 -53.13 -23.31 36.12
N THR R 368 -52.34 -24.06 36.90
CA THR R 368 -52.84 -24.77 38.05
C THR R 368 -51.74 -24.87 39.10
N ARG R 369 -52.15 -25.10 40.33
CA ARG R 369 -51.23 -25.24 41.46
C ARG R 369 -51.18 -26.69 41.93
N LYS R 370 -50.00 -27.13 42.35
CA LYS R 370 -49.77 -28.48 42.84
C LYS R 370 -50.21 -29.53 41.82
N GLU R 371 -49.82 -29.31 40.57
CA GLU R 371 -50.13 -30.26 39.50
C GLU R 371 -49.33 -31.55 39.62
N GLU R 372 -48.32 -31.60 40.50
CA GLU R 372 -47.54 -32.82 40.66
C GLU R 372 -48.41 -33.96 41.20
N LEU R 373 -49.30 -33.64 42.14
CA LEU R 373 -50.16 -34.67 42.73
C LEU R 373 -51.15 -35.25 41.72
N LEU R 374 -51.69 -34.40 40.84
CA LEU R 374 -52.70 -34.86 39.89
C LEU R 374 -52.09 -35.72 38.79
N THR R 375 -51.17 -35.15 38.02
CA THR R 375 -50.55 -35.87 36.91
C THR R 375 -49.46 -36.80 37.45
N THR R 376 -48.92 -37.63 36.56
CA THR R 376 -47.84 -38.54 36.90
C THR R 376 -46.49 -37.89 36.62
N GLN R 377 -45.43 -38.59 37.00
CA GLN R 377 -44.08 -38.07 36.79
C GLN R 377 -43.77 -37.92 35.30
N GLU R 378 -44.16 -38.92 34.50
CA GLU R 378 -43.90 -38.84 33.06
C GLU R 378 -44.80 -37.80 32.39
N GLU R 379 -46.06 -37.75 32.81
CA GLU R 379 -47.00 -36.80 32.19
C GLU R 379 -46.64 -35.36 32.53
N LEU R 380 -46.17 -35.12 33.76
CA LEU R 380 -45.86 -33.76 34.18
C LEU R 380 -44.73 -33.16 33.35
N GLN R 381 -43.69 -33.95 33.07
CA GLN R 381 -42.56 -33.45 32.31
C GLN R 381 -42.96 -33.08 30.88
N LYS R 382 -43.86 -33.87 30.27
CA LYS R 382 -44.31 -33.56 28.92
C LYS R 382 -45.05 -32.23 28.87
N MET R 383 -45.86 -31.94 29.88
CA MET R 383 -46.58 -30.67 29.92
C MET R 383 -45.62 -29.49 30.04
N TRP R 384 -44.55 -29.65 30.82
CA TRP R 384 -43.56 -28.58 30.97
C TRP R 384 -42.88 -28.29 29.64
N ILE R 385 -42.57 -29.32 28.86
CA ILE R 385 -41.94 -29.12 27.55
C ILE R 385 -42.86 -28.34 26.63
N LEU R 386 -44.16 -28.68 26.63
CA LEU R 386 -45.12 -27.99 25.78
C LEU R 386 -45.24 -26.52 26.16
N ARG R 387 -45.25 -26.22 27.47
CA ARG R 387 -45.38 -24.84 27.91
C ARG R 387 -44.16 -24.01 27.49
N LYS R 388 -42.98 -24.63 27.43
CA LYS R 388 -41.78 -23.91 27.03
C LYS R 388 -41.89 -23.42 25.59
N ILE R 389 -42.45 -24.25 24.71
CA ILE R 389 -42.62 -23.85 23.31
C ILE R 389 -43.70 -22.79 23.17
N ILE R 390 -44.80 -22.93 23.92
CA ILE R 390 -45.94 -22.04 23.77
C ILE R 390 -45.61 -20.64 24.29
N HIS R 391 -44.83 -20.53 25.35
CA HIS R 391 -44.63 -19.24 26.02
C HIS R 391 -44.12 -18.14 25.10
N PRO R 392 -43.10 -18.35 24.25
CA PRO R 392 -42.70 -17.28 23.33
C PRO R 392 -43.81 -16.85 22.38
N MET R 393 -44.67 -17.78 21.97
CA MET R 393 -45.75 -17.45 21.05
C MET R 393 -46.82 -16.62 21.76
N GLY R 394 -47.58 -15.87 20.96
CA GLY R 394 -48.62 -15.03 21.50
C GLY R 394 -49.82 -15.83 21.98
N GLU R 395 -50.72 -15.13 22.67
CA GLU R 395 -51.92 -15.77 23.19
C GLU R 395 -52.86 -16.24 22.09
N ILE R 396 -52.78 -15.65 20.90
CA ILE R 396 -53.65 -16.03 19.80
C ILE R 396 -53.01 -17.07 18.90
N ASP R 397 -51.72 -16.89 18.59
CA ASP R 397 -51.02 -17.83 17.71
C ASP R 397 -50.84 -19.21 18.36
N ALA R 398 -50.90 -19.28 19.69
CA ALA R 398 -50.70 -20.55 20.37
C ALA R 398 -51.85 -21.52 20.13
N MET R 399 -53.07 -21.00 19.94
CA MET R 399 -54.23 -21.87 19.81
C MET R 399 -54.22 -22.62 18.48
N GLU R 400 -54.16 -21.88 17.36
CA GLU R 400 -54.15 -22.54 16.06
C GLU R 400 -52.93 -23.44 15.89
N PHE R 401 -51.82 -23.10 16.55
CA PHE R 401 -50.67 -24.01 16.58
C PHE R 401 -51.02 -25.30 17.31
N LEU R 402 -51.75 -25.19 18.43
CA LEU R 402 -52.12 -26.38 19.19
C LEU R 402 -53.28 -27.13 18.55
N ILE R 403 -54.20 -26.41 17.89
CA ILE R 403 -55.39 -27.05 17.34
C ILE R 403 -55.01 -28.02 16.22
N ASN R 404 -54.15 -27.59 15.30
CA ASN R 404 -53.78 -28.44 14.18
C ASN R 404 -53.02 -29.68 14.66
N LYS R 405 -52.15 -29.52 15.66
CA LYS R 405 -51.41 -30.67 16.19
C LYS R 405 -52.37 -31.68 16.82
N LEU R 406 -53.35 -31.21 17.58
CA LEU R 406 -54.30 -32.12 18.20
C LEU R 406 -55.31 -32.66 17.19
N ALA R 407 -55.55 -31.93 16.10
CA ALA R 407 -56.52 -32.38 15.11
C ALA R 407 -56.07 -33.67 14.42
N MET R 408 -54.79 -33.78 14.10
CA MET R 408 -54.27 -34.95 13.40
C MET R 408 -53.80 -36.05 14.33
N THR R 409 -53.94 -35.89 15.63
CA THR R 409 -53.58 -36.91 16.61
C THR R 409 -54.84 -37.48 17.25
N LYS R 410 -54.78 -38.78 17.56
CA LYS R 410 -55.94 -39.47 18.14
C LYS R 410 -56.13 -39.07 19.60
N THR R 411 -55.12 -39.30 20.43
CA THR R 411 -55.16 -38.98 21.84
C THR R 411 -54.04 -38.02 22.20
N ASN R 412 -54.08 -37.55 23.46
CA ASN R 412 -53.04 -36.63 23.93
C ASN R 412 -51.68 -37.33 24.00
N ASP R 413 -51.67 -38.65 24.22
CA ASP R 413 -50.41 -39.39 24.23
C ASP R 413 -49.73 -39.33 22.87
N ASP R 414 -50.51 -39.45 21.79
CA ASP R 414 -49.94 -39.36 20.44
C ASP R 414 -49.40 -37.95 20.19
N PHE R 415 -50.09 -36.93 20.68
CA PHE R 415 -49.58 -35.56 20.55
C PHE R 415 -48.29 -35.38 21.35
N PHE R 416 -48.21 -35.96 22.54
CA PHE R 416 -47.04 -35.78 23.38
C PHE R 416 -45.79 -36.39 22.75
N GLU R 417 -45.91 -37.58 22.16
CA GLU R 417 -44.74 -38.21 21.55
C GLU R 417 -44.33 -37.50 20.26
N MET R 418 -45.27 -36.82 19.60
CA MET R 418 -44.92 -36.04 18.42
C MET R 418 -44.04 -34.84 18.77
N MET R 419 -44.34 -34.15 19.88
CA MET R 419 -43.51 -33.03 20.30
C MET R 419 -42.11 -33.48 20.71
N LYS R 420 -41.97 -34.73 21.14
CA LYS R 420 -40.66 -35.24 21.52
C LYS R 420 -39.73 -35.34 20.32
N ARG R 421 -40.28 -35.45 19.11
CA ARG R 421 -39.45 -35.51 17.90
C ARG R 421 -38.65 -34.23 17.73
N SER R 422 -39.27 -33.07 17.97
CA SER R 422 -38.61 -31.79 17.83
C SER R 422 -37.67 -31.52 19.00
PB ADP S . -86.48 7.90 17.29
O1B ADP S . -87.54 6.84 17.08
O2B ADP S . -85.16 7.37 17.78
O3B ADP S . -86.97 9.12 18.03
PA ADP S . -87.36 8.94 14.85
O1A ADP S . -88.15 7.72 14.41
O2A ADP S . -88.07 10.09 15.51
O3A ADP S . -86.17 8.44 15.81
O5' ADP S . -86.58 9.51 13.57
C5' ADP S . -87.30 10.04 12.46
C4' ADP S . -86.33 10.46 11.35
O4' ADP S . -85.37 9.43 11.12
C3' ADP S . -87.06 10.73 10.05
O3' ADP S . -86.96 12.11 9.71
C2' ADP S . -86.37 9.88 9.01
O2' ADP S . -85.90 10.71 7.94
C1' ADP S . -85.19 9.23 9.71
N9 ADP S . -85.16 7.77 9.41
C8 ADP S . -85.44 6.79 10.30
N7 ADP S . -85.31 5.57 9.72
C5 ADP S . -84.95 5.76 8.44
C6 ADP S . -84.66 4.90 7.27
N6 ADP S . -84.73 3.55 7.36
N1 ADP S . -84.31 5.50 6.12
C2 ADP S . -84.24 6.85 6.01
N3 ADP S . -84.50 7.69 7.02
C4 ADP S . -84.85 7.21 8.24
MG MG T . -90.15 7.05 19.07
PB ADP U . 98.47 7.10 -35.36
O1B ADP U . 98.22 8.49 -34.83
O2B ADP U . 98.52 7.00 -36.86
O3B ADP U . 97.64 6.02 -34.70
PA ADP U . 100.43 6.95 -33.36
O1A ADP U . 100.47 8.43 -33.04
O2A ADP U . 99.57 6.03 -32.51
O3A ADP U . 99.98 6.77 -34.89
O5' ADP U . 101.93 6.39 -33.35
C5' ADP U . 102.69 6.39 -32.14
C4' ADP U . 104.09 5.87 -32.41
O4' ADP U . 104.65 6.50 -33.56
C3' ADP U . 105.03 6.14 -31.24
O3' ADP U . 105.43 4.91 -30.64
C2' ADP U . 106.22 6.86 -31.83
O2' ADP U . 107.42 6.14 -31.51
C1' ADP U . 106.01 6.88 -33.33
N9 ADP U . 106.22 8.25 -33.85
C8 ADP U . 105.27 9.07 -34.33
N7 ADP U . 105.80 10.26 -34.73
C5 ADP U . 107.13 10.19 -34.52
C6 ADP U . 108.29 11.10 -34.73
N6 ADP U . 108.12 12.33 -35.26
N1 ADP U . 109.51 10.64 -34.37
C2 ADP U . 109.69 9.41 -33.85
N3 ADP U . 108.68 8.55 -33.63
C4 ADP U . 107.40 8.87 -33.94
MG MG V . 95.37 8.87 -33.21
PB ADP W . 87.40 -20.46 -27.04
O1B ADP W . 87.61 -19.86 -25.68
O2B ADP W . 87.84 -19.58 -28.18
O3B ADP W . 86.06 -21.12 -27.24
PA ADP W . 88.48 -22.78 -25.91
O1A ADP W . 89.04 -22.14 -24.67
O2A ADP W . 87.12 -23.46 -25.86
O3A ADP W . 88.45 -21.68 -27.08
O5' ADP W . 89.55 -23.86 -26.45
C5' ADP W . 89.87 -25.00 -25.66
C4' ADP W . 90.94 -25.83 -26.35
O4' ADP W . 92.01 -24.98 -26.79
C3' ADP W . 91.53 -26.88 -25.42
O3' ADP W . 91.21 -28.19 -25.88
C2' ADP W . 93.03 -26.66 -25.46
O2' ADP W . 93.68 -27.87 -25.85
C1' ADP W . 93.27 -25.57 -26.50
N9 ADP W . 94.19 -24.54 -25.94
C8 ADP W . 93.83 -23.28 -25.61
N7 ADP W . 94.89 -22.58 -25.14
C5 ADP W . 95.96 -23.40 -25.17
C6 ADP W . 97.39 -23.30 -24.80
N6 ADP W . 97.91 -22.15 -24.31
N1 ADP W . 98.16 -24.39 -24.99
C2 ADP W . 97.66 -25.54 -25.48
N3 ADP W . 96.37 -25.70 -25.82
C4 ADP W . 95.48 -24.69 -25.69
MG MG X . 84.85 -19.28 -23.98
PB ADP Y . 64.17 -36.46 -39.24
O1B ADP Y . 64.22 -37.09 -37.88
O2B ADP Y . 65.23 -35.42 -39.48
O3B ADP Y . 62.79 -36.07 -39.70
PA ADP Y . 63.82 -39.08 -40.17
O1A ADP Y . 64.23 -39.78 -38.90
O2A ADP Y . 62.36 -38.85 -40.46
O3A ADP Y . 64.59 -37.66 -40.23
O5' ADP Y . 64.46 -39.89 -41.41
C5' ADP Y . 64.03 -41.22 -41.67
C4' ADP Y . 64.81 -41.79 -42.85
O4' ADP Y . 66.21 -41.53 -42.69
C3' ADP Y . 64.64 -43.29 -42.98
O3' ADP Y . 63.94 -43.60 -44.18
C2' ADP Y . 66.03 -43.87 -43.01
O2' ADP Y . 66.20 -44.65 -44.20
C1' ADP Y . 66.99 -42.69 -43.01
N9 ADP Y . 68.05 -42.89 -42.00
C8 ADP Y . 68.17 -42.18 -40.85
N7 ADP Y . 69.24 -42.59 -40.14
C5 ADP Y . 69.84 -43.59 -40.84
C6 ADP Y . 71.02 -44.46 -40.67
N6 ADP Y . 71.81 -44.36 -39.56
N1 ADP Y . 71.29 -45.36 -41.63
C2 ADP Y . 70.52 -45.47 -42.73
N3 ADP Y . 69.43 -44.71 -42.95
C4 ADP Y . 69.04 -43.76 -42.06
MG MG Z . 61.60 -36.50 -35.97
PB ADP AA . 40.77 -26.89 -56.68
O1B ADP AA . 40.17 -28.16 -56.15
O2B ADP AA . 42.19 -26.62 -56.24
O3B ADP AA . 39.86 -25.68 -56.59
PA ADP AA . 39.64 -27.67 -59.12
O1A ADP AA . 39.37 -29.10 -58.74
O2A ADP AA . 38.56 -26.63 -59.02
O3A ADP AA . 40.91 -27.15 -58.26
O5' ADP AA . 40.21 -27.65 -60.62
C5' ADP AA . 39.37 -28.06 -61.71
C4' ADP AA . 40.15 -28.00 -63.01
O4' ADP AA . 41.42 -28.63 -62.86
C3' ADP AA . 39.41 -28.72 -64.13
O3' ADP AA . 39.02 -27.79 -65.14
C2' ADP AA . 40.39 -29.72 -64.70
O2' ADP AA . 40.55 -29.50 -66.11
C1' ADP AA . 41.70 -29.48 -63.98
N9 ADP AA . 42.26 -30.77 -63.50
C8 ADP AA . 42.34 -31.15 -62.21
N7 ADP AA . 42.91 -32.39 -62.11
C5 ADP AA . 43.21 -32.80 -63.35
C6 ADP AA . 43.83 -34.00 -63.95
N6 ADP AA . 44.25 -35.04 -63.17
N1 ADP AA . 43.97 -34.04 -65.30
C2 ADP AA . 43.55 -33.02 -66.07
N3 ADP AA . 42.98 -31.90 -65.59
C4 ADP AA . 42.79 -31.73 -64.26
MG MG BA . 37.61 -27.77 -54.11
PB ADP CA . 29.28 1.25 -60.16
O1B ADP CA . 28.10 0.44 -60.61
O2B ADP CA . 30.49 0.43 -59.79
O3B ADP CA . 28.96 2.34 -59.17
PA ADP CA . 28.68 2.90 -62.33
O1A ADP CA . 27.74 1.95 -63.03
O2A ADP CA . 28.12 3.98 -61.43
O3A ADP CA . 29.74 2.03 -61.48
O5' ADP CA . 29.59 3.61 -63.45
C5' ADP CA . 29.00 4.46 -64.43
C4' ADP CA . 30.06 4.96 -65.40
O4' ADP CA . 30.87 3.86 -65.85
C3' ADP CA . 29.44 5.61 -66.62
O3' ADP CA . 29.76 7.00 -66.65
C2' ADP CA . 30.04 4.91 -67.82
O2' ADP CA . 30.67 5.87 -68.68
C1' ADP CA . 31.08 3.94 -67.26
N9 ADP CA . 30.90 2.59 -67.86
C8 ADP CA . 30.45 1.51 -67.22
N7 ADP CA . 30.41 0.43 -68.05
C5 ADP CA . 30.84 0.83 -69.25
C6 ADP CA . 31.06 0.21 -70.58
N6 ADP CA . 30.79 -1.10 -70.78
N1 ADP CA . 31.54 0.99 -71.58
C2 ADP CA . 31.81 2.29 -71.38
N3 ADP CA . 31.65 2.92 -70.21
C4 ADP CA . 31.17 2.27 -69.12
MG MG DA . 25.46 0.62 -58.64
PB ADP EA . 31.88 25.64 -41.78
O1B ADP EA . 30.63 26.03 -42.54
O2B ADP EA . 32.49 24.33 -42.21
O3B ADP EA . 31.77 25.81 -40.27
PA ADP EA . 32.63 28.31 -42.11
O1A ADP EA . 31.61 28.65 -43.18
O2A ADP EA . 32.34 28.64 -40.67
O3A ADP EA . 32.96 26.74 -42.22
O5' ADP EA . 34.03 29.00 -42.52
C5' ADP EA . 34.14 30.43 -42.55
C4' ADP EA . 35.54 30.83 -43.01
O4' ADP EA . 35.90 30.08 -44.17
C3' ADP EA . 35.59 32.31 -43.36
O3' ADP EA . 36.45 33.00 -42.46
C2' ADP EA . 36.16 32.37 -44.76
O2' ADP EA . 37.34 33.18 -44.78
C1' ADP EA . 36.51 30.94 -45.15
N9 ADP EA . 35.97 30.62 -46.49
C8 ADP EA . 34.94 29.78 -46.75
N7 ADP EA . 34.70 29.69 -48.08
C5 ADP EA . 35.59 30.50 -48.70
C6 ADP EA . 35.88 30.88 -50.11
N6 ADP EA . 35.16 30.38 -51.13
N1 ADP EA . 36.88 31.76 -50.32
C2 ADP EA . 37.62 32.26 -49.31
N3 ADP EA . 37.40 31.96 -48.02
C4 ADP EA . 36.41 31.10 -47.65
MG MG FA . 27.88 26.14 -40.74
PB ADP GA . 39.06 26.94 -11.94
O1B ADP GA . 38.35 28.26 -12.08
O2B ADP GA . 39.18 26.15 -13.22
O3B ADP GA . 38.62 26.12 -10.74
PA ADP GA . 40.90 28.37 -10.39
O1A ADP GA . 40.46 29.74 -10.82
O2A ADP GA . 40.39 27.77 -9.11
O3A ADP GA . 40.58 27.35 -11.60
O5' ADP GA . 42.51 28.36 -10.34
C5' ADP GA . 43.20 29.17 -9.39
C4' ADP GA . 44.71 29.02 -9.57
O4' ADP GA . 45.05 29.16 -10.96
C3' ADP GA . 45.47 30.09 -8.82
O3' ADP GA . 46.25 29.49 -7.78
C2' ADP GA . 46.37 30.75 -9.83
O2' ADP GA . 47.74 30.67 -9.39
C1' ADP GA . 46.19 29.99 -11.13
N9 ADP GA . 45.97 30.93 -12.25
C8 ADP GA . 44.81 31.09 -12.91
N7 ADP GA . 44.93 32.03 -13.89
C5 ADP GA . 46.20 32.47 -13.86
C6 ADP GA . 47.00 33.46 -14.62
N6 ADP GA . 46.45 34.17 -15.64
N1 ADP GA . 48.30 33.62 -14.28
C2 ADP GA . 48.86 32.92 -13.28
N3 ADP GA . 48.18 32.01 -12.54
C4 ADP GA . 46.88 31.74 -12.78
MG MG HA . 35.51 28.51 -10.45
PB ADP IA . 37.58 5.07 9.53
O1B ADP IA . 37.55 6.29 10.42
O2B ADP IA . 37.71 5.38 8.05
O3B ADP IA . 36.54 4.03 9.86
PA ADP IA . 39.35 4.02 11.43
O1A ADP IA . 39.64 5.33 12.14
O2A ADP IA . 38.29 3.09 11.98
O3A ADP IA . 38.97 4.35 9.89
O5' ADP IA . 40.72 3.21 11.31
C5' ADP IA . 41.39 2.74 12.46
C4' ADP IA . 42.68 2.04 12.08
O4' ADP IA . 43.42 2.84 11.16
C3' ADP IA . 43.57 1.80 13.29
O3' ADP IA . 43.71 0.41 13.54
C2' ADP IA . 44.92 2.41 12.95
O2' ADP IA . 45.95 1.42 13.06
C1' ADP IA . 44.81 2.88 11.50
N9 ADP IA . 45.31 4.27 11.38
C8 ADP IA . 44.55 5.36 11.14
N7 ADP IA . 45.31 6.48 11.08
C5 ADP IA . 46.59 6.11 11.28
C6 ADP IA . 47.90 6.81 11.34
N6 ADP IA . 48.00 8.14 11.17
N1 ADP IA . 49.00 6.04 11.57
C2 ADP IA . 48.92 4.71 11.74
N3 ADP IA . 47.76 4.03 11.70
C4 ADP IA . 46.59 4.66 11.47
MG MG JA . 34.72 6.77 12.04
PB ADP KA . 21.28 -20.88 9.73
O1B ADP KA . 21.51 -20.73 11.21
O2B ADP KA . 21.93 -19.82 8.87
O3B ADP KA . 19.86 -21.20 9.35
PA ADP KA . 21.85 -23.59 10.18
O1A ADP KA . 22.44 -23.42 11.55
O2A ADP KA . 20.39 -23.98 10.03
O3A ADP KA . 22.10 -22.23 9.36
O5' ADP KA . 22.74 -24.66 9.37
C5' ADP KA . 22.80 -26.01 9.81
C4' ADP KA . 23.75 -26.81 8.93
O4' ADP KA . 24.98 -26.09 8.75
C3' ADP KA . 24.09 -28.15 9.54
O3' ADP KA . 23.57 -29.21 8.73
C2' ADP KA . 25.60 -28.23 9.57
O2' ADP KA . 26.05 -29.39 8.86
C1' ADP KA . 26.10 -26.97 8.89
N9 ADP KA . 27.14 -26.31 9.71
C8 ADP KA . 27.00 -25.15 10.38
N7 ADP KA . 28.13 -24.82 11.03
C5 ADP KA . 29.04 -25.79 10.79
C6 ADP KA . 30.44 -26.06 11.17
N6 ADP KA . 31.12 -25.21 11.97
N1 ADP KA . 31.02 -27.19 10.70
C2 ADP KA . 30.35 -28.05 9.91
N3 ADP KA . 29.07 -27.86 9.52
C4 ADP KA . 28.38 -26.77 9.92
MG MG LA . 18.80 -20.12 12.98
PB ADP MA . -3.62 -28.37 -6.65
O1B ADP MA . -3.77 -29.34 -5.51
O2B ADP MA . -2.38 -27.50 -6.58
O3B ADP MA . -4.89 -27.61 -7.00
PA ADP MA . -4.37 -30.52 -8.27
O1A ADP MA . -4.16 -31.60 -7.24
O2A ADP MA . -5.75 -29.96 -8.50
O3A ADP MA . -3.37 -29.31 -7.94
O5' ADP MA . -3.81 -31.07 -9.68
C5' ADP MA . -4.43 -32.18 -10.32
C4' ADP MA . -3.69 -32.53 -11.60
O4' ADP MA . -2.28 -32.59 -11.35
C3' ADP MA . -4.12 -33.89 -12.13
O3' ADP MA . -4.78 -33.73 -13.39
C2' ADP MA . -2.85 -34.68 -12.32
O2' ADP MA . -2.73 -35.13 -13.67
C1' ADP MA . -1.71 -33.73 -11.97
N9 ADP MA . -0.75 -34.39 -11.04
C8 ADP MA . -0.58 -34.07 -9.75
N7 ADP MA . 0.35 -34.85 -9.17
C5 ADP MA . 0.81 -35.70 -10.11
C6 ADP MA . 1.81 -36.79 -10.16
N6 ADP MA . 2.54 -37.14 -9.07
N1 ADP MA . 1.98 -37.43 -11.35
C2 ADP MA . 1.27 -37.09 -12.44
N3 ADP MA . 0.34 -36.12 -12.46
C4 ADP MA . 0.07 -35.39 -11.34
MG MG NA . -6.36 -28.82 -3.55
PB ADP OA . -23.80 -10.26 -21.01
O1B ADP OA . -24.64 -11.50 -20.86
O2B ADP OA . -22.39 -10.40 -20.49
O3B ADP OA . -24.49 -8.98 -20.60
PA ADP OA . -24.87 -10.13 -23.59
O1A ADP OA . -25.43 -11.53 -23.63
O2A ADP OA . -25.78 -8.97 -23.22
O3A ADP OA . -23.60 -10.12 -22.60
O5' ADP OA . -24.22 -9.81 -25.02
C5' ADP OA . -25.04 -9.75 -26.19
C4' ADP OA . -24.19 -9.50 -27.41
O4' ADP OA . -23.06 -10.37 -27.43
C3' ADP OA . -24.97 -9.74 -28.70
O3' ADP OA . -25.13 -8.51 -29.41
C2' ADP OA . -24.14 -10.71 -29.51
O2' ADP OA . -23.85 -10.15 -30.79
C1' ADP OA . -22.85 -10.92 -28.73
N9 ADP OA . -22.57 -12.37 -28.61
C8 ADP OA . -22.64 -13.10 -27.48
N7 ADP OA . -22.31 -14.39 -27.70
C5 ADP OA . -22.00 -14.51 -29.01
C6 ADP OA . -21.55 -15.60 -29.91
N6 ADP OA . -21.38 -16.87 -29.45
N1 ADP OA . -21.35 -15.29 -31.21
C2 ADP OA . -21.52 -14.05 -31.69
N3 ADP OA . -21.92 -13.01 -30.92
C4 ADP OA . -22.17 -13.18 -29.60
MG MG PA . -27.22 -11.19 -18.85
PB ADP QA . -29.86 19.40 -16.52
O1B ADP QA . -31.15 18.98 -17.20
O2B ADP QA . -28.84 18.30 -16.39
O3B ADP QA . -30.06 20.24 -15.28
PA ADP QA . -30.03 21.66 -18.15
O1A ADP QA . -31.08 21.13 -19.11
O2A ADP QA . -30.45 22.54 -17.00
O3A ADP QA . -29.20 20.42 -17.58
O5' ADP QA . -28.93 22.46 -19.03
C5' ADP QA . -29.31 23.64 -19.73
C4' ADP QA . -28.11 24.17 -20.52
O4' ADP QA . -27.49 23.11 -21.24
C3' ADP QA . -28.53 25.23 -21.52
O3' ADP QA . -27.97 26.50 -21.16
C2' ADP QA . -27.98 24.78 -22.86
O2' ADP QA . -27.15 25.80 -23.41
C1' ADP QA . -27.17 23.53 -22.57
N9 ADP QA . -27.54 22.46 -23.52
C8 ADP QA . -28.23 21.33 -23.22
N7 ADP QA . -28.40 20.55 -24.31
C5 ADP QA . -27.82 21.18 -25.35
C6 ADP QA . -27.64 20.90 -26.80
N6 ADP QA . -28.12 19.77 -27.37
N1 ADP QA . -26.96 21.82 -27.54
C2 ADP QA . -26.48 22.95 -26.98
N3 ADP QA . -26.61 23.26 -25.68
C4 ADP QA . -27.25 22.43 -24.83
MG MG RA . -33.83 19.11 -15.29
PB ADP SA . -24.14 36.94 7.93
O1B ADP SA . -25.25 37.76 7.29
O2B ADP SA . -23.75 35.71 7.15
O3B ADP SA . -24.31 36.71 9.41
PA ADP SA . -22.90 39.41 8.35
O1A ADP SA . -23.77 40.22 7.41
O2A ADP SA . -23.22 39.38 9.83
O3A ADP SA . -22.86 37.90 7.82
O5' ADP SA . -21.39 39.91 8.17
C5' ADP SA . -21.02 41.25 8.54
C4' ADP SA . -19.55 41.48 8.23
O4' ADP SA . -19.24 41.03 6.91
C3' ADP SA . -19.21 42.96 8.29
O3' ADP SA . -18.30 43.20 9.37
C2' ADP SA . -18.54 43.29 6.97
O2' ADP SA . -17.24 43.84 7.20
C1' ADP SA . -18.43 41.98 6.22
N9 ADP SA . -18.94 42.13 4.83
C8 ADP SA . -20.07 41.61 4.34
N7 ADP SA . -20.24 41.94 3.03
C5 ADP SA . -19.19 42.69 2.67
C6 ADP SA . -18.75 43.38 1.43
N6 ADP SA . -19.48 43.31 0.29
N1 ADP SA . -17.58 44.07 1.47
C2 ADP SA . -16.84 44.14 2.60
N3 ADP SA . -17.19 43.54 3.75
C4 ADP SA . -18.33 42.82 3.85
MG MG TA . -28.05 37.89 9.01
PB ADP UA . -18.70 28.78 37.02
O1B ADP UA . -19.15 30.21 37.24
O2B ADP UA . -18.66 28.36 35.58
O3B ADP UA . -19.36 27.78 37.94
PA ADP UA . -16.74 29.36 38.92
O1A ADP UA . -16.89 30.87 38.89
O2A ADP UA . -17.43 28.55 39.98
O3A ADP UA . -17.16 28.79 37.48
O5' ADP UA . -15.16 29.04 38.99
C5' ADP UA . -14.39 29.41 40.13
C4' ADP UA . -12.93 29.04 39.92
O4' ADP UA . -12.49 29.47 38.64
C3' ADP UA . -12.04 29.70 40.96
O3' ADP UA . -11.46 28.70 41.81
C2' ADP UA . -10.96 30.42 40.18
O2' ADP UA . -9.67 29.96 40.60
C1' ADP UA . -11.20 30.08 38.72
N9 ADP UA . -11.18 31.31 37.90
C8 ADP UA . -12.25 31.87 37.30
N7 ADP UA . -11.90 32.99 36.62
C5 ADP UA . -10.57 33.16 36.78
C6 ADP UA . -9.56 34.15 36.33
N6 ADP UA . -9.91 35.20 35.54
N1 ADP UA . -8.28 33.95 36.72
C2 ADP UA . -7.92 32.92 37.50
N3 ADP UA . -8.78 31.99 37.94
C4 ADP UA . -10.11 32.05 37.62
MG MG VA . -22.01 30.55 38.86
PB ADP WA . -25.43 2.68 51.48
O1B ADP WA . -25.29 3.58 52.67
O2B ADP WA . -25.15 3.33 50.15
O3B ADP WA . -26.67 1.80 51.50
PA ADP WA . -24.00 0.83 53.03
O1A ADP WA . -23.52 1.81 54.08
O2A ADP WA . -25.24 0.00 53.29
O3A ADP WA . -24.21 1.63 51.65
O5' ADP WA . -22.80 -0.18 52.69
C5' ADP WA . -22.30 -1.06 53.68
C4' ADP WA . -21.13 -1.86 53.13
O4' ADP WA . -20.20 -0.99 52.47
C3' ADP WA . -20.37 -2.58 54.24
O3' ADP WA . -20.49 -3.99 54.09
C2' ADP WA . -18.91 -2.17 54.08
O2' ADP WA . -18.10 -3.33 53.92
C1' ADP WA . -18.85 -1.32 52.83
N9 ADP WA . -18.10 -0.06 53.09
C8 ADP WA . -18.63 1.17 53.16
N7 ADP WA . -17.68 2.10 53.42
C5 ADP WA . -16.50 1.45 53.52
C6 ADP WA . -15.09 1.84 53.78
N6 ADP WA . -14.74 3.13 53.99
N1 ADP WA . -14.17 0.85 53.79
C2 ADP WA . -14.50 -0.44 53.59
N3 ADP WA . -15.76 -0.85 53.34
C4 ADP WA . -16.79 0.03 53.31
MG MG XA . -28.07 4.13 54.34
PB ADP YA . -46.00 -18.82 44.24
O1B ADP YA . -45.83 -19.12 45.72
O2B ADP YA . -45.12 -17.71 43.73
O3B ADP YA . -47.43 -18.75 43.78
PA ADP YA . -45.93 -21.60 43.93
O1A ADP YA . -45.41 -21.93 45.30
O2A ADP YA . -47.42 -21.67 43.67
O3A ADP YA . -45.41 -20.14 43.52
O5' ADP YA . -45.20 -22.55 42.87
C5' ADP YA . -45.40 -23.97 42.91
C4' ADP YA . -44.56 -24.65 41.84
O4' ADP YA . -43.22 -24.15 41.88
C3' ADP YA . -44.50 -26.15 42.06
O3' ADP YA . -45.15 -26.82 40.97
C2' ADP YA . -43.03 -26.51 42.08
O2' ADP YA . -42.75 -27.49 41.08
C1' ADP YA . -42.29 -25.22 41.77
N9 ADP YA . -41.19 -25.02 42.76
C8 ADP YA . -41.17 -24.08 43.72
N7 ADP YA . -40.02 -24.16 44.45
C5 ADP YA . -39.29 -25.17 43.95
C6 ADP YA . -37.98 -25.80 44.26
N6 ADP YA . -37.21 -25.33 45.27
N1 ADP YA . -37.59 -26.84 43.49
C2 ADP YA . -38.35 -27.30 42.48
N3 ADP YA . -39.55 -26.78 42.16
C4 ADP YA . -40.06 -25.74 42.84
MG MG ZA . -48.49 -18.52 47.56
PB ADP AB . -70.77 -16.88 26.18
O1B ADP AB . -71.15 -18.09 27.00
O2B ADP AB . -69.41 -16.31 26.50
O3B ADP AB . -71.86 -15.85 26.04
PA ADP AB . -71.77 -18.35 24.00
O1A ADP AB . -71.81 -19.69 24.70
O2A ADP AB . -73.02 -17.49 23.93
O3A ADP AB . -70.60 -17.47 24.68
O5' ADP AB . -71.22 -18.58 22.51
C5' ADP AB . -71.99 -19.34 21.58
C4' ADP AB . -71.24 -19.46 20.26
O4' ADP AB . -69.88 -19.84 20.50
C3' ADP AB . -71.87 -20.51 19.37
O3' ADP AB . -72.41 -19.89 18.19
C2' ADP AB . -70.73 -21.45 18.97
O2' ADP AB . -70.61 -21.51 17.56
C1' ADP AB . -69.47 -20.86 19.59
N9 ADP AB . -68.71 -21.90 20.32
C8 ADP AB . -68.57 -21.97 21.64
N7 ADP AB . -67.81 -23.05 22.00
C5 ADP AB . -67.45 -23.67 20.87
C6 ADP AB . -66.65 -24.88 20.51
N6 ADP AB . -66.07 -25.63 21.48
N1 ADP AB . -66.53 -25.18 19.20
C2 ADP AB . -67.10 -24.43 18.24
N3 ADP AB . -67.83 -23.34 18.49
C4 ADP AB . -68.04 -22.91 19.75
MG MG BB . -73.73 -17.65 28.99
#